data_1QO5
#
_entry.id   1QO5
#
_cell.length_a   291.100
_cell.length_b   489.840
_cell.length_c   103.360
_cell.angle_alpha   90.00
_cell.angle_beta   103.68
_cell.angle_gamma   90.00
#
_symmetry.space_group_name_H-M   'C 1 2 1'
#
loop_
_entity.id
_entity.type
_entity.pdbx_description
1 polymer 'FRUCTOSE-BISPHOSPHATE ALDOLASE B'
2 non-polymer 'SULFATE ION'
3 water water
#
_entity_poly.entity_id   1
_entity_poly.type   'polypeptide(L)'
_entity_poly.pdbx_seq_one_letter_code
;AHRFPALTQEQKKELSEIAQSIVANGKGILAADESVGTMGNRLQRIKVENTEENRRQFREILFSVDSSINQSIGGVILFH
ETLYQKDSQGKLFRNILKEKGIVVGIKLDQGGAPLAGTNKETTIQGLDGLSERCAQYKKDGVDFGKWRAVLRIADQCPSS
LAIQENANALARYASICQQNGLVPIVEPEVIPDGDHDLEHCQYVTEKVLAAVYKALNDHHVYLEGTLLKPNMVTAGHACT
KKYTPEQVAMATVTALHRTVPAAVPGICFLSGGMSEEDATLNLNAINLCPLPKPWKLSFSYGRALQASALAAWGGKAANK
EATQEAFMKRAMANCQAAKGQYVHTGSSGAASTQSLFTACYTY
;
_entity_poly.pdbx_strand_id   A,B,C,D,E,F,G,H,I,J,K,L,M,N,O,P,Q,R
#
loop_
_chem_comp.id
_chem_comp.type
_chem_comp.name
_chem_comp.formula
SO4 non-polymer 'SULFATE ION' 'O4 S -2'
#
# COMPACT_ATOMS: atom_id res chain seq x y z
N ALA A 1 60.63 126.07 39.54
CA ALA A 1 60.06 127.30 38.92
C ALA A 1 58.79 127.04 38.13
N HIS A 2 58.53 127.80 37.08
CA HIS A 2 57.39 127.88 36.17
C HIS A 2 56.30 126.82 36.17
N ARG A 3 56.16 126.30 34.95
CA ARG A 3 55.37 125.23 34.45
C ARG A 3 55.26 124.01 35.37
N PHE A 4 55.30 124.35 36.63
CA PHE A 4 55.12 123.35 37.67
C PHE A 4 54.04 123.99 38.50
N PRO A 5 52.88 124.26 37.96
CA PRO A 5 51.80 124.94 38.67
C PRO A 5 51.55 124.45 40.10
N ALA A 6 51.24 125.37 41.06
CA ALA A 6 51.06 124.78 42.38
C ALA A 6 49.68 124.26 42.58
N LEU A 7 48.68 124.66 41.88
CA LEU A 7 47.32 124.31 42.17
C LEU A 7 46.66 123.93 40.86
N THR A 8 45.62 123.11 40.97
CA THR A 8 44.89 122.79 39.76
C THR A 8 43.73 123.82 39.70
N GLN A 9 43.19 123.86 38.44
CA GLN A 9 42.01 124.72 38.33
C GLN A 9 40.94 124.36 39.36
N GLU A 10 40.81 123.03 39.58
CA GLU A 10 39.71 122.75 40.57
C GLU A 10 40.07 123.08 42.02
N GLN A 11 41.33 123.08 42.44
CA GLN A 11 41.71 123.54 43.76
C GLN A 11 41.54 125.06 43.88
N LYS A 12 41.80 125.72 42.71
CA LYS A 12 41.63 127.20 42.82
C LYS A 12 40.19 127.58 43.03
N LYS A 13 39.32 126.94 42.25
CA LYS A 13 37.89 127.19 42.31
C LYS A 13 37.45 126.98 43.77
N GLU A 14 38.02 125.92 44.36
CA GLU A 14 37.55 125.75 45.76
C GLU A 14 38.08 126.83 46.71
N LEU A 15 39.27 127.41 46.48
CA LEU A 15 39.75 128.33 47.55
C LEU A 15 39.12 129.68 47.34
N SER A 16 38.93 129.98 46.05
CA SER A 16 38.24 131.22 45.66
C SER A 16 36.83 131.25 46.20
N GLU A 17 36.11 130.15 46.00
CA GLU A 17 34.74 130.13 46.52
C GLU A 17 34.78 130.28 48.03
N ILE A 18 35.70 129.52 48.70
CA ILE A 18 35.73 129.73 50.13
C ILE A 18 35.94 131.21 50.47
N ALA A 19 37.10 131.71 50.00
CA ALA A 19 37.53 133.03 50.28
C ALA A 19 36.41 134.02 49.99
N GLN A 20 35.74 133.94 48.83
CA GLN A 20 34.70 134.98 48.73
C GLN A 20 33.50 134.76 49.64
N SER A 21 33.16 133.51 49.98
CA SER A 21 31.96 133.31 50.74
C SER A 21 31.99 133.97 52.12
N ILE A 22 33.20 133.95 52.66
CA ILE A 22 33.36 134.64 53.93
C ILE A 22 33.11 136.14 53.86
N VAL A 23 33.31 136.94 52.82
CA VAL A 23 33.11 138.40 52.90
C VAL A 23 31.96 138.94 52.02
N ALA A 24 31.01 138.11 51.64
CA ALA A 24 30.00 138.19 50.68
C ALA A 24 28.99 139.30 50.83
N ASN A 25 28.42 139.51 51.98
CA ASN A 25 27.48 140.64 51.61
C ASN A 25 27.46 141.62 52.75
N GLY A 26 28.67 142.04 52.96
CA GLY A 26 28.98 142.94 54.06
C GLY A 26 29.41 142.01 55.17
N LYS A 27 29.56 140.75 54.88
CA LYS A 27 29.76 139.92 56.10
C LYS A 27 31.18 140.18 56.53
N GLY A 28 31.55 139.76 57.72
CA GLY A 28 32.83 139.71 58.28
C GLY A 28 33.23 138.49 59.05
N ILE A 29 34.33 138.55 59.78
CA ILE A 29 34.82 137.48 60.61
C ILE A 29 34.86 137.76 62.11
N LEU A 30 34.40 136.75 62.86
CA LEU A 30 34.56 136.84 64.33
C LEU A 30 35.87 136.17 64.71
N ALA A 31 36.79 136.87 65.25
CA ALA A 31 38.09 136.32 65.57
C ALA A 31 38.17 135.90 67.04
N ALA A 32 37.76 134.65 67.23
CA ALA A 32 37.64 134.13 68.59
C ALA A 32 38.83 133.27 68.88
N ASP A 33 39.97 133.46 68.21
CA ASP A 33 41.10 132.55 68.36
C ASP A 33 42.13 132.96 69.39
N GLU A 34 41.79 133.78 70.38
CA GLU A 34 42.67 134.07 71.48
C GLU A 34 43.15 132.76 72.11
N SER A 35 44.43 132.70 72.34
CA SER A 35 45.05 131.59 73.02
C SER A 35 44.76 131.86 74.52
N VAL A 36 45.25 130.84 75.20
CA VAL A 36 45.01 130.76 76.63
C VAL A 36 45.45 131.97 77.37
N GLY A 37 46.64 132.47 77.05
CA GLY A 37 47.21 133.67 77.64
C GLY A 37 46.44 134.90 77.26
N THR A 38 46.22 134.97 75.94
CA THR A 38 45.49 136.16 75.47
C THR A 38 44.09 136.21 76.07
N MET A 39 43.44 135.03 75.99
CA MET A 39 42.10 134.99 76.54
C MET A 39 42.12 135.38 78.02
N GLY A 40 43.15 134.99 78.76
CA GLY A 40 43.33 135.23 80.17
C GLY A 40 43.33 136.73 80.44
N ASN A 41 43.94 137.46 79.55
CA ASN A 41 44.00 138.89 79.63
C ASN A 41 42.63 139.46 79.42
N ARG A 42 41.88 138.85 78.52
CA ARG A 42 40.53 139.40 78.33
C ARG A 42 39.63 139.21 79.55
N LEU A 43 39.59 137.96 80.02
CA LEU A 43 38.71 137.62 81.12
C LEU A 43 39.19 138.35 82.34
N GLN A 44 40.53 138.56 82.44
CA GLN A 44 40.99 139.33 83.62
C GLN A 44 40.25 140.67 83.69
N ARG A 45 40.14 141.36 82.57
CA ARG A 45 39.37 142.57 82.59
C ARG A 45 38.06 142.46 83.31
N ILE A 46 37.31 141.40 83.11
CA ILE A 46 36.04 141.26 83.76
C ILE A 46 36.17 140.48 85.05
N LYS A 47 37.36 140.35 85.60
CA LYS A 47 37.59 139.56 86.77
C LYS A 47 36.90 138.22 86.79
N VAL A 48 37.09 137.35 85.81
CA VAL A 48 36.78 135.95 85.66
C VAL A 48 38.04 135.07 85.53
N GLU A 49 38.14 133.97 86.27
CA GLU A 49 39.31 133.13 86.26
C GLU A 49 39.55 132.58 84.86
N ASN A 50 40.77 132.60 84.35
CA ASN A 50 40.99 132.11 83.02
C ASN A 50 41.08 130.59 82.93
N THR A 51 39.97 129.98 83.17
CA THR A 51 39.75 128.56 83.09
C THR A 51 39.45 127.92 81.76
N GLU A 52 39.91 126.73 81.40
CA GLU A 52 39.40 126.15 80.18
C GLU A 52 37.86 126.13 80.28
N GLU A 53 37.22 125.84 81.40
CA GLU A 53 35.77 125.90 81.43
C GLU A 53 35.12 127.25 81.25
N ASN A 54 35.72 128.31 81.80
CA ASN A 54 35.20 129.66 81.64
C ASN A 54 35.30 130.04 80.17
N ARG A 55 36.46 129.75 79.59
CA ARG A 55 36.58 129.98 78.17
C ARG A 55 35.50 129.25 77.36
N ARG A 56 35.30 127.96 77.60
CA ARG A 56 34.28 127.16 76.87
C ARG A 56 32.88 127.71 77.14
N GLN A 57 32.62 128.26 78.32
CA GLN A 57 31.31 128.85 78.54
C GLN A 57 31.12 130.14 77.76
N PHE A 58 32.03 131.12 77.84
CA PHE A 58 31.85 132.35 77.08
C PHE A 58 31.77 132.03 75.61
N ARG A 59 32.56 131.14 75.00
CA ARG A 59 32.38 130.85 73.59
C ARG A 59 31.09 130.15 73.22
N GLU A 60 30.56 129.27 74.05
CA GLU A 60 29.25 128.68 73.91
C GLU A 60 28.18 129.74 73.83
N ILE A 61 28.26 130.82 74.64
CA ILE A 61 27.23 131.83 74.48
C ILE A 61 27.30 132.44 73.11
N LEU A 62 28.45 132.99 72.75
CA LEU A 62 28.69 133.53 71.42
C LEU A 62 28.26 132.59 70.30
N PHE A 63 28.78 131.38 70.20
CA PHE A 63 28.27 130.56 69.10
C PHE A 63 26.84 130.00 69.25
N SER A 64 26.12 130.15 70.35
CA SER A 64 24.81 129.50 70.29
C SER A 64 23.74 130.56 69.98
N VAL A 65 24.17 131.73 69.65
CA VAL A 65 23.32 132.88 69.35
C VAL A 65 22.42 132.48 68.19
N ASP A 66 21.39 133.26 68.05
CA ASP A 66 20.43 133.03 66.99
C ASP A 66 21.10 133.07 65.65
N SER A 67 20.76 132.20 64.81
CA SER A 67 21.11 131.85 63.47
C SER A 67 21.42 133.00 62.51
N SER A 68 20.60 133.99 62.81
CA SER A 68 20.57 135.18 62.02
C SER A 68 21.94 135.84 62.08
N ILE A 69 22.86 135.27 62.85
CA ILE A 69 24.11 135.90 63.02
C ILE A 69 24.89 135.72 61.74
N ASN A 70 24.34 134.76 60.98
CA ASN A 70 25.05 134.43 59.73
C ASN A 70 24.74 135.50 58.70
N GLN A 71 23.98 136.51 59.10
CA GLN A 71 23.79 137.61 58.20
C GLN A 71 24.99 138.60 58.23
N SER A 72 25.75 138.57 59.31
CA SER A 72 26.79 139.50 59.67
C SER A 72 28.13 138.77 59.72
N ILE A 73 28.02 137.55 60.22
CA ILE A 73 29.28 136.82 60.33
C ILE A 73 29.55 135.76 59.30
N GLY A 74 30.52 135.97 58.43
CA GLY A 74 30.63 134.91 57.39
C GLY A 74 31.59 133.84 57.86
N GLY A 75 32.39 134.09 58.88
CA GLY A 75 33.35 132.98 59.28
C GLY A 75 33.79 133.27 60.71
N VAL A 76 34.45 132.35 61.38
CA VAL A 76 34.83 132.41 62.79
C VAL A 76 36.15 131.67 62.94
N ILE A 77 37.08 132.43 63.54
CA ILE A 77 38.40 131.79 63.60
C ILE A 77 38.54 131.16 64.94
N LEU A 78 39.01 129.95 65.03
CA LEU A 78 39.07 129.34 66.38
C LEU A 78 40.50 128.97 66.73
N PHE A 79 40.68 128.91 68.05
CA PHE A 79 41.97 128.48 68.66
C PHE A 79 41.93 126.97 68.86
N HIS A 80 43.07 126.33 68.70
CA HIS A 80 42.87 124.87 68.68
C HIS A 80 41.95 124.24 69.71
N GLU A 81 42.02 124.82 70.92
CA GLU A 81 41.28 124.12 71.98
C GLU A 81 39.82 124.07 71.54
N THR A 82 39.38 125.31 71.32
CA THR A 82 38.00 125.57 70.97
C THR A 82 37.60 124.71 69.81
N LEU A 83 38.46 124.38 68.87
CA LEU A 83 37.93 123.67 67.70
C LEU A 83 37.46 122.31 68.09
N TYR A 84 37.89 121.82 69.23
CA TYR A 84 37.54 120.55 69.77
C TYR A 84 36.69 120.60 71.01
N GLN A 85 36.04 121.68 71.49
CA GLN A 85 35.22 121.76 72.62
C GLN A 85 33.73 121.50 72.30
N LYS A 86 32.97 121.35 73.40
CA LYS A 86 31.55 121.16 73.16
C LYS A 86 30.63 122.07 73.92
N ASP A 87 29.49 122.37 73.29
CA ASP A 87 28.32 122.85 73.96
C ASP A 87 28.09 122.15 75.34
N SER A 88 27.04 122.67 75.97
CA SER A 88 26.52 122.11 77.16
C SER A 88 25.64 120.90 76.90
N GLN A 89 25.73 120.32 75.75
CA GLN A 89 25.21 119.01 75.51
C GLN A 89 26.04 118.17 74.56
N GLY A 90 27.35 118.40 74.62
CA GLY A 90 28.17 117.48 73.84
C GLY A 90 27.98 117.70 72.36
N LYS A 91 27.44 118.87 71.98
CA LYS A 91 27.45 119.08 70.53
C LYS A 91 28.71 119.93 70.26
N LEU A 92 29.51 119.50 69.30
CA LEU A 92 30.73 120.22 68.98
C LEU A 92 30.57 121.65 68.54
N PHE A 93 31.33 122.59 69.13
CA PHE A 93 31.25 123.95 68.60
C PHE A 93 31.45 124.06 67.08
N ARG A 94 32.48 123.33 66.58
CA ARG A 94 32.63 123.51 65.11
C ARG A 94 31.43 123.04 64.31
N ASN A 95 30.72 122.04 64.82
CA ASN A 95 29.47 121.61 64.15
C ASN A 95 28.30 122.56 64.35
N ILE A 96 28.32 123.18 65.53
CA ILE A 96 27.22 124.18 65.62
C ILE A 96 27.40 125.32 64.65
N LEU A 97 28.68 125.81 64.56
CA LEU A 97 28.95 126.91 63.65
C LEU A 97 28.63 126.56 62.20
N LYS A 98 29.19 125.41 61.83
CA LYS A 98 28.89 124.90 60.47
C LYS A 98 27.42 124.69 60.12
N GLU A 99 26.56 124.18 61.00
CA GLU A 99 25.16 124.11 60.61
C GLU A 99 24.51 125.48 60.49
N LYS A 100 24.93 126.49 61.24
CA LYS A 100 24.30 127.80 61.02
C LYS A 100 24.89 128.51 59.76
N GLY A 101 25.56 127.83 58.85
CA GLY A 101 26.04 128.43 57.65
C GLY A 101 27.16 129.43 57.86
N ILE A 102 28.06 129.19 58.78
CA ILE A 102 29.22 129.99 59.11
C ILE A 102 30.55 129.23 58.87
N VAL A 103 31.44 129.74 58.03
CA VAL A 103 32.71 129.04 57.76
C VAL A 103 33.63 129.04 58.95
N VAL A 104 34.33 127.99 59.28
CA VAL A 104 35.26 127.90 60.40
C VAL A 104 36.70 127.88 59.94
N GLY A 105 37.40 128.87 60.52
CA GLY A 105 38.85 129.00 60.40
C GLY A 105 39.60 128.53 61.66
N ILE A 106 40.90 128.33 61.65
CA ILE A 106 41.75 127.84 62.72
C ILE A 106 43.02 128.68 62.76
N LYS A 107 43.57 129.15 63.88
CA LYS A 107 44.83 129.85 64.07
C LYS A 107 45.93 128.85 63.83
N LEU A 108 46.85 129.10 62.91
CA LEU A 108 47.87 128.14 62.49
C LEU A 108 49.28 128.55 62.91
N ASP A 109 49.38 129.86 63.16
CA ASP A 109 50.73 130.31 63.56
C ASP A 109 50.99 129.93 65.02
N GLN A 110 52.21 129.77 65.48
CA GLN A 110 52.42 129.40 66.83
C GLN A 110 53.27 130.37 67.64
N GLY A 111 52.95 131.62 67.63
CA GLY A 111 53.74 132.59 68.35
C GLY A 111 55.08 132.97 67.79
N GLY A 112 55.57 134.06 68.41
CA GLY A 112 56.85 134.64 67.95
C GLY A 112 58.10 133.95 68.48
N ALA A 113 59.18 134.32 67.77
CA ALA A 113 60.57 133.89 67.96
C ALA A 113 61.45 135.12 67.71
N PRO A 114 62.24 135.43 68.68
CA PRO A 114 63.14 136.58 68.58
C PRO A 114 64.16 136.41 67.43
N LEU A 115 64.43 137.46 66.69
CA LEU A 115 65.33 137.81 65.65
C LEU A 115 66.53 138.54 66.33
N ALA A 116 67.58 137.71 66.33
CA ALA A 116 68.84 138.15 66.90
C ALA A 116 69.47 139.31 66.12
N GLY A 117 69.99 140.30 66.87
CA GLY A 117 70.75 141.43 66.27
C GLY A 117 69.73 142.42 65.74
N THR A 118 68.59 142.55 66.42
CA THR A 118 67.47 143.32 65.90
C THR A 118 66.86 144.16 66.92
N ASN A 119 66.26 145.34 66.79
CA ASN A 119 65.99 145.85 68.24
C ASN A 119 64.72 145.22 68.72
N LYS A 120 64.59 144.17 69.39
CA LYS A 120 63.49 143.43 69.90
C LYS A 120 62.45 142.94 68.89
N GLU A 121 62.85 142.70 67.68
CA GLU A 121 61.93 142.22 66.63
C GLU A 121 61.79 140.71 66.53
N THR A 122 60.63 140.21 66.05
CA THR A 122 60.50 138.79 66.02
C THR A 122 60.23 138.15 64.66
N THR A 123 60.02 136.84 64.68
CA THR A 123 59.48 136.22 63.50
C THR A 123 58.33 135.33 64.11
N ILE A 124 57.88 134.34 63.34
CA ILE A 124 56.75 133.60 63.80
C ILE A 124 56.99 132.18 63.46
N GLN A 125 56.78 131.33 64.48
CA GLN A 125 57.01 129.90 64.37
C GLN A 125 55.72 129.20 63.94
N GLY A 126 55.84 128.02 63.36
CA GLY A 126 54.62 127.31 63.09
C GLY A 126 54.56 126.51 61.83
N LEU A 127 55.64 126.61 61.09
CA LEU A 127 55.65 125.94 59.78
C LEU A 127 56.01 124.52 59.99
N ASP A 128 56.83 124.20 61.00
CA ASP A 128 57.07 122.69 60.97
C ASP A 128 55.81 121.89 61.18
N GLY A 129 55.39 120.91 60.41
CA GLY A 129 54.15 120.14 60.65
C GLY A 129 52.84 120.71 60.17
N LEU A 130 53.08 121.90 59.57
CA LEU A 130 51.99 122.71 59.06
C LEU A 130 51.10 121.99 58.11
N SER A 131 51.67 121.33 57.15
CA SER A 131 50.87 120.55 56.23
C SER A 131 49.98 119.45 56.81
N GLU A 132 50.54 118.68 57.71
CA GLU A 132 49.87 117.53 58.34
C GLU A 132 48.81 118.13 59.26
N ARG A 133 49.13 119.21 59.95
CA ARG A 133 48.06 119.93 60.60
C ARG A 133 46.94 120.52 59.75
N CYS A 134 47.24 121.13 58.61
CA CYS A 134 46.08 121.66 57.86
C CYS A 134 45.19 120.52 57.39
N ALA A 135 45.76 119.41 56.94
CA ALA A 135 45.09 118.29 56.34
C ALA A 135 44.02 117.71 57.26
N GLN A 136 44.44 117.62 58.50
CA GLN A 136 43.63 117.12 59.55
C GLN A 136 42.56 118.17 59.85
N TYR A 137 42.96 119.42 59.98
CA TYR A 137 41.88 120.37 60.24
C TYR A 137 40.86 120.44 59.11
N LYS A 138 41.32 120.28 57.87
CA LYS A 138 40.40 120.31 56.76
C LYS A 138 39.43 119.15 56.99
N LYS A 139 39.98 118.02 57.35
CA LYS A 139 39.15 116.87 57.61
C LYS A 139 38.14 117.16 58.73
N ASP A 140 38.53 117.99 59.65
CA ASP A 140 37.74 118.31 60.82
C ASP A 140 36.74 119.43 60.52
N GLY A 141 36.51 119.89 59.32
CA GLY A 141 35.54 120.90 58.99
C GLY A 141 36.03 122.31 58.87
N VAL A 142 37.36 122.39 58.85
CA VAL A 142 37.95 123.73 58.76
C VAL A 142 38.23 124.05 57.28
N ASP A 143 37.88 125.30 56.89
CA ASP A 143 38.18 125.77 55.54
C ASP A 143 39.11 126.97 55.41
N PHE A 144 39.63 127.49 56.52
CA PHE A 144 40.52 128.66 56.29
C PHE A 144 41.46 128.76 57.46
N GLY A 145 42.58 129.45 57.23
CA GLY A 145 43.57 129.59 58.35
C GLY A 145 43.95 131.02 58.66
N LYS A 146 44.73 131.24 59.71
CA LYS A 146 45.10 132.60 60.09
C LYS A 146 46.53 132.51 60.62
N TRP A 147 47.35 133.51 60.31
CA TRP A 147 48.78 133.46 60.68
C TRP A 147 49.12 134.86 61.04
N ARG A 148 49.52 135.19 62.22
CA ARG A 148 49.66 136.64 62.47
C ARG A 148 51.07 137.05 62.55
N ALA A 149 51.59 137.98 61.85
CA ALA A 149 52.95 138.47 62.06
C ALA A 149 52.85 139.79 62.84
N VAL A 150 53.90 140.07 63.60
CA VAL A 150 53.89 141.32 64.38
C VAL A 150 55.08 142.20 64.07
N LEU A 151 54.91 143.39 63.48
CA LEU A 151 55.92 144.36 63.16
C LEU A 151 55.69 145.62 63.98
N ARG A 152 56.76 146.25 64.50
CA ARG A 152 56.56 147.51 65.15
C ARG A 152 57.53 148.56 64.57
N ILE A 153 57.01 149.74 64.93
CA ILE A 153 57.73 150.98 64.60
C ILE A 153 58.51 151.44 65.82
N ALA A 154 59.74 151.92 65.72
CA ALA A 154 60.70 152.19 66.75
C ALA A 154 62.12 152.34 66.35
N ASP A 155 62.96 152.53 67.36
CA ASP A 155 64.35 152.73 66.93
C ASP A 155 64.81 151.50 66.17
N GLN A 156 65.10 151.67 64.89
CA GLN A 156 65.52 150.54 64.04
C GLN A 156 64.65 149.36 63.79
N CYS A 157 63.33 149.73 63.85
CA CYS A 157 62.10 148.96 63.63
C CYS A 157 61.07 149.62 62.72
N PRO A 158 60.52 148.92 61.72
CA PRO A 158 60.72 147.57 61.37
C PRO A 158 61.84 147.53 60.29
N SER A 159 62.82 146.72 60.60
CA SER A 159 64.02 146.44 59.88
C SER A 159 63.62 145.64 58.63
N SER A 160 64.63 145.60 57.78
CA SER A 160 64.54 144.79 56.55
C SER A 160 64.52 143.34 56.89
N LEU A 161 65.32 142.96 57.93
CA LEU A 161 65.45 141.53 58.17
C LEU A 161 64.07 141.04 58.68
N ALA A 162 63.46 141.96 59.55
CA ALA A 162 62.21 141.48 60.16
C ALA A 162 61.11 141.44 59.11
N ILE A 163 61.21 142.44 58.16
CA ILE A 163 60.03 142.51 57.26
C ILE A 163 60.10 141.34 56.28
N GLN A 164 61.33 141.28 55.81
CA GLN A 164 61.62 140.22 54.87
C GLN A 164 61.27 138.90 55.50
N GLU A 165 61.83 138.62 56.67
CA GLU A 165 61.62 137.22 57.15
C GLU A 165 60.15 136.96 57.46
N ASN A 166 59.38 137.85 58.12
CA ASN A 166 57.99 137.65 58.37
C ASN A 166 57.20 137.56 57.08
N ALA A 167 57.57 138.28 56.01
CA ALA A 167 56.78 138.03 54.77
C ALA A 167 57.03 136.62 54.21
N ASN A 168 58.31 136.22 54.36
CA ASN A 168 58.58 134.91 53.78
C ASN A 168 57.85 133.91 54.61
N ALA A 169 57.88 134.15 55.95
CA ALA A 169 57.26 133.00 56.70
C ALA A 169 55.78 132.97 56.32
N LEU A 170 55.21 134.20 56.22
CA LEU A 170 53.79 134.26 55.81
C LEU A 170 53.48 133.54 54.51
N ALA A 171 54.47 133.57 53.68
CA ALA A 171 54.55 133.08 52.33
C ALA A 171 54.46 131.57 52.35
N ARG A 172 55.41 130.93 53.03
CA ARG A 172 55.40 129.51 53.20
C ARG A 172 54.00 129.07 53.70
N TYR A 173 53.64 129.65 54.89
CA TYR A 173 52.34 129.44 55.45
C TYR A 173 51.18 129.56 54.45
N ALA A 174 51.10 130.69 53.73
CA ALA A 174 49.98 130.69 52.78
C ALA A 174 50.14 129.59 51.77
N SER A 175 51.35 129.25 51.30
CA SER A 175 51.51 128.21 50.31
C SER A 175 50.89 126.89 50.79
N ILE A 176 51.34 126.48 51.97
CA ILE A 176 50.95 125.24 52.59
C ILE A 176 49.46 125.13 52.83
N CYS A 177 48.83 126.19 53.36
CA CYS A 177 47.36 126.13 53.47
C CYS A 177 46.76 125.83 52.10
N GLN A 178 47.38 126.43 51.06
CA GLN A 178 46.60 126.33 49.82
C GLN A 178 46.69 124.89 49.34
N GLN A 179 47.84 124.27 49.61
CA GLN A 179 47.92 122.91 49.15
C GLN A 179 46.91 122.07 49.93
N ASN A 180 46.31 122.56 51.01
CA ASN A 180 45.46 121.60 51.75
C ASN A 180 44.04 122.11 51.81
N GLY A 181 43.65 122.94 50.84
CA GLY A 181 42.24 123.34 50.73
C GLY A 181 41.78 124.37 51.79
N LEU A 182 42.75 124.94 52.46
CA LEU A 182 42.39 125.98 53.42
C LEU A 182 42.73 127.38 52.85
N VAL A 183 41.87 128.34 53.03
CA VAL A 183 42.18 129.63 52.52
C VAL A 183 42.99 130.36 53.58
N PRO A 184 44.18 130.77 53.22
CA PRO A 184 45.02 131.44 54.20
C PRO A 184 44.60 132.86 54.53
N ILE A 185 44.43 133.24 55.75
CA ILE A 185 44.24 134.69 55.99
C ILE A 185 45.60 135.30 56.27
N VAL A 186 46.16 136.28 55.66
CA VAL A 186 47.56 136.68 55.88
C VAL A 186 47.55 137.86 56.82
N GLU A 187 48.08 137.86 58.01
CA GLU A 187 47.91 139.10 58.78
C GLU A 187 49.24 139.66 59.21
N PRO A 188 49.88 140.48 58.44
CA PRO A 188 51.18 141.10 58.79
C PRO A 188 50.78 142.33 59.61
N GLU A 189 50.62 142.20 60.92
CA GLU A 189 50.09 143.40 61.60
C GLU A 189 51.08 144.47 61.85
N VAL A 190 50.81 145.72 61.73
CA VAL A 190 51.80 146.78 62.11
C VAL A 190 51.25 147.24 63.45
N ILE A 191 51.86 146.94 64.59
CA ILE A 191 51.21 147.46 65.79
C ILE A 191 51.33 148.93 66.02
N PRO A 192 50.39 149.40 66.81
CA PRO A 192 50.14 150.83 67.09
C PRO A 192 50.91 151.39 68.25
N ASP A 193 51.70 150.49 68.82
CA ASP A 193 52.55 150.93 69.93
C ASP A 193 53.38 152.12 69.47
N GLY A 194 53.42 153.13 70.31
CA GLY A 194 54.32 154.21 70.15
C GLY A 194 53.70 155.54 69.80
N ASP A 195 54.59 156.54 69.48
CA ASP A 195 53.98 157.85 69.30
C ASP A 195 54.08 158.28 67.88
N HIS A 196 54.42 157.35 66.97
CA HIS A 196 54.51 158.00 65.58
C HIS A 196 53.13 158.55 65.23
N ASP A 197 52.98 159.38 64.24
CA ASP A 197 51.65 159.84 63.79
C ASP A 197 51.14 158.95 62.62
N LEU A 198 50.14 159.41 61.89
CA LEU A 198 49.46 158.60 60.88
C LEU A 198 50.28 158.44 59.60
N GLU A 199 51.09 159.53 59.46
CA GLU A 199 51.83 159.51 58.14
C GLU A 199 52.87 158.43 58.13
N HIS A 200 53.47 158.24 59.36
CA HIS A 200 54.54 157.30 59.55
C HIS A 200 53.96 155.92 59.46
N CYS A 201 52.73 155.79 60.09
CA CYS A 201 52.17 154.43 60.08
C CYS A 201 51.89 154.05 58.65
N GLN A 202 51.39 155.13 57.97
CA GLN A 202 51.00 154.74 56.58
C GLN A 202 52.11 154.21 55.66
N TYR A 203 53.21 154.91 55.78
CA TYR A 203 54.46 154.51 55.19
C TYR A 203 54.94 153.17 55.65
N VAL A 204 55.11 152.96 57.01
CA VAL A 204 55.53 151.54 57.30
C VAL A 204 54.54 150.56 56.65
N THR A 205 53.22 150.89 56.65
CA THR A 205 52.28 149.82 56.24
C THR A 205 52.40 149.56 54.73
N GLU A 206 52.67 150.65 54.00
CA GLU A 206 52.84 150.43 52.55
C GLU A 206 54.07 149.57 52.26
N LYS A 207 55.06 149.72 53.13
CA LYS A 207 56.34 149.05 53.09
C LYS A 207 56.26 147.57 53.36
N VAL A 208 55.54 147.33 54.41
CA VAL A 208 55.19 145.91 54.82
C VAL A 208 54.37 145.19 53.79
N LEU A 209 53.40 145.90 53.18
CA LEU A 209 52.49 145.23 52.27
C LEU A 209 53.18 144.90 50.99
N ALA A 210 53.89 145.88 50.47
CA ALA A 210 54.62 145.61 49.25
C ALA A 210 55.49 144.40 49.49
N ALA A 211 56.24 144.29 50.62
CA ALA A 211 57.02 143.05 50.73
C ALA A 211 56.12 141.80 50.82
N VAL A 212 54.96 141.89 51.43
CA VAL A 212 54.20 140.70 51.62
C VAL A 212 53.85 140.10 50.31
N TYR A 213 53.27 140.87 49.41
CA TYR A 213 52.74 140.34 48.14
C TYR A 213 53.84 139.95 47.15
N LYS A 214 54.92 140.74 47.06
CA LYS A 214 55.96 140.25 46.22
C LYS A 214 56.42 138.87 46.73
N ALA A 215 56.45 138.79 48.08
CA ALA A 215 56.89 137.49 48.62
C ALA A 215 55.91 136.40 48.21
N LEU A 216 54.61 136.67 48.42
CA LEU A 216 53.61 135.61 48.08
C LEU A 216 53.75 135.21 46.58
N ASN A 217 54.21 136.22 45.84
CA ASN A 217 54.35 135.96 44.42
C ASN A 217 55.54 135.05 44.14
N ASP A 218 56.59 135.27 44.93
CA ASP A 218 57.78 134.43 44.74
C ASP A 218 57.32 133.06 45.08
N HIS A 219 56.38 133.06 46.06
CA HIS A 219 56.13 131.60 46.46
C HIS A 219 55.03 131.02 45.70
N HIS A 220 54.55 131.57 44.57
CA HIS A 220 53.40 130.99 43.92
C HIS A 220 52.19 130.87 44.80
N VAL A 221 51.86 131.85 45.68
CA VAL A 221 50.50 131.74 46.31
C VAL A 221 49.33 132.20 45.46
N TYR A 222 48.10 131.65 45.55
CA TYR A 222 47.00 132.00 44.66
C TYR A 222 46.11 133.03 45.33
N LEU A 223 46.36 134.24 44.83
CA LEU A 223 45.86 135.39 45.56
C LEU A 223 44.36 135.29 45.75
N GLU A 224 43.75 134.87 44.67
CA GLU A 224 42.30 134.69 44.62
C GLU A 224 41.72 133.83 45.75
N GLY A 225 42.62 132.98 46.21
CA GLY A 225 42.34 132.07 47.29
C GLY A 225 42.96 132.57 48.57
N THR A 226 42.84 133.79 48.97
CA THR A 226 43.52 134.35 50.15
C THR A 226 42.68 135.39 50.81
N LEU A 227 42.95 135.89 52.00
CA LEU A 227 42.19 137.03 52.56
C LEU A 227 43.25 137.89 53.18
N LEU A 228 43.08 139.08 53.58
CA LEU A 228 44.25 139.80 54.04
C LEU A 228 43.62 140.47 55.27
N LYS A 229 44.41 140.36 56.31
CA LYS A 229 43.97 140.94 57.56
C LYS A 229 45.05 141.90 58.09
N PRO A 230 45.06 143.11 57.69
CA PRO A 230 46.05 144.06 58.06
C PRO A 230 45.50 145.09 59.05
N ASN A 231 46.43 146.00 59.41
CA ASN A 231 45.95 147.03 60.31
C ASN A 231 45.45 148.21 59.48
N MET A 232 44.47 148.85 60.06
CA MET A 232 44.00 150.05 59.50
C MET A 232 45.22 150.99 59.69
N VAL A 233 45.32 152.03 58.91
CA VAL A 233 46.34 153.02 59.11
C VAL A 233 45.90 154.07 60.15
N THR A 234 46.58 154.05 61.28
CA THR A 234 46.41 154.96 62.38
C THR A 234 47.64 155.50 63.09
N ALA A 235 47.31 156.52 63.93
CA ALA A 235 48.48 157.05 64.66
C ALA A 235 48.88 156.08 65.77
N GLY A 236 50.11 156.27 66.24
CA GLY A 236 50.57 155.35 67.29
C GLY A 236 49.71 155.67 68.52
N HIS A 237 49.62 154.67 69.37
CA HIS A 237 49.02 154.75 70.64
C HIS A 237 49.20 156.05 71.44
N ALA A 238 50.39 156.51 71.62
CA ALA A 238 50.87 157.62 72.36
C ALA A 238 51.02 158.85 71.47
N CYS A 239 50.83 158.58 70.16
CA CYS A 239 50.78 159.86 69.51
C CYS A 239 49.65 160.76 70.10
N THR A 240 49.83 162.07 70.05
CA THR A 240 48.77 162.95 70.55
C THR A 240 47.93 163.61 69.45
N LYS A 241 48.34 163.45 68.15
CA LYS A 241 47.46 164.09 67.15
C LYS A 241 46.09 163.38 67.17
N LYS A 242 45.01 164.09 67.09
CA LYS A 242 43.75 163.40 67.09
C LYS A 242 43.32 163.35 65.63
N TYR A 243 42.84 162.18 65.14
CA TYR A 243 42.39 162.14 63.78
C TYR A 243 40.96 161.64 63.75
N THR A 244 40.23 161.85 62.72
CA THR A 244 38.92 161.54 62.23
C THR A 244 38.89 160.24 61.43
N PRO A 245 37.88 159.44 61.52
CA PRO A 245 37.78 158.19 60.83
C PRO A 245 38.10 158.41 59.39
N GLU A 246 37.55 159.59 59.03
CA GLU A 246 37.78 159.83 57.59
C GLU A 246 39.30 160.02 57.43
N GLN A 247 40.00 160.73 58.31
CA GLN A 247 41.46 160.73 58.03
C GLN A 247 42.05 159.32 58.03
N VAL A 248 41.49 158.48 58.91
CA VAL A 248 41.97 157.14 59.05
C VAL A 248 41.73 156.39 57.74
N ALA A 249 40.61 156.74 57.13
CA ALA A 249 40.30 155.89 55.99
C ALA A 249 41.11 156.26 54.77
N MET A 250 41.39 157.56 54.73
CA MET A 250 42.16 158.01 53.56
C MET A 250 43.57 157.40 53.59
N ALA A 251 44.16 157.39 54.79
CA ALA A 251 45.46 156.77 54.92
C ALA A 251 45.46 155.29 54.64
N THR A 252 44.46 154.57 55.17
CA THR A 252 44.27 153.17 54.99
C THR A 252 44.02 152.71 53.56
N VAL A 253 43.01 153.42 52.98
CA VAL A 253 42.69 153.07 51.60
C VAL A 253 43.76 153.48 50.61
N THR A 254 44.52 154.56 50.86
CA THR A 254 45.64 154.96 50.06
C THR A 254 46.73 153.86 50.05
N ALA A 255 47.12 153.51 51.32
CA ALA A 255 48.16 152.49 51.37
C ALA A 255 47.72 151.20 50.70
N LEU A 256 46.51 150.71 51.01
CA LEU A 256 46.13 149.40 50.54
C LEU A 256 46.01 149.47 49.04
N HIS A 257 45.41 150.49 48.44
CA HIS A 257 45.30 150.43 46.95
C HIS A 257 46.65 150.60 46.23
N ARG A 258 47.72 151.09 46.92
CA ARG A 258 49.01 151.02 46.22
C ARG A 258 49.76 149.71 46.45
N THR A 259 49.36 148.80 47.38
CA THR A 259 50.11 147.53 47.43
C THR A 259 49.22 146.31 47.35
N VAL A 260 48.01 146.15 47.73
CA VAL A 260 47.31 144.89 47.74
C VAL A 260 46.63 144.66 46.44
N PRO A 261 46.96 143.62 45.74
CA PRO A 261 46.40 143.41 44.41
C PRO A 261 44.87 143.22 44.35
N ALA A 262 44.21 143.64 43.29
CA ALA A 262 42.83 143.45 43.03
C ALA A 262 42.39 142.01 43.02
N ALA A 263 43.29 141.07 42.75
CA ALA A 263 42.88 139.65 42.88
C ALA A 263 42.55 139.29 44.34
N VAL A 264 43.05 139.99 45.34
CA VAL A 264 42.63 139.53 46.71
C VAL A 264 41.17 139.83 46.91
N PRO A 265 40.27 138.90 47.15
CA PRO A 265 38.84 139.06 47.23
C PRO A 265 38.38 139.88 48.43
N GLY A 266 39.12 139.77 49.56
CA GLY A 266 38.61 140.71 50.65
C GLY A 266 39.66 141.10 51.65
N ILE A 267 39.43 142.24 52.31
CA ILE A 267 40.47 142.59 53.28
C ILE A 267 39.73 142.86 54.57
N CYS A 268 40.01 142.05 55.60
CA CYS A 268 39.30 142.13 56.90
C CYS A 268 40.25 142.61 57.99
N PHE A 269 39.94 143.82 58.46
CA PHE A 269 40.77 144.56 59.30
C PHE A 269 40.82 144.03 60.70
N LEU A 270 42.01 144.05 61.26
CA LEU A 270 42.08 143.69 62.72
C LEU A 270 41.68 144.98 63.44
N SER A 271 41.19 144.83 64.64
CA SER A 271 40.80 146.13 65.25
C SER A 271 41.82 146.64 66.23
N GLY A 272 42.71 145.74 66.60
CA GLY A 272 43.80 146.00 67.46
C GLY A 272 43.75 147.05 68.50
N GLY A 273 42.78 147.16 69.39
CA GLY A 273 42.82 148.06 70.54
C GLY A 273 41.82 149.19 70.47
N MET A 274 41.38 149.54 69.28
CA MET A 274 40.39 150.54 68.97
C MET A 274 39.06 150.18 69.63
N SER A 275 38.39 151.09 70.29
CA SER A 275 37.12 150.84 70.97
C SER A 275 36.13 150.10 70.05
N GLU A 276 35.15 149.38 70.55
CA GLU A 276 34.18 148.81 69.60
C GLU A 276 33.53 149.78 68.61
N GLU A 277 33.24 151.00 69.12
CA GLU A 277 32.65 152.01 68.28
C GLU A 277 33.71 152.51 67.29
N ASP A 278 34.97 152.68 67.79
CA ASP A 278 35.90 153.21 66.81
C ASP A 278 36.08 152.18 65.71
N ALA A 279 36.11 150.87 66.00
CA ALA A 279 36.34 149.90 64.91
C ALA A 279 35.18 149.90 63.92
N THR A 280 34.04 150.28 64.43
CA THR A 280 32.89 150.50 63.58
C THR A 280 32.93 151.78 62.76
N LEU A 281 33.07 152.96 63.38
CA LEU A 281 33.31 154.19 62.63
C LEU A 281 34.44 154.12 61.59
N ASN A 282 35.54 153.47 61.94
CA ASN A 282 36.58 153.46 60.97
C ASN A 282 36.23 152.63 59.72
N LEU A 283 35.69 151.42 59.96
CA LEU A 283 35.57 150.48 58.84
C LEU A 283 34.58 151.16 57.96
N ASN A 284 33.57 151.74 58.61
CA ASN A 284 32.54 152.45 57.81
C ASN A 284 33.19 153.51 56.94
N ALA A 285 34.08 154.35 57.51
CA ALA A 285 34.73 155.39 56.77
C ALA A 285 35.55 154.80 55.68
N ILE A 286 36.24 153.72 55.88
CA ILE A 286 36.97 153.07 54.81
C ILE A 286 36.07 152.70 53.64
N ASN A 287 34.82 152.23 53.87
CA ASN A 287 33.95 151.87 52.76
C ASN A 287 33.48 153.12 52.01
N LEU A 288 33.45 154.31 52.57
CA LEU A 288 33.04 155.46 51.78
C LEU A 288 34.24 156.28 51.27
N CYS A 289 35.48 155.79 51.40
CA CYS A 289 36.65 156.56 50.98
C CYS A 289 36.70 156.68 49.45
N PRO A 290 36.77 157.87 48.91
CA PRO A 290 36.74 158.04 47.50
C PRO A 290 38.02 157.63 46.80
N LEU A 291 38.54 156.45 46.85
CA LEU A 291 39.67 155.88 46.15
C LEU A 291 39.23 154.52 45.52
N PRO A 292 39.94 154.00 44.54
CA PRO A 292 39.68 152.68 43.99
C PRO A 292 39.69 151.67 45.10
N LYS A 293 38.81 150.65 45.20
CA LYS A 293 38.64 149.70 46.24
C LYS A 293 38.27 148.43 45.59
N PRO A 294 39.17 147.79 44.88
CA PRO A 294 38.75 146.58 44.21
C PRO A 294 38.30 145.41 45.05
N TRP A 295 38.40 145.45 46.38
CA TRP A 295 38.17 144.31 47.21
C TRP A 295 37.23 144.56 48.39
N LYS A 296 36.67 143.44 48.91
CA LYS A 296 35.73 143.71 49.96
C LYS A 296 36.59 144.39 51.05
N LEU A 297 35.95 145.28 51.82
CA LEU A 297 36.64 145.84 52.92
C LEU A 297 35.73 145.59 54.15
N SER A 298 36.11 144.65 55.03
CA SER A 298 35.30 144.30 56.14
C SER A 298 36.15 144.22 57.39
N PHE A 299 35.54 143.45 58.32
CA PHE A 299 36.22 143.26 59.62
C PHE A 299 36.66 141.83 59.88
N SER A 300 37.60 141.63 60.80
CA SER A 300 37.97 140.30 61.31
C SER A 300 38.28 140.74 62.75
N TYR A 301 37.33 140.80 63.60
CA TYR A 301 37.40 141.51 64.89
C TYR A 301 37.41 140.51 66.06
N GLY A 302 38.41 140.75 66.90
CA GLY A 302 38.65 140.01 68.09
C GLY A 302 37.87 140.81 69.17
N ARG A 303 38.58 141.83 69.69
CA ARG A 303 38.06 142.66 70.76
C ARG A 303 36.84 143.49 70.49
N ALA A 304 36.88 144.22 69.40
CA ALA A 304 35.80 145.03 68.90
C ALA A 304 34.53 144.22 68.69
N LEU A 305 34.46 142.93 68.43
CA LEU A 305 33.18 142.26 68.48
C LEU A 305 32.86 141.72 69.89
N GLN A 306 33.75 141.84 70.89
CA GLN A 306 33.47 141.13 72.14
C GLN A 306 33.46 141.84 73.49
N ALA A 307 33.87 143.07 73.58
CA ALA A 307 34.02 143.87 74.73
C ALA A 307 32.79 143.91 75.58
N SER A 308 31.78 144.38 74.94
CA SER A 308 30.47 144.58 75.48
C SER A 308 29.93 143.20 75.94
N ALA A 309 29.90 142.17 75.11
CA ALA A 309 29.44 140.88 75.57
C ALA A 309 30.14 140.33 76.81
N LEU A 310 31.46 140.56 76.89
CA LEU A 310 32.25 140.05 77.98
C LEU A 310 31.73 140.74 79.22
N ALA A 311 31.62 142.03 79.08
CA ALA A 311 31.27 142.84 80.23
C ALA A 311 29.88 142.45 80.69
N ALA A 312 29.03 142.15 79.72
CA ALA A 312 27.67 141.76 80.07
C ALA A 312 27.71 140.38 80.73
N TRP A 313 28.52 139.52 80.15
CA TRP A 313 28.58 138.20 80.74
C TRP A 313 28.97 138.24 82.20
N GLY A 314 30.03 138.89 82.53
CA GLY A 314 30.53 138.88 83.90
C GLY A 314 30.91 137.49 84.37
N GLY A 315 30.85 136.53 83.46
CA GLY A 315 31.15 135.15 83.79
C GLY A 315 29.95 134.49 84.49
N LYS A 316 28.76 135.03 84.30
CA LYS A 316 27.55 134.52 84.92
C LYS A 316 26.58 133.96 83.88
N ALA A 317 26.24 132.70 84.07
CA ALA A 317 25.33 132.09 83.12
C ALA A 317 23.98 132.76 83.02
N ALA A 318 23.56 133.39 84.13
CA ALA A 318 22.30 134.10 84.05
C ALA A 318 22.40 135.24 83.06
N ASN A 319 23.57 135.78 82.73
CA ASN A 319 23.70 136.84 81.76
C ASN A 319 23.74 136.36 80.33
N LYS A 320 23.42 135.09 80.04
CA LYS A 320 23.46 134.64 78.68
C LYS A 320 22.84 135.64 77.70
N GLU A 321 21.58 135.98 77.95
CA GLU A 321 20.85 136.88 77.07
C GLU A 321 21.64 138.17 76.87
N ALA A 322 21.97 138.94 77.84
CA ALA A 322 22.60 140.21 77.63
C ALA A 322 23.84 140.00 76.77
N THR A 323 24.65 139.04 77.14
CA THR A 323 25.84 138.66 76.46
C THR A 323 25.59 138.54 74.96
N GLN A 324 24.59 137.72 74.63
CA GLN A 324 24.31 137.52 73.22
C GLN A 324 23.82 138.76 72.51
N GLU A 325 23.16 139.71 73.11
CA GLU A 325 22.62 140.90 72.46
C GLU A 325 23.75 141.89 72.14
N ALA A 326 24.73 141.98 73.03
CA ALA A 326 25.93 142.77 72.85
C ALA A 326 26.63 142.23 71.60
N PHE A 327 26.99 140.94 71.67
CA PHE A 327 27.66 140.35 70.53
C PHE A 327 26.91 140.68 69.23
N MET A 328 25.65 140.31 69.22
CA MET A 328 24.83 140.48 68.02
C MET A 328 24.83 141.93 67.63
N LYS A 329 24.78 142.84 68.61
CA LYS A 329 24.67 144.24 68.22
C LYS A 329 25.97 144.70 67.53
N ARG A 330 27.12 144.26 68.07
CA ARG A 330 28.30 144.70 67.36
C ARG A 330 28.46 143.98 66.04
N ALA A 331 27.95 142.77 65.94
CA ALA A 331 28.13 142.01 64.68
C ALA A 331 27.30 142.66 63.60
N MET A 332 26.11 143.12 64.00
CA MET A 332 25.32 143.81 62.94
C MET A 332 25.88 145.16 62.55
N ALA A 333 26.32 145.97 63.50
CA ALA A 333 26.85 147.28 63.21
C ALA A 333 28.08 147.20 62.27
N ASN A 334 28.89 146.19 62.63
CA ASN A 334 30.05 145.98 61.80
C ASN A 334 29.71 145.61 60.39
N CYS A 335 28.65 144.87 60.23
CA CYS A 335 28.34 144.42 58.85
C CYS A 335 27.75 145.57 58.07
N GLN A 336 27.03 146.44 58.78
CA GLN A 336 26.56 147.64 58.10
C GLN A 336 27.83 148.49 57.75
N ALA A 337 28.87 148.45 58.54
CA ALA A 337 29.99 149.38 58.35
C ALA A 337 30.75 148.82 57.17
N ALA A 338 30.72 147.49 57.04
CA ALA A 338 31.36 146.81 55.96
C ALA A 338 30.64 147.19 54.65
N LYS A 339 29.52 147.88 54.72
CA LYS A 339 28.83 148.22 53.49
C LYS A 339 28.73 149.74 53.44
N GLY A 340 29.39 150.45 54.37
CA GLY A 340 29.33 151.88 54.21
C GLY A 340 28.01 152.53 54.54
N GLN A 341 27.27 151.91 55.41
CA GLN A 341 25.96 152.25 55.87
C GLN A 341 25.84 152.50 57.37
N TYR A 342 26.82 152.28 58.18
CA TYR A 342 26.77 152.48 59.60
C TYR A 342 26.83 153.98 59.84
N VAL A 343 25.72 154.52 60.30
CA VAL A 343 25.55 155.95 60.55
C VAL A 343 25.05 155.89 62.02
N HIS A 344 26.01 155.24 62.63
CA HIS A 344 25.98 155.25 64.06
C HIS A 344 25.43 156.67 64.34
N THR A 345 24.85 156.83 65.46
CA THR A 345 24.70 158.02 66.24
C THR A 345 26.07 157.74 66.92
N GLY A 346 26.90 158.67 67.35
CA GLY A 346 28.17 158.19 67.97
C GLY A 346 27.65 157.18 68.99
N SER A 347 28.22 155.99 69.12
CA SER A 347 27.68 155.04 70.08
C SER A 347 27.74 155.56 71.51
N SER A 348 26.66 155.31 72.25
CA SER A 348 26.67 155.61 73.71
C SER A 348 26.97 154.23 74.22
N GLY A 349 27.38 153.77 75.38
CA GLY A 349 27.62 152.29 75.66
C GLY A 349 29.09 152.13 76.09
N ALA A 350 29.38 152.60 77.30
CA ALA A 350 30.71 152.71 77.87
C ALA A 350 31.62 151.56 77.44
N ALA A 351 31.04 150.39 77.48
CA ALA A 351 31.54 149.08 77.17
C ALA A 351 32.25 149.09 75.80
N SER A 352 31.63 149.85 74.96
CA SER A 352 31.94 150.15 73.59
C SER A 352 32.76 151.39 73.29
N THR A 353 32.84 152.24 74.33
CA THR A 353 33.54 153.50 74.24
C THR A 353 34.94 153.41 74.80
N GLN A 354 35.35 152.39 75.54
CA GLN A 354 36.66 152.34 76.21
C GLN A 354 37.86 151.68 75.59
N SER A 355 39.13 151.97 75.96
CA SER A 355 40.18 151.30 75.15
C SER A 355 39.98 149.79 75.25
N LEU A 356 40.76 148.92 74.57
CA LEU A 356 40.46 147.50 74.61
C LEU A 356 41.55 146.45 74.59
N PHE A 357 41.33 145.32 75.19
CA PHE A 357 41.32 144.12 75.88
C PHE A 357 42.48 143.34 76.55
N THR A 358 43.45 143.97 77.16
CA THR A 358 44.71 143.67 77.78
C THR A 358 45.49 143.35 76.44
N ALA A 359 45.56 144.58 75.94
CA ALA A 359 46.00 145.10 74.71
C ALA A 359 47.47 145.48 74.56
N CYS A 360 47.76 146.66 75.06
CA CYS A 360 48.94 147.51 75.08
C CYS A 360 49.60 147.69 73.71
N ALA B 1 68.40 144.04 62.28
CA ALA B 1 68.50 145.60 62.79
C ALA B 1 69.68 146.53 62.49
N HIS B 2 70.27 147.37 63.39
CA HIS B 2 71.45 148.21 63.05
C HIS B 2 72.55 148.43 64.09
N ARG B 3 72.35 148.60 65.39
CA ARG B 3 73.39 148.54 66.43
C ARG B 3 73.06 147.14 66.99
N PHE B 4 72.34 147.16 68.13
CA PHE B 4 71.68 145.97 68.56
C PHE B 4 72.36 144.69 68.07
N PRO B 5 73.58 144.47 68.55
CA PRO B 5 74.40 143.32 68.25
C PRO B 5 73.84 142.00 68.77
N ALA B 6 74.08 141.20 67.69
CA ALA B 6 73.69 139.85 67.95
C ALA B 6 74.30 139.31 69.24
N LEU B 7 75.60 139.19 69.36
CA LEU B 7 76.30 138.48 70.43
C LEU B 7 77.40 139.38 71.03
N THR B 8 77.78 138.99 72.26
CA THR B 8 78.84 139.72 72.94
C THR B 8 80.21 139.25 72.49
N GLN B 9 81.17 140.11 72.81
CA GLN B 9 82.54 139.63 72.57
C GLN B 9 82.78 138.21 73.10
N GLU B 10 82.44 138.03 74.38
CA GLU B 10 82.59 136.65 74.86
C GLU B 10 81.88 135.53 74.12
N GLN B 11 80.73 135.76 73.53
CA GLN B 11 80.00 134.60 72.85
C GLN B 11 80.77 134.11 71.65
N LYS B 12 81.30 135.36 71.16
CA LYS B 12 82.14 135.29 69.97
C LYS B 12 83.36 134.46 70.31
N LYS B 13 83.98 134.92 71.41
CA LYS B 13 85.22 134.15 71.72
C LYS B 13 84.93 132.69 71.87
N GLU B 14 83.86 132.52 72.72
CA GLU B 14 83.53 131.10 72.77
C GLU B 14 83.35 130.46 71.44
N LEU B 15 82.44 131.07 70.69
CA LEU B 15 82.08 130.18 69.49
C LEU B 15 83.21 129.92 68.51
N SER B 16 84.02 131.07 68.46
CA SER B 16 85.24 131.05 67.55
C SER B 16 86.25 129.96 67.95
N GLU B 17 86.37 129.87 69.33
CA GLU B 17 87.20 128.76 69.76
C GLU B 17 86.53 127.46 69.29
N ILE B 18 85.25 127.22 69.59
CA ILE B 18 84.75 125.85 69.21
C ILE B 18 85.18 125.55 67.80
N ALA B 19 84.85 126.70 67.06
CA ALA B 19 84.89 126.48 65.61
C ALA B 19 86.27 126.01 65.16
N GLN B 20 87.28 126.73 65.61
CA GLN B 20 88.62 126.35 65.13
C GLN B 20 89.19 125.11 65.77
N SER B 21 88.53 124.76 66.88
CA SER B 21 89.07 123.64 67.62
C SER B 21 88.81 122.36 66.81
N ILE B 22 87.73 122.35 66.07
CA ILE B 22 87.42 121.08 65.51
C ILE B 22 88.24 121.03 64.26
N VAL B 23 89.00 122.01 63.71
CA VAL B 23 89.55 121.50 62.36
C VAL B 23 91.00 121.88 62.61
N ALA B 24 91.33 121.85 63.93
CA ALA B 24 92.63 122.29 64.31
C ALA B 24 93.80 121.64 63.63
N ASN B 25 93.88 120.32 63.35
CA ASN B 25 95.34 120.27 62.77
C ASN B 25 95.24 119.11 61.85
N GLY B 26 94.80 119.47 60.64
CA GLY B 26 94.46 118.32 59.77
C GLY B 26 93.18 117.62 60.28
N LYS B 27 92.51 118.07 61.38
CA LYS B 27 91.51 116.98 61.70
C LYS B 27 90.25 117.26 60.97
N GLY B 28 89.44 116.26 61.15
CA GLY B 28 88.08 116.35 60.57
C GLY B 28 86.93 115.81 61.39
N ILE B 29 85.80 115.56 60.66
CA ILE B 29 84.53 115.32 61.23
C ILE B 29 83.96 114.04 60.82
N LEU B 30 83.56 113.34 61.93
CA LEU B 30 82.86 112.07 61.69
C LEU B 30 81.40 112.43 61.81
N ALA B 31 80.72 112.18 60.69
CA ALA B 31 79.29 112.40 60.63
C ALA B 31 78.48 111.12 60.79
N ALA B 32 78.16 111.01 62.10
CA ALA B 32 77.50 109.75 62.52
C ALA B 32 76.07 110.05 62.84
N ASP B 33 75.66 111.17 62.31
CA ASP B 33 74.27 111.59 62.57
C ASP B 33 73.29 111.01 61.58
N GLU B 34 73.57 109.86 60.92
CA GLU B 34 72.45 109.30 60.13
C GLU B 34 71.24 109.13 61.06
N SER B 35 70.09 109.18 60.46
CA SER B 35 68.78 109.11 61.07
C SER B 35 68.34 107.66 61.07
N VAL B 36 67.23 107.42 61.71
CA VAL B 36 66.73 106.06 61.73
C VAL B 36 66.65 105.40 60.39
N GLY B 37 65.88 106.00 59.48
CA GLY B 37 65.84 105.33 58.15
C GLY B 37 67.19 105.35 57.45
N THR B 38 67.84 106.53 57.44
CA THR B 38 69.08 106.58 56.72
C THR B 38 70.01 105.49 57.24
N MET B 39 70.28 105.62 58.56
CA MET B 39 71.15 104.56 59.10
C MET B 39 70.70 103.13 58.68
N GLY B 40 69.38 102.90 58.54
CA GLY B 40 69.02 101.55 58.16
C GLY B 40 69.43 101.23 56.71
N ASN B 41 69.49 102.34 55.90
CA ASN B 41 69.92 102.01 54.51
C ASN B 41 71.34 101.50 54.60
N ARG B 42 72.17 102.20 55.37
CA ARG B 42 73.54 101.73 55.56
C ARG B 42 73.49 100.30 56.10
N LEU B 43 72.72 99.97 57.15
CA LEU B 43 72.71 98.59 57.63
C LEU B 43 72.25 97.55 56.61
N GLN B 44 71.32 98.01 55.77
CA GLN B 44 70.79 97.14 54.71
C GLN B 44 71.92 96.69 53.78
N ARG B 45 72.84 97.62 53.42
CA ARG B 45 73.89 97.09 52.57
C ARG B 45 74.50 95.83 53.18
N ILE B 46 74.85 95.86 54.47
CA ILE B 46 75.53 94.67 55.00
C ILE B 46 74.47 93.75 55.55
N LYS B 47 73.26 93.83 55.04
CA LYS B 47 72.24 92.87 55.55
C LYS B 47 72.14 92.73 57.06
N VAL B 48 72.16 93.86 57.80
CA VAL B 48 71.92 93.92 59.24
C VAL B 48 70.61 94.67 59.50
N GLU B 49 69.78 94.10 60.37
CA GLU B 49 68.49 94.68 60.69
C GLU B 49 68.61 96.05 61.33
N ASN B 50 67.86 97.01 60.75
CA ASN B 50 67.87 98.36 61.33
C ASN B 50 67.03 98.17 62.60
N THR B 51 67.69 98.35 63.71
CA THR B 51 67.20 98.10 65.05
C THR B 51 67.88 99.09 65.96
N GLU B 52 67.23 99.56 67.03
CA GLU B 52 67.98 100.64 67.76
C GLU B 52 69.24 100.07 68.41
N GLU B 53 69.13 98.80 68.83
CA GLU B 53 70.29 98.12 69.38
C GLU B 53 71.39 97.93 68.33
N ASN B 54 71.06 97.50 67.11
CA ASN B 54 72.08 97.36 66.06
C ASN B 54 72.89 98.66 65.85
N ARG B 55 72.15 99.75 65.77
CA ARG B 55 72.62 101.09 65.60
C ARG B 55 73.49 101.55 66.77
N ARG B 56 73.03 101.28 67.98
CA ARG B 56 73.77 101.64 69.18
C ARG B 56 75.01 100.75 69.23
N GLN B 57 74.91 99.52 68.74
CA GLN B 57 76.08 98.66 68.82
C GLN B 57 77.17 99.12 67.84
N PHE B 58 76.86 99.51 66.61
CA PHE B 58 77.78 99.93 65.58
C PHE B 58 78.58 101.15 66.00
N ARG B 59 77.85 102.24 66.31
CA ARG B 59 78.51 103.43 66.83
C ARG B 59 79.40 103.17 68.05
N GLU B 60 78.92 102.23 68.89
CA GLU B 60 79.67 101.92 70.10
C GLU B 60 81.09 101.50 69.68
N ILE B 61 81.07 100.58 68.70
CA ILE B 61 82.38 100.22 68.15
C ILE B 61 83.04 101.50 67.66
N LEU B 62 82.45 102.28 66.73
CA LEU B 62 83.21 103.46 66.28
C LEU B 62 83.60 104.37 67.44
N PHE B 63 82.73 104.50 68.48
CA PHE B 63 83.22 105.53 69.41
C PHE B 63 84.18 105.01 70.45
N SER B 64 84.39 103.72 70.52
CA SER B 64 85.21 103.19 71.63
C SER B 64 86.64 103.02 71.20
N VAL B 65 86.90 103.34 69.97
CA VAL B 65 88.23 103.25 69.44
C VAL B 65 89.31 103.99 70.25
N ASP B 66 90.54 103.56 70.00
CA ASP B 66 91.73 104.03 70.66
C ASP B 66 91.77 105.55 70.68
N SER B 67 91.99 106.01 71.91
CA SER B 67 91.85 107.42 72.18
C SER B 67 92.54 108.06 71.01
N SER B 68 93.84 108.09 70.98
CA SER B 68 94.54 108.49 69.73
C SER B 68 93.48 109.22 68.91
N ILE B 69 93.03 108.61 67.80
CA ILE B 69 91.89 109.12 67.03
C ILE B 69 91.48 110.53 67.38
N ASN B 70 91.52 111.08 68.60
CA ASN B 70 91.63 112.52 68.67
C ASN B 70 92.90 113.03 68.06
N GLN B 71 93.50 112.37 67.06
CA GLN B 71 94.59 113.13 66.37
C GLN B 71 94.29 113.33 64.87
N SER B 72 93.28 112.74 64.32
CA SER B 72 92.48 112.74 63.14
C SER B 72 91.03 113.28 63.36
N ILE B 73 90.15 112.65 64.18
CA ILE B 73 88.82 113.23 64.38
C ILE B 73 88.75 114.35 65.37
N GLY B 74 88.19 115.52 65.00
CA GLY B 74 88.18 116.57 66.08
C GLY B 74 86.74 116.78 66.61
N GLY B 75 85.73 116.22 65.90
CA GLY B 75 84.34 116.34 66.36
C GLY B 75 83.48 115.24 65.72
N VAL B 76 82.36 114.90 66.29
CA VAL B 76 81.58 113.76 65.71
C VAL B 76 80.15 114.30 65.80
N ILE B 77 79.43 114.27 64.68
CA ILE B 77 78.07 114.79 64.71
C ILE B 77 77.08 113.68 65.07
N LEU B 78 76.17 113.85 66.02
CA LEU B 78 75.30 112.76 66.38
C LEU B 78 73.86 113.13 66.10
N PHE B 79 73.15 112.07 65.76
CA PHE B 79 71.73 112.12 65.63
C PHE B 79 71.03 112.13 67.02
N HIS B 80 70.00 112.91 67.26
CA HIS B 80 69.45 112.90 68.64
C HIS B 80 69.52 111.65 69.55
N GLU B 81 69.00 110.52 69.01
CA GLU B 81 68.94 109.30 69.87
C GLU B 81 70.27 108.94 70.51
N THR B 82 71.22 108.90 69.55
CA THR B 82 72.61 108.52 69.87
C THR B 82 73.11 109.46 70.94
N LEU B 83 72.66 110.71 70.96
CA LEU B 83 73.14 111.61 72.02
C LEU B 83 72.79 111.15 73.44
N TYR B 84 71.78 110.26 73.57
CA TYR B 84 71.43 109.85 74.94
C TYR B 84 71.67 108.35 75.07
N GLN B 85 72.39 107.71 74.13
CA GLN B 85 72.66 106.27 74.30
C GLN B 85 73.96 106.04 75.09
N LYS B 86 74.02 104.79 75.52
CA LYS B 86 75.13 104.26 76.30
C LYS B 86 75.84 103.07 75.62
N ASP B 87 76.96 102.76 76.32
CA ASP B 87 77.69 101.66 75.77
C ASP B 87 77.51 100.36 76.42
N SER B 88 76.82 99.33 76.66
CA SER B 88 77.40 98.12 77.31
C SER B 88 78.04 98.33 78.66
N GLN B 89 77.59 99.41 79.21
CA GLN B 89 78.02 99.86 80.54
C GLN B 89 77.40 101.20 80.47
N GLY B 90 76.75 101.63 81.46
CA GLY B 90 76.05 102.90 81.21
C GLY B 90 77.05 103.88 80.69
N LYS B 91 78.21 103.72 80.08
CA LYS B 91 78.83 105.04 79.85
C LYS B 91 78.11 105.75 78.71
N LEU B 92 77.68 107.01 78.95
CA LEU B 92 76.96 107.74 77.86
C LEU B 92 77.99 108.06 76.74
N PHE B 93 77.69 107.69 75.48
CA PHE B 93 78.61 108.00 74.40
C PHE B 93 79.12 109.44 74.38
N ARG B 94 78.22 110.36 74.76
CA ARG B 94 78.55 111.79 74.70
C ARG B 94 79.62 112.06 75.75
N ASN B 95 79.68 111.16 76.77
CA ASN B 95 80.84 111.33 77.68
C ASN B 95 82.06 110.62 77.16
N ILE B 96 81.82 109.39 76.61
CA ILE B 96 83.05 108.79 76.03
C ILE B 96 83.78 109.71 75.06
N LEU B 97 83.02 110.40 74.22
CA LEU B 97 83.66 111.26 73.21
C LEU B 97 84.33 112.50 73.83
N LYS B 98 83.63 113.25 74.66
CA LYS B 98 84.25 114.36 75.31
C LYS B 98 85.60 114.02 75.93
N GLU B 99 85.56 112.89 76.66
CA GLU B 99 86.78 112.49 77.39
C GLU B 99 87.87 112.02 76.42
N LYS B 100 87.58 111.68 75.18
CA LYS B 100 88.59 111.32 74.22
C LYS B 100 89.19 112.57 73.61
N GLY B 101 88.65 113.73 73.95
CA GLY B 101 89.19 114.96 73.31
C GLY B 101 88.38 115.35 72.06
N ILE B 102 87.14 114.81 71.92
CA ILE B 102 86.42 115.15 70.68
C ILE B 102 85.14 115.96 70.75
N VAL B 103 84.94 117.05 69.99
CA VAL B 103 83.76 117.90 70.10
C VAL B 103 82.49 117.23 69.57
N VAL B 104 81.40 117.21 70.39
CA VAL B 104 80.25 116.36 69.95
C VAL B 104 79.21 117.31 69.33
N GLY B 105 78.58 116.95 68.21
CA GLY B 105 77.63 117.96 67.68
C GLY B 105 76.29 117.23 67.42
N ILE B 106 75.30 118.13 67.16
CA ILE B 106 74.03 117.47 66.91
C ILE B 106 73.39 117.83 65.60
N LYS B 107 72.76 116.78 65.01
CA LYS B 107 71.97 117.19 63.82
C LYS B 107 70.75 118.03 64.26
N LEU B 108 70.48 119.26 63.82
CA LEU B 108 69.33 120.00 64.30
C LEU B 108 68.18 120.12 63.31
N ASP B 109 68.49 119.85 62.04
CA ASP B 109 67.32 119.94 61.17
C ASP B 109 66.38 118.77 61.19
N GLN B 110 65.18 118.94 60.65
CA GLN B 110 64.26 117.81 60.71
C GLN B 110 63.78 117.35 59.35
N GLY B 111 64.64 117.31 58.31
CA GLY B 111 64.27 116.79 57.01
C GLY B 111 63.51 117.87 56.25
N GLY B 112 63.15 117.34 55.07
CA GLY B 112 62.66 118.21 54.01
C GLY B 112 61.17 118.44 54.02
N ALA B 113 60.72 119.21 53.07
CA ALA B 113 59.32 119.63 52.96
C ALA B 113 59.28 120.40 51.60
N PRO B 114 58.25 119.99 50.89
CA PRO B 114 58.09 120.28 49.48
C PRO B 114 57.74 121.75 49.29
N LEU B 115 58.35 122.35 48.29
CA LEU B 115 58.01 123.74 48.00
C LEU B 115 57.01 123.72 46.87
N ALA B 116 55.75 123.97 47.08
CA ALA B 116 54.72 124.07 46.05
C ALA B 116 55.19 125.00 44.92
N GLY B 117 54.96 124.53 43.69
CA GLY B 117 55.12 125.30 42.46
C GLY B 117 56.53 125.26 41.86
N THR B 118 57.14 124.15 42.24
CA THR B 118 58.57 123.89 41.98
C THR B 118 58.77 122.59 41.26
N ASN B 119 59.90 122.24 40.69
CA ASN B 119 60.00 120.91 40.08
C ASN B 119 60.60 120.01 41.17
N LYS B 120 59.74 119.70 42.15
CA LYS B 120 60.13 118.81 43.21
C LYS B 120 61.22 119.32 44.10
N GLU B 121 61.33 120.64 44.27
CA GLU B 121 62.29 121.17 45.21
C GLU B 121 61.68 121.21 46.62
N THR B 122 62.53 121.42 47.63
CA THR B 122 62.24 121.31 49.04
C THR B 122 62.87 122.45 49.79
N THR B 123 62.37 122.50 51.04
CA THR B 123 63.09 123.38 51.98
C THR B 123 63.47 122.40 53.11
N ILE B 124 63.93 122.93 54.25
CA ILE B 124 64.11 121.98 55.37
C ILE B 124 63.28 122.47 56.53
N GLN B 125 62.74 121.60 57.37
CA GLN B 125 61.98 121.91 58.57
C GLN B 125 62.92 121.81 59.80
N GLY B 126 62.51 122.52 60.84
CA GLY B 126 63.27 122.42 62.04
C GLY B 126 63.39 123.71 62.84
N LEU B 127 62.97 124.85 62.41
CA LEU B 127 63.20 126.01 63.32
C LEU B 127 62.23 126.10 64.48
N ASP B 128 61.08 125.47 64.37
CA ASP B 128 60.07 125.66 65.48
C ASP B 128 60.65 125.02 66.73
N GLY B 129 60.84 125.77 67.83
CA GLY B 129 61.47 125.24 69.03
C GLY B 129 62.98 125.06 68.97
N LEU B 130 63.67 125.36 67.87
CA LEU B 130 65.13 125.14 67.79
C LEU B 130 65.85 125.75 68.97
N SER B 131 65.41 126.98 69.32
CA SER B 131 66.12 127.64 70.42
C SER B 131 66.21 126.85 71.70
N GLU B 132 65.13 126.30 72.13
CA GLU B 132 64.97 125.50 73.33
C GLU B 132 65.78 124.22 73.19
N ARG B 133 65.48 123.61 72.06
CA ARG B 133 66.36 122.43 71.76
C ARG B 133 67.82 122.87 71.87
N CYS B 134 68.19 123.98 71.22
CA CYS B 134 69.64 124.28 71.36
C CYS B 134 70.13 124.39 72.79
N ALA B 135 69.36 125.02 73.67
CA ALA B 135 69.82 125.29 75.03
C ALA B 135 70.15 124.04 75.84
N GLN B 136 69.32 123.06 75.59
CA GLN B 136 69.40 121.75 76.31
C GLN B 136 70.56 121.01 75.70
N TYR B 137 70.59 120.76 74.41
CA TYR B 137 71.84 120.18 73.90
C TYR B 137 73.12 120.87 74.40
N LYS B 138 73.12 122.24 74.37
CA LYS B 138 74.35 122.86 74.87
C LYS B 138 74.50 122.36 76.31
N LYS B 139 73.38 122.35 77.09
CA LYS B 139 73.55 121.88 78.46
C LYS B 139 73.89 120.39 78.53
N ASP B 140 73.50 119.63 77.49
CA ASP B 140 73.92 118.23 77.56
C ASP B 140 75.29 118.01 76.94
N GLY B 141 76.15 119.03 76.84
CA GLY B 141 77.51 118.94 76.37
C GLY B 141 77.83 118.76 74.87
N VAL B 142 76.97 119.34 74.05
CA VAL B 142 77.08 119.59 72.63
C VAL B 142 77.60 121.00 72.43
N ASP B 143 78.66 121.06 71.61
CA ASP B 143 79.17 122.39 71.32
C ASP B 143 78.97 122.87 69.88
N PHE B 144 78.31 122.14 68.96
CA PHE B 144 78.08 122.60 67.60
C PHE B 144 76.96 121.89 66.86
N GLY B 145 76.37 122.55 65.84
CA GLY B 145 75.15 121.81 65.26
C GLY B 145 75.30 121.62 63.77
N LYS B 146 74.39 120.84 63.19
CA LYS B 146 74.45 120.70 61.74
C LYS B 146 73.05 120.72 61.14
N TRP B 147 72.83 121.44 60.06
CA TRP B 147 71.59 121.56 59.29
C TRP B 147 71.81 121.36 57.78
N ARG B 148 71.21 120.31 57.23
CA ARG B 148 71.51 120.11 55.82
C ARG B 148 70.39 120.58 54.91
N ALA B 149 70.70 121.37 53.93
CA ALA B 149 69.72 121.71 52.88
C ALA B 149 70.14 120.87 51.63
N VAL B 150 69.19 120.50 50.83
CA VAL B 150 69.37 119.77 49.57
C VAL B 150 68.82 120.55 48.36
N LEU B 151 69.69 120.86 47.41
CA LEU B 151 69.47 121.55 46.15
C LEU B 151 69.92 120.58 45.06
N ARG B 152 69.21 120.56 43.93
CA ARG B 152 69.54 119.69 42.83
C ARG B 152 69.59 120.34 41.46
N ILE B 153 70.32 119.79 40.49
CA ILE B 153 70.35 120.49 39.19
C ILE B 153 69.38 119.70 38.34
N ALA B 154 68.37 120.26 37.72
CA ALA B 154 67.41 119.49 36.95
C ALA B 154 66.52 120.46 36.17
N ASP B 155 65.53 119.99 35.39
CA ASP B 155 64.72 120.99 34.68
C ASP B 155 64.21 122.08 35.63
N GLN B 156 64.83 123.26 35.52
CA GLN B 156 64.43 124.40 36.35
C GLN B 156 64.74 124.27 37.83
N CYS B 157 65.74 123.52 38.24
CA CYS B 157 66.23 123.34 39.62
C CYS B 157 67.74 123.56 39.46
N PRO B 158 68.29 124.43 40.29
CA PRO B 158 67.64 124.84 41.51
C PRO B 158 67.00 126.16 41.24
N SER B 159 65.81 126.33 41.77
CA SER B 159 65.16 127.59 41.43
C SER B 159 65.64 128.63 42.37
N SER B 160 65.33 129.88 42.02
CA SER B 160 65.65 130.99 42.88
C SER B 160 64.76 130.80 44.12
N LEU B 161 63.54 130.28 43.95
CA LEU B 161 62.75 130.27 45.27
C LEU B 161 63.52 129.27 46.15
N ALA B 162 63.84 128.12 45.48
CA ALA B 162 64.51 127.10 46.31
C ALA B 162 65.76 127.63 46.99
N ILE B 163 66.55 128.32 46.21
CA ILE B 163 67.84 128.72 46.77
C ILE B 163 67.63 129.73 47.87
N GLN B 164 66.78 130.69 47.56
CA GLN B 164 66.58 131.77 48.52
C GLN B 164 65.98 131.17 49.77
N GLU B 165 64.99 130.28 49.63
CA GLU B 165 64.26 129.85 50.82
C GLU B 165 65.21 128.98 51.65
N ASN B 166 65.99 128.06 50.99
CA ASN B 166 66.96 127.25 51.71
C ASN B 166 68.01 128.11 52.38
N ALA B 167 68.44 129.16 51.66
CA ALA B 167 69.53 129.88 52.35
C ALA B 167 68.92 130.55 53.56
N ASN B 168 67.71 131.13 53.38
CA ASN B 168 67.20 131.78 54.63
C ASN B 168 66.97 130.72 55.72
N ALA B 169 66.58 129.50 55.42
CA ALA B 169 66.26 128.75 56.71
C ALA B 169 67.57 128.51 57.44
N LEU B 170 68.59 128.21 56.58
CA LEU B 170 69.94 128.01 57.06
C LEU B 170 70.35 129.26 57.81
N ALA B 171 70.00 130.45 57.34
CA ALA B 171 70.50 131.60 58.13
C ALA B 171 69.74 131.60 59.46
N ARG B 172 68.52 131.03 59.53
CA ARG B 172 67.75 131.27 60.79
C ARG B 172 68.36 130.36 61.86
N TYR B 173 68.64 129.16 61.30
CA TYR B 173 69.21 128.09 62.13
C TYR B 173 70.59 128.51 62.66
N ALA B 174 71.42 129.06 61.74
CA ALA B 174 72.74 129.48 62.16
C ALA B 174 72.53 130.61 63.16
N SER B 175 71.78 131.65 62.86
CA SER B 175 71.67 132.66 63.97
C SER B 175 71.25 132.00 65.34
N ILE B 176 70.17 131.14 65.15
CA ILE B 176 69.66 130.53 66.39
C ILE B 176 70.73 129.80 67.16
N CYS B 177 71.43 128.83 66.51
CA CYS B 177 72.53 128.15 67.25
C CYS B 177 73.49 129.07 68.01
N GLN B 178 74.01 130.15 67.40
CA GLN B 178 74.88 131.04 68.23
C GLN B 178 74.23 131.60 69.43
N GLN B 179 72.97 131.96 69.27
CA GLN B 179 72.34 132.51 70.46
C GLN B 179 72.48 131.49 71.58
N ASN B 180 72.61 130.24 71.31
CA ASN B 180 72.80 129.35 72.52
C ASN B 180 74.16 128.66 72.57
N GLY B 181 75.25 129.30 72.21
CA GLY B 181 76.51 128.66 72.16
C GLY B 181 76.83 127.47 71.30
N LEU B 182 76.01 127.04 70.33
CA LEU B 182 76.60 126.00 69.45
C LEU B 182 77.34 126.64 68.29
N VAL B 183 78.28 126.12 67.55
CA VAL B 183 78.79 126.84 66.37
C VAL B 183 77.99 125.97 65.34
N PRO B 184 77.27 126.69 64.45
CA PRO B 184 76.47 126.11 63.38
C PRO B 184 77.34 125.76 62.15
N ILE B 185 77.11 124.62 61.64
CA ILE B 185 77.76 123.99 60.53
C ILE B 185 76.72 124.18 59.42
N VAL B 186 76.99 125.05 58.49
CA VAL B 186 75.99 125.35 57.42
C VAL B 186 76.10 124.41 56.26
N GLU B 187 75.31 123.36 56.05
CA GLU B 187 75.47 122.46 54.91
C GLU B 187 74.45 122.60 53.76
N PRO B 188 74.67 123.44 52.75
CA PRO B 188 73.87 123.56 51.56
C PRO B 188 74.34 122.59 50.50
N GLU B 189 73.83 121.41 50.48
CA GLU B 189 74.32 120.46 49.53
C GLU B 189 73.63 120.51 48.16
N VAL B 190 74.57 120.66 47.24
CA VAL B 190 74.17 120.45 45.81
C VAL B 190 74.41 118.98 45.43
N ILE B 191 73.34 118.24 45.42
CA ILE B 191 73.28 116.83 45.05
C ILE B 191 73.90 116.58 43.68
N PRO B 192 74.61 115.48 43.52
CA PRO B 192 75.22 115.05 42.29
C PRO B 192 74.31 114.34 41.29
N ASP B 193 73.11 113.99 41.71
CA ASP B 193 72.15 113.36 40.81
C ASP B 193 72.14 114.13 39.48
N GLY B 194 72.05 113.32 38.40
CA GLY B 194 71.89 113.79 37.03
C GLY B 194 73.15 113.61 36.20
N ASP B 195 73.05 114.25 35.01
CA ASP B 195 74.20 114.00 34.15
C ASP B 195 74.95 115.28 33.87
N HIS B 196 74.76 116.30 34.68
CA HIS B 196 75.49 117.53 34.30
C HIS B 196 76.98 117.27 34.43
N ASP B 197 77.85 118.20 33.96
CA ASP B 197 79.28 118.03 34.14
C ASP B 197 79.90 118.91 35.26
N LEU B 198 81.24 119.09 35.19
CA LEU B 198 81.80 119.70 36.38
C LEU B 198 81.44 121.19 36.38
N GLU B 199 81.59 121.65 35.10
CA GLU B 199 81.44 123.10 35.06
C GLU B 199 79.98 123.49 35.30
N HIS B 200 79.06 122.55 34.92
CA HIS B 200 77.69 122.93 35.35
C HIS B 200 77.57 122.93 36.87
N CYS B 201 78.27 121.94 37.55
CA CYS B 201 78.03 122.04 39.04
C CYS B 201 78.73 123.22 39.66
N GLN B 202 79.83 123.67 39.11
CA GLN B 202 80.63 124.79 39.62
C GLN B 202 79.86 126.04 39.74
N TYR B 203 79.20 126.22 38.57
CA TYR B 203 78.36 127.43 38.34
C TYR B 203 77.18 127.52 39.39
N VAL B 204 76.44 126.43 39.58
CA VAL B 204 75.35 126.23 40.47
C VAL B 204 75.81 126.21 41.93
N THR B 205 76.97 125.52 42.14
CA THR B 205 77.53 125.65 43.50
C THR B 205 77.96 127.16 43.62
N GLU B 206 78.61 127.82 42.60
CA GLU B 206 79.03 129.20 43.09
C GLU B 206 77.78 130.03 43.33
N LYS B 207 76.68 129.82 42.59
CA LYS B 207 75.50 130.66 42.91
C LYS B 207 74.83 130.36 44.24
N VAL B 208 74.85 129.10 44.66
CA VAL B 208 74.22 128.75 45.97
C VAL B 208 75.03 129.30 47.14
N LEU B 209 76.34 129.51 46.90
CA LEU B 209 77.20 129.93 48.06
C LEU B 209 77.08 131.40 48.22
N ALA B 210 76.79 131.96 47.06
CA ALA B 210 76.68 133.49 47.15
C ALA B 210 75.40 133.93 47.93
N ALA B 211 74.41 132.92 47.74
CA ALA B 211 73.16 133.10 48.38
C ALA B 211 73.13 133.02 49.92
N VAL B 212 73.75 131.77 50.14
CA VAL B 212 73.85 131.55 51.65
C VAL B 212 74.66 132.65 52.34
N TYR B 213 75.75 132.94 51.58
CA TYR B 213 76.57 133.93 52.43
C TYR B 213 75.82 135.30 52.70
N LYS B 214 75.18 135.86 51.80
CA LYS B 214 74.56 137.01 51.69
C LYS B 214 73.48 136.92 52.83
N ALA B 215 72.68 135.75 52.91
CA ALA B 215 71.83 135.62 53.94
C ALA B 215 72.23 135.60 55.38
N LEU B 216 73.40 134.89 55.48
CA LEU B 216 74.06 134.79 56.81
C LEU B 216 74.36 136.27 57.21
N ASN B 217 74.69 136.98 56.13
CA ASN B 217 75.11 138.36 56.42
C ASN B 217 73.89 139.17 56.85
N ASP B 218 72.79 138.96 56.13
CA ASP B 218 71.52 139.64 56.57
C ASP B 218 70.92 139.37 57.96
N HIS B 219 71.33 138.09 58.23
CA HIS B 219 70.86 137.55 59.60
C HIS B 219 71.83 137.70 60.78
N HIS B 220 72.83 138.59 60.28
CA HIS B 220 73.81 138.98 61.34
C HIS B 220 74.45 137.74 62.00
N VAL B 221 74.73 136.75 61.15
CA VAL B 221 75.40 135.67 61.61
C VAL B 221 76.92 135.93 61.71
N TYR B 222 77.59 135.51 62.83
CA TYR B 222 79.02 135.61 63.09
C TYR B 222 79.86 134.52 62.46
N LEU B 223 80.28 134.77 61.22
CA LEU B 223 81.02 133.77 60.42
C LEU B 223 82.20 133.09 61.10
N GLU B 224 82.96 133.87 61.93
CA GLU B 224 84.15 133.38 62.56
C GLU B 224 83.79 132.22 63.49
N GLY B 225 82.51 132.10 63.73
CA GLY B 225 81.86 131.13 64.49
C GLY B 225 81.01 130.02 63.95
N THR B 226 81.52 129.76 62.76
CA THR B 226 80.65 128.91 61.86
C THR B 226 81.42 127.78 61.26
N LEU B 227 80.90 127.02 60.26
CA LEU B 227 81.79 126.01 59.61
C LEU B 227 80.96 125.63 58.37
N LEU B 228 81.70 125.18 57.29
CA LEU B 228 80.78 124.97 56.17
C LEU B 228 81.14 123.52 55.71
N LYS B 229 80.04 122.99 55.19
CA LYS B 229 80.08 121.63 54.72
C LYS B 229 79.17 121.55 53.46
N PRO B 230 79.84 121.98 52.44
CA PRO B 230 79.49 122.10 51.01
C PRO B 230 79.81 120.85 50.20
N ASN B 231 79.24 120.67 49.07
CA ASN B 231 79.60 119.50 48.26
C ASN B 231 80.82 120.12 47.53
N MET B 232 81.51 119.05 47.03
CA MET B 232 82.73 119.28 46.21
C MET B 232 82.12 119.38 44.77
N VAL B 233 82.82 120.26 44.09
CA VAL B 233 82.61 120.41 42.69
C VAL B 233 83.01 119.12 41.95
N THR B 234 82.00 118.42 41.51
CA THR B 234 82.12 117.27 40.65
C THR B 234 81.04 117.17 39.57
N ALA B 235 81.36 116.41 38.53
CA ALA B 235 80.33 116.25 37.48
C ALA B 235 79.17 115.45 38.09
N GLY B 236 78.00 115.42 37.50
CA GLY B 236 76.86 114.67 38.04
C GLY B 236 77.16 113.19 37.93
N HIS B 237 76.39 112.45 38.73
CA HIS B 237 76.45 111.02 38.89
C HIS B 237 76.27 110.28 37.57
N ALA B 238 75.45 110.95 36.72
CA ALA B 238 75.20 110.28 35.45
C ALA B 238 76.05 110.87 34.36
N CYS B 239 76.92 111.83 34.63
CA CYS B 239 77.81 112.34 33.60
C CYS B 239 78.77 111.25 33.08
N THR B 240 78.89 111.19 31.76
CA THR B 240 79.83 110.21 31.23
C THR B 240 81.24 110.72 31.12
N LYS B 241 81.57 112.02 31.21
CA LYS B 241 83.00 112.34 31.15
C LYS B 241 83.66 111.95 32.46
N LYS B 242 84.96 112.00 32.41
CA LYS B 242 85.70 111.49 33.58
C LYS B 242 86.75 112.56 33.86
N TYR B 243 86.96 112.61 35.19
CA TYR B 243 87.85 113.74 35.59
C TYR B 243 88.70 113.32 36.76
N THR B 244 89.69 114.01 37.12
CA THR B 244 90.77 113.86 38.01
C THR B 244 90.55 114.74 39.24
N PRO B 245 91.06 114.09 40.28
CA PRO B 245 91.08 114.72 41.58
C PRO B 245 91.47 116.17 41.37
N GLU B 246 92.64 116.34 40.71
CA GLU B 246 93.10 117.72 40.53
C GLU B 246 92.03 118.58 39.80
N GLN B 247 91.25 117.95 38.90
CA GLN B 247 90.24 118.69 38.17
C GLN B 247 89.13 119.01 39.17
N VAL B 248 88.73 117.99 39.95
CA VAL B 248 87.80 118.34 41.07
C VAL B 248 88.43 119.30 42.05
N ALA B 249 89.67 119.20 42.38
CA ALA B 249 90.10 120.29 43.25
C ALA B 249 89.93 121.70 42.73
N MET B 250 90.35 121.92 41.48
CA MET B 250 90.34 123.32 40.92
C MET B 250 88.95 123.95 40.78
N ALA B 251 88.02 123.09 40.30
CA ALA B 251 86.60 123.38 40.24
C ALA B 251 86.10 123.80 41.64
N THR B 252 86.50 122.95 42.58
CA THR B 252 86.09 123.24 43.96
C THR B 252 86.69 124.45 44.66
N VAL B 253 88.04 124.47 44.75
CA VAL B 253 88.58 125.72 45.40
C VAL B 253 88.24 126.95 44.59
N THR B 254 88.02 126.84 43.27
CA THR B 254 87.72 128.07 42.52
C THR B 254 86.46 128.69 43.03
N ALA B 255 85.48 127.80 43.04
CA ALA B 255 84.14 128.22 43.53
C ALA B 255 84.20 128.75 44.95
N LEU B 256 84.86 127.97 45.82
CA LEU B 256 84.93 128.41 47.23
C LEU B 256 85.73 129.66 47.33
N HIS B 257 86.79 129.88 46.55
CA HIS B 257 87.47 131.14 46.89
C HIS B 257 86.67 132.32 46.39
N ARG B 258 85.71 132.06 45.45
CA ARG B 258 84.97 133.22 45.00
C ARG B 258 83.78 133.48 45.90
N THR B 259 83.34 132.52 46.71
CA THR B 259 82.16 132.85 47.52
C THR B 259 82.16 132.73 49.02
N VAL B 260 82.94 131.95 49.71
CA VAL B 260 83.08 131.70 51.13
C VAL B 260 84.15 132.55 51.85
N PRO B 261 83.68 133.47 52.69
CA PRO B 261 84.57 134.46 53.23
C PRO B 261 85.66 133.83 54.05
N ALA B 262 86.76 134.62 53.90
CA ALA B 262 87.94 134.16 54.62
C ALA B 262 87.57 134.07 56.10
N ALA B 263 86.72 134.81 56.75
CA ALA B 263 86.37 134.64 58.14
C ALA B 263 85.79 133.29 58.55
N VAL B 264 85.33 132.49 57.59
CA VAL B 264 84.81 131.20 58.06
C VAL B 264 86.06 130.33 58.29
N PRO B 265 86.28 129.83 59.49
CA PRO B 265 87.52 129.10 59.87
C PRO B 265 87.72 127.82 59.13
N GLY B 266 86.66 127.11 58.85
CA GLY B 266 86.88 125.85 58.14
C GLY B 266 85.74 125.37 57.27
N ILE B 267 86.17 124.70 56.17
CA ILE B 267 85.07 124.20 55.34
C ILE B 267 85.45 122.74 55.18
N CYS B 268 84.59 121.82 55.47
CA CYS B 268 84.56 120.47 55.75
C CYS B 268 83.62 119.73 54.73
N PHE B 269 84.27 119.13 53.68
CA PHE B 269 83.50 118.60 52.58
C PHE B 269 82.62 117.49 52.97
N LEU B 270 81.49 117.33 52.31
CA LEU B 270 80.70 116.11 52.66
C LEU B 270 81.17 115.27 51.47
N SER B 271 80.74 114.02 51.39
CA SER B 271 81.35 113.23 50.30
C SER B 271 80.22 112.49 49.61
N GLY B 272 79.20 112.33 50.42
CA GLY B 272 78.01 111.61 50.03
C GLY B 272 78.10 110.90 48.70
N GLY B 273 78.51 109.62 48.74
CA GLY B 273 78.50 108.99 47.38
C GLY B 273 79.94 108.70 46.99
N MET B 274 80.87 109.60 46.97
CA MET B 274 82.25 109.24 46.65
C MET B 274 82.74 108.04 47.49
N SER B 275 83.51 107.19 46.78
CA SER B 275 84.17 106.09 47.47
C SER B 275 85.10 106.84 48.53
N GLU B 276 85.48 105.98 49.48
CA GLU B 276 86.37 106.26 50.57
C GLU B 276 87.66 106.67 49.92
N GLU B 277 88.02 105.92 48.85
CA GLU B 277 89.34 106.34 48.26
C GLU B 277 89.21 107.69 47.58
N ASP B 278 88.06 107.84 46.85
CA ASP B 278 88.05 109.21 46.20
C ASP B 278 87.91 110.35 47.17
N ALA B 279 86.99 110.28 48.12
CA ALA B 279 86.90 111.36 49.09
C ALA B 279 88.28 111.65 49.69
N THR B 280 89.10 110.56 49.82
CA THR B 280 90.45 111.01 50.41
C THR B 280 91.24 111.65 49.28
N LEU B 281 91.31 111.00 48.09
CA LEU B 281 92.21 111.77 47.16
C LEU B 281 91.70 113.14 46.88
N ASN B 282 90.42 113.27 46.44
CA ASN B 282 89.98 114.72 46.12
C ASN B 282 90.26 115.75 47.15
N LEU B 283 90.00 115.50 48.49
CA LEU B 283 90.33 116.40 49.63
C LEU B 283 91.78 116.80 49.68
N ASN B 284 92.52 115.66 49.43
CA ASN B 284 93.97 115.83 49.28
C ASN B 284 94.38 116.79 48.16
N ALA B 285 93.83 116.55 46.96
CA ALA B 285 94.07 117.50 45.85
C ALA B 285 93.56 118.86 46.27
N ILE B 286 92.34 118.83 46.85
CA ILE B 286 91.83 120.16 47.30
C ILE B 286 92.91 120.92 48.01
N ASN B 287 93.62 120.25 48.92
CA ASN B 287 94.62 121.04 49.70
C ASN B 287 95.85 121.35 48.93
N LEU B 288 96.06 120.56 47.86
CA LEU B 288 97.25 121.00 47.06
C LEU B 288 96.93 122.00 45.95
N CYS B 289 95.62 122.26 45.74
CA CYS B 289 95.29 123.14 44.61
C CYS B 289 95.96 124.48 44.78
N PRO B 290 96.45 125.06 43.70
CA PRO B 290 97.18 126.28 43.80
C PRO B 290 96.31 127.49 43.98
N LEU B 291 95.07 127.54 44.44
CA LEU B 291 94.53 128.92 44.57
C LEU B 291 94.78 129.34 46.01
N PRO B 292 94.36 130.51 46.36
CA PRO B 292 94.28 131.02 47.74
C PRO B 292 93.18 130.31 48.55
N LYS B 293 93.59 129.92 49.75
CA LYS B 293 92.68 129.06 50.56
C LYS B 293 92.76 129.54 51.99
N PRO B 294 92.02 130.62 52.24
CA PRO B 294 92.15 131.22 53.54
C PRO B 294 91.71 130.37 54.70
N TRP B 295 90.89 129.32 54.48
CA TRP B 295 90.31 128.54 55.57
C TRP B 295 90.76 127.08 55.65
N LYS B 296 90.64 126.39 56.78
CA LYS B 296 91.06 124.98 56.76
C LYS B 296 90.20 124.25 55.73
N LEU B 297 90.78 123.28 54.97
CA LEU B 297 89.88 122.52 54.08
C LEU B 297 89.80 121.11 54.58
N SER B 298 88.66 120.54 55.02
CA SER B 298 88.82 119.20 55.59
C SER B 298 87.70 118.25 55.46
N PHE B 299 87.43 117.30 56.33
CA PHE B 299 86.30 116.41 55.86
C PHE B 299 85.24 116.31 56.93
N SER B 300 84.11 115.73 56.67
CA SER B 300 83.07 115.70 57.75
C SER B 300 82.21 114.66 56.96
N TYR B 301 82.76 113.49 57.02
CA TYR B 301 82.30 112.41 56.19
C TYR B 301 81.54 111.41 57.05
N GLY B 302 80.75 110.66 56.38
CA GLY B 302 79.80 109.73 56.99
C GLY B 302 80.13 108.40 56.29
N ARG B 303 79.71 108.23 55.04
CA ARG B 303 80.04 106.94 54.41
C ARG B 303 81.53 106.73 54.23
N ALA B 304 82.19 107.74 53.68
CA ALA B 304 83.63 107.64 53.36
C ALA B 304 84.45 107.34 54.59
N LEU B 305 83.86 107.50 55.80
CA LEU B 305 84.73 107.12 56.92
C LEU B 305 84.08 105.84 57.48
N GLN B 306 83.11 105.19 56.84
CA GLN B 306 82.54 104.11 57.70
C GLN B 306 82.27 102.89 56.89
N ALA B 307 81.99 103.08 55.61
CA ALA B 307 81.69 101.95 54.74
C ALA B 307 82.53 100.68 54.95
N SER B 308 83.85 100.87 55.07
CA SER B 308 84.61 99.59 55.21
C SER B 308 84.44 99.02 56.60
N ALA B 309 84.27 99.88 57.56
CA ALA B 309 84.05 99.51 58.95
C ALA B 309 82.77 98.73 59.10
N LEU B 310 81.74 99.20 58.43
CA LEU B 310 80.50 98.41 58.46
C LEU B 310 80.76 97.03 57.82
N ALA B 311 81.52 97.10 56.71
CA ALA B 311 81.64 95.80 56.01
C ALA B 311 82.33 94.86 56.99
N ALA B 312 83.44 95.37 57.55
CA ALA B 312 84.17 94.53 58.55
C ALA B 312 83.29 94.07 59.71
N TRP B 313 82.48 94.95 60.30
CA TRP B 313 81.63 94.53 61.43
C TRP B 313 80.62 93.49 60.97
N GLY B 314 79.88 93.73 59.87
CA GLY B 314 78.91 92.65 59.53
C GLY B 314 77.88 92.49 60.66
N GLY B 315 77.77 93.50 61.55
CA GLY B 315 76.76 93.37 62.59
C GLY B 315 77.21 92.28 63.54
N LYS B 316 78.46 91.86 63.51
CA LYS B 316 78.93 90.80 64.41
C LYS B 316 79.86 91.35 65.49
N ALA B 317 79.56 91.11 66.77
CA ALA B 317 80.42 91.68 67.82
C ALA B 317 81.89 91.37 67.61
N ALA B 318 82.07 90.08 67.39
CA ALA B 318 83.32 89.42 67.08
C ALA B 318 84.19 90.26 66.14
N ASN B 319 83.55 91.04 65.26
CA ASN B 319 84.27 91.85 64.31
C ASN B 319 84.78 93.18 64.82
N LYS B 320 84.44 93.46 66.09
CA LYS B 320 84.91 94.75 66.62
C LYS B 320 86.24 95.25 66.07
N GLU B 321 87.35 94.51 66.35
CA GLU B 321 88.65 95.02 65.95
C GLU B 321 88.62 95.38 64.46
N ALA B 322 88.24 94.42 63.61
CA ALA B 322 88.33 94.72 62.16
C ALA B 322 87.72 96.10 61.82
N THR B 323 86.47 96.21 62.30
CA THR B 323 85.62 97.36 62.30
C THR B 323 86.39 98.57 62.79
N GLN B 324 86.94 98.62 63.99
CA GLN B 324 87.59 99.88 64.38
C GLN B 324 88.79 100.26 63.50
N GLU B 325 89.37 99.14 63.07
CA GLU B 325 90.65 99.25 62.31
C GLU B 325 90.35 100.10 61.07
N ALA B 326 89.43 99.54 60.31
CA ALA B 326 88.97 100.20 59.09
C ALA B 326 88.74 101.68 59.32
N PHE B 327 87.93 102.04 60.33
CA PHE B 327 87.50 103.40 60.60
C PHE B 327 88.67 104.25 61.05
N MET B 328 89.55 103.49 61.72
CA MET B 328 90.75 104.25 62.22
C MET B 328 91.63 104.54 61.01
N LYS B 329 91.59 103.63 60.02
CA LYS B 329 92.45 103.79 58.82
C LYS B 329 91.94 104.94 57.97
N ARG B 330 90.66 104.78 57.55
CA ARG B 330 90.15 105.93 56.77
C ARG B 330 90.29 107.25 57.52
N ALA B 331 90.07 107.29 58.84
CA ALA B 331 90.26 108.60 59.54
C ALA B 331 91.66 109.11 59.42
N MET B 332 92.70 108.26 59.35
CA MET B 332 94.05 108.93 59.26
C MET B 332 94.27 109.47 57.86
N ALA B 333 93.70 108.79 56.84
CA ALA B 333 94.03 109.03 55.35
C ALA B 333 93.51 110.40 55.13
N ASN B 334 92.15 110.40 55.54
CA ASN B 334 91.59 111.82 55.46
C ASN B 334 92.28 112.74 56.39
N CYS B 335 92.92 112.44 57.55
CA CYS B 335 93.59 113.64 58.17
C CYS B 335 94.73 114.20 57.39
N GLN B 336 95.48 113.29 56.88
CA GLN B 336 96.63 113.46 56.02
C GLN B 336 96.15 114.16 54.74
N ALA B 337 95.03 113.61 54.17
CA ALA B 337 94.48 114.43 52.98
C ALA B 337 94.17 115.83 53.46
N ALA B 338 93.51 115.94 54.69
CA ALA B 338 93.30 117.35 55.07
C ALA B 338 94.58 118.19 55.08
N LYS B 339 95.74 117.58 54.99
CA LYS B 339 96.95 118.42 55.17
C LYS B 339 97.68 118.45 53.83
N GLY B 340 96.95 117.80 52.91
CA GLY B 340 97.64 117.74 51.58
C GLY B 340 98.86 116.82 51.71
N GLN B 341 98.91 116.02 52.78
CA GLN B 341 100.06 115.12 52.76
C GLN B 341 99.60 113.98 51.88
N TYR B 342 98.73 113.17 52.40
CA TYR B 342 98.27 111.91 51.91
C TYR B 342 98.84 111.67 50.57
N VAL B 343 100.00 111.04 50.63
CA VAL B 343 100.86 110.64 49.53
C VAL B 343 100.01 109.64 48.75
N HIS B 344 98.82 109.63 49.36
CA HIS B 344 97.82 108.87 48.61
C HIS B 344 98.57 107.53 48.61
N THR B 345 98.69 107.20 47.38
CA THR B 345 98.98 106.00 46.73
C THR B 345 98.05 105.11 47.56
N GLY B 346 96.99 104.69 46.84
CA GLY B 346 95.92 103.86 47.31
C GLY B 346 96.25 103.04 48.56
N SER B 347 95.48 103.15 49.63
CA SER B 347 95.38 102.52 50.91
C SER B 347 94.83 101.08 50.94
N SER B 348 93.62 100.98 51.52
CA SER B 348 92.99 99.69 51.75
C SER B 348 92.70 98.85 50.52
N ALA C 1 70.22 134.82 31.03
CA ALA C 1 70.88 133.60 31.59
C ALA C 1 71.79 133.66 32.82
N HIS C 2 72.30 132.50 33.09
CA HIS C 2 73.00 131.42 33.61
C HIS C 2 73.65 130.43 32.65
N ARG C 3 74.89 130.00 32.76
CA ARG C 3 75.47 129.07 31.71
C ARG C 3 75.88 130.13 30.68
N PHE C 4 76.02 130.09 29.37
CA PHE C 4 76.32 131.35 28.65
C PHE C 4 77.27 132.26 29.42
N PRO C 5 78.51 131.89 29.53
CA PRO C 5 79.56 132.60 30.22
C PRO C 5 79.75 134.06 29.79
N ALA C 6 80.06 134.93 30.71
CA ALA C 6 80.29 136.31 30.39
C ALA C 6 81.63 136.46 29.73
N LEU C 7 82.64 135.71 30.18
CA LEU C 7 83.94 135.80 29.53
C LEU C 7 84.56 134.50 29.06
N THR C 8 85.45 134.64 28.05
CA THR C 8 86.25 133.44 27.65
C THR C 8 87.40 133.31 28.63
N GLN C 9 88.03 132.13 28.59
CA GLN C 9 89.24 132.10 29.44
C GLN C 9 90.30 133.09 28.96
N GLU C 10 90.31 133.42 27.64
CA GLU C 10 91.42 134.31 27.31
C GLU C 10 91.23 135.65 28.06
N GLN C 11 89.94 136.02 27.96
CA GLN C 11 89.55 137.32 28.50
C GLN C 11 89.80 137.34 30.00
N LYS C 12 89.57 136.11 30.49
CA LYS C 12 89.84 136.13 31.96
C LYS C 12 91.33 136.34 32.17
N LYS C 13 92.03 135.45 31.42
CA LYS C 13 93.51 135.54 31.58
C LYS C 13 94.06 136.95 31.51
N GLU C 14 93.55 137.68 30.51
CA GLU C 14 94.11 139.06 30.51
C GLU C 14 93.69 139.88 31.74
N LEU C 15 92.39 139.76 32.11
CA LEU C 15 91.96 140.69 33.19
C LEU C 15 92.74 140.31 34.45
N SER C 16 92.87 139.01 34.71
CA SER C 16 93.67 138.55 35.84
C SER C 16 95.09 139.09 35.89
N GLU C 17 95.76 138.84 34.76
CA GLU C 17 97.14 139.38 34.71
C GLU C 17 97.21 140.86 34.95
N ILE C 18 96.34 141.65 34.30
CA ILE C 18 96.39 143.08 34.57
C ILE C 18 96.07 143.30 36.07
N ALA C 19 95.06 142.67 36.64
CA ALA C 19 94.70 142.95 38.00
C ALA C 19 95.86 142.72 38.96
N GLN C 20 96.60 141.61 38.70
CA GLN C 20 97.69 141.34 39.68
C GLN C 20 98.89 142.20 39.50
N SER C 21 99.04 142.54 38.19
CA SER C 21 100.35 143.21 37.95
C SER C 21 100.27 144.55 38.62
N ILE C 22 99.04 145.04 38.88
CA ILE C 22 99.06 146.40 39.51
C ILE C 22 99.46 146.26 40.95
N VAL C 23 99.26 145.18 41.68
CA VAL C 23 99.46 145.15 43.14
C VAL C 23 100.61 144.19 43.47
N ALA C 24 101.36 144.03 42.37
CA ALA C 24 102.40 143.05 42.34
C ALA C 24 103.51 143.01 43.33
N ASN C 25 104.17 144.09 43.72
CA ASN C 25 105.15 143.48 44.72
C ASN C 25 105.15 144.55 45.78
N GLY C 26 103.97 144.62 46.41
CA GLY C 26 103.96 145.69 47.43
C GLY C 26 103.66 146.94 46.63
N LYS C 27 103.29 146.71 45.35
CA LYS C 27 103.05 148.01 44.65
C LYS C 27 101.68 148.55 44.95
N GLY C 28 101.48 149.80 44.62
CA GLY C 28 100.17 150.45 44.71
C GLY C 28 99.78 151.37 43.55
N ILE C 29 98.74 152.19 43.79
CA ILE C 29 98.19 153.08 42.80
C ILE C 29 98.16 154.56 43.13
N LEU C 30 98.63 155.42 42.17
CA LEU C 30 98.60 156.83 42.40
C LEU C 30 97.26 157.25 41.79
N ALA C 31 96.48 157.92 42.66
CA ALA C 31 95.15 158.26 42.08
C ALA C 31 95.19 159.71 41.70
N ALA C 32 95.48 160.02 40.44
CA ALA C 32 95.53 161.48 40.15
C ALA C 32 94.38 161.93 39.26
N ASP C 33 93.21 161.28 39.50
CA ASP C 33 92.03 161.37 38.65
C ASP C 33 91.09 162.42 39.19
N GLU C 34 91.72 163.37 39.95
CA GLU C 34 90.74 164.37 40.46
C GLU C 34 90.25 165.18 39.25
N SER C 35 88.96 165.46 39.44
CA SER C 35 88.26 166.26 38.47
C SER C 35 88.74 167.73 38.57
N VAL C 36 88.35 168.43 37.49
CA VAL C 36 88.55 169.87 37.53
C VAL C 36 88.14 170.58 38.79
N GLY C 37 87.05 170.19 39.37
CA GLY C 37 86.64 170.91 40.59
C GLY C 37 87.48 170.47 41.78
N THR C 38 87.70 169.12 41.79
CA THR C 38 88.38 168.64 43.00
C THR C 38 89.78 169.16 43.04
N MET C 39 90.37 169.11 41.85
CA MET C 39 91.77 169.60 41.78
C MET C 39 91.79 171.04 42.22
N GLY C 40 90.67 171.71 41.90
CA GLY C 40 90.63 173.16 42.18
C GLY C 40 90.85 173.31 43.67
N ASN C 41 90.10 172.46 44.38
CA ASN C 41 90.19 172.52 45.86
C ASN C 41 91.66 172.33 46.27
N ARG C 42 92.24 171.23 45.72
CA ARG C 42 93.63 170.95 46.14
C ARG C 42 94.52 172.13 45.79
N LEU C 43 94.35 172.82 44.66
CA LEU C 43 95.31 173.89 44.35
C LEU C 43 95.00 175.13 45.17
N GLN C 44 93.70 175.10 45.53
CA GLN C 44 93.23 176.27 46.31
C GLN C 44 94.22 176.38 47.48
N ARG C 45 94.37 175.13 48.02
CA ARG C 45 95.25 174.96 49.18
C ARG C 45 96.60 175.63 49.01
N ILE C 46 97.36 175.39 47.95
CA ILE C 46 98.68 176.02 47.84
C ILE C 46 98.61 177.41 47.19
N LYS C 47 97.39 177.93 47.03
CA LYS C 47 97.17 179.24 46.39
C LYS C 47 97.66 179.32 44.95
N VAL C 48 97.10 178.41 44.10
CA VAL C 48 97.44 178.44 42.66
C VAL C 48 96.12 178.40 41.89
N GLU C 49 95.96 179.17 40.84
CA GLU C 49 94.70 179.23 40.10
C GLU C 49 94.35 177.94 39.40
N ASN C 50 93.13 177.43 39.66
CA ASN C 50 92.76 176.11 39.12
C ASN C 50 92.84 176.33 37.61
N THR C 51 93.89 175.88 36.99
CA THR C 51 93.96 176.12 35.54
C THR C 51 94.29 174.87 34.81
N GLU C 52 93.68 174.52 33.67
CA GLU C 52 94.19 173.30 33.00
C GLU C 52 95.72 173.45 32.91
N GLU C 53 96.25 174.69 32.72
CA GLU C 53 97.71 174.72 32.60
C GLU C 53 98.35 174.21 33.89
N ASN C 54 97.91 174.83 34.97
CA ASN C 54 98.37 174.44 36.29
C ASN C 54 98.13 172.93 36.41
N ARG C 55 96.85 172.50 36.44
CA ARG C 55 96.69 171.05 36.54
C ARG C 55 97.73 170.26 35.72
N ARG C 56 97.74 170.58 34.41
CA ARG C 56 98.58 169.84 33.47
C ARG C 56 100.03 169.87 33.94
N GLN C 57 100.43 171.10 34.27
CA GLN C 57 101.80 171.26 34.78
C GLN C 57 102.09 170.45 36.04
N PHE C 58 101.29 170.42 37.08
CA PHE C 58 101.58 169.73 38.32
C PHE C 58 101.66 168.22 38.07
N ARG C 59 100.80 167.76 37.17
CA ARG C 59 100.90 166.28 37.01
C ARG C 59 102.15 165.90 36.28
N GLU C 60 102.51 166.78 35.34
CA GLU C 60 103.76 166.51 34.54
C GLU C 60 104.96 166.36 35.48
N ILE C 61 105.05 167.09 36.61
CA ILE C 61 106.15 166.81 37.52
C ILE C 61 105.99 165.44 38.12
N LEU C 62 104.79 165.07 38.59
CA LEU C 62 104.70 163.76 39.19
C LEU C 62 104.95 162.70 38.14
N PHE C 63 104.48 162.87 36.86
CA PHE C 63 104.71 161.69 36.03
C PHE C 63 106.13 161.59 35.44
N SER C 64 106.91 162.69 35.50
CA SER C 64 108.25 162.56 34.93
C SER C 64 109.26 162.07 35.95
N VAL C 65 108.83 161.90 37.20
CA VAL C 65 109.77 161.36 38.20
C VAL C 65 110.51 160.16 37.65
N ASP C 66 111.72 159.96 38.18
CA ASP C 66 112.56 158.81 37.78
C ASP C 66 111.83 157.51 37.69
N SER C 67 112.12 156.68 36.71
CA SER C 67 111.49 155.41 36.43
C SER C 67 111.39 154.48 37.62
N SER C 68 112.34 154.80 38.54
CA SER C 68 112.37 153.93 39.74
C SER C 68 111.07 154.01 40.56
N ILE C 69 110.11 154.87 40.27
CA ILE C 69 108.87 154.98 40.99
C ILE C 69 108.09 153.72 40.61
N ASN C 70 108.62 152.96 39.63
CA ASN C 70 107.81 151.77 39.31
C ASN C 70 108.06 150.57 40.17
N GLN C 71 108.75 150.96 41.23
CA GLN C 71 109.04 149.94 42.27
C GLN C 71 107.95 149.88 43.35
N SER C 72 107.33 151.00 43.51
CA SER C 72 106.30 151.39 44.39
C SER C 72 104.94 151.56 43.73
N ILE C 73 104.95 152.09 42.50
CA ILE C 73 103.61 152.42 41.94
C ILE C 73 103.23 151.50 40.80
N GLY C 74 102.21 150.66 40.93
CA GLY C 74 101.88 149.75 39.82
C GLY C 74 100.94 150.29 38.78
N GLY C 75 100.30 151.40 39.10
CA GLY C 75 99.36 151.96 38.10
C GLY C 75 98.90 153.34 38.58
N VAL C 76 98.28 154.01 37.61
CA VAL C 76 97.87 155.40 37.88
C VAL C 76 96.47 155.55 37.24
N ILE C 77 95.68 156.29 38.06
CA ILE C 77 94.33 156.58 37.69
C ILE C 77 94.33 158.01 37.16
N LEU C 78 93.87 158.13 35.90
CA LEU C 78 93.75 159.44 35.33
C LEU C 78 92.29 159.76 35.10
N PHE C 79 92.15 161.04 35.11
CA PHE C 79 90.87 161.68 34.76
C PHE C 79 90.91 161.92 33.27
N HIS C 80 89.91 161.78 32.47
CA HIS C 80 89.80 162.01 31.06
C HIS C 80 90.67 163.11 30.48
N GLU C 81 90.58 164.36 30.93
CA GLU C 81 91.35 165.39 30.21
C GLU C 81 92.80 164.94 30.09
N THR C 82 93.30 164.62 31.29
CA THR C 82 94.69 164.19 31.45
C THR C 82 94.92 162.98 30.58
N LEU C 83 94.06 161.98 30.38
CA LEU C 83 94.49 160.83 29.56
C LEU C 83 95.05 161.32 28.25
N TYR C 84 94.73 162.53 27.77
CA TYR C 84 95.14 162.95 26.46
C TYR C 84 96.10 164.14 26.51
N GLN C 85 96.60 164.53 27.67
CA GLN C 85 97.53 165.60 27.85
C GLN C 85 98.99 165.23 27.61
N LYS C 86 99.77 166.26 27.20
CA LYS C 86 101.20 165.93 26.97
C LYS C 86 102.13 166.71 27.86
N ASP C 87 103.34 166.22 27.95
CA ASP C 87 104.46 166.86 28.61
C ASP C 87 104.75 168.26 28.04
N SER C 88 105.85 168.84 28.47
CA SER C 88 106.38 169.94 27.71
C SER C 88 107.03 169.50 26.42
N GLN C 89 106.97 168.30 25.94
CA GLN C 89 107.56 168.02 24.65
C GLN C 89 106.59 167.25 23.78
N GLY C 90 105.30 167.35 24.08
CA GLY C 90 104.29 166.75 23.21
C GLY C 90 104.26 165.23 23.43
N LYS C 91 104.99 164.74 24.43
CA LYS C 91 104.82 163.31 24.68
C LYS C 91 103.61 163.17 25.63
N LEU C 92 102.66 162.32 25.21
CA LEU C 92 101.45 162.12 26.04
C LEU C 92 101.82 161.50 27.38
N PHE C 93 101.36 162.07 28.49
CA PHE C 93 101.50 161.44 29.80
C PHE C 93 101.25 159.93 29.83
N ARG C 94 100.11 159.46 29.28
CA ARG C 94 99.85 158.00 29.36
C ARG C 94 101.01 157.20 28.81
N ASN C 95 101.75 157.74 27.80
CA ASN C 95 102.83 156.95 27.20
C ASN C 95 104.08 157.07 28.07
N ILE C 96 104.21 158.28 28.64
CA ILE C 96 105.29 158.40 29.59
C ILE C 96 105.14 157.34 30.69
N LEU C 97 103.98 157.24 31.33
CA LEU C 97 103.70 156.22 32.36
C LEU C 97 103.83 154.78 31.89
N LYS C 98 103.21 154.54 30.73
CA LYS C 98 103.31 153.18 30.14
C LYS C 98 104.76 152.78 29.90
N GLU C 99 105.61 153.73 29.49
CA GLU C 99 106.98 153.37 29.18
C GLU C 99 107.80 153.15 30.44
N LYS C 100 107.39 153.78 31.57
CA LYS C 100 108.10 153.37 32.81
C LYS C 100 107.33 152.19 33.42
N GLY C 101 106.57 151.36 32.67
CA GLY C 101 106.09 150.15 33.29
C GLY C 101 105.01 150.41 34.33
N ILE C 102 104.27 151.50 34.12
CA ILE C 102 103.11 151.74 35.01
C ILE C 102 101.80 151.58 34.20
N VAL C 103 100.86 150.77 34.67
CA VAL C 103 99.58 150.51 34.04
C VAL C 103 98.66 151.73 34.27
N VAL C 104 97.95 152.12 33.16
CA VAL C 104 97.16 153.36 33.27
C VAL C 104 95.68 153.07 33.24
N GLY C 105 95.01 153.81 34.07
CA GLY C 105 93.57 153.63 34.34
C GLY C 105 92.76 154.91 34.18
N ILE C 106 91.47 154.70 33.93
CA ILE C 106 90.60 155.89 33.66
C ILE C 106 89.38 156.12 34.56
N LYS C 107 89.16 157.31 35.11
CA LYS C 107 87.94 157.40 35.93
C LYS C 107 86.73 157.04 35.10
N LEU C 108 85.76 156.17 35.33
CA LEU C 108 84.65 155.98 34.40
C LEU C 108 83.38 156.56 34.96
N ASP C 109 83.37 156.77 36.27
CA ASP C 109 82.04 157.19 36.73
C ASP C 109 81.70 158.58 36.25
N GLN C 110 80.50 159.01 36.50
CA GLN C 110 80.25 160.35 36.07
C GLN C 110 79.63 161.21 37.16
N GLY C 111 80.00 160.94 38.41
CA GLY C 111 79.43 161.79 39.50
C GLY C 111 78.11 161.15 40.03
N GLY C 112 77.62 162.01 40.91
CA GLY C 112 76.43 161.72 41.66
C GLY C 112 75.08 162.11 41.13
N ALA C 113 74.09 161.38 41.63
CA ALA C 113 72.69 161.63 41.31
C ALA C 113 71.84 161.38 42.55
N PRO C 114 70.96 162.33 42.82
CA PRO C 114 70.05 162.32 43.95
C PRO C 114 68.92 161.29 43.80
N LEU C 115 68.81 160.59 44.91
CA LEU C 115 67.96 159.38 45.10
C LEU C 115 66.75 159.92 45.85
N ALA C 116 65.73 160.27 45.13
CA ALA C 116 64.61 160.91 45.80
C ALA C 116 64.13 159.93 46.88
N GLY C 117 63.53 160.53 47.90
CA GLY C 117 62.82 159.85 48.94
C GLY C 117 63.80 159.34 49.99
N THR C 118 65.00 159.84 49.95
CA THR C 118 66.12 159.46 50.82
C THR C 118 66.66 160.64 51.58
N ASN C 119 67.37 160.47 52.67
CA ASN C 119 67.91 161.66 53.37
C ASN C 119 69.21 162.01 52.66
N LYS C 120 69.23 162.86 51.67
CA LYS C 120 70.37 163.29 50.92
C LYS C 120 71.24 162.22 50.29
N GLU C 121 70.65 161.03 50.04
CA GLU C 121 71.55 160.00 49.46
C GLU C 121 71.65 160.06 47.95
N THR C 122 72.61 159.37 47.38
CA THR C 122 72.85 159.42 45.95
C THR C 122 73.20 158.01 45.46
N THR C 123 73.12 158.02 44.16
CA THR C 123 73.68 157.01 43.30
C THR C 123 74.71 157.77 42.40
N ILE C 124 75.22 156.89 41.52
CA ILE C 124 76.29 157.43 40.63
C ILE C 124 75.98 157.32 39.18
N GLN C 125 76.03 158.33 38.37
CA GLN C 125 75.88 158.11 36.91
C GLN C 125 77.13 157.67 36.15
N GLY C 126 76.83 157.22 34.90
CA GLY C 126 77.94 156.95 33.93
C GLY C 126 77.89 155.67 33.20
N LEU C 127 76.76 154.98 33.31
CA LEU C 127 76.72 153.67 32.65
C LEU C 127 76.28 153.93 31.24
N ASP C 128 75.57 155.05 30.96
CA ASP C 128 75.14 155.15 29.52
C ASP C 128 76.30 155.21 28.56
N GLY C 129 76.37 154.28 27.62
CA GLY C 129 77.39 154.30 26.57
C GLY C 129 78.75 153.93 27.13
N LEU C 130 78.76 153.38 28.32
CA LEU C 130 80.05 153.12 28.96
C LEU C 130 80.92 152.13 28.21
N SER C 131 80.27 151.14 27.59
CA SER C 131 81.00 150.11 26.86
C SER C 131 81.75 150.72 25.71
N GLU C 132 81.14 151.58 24.94
CA GLU C 132 81.82 152.13 23.76
C GLU C 132 82.98 152.99 24.29
N ARG C 133 82.79 153.70 25.42
CA ARG C 133 83.92 154.38 26.04
C ARG C 133 85.03 153.43 26.51
N CYS C 134 84.56 152.33 27.14
CA CYS C 134 85.59 151.39 27.62
C CYS C 134 86.44 151.07 26.43
N ALA C 135 85.87 150.68 25.31
CA ALA C 135 86.61 150.16 24.18
C ALA C 135 87.61 151.16 23.59
N GLN C 136 87.05 152.38 23.59
CA GLN C 136 87.83 153.51 23.10
C GLN C 136 89.04 153.66 24.01
N TYR C 137 88.79 153.62 25.32
CA TYR C 137 89.93 153.82 26.22
C TYR C 137 90.98 152.70 26.15
N LYS C 138 90.50 151.50 26.01
CA LYS C 138 91.36 150.35 25.82
C LYS C 138 92.35 150.63 24.64
N LYS C 139 91.89 151.16 23.53
CA LYS C 139 92.58 151.53 22.30
C LYS C 139 93.52 152.73 22.51
N ASP C 140 93.19 153.58 23.50
CA ASP C 140 94.04 154.66 23.92
C ASP C 140 94.93 154.26 25.08
N GLY C 141 95.42 153.01 25.18
CA GLY C 141 96.37 152.76 26.24
C GLY C 141 95.83 152.49 27.60
N VAL C 142 94.53 152.35 27.81
CA VAL C 142 94.05 152.07 29.15
C VAL C 142 93.80 150.64 29.49
N ASP C 143 94.20 150.25 30.74
CA ASP C 143 93.93 148.87 31.12
C ASP C 143 93.02 148.66 32.29
N PHE C 144 92.75 149.63 33.17
CA PHE C 144 91.77 149.38 34.20
C PHE C 144 90.92 150.63 34.41
N GLY C 145 89.78 150.36 35.05
CA GLY C 145 88.81 151.45 35.28
C GLY C 145 88.66 151.76 36.78
N LYS C 146 87.83 152.78 36.98
CA LYS C 146 87.57 153.23 38.35
C LYS C 146 86.17 153.78 38.49
N TRP C 147 85.40 153.40 39.50
CA TRP C 147 84.05 153.89 39.62
C TRP C 147 83.85 154.14 41.12
N ARG C 148 83.67 155.37 41.55
CA ARG C 148 83.42 155.60 42.94
C ARG C 148 82.00 155.71 43.47
N ALA C 149 81.45 154.81 44.23
CA ALA C 149 80.14 155.10 44.83
C ALA C 149 80.29 155.74 46.18
N VAL C 150 79.43 156.62 46.59
CA VAL C 150 79.62 157.20 47.95
C VAL C 150 78.43 156.88 48.85
N LEU C 151 78.47 156.27 50.00
CA LEU C 151 77.53 156.15 51.06
C LEU C 151 77.93 156.90 52.33
N ARG C 152 76.97 157.42 53.06
CA ARG C 152 77.38 158.03 54.33
C ARG C 152 76.55 157.48 55.51
N ILE C 153 77.06 157.75 56.68
CA ILE C 153 76.39 157.44 57.91
C ILE C 153 75.61 158.59 58.46
N ALA C 154 74.26 158.48 58.51
CA ALA C 154 73.54 159.67 59.04
C ALA C 154 72.10 159.28 59.33
N ASP C 155 71.24 160.25 59.59
CA ASP C 155 69.86 159.89 59.93
C ASP C 155 69.30 159.09 58.77
N GLN C 156 68.97 157.84 59.00
CA GLN C 156 68.52 156.92 57.93
C GLN C 156 69.42 156.70 56.71
N CYS C 157 70.74 156.92 56.90
CA CYS C 157 71.65 156.46 55.87
C CYS C 157 72.74 155.63 56.52
N PRO C 158 73.24 154.70 55.74
CA PRO C 158 72.88 154.49 54.38
C PRO C 158 71.66 153.56 54.36
N SER C 159 70.68 153.89 53.56
CA SER C 159 69.48 153.16 53.35
C SER C 159 69.69 151.90 52.49
N SER C 160 68.58 151.11 52.58
CA SER C 160 68.63 149.94 51.73
C SER C 160 68.71 150.38 50.27
N LEU C 161 67.78 151.29 49.89
CA LEU C 161 67.76 151.73 48.52
C LEU C 161 69.17 152.21 48.15
N ALA C 162 69.77 153.16 48.93
CA ALA C 162 71.10 153.61 48.46
C ALA C 162 72.11 152.47 48.24
N ILE C 163 72.06 151.55 49.21
CA ILE C 163 73.04 150.50 49.24
C ILE C 163 72.87 149.69 47.97
N GLN C 164 71.65 149.24 47.84
CA GLN C 164 71.38 148.27 46.75
C GLN C 164 71.60 148.91 45.37
N GLU C 165 71.16 150.17 45.35
CA GLU C 165 71.27 150.80 44.01
C GLU C 165 72.76 151.03 43.70
N ASN C 166 73.57 151.59 44.61
CA ASN C 166 74.98 151.79 44.21
C ASN C 166 75.63 150.47 43.86
N ALA C 167 75.26 149.39 44.55
CA ALA C 167 75.75 148.04 44.33
C ALA C 167 75.42 147.58 42.91
N ASN C 168 74.12 147.92 42.61
CA ASN C 168 73.79 147.52 41.22
C ASN C 168 74.55 148.32 40.15
N ALA C 169 74.71 149.58 40.40
CA ALA C 169 75.47 150.41 39.45
C ALA C 169 76.91 149.92 39.38
N LEU C 170 77.46 149.63 40.55
CA LEU C 170 78.83 149.07 40.59
C LEU C 170 78.79 147.79 39.80
N ALA C 171 77.79 146.90 40.14
CA ALA C 171 77.85 145.67 39.37
C ALA C 171 77.88 145.94 37.88
N ARG C 172 76.94 146.74 37.36
CA ARG C 172 76.85 146.90 35.90
C ARG C 172 78.20 147.34 35.30
N TYR C 173 78.71 148.39 35.95
CA TYR C 173 79.95 148.98 35.51
C TYR C 173 81.03 147.90 35.49
N ALA C 174 81.06 147.16 36.60
CA ALA C 174 82.19 146.22 36.63
C ALA C 174 82.03 145.32 35.40
N SER C 175 80.80 144.91 35.17
CA SER C 175 80.55 143.97 34.09
C SER C 175 80.94 144.45 32.70
N ILE C 176 80.48 145.68 32.41
CA ILE C 176 80.81 146.30 31.15
C ILE C 176 82.34 146.55 30.99
N CYS C 177 83.07 147.03 32.04
CA CYS C 177 84.52 147.04 31.90
C CYS C 177 85.08 145.67 31.42
N GLN C 178 84.67 144.56 32.04
CA GLN C 178 85.27 143.26 31.83
C GLN C 178 85.12 142.81 30.40
N GLN C 179 83.99 143.17 29.85
CA GLN C 179 83.61 142.88 28.50
C GLN C 179 84.52 143.58 27.49
N ASN C 180 85.18 144.62 27.90
CA ASN C 180 86.13 145.38 27.11
C ASN C 180 87.57 145.42 27.62
N GLY C 181 87.98 144.38 28.33
CA GLY C 181 89.41 144.21 28.66
C GLY C 181 90.00 145.16 29.64
N LEU C 182 89.19 146.02 30.30
CA LEU C 182 89.72 146.79 31.41
C LEU C 182 89.54 146.02 32.73
N VAL C 183 90.31 146.28 33.77
CA VAL C 183 90.02 145.69 35.08
C VAL C 183 89.32 146.80 35.88
N PRO C 184 88.10 146.53 36.34
CA PRO C 184 87.27 147.44 37.10
C PRO C 184 87.65 147.60 38.54
N ILE C 185 88.01 148.78 38.96
CA ILE C 185 88.40 148.81 40.40
C ILE C 185 87.07 149.10 41.11
N VAL C 186 86.37 148.28 41.84
CA VAL C 186 85.11 148.71 42.55
C VAL C 186 85.37 149.59 43.71
N GLU C 187 84.92 150.80 43.90
CA GLU C 187 85.09 151.72 44.99
C GLU C 187 83.81 152.09 45.79
N PRO C 188 83.40 151.34 46.79
CA PRO C 188 82.21 151.61 47.61
C PRO C 188 82.67 152.47 48.81
N GLU C 189 82.80 153.76 48.64
CA GLU C 189 83.33 154.37 49.86
C GLU C 189 82.31 154.62 50.96
N VAL C 190 82.64 154.32 52.23
CA VAL C 190 81.79 154.80 53.30
C VAL C 190 82.38 156.11 53.81
N ILE C 191 81.91 157.26 53.38
CA ILE C 191 82.35 158.63 53.82
C ILE C 191 82.60 158.69 55.27
N PRO C 192 83.56 159.40 55.82
CA PRO C 192 83.85 159.42 57.25
C PRO C 192 83.07 160.54 57.91
N ASP C 193 82.38 161.31 57.11
CA ASP C 193 81.71 162.46 57.71
C ASP C 193 80.89 162.03 58.91
N GLY C 194 80.88 162.92 59.89
CA GLY C 194 80.07 162.64 61.06
C GLY C 194 80.71 162.14 62.33
N ASP C 195 79.95 162.18 63.38
CA ASP C 195 80.22 161.80 64.71
C ASP C 195 80.43 160.34 65.06
N HIS C 196 80.15 159.42 64.13
CA HIS C 196 80.14 158.02 64.59
C HIS C 196 81.47 157.43 65.02
N ASP C 197 81.41 156.32 65.75
CA ASP C 197 82.68 155.77 66.19
C ASP C 197 83.03 154.63 65.22
N LEU C 198 84.09 153.94 65.61
CA LEU C 198 84.74 152.92 64.84
C LEU C 198 83.91 151.72 64.46
N GLU C 199 83.28 151.17 65.47
CA GLU C 199 82.46 149.95 65.43
C GLU C 199 81.27 150.22 64.52
N HIS C 200 80.77 151.43 64.50
CA HIS C 200 79.61 151.82 63.71
C HIS C 200 80.03 151.73 62.24
N CYS C 201 81.11 152.47 61.95
CA CYS C 201 81.65 152.46 60.59
C CYS C 201 81.96 151.04 60.15
N GLN C 202 82.55 150.25 61.05
CA GLN C 202 82.84 148.91 60.64
C GLN C 202 81.56 148.15 60.28
N TYR C 203 80.40 148.54 60.84
CA TYR C 203 79.17 147.73 60.75
C TYR C 203 78.48 148.02 59.41
N VAL C 204 78.69 149.33 59.04
CA VAL C 204 78.14 149.76 57.77
C VAL C 204 79.15 149.24 56.76
N THR C 205 80.45 149.23 57.07
CA THR C 205 81.38 148.84 56.01
C THR C 205 81.11 147.38 55.66
N GLU C 206 80.75 146.67 56.73
CA GLU C 206 80.44 145.25 56.42
C GLU C 206 79.12 145.16 55.67
N LYS C 207 78.15 146.05 55.84
CA LYS C 207 76.89 145.72 55.10
C LYS C 207 76.97 146.07 53.63
N VAL C 208 77.59 147.22 53.41
CA VAL C 208 77.89 147.70 52.05
C VAL C 208 78.68 146.67 51.25
N LEU C 209 79.67 146.02 51.88
CA LEU C 209 80.49 145.15 51.06
C LEU C 209 79.70 143.89 50.81
N ALA C 210 78.82 143.45 51.75
CA ALA C 210 78.25 142.12 51.42
C ALA C 210 77.33 142.40 50.23
N ALA C 211 76.69 143.59 50.25
CA ALA C 211 75.80 143.99 49.15
C ALA C 211 76.70 144.11 47.90
N VAL C 212 77.83 144.86 47.99
CA VAL C 212 78.59 144.93 46.74
C VAL C 212 78.87 143.59 46.09
N TYR C 213 79.35 142.62 46.89
CA TYR C 213 79.83 141.37 46.28
C TYR C 213 78.71 140.45 45.86
N LYS C 214 77.60 140.38 46.56
CA LYS C 214 76.50 139.53 46.00
C LYS C 214 76.04 140.10 44.66
N ALA C 215 75.90 141.46 44.63
CA ALA C 215 75.44 141.99 43.33
C ALA C 215 76.56 141.69 42.31
N LEU C 216 77.86 141.84 42.63
CA LEU C 216 78.75 141.48 41.50
C LEU C 216 78.52 140.03 41.11
N ASN C 217 78.06 139.26 42.11
CA ASN C 217 77.80 137.81 41.77
C ASN C 217 76.54 137.67 40.95
N ASP C 218 75.58 138.55 41.22
CA ASP C 218 74.36 138.35 40.36
C ASP C 218 74.70 138.63 38.94
N HIS C 219 75.60 139.56 38.74
CA HIS C 219 75.93 140.18 37.46
C HIS C 219 77.11 139.47 36.81
N HIS C 220 77.35 138.23 37.18
CA HIS C 220 78.45 137.55 36.55
C HIS C 220 79.75 138.28 36.34
N VAL C 221 80.17 139.06 37.34
CA VAL C 221 81.46 139.73 37.28
C VAL C 221 82.61 138.79 37.63
N TYR C 222 83.75 138.74 36.92
CA TYR C 222 84.82 137.79 37.36
C TYR C 222 85.85 138.44 38.32
N LEU C 223 85.69 137.93 39.59
CA LEU C 223 86.45 138.61 40.65
C LEU C 223 87.96 138.60 40.58
N GLU C 224 88.49 137.48 40.03
CA GLU C 224 89.94 137.39 39.85
C GLU C 224 90.49 138.53 38.94
N GLY C 225 89.65 139.22 38.15
CA GLY C 225 90.02 140.33 37.30
C GLY C 225 89.23 141.57 37.71
N THR C 226 89.39 141.95 38.97
CA THR C 226 88.74 143.13 39.59
C THR C 226 89.63 143.69 40.64
N LEU C 227 89.42 144.77 41.28
CA LEU C 227 90.28 145.20 42.40
C LEU C 227 89.31 145.89 43.38
N LEU C 228 89.56 146.03 44.67
CA LEU C 228 88.52 146.70 45.49
C LEU C 228 89.23 147.86 46.16
N LYS C 229 88.60 148.97 46.23
CA LYS C 229 89.14 150.17 46.73
C LYS C 229 88.10 150.69 47.75
N PRO C 230 88.15 150.21 48.98
CA PRO C 230 87.24 150.54 50.03
C PRO C 230 87.76 151.54 51.02
N ASN C 231 86.91 152.03 51.92
CA ASN C 231 87.49 152.91 52.93
C ASN C 231 88.10 151.96 53.97
N MET C 232 89.06 152.45 54.73
CA MET C 232 89.55 151.59 55.83
C MET C 232 88.42 151.81 56.85
N VAL C 233 88.32 151.05 57.92
CA VAL C 233 87.36 151.37 58.92
C VAL C 233 87.92 152.31 59.98
N THR C 234 87.47 153.52 60.23
CA THR C 234 87.78 154.45 61.21
C THR C 234 86.55 155.20 61.79
N ALA C 235 86.83 155.88 62.93
CA ALA C 235 85.71 156.63 63.50
C ALA C 235 85.34 157.74 62.49
N GLY C 236 84.17 158.38 62.71
CA GLY C 236 83.92 159.45 61.77
C GLY C 236 84.78 160.64 62.17
N HIS C 237 84.94 161.58 61.23
CA HIS C 237 85.56 162.84 61.38
C HIS C 237 85.23 163.65 62.62
N ALA C 238 83.96 163.72 63.04
CA ALA C 238 83.83 164.54 64.26
C ALA C 238 83.83 163.66 65.51
N CYS C 239 84.30 162.43 65.38
CA CYS C 239 84.29 161.55 66.54
C CYS C 239 85.50 161.83 67.44
N THR C 240 85.33 162.00 68.74
CA THR C 240 86.34 162.48 69.67
C THR C 240 87.24 161.37 70.18
N LYS C 241 86.76 160.15 70.16
CA LYS C 241 87.56 159.03 70.62
C LYS C 241 88.76 158.98 69.66
N LYS C 242 89.90 158.65 70.26
CA LYS C 242 91.15 158.61 69.51
C LYS C 242 91.39 157.12 69.29
N TYR C 243 92.04 156.71 68.23
CA TYR C 243 92.25 155.25 68.11
C TYR C 243 93.67 155.04 67.56
N THR C 244 94.25 153.91 67.72
CA THR C 244 95.55 153.50 67.25
C THR C 244 95.47 152.78 65.90
N PRO C 245 96.52 152.83 65.10
CA PRO C 245 96.52 152.23 63.79
C PRO C 245 96.16 150.78 63.90
N GLU C 246 96.51 150.29 65.09
CA GLU C 246 96.29 148.84 65.22
C GLU C 246 94.79 148.61 65.32
N GLN C 247 94.16 149.64 65.85
CA GLN C 247 92.69 149.53 66.10
C GLN C 247 91.99 149.65 64.75
N VAL C 248 92.47 150.61 63.94
CA VAL C 248 91.87 150.77 62.59
C VAL C 248 92.08 149.49 61.82
N ALA C 249 93.30 148.94 62.04
CA ALA C 249 93.52 147.74 61.22
C ALA C 249 92.65 146.56 61.61
N MET C 250 92.39 146.48 62.90
CA MET C 250 91.74 145.17 63.26
C MET C 250 90.32 145.24 62.71
N ALA C 251 89.77 146.46 62.83
CA ALA C 251 88.41 146.73 62.35
C ALA C 251 88.27 146.63 60.83
N THR C 252 89.22 147.11 60.07
CA THR C 252 89.27 147.01 58.61
C THR C 252 89.45 145.61 58.21
N VAL C 253 90.44 144.88 58.74
CA VAL C 253 90.64 143.48 58.29
C VAL C 253 89.53 142.53 58.66
N THR C 254 88.92 142.83 59.84
CA THR C 254 87.83 142.06 60.36
C THR C 254 86.70 142.15 59.32
N ALA C 255 86.48 143.44 58.95
CA ALA C 255 85.32 143.61 58.01
C ALA C 255 85.63 142.95 56.64
N LEU C 256 86.71 143.49 56.05
CA LEU C 256 87.15 142.92 54.80
C LEU C 256 87.15 141.40 54.78
N HIS C 257 87.69 140.68 55.78
CA HIS C 257 87.76 139.22 55.68
C HIS C 257 86.41 138.56 55.90
N ARG C 258 85.44 139.40 56.44
CA ARG C 258 84.12 138.72 56.54
C ARG C 258 83.37 138.74 55.20
N THR C 259 83.58 139.77 54.36
CA THR C 259 82.82 139.99 53.12
C THR C 259 83.57 139.94 51.81
N VAL C 260 84.74 140.44 51.61
CA VAL C 260 85.43 140.36 50.31
C VAL C 260 86.10 139.05 49.93
N PRO C 261 85.67 138.42 48.87
CA PRO C 261 86.08 137.10 48.46
C PRO C 261 87.55 136.96 48.15
N ALA C 262 88.09 135.82 48.58
CA ALA C 262 89.52 135.55 48.39
C ALA C 262 89.90 135.59 46.93
N ALA C 263 89.00 135.42 45.94
CA ALA C 263 89.40 135.59 44.53
C ALA C 263 89.88 137.01 44.23
N VAL C 264 89.30 137.95 44.96
CA VAL C 264 89.68 139.34 44.55
C VAL C 264 91.16 139.42 44.79
N PRO C 265 91.93 139.76 43.80
CA PRO C 265 93.37 139.86 44.00
C PRO C 265 93.91 141.00 44.81
N GLY C 266 93.23 142.13 44.91
CA GLY C 266 94.08 143.13 45.70
C GLY C 266 93.07 144.11 46.25
N ILE C 267 93.45 144.70 47.37
CA ILE C 267 92.44 145.63 47.91
C ILE C 267 93.32 146.88 48.10
N CYS C 268 92.97 148.03 47.54
CA CYS C 268 93.69 149.25 47.53
C CYS C 268 92.84 150.34 48.12
N PHE C 269 93.10 150.59 49.41
CA PHE C 269 92.45 151.47 50.32
C PHE C 269 92.52 152.88 49.82
N LEU C 270 91.37 153.51 49.79
CA LEU C 270 91.41 154.95 49.50
C LEU C 270 91.91 155.50 50.87
N SER C 271 92.33 156.73 51.05
CA SER C 271 92.79 157.19 52.33
C SER C 271 91.91 158.37 52.75
N GLY C 272 91.23 158.89 51.70
CA GLY C 272 90.36 160.03 51.89
C GLY C 272 90.59 160.77 53.20
N GLY C 273 91.18 161.96 53.22
CA GLY C 273 91.09 162.66 54.52
C GLY C 273 92.22 162.34 55.50
N MET C 274 92.75 161.11 55.52
CA MET C 274 93.92 160.78 56.33
C MET C 274 95.22 161.55 56.01
N SER C 275 95.96 161.97 57.04
CA SER C 275 97.24 162.66 56.74
C SER C 275 98.18 161.74 55.97
N GLU C 276 99.12 162.21 55.21
CA GLU C 276 100.02 161.23 54.54
C GLU C 276 100.50 160.12 55.47
N GLU C 277 100.99 160.48 56.66
CA GLU C 277 101.64 159.58 57.64
C GLU C 277 100.58 158.63 58.18
N ASP C 278 99.44 159.25 58.59
CA ASP C 278 98.44 158.30 59.08
C ASP C 278 98.12 157.30 57.99
N ALA C 279 98.07 157.71 56.74
CA ALA C 279 97.73 156.77 55.67
C ALA C 279 98.79 155.69 55.53
N THR C 280 100.02 156.09 55.75
CA THR C 280 101.08 155.05 55.72
C THR C 280 101.00 154.17 56.97
N LEU C 281 100.93 154.71 58.17
CA LEU C 281 100.85 153.90 59.37
C LEU C 281 99.67 152.91 59.33
N ASN C 282 98.50 153.38 58.96
CA ASN C 282 97.34 152.51 58.98
C ASN C 282 97.51 151.43 57.91
N LEU C 283 98.09 151.75 56.76
CA LEU C 283 98.19 150.65 55.83
C LEU C 283 99.16 149.57 56.32
N ASN C 284 100.24 150.08 56.91
CA ASN C 284 101.26 149.24 57.49
C ASN C 284 100.64 148.28 58.49
N ALA C 285 99.88 148.88 59.41
CA ALA C 285 99.25 148.06 60.46
C ALA C 285 98.38 147.00 59.83
N ILE C 286 97.57 147.51 58.91
CA ILE C 286 96.65 146.67 58.14
C ILE C 286 97.52 145.50 57.72
N ASN C 287 98.73 145.75 57.22
CA ASN C 287 99.43 144.53 56.78
C ASN C 287 99.97 143.63 57.88
N LEU C 288 100.18 144.21 59.08
CA LEU C 288 100.58 143.24 60.14
C LEU C 288 99.41 142.62 60.87
N CYS C 289 98.18 142.96 60.58
CA CYS C 289 97.06 142.51 61.38
C CYS C 289 96.93 141.01 61.39
N PRO C 290 96.89 140.47 62.57
CA PRO C 290 96.85 139.04 62.74
C PRO C 290 95.52 138.36 62.43
N LEU C 291 95.05 138.34 61.22
CA LEU C 291 93.79 137.72 60.78
C LEU C 291 94.07 137.15 59.39
N PRO C 292 93.28 136.29 58.83
CA PRO C 292 93.50 135.81 57.47
C PRO C 292 93.47 136.93 56.46
N LYS C 293 94.38 137.00 55.51
CA LYS C 293 94.37 138.13 54.55
C LYS C 293 94.60 137.58 53.17
N PRO C 294 93.63 136.95 52.53
CA PRO C 294 93.96 136.28 51.30
C PRO C 294 94.43 137.18 50.18
N TRP C 295 94.30 138.49 50.18
CA TRP C 295 94.60 139.41 49.13
C TRP C 295 95.69 140.40 49.26
N LYS C 296 96.44 140.94 48.25
CA LYS C 296 97.41 141.98 48.72
C LYS C 296 96.62 143.03 49.50
N LEU C 297 97.19 144.00 50.13
CA LEU C 297 96.44 145.05 50.80
C LEU C 297 97.37 146.24 50.62
N SER C 298 96.84 147.09 49.72
CA SER C 298 97.69 148.15 49.34
C SER C 298 97.10 149.50 49.33
N PHE C 299 97.76 150.38 48.50
CA PHE C 299 97.11 151.68 48.47
C PHE C 299 96.65 152.08 47.07
N SER C 300 95.71 153.06 47.00
CA SER C 300 95.34 153.67 45.71
C SER C 300 95.06 155.10 46.22
N TYR C 301 96.10 155.90 46.44
CA TYR C 301 96.00 157.14 47.16
C TYR C 301 96.10 158.36 46.26
N GLY C 302 95.42 159.40 46.72
CA GLY C 302 95.55 160.62 45.95
C GLY C 302 96.14 161.71 46.86
N ARG C 303 95.43 162.00 47.96
CA ARG C 303 96.01 163.12 48.75
C ARG C 303 97.31 162.64 49.44
N ALA C 304 97.19 161.51 50.10
CA ALA C 304 98.18 160.80 50.81
C ALA C 304 99.43 160.67 49.96
N LEU C 305 99.34 160.71 48.62
CA LEU C 305 100.61 160.73 47.90
C LEU C 305 100.97 162.11 47.34
N GLN C 306 100.15 163.12 47.59
CA GLN C 306 100.52 164.30 46.82
C GLN C 306 100.58 165.49 47.70
N ALA C 307 100.14 165.39 48.91
CA ALA C 307 100.08 166.66 49.67
C ALA C 307 101.37 167.41 49.85
N SER C 308 102.34 166.60 50.25
CA SER C 308 103.63 167.26 50.57
C SER C 308 104.25 167.72 49.27
N ALA C 309 104.12 166.95 48.21
CA ALA C 309 104.63 167.36 46.90
C ALA C 309 103.95 168.63 46.36
N LEU C 310 102.66 168.78 46.63
CA LEU C 310 101.95 169.96 46.10
C LEU C 310 102.44 171.20 46.80
N ALA C 311 102.72 171.07 48.09
CA ALA C 311 103.13 172.25 48.86
C ALA C 311 104.52 172.66 48.41
N ALA C 312 105.35 171.64 48.18
CA ALA C 312 106.71 171.94 47.71
C ALA C 312 106.68 172.65 46.35
N TRP C 313 105.83 172.13 45.44
CA TRP C 313 105.77 172.73 44.12
C TRP C 313 105.41 174.23 44.22
N GLY C 314 104.32 174.45 44.96
CA GLY C 314 103.88 175.81 45.14
C GLY C 314 103.60 176.43 43.77
N GLY C 315 103.26 175.55 42.84
CA GLY C 315 102.98 176.07 41.50
C GLY C 315 104.25 176.69 40.95
N LYS C 316 105.42 176.44 41.54
CA LYS C 316 106.65 176.98 41.02
C LYS C 316 107.49 175.92 40.32
N ALA C 317 107.64 176.22 39.01
CA ALA C 317 108.39 175.31 38.16
C ALA C 317 109.76 175.11 38.75
N ALA C 318 110.22 176.16 39.45
CA ALA C 318 111.57 175.94 40.01
C ALA C 318 111.56 174.82 41.05
N ASN C 319 110.39 174.42 41.58
CA ASN C 319 110.29 173.45 42.65
C ASN C 319 110.14 172.05 42.13
N LYS C 320 110.36 171.93 40.80
CA LYS C 320 110.30 170.60 40.25
C LYS C 320 111.02 169.55 41.07
N GLU C 321 112.29 169.63 41.39
CA GLU C 321 112.89 168.55 42.17
C GLU C 321 112.28 168.35 43.57
N ALA C 322 112.08 169.40 44.36
CA ALA C 322 111.44 169.13 45.65
C ALA C 322 110.12 168.34 45.47
N THR C 323 109.26 168.86 44.60
CA THR C 323 107.96 168.31 44.27
C THR C 323 108.13 166.84 43.99
N GLN C 324 109.01 166.48 43.05
CA GLN C 324 109.13 165.02 42.78
C GLN C 324 109.59 164.18 43.96
N GLU C 325 110.58 164.71 44.67
CA GLU C 325 111.15 164.13 45.89
C GLU C 325 110.04 163.69 46.85
N ALA C 326 109.26 164.65 47.31
CA ALA C 326 108.16 164.42 48.22
C ALA C 326 107.31 163.25 47.74
N PHE C 327 106.79 163.36 46.52
CA PHE C 327 105.95 162.33 45.93
C PHE C 327 106.65 161.00 45.94
N MET C 328 107.93 161.07 45.61
CA MET C 328 108.66 159.81 45.52
C MET C 328 108.77 159.18 46.90
N LYS C 329 108.97 160.06 47.89
CA LYS C 329 109.12 159.66 49.28
C LYS C 329 107.88 158.96 49.85
N ARG C 330 106.67 159.54 49.63
CA ARG C 330 105.47 158.86 50.09
C ARG C 330 105.25 157.62 49.24
N ALA C 331 105.77 157.66 47.99
CA ALA C 331 105.36 156.45 47.25
C ALA C 331 106.15 155.31 47.84
N MET C 332 107.40 155.59 48.25
CA MET C 332 108.15 154.47 48.82
C MET C 332 107.66 154.02 50.20
N ALA C 333 107.29 154.97 51.06
CA ALA C 333 106.75 154.73 52.37
C ALA C 333 105.52 153.81 52.27
N ASN C 334 104.57 154.13 51.41
CA ASN C 334 103.33 153.33 51.21
C ASN C 334 103.64 151.96 50.67
N CYS C 335 104.75 151.86 49.90
CA CYS C 335 105.05 150.58 49.26
C CYS C 335 105.51 149.66 50.33
N GLN C 336 106.28 150.26 51.25
CA GLN C 336 106.77 149.50 52.43
C GLN C 336 105.59 149.14 53.35
N ALA C 337 104.71 150.16 53.46
CA ALA C 337 103.52 149.87 54.27
C ALA C 337 102.69 148.78 53.59
N ALA C 338 102.62 148.81 52.24
CA ALA C 338 101.89 147.67 51.70
C ALA C 338 102.65 146.39 51.99
N LYS C 339 103.85 146.43 52.57
CA LYS C 339 104.47 145.10 52.87
C LYS C 339 104.63 144.87 54.42
N GLY C 340 103.99 145.75 55.16
CA GLY C 340 103.98 145.73 56.62
C GLY C 340 105.47 145.81 57.00
N GLN C 341 106.21 146.69 56.36
CA GLN C 341 107.60 146.89 56.59
C GLN C 341 107.82 148.39 56.71
N TYR C 342 106.80 149.10 57.17
CA TYR C 342 107.17 150.53 57.26
C TYR C 342 107.58 150.86 58.67
N VAL C 343 108.62 151.67 58.80
CA VAL C 343 108.95 152.23 60.09
C VAL C 343 109.46 153.68 60.00
N HIS C 344 108.94 154.49 60.88
CA HIS C 344 109.22 155.90 60.91
C HIS C 344 110.64 156.35 60.82
N THR C 345 111.40 156.36 61.92
CA THR C 345 112.75 156.92 61.79
C THR C 345 112.72 158.11 60.82
N ALA D 1 64.83 155.18 50.66
CA ALA D 1 64.59 155.18 52.12
C ALA D 1 64.45 156.40 53.02
N HIS D 2 63.60 156.38 53.98
CA HIS D 2 62.66 156.43 55.00
C HIS D 2 62.38 157.75 55.67
N ARG D 3 61.07 158.11 55.74
CA ARG D 3 60.75 159.50 56.21
C ARG D 3 61.04 160.26 54.89
N PHE D 4 61.48 161.51 54.82
CA PHE D 4 61.96 162.22 53.66
C PHE D 4 61.30 161.91 52.31
N PRO D 5 60.14 162.49 52.18
CA PRO D 5 59.20 162.25 51.11
C PRO D 5 59.64 162.72 49.76
N ALA D 6 59.48 161.82 48.77
CA ALA D 6 60.01 162.19 47.47
C ALA D 6 59.28 163.35 46.84
N LEU D 7 57.99 163.43 47.12
CA LEU D 7 57.18 164.47 46.46
C LEU D 7 56.30 165.32 47.36
N THR D 8 56.00 166.54 46.87
CA THR D 8 55.05 167.34 47.64
C THR D 8 53.61 166.94 47.26
N GLN D 9 52.60 167.48 47.92
CA GLN D 9 51.21 167.11 47.63
C GLN D 9 50.91 167.70 46.26
N GLU D 10 51.48 168.89 46.15
CA GLU D 10 51.34 169.61 44.91
C GLU D 10 51.94 168.81 43.75
N GLN D 11 53.11 168.21 43.94
CA GLN D 11 53.73 167.49 42.82
C GLN D 11 52.84 166.33 42.39
N LYS D 12 52.35 165.68 43.46
CA LYS D 12 51.43 164.56 43.24
C LYS D 12 50.21 165.04 42.50
N LYS D 13 49.53 166.02 43.01
CA LYS D 13 48.32 166.53 42.33
C LYS D 13 48.54 166.78 40.85
N GLU D 14 49.70 167.36 40.49
CA GLU D 14 50.03 167.59 39.11
C GLU D 14 50.21 166.27 38.41
N LEU D 15 51.03 165.40 38.92
CA LEU D 15 51.23 164.16 38.14
C LEU D 15 50.00 163.27 38.11
N SER D 16 49.11 163.47 39.13
CA SER D 16 48.01 162.47 39.08
C SER D 16 47.09 163.10 38.03
N GLU D 17 47.04 164.45 38.02
CA GLU D 17 46.15 165.12 37.03
C GLU D 17 46.63 164.79 35.64
N ILE D 18 47.92 164.81 35.41
CA ILE D 18 48.30 164.57 33.99
C ILE D 18 47.88 163.15 33.69
N ALA D 19 48.34 162.26 34.57
CA ALA D 19 48.16 160.87 34.24
C ALA D 19 46.68 160.69 33.97
N GLN D 20 45.70 161.14 34.73
CA GLN D 20 44.36 160.64 34.48
C GLN D 20 43.70 161.21 33.27
N SER D 21 44.33 162.28 32.80
CA SER D 21 43.86 163.12 31.74
C SER D 21 44.10 162.41 30.42
N ILE D 22 45.07 161.59 30.38
CA ILE D 22 45.41 161.01 29.09
C ILE D 22 44.50 159.81 28.87
N VAL D 23 43.80 159.12 29.80
CA VAL D 23 43.07 157.90 29.51
C VAL D 23 41.63 158.17 29.97
N ALA D 24 41.27 159.46 29.89
CA ALA D 24 40.05 160.02 30.44
C ALA D 24 38.78 159.52 29.78
N ASN D 25 38.61 159.46 28.45
CA ASN D 25 37.12 158.87 28.46
C ASN D 25 37.24 157.88 27.33
N GLY D 26 37.93 156.82 27.64
CA GLY D 26 38.19 155.90 26.51
C GLY D 26 39.35 156.42 25.66
N LYS D 27 39.88 157.63 26.03
CA LYS D 27 40.97 158.02 25.13
C LYS D 27 42.23 157.22 25.44
N GLY D 28 43.07 157.16 24.41
CA GLY D 28 44.36 156.50 24.48
C GLY D 28 45.48 157.43 23.99
N ILE D 29 46.56 156.70 23.70
CA ILE D 29 47.85 157.24 23.33
C ILE D 29 48.29 156.88 21.95
N LEU D 30 48.81 157.77 21.20
CA LEU D 30 49.30 157.36 19.80
C LEU D 30 50.79 157.30 20.01
N ALA D 31 51.37 156.14 19.74
CA ALA D 31 52.82 156.00 19.94
C ALA D 31 53.65 156.17 18.69
N ALA D 32 54.11 157.43 18.53
CA ALA D 32 54.75 157.84 17.29
C ALA D 32 56.23 158.07 17.55
N ASP D 33 56.69 157.53 18.65
CA ASP D 33 58.04 157.75 19.10
C ASP D 33 58.95 156.73 18.48
N GLU D 34 58.72 156.15 17.32
CA GLU D 34 59.79 155.39 16.65
C GLU D 34 61.03 156.22 16.34
N SER D 35 62.11 155.60 16.68
CA SER D 35 63.43 156.20 16.44
C SER D 35 63.82 156.15 14.96
N VAL D 36 64.95 156.73 14.57
CA VAL D 36 65.33 156.79 13.20
C VAL D 36 65.33 155.42 12.49
N GLY D 37 65.91 154.51 13.24
CA GLY D 37 66.04 153.20 12.73
C GLY D 37 64.74 152.44 12.65
N THR D 38 63.95 152.58 13.73
CA THR D 38 62.72 151.83 13.80
C THR D 38 61.83 152.43 12.71
N MET D 39 61.85 153.75 12.61
CA MET D 39 60.93 154.34 11.60
C MET D 39 61.36 153.98 10.20
N GLY D 40 62.66 153.85 9.93
CA GLY D 40 63.07 153.33 8.65
C GLY D 40 62.42 151.97 8.40
N ASN D 41 62.38 151.08 9.39
CA ASN D 41 61.71 149.76 9.20
C ASN D 41 60.27 149.85 8.70
N ARG D 42 59.55 150.80 9.26
CA ARG D 42 58.20 151.10 8.87
C ARG D 42 58.13 151.60 7.45
N LEU D 43 58.95 152.62 7.21
CA LEU D 43 58.92 153.22 5.86
C LEU D 43 59.36 152.19 4.80
N GLN D 44 60.22 151.26 5.19
CA GLN D 44 60.63 150.21 4.29
C GLN D 44 59.41 149.42 3.79
N ARG D 45 58.54 149.06 4.75
CA ARG D 45 57.40 148.28 4.25
C ARG D 45 56.71 148.98 3.09
N ILE D 46 56.65 150.33 3.06
CA ILE D 46 55.91 150.93 1.96
C ILE D 46 56.91 151.41 0.95
N LYS D 47 58.06 150.75 1.03
CA LYS D 47 59.15 151.16 0.14
C LYS D 47 59.35 152.67 0.03
N VAL D 48 59.61 153.36 1.13
CA VAL D 48 59.89 154.76 1.24
C VAL D 48 61.22 154.86 2.00
N GLU D 49 62.09 155.67 1.37
CA GLU D 49 63.43 155.85 1.94
C GLU D 49 63.35 156.62 3.27
N ASN D 50 64.05 156.02 4.22
CA ASN D 50 64.14 156.58 5.53
C ASN D 50 64.90 157.88 5.59
N THR D 51 64.23 158.94 5.23
CA THR D 51 64.82 160.30 5.34
C THR D 51 64.21 161.07 6.47
N GLU D 52 64.90 162.01 7.05
CA GLU D 52 64.29 162.85 8.06
C GLU D 52 63.05 163.39 7.38
N GLU D 53 63.18 164.03 6.24
CA GLU D 53 62.03 164.63 5.59
C GLU D 53 60.79 163.77 5.40
N ASN D 54 61.00 162.51 5.07
CA ASN D 54 59.87 161.57 4.88
C ASN D 54 59.20 161.34 6.25
N ARG D 55 60.01 161.00 7.25
CA ARG D 55 59.65 160.98 8.62
C ARG D 55 58.88 162.22 9.05
N ARG D 56 59.31 163.38 8.61
CA ARG D 56 58.62 164.62 9.01
C ARG D 56 57.32 164.68 8.27
N GLN D 57 57.37 164.24 7.02
CA GLN D 57 56.13 164.33 6.25
C GLN D 57 55.03 163.41 6.76
N PHE D 58 55.29 162.17 7.10
CA PHE D 58 54.28 161.27 7.56
C PHE D 58 53.71 161.74 8.91
N ARG D 59 54.60 162.15 9.82
CA ARG D 59 54.13 162.68 11.10
C ARG D 59 53.24 163.90 10.98
N GLU D 60 53.56 164.75 10.00
CA GLU D 60 52.77 166.00 9.84
C GLU D 60 51.38 165.69 9.35
N ILE D 61 51.24 164.71 8.45
CA ILE D 61 49.92 164.27 8.05
C ILE D 61 49.09 163.78 9.28
N LEU D 62 49.61 162.94 10.18
CA LEU D 62 49.01 162.43 11.35
C LEU D 62 48.73 163.57 12.33
N PHE D 63 49.70 164.48 12.61
CA PHE D 63 49.41 165.56 13.55
C PHE D 63 48.52 166.71 13.14
N SER D 64 48.22 166.91 11.89
CA SER D 64 47.41 167.96 11.34
C SER D 64 45.96 167.54 11.07
N VAL D 65 45.57 166.36 11.47
CA VAL D 65 44.22 165.81 11.38
C VAL D 65 43.24 166.62 12.20
N ASP D 66 41.95 166.68 11.92
CA ASP D 66 40.93 167.42 12.70
C ASP D 66 41.00 167.16 14.21
N SER D 67 40.95 168.32 14.94
CA SER D 67 40.93 168.38 16.40
C SER D 67 39.94 167.40 17.03
N SER D 68 38.85 167.14 16.33
CA SER D 68 38.08 165.96 16.77
C SER D 68 38.95 164.81 17.27
N ILE D 69 40.11 164.58 16.73
CA ILE D 69 41.02 163.53 17.08
C ILE D 69 41.24 163.58 18.59
N ASN D 70 41.20 164.80 19.22
CA ASN D 70 41.07 164.81 20.64
C ASN D 70 40.13 163.82 21.33
N GLN D 71 39.17 163.14 20.69
CA GLN D 71 38.06 162.48 21.44
C GLN D 71 38.54 161.03 21.48
N SER D 72 39.57 160.64 20.73
CA SER D 72 40.13 159.30 20.88
C SER D 72 41.52 159.28 21.55
N ILE D 73 42.32 160.26 21.14
CA ILE D 73 43.71 160.44 21.50
C ILE D 73 44.01 161.34 22.62
N GLY D 74 44.51 160.75 23.72
CA GLY D 74 44.81 161.51 24.96
C GLY D 74 46.25 162.15 24.95
N GLY D 75 47.27 161.63 24.36
CA GLY D 75 48.64 162.02 24.27
C GLY D 75 49.17 161.18 23.09
N VAL D 76 50.29 161.80 22.76
CA VAL D 76 51.16 161.42 21.66
C VAL D 76 52.59 161.45 22.22
N ILE D 77 53.27 160.34 22.13
CA ILE D 77 54.64 160.20 22.55
C ILE D 77 55.45 160.45 21.25
N LEU D 78 56.38 161.36 21.30
CA LEU D 78 57.33 161.73 20.27
C LEU D 78 58.73 161.30 20.62
N PHE D 79 59.47 161.06 19.56
CA PHE D 79 60.90 160.76 19.64
C PHE D 79 61.66 162.07 19.76
N HIS D 80 62.87 162.16 20.25
CA HIS D 80 63.47 163.54 20.30
C HIS D 80 63.37 164.46 19.08
N GLU D 81 63.90 164.00 17.94
CA GLU D 81 63.90 164.76 16.69
C GLU D 81 62.56 165.40 16.41
N THR D 82 61.52 164.59 16.33
CA THR D 82 60.15 165.01 16.08
C THR D 82 59.69 166.01 17.11
N LEU D 83 60.12 165.89 18.37
CA LEU D 83 59.78 166.92 19.34
C LEU D 83 60.18 168.33 18.90
N TYR D 84 61.30 168.39 18.17
CA TYR D 84 61.74 169.71 17.72
C TYR D 84 61.40 170.07 16.26
N GLN D 85 60.68 169.23 15.50
CA GLN D 85 60.31 169.45 14.15
C GLN D 85 59.10 170.35 13.94
N LYS D 86 58.84 170.62 12.69
CA LYS D 86 57.82 171.58 12.34
C LYS D 86 57.07 171.10 11.11
N ASP D 87 55.98 171.70 10.89
CA ASP D 87 55.02 171.79 9.86
C ASP D 87 55.47 172.28 8.50
N SER D 88 54.56 172.65 7.62
CA SER D 88 54.87 173.51 6.44
C SER D 88 54.35 174.90 6.75
N GLN D 89 55.22 175.66 7.31
CA GLN D 89 55.01 177.00 7.95
C GLN D 89 55.55 176.75 9.33
N GLY D 90 56.75 176.52 9.65
CA GLY D 90 57.33 175.91 10.77
C GLY D 90 56.49 176.15 12.01
N LYS D 91 55.32 175.43 12.07
CA LYS D 91 54.64 175.57 13.36
C LYS D 91 55.26 174.36 14.03
N LEU D 92 55.86 174.40 15.19
CA LEU D 92 56.41 173.12 15.71
C LEU D 92 55.29 172.12 15.98
N PHE D 93 55.48 170.86 15.66
CA PHE D 93 54.45 169.87 15.90
C PHE D 93 53.87 169.87 17.31
N ARG D 94 54.84 170.03 18.20
CA ARG D 94 54.46 169.91 19.61
C ARG D 94 53.41 170.93 19.96
N ASN D 95 53.45 172.04 19.22
CA ASN D 95 52.43 173.07 19.51
C ASN D 95 51.17 172.83 18.67
N ILE D 96 51.29 172.03 17.63
CA ILE D 96 50.11 171.72 16.83
C ILE D 96 49.26 170.78 17.67
N LEU D 97 49.91 169.88 18.37
CA LEU D 97 49.37 168.90 19.27
C LEU D 97 48.89 169.50 20.58
N LYS D 98 49.57 170.33 21.29
CA LYS D 98 49.04 170.89 22.52
C LYS D 98 47.83 171.74 22.39
N GLU D 99 47.81 172.49 21.32
CA GLU D 99 46.71 173.37 20.94
C GLU D 99 45.44 172.63 20.57
N LYS D 100 45.49 171.43 20.00
CA LYS D 100 44.31 170.64 19.76
C LYS D 100 43.79 169.98 21.06
N GLY D 101 44.34 170.13 22.22
CA GLY D 101 44.05 169.49 23.47
C GLY D 101 44.79 168.17 23.67
N ILE D 102 45.88 167.85 22.96
CA ILE D 102 46.53 166.55 23.17
C ILE D 102 47.75 166.65 24.06
N VAL D 103 47.99 165.80 25.06
CA VAL D 103 49.15 165.84 25.91
C VAL D 103 50.37 165.24 25.18
N VAL D 104 51.52 166.02 25.29
CA VAL D 104 52.70 165.50 24.60
C VAL D 104 53.63 164.74 25.53
N GLY D 105 54.15 163.65 25.01
CA GLY D 105 55.05 162.75 25.70
C GLY D 105 56.37 162.59 24.89
N ILE D 106 57.42 162.04 25.52
CA ILE D 106 58.70 161.92 25.02
C ILE D 106 59.41 160.65 25.36
N LYS D 107 60.00 160.03 24.31
CA LYS D 107 60.78 158.80 24.58
C LYS D 107 62.00 159.14 25.39
N LEU D 108 62.22 158.57 26.55
CA LEU D 108 63.31 158.94 27.45
C LEU D 108 64.36 157.88 27.58
N ASP D 109 64.07 156.67 27.17
CA ASP D 109 65.10 155.65 27.17
C ASP D 109 65.96 155.87 25.93
N GLN D 110 67.16 155.33 26.00
CA GLN D 110 68.06 155.36 24.85
C GLN D 110 68.51 154.01 24.39
N GLY D 111 67.66 153.03 24.46
CA GLY D 111 67.94 151.69 24.02
C GLY D 111 68.67 150.69 24.86
N GLY D 112 68.80 149.51 24.18
CA GLY D 112 69.35 148.35 24.91
C GLY D 112 70.82 148.43 25.00
N ALA D 113 71.37 147.65 25.86
CA ALA D 113 72.72 147.34 26.23
C ALA D 113 72.56 145.84 26.68
N PRO D 114 73.51 145.12 26.17
CA PRO D 114 73.64 143.72 26.51
C PRO D 114 73.96 143.55 27.99
N LEU D 115 73.54 142.47 28.55
CA LEU D 115 73.80 142.11 29.95
C LEU D 115 74.64 140.83 29.86
N ALA D 116 75.93 140.94 30.12
CA ALA D 116 76.84 139.82 30.03
C ALA D 116 76.39 138.62 30.88
N GLY D 117 76.68 137.46 30.41
CA GLY D 117 76.48 136.24 31.12
C GLY D 117 75.03 135.75 31.12
N THR D 118 74.51 136.08 29.94
CA THR D 118 73.07 135.82 29.76
C THR D 118 72.78 135.36 28.34
N ASN D 119 71.70 134.62 28.04
CA ASN D 119 71.37 134.23 26.69
C ASN D 119 70.88 135.41 25.89
N LYS D 120 71.75 136.34 25.50
CA LYS D 120 71.38 137.52 24.69
C LYS D 120 70.40 138.45 25.37
N GLU D 121 70.41 138.75 26.65
CA GLU D 121 69.39 139.51 27.30
C GLU D 121 69.92 140.89 27.40
N THR D 122 69.07 141.93 27.51
CA THR D 122 69.62 143.28 27.74
C THR D 122 68.95 144.07 28.85
N THR D 123 69.49 145.27 29.03
CA THR D 123 68.88 146.27 29.92
C THR D 123 68.70 147.55 29.03
N ILE D 124 68.29 148.66 29.70
CA ILE D 124 68.16 149.89 28.92
C ILE D 124 68.92 151.09 29.44
N GLN D 125 69.47 151.94 28.54
CA GLN D 125 70.27 153.07 28.95
C GLN D 125 69.46 154.36 28.85
N GLY D 126 69.97 155.40 29.53
CA GLY D 126 69.36 156.67 29.31
C GLY D 126 69.21 157.35 30.68
N LEU D 127 69.73 156.68 31.71
CA LEU D 127 69.45 157.39 32.98
C LEU D 127 70.46 158.52 33.12
N ASP D 128 71.59 158.43 32.43
CA ASP D 128 72.60 159.53 32.70
C ASP D 128 72.08 160.85 32.15
N GLY D 129 72.01 161.86 33.00
CA GLY D 129 71.45 163.16 32.72
C GLY D 129 69.99 163.33 32.39
N LEU D 130 69.28 162.28 32.79
CA LEU D 130 67.84 162.20 32.56
C LEU D 130 67.18 163.36 33.29
N SER D 131 67.69 163.67 34.48
CA SER D 131 66.96 164.76 35.20
C SER D 131 66.93 166.04 34.40
N GLU D 132 68.15 166.36 33.95
CA GLU D 132 68.27 167.62 33.21
C GLU D 132 67.51 167.59 31.89
N ARG D 133 67.53 166.40 31.24
CA ARG D 133 66.73 166.26 30.02
C ARG D 133 65.29 166.42 30.33
N CYS D 134 64.83 165.85 31.42
CA CYS D 134 63.37 165.91 31.72
C CYS D 134 62.97 167.33 31.99
N ALA D 135 63.85 168.11 32.61
CA ALA D 135 63.49 169.48 32.96
C ALA D 135 63.31 170.39 31.78
N GLN D 136 64.16 170.08 30.82
CA GLN D 136 64.09 170.90 29.58
C GLN D 136 62.87 170.50 28.78
N TYR D 137 62.66 169.17 28.77
CA TYR D 137 61.40 168.74 28.11
C TYR D 137 60.16 169.30 28.80
N LYS D 138 60.18 169.37 30.11
CA LYS D 138 59.02 169.95 30.83
C LYS D 138 58.80 171.39 30.34
N LYS D 139 59.95 172.10 30.27
CA LYS D 139 60.01 173.46 29.78
C LYS D 139 59.49 173.63 28.33
N ASP D 140 59.93 172.76 27.42
CA ASP D 140 59.46 172.68 26.04
C ASP D 140 58.06 172.12 25.88
N GLY D 141 57.30 171.74 26.90
CA GLY D 141 55.87 171.55 26.76
C GLY D 141 55.40 170.09 26.87
N VAL D 142 56.31 169.20 27.23
CA VAL D 142 56.13 167.83 27.43
C VAL D 142 55.65 167.61 28.87
N ASP D 143 54.71 166.64 29.00
CA ASP D 143 54.20 166.30 30.27
C ASP D 143 54.27 164.81 30.60
N PHE D 144 54.70 163.90 29.71
CA PHE D 144 54.91 162.56 30.15
C PHE D 144 56.04 161.98 29.32
N GLY D 145 56.60 160.90 29.84
CA GLY D 145 57.70 160.18 29.20
C GLY D 145 57.32 158.68 29.05
N LYS D 146 58.24 158.04 28.30
CA LYS D 146 58.10 156.61 27.99
C LYS D 146 59.44 155.90 28.05
N TRP D 147 59.58 154.74 28.67
CA TRP D 147 60.86 154.02 28.84
C TRP D 147 60.55 152.55 28.58
N ARG D 148 61.13 152.03 27.47
CA ARG D 148 60.73 150.66 27.17
C ARG D 148 61.78 149.63 27.49
N ALA D 149 61.45 148.61 28.24
CA ALA D 149 62.37 147.50 28.49
C ALA D 149 61.75 146.41 27.59
N VAL D 150 62.64 145.44 27.31
CA VAL D 150 62.26 144.29 26.37
C VAL D 150 62.81 143.01 27.04
N LEU D 151 61.85 142.05 27.34
CA LEU D 151 62.26 140.80 28.02
C LEU D 151 61.85 139.66 27.13
N ARG D 152 62.37 138.51 26.93
CA ARG D 152 62.11 137.54 25.91
C ARG D 152 61.87 136.29 26.81
N ILE D 153 61.17 135.42 26.19
CA ILE D 153 61.10 134.05 26.69
C ILE D 153 61.94 133.17 25.73
N ALA D 154 62.91 132.37 26.17
CA ALA D 154 63.84 131.57 25.40
C ALA D 154 64.71 130.77 26.37
N ASP D 155 65.68 129.98 25.87
CA ASP D 155 66.60 129.24 26.76
C ASP D 155 67.10 130.26 27.77
N GLN D 156 66.61 129.96 28.96
CA GLN D 156 67.05 130.75 30.16
C GLN D 156 66.67 132.20 30.23
N CYS D 157 65.73 132.72 29.46
CA CYS D 157 65.36 134.14 29.48
C CYS D 157 63.88 134.06 29.84
N PRO D 158 63.20 134.96 30.52
CA PRO D 158 63.86 136.18 31.05
C PRO D 158 64.55 135.73 32.33
N SER D 159 65.84 135.88 32.31
CA SER D 159 66.68 135.62 33.53
C SER D 159 66.18 136.62 34.70
N SER D 160 66.55 136.27 35.88
CA SER D 160 66.46 137.08 37.03
C SER D 160 67.35 138.35 36.91
N LEU D 161 68.55 138.10 36.28
CA LEU D 161 69.32 139.41 36.39
C LEU D 161 68.47 140.34 35.54
N ALA D 162 67.92 139.70 34.50
CA ALA D 162 67.27 140.48 33.52
C ALA D 162 66.06 141.16 34.09
N ILE D 163 65.08 140.41 34.74
CA ILE D 163 63.95 141.09 35.24
C ILE D 163 64.35 142.04 36.31
N GLN D 164 65.30 141.69 37.25
CA GLN D 164 65.43 142.69 38.31
C GLN D 164 66.12 143.89 37.65
N GLU D 165 67.14 143.64 36.80
CA GLU D 165 67.93 144.84 36.46
C GLU D 165 67.04 145.75 35.62
N ASN D 166 66.16 145.24 34.74
CA ASN D 166 65.29 146.13 33.95
C ASN D 166 64.22 146.77 34.83
N ALA D 167 63.85 146.16 35.94
CA ALA D 167 62.85 146.70 36.84
C ALA D 167 63.51 147.88 37.54
N ASN D 168 64.74 147.74 38.01
CA ASN D 168 65.38 148.90 38.65
C ASN D 168 65.69 150.00 37.67
N ALA D 169 66.05 149.78 36.42
CA ALA D 169 66.29 151.01 35.57
C ALA D 169 64.98 151.76 35.35
N LEU D 170 63.91 150.97 35.17
CA LEU D 170 62.56 151.52 35.11
C LEU D 170 62.22 152.37 36.35
N ALA D 171 62.63 151.84 37.50
CA ALA D 171 62.27 152.48 38.78
C ALA D 171 63.08 153.76 38.89
N ARG D 172 64.35 153.70 38.53
CA ARG D 172 65.11 155.02 38.58
C ARG D 172 64.44 155.97 37.63
N TYR D 173 64.17 155.44 36.44
CA TYR D 173 63.58 156.25 35.37
C TYR D 173 62.35 156.93 35.92
N ALA D 174 61.44 156.10 36.50
CA ALA D 174 60.19 156.60 37.05
C ALA D 174 60.44 157.68 38.14
N SER D 175 61.38 157.42 39.03
CA SER D 175 61.71 158.29 40.08
C SER D 175 62.15 159.63 39.54
N ILE D 176 63.08 159.60 38.59
CA ILE D 176 63.52 160.94 38.09
C ILE D 176 62.47 161.77 37.41
N CYS D 177 61.72 161.12 36.49
CA CYS D 177 60.67 161.82 35.77
C CYS D 177 59.80 162.55 36.83
N GLN D 178 59.48 161.92 37.97
CA GLN D 178 58.49 162.54 38.87
C GLN D 178 59.02 163.76 39.53
N GLN D 179 60.31 163.69 39.79
CA GLN D 179 60.94 164.86 40.38
C GLN D 179 60.89 165.90 39.30
N ASN D 180 60.59 165.67 38.04
CA ASN D 180 60.51 166.84 37.13
C ASN D 180 59.17 167.24 36.58
N GLY D 181 58.06 166.65 37.06
CA GLY D 181 56.73 166.98 36.56
C GLY D 181 56.36 166.09 35.40
N LEU D 182 57.09 165.04 35.06
CA LEU D 182 56.58 164.27 33.94
C LEU D 182 55.94 163.00 34.48
N VAL D 183 54.84 162.55 33.92
CA VAL D 183 54.32 161.25 34.32
C VAL D 183 55.11 160.22 33.55
N PRO D 184 55.76 159.28 34.21
CA PRO D 184 56.46 158.20 33.53
C PRO D 184 55.50 157.11 33.05
N ILE D 185 55.55 156.61 31.83
CA ILE D 185 54.89 155.39 31.33
C ILE D 185 55.85 154.27 31.60
N VAL D 186 55.83 153.16 32.33
CA VAL D 186 56.91 152.18 32.54
C VAL D 186 56.44 151.15 31.46
N GLU D 187 57.18 150.78 30.40
CA GLU D 187 57.01 149.78 29.46
C GLU D 187 57.82 148.50 29.63
N PRO D 188 57.35 147.46 30.36
CA PRO D 188 58.14 146.29 30.56
C PRO D 188 57.51 145.36 29.57
N GLU D 189 57.97 145.54 28.32
CA GLU D 189 57.40 144.59 27.35
C GLU D 189 58.00 143.22 27.34
N VAL D 190 57.22 142.19 27.42
CA VAL D 190 57.60 140.81 27.18
C VAL D 190 57.16 140.45 25.73
N ILE D 191 58.06 140.48 24.82
CA ILE D 191 58.26 140.11 23.43
C ILE D 191 57.65 138.80 23.11
N PRO D 192 56.83 138.91 22.09
CA PRO D 192 56.02 137.76 21.63
C PRO D 192 56.75 136.77 20.74
N ASP D 193 58.00 137.11 20.34
CA ASP D 193 58.80 136.12 19.65
C ASP D 193 58.90 134.78 20.38
N GLY D 194 58.74 133.77 19.53
CA GLY D 194 58.93 132.36 19.89
C GLY D 194 57.72 131.45 19.92
N ASP D 195 57.98 130.20 20.34
CA ASP D 195 56.77 129.39 20.25
C ASP D 195 56.05 129.03 21.49
N HIS D 196 56.27 129.80 22.54
CA HIS D 196 55.47 129.50 23.70
C HIS D 196 53.99 129.79 23.47
N ASP D 197 53.19 129.16 24.32
CA ASP D 197 51.75 129.36 24.36
C ASP D 197 51.31 130.45 25.36
N LEU D 198 50.02 130.52 25.52
CA LEU D 198 49.35 131.53 26.30
C LEU D 198 49.71 131.52 27.77
N GLU D 199 49.71 130.32 28.32
CA GLU D 199 49.96 130.26 29.79
C GLU D 199 51.38 130.67 30.15
N HIS D 200 52.26 130.37 29.21
CA HIS D 200 53.66 130.64 29.46
C HIS D 200 53.90 132.15 29.53
N CYS D 201 53.14 132.87 28.72
CA CYS D 201 53.36 134.31 28.59
C CYS D 201 52.75 134.95 29.81
N GLN D 202 51.64 134.24 30.16
CA GLN D 202 50.87 134.82 31.30
C GLN D 202 51.70 134.79 32.56
N TYR D 203 52.38 133.64 32.71
CA TYR D 203 53.24 133.45 33.88
C TYR D 203 54.39 134.44 33.74
N VAL D 204 55.14 134.43 32.63
CA VAL D 204 56.29 135.39 32.67
C VAL D 204 55.74 136.79 32.90
N THR D 205 54.60 137.14 32.22
CA THR D 205 54.16 138.49 32.39
C THR D 205 53.83 138.73 33.89
N GLU D 206 53.14 137.82 34.55
CA GLU D 206 53.04 138.03 36.00
C GLU D 206 54.34 138.16 36.78
N LYS D 207 55.39 137.38 36.47
CA LYS D 207 56.59 137.52 37.27
C LYS D 207 57.37 138.81 37.02
N VAL D 208 57.25 139.31 35.80
CA VAL D 208 57.83 140.59 35.42
C VAL D 208 57.00 141.69 36.03
N LEU D 209 55.68 141.68 36.05
CA LEU D 209 55.04 142.86 36.70
C LEU D 209 55.21 142.80 38.21
N ALA D 210 55.45 141.60 38.78
CA ALA D 210 55.59 141.72 40.25
C ALA D 210 56.87 142.38 40.59
N ALA D 211 57.91 142.06 39.90
CA ALA D 211 59.26 142.76 40.05
C ALA D 211 59.18 144.32 39.92
N VAL D 212 58.57 144.82 38.93
CA VAL D 212 58.53 146.13 38.52
C VAL D 212 57.89 146.91 39.64
N TYR D 213 56.64 146.38 40.08
CA TYR D 213 55.97 147.11 41.11
C TYR D 213 56.65 147.09 42.43
N LYS D 214 57.37 145.89 42.63
CA LYS D 214 58.08 146.01 44.05
C LYS D 214 59.31 146.99 43.88
N ALA D 215 59.86 147.07 42.67
CA ALA D 215 61.13 147.90 42.58
C ALA D 215 60.72 149.40 42.78
N LEU D 216 59.51 149.34 42.12
CA LEU D 216 58.93 150.62 41.97
C LEU D 216 58.64 151.21 43.37
N ASN D 217 58.39 150.32 44.28
CA ASN D 217 58.01 150.79 45.66
C ASN D 217 59.33 151.03 46.36
N ASP D 218 60.28 150.19 46.25
CA ASP D 218 61.55 150.37 46.91
C ASP D 218 62.13 151.75 46.59
N HIS D 219 61.86 152.28 45.41
CA HIS D 219 62.36 153.61 45.00
C HIS D 219 61.44 154.77 45.20
N HIS D 220 60.42 154.50 46.03
CA HIS D 220 59.46 155.57 46.35
C HIS D 220 58.68 156.24 45.22
N VAL D 221 58.38 155.47 44.19
CA VAL D 221 57.63 155.99 43.08
C VAL D 221 56.19 156.11 43.40
N TYR D 222 55.58 157.16 42.95
CA TYR D 222 54.24 157.60 43.13
C TYR D 222 53.23 157.06 42.06
N LEU D 223 52.69 155.83 42.49
CA LEU D 223 51.91 155.03 41.50
C LEU D 223 50.79 155.78 40.78
N GLU D 224 50.28 156.79 41.53
CA GLU D 224 49.13 157.48 41.04
C GLU D 224 49.44 158.42 39.91
N GLY D 225 50.74 158.62 39.76
CA GLY D 225 51.15 159.58 38.73
C GLY D 225 52.06 158.78 37.77
N THR D 226 51.48 157.64 37.39
CA THR D 226 52.41 156.85 36.51
C THR D 226 51.62 156.15 35.46
N LEU D 227 51.91 155.38 34.47
CA LEU D 227 50.97 154.72 33.59
C LEU D 227 51.71 153.48 33.21
N LEU D 228 51.01 152.38 32.85
CA LEU D 228 51.82 151.15 32.55
C LEU D 228 51.56 150.78 31.14
N LYS D 229 52.58 150.45 30.37
CA LYS D 229 52.35 149.99 29.05
C LYS D 229 52.85 148.56 28.96
N PRO D 230 51.97 147.63 29.32
CA PRO D 230 52.37 146.24 29.29
C PRO D 230 52.14 145.57 27.97
N ASN D 231 52.58 144.39 27.82
CA ASN D 231 52.21 143.60 26.62
C ASN D 231 50.81 143.00 26.97
N MET D 232 49.92 142.81 26.01
CA MET D 232 48.72 142.00 26.36
C MET D 232 49.30 140.61 26.56
N VAL D 233 48.42 139.74 27.05
CA VAL D 233 48.96 138.39 27.29
C VAL D 233 48.60 137.50 26.14
N THR D 234 49.49 137.09 25.28
CA THR D 234 49.18 136.14 24.21
C THR D 234 50.25 135.07 24.07
N ALA D 235 49.93 134.10 23.23
CA ALA D 235 50.94 133.12 22.90
C ALA D 235 51.99 133.73 21.96
N GLY D 236 53.17 133.09 21.88
CA GLY D 236 54.16 133.69 21.02
C GLY D 236 53.84 133.62 19.54
N HIS D 237 54.67 134.33 18.82
CA HIS D 237 54.62 134.42 17.41
C HIS D 237 54.58 133.04 16.74
N ALA D 238 55.41 132.17 17.33
CA ALA D 238 55.50 130.92 16.58
C ALA D 238 54.58 129.84 17.12
N CYS D 239 53.72 130.23 18.04
CA CYS D 239 52.86 129.25 18.65
C CYS D 239 51.89 128.87 17.54
N THR D 240 51.62 127.61 17.39
CA THR D 240 50.60 127.29 16.41
C THR D 240 49.21 127.32 16.99
N LYS D 241 48.96 127.19 18.28
CA LYS D 241 47.59 127.16 18.78
C LYS D 241 46.92 128.47 18.40
N LYS D 242 45.62 128.52 18.35
CA LYS D 242 44.88 129.68 17.92
C LYS D 242 44.06 130.21 19.06
N TYR D 243 44.01 131.48 19.31
CA TYR D 243 43.33 131.95 20.52
C TYR D 243 42.37 133.03 20.13
N THR D 244 41.52 133.33 21.06
CA THR D 244 40.39 134.23 20.88
C THR D 244 40.65 135.51 21.61
N PRO D 245 40.09 136.60 21.16
CA PRO D 245 40.20 137.87 21.85
C PRO D 245 39.85 137.68 23.31
N GLU D 246 38.89 136.81 23.56
CA GLU D 246 38.32 136.59 24.89
C GLU D 246 39.32 135.79 25.73
N GLN D 247 40.08 134.91 25.15
CA GLN D 247 41.05 134.14 25.90
C GLN D 247 42.19 135.11 26.13
N VAL D 248 42.66 135.94 25.20
CA VAL D 248 43.69 136.90 25.44
C VAL D 248 43.23 137.81 26.55
N ALA D 249 41.94 138.04 26.63
CA ALA D 249 41.42 139.01 27.58
C ALA D 249 41.55 138.48 28.98
N MET D 250 41.19 137.28 29.28
CA MET D 250 41.12 136.62 30.58
C MET D 250 42.58 136.49 31.06
N ALA D 251 43.42 136.00 30.11
CA ALA D 251 44.78 135.73 30.56
C ALA D 251 45.42 137.07 30.95
N THR D 252 45.16 138.11 30.19
CA THR D 252 45.70 139.43 30.30
C THR D 252 45.13 140.13 31.52
N VAL D 253 43.84 140.06 31.82
CA VAL D 253 43.35 140.82 33.01
C VAL D 253 43.64 139.96 34.23
N THR D 254 43.80 138.66 34.05
CA THR D 254 44.16 137.83 35.19
C THR D 254 45.48 138.24 35.76
N ALA D 255 46.46 138.23 34.89
CA ALA D 255 47.84 138.63 35.16
C ALA D 255 47.87 140.03 35.78
N LEU D 256 47.23 141.01 35.22
CA LEU D 256 47.28 142.37 35.70
C LEU D 256 46.71 142.59 37.13
N HIS D 257 45.59 141.85 37.30
CA HIS D 257 44.84 142.10 38.49
C HIS D 257 45.52 141.37 39.61
N ARG D 258 46.45 140.48 39.29
CA ARG D 258 47.22 139.94 40.40
C ARG D 258 48.47 140.70 40.75
N THR D 259 48.90 141.69 39.95
CA THR D 259 50.15 142.38 40.15
C THR D 259 50.13 143.90 39.98
N VAL D 260 49.18 144.51 39.25
CA VAL D 260 49.21 145.93 39.13
C VAL D 260 48.38 146.70 40.09
N PRO D 261 48.94 147.37 41.10
CA PRO D 261 48.12 148.17 42.00
C PRO D 261 47.04 149.01 41.35
N ALA D 262 45.93 149.08 42.13
CA ALA D 262 44.72 149.81 41.76
C ALA D 262 45.12 151.28 41.75
N ALA D 263 46.03 151.68 42.58
CA ALA D 263 46.49 153.09 42.41
C ALA D 263 47.00 153.39 41.02
N VAL D 264 47.52 152.44 40.21
CA VAL D 264 48.00 152.97 38.91
C VAL D 264 46.74 153.37 38.22
N PRO D 265 46.49 154.51 37.65
CA PRO D 265 45.26 154.95 37.04
C PRO D 265 44.94 154.38 35.69
N GLY D 266 46.00 154.11 34.91
CA GLY D 266 45.55 153.57 33.60
C GLY D 266 46.53 152.64 32.91
N ILE D 267 46.02 151.64 32.26
CA ILE D 267 46.96 150.63 31.68
C ILE D 267 46.75 150.73 30.16
N CYS D 268 47.72 151.27 29.45
CA CYS D 268 47.69 151.40 28.02
C CYS D 268 48.59 150.39 27.33
N PHE D 269 48.02 149.35 26.76
CA PHE D 269 48.69 148.25 26.07
C PHE D 269 49.55 148.61 24.88
N LEU D 270 50.63 147.89 24.59
CA LEU D 270 51.56 148.08 23.45
C LEU D 270 50.94 147.12 22.45
N SER D 271 51.00 147.35 21.12
CA SER D 271 50.22 146.42 20.29
C SER D 271 51.07 145.35 19.64
N GLY D 272 52.28 145.74 19.63
CA GLY D 272 53.46 145.09 19.17
C GLY D 272 53.41 144.20 17.99
N GLY D 273 52.90 144.79 16.89
CA GLY D 273 52.87 143.62 15.89
C GLY D 273 51.64 142.78 15.75
N MET D 274 50.58 143.00 16.51
CA MET D 274 49.30 142.37 16.26
C MET D 274 48.80 143.22 15.05
N SER D 275 47.96 142.68 14.18
CA SER D 275 47.33 143.50 13.19
C SER D 275 46.49 144.62 13.85
N GLU D 276 45.98 145.60 13.09
CA GLU D 276 45.25 146.69 13.70
C GLU D 276 43.94 146.23 14.32
N GLU D 277 43.33 145.26 13.61
CA GLU D 277 42.03 144.70 13.91
C GLU D 277 42.09 143.91 15.21
N ASP D 278 43.11 143.06 15.33
CA ASP D 278 43.30 142.34 16.56
C ASP D 278 43.62 143.33 17.60
N ALA D 279 44.59 144.23 17.46
CA ALA D 279 44.84 145.18 18.50
C ALA D 279 43.47 145.64 19.06
N THR D 280 42.56 146.18 18.30
CA THR D 280 41.29 146.63 18.71
C THR D 280 40.43 145.53 19.32
N LEU D 281 40.28 144.38 18.74
CA LEU D 281 39.39 143.39 19.26
C LEU D 281 39.88 142.95 20.63
N ASN D 282 41.23 142.91 20.74
CA ASN D 282 41.75 142.39 22.02
C ASN D 282 41.44 143.45 23.08
N LEU D 283 41.72 144.71 22.81
CA LEU D 283 41.55 145.69 23.91
C LEU D 283 40.09 145.71 24.38
N ASN D 284 39.14 145.47 23.50
CA ASN D 284 37.72 145.52 23.65
C ASN D 284 37.27 144.35 24.51
N ALA D 285 37.77 143.17 24.27
CA ALA D 285 37.51 142.07 25.21
C ALA D 285 38.06 142.33 26.59
N ILE D 286 39.27 142.93 26.67
CA ILE D 286 39.96 143.29 27.91
C ILE D 286 38.95 144.19 28.64
N ASN D 287 38.31 145.15 27.95
CA ASN D 287 37.36 145.93 28.71
C ASN D 287 36.05 145.23 29.06
N LEU D 288 35.83 144.05 28.50
CA LEU D 288 34.62 143.37 28.94
C LEU D 288 35.02 142.15 29.74
N CYS D 289 36.26 141.84 30.02
CA CYS D 289 36.49 140.65 30.87
C CYS D 289 35.90 140.74 32.26
N PRO D 290 35.20 139.70 32.75
CA PRO D 290 34.50 139.71 34.01
C PRO D 290 35.40 139.43 35.20
N LEU D 291 36.30 140.34 35.47
CA LEU D 291 37.29 140.27 36.57
C LEU D 291 37.40 141.69 37.10
N PRO D 292 37.91 141.87 38.27
CA PRO D 292 38.14 143.21 38.85
C PRO D 292 39.18 143.96 38.03
N LYS D 293 38.77 145.16 37.61
CA LYS D 293 39.68 145.92 36.73
C LYS D 293 39.72 147.32 37.32
N PRO D 294 40.49 147.63 38.33
CA PRO D 294 40.41 148.92 38.99
C PRO D 294 40.97 150.11 38.25
N TRP D 295 41.68 149.84 37.17
CA TRP D 295 42.12 150.97 36.34
C TRP D 295 41.55 151.07 34.93
N LYS D 296 41.58 152.25 34.27
CA LYS D 296 41.34 152.30 32.83
C LYS D 296 42.31 151.31 32.05
N LEU D 297 41.69 150.60 31.13
CA LEU D 297 42.38 149.68 30.21
C LEU D 297 42.21 150.24 28.78
N SER D 298 43.24 150.86 28.26
CA SER D 298 43.38 151.57 27.01
C SER D 298 44.51 151.16 26.08
N PHE D 299 44.89 151.93 25.11
CA PHE D 299 45.95 151.66 24.14
C PHE D 299 47.06 152.72 24.13
N SER D 300 48.27 152.34 23.71
CA SER D 300 49.43 153.23 23.45
C SER D 300 49.93 152.58 22.16
N TYR D 301 49.24 152.84 21.05
CA TYR D 301 49.61 152.03 19.95
C TYR D 301 50.52 152.75 19.03
N GLY D 302 51.43 152.05 18.38
CA GLY D 302 52.37 152.55 17.33
C GLY D 302 51.93 151.93 16.04
N ARG D 303 52.21 150.70 15.69
CA ARG D 303 51.73 150.10 14.50
C ARG D 303 50.22 149.93 14.51
N ALA D 304 49.54 149.39 15.50
CA ALA D 304 48.09 149.28 15.36
C ALA D 304 47.37 150.56 15.09
N LEU D 305 48.02 151.78 15.28
CA LEU D 305 47.33 152.98 14.83
C LEU D 305 47.95 153.53 13.57
N GLN D 306 48.99 153.00 12.97
CA GLN D 306 49.53 153.72 11.84
C GLN D 306 49.82 152.80 10.66
N ALA D 307 49.35 151.58 10.70
CA ALA D 307 49.70 150.74 9.46
C ALA D 307 48.92 151.15 8.24
N SER D 308 47.63 151.10 8.32
CA SER D 308 46.78 151.39 7.16
C SER D 308 47.03 152.82 6.67
N ALA D 309 47.39 153.77 7.53
CA ALA D 309 47.73 155.10 7.09
C ALA D 309 49.04 155.18 6.37
N LEU D 310 49.97 154.45 6.82
CA LEU D 310 51.28 154.40 6.16
C LEU D 310 51.00 153.91 4.71
N ALA D 311 50.19 152.88 4.66
CA ALA D 311 49.98 152.20 3.40
C ALA D 311 49.20 153.19 2.58
N ALA D 312 48.14 153.80 3.02
CA ALA D 312 47.50 154.72 2.15
C ALA D 312 48.47 155.84 1.75
N TRP D 313 49.42 156.25 2.60
CA TRP D 313 50.29 157.35 2.22
C TRP D 313 51.19 156.95 1.06
N GLY D 314 51.95 155.90 1.29
CA GLY D 314 52.91 155.42 0.34
C GLY D 314 53.98 156.49 0.04
N GLY D 315 54.07 157.51 0.90
CA GLY D 315 55.07 158.54 0.66
C GLY D 315 54.62 159.59 -0.35
N LYS D 316 53.34 159.69 -0.67
CA LYS D 316 52.89 160.64 -1.69
C LYS D 316 52.07 161.75 -1.12
N ALA D 317 52.55 162.98 -1.18
CA ALA D 317 51.77 164.07 -0.56
C ALA D 317 50.27 164.02 -0.87
N ALA D 318 50.07 163.63 -2.12
CA ALA D 318 48.77 163.51 -2.71
C ALA D 318 47.85 162.59 -1.92
N ASN D 319 48.35 161.70 -1.12
CA ASN D 319 47.47 160.82 -0.37
C ASN D 319 47.06 161.42 0.96
N LYS D 320 47.44 162.71 1.25
CA LYS D 320 47.15 163.20 2.58
C LYS D 320 45.83 162.63 3.18
N GLU D 321 44.73 162.87 2.51
CA GLU D 321 43.45 162.47 3.00
C GLU D 321 43.37 160.99 3.33
N ALA D 322 43.71 160.15 2.38
CA ALA D 322 43.50 158.74 2.76
C ALA D 322 44.25 158.40 4.06
N THR D 323 45.45 158.98 4.24
CA THR D 323 46.38 158.70 5.30
C THR D 323 45.65 159.12 6.51
N GLN D 324 45.11 160.35 6.40
CA GLN D 324 44.39 160.89 7.57
C GLN D 324 43.23 160.06 8.04
N GLU D 325 42.56 159.51 7.07
CA GLU D 325 41.25 158.87 7.23
C GLU D 325 41.46 157.59 7.99
N ALA D 326 42.57 156.94 7.74
CA ALA D 326 42.98 155.69 8.22
C ALA D 326 43.33 155.83 9.68
N PHE D 327 44.14 156.87 9.85
CA PHE D 327 44.56 156.95 11.23
C PHE D 327 43.30 157.33 12.05
N MET D 328 42.44 158.13 11.53
CA MET D 328 41.33 158.61 12.32
C MET D 328 40.45 157.40 12.66
N LYS D 329 40.29 156.52 11.66
CA LYS D 329 39.40 155.40 11.84
C LYS D 329 40.05 154.52 12.88
N ARG D 330 41.35 154.22 12.75
CA ARG D 330 41.91 153.34 13.78
C ARG D 330 41.73 154.02 15.11
N ALA D 331 41.94 155.35 15.12
CA ALA D 331 41.88 156.01 16.39
C ALA D 331 40.54 155.92 17.08
N MET D 332 39.47 156.14 16.39
CA MET D 332 38.12 155.99 16.87
C MET D 332 37.84 154.58 17.36
N ALA D 333 38.22 153.55 16.64
CA ALA D 333 38.00 152.17 16.91
C ALA D 333 38.62 151.83 18.25
N ASN D 334 39.83 152.36 18.46
CA ASN D 334 40.51 151.93 19.68
C ASN D 334 39.89 152.65 20.87
N CYS D 335 39.19 153.74 20.57
CA CYS D 335 38.54 154.51 21.65
C CYS D 335 37.28 153.79 22.20
N GLN D 336 36.62 153.13 21.25
CA GLN D 336 35.43 152.33 21.58
C GLN D 336 35.96 151.05 22.22
N ALA D 337 37.11 150.57 21.73
CA ALA D 337 37.57 149.30 22.32
C ALA D 337 37.84 149.70 23.76
N ALA D 338 38.45 150.85 23.92
CA ALA D 338 38.81 151.35 25.24
C ALA D 338 37.56 151.43 26.12
N LYS D 339 36.40 151.64 25.55
CA LYS D 339 35.20 151.66 26.37
C LYS D 339 34.36 150.36 26.28
N GLY D 340 34.92 149.33 25.72
CA GLY D 340 34.28 148.04 25.64
C GLY D 340 33.05 148.29 24.77
N GLN D 341 33.12 149.30 23.89
CA GLN D 341 32.01 149.59 22.98
C GLN D 341 32.35 149.24 21.54
N TYR D 342 33.48 148.58 21.22
CA TYR D 342 33.75 148.34 19.82
C TYR D 342 33.09 147.10 19.25
N VAL D 343 32.48 147.19 18.05
CA VAL D 343 31.88 146.00 17.48
C VAL D 343 32.50 145.79 16.09
N HIS D 344 32.93 144.59 15.76
CA HIS D 344 33.56 144.42 14.45
C HIS D 344 32.79 145.20 13.37
N THR D 345 33.51 146.29 13.11
CA THR D 345 33.42 147.48 12.31
C THR D 345 34.87 147.89 11.96
N GLY D 346 35.19 149.18 11.95
CA GLY D 346 36.54 149.69 11.69
C GLY D 346 37.17 149.07 10.45
N SER D 347 38.19 149.78 9.97
CA SER D 347 39.09 149.51 8.84
C SER D 347 39.13 148.03 8.41
N SER D 348 39.05 147.88 7.09
CA SER D 348 39.02 146.54 6.48
C SER D 348 39.40 146.68 4.98
N GLY D 349 40.61 146.20 4.87
CA GLY D 349 41.59 145.98 3.84
C GLY D 349 42.65 145.10 4.56
N ALA D 350 43.54 144.58 3.71
CA ALA D 350 44.58 143.72 4.27
C ALA D 350 45.43 144.39 5.34
N ALA D 351 45.67 145.70 5.31
CA ALA D 351 46.50 146.39 6.31
C ALA D 351 46.00 146.49 7.74
N SER D 352 44.69 146.29 7.94
CA SER D 352 44.06 146.29 9.26
C SER D 352 44.10 144.89 9.86
N THR D 353 44.15 143.96 8.90
CA THR D 353 44.25 142.53 9.22
C THR D 353 45.65 141.99 8.96
N GLN D 354 46.49 142.92 8.59
CA GLN D 354 47.87 142.93 8.32
C GLN D 354 48.68 141.87 9.04
N SER D 355 49.09 142.21 10.26
CA SER D 355 50.00 141.48 11.12
C SER D 355 51.39 142.12 10.95
N LEU D 356 52.00 142.52 12.07
CA LEU D 356 53.12 143.43 12.15
C LEU D 356 54.37 143.13 12.91
N ALA E 1 -52.55 61.33 31.88
CA ALA E 1 -52.48 62.44 30.84
C ALA E 1 -53.68 63.03 30.10
N HIS E 2 -53.75 64.22 29.59
CA HIS E 2 -54.33 65.33 28.90
C HIS E 2 -55.72 65.99 28.96
N ARG E 3 -56.13 67.15 29.52
CA ARG E 3 -57.41 67.90 29.45
C ARG E 3 -58.55 67.34 30.26
N PHE E 4 -58.03 66.72 31.30
CA PHE E 4 -58.98 66.02 32.17
C PHE E 4 -58.24 66.31 33.44
N PRO E 5 -58.46 67.55 33.78
CA PRO E 5 -57.89 68.14 34.99
C PRO E 5 -58.09 67.30 36.23
N ALA E 6 -57.03 67.31 37.06
CA ALA E 6 -57.21 66.41 38.22
C ALA E 6 -58.11 67.10 39.23
N LEU E 7 -57.88 68.39 39.36
CA LEU E 7 -58.65 69.03 40.45
C LEU E 7 -59.46 70.21 39.96
N THR E 8 -60.51 70.58 40.65
CA THR E 8 -61.26 71.82 40.38
C THR E 8 -60.55 72.99 41.09
N GLN E 9 -60.96 74.14 40.61
CA GLN E 9 -60.42 75.36 41.22
C GLN E 9 -60.74 75.22 42.73
N GLU E 10 -61.91 74.59 43.09
CA GLU E 10 -62.12 74.66 44.52
C GLU E 10 -61.21 73.76 45.28
N GLN E 11 -60.94 72.58 44.82
CA GLN E 11 -60.06 71.65 45.47
C GLN E 11 -58.69 72.28 45.55
N LYS E 12 -58.18 72.92 44.48
CA LYS E 12 -56.85 73.51 44.71
C LYS E 12 -56.85 74.63 45.71
N LYS E 13 -57.88 75.43 45.81
CA LYS E 13 -57.99 76.45 46.85
C LYS E 13 -57.82 75.91 48.27
N GLU E 14 -58.54 74.86 48.58
CA GLU E 14 -58.48 74.32 49.95
C GLU E 14 -57.14 73.72 50.19
N LEU E 15 -56.68 72.86 49.28
CA LEU E 15 -55.31 72.33 49.42
C LEU E 15 -54.30 73.47 49.47
N SER E 16 -54.33 74.48 48.63
CA SER E 16 -53.32 75.57 48.81
C SER E 16 -53.52 76.22 50.18
N GLU E 17 -54.75 76.43 50.67
CA GLU E 17 -54.91 77.05 51.97
C GLU E 17 -54.30 76.17 53.05
N ILE E 18 -54.48 74.86 52.97
CA ILE E 18 -54.04 73.98 54.09
C ILE E 18 -52.54 74.08 54.18
N ALA E 19 -51.87 73.72 53.12
CA ALA E 19 -50.45 73.72 53.03
C ALA E 19 -49.94 75.11 53.41
N GLN E 20 -50.43 76.18 52.83
CA GLN E 20 -49.88 77.46 53.33
C GLN E 20 -50.18 77.69 54.82
N SER E 21 -51.31 77.17 55.31
CA SER E 21 -51.51 77.52 56.75
C SER E 21 -50.50 76.85 57.68
N ILE E 22 -50.00 75.66 57.23
CA ILE E 22 -49.07 75.00 58.15
C ILE E 22 -47.78 75.78 58.28
N VAL E 23 -47.28 76.62 57.37
CA VAL E 23 -45.94 77.12 57.53
C VAL E 23 -45.99 78.66 57.57
N ALA E 24 -47.12 79.10 58.10
CA ALA E 24 -47.47 80.47 58.15
C ALA E 24 -46.60 81.33 59.00
N ASN E 25 -45.99 81.10 60.12
CA ASN E 25 -45.23 82.55 60.29
C ASN E 25 -44.05 82.07 61.08
N GLY E 26 -43.33 81.32 60.23
CA GLY E 26 -42.23 80.58 60.85
C GLY E 26 -42.80 79.41 61.62
N LYS E 27 -44.12 79.11 61.54
CA LYS E 27 -44.44 77.85 62.27
C LYS E 27 -43.85 76.66 61.47
N GLY E 28 -43.65 75.55 62.16
CA GLY E 28 -43.19 74.26 61.72
C GLY E 28 -44.24 73.18 62.03
N ILE E 29 -43.78 71.93 62.06
CA ILE E 29 -44.56 70.74 62.20
C ILE E 29 -43.93 69.76 63.17
N LEU E 30 -44.74 69.34 64.19
CA LEU E 30 -44.24 68.34 65.11
C LEU E 30 -44.47 66.97 64.40
N ALA E 31 -43.41 66.21 64.32
CA ALA E 31 -43.56 64.91 63.61
C ALA E 31 -43.70 63.89 64.71
N ALA E 32 -44.88 63.72 65.22
CA ALA E 32 -45.19 62.78 66.27
C ALA E 32 -45.75 61.50 65.63
N ASP E 33 -45.35 61.09 64.44
CA ASP E 33 -45.93 59.90 63.84
C ASP E 33 -45.03 58.66 64.01
N GLU E 34 -44.22 58.44 65.04
CA GLU E 34 -43.47 57.23 65.12
C GLU E 34 -44.44 56.07 65.29
N SER E 35 -44.09 55.06 64.50
CA SER E 35 -44.77 53.75 64.56
C SER E 35 -44.50 52.98 65.84
N VAL E 36 -45.23 51.86 66.07
CA VAL E 36 -45.02 51.21 67.37
C VAL E 36 -43.55 50.89 67.58
N GLY E 37 -42.96 50.29 66.56
CA GLY E 37 -41.57 49.94 66.57
C GLY E 37 -40.64 51.13 66.71
N THR E 38 -40.85 52.28 66.12
CA THR E 38 -39.89 53.38 66.24
C THR E 38 -40.08 54.12 67.57
N MET E 39 -41.34 54.04 68.02
CA MET E 39 -41.57 54.69 69.31
C MET E 39 -40.85 53.94 70.44
N GLY E 40 -40.90 52.60 70.18
CA GLY E 40 -40.23 51.64 71.03
C GLY E 40 -38.76 52.05 71.04
N ASN E 41 -38.19 52.39 69.90
CA ASN E 41 -36.78 52.79 69.94
C ASN E 41 -36.61 54.04 70.76
N ARG E 42 -37.54 54.97 70.58
CA ARG E 42 -37.36 56.21 71.36
C ARG E 42 -37.45 55.92 72.85
N LEU E 43 -38.48 55.14 73.25
CA LEU E 43 -38.66 54.89 74.67
C LEU E 43 -37.54 54.05 75.26
N GLN E 44 -36.86 53.26 74.43
CA GLN E 44 -35.81 52.46 75.01
C GLN E 44 -34.75 53.37 75.60
N ARG E 45 -34.42 54.38 74.79
CA ARG E 45 -33.41 55.34 75.19
C ARG E 45 -33.65 55.79 76.62
N ILE E 46 -34.90 55.99 76.96
CA ILE E 46 -35.15 56.51 78.31
C ILE E 46 -35.65 55.33 79.12
N LYS E 47 -35.13 54.16 78.72
CA LYS E 47 -35.52 52.91 79.42
C LYS E 47 -36.98 52.84 79.80
N VAL E 48 -37.92 53.18 78.91
CA VAL E 48 -39.34 53.11 79.11
C VAL E 48 -39.91 52.00 78.23
N GLU E 49 -40.83 51.27 78.87
CA GLU E 49 -41.38 50.06 78.25
C GLU E 49 -42.31 50.53 77.13
N ASN E 50 -42.08 49.84 76.00
CA ASN E 50 -42.82 50.29 74.81
C ASN E 50 -44.21 49.67 74.91
N THR E 51 -45.00 50.38 75.65
CA THR E 51 -46.39 49.98 75.84
C THR E 51 -47.38 50.96 75.20
N GLU E 52 -48.49 50.47 74.64
CA GLU E 52 -49.43 51.41 74.01
C GLU E 52 -49.69 52.53 75.05
N GLU E 53 -49.93 52.23 76.31
CA GLU E 53 -50.14 53.23 77.31
C GLU E 53 -49.01 54.24 77.55
N ASN E 54 -47.81 53.75 77.53
CA ASN E 54 -46.62 54.61 77.69
C ASN E 54 -46.58 55.59 76.52
N ARG E 55 -46.65 55.00 75.33
CA ARG E 55 -46.70 55.81 74.13
C ARG E 55 -47.82 56.81 74.33
N ARG E 56 -49.00 56.39 74.68
CA ARG E 56 -50.11 57.33 74.75
C ARG E 56 -49.83 58.46 75.69
N GLN E 57 -49.06 58.14 76.74
CA GLN E 57 -49.04 59.11 77.87
C GLN E 57 -48.12 60.25 77.55
N PHE E 58 -47.04 59.83 76.88
CA PHE E 58 -46.00 60.74 76.45
C PHE E 58 -46.64 61.75 75.51
N ARG E 59 -47.47 61.28 74.60
CA ARG E 59 -48.10 62.16 73.65
C ARG E 59 -49.09 63.09 74.23
N GLU E 60 -49.91 62.61 75.18
CA GLU E 60 -50.87 63.53 75.90
C GLU E 60 -50.10 64.71 76.48
N ILE E 61 -48.95 64.46 77.12
CA ILE E 61 -48.21 65.56 77.69
C ILE E 61 -47.89 66.61 76.62
N LEU E 62 -47.33 66.09 75.52
CA LEU E 62 -46.97 67.02 74.42
C LEU E 62 -48.25 67.69 73.92
N PHE E 63 -49.35 66.91 73.77
CA PHE E 63 -50.50 67.59 73.19
C PHE E 63 -51.21 68.44 74.20
N SER E 64 -50.99 68.24 75.48
CA SER E 64 -51.70 69.16 76.38
C SER E 64 -50.83 70.37 76.68
N VAL E 65 -49.77 70.70 75.98
CA VAL E 65 -49.16 71.97 76.49
C VAL E 65 -50.01 73.20 76.22
N ASP E 66 -49.50 74.29 76.77
CA ASP E 66 -50.19 75.57 76.70
C ASP E 66 -50.78 75.89 75.37
N SER E 67 -50.55 75.98 74.10
CA SER E 67 -51.70 76.44 73.26
C SER E 67 -51.06 77.68 72.68
N SER E 68 -50.07 78.16 73.41
CA SER E 68 -49.42 79.29 72.67
C SER E 68 -48.41 78.52 71.84
N ILE E 69 -48.49 77.22 72.02
CA ILE E 69 -47.73 76.24 71.24
C ILE E 69 -48.06 76.40 69.77
N ASN E 70 -49.23 77.01 69.48
CA ASN E 70 -49.61 77.22 68.04
C ASN E 70 -49.06 78.48 67.42
N GLN E 71 -48.03 78.97 68.02
CA GLN E 71 -47.41 80.22 67.62
C GLN E 71 -46.14 79.94 66.79
N SER E 72 -45.65 78.77 67.12
CA SER E 72 -44.60 77.90 66.75
C SER E 72 -44.94 76.58 66.01
N ILE E 73 -46.05 75.92 66.37
CA ILE E 73 -46.36 74.64 65.73
C ILE E 73 -47.53 74.75 64.83
N GLY E 74 -47.34 74.55 63.52
CA GLY E 74 -48.51 74.68 62.64
C GLY E 74 -49.30 73.37 62.42
N GLY E 75 -48.59 72.25 62.65
CA GLY E 75 -49.30 71.01 62.18
C GLY E 75 -48.53 69.97 63.02
N VAL E 76 -49.33 68.96 63.36
CA VAL E 76 -48.83 67.78 64.11
C VAL E 76 -49.11 66.50 63.23
N ILE E 77 -48.06 65.70 62.95
CA ILE E 77 -48.33 64.52 62.12
C ILE E 77 -48.68 63.45 63.14
N LEU E 78 -49.66 62.64 62.85
CA LEU E 78 -49.86 61.49 63.75
C LEU E 78 -49.75 60.15 62.99
N PHE E 79 -49.52 59.14 63.84
CA PHE E 79 -49.59 57.73 63.42
C PHE E 79 -51.01 57.18 63.71
N HIS E 80 -51.40 56.18 62.90
CA HIS E 80 -52.77 55.70 63.00
C HIS E 80 -53.36 55.60 64.38
N GLU E 81 -52.82 54.79 65.26
CA GLU E 81 -53.32 54.57 66.60
C GLU E 81 -53.58 55.91 67.29
N THR E 82 -52.55 56.77 67.26
CA THR E 82 -52.66 58.00 67.96
C THR E 82 -53.81 58.88 67.48
N LEU E 83 -54.18 58.69 66.19
CA LEU E 83 -55.31 59.55 65.76
C LEU E 83 -56.61 59.18 66.52
N TYR E 84 -56.66 57.97 67.06
CA TYR E 84 -57.97 57.65 67.74
C TYR E 84 -57.66 57.49 69.22
N GLN E 85 -56.51 57.86 69.79
CA GLN E 85 -56.37 57.82 71.23
C GLN E 85 -56.98 59.03 71.95
N LYS E 86 -57.09 58.88 73.26
CA LYS E 86 -57.68 59.99 74.08
C LYS E 86 -56.79 60.40 75.24
N ASP E 87 -57.05 61.57 75.79
CA ASP E 87 -56.24 62.01 76.94
C ASP E 87 -56.96 61.39 78.15
N SER E 88 -56.48 61.60 79.33
CA SER E 88 -57.21 61.27 80.54
C SER E 88 -58.29 62.25 80.97
N GLN E 89 -59.52 62.86 80.89
CA GLN E 89 -60.27 63.59 79.81
C GLN E 89 -61.46 62.86 78.88
N GLY E 90 -61.03 61.84 78.02
CA GLY E 90 -61.60 60.99 77.07
C GLY E 90 -61.85 61.90 75.85
N LYS E 91 -61.13 63.01 75.94
CA LYS E 91 -61.19 63.92 74.80
C LYS E 91 -60.20 63.37 73.80
N LEU E 92 -60.63 63.08 72.58
CA LEU E 92 -59.66 62.60 71.56
C LEU E 92 -58.54 63.60 71.29
N PHE E 93 -57.28 63.12 71.30
CA PHE E 93 -56.13 63.98 70.98
C PHE E 93 -56.37 64.86 69.75
N ARG E 94 -56.91 64.31 68.66
CA ARG E 94 -57.07 65.10 67.44
C ARG E 94 -58.00 66.23 67.72
N ASN E 95 -58.91 66.11 68.67
CA ASN E 95 -59.76 67.27 68.94
C ASN E 95 -59.07 68.28 69.81
N ILE E 96 -58.23 67.74 70.68
CA ILE E 96 -57.52 68.69 71.51
C ILE E 96 -56.67 69.54 70.58
N LEU E 97 -55.98 68.83 69.69
CA LEU E 97 -55.06 69.48 68.81
C LEU E 97 -55.71 70.51 67.92
N LYS E 98 -56.79 70.05 67.35
CA LYS E 98 -57.53 70.97 66.48
C LYS E 98 -58.06 72.19 67.18
N GLU E 99 -58.65 72.04 68.36
CA GLU E 99 -59.24 73.24 68.96
C GLU E 99 -58.18 74.27 69.29
N LYS E 100 -56.95 73.93 69.61
CA LYS E 100 -55.89 74.84 69.90
C LYS E 100 -55.39 75.59 68.64
N GLY E 101 -55.94 75.36 67.44
CA GLY E 101 -55.50 75.95 66.20
C GLY E 101 -54.47 75.08 65.52
N ILE E 102 -54.09 73.91 65.93
CA ILE E 102 -53.12 73.16 65.11
C ILE E 102 -53.75 72.30 64.01
N VAL E 103 -53.13 72.24 62.80
CA VAL E 103 -53.68 71.36 61.77
C VAL E 103 -53.24 69.92 62.03
N VAL E 104 -54.12 68.93 61.87
CA VAL E 104 -53.68 67.55 62.13
C VAL E 104 -53.48 66.76 60.83
N GLY E 105 -52.35 66.04 60.78
CA GLY E 105 -51.99 65.21 59.65
C GLY E 105 -51.81 63.74 60.06
N ILE E 106 -51.66 62.84 59.08
CA ILE E 106 -51.45 61.43 59.44
C ILE E 106 -50.37 60.79 58.58
N LYS E 107 -49.61 59.89 59.14
CA LYS E 107 -48.69 59.12 58.32
C LYS E 107 -49.48 58.16 57.42
N LEU E 108 -49.28 58.19 56.15
CA LEU E 108 -50.05 57.27 55.29
C LEU E 108 -49.25 56.15 54.65
N ASP E 109 -47.96 56.17 54.63
CA ASP E 109 -47.12 55.13 54.13
C ASP E 109 -47.16 53.98 55.13
N GLN E 110 -46.67 52.89 54.50
CA GLN E 110 -46.68 51.71 55.35
C GLN E 110 -45.37 50.98 55.55
N GLY E 111 -44.24 51.72 55.55
CA GLY E 111 -42.98 50.93 55.78
C GLY E 111 -42.36 50.50 54.47
N GLY E 112 -41.17 49.93 54.54
CA GLY E 112 -40.42 49.64 53.27
C GLY E 112 -40.69 48.21 52.75
N ALA E 113 -40.00 47.96 51.67
CA ALA E 113 -40.14 46.67 50.95
C ALA E 113 -38.93 46.63 49.99
N PRO E 114 -38.28 45.53 50.10
CA PRO E 114 -37.07 45.26 49.37
C PRO E 114 -37.24 45.37 47.88
N LEU E 115 -36.32 46.10 47.27
CA LEU E 115 -36.26 46.13 45.80
C LEU E 115 -35.29 45.02 45.35
N ALA E 116 -35.90 43.89 44.86
CA ALA E 116 -35.00 42.79 44.44
C ALA E 116 -33.99 43.23 43.43
N GLY E 117 -32.87 42.62 43.44
CA GLY E 117 -31.91 42.94 42.37
C GLY E 117 -31.17 44.24 42.75
N THR E 118 -31.11 44.54 44.06
CA THR E 118 -30.49 45.86 44.36
C THR E 118 -29.61 45.83 45.58
N ASN E 119 -28.68 46.73 45.86
CA ASN E 119 -27.84 46.59 47.03
C ASN E 119 -28.61 47.09 48.27
N LYS E 120 -29.64 46.35 48.61
CA LYS E 120 -30.50 46.46 49.74
C LYS E 120 -31.34 47.71 49.77
N GLU E 121 -31.73 48.28 48.68
CA GLU E 121 -32.66 49.40 48.53
C GLU E 121 -34.08 48.86 48.67
N THR E 122 -34.89 49.83 49.13
CA THR E 122 -36.32 49.56 49.28
C THR E 122 -37.21 50.53 48.50
N THR E 123 -38.51 50.17 48.44
CA THR E 123 -39.48 51.15 47.94
C THR E 123 -40.33 51.26 49.23
N ILE E 124 -41.52 51.78 49.12
CA ILE E 124 -42.46 51.95 50.21
C ILE E 124 -43.84 51.45 49.80
N GLN E 125 -44.53 50.81 50.74
CA GLN E 125 -45.86 50.31 50.61
C GLN E 125 -46.90 51.26 51.18
N GLY E 126 -48.16 50.96 50.81
CA GLY E 126 -49.30 51.69 51.43
C GLY E 126 -50.25 52.37 50.44
N LEU E 127 -50.02 52.14 49.13
CA LEU E 127 -50.92 52.71 48.16
C LEU E 127 -52.22 51.91 48.12
N ASP E 128 -52.16 50.67 48.55
CA ASP E 128 -53.49 49.94 48.35
C ASP E 128 -54.55 50.44 49.31
N GLY E 129 -55.71 50.92 48.81
CA GLY E 129 -56.81 51.39 49.61
C GLY E 129 -56.58 52.77 50.24
N LEU E 130 -55.45 53.39 49.88
CA LEU E 130 -55.13 54.70 50.42
C LEU E 130 -56.23 55.68 50.20
N SER E 131 -56.94 55.49 49.06
CA SER E 131 -57.93 56.57 48.80
C SER E 131 -59.02 56.57 49.91
N GLU E 132 -59.51 55.31 50.10
CA GLU E 132 -60.60 55.17 51.04
C GLU E 132 -60.02 55.51 52.42
N ARG E 133 -58.80 55.10 52.76
CA ARG E 133 -58.31 55.59 54.05
C ARG E 133 -58.33 57.16 54.06
N CYS E 134 -57.71 57.84 53.06
CA CYS E 134 -57.68 59.31 53.13
C CYS E 134 -59.04 59.94 53.32
N ALA E 135 -60.00 59.57 52.46
CA ALA E 135 -61.40 60.03 52.71
C ALA E 135 -61.92 59.89 54.16
N GLN E 136 -61.59 58.80 54.82
CA GLN E 136 -62.07 58.58 56.20
C GLN E 136 -61.29 59.49 57.13
N TYR E 137 -59.99 59.54 56.77
CA TYR E 137 -59.14 60.47 57.65
C TYR E 137 -59.54 61.94 57.65
N LYS E 138 -59.85 62.34 56.40
CA LYS E 138 -60.41 63.66 56.17
C LYS E 138 -61.65 63.76 57.07
N LYS E 139 -62.47 62.74 57.12
CA LYS E 139 -63.74 62.79 57.72
C LYS E 139 -63.42 62.89 59.24
N ASP E 140 -62.35 62.24 59.65
CA ASP E 140 -62.13 62.32 61.08
C ASP E 140 -61.23 63.49 61.46
N GLY E 141 -61.25 64.55 60.68
CA GLY E 141 -60.50 65.70 61.07
C GLY E 141 -59.12 65.95 60.48
N VAL E 142 -58.60 65.06 59.65
CA VAL E 142 -57.20 65.27 59.21
C VAL E 142 -57.16 66.05 57.91
N ASP E 143 -56.17 66.90 57.74
CA ASP E 143 -55.98 67.72 56.57
C ASP E 143 -54.70 67.46 55.78
N PHE E 144 -53.72 66.65 56.19
CA PHE E 144 -52.53 66.43 55.43
C PHE E 144 -51.98 65.05 55.76
N GLY E 145 -51.22 64.52 54.82
CA GLY E 145 -50.57 63.23 55.01
C GLY E 145 -49.07 63.42 54.82
N LYS E 146 -48.38 62.34 55.21
CA LYS E 146 -46.93 62.18 55.19
C LYS E 146 -46.57 60.80 54.67
N TRP E 147 -45.55 60.75 53.81
CA TRP E 147 -45.14 59.48 53.17
C TRP E 147 -43.66 59.70 53.01
N ARG E 148 -42.95 58.88 53.77
CA ARG E 148 -41.48 58.88 53.67
C ARG E 148 -40.91 57.68 52.88
N ALA E 149 -40.09 57.84 51.91
CA ALA E 149 -39.24 57.14 51.00
C ALA E 149 -37.82 57.26 51.54
N VAL E 150 -37.17 56.10 51.46
CA VAL E 150 -35.82 56.17 52.04
C VAL E 150 -34.74 55.91 50.99
N LEU E 151 -33.84 56.78 50.65
CA LEU E 151 -32.78 56.43 49.70
C LEU E 151 -31.43 56.43 50.38
N ARG E 152 -30.50 55.54 50.07
CA ARG E 152 -29.23 55.67 50.80
C ARG E 152 -28.05 55.83 49.85
N ILE E 153 -26.92 56.34 50.38
CA ILE E 153 -25.69 56.46 49.59
C ILE E 153 -24.76 55.27 49.93
N ALA E 154 -24.42 54.44 48.90
CA ALA E 154 -23.68 53.23 49.15
C ALA E 154 -23.07 52.51 47.95
N ASP E 155 -22.42 51.34 48.11
CA ASP E 155 -22.02 50.72 46.83
C ASP E 155 -23.30 50.58 45.96
N GLN E 156 -23.24 51.26 44.80
CA GLN E 156 -24.37 51.35 43.86
C GLN E 156 -25.72 51.78 44.39
N CYS E 157 -25.82 52.61 45.39
CA CYS E 157 -27.11 53.19 45.86
C CYS E 157 -26.84 54.69 45.84
N PRO E 158 -27.79 55.50 45.55
CA PRO E 158 -29.14 55.07 45.31
C PRO E 158 -29.21 54.68 43.88
N SER E 159 -30.00 53.66 43.58
CA SER E 159 -29.91 53.23 42.11
C SER E 159 -30.93 54.01 41.28
N SER E 160 -30.77 53.76 39.96
CA SER E 160 -31.82 54.44 39.16
C SER E 160 -33.11 53.68 39.37
N LEU E 161 -33.21 52.39 39.37
CA LEU E 161 -34.46 51.76 39.70
C LEU E 161 -34.95 52.20 41.08
N ALA E 162 -34.03 52.32 42.08
CA ALA E 162 -34.63 52.80 43.36
C ALA E 162 -35.10 54.24 43.33
N ILE E 163 -34.36 55.10 42.67
CA ILE E 163 -34.90 56.47 42.74
C ILE E 163 -36.25 56.50 42.10
N GLN E 164 -36.29 56.43 40.80
CA GLN E 164 -37.46 56.21 39.95
C GLN E 164 -38.60 55.52 40.72
N GLU E 165 -38.47 54.33 41.26
CA GLU E 165 -39.64 53.69 41.95
C GLU E 165 -40.10 54.42 43.20
N ASN E 166 -39.19 55.05 43.98
CA ASN E 166 -39.62 55.85 45.11
C ASN E 166 -40.30 57.12 44.63
N ALA E 167 -39.87 57.65 43.50
CA ALA E 167 -40.57 58.91 43.13
C ALA E 167 -41.96 58.60 42.73
N ASN E 168 -42.01 57.45 41.98
CA ASN E 168 -43.31 57.18 41.41
C ASN E 168 -44.30 56.91 42.50
N ALA E 169 -43.79 56.17 43.48
CA ALA E 169 -44.80 55.79 44.51
C ALA E 169 -45.25 57.12 45.17
N LEU E 170 -44.28 58.02 45.41
CA LEU E 170 -44.54 59.25 46.04
C LEU E 170 -45.56 60.03 45.27
N ALA E 171 -45.35 59.93 43.97
CA ALA E 171 -46.28 60.72 43.10
C ALA E 171 -47.62 60.00 43.18
N ARG E 172 -47.77 58.69 43.24
CA ARG E 172 -49.16 58.16 43.34
C ARG E 172 -49.88 58.65 44.59
N TYR E 173 -49.17 58.71 45.66
CA TYR E 173 -49.65 59.04 47.00
C TYR E 173 -50.06 60.48 47.02
N ALA E 174 -49.25 61.36 46.56
CA ALA E 174 -49.56 62.78 46.47
C ALA E 174 -50.87 62.92 45.70
N SER E 175 -50.96 62.34 44.51
CA SER E 175 -52.10 62.30 43.69
C SER E 175 -53.41 61.91 44.43
N ILE E 176 -53.33 60.85 45.23
CA ILE E 176 -54.48 60.25 45.82
C ILE E 176 -54.88 61.13 46.99
N CYS E 177 -53.82 61.61 47.69
CA CYS E 177 -54.22 62.58 48.73
C CYS E 177 -55.05 63.77 48.23
N GLN E 178 -54.71 64.32 47.09
CA GLN E 178 -55.28 65.55 46.54
C GLN E 178 -56.74 65.35 46.16
N GLN E 179 -56.95 64.14 45.69
CA GLN E 179 -58.31 63.75 45.33
C GLN E 179 -59.17 63.71 46.59
N ASN E 180 -58.66 63.54 47.79
CA ASN E 180 -59.37 63.44 49.05
C ASN E 180 -59.23 64.61 50.05
N GLY E 181 -58.66 65.69 49.50
CA GLY E 181 -58.48 66.97 50.11
C GLY E 181 -57.43 66.86 51.20
N LEU E 182 -56.45 65.96 51.09
CA LEU E 182 -55.44 66.04 52.17
C LEU E 182 -54.16 66.63 51.51
N VAL E 183 -53.30 67.40 52.15
CA VAL E 183 -52.16 67.99 51.53
C VAL E 183 -51.06 66.93 51.68
N PRO E 184 -50.44 66.42 50.67
CA PRO E 184 -49.44 65.39 50.83
C PRO E 184 -48.10 66.14 51.13
N ILE E 185 -47.42 65.63 52.17
CA ILE E 185 -46.11 65.98 52.56
C ILE E 185 -45.27 64.95 51.78
N VAL E 186 -44.37 65.29 50.90
CA VAL E 186 -43.54 64.40 50.09
C VAL E 186 -42.19 64.35 50.80
N GLU E 187 -41.85 63.23 51.40
CA GLU E 187 -40.53 63.13 52.08
C GLU E 187 -39.67 62.15 51.35
N PRO E 188 -38.79 62.58 50.48
CA PRO E 188 -37.86 61.65 49.83
C PRO E 188 -36.59 61.81 50.64
N GLU E 189 -36.42 61.06 51.76
CA GLU E 189 -35.25 61.30 52.56
C GLU E 189 -33.97 60.59 52.14
N VAL E 190 -32.95 61.39 51.86
CA VAL E 190 -31.64 60.77 51.62
C VAL E 190 -31.00 60.55 53.00
N ILE E 191 -30.85 59.30 53.48
CA ILE E 191 -30.29 59.10 54.78
C ILE E 191 -28.76 59.30 54.80
N PRO E 192 -28.27 59.56 56.02
CA PRO E 192 -26.92 60.04 56.24
C PRO E 192 -25.93 58.94 56.51
N ASP E 193 -26.45 57.75 56.72
CA ASP E 193 -25.51 56.65 56.97
C ASP E 193 -24.47 56.67 55.85
N GLY E 194 -23.31 56.19 56.31
CA GLY E 194 -22.18 56.20 55.45
C GLY E 194 -21.14 57.32 55.77
N ASP E 195 -20.00 57.11 55.17
CA ASP E 195 -18.79 57.86 55.12
C ASP E 195 -18.77 59.13 54.27
N HIS E 196 -19.52 59.19 53.15
CA HIS E 196 -19.38 60.31 52.21
C HIS E 196 -19.34 61.72 52.84
N ASP E 197 -19.04 62.63 51.95
CA ASP E 197 -18.95 64.01 52.38
C ASP E 197 -20.16 64.82 52.01
N LEU E 198 -20.16 66.12 52.17
CA LEU E 198 -21.22 67.04 51.92
C LEU E 198 -21.54 67.04 50.45
N GLU E 199 -20.55 67.36 49.65
CA GLU E 199 -20.67 67.53 48.20
C GLU E 199 -21.30 66.31 47.54
N HIS E 200 -21.12 65.15 48.11
CA HIS E 200 -21.68 63.94 47.58
C HIS E 200 -23.18 63.83 47.88
N CYS E 201 -23.45 64.24 49.12
CA CYS E 201 -24.85 64.23 49.51
C CYS E 201 -25.52 65.21 48.57
N GLN E 202 -24.82 66.30 48.33
CA GLN E 202 -25.50 67.40 47.58
C GLN E 202 -25.88 66.96 46.20
N TYR E 203 -24.94 66.25 45.57
CA TYR E 203 -25.22 65.68 44.25
C TYR E 203 -26.33 64.63 44.29
N VAL E 204 -26.34 63.68 45.21
CA VAL E 204 -27.49 62.75 45.28
C VAL E 204 -28.81 63.42 45.52
N THR E 205 -28.76 64.36 46.46
CA THR E 205 -30.01 65.03 46.82
C THR E 205 -30.51 65.73 45.57
N GLU E 206 -29.70 66.45 44.83
CA GLU E 206 -30.28 67.07 43.64
C GLU E 206 -30.77 65.98 42.69
N LYS E 207 -30.10 64.84 42.50
CA LYS E 207 -30.68 63.83 41.62
C LYS E 207 -32.03 63.37 42.11
N VAL E 208 -32.20 62.96 43.34
CA VAL E 208 -33.51 62.50 43.86
C VAL E 208 -34.57 63.57 43.73
N LEU E 209 -34.33 64.88 44.01
CA LEU E 209 -35.46 65.80 43.92
C LEU E 209 -35.93 66.05 42.50
N ALA E 210 -34.96 66.14 41.58
CA ALA E 210 -35.18 66.24 40.13
C ALA E 210 -36.12 65.11 39.75
N ALA E 211 -35.79 63.89 40.13
CA ALA E 211 -36.78 62.84 39.72
C ALA E 211 -38.17 62.96 40.41
N VAL E 212 -38.10 63.38 41.64
CA VAL E 212 -39.31 63.52 42.45
C VAL E 212 -40.21 64.49 41.74
N TYR E 213 -39.74 65.63 41.30
CA TYR E 213 -40.66 66.61 40.69
C TYR E 213 -41.15 66.23 39.34
N LYS E 214 -40.21 65.65 38.56
CA LYS E 214 -40.51 65.19 37.24
C LYS E 214 -41.57 64.10 37.44
N ALA E 215 -41.49 63.23 38.38
CA ALA E 215 -42.62 62.27 38.62
C ALA E 215 -43.86 62.96 39.08
N LEU E 216 -43.73 64.00 39.98
CA LEU E 216 -45.01 64.60 40.43
C LEU E 216 -45.72 65.28 39.27
N ASN E 217 -44.87 65.89 38.44
CA ASN E 217 -45.48 66.52 37.23
C ASN E 217 -46.09 65.47 36.33
N ASP E 218 -45.57 64.28 36.12
CA ASP E 218 -46.25 63.31 35.24
C ASP E 218 -47.57 62.87 35.85
N HIS E 219 -47.66 62.70 37.16
CA HIS E 219 -48.91 62.30 37.79
C HIS E 219 -49.86 63.46 37.97
N HIS E 220 -49.57 64.56 37.27
CA HIS E 220 -50.43 65.72 37.43
C HIS E 220 -50.56 66.21 38.92
N VAL E 221 -49.60 66.04 39.84
CA VAL E 221 -49.83 66.56 41.18
C VAL E 221 -49.85 68.08 41.36
N TYR E 222 -50.67 68.68 42.23
CA TYR E 222 -50.81 70.14 42.25
C TYR E 222 -49.83 70.74 43.24
N LEU E 223 -48.74 71.29 42.72
CA LEU E 223 -47.63 71.63 43.58
C LEU E 223 -47.99 72.53 44.75
N GLU E 224 -48.69 73.55 44.40
CA GLU E 224 -49.11 74.58 45.36
C GLU E 224 -49.84 73.98 46.55
N GLY E 225 -50.26 72.73 46.48
CA GLY E 225 -50.97 72.02 47.43
C GLY E 225 -50.24 70.83 48.07
N THR E 226 -48.94 70.92 48.22
CA THR E 226 -48.01 69.88 48.65
C THR E 226 -47.01 70.50 49.61
N LEU E 227 -46.19 69.79 50.32
CA LEU E 227 -45.20 70.38 51.18
C LEU E 227 -44.06 69.34 51.03
N LEU E 228 -42.82 69.73 50.98
CA LEU E 228 -41.70 68.88 50.74
C LEU E 228 -41.04 68.77 52.10
N LYS E 229 -40.56 67.59 52.41
CA LYS E 229 -39.88 67.34 53.63
C LYS E 229 -38.65 66.57 53.28
N PRO E 230 -37.63 67.28 52.79
CA PRO E 230 -36.39 66.57 52.43
C PRO E 230 -35.35 66.57 53.59
N ASN E 231 -34.26 65.78 53.31
CA ASN E 231 -33.14 65.82 54.21
C ASN E 231 -32.24 67.04 54.01
N MET E 232 -31.62 67.60 55.06
CA MET E 232 -30.74 68.75 54.78
C MET E 232 -29.59 68.14 53.97
N VAL E 233 -28.74 68.92 53.33
CA VAL E 233 -27.59 68.36 52.64
C VAL E 233 -26.48 68.57 53.66
N THR E 234 -25.87 67.55 54.19
CA THR E 234 -24.89 67.34 55.20
C THR E 234 -24.02 66.09 54.88
N ALA E 235 -22.86 66.06 55.52
CA ALA E 235 -22.00 64.90 55.24
C ALA E 235 -22.54 63.67 55.94
N GLY E 236 -22.08 62.53 55.48
CA GLY E 236 -22.61 61.29 56.11
C GLY E 236 -22.12 61.22 57.56
N HIS E 237 -22.81 60.36 58.29
CA HIS E 237 -22.56 60.15 59.69
C HIS E 237 -21.10 59.83 59.95
N ALA E 238 -20.63 58.95 59.09
CA ALA E 238 -19.28 58.46 59.31
C ALA E 238 -18.30 59.42 58.66
N CYS E 239 -18.67 60.55 58.08
CA CYS E 239 -17.54 61.33 57.53
C CYS E 239 -16.78 62.11 58.60
N THR E 240 -15.46 62.13 58.48
CA THR E 240 -14.67 62.84 59.51
C THR E 240 -14.61 64.34 59.36
N LYS E 241 -14.82 64.82 58.14
CA LYS E 241 -14.79 66.28 57.98
C LYS E 241 -15.94 66.84 58.79
N LYS E 242 -15.60 67.99 59.35
CA LYS E 242 -16.51 68.83 60.12
C LYS E 242 -17.12 69.94 59.28
N TYR E 243 -18.41 70.17 59.39
CA TYR E 243 -18.86 71.27 58.57
C TYR E 243 -19.51 72.31 59.49
N THR E 244 -19.90 73.42 58.86
CA THR E 244 -20.60 74.47 59.54
C THR E 244 -22.07 74.57 59.21
N PRO E 245 -22.91 75.13 60.08
CA PRO E 245 -24.30 75.40 59.76
C PRO E 245 -24.35 76.08 58.41
N GLU E 246 -23.49 77.06 58.28
CA GLU E 246 -23.35 77.90 57.14
C GLU E 246 -23.02 77.13 55.86
N GLN E 247 -22.14 76.16 55.95
CA GLN E 247 -21.79 75.30 54.84
C GLN E 247 -22.91 74.30 54.54
N VAL E 248 -23.59 73.78 55.55
CA VAL E 248 -24.71 72.90 55.35
C VAL E 248 -25.80 73.69 54.61
N ALA E 249 -25.76 74.97 55.03
CA ALA E 249 -26.92 75.78 54.64
C ALA E 249 -26.82 76.00 53.16
N MET E 250 -25.57 76.25 52.72
CA MET E 250 -25.52 76.65 51.30
C MET E 250 -25.66 75.42 50.40
N ALA E 251 -25.10 74.32 50.84
CA ALA E 251 -25.12 73.10 50.07
C ALA E 251 -26.60 72.68 49.97
N THR E 252 -27.39 73.00 51.03
CA THR E 252 -28.79 72.52 51.06
C THR E 252 -29.70 73.39 50.20
N VAL E 253 -29.52 74.71 50.33
CA VAL E 253 -30.35 75.65 49.58
C VAL E 253 -29.82 75.62 48.14
N THR E 254 -28.53 75.34 48.00
CA THR E 254 -28.16 75.29 46.55
C THR E 254 -28.86 74.11 45.87
N ALA E 255 -28.83 72.96 46.47
CA ALA E 255 -29.57 71.82 45.88
C ALA E 255 -31.05 72.14 45.69
N LEU E 256 -31.69 72.81 46.71
CA LEU E 256 -33.18 72.89 46.51
C LEU E 256 -33.66 73.85 45.45
N HIS E 257 -32.84 74.92 45.29
CA HIS E 257 -33.26 76.03 44.45
C HIS E 257 -33.01 75.60 43.02
N ARG E 258 -32.15 74.57 42.92
CA ARG E 258 -32.09 73.95 41.58
C ARG E 258 -33.24 73.03 41.28
N THR E 259 -33.89 72.42 42.28
CA THR E 259 -34.84 71.37 41.85
C THR E 259 -36.26 71.50 42.27
N VAL E 260 -36.47 72.23 43.35
CA VAL E 260 -37.85 72.40 43.93
C VAL E 260 -38.50 73.62 43.40
N PRO E 261 -39.56 73.40 42.66
CA PRO E 261 -40.31 74.49 42.06
C PRO E 261 -40.82 75.45 43.11
N ALA E 262 -40.86 76.71 42.77
CA ALA E 262 -41.36 77.80 43.58
C ALA E 262 -42.81 77.65 43.93
N ALA E 263 -43.45 76.67 43.30
CA ALA E 263 -44.90 76.53 43.54
C ALA E 263 -45.05 75.87 44.87
N VAL E 264 -44.18 74.98 45.25
CA VAL E 264 -44.28 74.28 46.53
C VAL E 264 -44.18 75.32 47.59
N PRO E 265 -45.18 75.53 48.45
CA PRO E 265 -45.29 76.75 49.27
C PRO E 265 -44.41 76.66 50.46
N GLY E 266 -43.95 75.42 50.74
CA GLY E 266 -43.14 75.42 52.01
C GLY E 266 -42.30 74.18 52.02
N ILE E 267 -41.15 74.28 52.64
CA ILE E 267 -40.31 73.07 52.68
C ILE E 267 -39.81 72.84 54.09
N CYS E 268 -40.23 71.76 54.70
CA CYS E 268 -39.99 71.48 56.09
C CYS E 268 -39.07 70.27 56.29
N PHE E 269 -37.91 70.63 56.83
CA PHE E 269 -36.89 69.63 56.97
C PHE E 269 -37.08 68.59 58.06
N LEU E 270 -36.60 67.38 57.64
CA LEU E 270 -36.46 66.30 58.59
C LEU E 270 -35.18 66.52 59.40
N SER E 271 -35.03 66.03 60.60
CA SER E 271 -33.75 66.41 61.27
C SER E 271 -32.94 65.16 61.27
N GLY E 272 -33.55 64.04 61.14
CA GLY E 272 -32.85 62.80 61.04
C GLY E 272 -31.60 62.64 61.88
N GLY E 273 -31.70 62.58 63.25
CA GLY E 273 -30.44 62.36 63.94
C GLY E 273 -29.51 63.52 64.24
N MET E 274 -29.82 64.72 63.83
CA MET E 274 -28.93 65.85 64.16
C MET E 274 -29.33 66.12 65.62
N SER E 275 -28.50 66.71 66.45
CA SER E 275 -28.93 67.03 67.83
C SER E 275 -30.08 68.02 67.70
N GLU E 276 -30.80 68.14 68.80
CA GLU E 276 -31.84 69.18 68.72
C GLU E 276 -31.11 70.52 68.44
N GLU E 277 -29.98 70.73 69.11
CA GLU E 277 -29.41 72.07 68.83
C GLU E 277 -28.89 72.13 67.41
N ASP E 278 -28.22 71.15 66.83
CA ASP E 278 -27.79 71.38 65.41
C ASP E 278 -28.94 71.49 64.39
N ALA E 279 -30.11 70.90 64.82
CA ALA E 279 -31.24 71.02 63.92
C ALA E 279 -31.73 72.47 63.79
N THR E 280 -31.77 73.12 64.96
CA THR E 280 -32.14 74.55 64.98
C THR E 280 -31.00 75.31 64.36
N LEU E 281 -29.75 75.09 64.76
CA LEU E 281 -28.68 75.86 64.11
C LEU E 281 -28.69 75.78 62.59
N ASN E 282 -29.03 74.59 62.01
CA ASN E 282 -28.83 74.56 60.55
C ASN E 282 -30.01 75.25 59.88
N LEU E 283 -31.18 74.96 60.51
CA LEU E 283 -32.39 75.55 59.84
C LEU E 283 -32.29 77.07 59.85
N ASN E 284 -31.64 77.62 60.87
CA ASN E 284 -31.54 79.08 60.97
C ASN E 284 -30.55 79.55 59.92
N ALA E 285 -29.45 78.83 59.82
CA ALA E 285 -28.51 79.21 58.70
C ALA E 285 -29.21 79.10 57.34
N ILE E 286 -29.90 77.96 57.05
CA ILE E 286 -30.63 77.89 55.80
C ILE E 286 -31.45 79.12 55.49
N ASN E 287 -32.18 79.69 56.43
CA ASN E 287 -33.04 80.86 56.15
C ASN E 287 -32.15 82.06 56.03
N LEU E 288 -30.89 82.06 56.33
CA LEU E 288 -30.20 83.35 56.07
C LEU E 288 -29.35 83.19 54.81
N CYS E 289 -29.26 82.01 54.23
CA CYS E 289 -28.43 81.82 53.06
C CYS E 289 -28.71 82.78 51.93
N PRO E 290 -27.70 83.41 51.39
CA PRO E 290 -27.83 84.40 50.35
C PRO E 290 -28.05 83.74 48.99
N LEU E 291 -29.20 83.07 48.85
CA LEU E 291 -29.65 82.42 47.62
C LEU E 291 -31.15 82.72 47.49
N PRO E 292 -31.67 82.63 46.28
CA PRO E 292 -33.10 82.72 46.02
C PRO E 292 -33.83 81.56 46.81
N LYS E 293 -34.84 81.98 47.62
CA LYS E 293 -35.58 80.99 48.37
C LYS E 293 -37.08 81.22 48.18
N PRO E 294 -37.68 80.94 47.04
CA PRO E 294 -39.05 81.24 46.76
C PRO E 294 -40.00 80.58 47.79
N TRP E 295 -39.57 79.65 48.66
CA TRP E 295 -40.49 79.01 49.54
C TRP E 295 -40.25 79.26 51.01
N LYS E 296 -41.28 78.96 51.84
CA LYS E 296 -40.96 78.92 53.25
C LYS E 296 -39.95 77.80 53.49
N LEU E 297 -39.04 77.92 54.40
CA LEU E 297 -38.09 76.93 54.85
C LEU E 297 -38.27 76.83 56.37
N SER E 298 -39.01 75.78 56.72
CA SER E 298 -39.22 75.41 58.09
C SER E 298 -38.68 74.07 58.55
N PHE E 299 -39.36 73.46 59.56
CA PHE E 299 -39.04 72.17 60.15
C PHE E 299 -40.26 71.26 60.32
N SER E 300 -40.08 69.96 60.23
CA SER E 300 -41.03 68.88 60.43
C SER E 300 -40.13 67.83 61.14
N TYR E 301 -39.88 68.23 62.40
CA TYR E 301 -39.00 67.55 63.31
C TYR E 301 -39.72 66.58 64.25
N GLY E 302 -39.03 65.43 64.27
CA GLY E 302 -39.41 64.34 65.13
C GLY E 302 -38.54 64.40 66.38
N ARG E 303 -37.37 63.75 66.23
CA ARG E 303 -36.50 63.70 67.42
C ARG E 303 -36.13 65.08 67.91
N ALA E 304 -35.83 65.98 66.97
CA ALA E 304 -35.24 67.31 67.34
C ALA E 304 -36.24 68.13 68.14
N LEU E 305 -37.47 67.66 68.32
CA LEU E 305 -38.38 68.46 69.08
C LEU E 305 -38.74 67.62 70.29
N GLN E 306 -38.44 66.35 70.28
CA GLN E 306 -38.87 65.56 71.47
C GLN E 306 -37.84 64.96 72.41
N ALA E 307 -36.59 64.96 71.96
CA ALA E 307 -35.55 64.30 72.73
C ALA E 307 -35.54 64.84 74.16
N SER E 308 -35.28 66.14 74.30
CA SER E 308 -35.01 66.60 75.66
C SER E 308 -36.29 66.32 76.45
N ALA E 309 -37.47 66.45 75.83
CA ALA E 309 -38.69 66.15 76.54
C ALA E 309 -38.78 64.69 77.01
N LEU E 310 -38.23 63.80 76.23
CA LEU E 310 -38.39 62.40 76.58
C LEU E 310 -37.55 62.07 77.81
N ALA E 311 -36.42 62.72 77.78
CA ALA E 311 -35.42 62.66 78.86
C ALA E 311 -35.96 63.23 80.16
N ALA E 312 -36.54 64.38 80.11
CA ALA E 312 -37.12 65.00 81.30
C ALA E 312 -38.26 64.08 81.77
N TRP E 313 -39.13 63.61 80.90
CA TRP E 313 -40.25 62.74 81.31
C TRP E 313 -39.78 61.48 82.05
N GLY E 314 -39.05 60.67 81.27
CA GLY E 314 -38.48 59.44 81.82
C GLY E 314 -39.58 58.48 82.21
N GLY E 315 -40.77 58.66 81.65
CA GLY E 315 -41.83 57.68 81.95
C GLY E 315 -42.53 58.14 83.22
N LYS E 316 -42.21 59.27 83.81
CA LYS E 316 -42.86 59.66 85.05
C LYS E 316 -43.83 60.78 84.80
N ALA E 317 -45.07 60.53 85.22
CA ALA E 317 -46.11 61.55 85.07
C ALA E 317 -45.82 62.84 85.86
N ALA E 318 -45.13 62.72 86.97
CA ALA E 318 -44.79 63.85 87.80
C ALA E 318 -43.90 64.79 86.97
N ASN E 319 -43.23 64.17 85.98
CA ASN E 319 -42.34 64.97 85.15
C ASN E 319 -43.11 65.78 84.13
N LYS E 320 -44.46 65.75 84.19
CA LYS E 320 -45.16 66.49 83.14
C LYS E 320 -44.52 67.84 82.84
N GLU E 321 -44.56 68.82 83.72
CA GLU E 321 -44.06 70.16 83.55
C GLU E 321 -42.73 70.37 82.82
N ALA E 322 -41.73 69.59 83.20
CA ALA E 322 -40.43 69.52 82.66
C ALA E 322 -40.48 69.00 81.20
N THR E 323 -41.34 68.00 81.04
CA THR E 323 -41.33 67.37 79.69
C THR E 323 -41.90 68.47 78.78
N GLN E 324 -42.92 69.14 79.41
CA GLN E 324 -43.58 70.15 78.59
C GLN E 324 -42.69 71.32 78.30
N GLU E 325 -41.85 71.61 79.25
CA GLU E 325 -41.07 72.86 79.16
C GLU E 325 -40.13 72.69 77.99
N ALA E 326 -39.47 71.54 77.98
CA ALA E 326 -38.53 71.09 76.96
C ALA E 326 -39.10 71.04 75.55
N PHE E 327 -40.23 70.35 75.46
CA PHE E 327 -40.83 70.37 74.11
C PHE E 327 -41.09 71.81 73.72
N MET E 328 -41.73 72.57 74.58
CA MET E 328 -42.05 73.93 74.18
C MET E 328 -40.86 74.80 73.77
N LYS E 329 -39.68 74.49 74.30
CA LYS E 329 -38.58 75.42 74.07
C LYS E 329 -37.85 75.11 72.79
N ARG E 330 -37.86 73.81 72.45
CA ARG E 330 -37.34 73.40 71.14
C ARG E 330 -38.40 73.87 70.14
N ALA E 331 -39.66 73.93 70.55
CA ALA E 331 -40.62 74.47 69.60
C ALA E 331 -40.30 75.90 69.30
N MET E 332 -40.16 76.81 70.22
CA MET E 332 -39.95 78.23 70.00
C MET E 332 -38.69 78.55 69.22
N ALA E 333 -37.68 77.78 69.66
CA ALA E 333 -36.40 77.87 68.98
C ALA E 333 -36.50 77.60 67.46
N ASN E 334 -37.20 76.51 67.09
CA ASN E 334 -37.20 76.12 65.68
C ASN E 334 -38.04 77.08 64.89
N CYS E 335 -39.05 77.67 65.49
CA CYS E 335 -39.84 78.75 64.89
C CYS E 335 -38.95 79.98 64.69
N GLN E 336 -37.99 80.19 65.63
CA GLN E 336 -37.21 81.38 65.38
C GLN E 336 -36.30 81.10 64.18
N ALA E 337 -35.78 79.89 64.34
CA ALA E 337 -34.82 79.36 63.34
C ALA E 337 -35.48 79.36 61.98
N ALA E 338 -36.74 79.07 61.82
CA ALA E 338 -37.49 79.12 60.57
C ALA E 338 -37.59 80.54 60.08
N LYS E 339 -37.09 81.49 60.87
CA LYS E 339 -37.33 82.89 60.56
C LYS E 339 -35.99 83.56 60.36
N GLY E 340 -35.00 82.71 60.62
CA GLY E 340 -33.62 83.22 60.50
C GLY E 340 -33.35 84.17 61.63
N GLN E 341 -34.15 83.99 62.69
CA GLN E 341 -33.95 84.83 63.88
C GLN E 341 -33.38 84.02 65.04
N TYR E 342 -32.98 82.75 64.85
CA TYR E 342 -32.48 82.01 66.00
C TYR E 342 -31.13 82.58 66.32
N VAL E 343 -30.98 82.87 67.63
CA VAL E 343 -29.61 83.13 68.05
C VAL E 343 -29.08 82.04 68.95
N HIS E 344 -29.11 81.98 70.26
CA HIS E 344 -28.41 80.77 70.72
C HIS E 344 -28.35 80.42 72.19
N THR E 345 -29.01 79.33 72.43
CA THR E 345 -29.41 78.33 73.30
C THR E 345 -30.94 78.16 73.52
N GLY E 346 -31.44 76.98 73.10
CA GLY E 346 -32.85 76.68 73.30
C GLY E 346 -33.19 76.75 74.80
N SER E 347 -32.55 75.99 75.64
CA SER E 347 -32.42 75.69 77.02
C SER E 347 -31.30 74.58 77.07
N SER E 348 -31.68 73.78 76.04
CA SER E 348 -30.93 72.56 75.93
C SER E 348 -29.59 72.92 75.27
N GLY E 349 -28.75 72.17 75.96
CA GLY E 349 -27.35 71.86 75.77
C GLY E 349 -27.51 70.34 76.14
N ALA E 350 -26.69 69.97 77.10
CA ALA E 350 -26.80 68.62 77.65
C ALA E 350 -27.38 67.53 76.75
N ALA E 351 -28.73 67.53 76.77
CA ALA E 351 -29.48 66.48 76.12
C ALA E 351 -29.91 66.81 74.70
N SER E 352 -28.91 67.31 73.97
CA SER E 352 -29.05 67.38 72.55
C SER E 352 -28.39 68.54 71.84
N THR E 353 -27.14 68.26 72.01
CA THR E 353 -25.81 68.60 71.61
C THR E 353 -25.20 67.20 71.35
N GLN E 354 -26.04 66.27 71.82
CA GLN E 354 -26.02 64.84 71.70
C GLN E 354 -27.01 64.44 70.59
N PHE F 4 -25.43 42.66 42.35
CA PHE F 4 -26.32 42.14 43.38
C PHE F 4 -27.54 41.37 42.86
N PRO F 5 -27.37 40.21 42.28
CA PRO F 5 -28.40 39.42 41.59
C PRO F 5 -29.68 39.18 42.27
N ALA F 6 -30.77 39.38 41.52
CA ALA F 6 -31.97 39.06 42.35
C ALA F 6 -32.15 37.62 42.70
N LEU F 7 -31.62 36.75 41.85
CA LEU F 7 -31.93 35.31 42.10
C LEU F 7 -30.74 34.37 41.96
N THR F 8 -30.80 33.25 42.67
CA THR F 8 -29.78 32.21 42.55
C THR F 8 -30.16 31.30 41.37
N GLN F 9 -29.12 30.58 40.94
CA GLN F 9 -29.37 29.66 39.80
C GLN F 9 -30.41 28.69 40.26
N GLU F 10 -30.36 28.27 41.49
CA GLU F 10 -31.44 27.38 41.95
C GLU F 10 -32.78 28.06 41.93
N GLN F 11 -33.02 29.31 42.21
CA GLN F 11 -34.42 29.78 42.13
C GLN F 11 -34.88 29.91 40.70
N LYS F 12 -33.93 30.29 39.85
CA LYS F 12 -34.25 30.37 38.43
C LYS F 12 -34.66 29.03 37.82
N LYS F 13 -34.03 27.94 38.11
CA LYS F 13 -34.36 26.63 37.50
C LYS F 13 -35.76 26.25 38.02
N GLU F 14 -36.05 26.65 39.29
CA GLU F 14 -37.42 26.39 39.72
C GLU F 14 -38.39 27.17 38.84
N LEU F 15 -38.19 28.50 38.82
CA LEU F 15 -39.22 29.30 38.08
C LEU F 15 -39.32 28.84 36.65
N SER F 16 -38.22 28.67 35.96
CA SER F 16 -38.19 28.12 34.62
C SER F 16 -38.97 26.82 34.53
N GLU F 17 -38.60 25.90 35.40
CA GLU F 17 -39.34 24.64 35.34
C GLU F 17 -40.81 24.88 35.53
N ILE F 18 -41.21 25.57 36.59
CA ILE F 18 -42.64 25.78 36.77
C ILE F 18 -43.18 26.34 35.46
N ALA F 19 -42.60 27.38 34.90
CA ALA F 19 -43.25 28.12 33.81
C ALA F 19 -43.41 27.26 32.60
N GLN F 20 -42.37 26.52 32.24
CA GLN F 20 -42.45 25.63 31.11
C GLN F 20 -43.39 24.47 31.33
N SER F 21 -43.61 23.98 32.54
CA SER F 21 -44.50 22.82 32.72
C SER F 21 -45.94 23.18 32.47
N ILE F 22 -46.24 24.51 32.47
CA ILE F 22 -47.65 24.92 32.38
C ILE F 22 -48.02 24.82 30.90
N VAL F 23 -47.16 25.31 29.99
CA VAL F 23 -47.55 25.35 28.59
C VAL F 23 -46.88 24.17 27.87
N ALA F 24 -46.44 23.20 28.64
CA ALA F 24 -45.74 22.09 28.01
C ALA F 24 -46.45 21.31 26.91
N ASN F 25 -47.72 21.03 26.70
CA ASN F 25 -47.56 20.25 25.35
C ASN F 25 -48.87 20.53 24.60
N GLY F 26 -48.93 21.79 24.24
CA GLY F 26 -50.11 22.45 23.74
C GLY F 26 -50.91 22.79 25.06
N LYS F 27 -50.35 22.42 26.20
CA LYS F 27 -51.33 22.64 27.27
C LYS F 27 -51.52 24.16 27.46
N GLY F 28 -52.67 24.42 28.06
CA GLY F 28 -52.89 25.83 28.45
C GLY F 28 -53.45 25.94 29.86
N ILE F 29 -54.07 27.06 30.22
CA ILE F 29 -54.52 27.46 31.53
C ILE F 29 -56.01 27.81 31.53
N LEU F 30 -56.72 27.35 32.50
CA LEU F 30 -58.08 27.63 32.82
C LEU F 30 -58.01 28.81 33.81
N ALA F 31 -58.64 29.89 33.49
CA ALA F 31 -58.55 31.06 34.35
C ALA F 31 -59.89 31.11 35.08
N ALA F 32 -60.00 30.45 36.22
CA ALA F 32 -61.25 30.49 36.92
C ALA F 32 -61.20 31.43 38.13
N ASP F 33 -60.33 32.42 37.92
CA ASP F 33 -60.02 33.29 39.03
C ASP F 33 -60.94 34.49 39.03
N GLU F 34 -62.15 34.46 38.49
CA GLU F 34 -63.02 35.61 38.62
C GLU F 34 -63.30 35.97 40.09
N SER F 35 -63.34 37.25 40.34
CA SER F 35 -63.65 37.72 41.69
C SER F 35 -65.16 37.58 42.00
N VAL F 36 -65.49 38.02 43.22
CA VAL F 36 -66.88 37.82 43.67
C VAL F 36 -67.82 38.59 42.72
N GLY F 37 -67.28 39.76 42.42
CA GLY F 37 -68.02 40.61 41.51
C GLY F 37 -68.13 40.06 40.11
N THR F 38 -67.07 39.65 39.46
CA THR F 38 -67.23 39.29 38.08
C THR F 38 -67.90 37.95 37.94
N MET F 39 -67.73 37.12 38.97
CA MET F 39 -68.36 35.78 38.83
C MET F 39 -69.87 35.97 38.91
N GLY F 40 -70.27 37.06 39.54
CA GLY F 40 -71.65 37.40 39.68
C GLY F 40 -72.13 37.86 38.29
N ASN F 41 -71.29 38.58 37.54
CA ASN F 41 -71.78 38.98 36.21
C ASN F 41 -72.01 37.71 35.37
N ARG F 42 -71.19 36.69 35.61
CA ARG F 42 -71.24 35.41 34.94
C ARG F 42 -72.52 34.63 35.24
N LEU F 43 -72.77 34.48 36.53
CA LEU F 43 -73.93 33.75 36.99
C LEU F 43 -75.16 34.50 36.54
N GLN F 44 -75.09 35.81 36.47
CA GLN F 44 -76.28 36.57 36.04
C GLN F 44 -76.76 36.14 34.68
N ARG F 45 -75.79 36.01 33.79
CA ARG F 45 -76.07 35.44 32.47
C ARG F 45 -76.96 34.20 32.56
N ILE F 46 -76.75 33.24 33.41
CA ILE F 46 -77.57 32.03 33.49
C ILE F 46 -78.59 32.19 34.61
N LYS F 47 -78.87 33.46 34.93
CA LYS F 47 -79.80 33.80 35.99
C LYS F 47 -79.66 32.94 37.22
N VAL F 48 -78.47 32.84 37.78
CA VAL F 48 -78.15 32.12 39.01
C VAL F 48 -77.60 33.16 40.00
N GLU F 49 -78.01 33.00 41.25
CA GLU F 49 -77.77 33.97 42.30
C GLU F 49 -76.29 33.89 42.67
N ASN F 50 -75.65 35.06 42.66
CA ASN F 50 -74.25 35.11 42.95
C ASN F 50 -74.13 34.86 44.45
N THR F 51 -73.62 33.75 44.81
CA THR F 51 -73.56 33.31 46.19
C THR F 51 -72.31 32.47 46.24
N GLU F 52 -71.66 32.53 47.42
CA GLU F 52 -70.48 31.74 47.64
C GLU F 52 -70.83 30.29 47.29
N GLU F 53 -71.82 29.74 47.97
CA GLU F 53 -72.17 28.39 47.62
C GLU F 53 -72.27 28.09 46.13
N ASN F 54 -73.06 28.84 45.37
CA ASN F 54 -73.18 28.62 43.93
C ASN F 54 -71.79 28.65 43.27
N ARG F 55 -71.08 29.75 43.46
CA ARG F 55 -69.73 29.81 43.04
C ARG F 55 -68.92 28.60 43.47
N ARG F 56 -69.22 28.07 44.64
CA ARG F 56 -68.28 26.96 44.97
C ARG F 56 -68.78 25.78 44.11
N GLN F 57 -70.10 25.61 44.01
CA GLN F 57 -70.61 24.49 43.27
C GLN F 57 -70.11 24.38 41.82
N PHE F 58 -70.20 25.51 41.13
CA PHE F 58 -69.87 25.53 39.73
C PHE F 58 -68.41 25.08 39.62
N ARG F 59 -67.65 25.66 40.55
CA ARG F 59 -66.23 25.33 40.48
C ARG F 59 -65.96 23.89 40.74
N GLU F 60 -66.66 23.33 41.69
CA GLU F 60 -66.47 21.92 42.03
C GLU F 60 -66.70 21.01 40.81
N ILE F 61 -67.66 21.34 39.96
CA ILE F 61 -67.94 20.60 38.76
C ILE F 61 -66.77 20.63 37.75
N LEU F 62 -66.34 21.89 37.53
CA LEU F 62 -65.22 22.08 36.62
C LEU F 62 -64.03 21.33 37.21
N PHE F 63 -63.80 21.52 38.51
CA PHE F 63 -62.59 20.84 38.98
C PHE F 63 -62.66 19.36 39.14
N SER F 64 -63.79 18.76 39.40
CA SER F 64 -63.82 17.31 39.58
C SER F 64 -63.87 16.54 38.28
N VAL F 65 -63.78 17.15 37.15
CA VAL F 65 -63.89 16.48 35.85
C VAL F 65 -62.79 15.45 35.72
N ASP F 66 -62.90 14.46 34.84
CA ASP F 66 -61.97 13.39 34.64
C ASP F 66 -60.54 13.90 34.51
N SER F 67 -59.60 13.24 35.15
CA SER F 67 -58.23 13.61 35.18
C SER F 67 -57.62 13.86 33.81
N SER F 68 -58.25 13.33 32.79
CA SER F 68 -57.84 13.48 31.39
C SER F 68 -57.62 14.92 30.96
N ILE F 69 -58.27 15.78 31.73
CA ILE F 69 -58.27 17.23 31.61
C ILE F 69 -56.81 17.69 31.58
N ASN F 70 -55.98 17.01 32.33
CA ASN F 70 -54.54 17.13 32.36
C ASN F 70 -53.80 17.30 31.01
N GLN F 71 -54.52 16.84 30.01
CA GLN F 71 -53.98 16.61 28.67
C GLN F 71 -54.03 17.91 27.90
N SER F 72 -54.93 18.75 28.39
CA SER F 72 -55.19 20.06 27.86
C SER F 72 -54.99 21.21 28.83
N ILE F 73 -55.22 21.05 30.12
CA ILE F 73 -54.98 22.07 31.10
C ILE F 73 -53.70 21.84 31.91
N GLY F 74 -52.76 22.78 31.78
CA GLY F 74 -51.49 22.79 32.46
C GLY F 74 -51.59 23.56 33.77
N GLY F 75 -52.59 24.47 33.84
CA GLY F 75 -52.70 25.19 35.11
C GLY F 75 -54.10 25.81 35.28
N VAL F 76 -54.45 26.06 36.52
CA VAL F 76 -55.68 26.74 36.88
C VAL F 76 -55.37 27.91 37.79
N ILE F 77 -55.90 29.05 37.36
CA ILE F 77 -55.72 30.28 38.11
C ILE F 77 -56.90 30.32 39.13
N LEU F 78 -56.62 30.32 40.44
CA LEU F 78 -57.75 30.54 41.34
C LEU F 78 -57.84 31.93 41.95
N PHE F 79 -59.03 32.31 42.40
CA PHE F 79 -59.34 33.51 43.20
C PHE F 79 -59.32 33.01 44.62
N HIS F 80 -58.76 33.84 45.43
CA HIS F 80 -58.44 33.58 46.82
C HIS F 80 -59.52 32.82 47.57
N GLU F 81 -60.77 33.14 47.30
CA GLU F 81 -61.76 32.42 48.14
C GLU F 81 -61.66 30.95 47.81
N THR F 82 -61.56 30.75 46.51
CA THR F 82 -61.56 29.39 45.96
C THR F 82 -60.39 28.55 46.44
N LEU F 83 -59.24 29.14 46.68
CA LEU F 83 -58.06 28.36 47.05
C LEU F 83 -58.24 27.64 48.36
N TYR F 84 -59.33 28.10 49.02
CA TYR F 84 -59.52 27.56 50.40
C TYR F 84 -60.86 26.80 50.53
N GLN F 85 -61.61 26.66 49.46
CA GLN F 85 -62.84 25.98 49.37
C GLN F 85 -62.61 24.48 49.12
N LYS F 86 -63.69 23.76 49.46
CA LYS F 86 -63.70 22.31 49.37
C LYS F 86 -64.76 21.70 48.49
N ASP F 87 -64.48 20.47 48.01
CA ASP F 87 -65.61 19.89 47.24
C ASP F 87 -66.71 19.50 48.22
N SER F 88 -67.68 18.71 47.72
CA SER F 88 -68.81 18.31 48.56
C SER F 88 -68.47 17.22 49.54
N GLN F 89 -67.20 16.90 49.74
CA GLN F 89 -66.71 16.02 50.78
C GLN F 89 -65.51 16.68 51.49
N GLY F 90 -65.49 17.97 51.70
CA GLY F 90 -64.38 18.62 52.35
C GLY F 90 -63.08 18.29 51.61
N LYS F 91 -63.12 17.82 50.35
CA LYS F 91 -61.66 17.70 49.89
C LYS F 91 -61.27 19.07 49.38
N LEU F 92 -60.10 19.55 49.62
CA LEU F 92 -59.73 20.88 49.12
C LEU F 92 -59.51 20.95 47.64
N PHE F 93 -60.24 21.85 46.98
CA PHE F 93 -60.09 22.04 45.52
C PHE F 93 -58.63 22.09 45.04
N ARG F 94 -57.83 22.78 45.79
CA ARG F 94 -56.45 22.93 45.32
C ARG F 94 -55.79 21.55 45.44
N ASN F 95 -56.32 20.68 46.30
CA ASN F 95 -55.64 19.35 46.37
C ASN F 95 -56.04 18.42 45.26
N ILE F 96 -57.32 18.66 44.97
CA ILE F 96 -57.87 17.93 43.80
C ILE F 96 -56.98 18.30 42.60
N LEU F 97 -56.67 19.61 42.45
CA LEU F 97 -55.96 19.98 41.21
C LEU F 97 -54.59 19.37 41.21
N LYS F 98 -54.04 19.46 42.42
CA LYS F 98 -52.67 19.04 42.56
C LYS F 98 -52.51 17.57 42.18
N GLU F 99 -53.41 16.79 42.81
CA GLU F 99 -53.36 15.38 42.52
C GLU F 99 -53.68 15.02 41.07
N LYS F 100 -54.52 15.76 40.33
CA LYS F 100 -54.66 15.35 38.91
C LYS F 100 -53.61 16.00 38.01
N GLY F 101 -52.36 16.24 38.41
CA GLY F 101 -51.34 16.90 37.65
C GLY F 101 -51.47 18.35 37.24
N ILE F 102 -52.44 19.08 37.80
CA ILE F 102 -52.50 20.51 37.42
C ILE F 102 -51.78 21.50 38.32
N VAL F 103 -50.94 22.41 37.71
CA VAL F 103 -50.39 23.51 38.42
C VAL F 103 -51.39 24.53 38.97
N VAL F 104 -51.20 24.92 40.25
CA VAL F 104 -52.25 25.89 40.72
C VAL F 104 -51.75 27.33 40.91
N GLY F 105 -52.46 28.32 40.39
CA GLY F 105 -52.20 29.71 40.41
C GLY F 105 -53.11 30.60 41.16
N ILE F 106 -52.64 31.76 41.55
CA ILE F 106 -53.46 32.70 42.40
C ILE F 106 -53.53 34.08 41.78
N LYS F 107 -54.69 34.70 41.61
CA LYS F 107 -54.83 36.07 41.13
C LYS F 107 -54.24 36.99 42.26
N LEU F 108 -53.24 37.82 41.98
CA LEU F 108 -52.47 38.57 42.96
C LEU F 108 -52.77 40.05 42.97
N ASP F 109 -53.29 40.57 41.89
CA ASP F 109 -53.66 41.94 41.86
C ASP F 109 -55.00 42.05 42.57
N GLN F 110 -55.33 43.29 42.97
CA GLN F 110 -56.61 43.36 43.63
C GLN F 110 -57.43 44.51 43.11
N GLY F 111 -57.52 44.60 41.78
CA GLY F 111 -58.40 45.69 41.35
C GLY F 111 -57.71 46.98 40.90
N GLY F 112 -58.53 47.75 40.11
CA GLY F 112 -57.96 48.99 39.61
C GLY F 112 -58.19 50.12 40.65
N ALA F 113 -57.60 51.24 40.43
CA ALA F 113 -57.63 52.47 41.11
C ALA F 113 -57.33 53.51 40.00
N PRO F 114 -58.22 54.46 40.00
CA PRO F 114 -58.21 55.57 39.10
C PRO F 114 -56.93 56.41 39.23
N LEU F 115 -56.65 57.03 38.12
CA LEU F 115 -55.45 57.75 37.80
C LEU F 115 -55.95 59.17 37.50
N ALA F 116 -55.76 59.97 38.53
CA ALA F 116 -56.25 61.34 38.36
C ALA F 116 -55.55 61.98 37.15
N GLY F 117 -56.19 62.89 36.51
CA GLY F 117 -55.95 63.75 35.40
C GLY F 117 -55.65 62.93 34.13
N THR F 118 -56.36 61.85 34.09
CA THR F 118 -56.31 60.89 32.91
C THR F 118 -57.74 60.67 32.42
N ASN F 119 -57.91 60.33 31.14
CA ASN F 119 -59.34 60.26 30.77
C ASN F 119 -59.88 58.89 31.15
N LYS F 120 -60.43 58.75 32.32
CA LYS F 120 -60.83 57.45 32.79
C LYS F 120 -59.83 56.32 32.86
N GLU F 121 -58.52 56.49 32.80
CA GLU F 121 -57.59 55.38 32.98
C GLU F 121 -57.39 54.91 34.45
N THR F 122 -56.72 53.74 34.65
CA THR F 122 -56.47 53.22 35.95
C THR F 122 -55.12 52.59 36.08
N THR F 123 -54.90 52.07 37.29
CA THR F 123 -53.63 51.41 37.62
C THR F 123 -54.23 50.25 38.47
N ILE F 124 -53.35 49.47 39.03
CA ILE F 124 -53.89 48.33 39.75
C ILE F 124 -53.34 48.22 41.12
N GLN F 125 -54.08 47.84 42.10
CA GLN F 125 -53.58 47.72 43.48
C GLN F 125 -53.21 46.27 43.74
N GLY F 126 -52.53 46.02 44.89
CA GLY F 126 -52.20 44.62 45.27
C GLY F 126 -50.79 44.44 45.77
N LEU F 127 -49.96 45.49 45.58
CA LEU F 127 -48.59 45.31 45.98
C LEU F 127 -48.35 45.27 47.48
N ASP F 128 -49.24 45.88 48.26
CA ASP F 128 -48.94 45.90 49.70
C ASP F 128 -49.13 44.53 50.33
N GLY F 129 -48.02 44.12 50.96
CA GLY F 129 -48.06 42.81 51.66
C GLY F 129 -47.94 41.66 50.61
N LEU F 130 -47.63 41.96 49.34
CA LEU F 130 -47.60 40.90 48.33
C LEU F 130 -46.63 39.76 48.70
N SER F 131 -45.41 40.15 49.09
CA SER F 131 -44.44 39.15 49.55
C SER F 131 -45.03 38.19 50.57
N GLU F 132 -45.44 38.70 51.71
CA GLU F 132 -45.98 37.89 52.75
C GLU F 132 -47.02 36.96 52.16
N ARG F 133 -48.00 37.40 51.46
CA ARG F 133 -49.03 36.67 50.76
C ARG F 133 -48.45 35.63 49.81
N CYS F 134 -47.55 36.04 48.92
CA CYS F 134 -46.94 35.07 47.99
C CYS F 134 -46.25 33.97 48.80
N ALA F 135 -45.50 34.29 49.87
CA ALA F 135 -44.88 33.17 50.61
C ALA F 135 -45.85 32.17 51.24
N GLN F 136 -47.03 32.62 51.64
CA GLN F 136 -48.00 31.63 52.23
C GLN F 136 -48.76 30.84 51.15
N TYR F 137 -49.03 31.54 50.05
CA TYR F 137 -49.67 30.87 48.95
C TYR F 137 -48.75 29.76 48.42
N LYS F 138 -47.46 30.07 48.53
CA LYS F 138 -46.49 29.05 48.01
C LYS F 138 -46.58 27.93 49.04
N LYS F 139 -46.69 28.34 50.34
CA LYS F 139 -46.77 27.25 51.30
C LYS F 139 -48.04 26.40 51.15
N ASP F 140 -49.15 26.98 50.71
CA ASP F 140 -50.39 26.26 50.53
C ASP F 140 -50.50 25.59 49.15
N GLY F 141 -49.36 25.42 48.51
CA GLY F 141 -49.18 24.78 47.22
C GLY F 141 -49.52 25.44 45.91
N VAL F 142 -49.45 26.76 45.88
CA VAL F 142 -49.54 27.52 44.64
C VAL F 142 -48.15 27.65 44.04
N ASP F 143 -48.05 27.73 42.73
CA ASP F 143 -46.74 27.85 42.04
C ASP F 143 -46.61 29.03 41.08
N PHE F 144 -47.71 29.67 40.67
CA PHE F 144 -47.78 30.83 39.79
C PHE F 144 -48.89 31.80 40.15
N GLY F 145 -48.63 33.09 39.96
CA GLY F 145 -49.59 34.17 40.23
C GLY F 145 -49.99 34.91 38.92
N LYS F 146 -50.98 35.81 39.06
CA LYS F 146 -51.52 36.54 37.95
C LYS F 146 -51.98 37.92 38.46
N TRP F 147 -51.70 38.90 37.55
CA TRP F 147 -51.98 40.29 37.78
C TRP F 147 -52.43 40.87 36.49
N ARG F 148 -53.58 41.49 36.49
CA ARG F 148 -54.07 42.03 35.22
C ARG F 148 -54.17 43.54 35.19
N ALA F 149 -53.47 44.24 34.29
CA ALA F 149 -53.68 45.66 34.16
C ALA F 149 -54.59 45.85 32.93
N VAL F 150 -55.33 46.94 33.01
CA VAL F 150 -56.29 47.28 32.03
C VAL F 150 -55.99 48.56 31.33
N LEU F 151 -55.59 48.48 30.11
CA LEU F 151 -55.34 49.62 29.28
C LEU F 151 -56.43 49.67 28.20
N ARG F 152 -56.84 50.87 27.81
CA ARG F 152 -57.79 51.09 26.74
C ARG F 152 -57.36 52.13 25.69
N ILE F 153 -58.24 52.00 24.70
CA ILE F 153 -58.08 52.86 23.53
C ILE F 153 -59.24 53.84 23.49
N ALA F 154 -58.89 55.12 23.66
CA ALA F 154 -59.97 56.12 23.79
C ALA F 154 -59.35 57.52 23.73
N ASP F 155 -60.16 58.56 23.94
CA ASP F 155 -59.57 59.88 23.75
C ASP F 155 -58.44 60.01 24.76
N GLN F 156 -57.26 60.21 24.22
CA GLN F 156 -56.09 60.36 25.04
C GLN F 156 -55.88 59.16 25.95
N CYS F 157 -56.19 58.00 25.38
CA CYS F 157 -55.85 56.77 26.09
C CYS F 157 -55.30 55.79 25.04
N PRO F 158 -54.40 54.88 25.43
CA PRO F 158 -53.81 54.85 26.75
C PRO F 158 -52.75 55.96 26.82
N SER F 159 -52.69 56.62 27.97
CA SER F 159 -51.70 57.65 28.11
C SER F 159 -50.29 57.20 28.53
N SER F 160 -49.34 58.15 28.43
CA SER F 160 -48.00 57.79 28.86
C SER F 160 -47.99 57.45 30.33
N LEU F 161 -48.68 58.23 31.16
CA LEU F 161 -48.76 57.92 32.57
C LEU F 161 -49.43 56.61 32.73
N ALA F 162 -50.49 56.33 31.97
CA ALA F 162 -51.10 55.02 32.26
C ALA F 162 -50.22 53.85 31.83
N ILE F 163 -49.53 54.01 30.67
CA ILE F 163 -48.80 52.77 30.26
C ILE F 163 -47.66 52.56 31.23
N GLN F 164 -46.98 53.70 31.53
CA GLN F 164 -45.81 53.63 32.38
C GLN F 164 -46.13 53.11 33.74
N GLU F 165 -47.25 53.49 34.32
CA GLU F 165 -47.48 53.08 35.70
C GLU F 165 -48.03 51.70 35.71
N ASN F 166 -48.95 51.29 34.83
CA ASN F 166 -49.21 49.83 34.86
C ASN F 166 -47.95 48.98 34.61
N ALA F 167 -47.00 49.52 33.76
CA ALA F 167 -45.84 48.73 33.47
C ALA F 167 -45.09 48.53 34.76
N ASN F 168 -44.83 49.59 35.46
CA ASN F 168 -44.10 49.45 36.71
C ASN F 168 -44.81 48.69 37.79
N ALA F 169 -46.11 48.81 37.93
CA ALA F 169 -46.76 47.95 38.92
C ALA F 169 -46.59 46.53 38.44
N LEU F 170 -46.81 46.24 37.16
CA LEU F 170 -46.53 44.85 36.74
C LEU F 170 -45.14 44.34 37.08
N ALA F 171 -44.14 45.21 36.90
CA ALA F 171 -42.77 44.76 37.13
C ALA F 171 -42.59 44.59 38.64
N ARG F 172 -43.04 45.58 39.47
CA ARG F 172 -42.89 45.27 40.87
C ARG F 172 -43.49 43.91 41.17
N TYR F 173 -44.72 43.73 40.91
CA TYR F 173 -45.29 42.42 41.29
C TYR F 173 -44.61 41.23 40.63
N ALA F 174 -43.85 41.37 39.56
CA ALA F 174 -43.26 40.16 38.94
C ALA F 174 -42.09 39.69 39.75
N SER F 175 -41.38 40.75 40.14
CA SER F 175 -40.17 40.66 40.94
C SER F 175 -40.49 40.09 42.30
N ILE F 176 -41.54 40.54 42.97
CA ILE F 176 -41.87 40.03 44.28
C ILE F 176 -42.35 38.63 44.07
N CYS F 177 -43.18 38.38 43.09
CA CYS F 177 -43.47 36.91 42.89
C CYS F 177 -42.16 36.09 42.78
N GLN F 178 -41.19 36.45 41.92
CA GLN F 178 -40.02 35.63 41.77
C GLN F 178 -39.27 35.31 43.06
N GLN F 179 -39.20 36.29 43.94
CA GLN F 179 -38.43 36.12 45.16
C GLN F 179 -39.21 35.10 45.96
N ASN F 180 -40.43 34.81 45.62
CA ASN F 180 -41.13 33.85 46.50
C ASN F 180 -41.55 32.52 45.86
N GLY F 181 -40.84 32.23 44.77
CA GLY F 181 -41.03 30.92 44.22
C GLY F 181 -42.26 30.81 43.32
N LEU F 182 -42.86 31.95 42.97
CA LEU F 182 -44.01 31.83 42.06
C LEU F 182 -43.74 32.35 40.67
N VAL F 183 -44.30 31.71 39.63
CA VAL F 183 -44.00 32.31 38.27
C VAL F 183 -45.03 33.41 38.01
N PRO F 184 -44.72 34.65 37.80
CA PRO F 184 -45.67 35.69 37.49
C PRO F 184 -46.16 35.58 36.07
N ILE F 185 -47.48 35.55 35.90
CA ILE F 185 -48.07 35.70 34.57
C ILE F 185 -48.27 37.21 34.50
N VAL F 186 -47.66 37.85 33.52
CA VAL F 186 -47.84 39.31 33.44
C VAL F 186 -48.94 39.52 32.42
N GLU F 187 -50.03 40.12 32.78
CA GLU F 187 -51.13 40.38 31.82
C GLU F 187 -51.53 41.80 31.54
N PRO F 188 -51.04 42.47 30.55
CA PRO F 188 -51.29 43.89 30.30
C PRO F 188 -52.35 43.92 29.24
N GLU F 189 -53.59 43.87 29.57
CA GLU F 189 -54.56 43.76 28.51
C GLU F 189 -54.92 45.07 27.87
N VAL F 190 -54.94 45.09 26.54
CA VAL F 190 -55.56 46.28 25.95
C VAL F 190 -56.99 45.94 25.65
N ILE F 191 -58.03 46.15 26.38
CA ILE F 191 -59.48 46.15 26.28
C ILE F 191 -59.81 46.45 24.84
N PRO F 192 -60.79 45.79 24.27
CA PRO F 192 -61.25 45.91 22.89
C PRO F 192 -62.37 46.94 22.70
N ASP F 193 -62.78 47.44 23.88
CA ASP F 193 -63.77 48.48 23.88
C ASP F 193 -63.37 49.54 22.84
N GLY F 194 -64.45 49.95 22.16
CA GLY F 194 -64.26 50.96 21.16
C GLY F 194 -64.48 50.52 19.73
N ASP F 195 -64.35 51.44 18.78
CA ASP F 195 -64.51 51.04 17.39
C ASP F 195 -63.23 51.15 16.58
N HIS F 196 -62.06 51.36 17.20
CA HIS F 196 -60.82 51.29 16.42
C HIS F 196 -60.69 49.98 15.62
N ASP F 197 -59.84 50.12 14.58
CA ASP F 197 -59.75 48.84 13.81
C ASP F 197 -58.54 48.03 14.28
N LEU F 198 -58.18 47.05 13.45
CA LEU F 198 -57.07 46.17 13.79
C LEU F 198 -55.71 46.85 13.90
N GLU F 199 -55.47 47.78 12.98
CA GLU F 199 -54.11 48.37 12.91
C GLU F 199 -53.89 49.20 14.16
N HIS F 200 -54.89 49.97 14.50
CA HIS F 200 -54.75 50.79 15.74
C HIS F 200 -54.52 49.89 16.93
N CYS F 201 -55.11 48.73 16.97
CA CYS F 201 -54.91 47.87 18.14
C CYS F 201 -53.51 47.34 18.17
N GLN F 202 -53.05 47.02 16.95
CA GLN F 202 -51.71 46.47 16.80
C GLN F 202 -50.71 47.57 17.19
N TYR F 203 -50.84 48.78 16.75
CA TYR F 203 -49.89 49.83 17.22
C TYR F 203 -49.94 50.05 18.73
N VAL F 204 -51.12 50.00 19.34
CA VAL F 204 -51.08 50.32 20.79
C VAL F 204 -50.52 49.13 21.56
N THR F 205 -50.74 47.90 21.11
CA THR F 205 -50.27 46.73 21.83
C THR F 205 -48.77 46.61 21.78
N GLU F 206 -48.17 46.82 20.59
CA GLU F 206 -46.71 46.94 20.47
C GLU F 206 -46.11 48.01 21.41
N LYS F 207 -46.80 49.15 21.56
CA LYS F 207 -46.33 50.23 22.45
C LYS F 207 -46.29 49.80 23.93
N VAL F 208 -47.45 49.18 24.34
CA VAL F 208 -47.58 48.73 25.71
C VAL F 208 -46.50 47.65 26.08
N LEU F 209 -46.41 46.57 25.26
CA LEU F 209 -45.51 45.47 25.42
C LEU F 209 -44.12 46.05 25.38
N ALA F 210 -43.80 46.98 24.48
CA ALA F 210 -42.49 47.58 24.58
C ALA F 210 -42.21 48.22 25.94
N ALA F 211 -43.15 48.82 26.56
CA ALA F 211 -42.93 49.41 27.88
C ALA F 211 -42.95 48.35 28.94
N VAL F 212 -43.85 47.39 28.92
CA VAL F 212 -43.78 46.35 29.94
C VAL F 212 -42.43 45.70 30.03
N TYR F 213 -41.90 45.12 28.94
CA TYR F 213 -40.64 44.38 28.93
C TYR F 213 -39.53 45.29 29.35
N LYS F 214 -39.53 46.52 28.95
CA LYS F 214 -38.40 47.36 29.46
C LYS F 214 -38.49 47.58 30.95
N ALA F 215 -39.70 47.55 31.51
CA ALA F 215 -39.76 47.76 32.94
C ALA F 215 -39.25 46.52 33.61
N LEU F 216 -39.79 45.42 33.08
CA LEU F 216 -39.37 44.11 33.65
C LEU F 216 -37.86 44.13 33.72
N ASN F 217 -37.29 44.60 32.59
CA ASN F 217 -35.80 44.65 32.58
C ASN F 217 -35.32 45.63 33.60
N ASP F 218 -35.79 46.81 33.80
CA ASP F 218 -35.20 47.70 34.85
C ASP F 218 -35.42 47.15 36.25
N HIS F 219 -36.51 46.33 36.50
CA HIS F 219 -36.68 45.67 37.73
C HIS F 219 -35.93 44.38 37.98
N HIS F 220 -35.04 43.98 37.14
CA HIS F 220 -34.32 42.74 37.03
C HIS F 220 -35.24 41.51 36.91
N VAL F 221 -36.39 41.52 36.26
CA VAL F 221 -37.18 40.28 36.43
C VAL F 221 -36.61 39.10 35.65
N TYR F 222 -36.77 37.87 36.04
CA TYR F 222 -36.00 36.82 35.21
C TYR F 222 -37.00 36.33 34.17
N LEU F 223 -36.97 36.90 32.98
CA LEU F 223 -37.95 36.49 31.98
C LEU F 223 -38.20 35.00 31.81
N GLU F 224 -37.16 34.14 31.94
CA GLU F 224 -37.46 32.71 31.66
C GLU F 224 -38.32 32.10 32.72
N GLY F 225 -38.70 32.86 33.71
CA GLY F 225 -39.48 32.44 34.85
C GLY F 225 -40.69 33.26 35.08
N THR F 226 -41.13 33.56 33.86
CA THR F 226 -42.39 34.34 33.62
C THR F 226 -43.37 33.79 32.63
N LEU F 227 -44.59 34.29 32.52
CA LEU F 227 -45.49 33.95 31.45
C LEU F 227 -46.09 35.24 30.95
N LEU F 228 -46.56 35.41 29.75
CA LEU F 228 -47.21 36.65 29.30
C LEU F 228 -48.60 36.35 28.81
N LYS F 229 -49.54 37.12 29.25
CA LYS F 229 -50.95 36.91 29.00
C LYS F 229 -51.51 38.20 28.44
N PRO F 230 -51.33 38.40 27.15
CA PRO F 230 -51.74 39.60 26.45
C PRO F 230 -53.05 39.62 25.78
N ASN F 231 -53.51 40.66 25.15
CA ASN F 231 -54.72 40.47 24.33
C ASN F 231 -54.13 39.98 22.97
N MET F 232 -55.05 39.33 22.26
CA MET F 232 -54.66 39.11 20.88
C MET F 232 -54.73 40.44 20.22
N VAL F 233 -54.27 40.67 19.04
CA VAL F 233 -54.58 41.90 18.34
C VAL F 233 -55.82 41.73 17.46
N THR F 234 -56.86 42.44 17.88
CA THR F 234 -58.09 42.40 17.04
C THR F 234 -58.55 43.85 16.91
N ALA F 235 -59.63 44.11 16.21
CA ALA F 235 -60.25 45.40 16.04
C ALA F 235 -61.24 45.67 17.18
N GLY F 236 -61.41 46.94 17.52
CA GLY F 236 -62.32 47.31 18.62
C GLY F 236 -63.66 46.56 18.53
N HIS F 237 -64.39 46.53 19.65
CA HIS F 237 -65.69 45.91 19.77
C HIS F 237 -66.68 46.49 18.79
N ALA F 238 -66.75 47.81 18.80
CA ALA F 238 -67.62 48.60 17.93
C ALA F 238 -67.06 48.73 16.52
N CYS F 239 -65.93 48.19 16.15
CA CYS F 239 -65.49 48.31 14.77
C CYS F 239 -66.42 47.48 13.87
N THR F 240 -66.76 48.00 12.71
CA THR F 240 -67.68 47.41 11.76
C THR F 240 -66.95 46.53 10.75
N LYS F 241 -65.61 46.79 10.63
CA LYS F 241 -64.86 46.00 9.68
C LYS F 241 -64.81 44.54 10.15
N LYS F 242 -64.84 43.58 9.25
CA LYS F 242 -64.72 42.17 9.66
C LYS F 242 -63.38 41.58 9.19
N TYR F 243 -62.74 40.84 10.15
CA TYR F 243 -61.50 40.19 9.75
C TYR F 243 -61.57 38.69 9.97
N THR F 244 -60.56 38.08 9.41
CA THR F 244 -60.30 36.65 9.48
C THR F 244 -59.24 36.19 10.48
N PRO F 245 -59.35 34.99 11.03
CA PRO F 245 -58.43 34.45 12.03
C PRO F 245 -57.00 34.73 11.62
N GLU F 246 -56.74 34.40 10.32
CA GLU F 246 -55.44 34.65 9.77
C GLU F 246 -55.02 36.12 9.90
N GLN F 247 -55.84 37.10 9.59
CA GLN F 247 -55.50 38.49 9.73
C GLN F 247 -55.28 38.79 11.22
N VAL F 248 -56.11 38.22 12.08
CA VAL F 248 -55.85 38.50 13.53
C VAL F 248 -54.49 37.99 13.87
N ALA F 249 -54.26 36.75 13.53
CA ALA F 249 -53.00 36.15 13.84
C ALA F 249 -51.85 36.93 13.28
N MET F 250 -51.95 37.44 12.07
CA MET F 250 -50.69 37.97 11.53
C MET F 250 -50.36 39.25 12.26
N ALA F 251 -51.36 39.92 12.77
CA ALA F 251 -51.20 41.19 13.51
C ALA F 251 -50.69 40.96 14.92
N THR F 252 -51.17 39.98 15.61
CA THR F 252 -50.82 39.60 17.01
C THR F 252 -49.40 39.07 17.10
N VAL F 253 -49.13 38.01 16.28
CA VAL F 253 -47.76 37.55 16.17
C VAL F 253 -46.85 38.66 15.70
N THR F 254 -47.27 39.54 14.80
CA THR F 254 -46.28 40.54 14.30
C THR F 254 -45.93 41.44 15.51
N ALA F 255 -46.98 41.84 16.26
CA ALA F 255 -46.68 42.68 17.41
C ALA F 255 -45.86 41.92 18.47
N LEU F 256 -46.30 40.69 18.59
CA LEU F 256 -45.57 39.93 19.63
C LEU F 256 -44.14 39.93 19.20
N HIS F 257 -43.77 39.68 17.94
CA HIS F 257 -42.36 39.30 17.78
C HIS F 257 -41.47 40.52 17.83
N ARG F 258 -42.14 41.69 17.83
CA ARG F 258 -41.32 42.85 17.85
C ARG F 258 -41.11 43.36 19.26
N THR F 259 -41.71 42.76 20.23
CA THR F 259 -41.50 43.26 21.59
C THR F 259 -41.33 42.22 22.67
N VAL F 260 -41.96 41.04 22.56
CA VAL F 260 -41.71 40.06 23.61
C VAL F 260 -40.50 39.19 23.33
N PRO F 261 -39.55 39.25 24.24
CA PRO F 261 -38.31 38.50 24.15
C PRO F 261 -38.50 37.00 23.97
N ALA F 262 -37.54 36.49 23.21
CA ALA F 262 -37.44 35.07 23.01
C ALA F 262 -37.27 34.31 24.30
N ALA F 263 -36.69 34.86 25.34
CA ALA F 263 -36.59 34.30 26.68
C ALA F 263 -37.92 34.02 27.37
N VAL F 264 -39.02 34.69 26.96
CA VAL F 264 -40.28 34.37 27.65
C VAL F 264 -40.78 33.02 27.08
N PRO F 265 -40.97 32.04 27.93
CA PRO F 265 -41.24 30.67 27.44
C PRO F 265 -42.62 30.51 26.87
N GLY F 266 -43.59 31.23 27.42
CA GLY F 266 -44.94 31.00 26.94
C GLY F 266 -45.73 32.27 26.87
N ILE F 267 -46.58 32.36 25.80
CA ILE F 267 -47.47 33.54 25.84
C ILE F 267 -48.88 32.89 25.74
N CYS F 268 -49.70 33.01 26.76
CA CYS F 268 -51.03 32.40 26.96
C CYS F 268 -52.10 33.49 26.86
N PHE F 269 -52.69 33.60 25.67
CA PHE F 269 -53.60 34.70 25.39
C PHE F 269 -54.86 34.81 26.22
N LEU F 270 -55.36 36.02 26.44
CA LEU F 270 -56.68 36.07 27.18
C LEU F 270 -57.81 36.05 26.17
N SER F 271 -59.05 35.68 26.46
CA SER F 271 -59.95 35.74 25.29
C SER F 271 -60.81 36.98 25.34
N GLY F 272 -60.90 37.44 26.60
CA GLY F 272 -61.77 38.55 26.88
C GLY F 272 -62.82 38.91 25.82
N GLY F 273 -64.06 38.34 25.96
CA GLY F 273 -65.06 38.81 25.01
C GLY F 273 -65.24 37.85 23.84
N MET F 274 -64.21 37.58 23.04
CA MET F 274 -64.25 36.50 22.08
C MET F 274 -65.14 35.28 22.44
N SER F 275 -65.89 34.84 21.43
CA SER F 275 -66.73 33.67 21.62
C SER F 275 -65.80 32.48 21.87
N GLU F 276 -66.39 31.43 22.37
CA GLU F 276 -65.51 30.29 22.57
C GLU F 276 -64.89 29.90 21.25
N GLU F 277 -65.58 30.06 20.12
CA GLU F 277 -65.10 29.42 18.88
C GLU F 277 -64.10 30.32 18.19
N ASP F 278 -64.32 31.58 18.30
CA ASP F 278 -63.34 32.58 17.80
C ASP F 278 -62.07 32.55 18.64
N ALA F 279 -62.25 32.40 19.97
CA ALA F 279 -61.01 32.21 20.72
C ALA F 279 -60.22 31.02 20.19
N THR F 280 -60.66 29.79 20.06
CA THR F 280 -59.94 28.63 19.57
C THR F 280 -59.46 28.82 18.12
N LEU F 281 -60.20 29.46 17.23
CA LEU F 281 -59.79 29.58 15.86
C LEU F 281 -58.69 30.63 15.81
N ASN F 282 -58.88 31.76 16.58
CA ASN F 282 -57.79 32.78 16.48
C ASN F 282 -56.48 32.19 17.01
N LEU F 283 -56.58 31.47 18.15
CA LEU F 283 -55.38 30.85 18.77
C LEU F 283 -54.68 29.88 17.80
N ASN F 284 -55.54 29.09 17.09
CA ASN F 284 -55.07 28.14 16.14
C ASN F 284 -54.37 28.81 14.98
N ALA F 285 -54.99 29.90 14.54
CA ALA F 285 -54.34 30.57 13.40
C ALA F 285 -52.98 31.12 13.86
N ILE F 286 -53.06 31.67 15.08
CA ILE F 286 -51.81 32.29 15.64
C ILE F 286 -50.69 31.28 15.57
N ASN F 287 -50.90 30.05 15.97
CA ASN F 287 -49.83 29.05 15.82
C ASN F 287 -49.58 28.59 14.36
N LEU F 288 -50.28 28.93 13.31
CA LEU F 288 -49.88 28.48 11.98
C LEU F 288 -49.21 29.65 11.22
N CYS F 289 -49.04 30.74 11.93
CA CYS F 289 -48.66 31.97 11.29
C CYS F 289 -47.19 31.92 10.96
N PRO F 290 -46.87 32.36 9.76
CA PRO F 290 -45.51 32.19 9.20
C PRO F 290 -44.61 33.32 9.70
N LEU F 291 -44.26 33.25 10.97
CA LEU F 291 -43.37 34.24 11.55
C LEU F 291 -42.57 33.58 12.64
N PRO F 292 -41.40 34.12 12.90
CA PRO F 292 -40.59 33.64 14.01
C PRO F 292 -41.51 33.62 15.18
N LYS F 293 -41.50 32.63 15.99
CA LYS F 293 -42.40 32.48 17.12
C LYS F 293 -41.57 31.65 18.09
N PRO F 294 -40.62 32.29 18.76
CA PRO F 294 -39.74 31.60 19.68
C PRO F 294 -40.47 31.07 20.92
N TRP F 295 -41.70 31.47 21.26
CA TRP F 295 -42.35 30.94 22.47
C TRP F 295 -43.48 29.96 22.24
N LYS F 296 -44.05 29.25 23.22
CA LYS F 296 -45.36 28.58 23.00
C LYS F 296 -46.43 29.68 22.93
N LEU F 297 -47.42 29.41 22.11
CA LEU F 297 -48.53 30.34 21.94
C LEU F 297 -49.73 29.52 22.39
N SER F 298 -50.33 29.93 23.52
CA SER F 298 -51.38 29.17 24.08
C SER F 298 -52.49 30.00 24.73
N PHE F 299 -53.26 29.36 25.62
CA PHE F 299 -54.34 30.07 26.19
C PHE F 299 -54.38 30.08 27.71
N SER F 300 -55.02 31.10 28.22
CA SER F 300 -55.31 31.27 29.64
C SER F 300 -56.73 31.82 29.57
N TYR F 301 -57.69 30.99 29.17
CA TYR F 301 -59.03 31.45 28.96
C TYR F 301 -59.86 31.34 30.23
N GLY F 302 -60.80 32.27 30.30
CA GLY F 302 -61.76 32.38 31.41
C GLY F 302 -63.09 32.01 30.70
N ARG F 303 -63.65 33.00 30.01
CA ARG F 303 -64.88 32.92 29.29
C ARG F 303 -64.96 31.92 28.14
N ALA F 304 -63.96 31.84 27.33
CA ALA F 304 -63.94 30.98 26.20
C ALA F 304 -63.75 29.53 26.62
N LEU F 305 -63.46 29.26 27.87
CA LEU F 305 -63.49 27.87 28.34
C LEU F 305 -64.75 27.55 29.14
N GLN F 306 -65.48 28.53 29.72
CA GLN F 306 -66.63 28.08 30.49
C GLN F 306 -68.02 28.57 30.11
N ALA F 307 -68.11 29.40 29.09
CA ALA F 307 -69.45 29.82 28.73
C ALA F 307 -70.48 28.70 28.57
N SER F 308 -70.22 27.80 27.61
CA SER F 308 -71.15 26.78 27.25
C SER F 308 -71.38 25.93 28.47
N ALA F 309 -70.30 25.82 29.27
CA ALA F 309 -70.39 25.04 30.50
C ALA F 309 -71.42 25.70 31.44
N LEU F 310 -71.29 26.99 31.65
CA LEU F 310 -72.21 27.65 32.56
C LEU F 310 -73.64 27.49 32.04
N ALA F 311 -73.69 27.66 30.71
CA ALA F 311 -75.04 27.49 30.13
C ALA F 311 -75.66 26.11 30.48
N ALA F 312 -74.92 25.04 30.23
CA ALA F 312 -75.30 23.70 30.51
C ALA F 312 -75.76 23.53 31.96
N TRP F 313 -74.98 24.14 32.83
CA TRP F 313 -75.21 23.96 34.25
C TRP F 313 -76.58 24.45 34.69
N GLY F 314 -76.73 25.74 34.38
CA GLY F 314 -77.98 26.46 34.68
C GLY F 314 -78.15 26.61 36.20
N GLY F 315 -77.11 26.29 36.95
CA GLY F 315 -77.21 26.31 38.40
C GLY F 315 -77.81 24.99 38.87
N LYS F 316 -78.04 24.01 37.97
CA LYS F 316 -78.64 22.77 38.43
C LYS F 316 -77.67 21.64 38.62
N ALA F 317 -77.75 21.05 39.81
CA ALA F 317 -76.83 19.98 40.16
C ALA F 317 -77.02 18.74 39.29
N ALA F 318 -78.22 18.73 38.67
CA ALA F 318 -78.50 17.56 37.83
C ALA F 318 -77.68 17.68 36.55
N ASN F 319 -77.17 18.89 36.32
CA ASN F 319 -76.35 19.10 35.12
C ASN F 319 -74.89 18.87 35.24
N LYS F 320 -74.44 18.23 36.31
CA LYS F 320 -73.03 17.88 36.38
C LYS F 320 -72.49 17.36 35.07
N GLU F 321 -72.96 16.29 34.47
CA GLU F 321 -72.43 15.75 33.23
C GLU F 321 -72.37 16.69 32.04
N ALA F 322 -73.43 17.38 31.64
CA ALA F 322 -73.37 18.27 30.48
C ALA F 322 -72.38 19.42 30.69
N THR F 323 -72.52 20.13 31.80
CA THR F 323 -71.56 21.12 32.22
C THR F 323 -70.14 20.52 32.11
N GLN F 324 -69.97 19.33 32.73
CA GLN F 324 -68.60 18.81 32.64
C GLN F 324 -68.23 18.52 31.17
N GLU F 325 -69.28 18.20 30.39
CA GLU F 325 -68.99 17.85 28.99
C GLU F 325 -68.44 18.98 28.18
N ALA F 326 -69.15 20.07 28.44
CA ALA F 326 -68.80 21.33 27.77
C ALA F 326 -67.37 21.83 28.07
N PHE F 327 -66.97 21.79 29.37
CA PHE F 327 -65.69 22.34 29.77
C PHE F 327 -64.57 21.52 29.14
N MET F 328 -64.80 20.21 29.18
CA MET F 328 -63.84 19.29 28.58
C MET F 328 -63.56 19.46 27.08
N LYS F 329 -64.72 19.70 26.42
CA LYS F 329 -64.66 19.95 24.98
C LYS F 329 -63.98 21.26 24.64
N ARG F 330 -64.19 22.36 25.36
CA ARG F 330 -63.48 23.54 24.89
C ARG F 330 -62.03 23.38 25.31
N ALA F 331 -61.83 22.59 26.38
CA ALA F 331 -60.44 22.46 26.87
C ALA F 331 -59.62 21.86 25.74
N MET F 332 -60.16 20.75 25.24
CA MET F 332 -59.45 20.04 24.22
C MET F 332 -59.23 20.85 22.94
N ALA F 333 -60.26 21.64 22.58
CA ALA F 333 -60.17 22.37 21.32
C ALA F 333 -59.04 23.41 21.46
N ASN F 334 -58.94 24.14 22.57
CA ASN F 334 -57.79 25.09 22.65
C ASN F 334 -56.48 24.33 22.72
N CYS F 335 -56.44 23.13 23.33
CA CYS F 335 -55.12 22.47 23.32
C CYS F 335 -54.80 22.17 21.85
N GLN F 336 -55.76 21.83 20.97
CA GLN F 336 -55.28 21.54 19.61
C GLN F 336 -54.86 22.83 18.93
N ALA F 337 -55.66 23.82 19.32
CA ALA F 337 -55.41 25.13 18.73
C ALA F 337 -54.02 25.58 19.11
N ALA F 338 -53.66 25.20 20.35
CA ALA F 338 -52.34 25.66 20.81
C ALA F 338 -51.26 24.91 20.05
N LYS F 339 -51.63 23.82 19.37
CA LYS F 339 -50.54 23.14 18.67
C LYS F 339 -50.78 23.36 17.18
N GLY F 340 -51.74 24.26 16.92
CA GLY F 340 -52.01 24.55 15.52
C GLY F 340 -52.59 23.31 14.88
N GLN F 341 -53.35 22.54 15.68
CA GLN F 341 -53.89 21.29 15.13
C GLN F 341 -55.40 21.25 15.30
N TYR F 342 -55.97 22.42 15.43
CA TYR F 342 -57.43 22.46 15.61
C TYR F 342 -58.02 22.74 14.22
N VAL F 343 -59.15 22.07 14.04
CA VAL F 343 -59.95 22.10 12.87
C VAL F 343 -61.40 22.32 13.35
N HIS F 344 -61.98 23.42 12.84
CA HIS F 344 -63.36 23.59 13.27
C HIS F 344 -63.98 22.24 12.90
N THR F 345 -64.73 21.89 13.86
CA THR F 345 -65.44 20.76 14.35
C THR F 345 -64.64 20.63 15.67
N GLY F 346 -65.19 21.46 16.58
CA GLY F 346 -64.62 21.66 17.90
C GLY F 346 -65.67 21.38 18.98
N SER F 347 -66.82 22.02 18.78
CA SER F 347 -67.91 21.90 19.77
C SER F 347 -69.31 22.02 19.17
N SER F 348 -70.02 23.08 19.52
CA SER F 348 -71.36 23.53 19.32
C SER F 348 -71.76 24.57 18.25
N GLY F 349 -72.86 25.18 18.68
CA GLY F 349 -73.61 26.30 18.15
C GLY F 349 -73.97 27.04 19.46
N ALA F 350 -75.24 27.11 19.81
CA ALA F 350 -75.71 27.74 21.01
C ALA F 350 -74.78 28.85 21.50
N ALA F 351 -74.33 28.56 22.69
CA ALA F 351 -73.48 29.15 23.66
C ALA F 351 -72.01 29.42 23.40
N SER F 352 -71.66 30.11 22.32
CA SER F 352 -70.34 30.62 22.10
C SER F 352 -69.46 30.27 20.92
N THR F 353 -69.92 30.73 19.84
CA THR F 353 -70.36 31.18 18.60
C THR F 353 -71.46 32.09 19.16
N GLN F 354 -71.00 33.16 19.82
CA GLN F 354 -71.92 34.00 20.58
C GLN F 354 -71.33 35.36 20.88
N SER F 355 -70.33 35.34 21.73
CA SER F 355 -69.65 36.58 22.09
C SER F 355 -69.96 36.70 23.59
N LEU F 356 -68.85 36.86 24.29
CA LEU F 356 -68.75 36.83 25.75
C LEU F 356 -68.21 38.13 26.29
N ALA G 1 -46.61 61.70 16.84
CA ALA G 1 -46.52 60.18 16.99
C ALA G 1 -47.80 59.55 17.47
N HIS G 2 -48.42 58.57 16.87
CA HIS G 2 -49.64 57.83 17.22
C HIS G 2 -50.44 57.31 16.02
N ARG G 3 -50.85 57.98 14.94
CA ARG G 3 -51.39 57.24 13.74
C ARG G 3 -50.25 57.45 12.74
N PHE G 4 -50.35 58.15 11.63
CA PHE G 4 -49.11 58.57 10.97
C PHE G 4 -47.95 57.68 10.82
N PRO G 5 -48.01 56.51 10.27
CA PRO G 5 -46.90 55.60 10.06
C PRO G 5 -45.65 56.16 9.45
N ALA G 6 -44.55 55.55 9.93
CA ALA G 6 -43.30 56.03 9.33
C ALA G 6 -42.99 55.48 7.96
N LEU G 7 -43.57 54.30 7.64
CA LEU G 7 -43.12 53.72 6.38
C LEU G 7 -44.25 52.99 5.69
N THR G 8 -44.19 52.95 4.35
CA THR G 8 -45.19 52.23 3.54
C THR G 8 -44.76 50.75 3.48
N GLN G 9 -45.76 49.92 3.24
CA GLN G 9 -45.37 48.49 3.01
C GLN G 9 -44.26 48.38 1.98
N GLU G 10 -44.44 49.13 0.91
CA GLU G 10 -43.36 49.23 -0.06
C GLU G 10 -42.04 49.50 0.63
N GLN G 11 -41.93 50.48 1.56
CA GLN G 11 -40.53 50.69 2.00
C GLN G 11 -40.01 49.59 2.93
N LYS G 12 -40.99 49.09 3.74
CA LYS G 12 -40.60 48.01 4.64
C LYS G 12 -40.11 46.81 3.81
N LYS G 13 -40.84 46.30 2.85
CA LYS G 13 -40.34 45.19 2.04
C LYS G 13 -38.94 45.49 1.52
N GLU G 14 -38.68 46.74 1.06
CA GLU G 14 -37.33 47.00 0.61
C GLU G 14 -36.37 46.80 1.76
N LEU G 15 -36.66 47.43 2.88
CA LEU G 15 -35.66 47.34 3.99
C LEU G 15 -35.43 45.90 4.40
N SER G 16 -36.54 45.21 4.65
CA SER G 16 -36.55 43.79 4.91
C SER G 16 -35.75 43.00 3.88
N GLU G 17 -36.02 43.29 2.64
CA GLU G 17 -35.26 42.45 1.68
C GLU G 17 -33.78 42.79 1.76
N ILE G 18 -33.47 44.12 1.91
CA ILE G 18 -32.00 44.33 1.93
C ILE G 18 -31.43 43.62 3.14
N ALA G 19 -32.12 43.68 4.28
CA ALA G 19 -31.44 43.18 5.46
C ALA G 19 -31.18 41.71 5.32
N GLN G 20 -32.23 40.94 5.13
CA GLN G 20 -32.07 39.50 5.00
C GLN G 20 -31.15 39.13 3.86
N SER G 21 -31.01 39.91 2.78
CA SER G 21 -30.02 39.57 1.78
C SER G 21 -28.61 39.56 2.35
N ILE G 22 -28.26 40.50 3.23
CA ILE G 22 -26.83 40.56 3.69
C ILE G 22 -26.50 39.28 4.45
N VAL G 23 -27.37 38.73 5.31
CA VAL G 23 -27.02 37.62 6.19
C VAL G 23 -27.59 36.34 5.66
N ALA G 24 -27.93 36.27 4.42
CA ALA G 24 -28.57 35.13 3.85
C ALA G 24 -27.94 33.76 3.81
N ASN G 25 -26.65 33.48 3.71
CA ASN G 25 -26.64 31.93 3.77
C ASN G 25 -25.37 31.59 4.55
N GLY G 26 -25.41 31.98 5.81
CA GLY G 26 -24.21 31.98 6.61
C GLY G 26 -23.40 33.25 6.14
N LYS G 27 -23.96 34.02 5.19
CA LYS G 27 -23.04 35.12 4.85
C LYS G 27 -22.92 36.10 6.00
N GLY G 28 -21.79 36.82 5.85
CA GLY G 28 -21.55 37.88 6.82
C GLY G 28 -20.93 39.11 6.16
N ILE G 29 -20.37 39.99 7.02
CA ILE G 29 -20.07 41.35 6.54
C ILE G 29 -18.64 41.78 6.76
N LEU G 30 -17.98 42.22 5.73
CA LEU G 30 -16.59 42.68 5.95
C LEU G 30 -16.65 44.13 6.39
N ALA G 31 -16.12 44.44 7.56
CA ALA G 31 -16.20 45.87 7.95
C ALA G 31 -14.93 46.54 7.48
N ALA G 32 -14.81 47.22 6.36
CA ALA G 32 -13.61 47.86 5.92
C ALA G 32 -13.61 49.39 6.01
N ASP G 33 -14.46 49.86 6.90
CA ASP G 33 -14.88 51.21 7.15
C ASP G 33 -14.05 51.94 8.18
N GLU G 34 -12.87 51.49 8.46
CA GLU G 34 -11.94 52.16 9.35
C GLU G 34 -11.69 53.60 8.82
N SER G 35 -11.75 54.57 9.70
CA SER G 35 -11.47 55.93 9.27
C SER G 35 -9.97 56.15 9.05
N VAL G 36 -9.64 57.26 8.44
CA VAL G 36 -8.23 57.65 8.21
C VAL G 36 -7.35 57.38 9.43
N GLY G 37 -7.87 57.92 10.52
CA GLY G 37 -7.18 57.65 11.77
C GLY G 37 -7.03 56.22 12.21
N THR G 38 -8.19 55.54 12.21
CA THR G 38 -8.16 54.16 12.61
C THR G 38 -7.40 53.30 11.65
N MET G 39 -7.52 53.61 10.39
CA MET G 39 -6.80 52.77 9.43
C MET G 39 -5.31 53.01 9.58
N GLY G 40 -4.92 54.23 9.98
CA GLY G 40 -3.47 54.38 10.21
C GLY G 40 -2.98 53.48 11.35
N ASN G 41 -3.79 53.30 12.41
CA ASN G 41 -3.37 52.44 13.49
C ASN G 41 -3.15 51.04 12.88
N ARG G 42 -4.04 50.56 12.00
CA ARG G 42 -3.82 49.29 11.40
C ARG G 42 -2.57 49.27 10.54
N LEU G 43 -2.36 50.31 9.74
CA LEU G 43 -1.14 50.32 8.93
C LEU G 43 0.13 50.23 9.77
N GLN G 44 0.16 51.03 10.80
CA GLN G 44 1.29 51.10 11.74
C GLN G 44 1.77 49.72 12.17
N ARG G 45 0.74 48.92 12.48
CA ARG G 45 1.08 47.53 12.85
C ARG G 45 2.03 46.97 11.80
N ILE G 46 1.81 47.13 10.50
CA ILE G 46 2.76 46.52 9.55
C ILE G 46 3.72 47.57 9.04
N LYS G 47 4.01 48.48 9.96
CA LYS G 47 4.91 49.61 9.64
C LYS G 47 4.82 50.08 8.21
N VAL G 48 3.73 50.64 7.76
CA VAL G 48 3.24 51.17 6.51
C VAL G 48 2.55 52.50 6.85
N GLU G 49 3.05 53.49 6.11
CA GLU G 49 2.67 54.90 6.29
C GLU G 49 1.20 55.10 5.94
N ASN G 50 0.59 55.80 6.92
CA ASN G 50 -0.84 56.01 6.75
C ASN G 50 -1.05 57.04 5.64
N THR G 51 -1.38 56.55 4.46
CA THR G 51 -1.56 57.43 3.31
C THR G 51 -2.77 56.95 2.53
N GLU G 52 -3.43 57.95 1.96
CA GLU G 52 -4.59 57.70 1.14
C GLU G 52 -4.25 56.58 0.14
N GLU G 53 -3.21 56.86 -0.67
CA GLU G 53 -2.86 55.81 -1.60
C GLU G 53 -2.64 54.42 -0.97
N ASN G 54 -1.99 54.33 0.23
CA ASN G 54 -1.74 52.98 0.77
C ASN G 54 -3.10 52.40 1.20
N ARG G 55 -3.94 53.18 1.82
CA ARG G 55 -5.27 52.80 2.14
C ARG G 55 -6.00 52.35 0.90
N ARG G 56 -5.74 53.09 -0.16
CA ARG G 56 -6.59 52.77 -1.33
C ARG G 56 -5.97 51.51 -1.91
N GLN G 57 -4.67 51.30 -1.76
CA GLN G 57 -4.14 50.06 -2.32
C GLN G 57 -4.68 48.80 -1.65
N PHE G 58 -4.54 48.77 -0.32
CA PHE G 58 -4.80 47.57 0.46
C PHE G 58 -6.26 47.22 0.22
N ARG G 59 -7.06 48.29 0.07
CA ARG G 59 -8.47 47.95 -0.17
C ARG G 59 -8.72 47.41 -1.57
N GLU G 60 -7.88 47.83 -2.52
CA GLU G 60 -8.12 47.37 -3.87
C GLU G 60 -7.86 45.84 -3.90
N ILE G 61 -6.86 45.48 -3.07
CA ILE G 61 -6.55 44.06 -3.01
C ILE G 61 -7.67 43.21 -2.41
N LEU G 62 -8.22 43.66 -1.27
CA LEU G 62 -9.27 42.82 -0.72
C LEU G 62 -10.42 42.92 -1.70
N PHE G 63 -10.78 44.08 -2.24
CA PHE G 63 -11.95 44.12 -3.11
C PHE G 63 -11.82 43.40 -4.43
N SER G 64 -10.61 43.32 -4.96
CA SER G 64 -10.42 42.61 -6.25
C SER G 64 -10.35 41.12 -6.06
N VAL G 65 -10.85 40.59 -4.96
CA VAL G 65 -10.74 39.16 -4.86
C VAL G 65 -11.57 38.23 -5.65
N ASP G 66 -12.18 37.85 -6.71
CA ASP G 66 -12.48 36.43 -7.04
C ASP G 66 -13.87 36.35 -6.36
N SER G 67 -14.74 36.59 -7.32
CA SER G 67 -16.14 36.66 -7.05
C SER G 67 -16.78 35.64 -6.13
N SER G 68 -16.13 34.56 -5.84
CA SER G 68 -16.62 33.52 -4.94
C SER G 68 -16.71 33.98 -3.49
N ILE G 69 -16.03 35.12 -3.33
CA ILE G 69 -16.03 35.78 -2.05
C ILE G 69 -17.48 36.06 -1.74
N ASN G 70 -18.29 36.38 -2.73
CA ASN G 70 -19.74 36.41 -2.51
C ASN G 70 -20.43 35.25 -1.73
N GLN G 71 -19.66 34.21 -1.39
CA GLN G 71 -20.20 32.97 -0.88
C GLN G 71 -20.17 32.96 0.63
N SER G 72 -19.36 33.88 1.10
CA SER G 72 -19.04 34.18 2.46
C SER G 72 -19.33 35.61 2.89
N ILE G 73 -19.12 36.57 1.99
CA ILE G 73 -19.45 37.95 2.21
C ILE G 73 -20.69 38.45 1.48
N GLY G 74 -21.61 38.98 2.29
CA GLY G 74 -22.90 39.54 1.81
C GLY G 74 -22.97 41.04 1.86
N GLY G 75 -21.99 41.62 2.61
CA GLY G 75 -22.00 43.07 2.66
C GLY G 75 -20.64 43.64 2.83
N VAL G 76 -20.35 44.74 2.23
CA VAL G 76 -19.06 45.37 2.60
C VAL G 76 -19.31 46.77 3.20
N ILE G 77 -18.79 46.99 4.42
CA ILE G 77 -19.01 48.33 4.96
C ILE G 77 -17.86 49.28 4.52
N LEU G 78 -18.17 50.35 3.81
CA LEU G 78 -17.15 51.36 3.52
C LEU G 78 -17.15 52.66 4.34
N PHE G 79 -15.93 53.27 4.31
CA PHE G 79 -15.69 54.62 4.86
C PHE G 79 -15.84 55.55 3.65
N HIS G 80 -16.50 56.66 3.77
CA HIS G 80 -16.74 57.70 2.83
C HIS G 80 -15.61 57.90 1.83
N GLU G 81 -14.33 57.96 2.18
CA GLU G 81 -13.35 58.19 1.11
C GLU G 81 -13.40 56.97 0.17
N THR G 82 -13.48 55.82 0.87
CA THR G 82 -13.42 54.61 0.03
C THR G 82 -14.59 54.48 -0.91
N LEU G 83 -15.78 55.02 -0.68
CA LEU G 83 -16.88 54.74 -1.58
C LEU G 83 -16.58 55.29 -2.93
N TYR G 84 -15.72 56.30 -2.92
CA TYR G 84 -15.53 57.15 -4.09
C TYR G 84 -14.14 56.92 -4.73
N GLN G 85 -13.38 56.02 -4.12
CA GLN G 85 -12.09 55.65 -4.63
C GLN G 85 -12.35 54.65 -5.78
N LYS G 86 -11.33 54.43 -6.57
CA LYS G 86 -11.17 53.60 -7.70
C LYS G 86 -10.02 52.60 -7.71
N ASP G 87 -10.24 51.74 -8.71
CA ASP G 87 -9.31 50.71 -9.12
C ASP G 87 -7.98 51.28 -9.54
N SER G 88 -7.07 50.39 -9.88
CA SER G 88 -5.85 50.85 -10.57
C SER G 88 -6.28 50.93 -12.03
N GLN G 89 -7.55 50.92 -12.37
CA GLN G 89 -7.98 51.26 -13.70
C GLN G 89 -9.17 52.23 -13.74
N GLY G 90 -9.29 53.01 -12.68
CA GLY G 90 -10.41 53.93 -12.62
C GLY G 90 -11.67 53.11 -12.44
N LYS G 91 -11.70 51.79 -12.21
CA LYS G 91 -13.10 51.30 -12.00
C LYS G 91 -13.50 51.59 -10.53
N LEU G 92 -14.67 52.15 -10.30
CA LEU G 92 -15.01 52.48 -8.90
C LEU G 92 -15.15 51.27 -7.96
N PHE G 93 -14.37 51.23 -6.87
CA PHE G 93 -14.61 50.13 -5.92
C PHE G 93 -16.07 49.74 -5.62
N ARG G 94 -16.88 50.76 -5.43
CA ARG G 94 -18.26 50.42 -5.07
C ARG G 94 -18.82 49.61 -6.23
N ASN G 95 -18.46 49.97 -7.47
CA ASN G 95 -19.07 49.24 -8.59
C ASN G 95 -18.48 47.84 -8.76
N ILE G 96 -17.25 47.71 -8.31
CA ILE G 96 -16.66 46.37 -8.29
C ILE G 96 -17.53 45.58 -7.32
N LEU G 97 -17.79 46.16 -6.14
CA LEU G 97 -18.43 45.32 -5.12
C LEU G 97 -19.80 44.90 -5.61
N LYS G 98 -20.55 45.89 -6.08
CA LYS G 98 -21.90 45.61 -6.56
C LYS G 98 -21.97 44.47 -7.58
N GLU G 99 -21.04 44.57 -8.53
CA GLU G 99 -21.07 43.60 -9.61
C GLU G 99 -20.72 42.20 -9.17
N LYS G 100 -19.86 41.91 -8.21
CA LYS G 100 -19.60 40.61 -7.69
C LYS G 100 -20.73 40.21 -6.72
N GLY G 101 -21.88 40.82 -6.60
CA GLY G 101 -22.81 40.30 -5.66
C GLY G 101 -22.83 40.84 -4.26
N ILE G 102 -22.01 41.84 -3.98
CA ILE G 102 -22.02 42.27 -2.60
C ILE G 102 -22.74 43.57 -2.31
N VAL G 103 -23.65 43.51 -1.30
CA VAL G 103 -24.29 44.78 -0.87
C VAL G 103 -23.35 45.82 -0.29
N VAL G 104 -23.46 47.07 -0.72
CA VAL G 104 -22.41 47.97 -0.15
C VAL G 104 -22.88 48.81 1.03
N GLY G 105 -22.17 49.11 2.11
CA GLY G 105 -22.76 49.97 3.12
C GLY G 105 -21.88 51.13 3.50
N ILE G 106 -22.41 52.08 4.30
CA ILE G 106 -21.56 53.21 4.68
C ILE G 106 -21.64 53.58 6.15
N LYS G 107 -20.49 54.04 6.58
CA LYS G 107 -20.34 54.41 7.97
C LYS G 107 -21.00 55.81 8.12
N LEU G 108 -22.15 55.89 8.81
CA LEU G 108 -22.79 57.18 8.94
C LEU G 108 -22.44 58.05 10.16
N ASP G 109 -21.93 57.43 11.20
CA ASP G 109 -21.54 58.13 12.34
C ASP G 109 -20.25 58.90 12.09
N GLN G 110 -19.92 59.91 12.93
CA GLN G 110 -18.72 60.66 12.75
C GLN G 110 -17.91 60.75 14.01
N GLY G 111 -17.98 59.72 14.84
CA GLY G 111 -17.06 59.78 16.01
C GLY G 111 -17.77 60.33 17.28
N GLY G 112 -17.10 60.10 18.42
CA GLY G 112 -17.65 60.50 19.67
C GLY G 112 -17.47 61.98 20.01
N ALA G 113 -18.05 62.32 21.10
CA ALA G 113 -18.05 63.65 21.67
C ALA G 113 -18.39 63.37 23.15
N PRO G 114 -17.42 63.87 23.87
CA PRO G 114 -17.49 63.84 25.32
C PRO G 114 -18.86 64.26 25.86
N LEU G 115 -19.26 63.59 26.88
CA LEU G 115 -20.41 63.82 27.70
C LEU G 115 -19.88 64.42 29.01
N ALA G 116 -20.08 65.69 29.11
CA ALA G 116 -19.69 66.33 30.38
C ALA G 116 -20.38 65.61 31.55
N GLY G 117 -19.67 65.80 32.64
CA GLY G 117 -20.18 65.37 33.93
C GLY G 117 -20.16 63.83 34.03
N THR G 118 -19.32 63.30 33.19
CA THR G 118 -19.35 61.80 33.15
C THR G 118 -18.03 61.11 33.35
N ASN G 119 -17.94 59.80 33.64
CA ASN G 119 -16.50 59.51 33.89
C ASN G 119 -15.95 59.06 32.54
N LYS G 120 -15.52 60.05 31.80
CA LYS G 120 -14.95 59.80 30.46
C LYS G 120 -15.85 59.08 29.48
N GLU G 121 -17.19 59.15 29.65
CA GLU G 121 -18.08 58.58 28.64
C GLU G 121 -18.22 59.45 27.39
N THR G 122 -18.80 58.90 26.27
CA THR G 122 -19.12 59.61 25.04
C THR G 122 -20.49 59.36 24.50
N THR G 123 -20.87 60.22 23.56
CA THR G 123 -22.06 60.09 22.73
C THR G 123 -21.35 60.07 21.31
N ILE G 124 -22.20 60.05 20.30
CA ILE G 124 -21.62 60.05 18.96
C ILE G 124 -22.33 61.09 18.13
N GLN G 125 -21.65 61.70 17.27
CA GLN G 125 -21.90 62.72 16.32
C GLN G 125 -22.24 62.14 14.96
N GLY G 126 -22.91 62.98 14.13
CA GLY G 126 -23.25 62.60 12.78
C GLY G 126 -24.69 62.75 12.37
N LEU G 127 -25.59 63.28 13.19
CA LEU G 127 -26.97 63.26 12.67
C LEU G 127 -27.27 64.42 11.75
N ASP G 128 -26.50 65.49 11.89
CA ASP G 128 -26.75 66.73 11.22
C ASP G 128 -26.45 66.37 9.78
N GLY G 129 -27.45 66.70 8.97
CA GLY G 129 -27.19 66.44 7.53
C GLY G 129 -27.46 64.95 7.14
N LEU G 130 -28.03 64.21 8.12
CA LEU G 130 -28.02 62.76 7.93
C LEU G 130 -28.84 62.33 6.69
N SER G 131 -30.03 62.93 6.67
CA SER G 131 -30.96 62.67 5.61
C SER G 131 -30.44 62.83 4.22
N GLU G 132 -29.97 64.03 4.00
CA GLU G 132 -29.43 64.52 2.75
C GLU G 132 -28.36 63.54 2.26
N ARG G 133 -27.46 63.19 3.18
CA ARG G 133 -26.37 62.28 2.94
C ARG G 133 -26.83 60.88 2.57
N CYS G 134 -27.76 60.37 3.40
CA CYS G 134 -28.37 59.07 3.20
C CYS G 134 -29.00 58.96 1.83
N ALA G 135 -29.80 59.94 1.45
CA ALA G 135 -30.34 60.00 0.07
C ALA G 135 -29.30 60.07 -1.06
N GLN G 136 -28.23 60.88 -0.94
CA GLN G 136 -27.19 60.72 -1.99
C GLN G 136 -26.42 59.40 -1.90
N TYR G 137 -26.23 58.88 -0.66
CA TYR G 137 -25.49 57.62 -0.73
C TYR G 137 -26.45 56.66 -1.45
N LYS G 138 -27.77 56.86 -1.21
CA LYS G 138 -28.58 55.72 -1.81
C LYS G 138 -28.37 55.80 -3.29
N LYS G 139 -28.20 57.03 -3.73
CA LYS G 139 -28.09 57.28 -5.15
C LYS G 139 -26.82 56.67 -5.67
N ASP G 140 -25.83 56.69 -4.77
CA ASP G 140 -24.54 56.18 -5.25
C ASP G 140 -24.42 54.68 -5.12
N GLY G 141 -25.49 53.96 -4.96
CA GLY G 141 -25.55 52.50 -4.82
C GLY G 141 -25.24 51.89 -3.46
N VAL G 142 -25.48 52.58 -2.37
CA VAL G 142 -25.23 51.95 -1.07
C VAL G 142 -26.60 51.49 -0.68
N ASP G 143 -26.77 50.52 0.16
CA ASP G 143 -28.14 50.13 0.59
C ASP G 143 -28.25 50.03 2.10
N PHE G 144 -27.20 50.29 2.87
CA PHE G 144 -27.22 50.02 4.31
C PHE G 144 -26.15 50.88 4.99
N GLY G 145 -26.39 51.16 6.29
CA GLY G 145 -25.45 52.10 6.95
C GLY G 145 -24.98 51.55 8.30
N LYS G 146 -24.00 52.24 8.91
CA LYS G 146 -23.48 51.78 10.17
C LYS G 146 -23.06 52.90 11.13
N TRP G 147 -23.53 52.72 12.40
CA TRP G 147 -23.29 53.78 13.39
C TRP G 147 -22.89 53.13 14.69
N ARG G 148 -21.63 53.37 15.00
CA ARG G 148 -21.11 52.75 16.22
C ARG G 148 -21.10 53.51 17.54
N ALA G 149 -21.72 53.01 18.63
CA ALA G 149 -21.64 53.76 19.91
C ALA G 149 -20.68 52.98 20.77
N VAL G 150 -20.05 53.66 21.65
CA VAL G 150 -19.02 53.03 22.48
C VAL G 150 -19.36 53.35 23.92
N LEU G 151 -19.63 52.33 24.67
CA LEU G 151 -19.85 52.25 26.07
C LEU G 151 -18.83 51.30 26.72
N ARG G 152 -18.32 51.67 27.88
CA ARG G 152 -17.34 51.05 28.73
C ARG G 152 -17.93 50.68 30.09
N ILE G 153 -17.19 49.77 30.68
CA ILE G 153 -17.30 49.26 32.00
C ILE G 153 -16.11 49.83 32.77
N ALA G 154 -16.40 50.73 33.68
CA ALA G 154 -15.40 51.41 34.48
C ALA G 154 -16.17 52.05 35.67
N ASP G 155 -15.54 53.02 36.30
CA ASP G 155 -16.06 53.55 37.54
C ASP G 155 -17.22 54.47 37.12
N GLN G 156 -18.36 54.12 37.64
CA GLN G 156 -19.56 54.82 37.28
C GLN G 156 -19.79 54.75 35.81
N CYS G 157 -19.39 53.75 35.04
CA CYS G 157 -19.64 53.61 33.61
C CYS G 157 -20.18 52.21 33.38
N PRO G 158 -21.09 52.00 32.48
CA PRO G 158 -21.68 53.02 31.64
C PRO G 158 -22.81 53.69 32.41
N SER G 159 -22.90 54.98 32.24
CA SER G 159 -23.92 55.62 33.08
C SER G 159 -25.34 55.66 32.54
N SER G 160 -26.30 56.17 33.35
CA SER G 160 -27.61 56.22 32.74
C SER G 160 -27.62 57.22 31.64
N LEU G 161 -26.78 58.25 31.79
CA LEU G 161 -26.82 59.30 30.79
C LEU G 161 -26.18 58.76 29.53
N ALA G 162 -25.12 57.98 29.68
CA ALA G 162 -24.48 57.49 28.45
C ALA G 162 -25.37 56.50 27.73
N ILE G 163 -26.02 55.60 28.52
CA ILE G 163 -26.79 54.52 27.85
C ILE G 163 -27.96 55.15 27.10
N GLN G 164 -28.61 56.07 27.79
CA GLN G 164 -29.82 56.68 27.28
C GLN G 164 -29.50 57.41 26.01
N GLU G 165 -28.39 58.15 26.05
CA GLU G 165 -28.14 59.14 25.04
C GLU G 165 -27.58 58.44 23.87
N ASN G 166 -26.67 57.50 24.00
CA ASN G 166 -26.30 56.74 22.80
C ASN G 166 -27.47 55.93 22.24
N ALA G 167 -28.46 55.61 23.13
CA ALA G 167 -29.54 54.78 22.59
C ALA G 167 -30.45 55.62 21.75
N ASN G 168 -30.62 56.88 22.14
CA ASN G 168 -31.45 57.77 21.32
C ASN G 168 -30.69 58.18 20.10
N ALA G 169 -29.36 58.35 20.17
CA ALA G 169 -28.69 58.81 18.98
C ALA G 169 -28.81 57.67 17.97
N LEU G 170 -28.56 56.43 18.43
CA LEU G 170 -28.76 55.29 17.48
C LEU G 170 -30.21 55.25 17.05
N ALA G 171 -31.19 55.63 17.88
CA ALA G 171 -32.55 55.39 17.32
C ALA G 171 -32.85 56.51 16.33
N ARG G 172 -32.22 57.68 16.42
CA ARG G 172 -32.45 58.79 15.51
C ARG G 172 -31.87 58.36 14.20
N TYR G 173 -30.63 57.94 14.31
CA TYR G 173 -29.94 57.53 13.06
C TYR G 173 -30.60 56.34 12.32
N ALA G 174 -31.23 55.50 13.10
CA ALA G 174 -31.84 54.31 12.49
C ALA G 174 -33.10 54.69 11.75
N SER G 175 -33.83 55.61 12.30
CA SER G 175 -35.04 56.17 11.70
C SER G 175 -34.81 56.89 10.38
N ILE G 176 -33.76 57.74 10.35
CA ILE G 176 -33.38 58.55 9.26
C ILE G 176 -32.93 57.66 8.13
N CYS G 177 -32.09 56.70 8.37
CA CYS G 177 -31.67 55.75 7.33
C CYS G 177 -32.91 55.12 6.66
N GLN G 178 -33.83 54.57 7.48
CA GLN G 178 -34.99 53.94 6.92
C GLN G 178 -35.84 54.89 6.11
N GLN G 179 -35.87 56.18 6.25
CA GLN G 179 -36.77 57.01 5.47
C GLN G 179 -35.94 57.13 4.19
N ASN G 180 -34.73 56.72 4.06
CA ASN G 180 -34.02 56.96 2.82
C ASN G 180 -33.49 55.68 2.13
N GLY G 181 -33.98 54.54 2.56
CA GLY G 181 -33.88 53.34 1.85
C GLY G 181 -32.63 52.57 2.26
N LEU G 182 -32.08 53.05 3.44
CA LEU G 182 -30.89 52.26 3.80
C LEU G 182 -31.22 51.36 4.96
N VAL G 183 -30.59 50.19 5.14
CA VAL G 183 -30.91 49.47 6.38
C VAL G 183 -29.85 49.80 7.41
N PRO G 184 -30.26 50.21 8.59
CA PRO G 184 -29.40 50.59 9.66
C PRO G 184 -28.90 49.41 10.44
N ILE G 185 -27.57 49.38 10.53
CA ILE G 185 -26.89 48.41 11.38
C ILE G 185 -26.69 49.11 12.72
N VAL G 186 -27.49 48.91 13.74
CA VAL G 186 -27.24 49.48 15.04
C VAL G 186 -26.10 48.85 15.82
N GLU G 187 -24.94 49.40 16.11
CA GLU G 187 -23.83 48.86 16.85
C GLU G 187 -23.50 49.57 18.17
N PRO G 188 -24.17 49.18 19.21
CA PRO G 188 -23.97 49.85 20.48
C PRO G 188 -22.88 48.95 21.01
N GLU G 189 -21.63 49.14 20.94
CA GLU G 189 -20.62 48.22 21.48
C GLU G 189 -20.29 48.37 22.95
N VAL G 190 -20.30 47.28 23.72
CA VAL G 190 -19.72 47.36 25.05
C VAL G 190 -18.23 46.97 24.91
N ILE G 191 -17.34 47.89 25.00
CA ILE G 191 -15.87 47.86 24.96
C ILE G 191 -15.41 46.89 26.03
N PRO G 192 -14.40 46.08 25.80
CA PRO G 192 -13.91 45.02 26.63
C PRO G 192 -12.79 45.52 27.52
N ASP G 193 -12.47 46.81 27.28
CA ASP G 193 -11.43 47.35 28.17
C ASP G 193 -11.78 47.11 29.63
N GLY G 194 -10.74 46.70 30.37
CA GLY G 194 -10.76 46.41 31.76
C GLY G 194 -10.66 45.02 32.26
N ASP G 195 -10.89 44.90 33.53
CA ASP G 195 -10.83 43.76 34.39
C ASP G 195 -12.10 42.93 34.60
N HIS G 196 -13.29 43.45 34.30
CA HIS G 196 -14.44 42.67 34.66
C HIS G 196 -14.42 41.29 34.06
N ASP G 197 -15.27 40.45 34.62
CA ASP G 197 -15.30 39.09 34.05
C ASP G 197 -16.54 38.96 33.19
N LEU G 198 -16.96 37.73 32.86
CA LEU G 198 -18.08 37.49 32.00
C LEU G 198 -19.40 37.99 32.57
N GLU G 199 -19.69 37.57 33.77
CA GLU G 199 -21.05 37.90 34.30
C GLU G 199 -21.23 39.40 34.27
N HIS G 200 -20.15 40.16 34.63
CA HIS G 200 -20.34 41.59 34.53
C HIS G 200 -20.67 42.05 33.11
N CYS G 201 -19.95 41.53 32.13
CA CYS G 201 -20.21 42.02 30.73
C CYS G 201 -21.60 41.53 30.28
N GLN G 202 -21.93 40.31 30.70
CA GLN G 202 -23.29 39.90 30.35
C GLN G 202 -24.27 40.80 31.06
N TYR G 203 -24.13 41.28 32.27
CA TYR G 203 -25.13 42.20 32.83
C TYR G 203 -25.16 43.59 32.20
N VAL G 204 -24.04 44.22 31.92
CA VAL G 204 -24.10 45.52 31.23
C VAL G 204 -24.73 45.43 29.84
N THR G 205 -24.33 44.45 29.02
CA THR G 205 -24.82 44.19 27.70
C THR G 205 -26.30 43.98 27.59
N GLU G 206 -26.81 43.21 28.55
CA GLU G 206 -28.27 43.14 28.68
C GLU G 206 -28.93 44.47 29.00
N LYS G 207 -28.31 45.36 29.83
CA LYS G 207 -28.99 46.66 30.12
C LYS G 207 -28.95 47.57 28.90
N VAL G 208 -27.78 47.53 28.22
CA VAL G 208 -27.65 48.39 27.05
C VAL G 208 -28.66 48.00 25.99
N LEU G 209 -28.71 46.69 25.67
CA LEU G 209 -29.60 46.28 24.57
C LEU G 209 -31.01 46.47 25.00
N ALA G 210 -31.31 46.26 26.28
CA ALA G 210 -32.71 46.67 26.62
C ALA G 210 -33.01 48.13 26.34
N ALA G 211 -32.02 49.03 26.54
CA ALA G 211 -32.34 50.42 26.28
C ALA G 211 -32.37 50.82 24.82
N VAL G 212 -31.43 50.27 24.09
CA VAL G 212 -31.53 50.49 22.63
C VAL G 212 -32.86 50.07 22.02
N TYR G 213 -33.36 48.85 22.34
CA TYR G 213 -34.63 48.46 21.70
C TYR G 213 -35.77 49.28 22.20
N LYS G 214 -35.73 49.77 23.46
CA LYS G 214 -36.86 50.60 23.89
C LYS G 214 -36.81 51.89 23.08
N ALA G 215 -35.57 52.36 22.93
CA ALA G 215 -35.39 53.53 22.12
C ALA G 215 -35.88 53.32 20.71
N LEU G 216 -35.39 52.23 20.04
CA LEU G 216 -35.94 52.06 18.69
C LEU G 216 -37.46 52.03 18.66
N ASN G 217 -38.10 51.33 19.61
CA ASN G 217 -39.56 51.37 19.64
C ASN G 217 -40.07 52.77 19.89
N ASP G 218 -39.63 53.57 20.88
CA ASP G 218 -40.13 54.95 20.87
C ASP G 218 -39.88 55.70 19.59
N HIS G 219 -38.75 55.56 18.89
CA HIS G 219 -38.62 56.24 17.63
C HIS G 219 -39.37 55.49 16.54
N HIS G 220 -40.12 54.40 16.74
CA HIS G 220 -40.85 53.86 15.61
C HIS G 220 -39.96 53.14 14.55
N VAL G 221 -38.81 52.60 14.95
CA VAL G 221 -37.97 52.04 13.90
C VAL G 221 -38.46 50.70 13.41
N TYR G 222 -38.43 50.35 12.14
CA TYR G 222 -39.08 49.03 11.74
C TYR G 222 -38.05 47.99 12.03
N LEU G 223 -38.21 47.18 13.09
CA LEU G 223 -37.03 46.28 13.34
C LEU G 223 -36.64 45.42 12.18
N GLU G 224 -37.60 44.89 11.42
CA GLU G 224 -37.32 43.94 10.35
C GLU G 224 -36.44 44.59 9.29
N GLY G 225 -36.16 45.93 9.42
CA GLY G 225 -35.34 46.49 8.34
C GLY G 225 -34.09 47.07 8.87
N THR G 226 -33.60 46.22 9.79
CA THR G 226 -32.42 46.65 10.61
C THR G 226 -31.46 45.57 10.90
N LEU G 227 -30.25 45.80 11.35
CA LEU G 227 -29.33 44.68 11.70
C LEU G 227 -28.76 45.03 13.06
N LEU G 228 -28.23 44.10 13.83
CA LEU G 228 -27.68 44.43 15.15
C LEU G 228 -26.25 43.93 15.16
N LYS G 229 -25.30 44.77 15.53
CA LYS G 229 -23.88 44.48 15.54
C LYS G 229 -23.32 44.79 16.93
N PRO G 230 -23.63 43.94 17.88
CA PRO G 230 -23.30 44.12 19.27
C PRO G 230 -21.97 43.44 19.56
N ASN G 231 -21.49 43.54 20.76
CA ASN G 231 -20.28 42.91 21.18
C ASN G 231 -20.81 41.51 21.62
N MET G 232 -19.83 40.60 21.42
CA MET G 232 -20.07 39.29 22.03
C MET G 232 -19.93 39.48 23.53
N VAL G 233 -20.50 38.69 24.35
CA VAL G 233 -20.28 38.85 25.78
C VAL G 233 -18.99 38.13 26.18
N THR G 234 -17.93 38.83 26.58
CA THR G 234 -16.73 38.07 27.06
C THR G 234 -16.31 38.80 28.35
N ALA G 235 -15.29 38.25 29.01
CA ALA G 235 -14.71 38.92 30.16
C ALA G 235 -13.77 40.04 29.65
N GLY G 236 -13.51 40.97 30.54
CA GLY G 236 -12.69 42.12 30.33
C GLY G 236 -11.31 41.82 29.78
N HIS G 237 -10.76 42.70 28.92
CA HIS G 237 -9.44 42.56 28.39
C HIS G 237 -8.45 42.18 29.46
N ALA G 238 -8.45 42.86 30.59
CA ALA G 238 -7.46 42.52 31.63
C ALA G 238 -7.92 41.46 32.63
N CYS G 239 -9.04 40.82 32.38
CA CYS G 239 -9.57 39.82 33.26
C CYS G 239 -8.65 38.62 33.11
N THR G 240 -8.27 38.05 34.23
CA THR G 240 -7.32 36.94 34.26
C THR G 240 -8.02 35.60 34.06
N LYS G 241 -9.33 35.55 34.36
CA LYS G 241 -9.95 34.21 34.31
C LYS G 241 -9.98 33.78 32.87
N LYS G 242 -9.94 32.50 32.61
CA LYS G 242 -10.01 32.13 31.18
C LYS G 242 -11.32 31.42 30.82
N TYR G 243 -12.01 31.87 29.73
CA TYR G 243 -13.23 31.10 29.39
C TYR G 243 -13.20 30.40 28.04
N THR G 244 -14.22 29.57 27.86
CA THR G 244 -14.31 28.74 26.63
C THR G 244 -15.32 29.27 25.64
N PRO G 245 -15.29 28.89 24.38
CA PRO G 245 -16.19 29.52 23.40
C PRO G 245 -17.60 29.21 23.83
N GLU G 246 -17.69 27.99 24.38
CA GLU G 246 -18.99 27.58 24.80
C GLU G 246 -19.49 28.50 25.90
N GLN G 247 -18.68 29.00 26.77
CA GLN G 247 -19.20 29.79 27.92
C GLN G 247 -19.50 31.15 27.34
N VAL G 248 -18.67 31.56 26.46
CA VAL G 248 -18.90 32.90 25.83
C VAL G 248 -20.20 32.87 25.08
N ALA G 249 -20.40 31.83 24.32
CA ALA G 249 -21.63 31.71 23.50
C ALA G 249 -22.83 31.58 24.38
N MET G 250 -22.82 30.92 25.49
CA MET G 250 -24.05 30.94 26.22
C MET G 250 -24.44 32.30 26.79
N ALA G 251 -23.35 33.01 27.19
CA ALA G 251 -23.60 34.27 27.89
C ALA G 251 -24.08 35.28 26.85
N THR G 252 -23.52 35.23 25.66
CA THR G 252 -23.93 36.14 24.57
C THR G 252 -25.37 35.91 24.13
N VAL G 253 -25.66 34.64 23.75
CA VAL G 253 -26.97 34.26 23.32
C VAL G 253 -27.88 34.46 24.49
N THR G 254 -27.47 34.14 25.74
CA THR G 254 -28.48 34.42 26.79
C THR G 254 -28.84 35.92 26.87
N ALA G 255 -27.86 36.86 26.89
CA ALA G 255 -28.21 38.23 26.93
C ALA G 255 -29.09 38.62 25.73
N LEU G 256 -28.63 38.14 24.57
CA LEU G 256 -29.34 38.52 23.38
C LEU G 256 -30.76 38.01 23.49
N HIS G 257 -31.00 36.85 24.04
CA HIS G 257 -32.39 36.30 23.81
C HIS G 257 -33.35 36.92 24.75
N ARG G 258 -32.72 37.59 25.72
CA ARG G 258 -33.49 38.36 26.71
C ARG G 258 -33.90 39.76 26.30
N THR G 259 -33.30 40.28 25.26
CA THR G 259 -33.47 41.66 24.86
C THR G 259 -33.62 41.92 23.36
N VAL G 260 -33.05 41.07 22.50
CA VAL G 260 -33.26 41.46 21.10
C VAL G 260 -34.42 40.74 20.52
N PRO G 261 -35.37 41.51 19.98
CA PRO G 261 -36.56 40.97 19.38
C PRO G 261 -36.27 40.05 18.18
N ALA G 262 -37.26 39.16 18.13
CA ALA G 262 -37.28 38.12 17.13
C ALA G 262 -37.49 38.80 15.81
N ALA G 263 -38.13 39.96 15.72
CA ALA G 263 -38.22 40.68 14.45
C ALA G 263 -36.85 41.13 13.92
N VAL G 264 -35.77 41.23 14.72
CA VAL G 264 -34.53 41.67 14.04
C VAL G 264 -34.00 40.49 13.20
N PRO G 265 -33.80 40.63 11.90
CA PRO G 265 -33.48 39.48 11.08
C PRO G 265 -32.12 38.89 11.36
N GLY G 266 -31.13 39.71 11.60
CA GLY G 266 -29.79 39.25 11.78
C GLY G 266 -29.02 40.04 12.82
N ILE G 267 -28.21 39.18 13.53
CA ILE G 267 -27.38 39.87 14.53
C ILE G 267 -25.96 39.58 14.04
N CYS G 268 -25.10 40.50 13.67
CA CYS G 268 -23.76 40.46 13.14
C CYS G 268 -22.70 41.07 14.07
N PHE G 269 -21.92 40.22 14.75
CA PHE G 269 -21.00 40.53 15.81
C PHE G 269 -19.76 41.30 15.40
N LEU G 270 -19.34 42.24 16.18
CA LEU G 270 -18.06 42.93 16.02
C LEU G 270 -17.03 42.01 16.65
N SER G 271 -15.76 42.06 16.28
CA SER G 271 -14.91 41.06 16.95
C SER G 271 -14.03 41.84 17.90
N GLY G 272 -13.93 43.09 17.46
CA GLY G 272 -13.09 44.09 18.09
C GLY G 272 -12.05 43.57 19.08
N GLY G 273 -10.79 43.38 18.62
CA GLY G 273 -9.90 42.87 19.69
C GLY G 273 -9.72 41.37 19.67
N MET G 274 -10.74 40.51 19.78
CA MET G 274 -10.53 39.10 19.56
C MET G 274 -9.64 38.79 18.35
N SER G 275 -8.84 37.74 18.53
CA SER G 275 -8.04 37.20 17.42
C SER G 275 -9.01 36.70 16.32
N GLU G 276 -8.47 36.51 15.16
CA GLU G 276 -9.11 35.99 13.98
C GLU G 276 -9.77 34.67 14.28
N GLU G 277 -9.00 33.92 15.08
CA GLU G 277 -9.44 32.55 15.35
C GLU G 277 -10.37 32.41 16.52
N ASP G 278 -10.23 33.18 17.55
CA ASP G 278 -11.16 33.28 18.65
C ASP G 278 -12.48 33.85 18.14
N ALA G 279 -12.32 34.88 17.27
CA ALA G 279 -13.56 35.38 16.70
C ALA G 279 -14.32 34.31 15.89
N THR G 280 -13.68 33.41 15.16
CA THR G 280 -14.39 32.40 14.43
C THR G 280 -14.88 31.34 15.38
N LEU G 281 -14.06 30.91 16.32
CA LEU G 281 -14.54 29.90 17.21
C LEU G 281 -15.72 30.47 18.00
N ASN G 282 -15.61 31.73 18.50
CA ASN G 282 -16.76 32.14 19.33
C ASN G 282 -18.01 32.25 18.49
N LEU G 283 -17.91 32.76 17.23
CA LEU G 283 -19.18 32.88 16.48
C LEU G 283 -19.75 31.47 16.20
N ASN G 284 -18.86 30.48 16.09
CA ASN G 284 -19.35 29.15 15.77
C ASN G 284 -20.09 28.53 16.95
N ALA G 285 -19.55 28.95 18.10
CA ALA G 285 -20.15 28.35 19.30
C ALA G 285 -21.55 28.97 19.47
N ILE G 286 -21.49 30.27 19.17
CA ILE G 286 -22.76 31.00 19.35
C ILE G 286 -23.81 30.32 18.53
N ASN G 287 -23.44 29.83 17.35
CA ASN G 287 -24.43 29.14 16.53
C ASN G 287 -24.71 27.70 16.93
N LEU G 288 -24.00 26.98 17.78
CA LEU G 288 -24.39 25.70 18.33
C LEU G 288 -25.09 25.75 19.70
N CYS G 289 -25.24 26.91 20.31
CA CYS G 289 -25.74 27.13 21.63
C CYS G 289 -27.18 26.66 21.70
N PRO G 290 -27.46 25.85 22.66
CA PRO G 290 -28.82 25.34 22.84
C PRO G 290 -29.76 26.42 23.34
N LEU G 291 -30.18 27.44 22.65
CA LEU G 291 -31.12 28.42 23.24
C LEU G 291 -31.91 28.91 22.02
N PRO G 292 -33.11 29.40 22.25
CA PRO G 292 -33.90 30.04 21.22
C PRO G 292 -32.99 31.07 20.58
N LYS G 293 -32.87 30.99 19.34
CA LYS G 293 -32.17 31.91 18.49
C LYS G 293 -33.04 32.33 17.31
N PRO G 294 -34.04 33.16 17.50
CA PRO G 294 -34.85 33.55 16.35
C PRO G 294 -34.11 34.30 15.25
N TRP G 295 -32.93 34.93 15.35
CA TRP G 295 -32.27 35.55 14.23
C TRP G 295 -31.16 34.86 13.52
N LYS G 296 -30.58 35.19 12.37
CA LYS G 296 -29.29 34.77 11.91
C LYS G 296 -28.21 35.40 12.87
N LEU G 297 -27.23 34.66 13.30
CA LEU G 297 -26.10 34.95 14.17
C LEU G 297 -24.81 34.94 13.34
N SER G 298 -24.29 36.06 12.94
CA SER G 298 -23.17 36.12 12.04
C SER G 298 -22.06 37.13 12.31
N PHE G 299 -21.40 37.64 11.25
CA PHE G 299 -20.29 38.54 11.55
C PHE G 299 -20.26 39.81 10.75
N SER G 300 -19.59 40.86 11.22
CA SER G 300 -19.43 42.15 10.50
C SER G 300 -18.01 42.45 10.92
N TYR G 301 -17.10 41.55 10.71
CA TYR G 301 -15.75 41.73 11.25
C TYR G 301 -14.87 42.77 10.63
N GLY G 302 -14.15 43.57 11.43
CA GLY G 302 -13.16 44.53 10.74
C GLY G 302 -11.80 43.85 10.86
N ARG G 303 -11.29 43.69 12.08
CA ARG G 303 -9.98 43.10 12.33
C ARG G 303 -9.91 41.60 12.07
N ALA G 304 -10.84 40.87 12.67
CA ALA G 304 -10.86 39.43 12.52
C ALA G 304 -10.88 38.91 11.08
N LEU G 305 -11.24 39.71 10.09
CA LEU G 305 -11.14 39.44 8.71
C LEU G 305 -9.87 39.94 8.06
N GLN G 306 -9.22 40.95 8.57
CA GLN G 306 -8.12 41.54 7.85
C GLN G 306 -6.71 41.40 8.37
N ALA G 307 -6.60 41.08 9.65
CA ALA G 307 -5.23 41.06 10.19
C ALA G 307 -4.22 40.31 9.34
N SER G 308 -4.42 39.01 9.28
CA SER G 308 -3.50 38.16 8.55
C SER G 308 -3.26 38.75 7.16
N ALA G 309 -4.36 39.21 6.53
CA ALA G 309 -4.23 39.75 5.19
C ALA G 309 -3.26 40.94 5.14
N LEU G 310 -3.30 41.81 6.15
CA LEU G 310 -2.46 42.99 6.14
C LEU G 310 -1.02 42.56 6.44
N ALA G 311 -0.95 41.51 7.25
CA ALA G 311 0.44 41.09 7.56
C ALA G 311 1.09 40.59 6.26
N ALA G 312 0.32 39.77 5.54
CA ALA G 312 0.83 39.22 4.29
C ALA G 312 1.32 40.37 3.39
N TRP G 313 0.49 41.38 3.32
CA TRP G 313 0.76 42.44 2.38
C TRP G 313 2.06 43.18 2.67
N GLY G 314 2.01 43.76 3.86
CA GLY G 314 3.16 44.54 4.34
C GLY G 314 3.36 45.71 3.41
N GLY G 315 2.28 46.12 2.78
CA GLY G 315 2.27 47.26 1.89
C GLY G 315 2.99 46.96 0.59
N LYS G 316 3.39 45.72 0.38
CA LYS G 316 4.08 45.33 -0.86
C LYS G 316 3.15 44.75 -1.90
N ALA G 317 3.06 45.47 -3.01
CA ALA G 317 2.19 45.07 -4.10
C ALA G 317 2.53 43.67 -4.61
N ALA G 318 3.80 43.35 -4.41
CA ALA G 318 4.19 42.00 -4.82
C ALA G 318 3.34 40.94 -4.12
N ASN G 319 2.88 41.33 -2.93
CA ASN G 319 2.08 40.42 -2.07
C ASN G 319 0.63 40.23 -2.41
N LYS G 320 0.04 40.92 -3.35
CA LYS G 320 -1.35 40.77 -3.75
C LYS G 320 -1.89 39.38 -3.44
N GLU G 321 -1.27 38.36 -3.96
CA GLU G 321 -1.77 37.00 -3.86
C GLU G 321 -1.92 36.55 -2.42
N ALA G 322 -0.84 36.77 -1.67
CA ALA G 322 -0.90 36.20 -0.30
C ALA G 322 -2.09 36.86 0.41
N THR G 323 -1.90 38.18 0.44
CA THR G 323 -2.87 39.07 1.02
C THR G 323 -4.28 38.57 0.69
N GLN G 324 -4.50 38.29 -0.64
CA GLN G 324 -5.87 37.87 -0.97
C GLN G 324 -6.16 36.51 -0.32
N GLU G 325 -5.14 35.68 -0.19
CA GLU G 325 -5.30 34.35 0.38
C GLU G 325 -5.74 34.22 1.80
N ALA G 326 -5.15 35.08 2.59
CA ALA G 326 -5.49 35.43 3.97
C ALA G 326 -6.94 35.96 4.15
N PHE G 327 -7.39 36.91 3.33
CA PHE G 327 -8.74 37.40 3.38
C PHE G 327 -9.73 36.32 3.02
N MET G 328 -9.69 35.78 1.83
CA MET G 328 -10.60 34.70 1.41
C MET G 328 -10.76 33.62 2.48
N LYS G 329 -9.63 33.09 2.99
CA LYS G 329 -9.63 32.11 4.06
C LYS G 329 -10.41 32.57 5.28
N ARG G 330 -10.13 33.71 5.92
CA ARG G 330 -10.91 33.95 7.13
C ARG G 330 -12.34 34.24 6.69
N ALA G 331 -12.51 34.63 5.39
CA ALA G 331 -13.96 34.99 5.23
C ALA G 331 -14.74 33.67 5.20
N MET G 332 -14.08 32.65 4.69
CA MET G 332 -14.79 31.37 4.62
C MET G 332 -15.00 30.78 6.00
N ALA G 333 -14.00 31.09 6.85
CA ALA G 333 -13.99 30.40 8.15
C ALA G 333 -15.19 30.99 8.89
N ASN G 334 -15.30 32.34 8.81
CA ASN G 334 -16.42 32.93 9.54
C ASN G 334 -17.75 32.51 8.99
N CYS G 335 -17.85 32.26 7.66
CA CYS G 335 -19.18 31.90 7.14
C CYS G 335 -19.62 30.57 7.69
N GLN G 336 -18.58 29.73 7.91
CA GLN G 336 -18.85 28.37 8.39
C GLN G 336 -19.33 28.49 9.82
N ALA G 337 -18.54 29.36 10.45
CA ALA G 337 -18.93 29.62 11.87
C ALA G 337 -20.36 30.14 11.91
N ALA G 338 -20.69 31.07 11.04
CA ALA G 338 -22.06 31.57 11.05
C ALA G 338 -23.12 30.51 10.89
N LYS G 339 -22.73 29.32 10.42
CA LYS G 339 -23.68 28.28 10.11
C LYS G 339 -23.46 27.20 11.15
N GLY G 340 -22.54 27.43 12.08
CA GLY G 340 -22.29 26.47 13.15
C GLY G 340 -21.64 25.25 12.52
N GLN G 341 -20.93 25.45 11.42
CA GLN G 341 -20.17 24.37 10.83
C GLN G 341 -18.66 24.51 10.90
N TYR G 342 -18.05 25.31 11.81
CA TYR G 342 -16.57 25.37 11.46
C TYR G 342 -15.79 24.50 12.39
N VAL G 343 -14.67 23.95 11.90
CA VAL G 343 -13.84 23.20 12.86
C VAL G 343 -12.41 23.70 12.60
N HIS G 344 -11.61 23.74 13.63
CA HIS G 344 -10.24 24.27 13.40
C HIS G 344 -9.49 23.62 12.28
N ALA H 1 -19.82 58.33 34.31
CA ALA H 1 -20.39 58.59 35.70
C ALA H 1 -21.38 59.64 36.20
N HIS H 2 -21.58 60.04 37.43
CA HIS H 2 -21.83 60.46 38.74
C HIS H 2 -20.64 60.94 39.62
N ARG H 3 -19.88 62.08 39.65
CA ARG H 3 -18.76 62.41 40.58
C ARG H 3 -17.51 63.04 39.96
N PHE H 4 -17.85 63.51 38.78
CA PHE H 4 -16.79 63.99 37.89
C PHE H 4 -17.56 65.20 37.42
N PRO H 5 -17.50 66.21 38.21
CA PRO H 5 -18.26 67.41 37.93
C PRO H 5 -17.88 67.91 36.55
N ALA H 6 -18.90 68.43 35.88
CA ALA H 6 -18.88 69.05 34.58
C ALA H 6 -17.98 70.29 34.52
N LEU H 7 -18.24 71.18 35.49
CA LEU H 7 -17.59 72.49 35.47
C LEU H 7 -16.86 72.76 36.81
N THR H 8 -15.87 73.59 36.74
CA THR H 8 -15.15 74.21 37.85
C THR H 8 -15.89 75.31 38.59
N GLN H 9 -15.32 75.48 39.79
CA GLN H 9 -15.91 76.67 40.51
C GLN H 9 -15.68 77.89 39.60
N GLU H 10 -14.50 77.91 38.90
CA GLU H 10 -14.30 79.11 38.11
C GLU H 10 -15.21 79.18 36.94
N GLN H 11 -15.36 78.04 36.27
CA GLN H 11 -16.27 78.09 35.08
C GLN H 11 -17.69 78.56 35.40
N LYS H 12 -18.17 78.12 36.56
CA LYS H 12 -19.52 78.53 36.90
C LYS H 12 -19.68 80.00 37.15
N LYS H 13 -18.60 80.42 37.82
CA LYS H 13 -18.58 81.90 38.15
C LYS H 13 -18.73 82.70 36.88
N GLU H 14 -18.01 82.31 35.87
CA GLU H 14 -18.06 83.04 34.62
C GLU H 14 -19.40 82.97 33.95
N LEU H 15 -19.93 81.71 33.85
CA LEU H 15 -21.28 81.61 33.26
C LEU H 15 -22.34 82.36 34.08
N SER H 16 -22.25 82.23 35.40
CA SER H 16 -23.32 82.90 36.21
C SER H 16 -23.26 84.40 35.92
N GLU H 17 -21.98 84.91 35.96
CA GLU H 17 -21.86 86.32 35.71
C GLU H 17 -22.41 86.80 34.37
N ILE H 18 -22.13 85.91 33.39
CA ILE H 18 -22.55 86.36 32.02
C ILE H 18 -24.06 86.41 31.99
N ALA H 19 -24.64 85.22 32.24
CA ALA H 19 -26.10 85.22 32.17
C ALA H 19 -26.73 86.27 33.10
N GLN H 20 -26.17 86.52 34.27
CA GLN H 20 -26.80 87.58 35.07
C GLN H 20 -26.67 88.97 34.51
N SER H 21 -25.54 89.21 33.81
CA SER H 21 -25.38 90.61 33.32
C SER H 21 -26.34 90.95 32.18
N ILE H 22 -26.75 89.88 31.48
CA ILE H 22 -27.59 90.11 30.30
C ILE H 22 -28.94 90.58 30.81
N VAL H 23 -29.43 90.14 32.01
CA VAL H 23 -30.74 90.56 32.38
C VAL H 23 -30.75 91.46 33.62
N ALA H 24 -29.60 92.15 33.82
CA ALA H 24 -29.42 93.01 34.93
C ALA H 24 -30.29 94.20 35.20
N ASN H 25 -30.85 95.01 34.32
CA ASN H 25 -31.66 95.97 35.35
C ASN H 25 -32.83 96.31 34.50
N GLY H 26 -33.58 95.20 34.28
CA GLY H 26 -34.65 95.35 33.32
C GLY H 26 -34.07 95.25 31.91
N LYS H 27 -32.74 95.12 31.77
CA LYS H 27 -32.37 94.88 30.35
C LYS H 27 -32.93 93.56 29.78
N GLY H 28 -33.11 93.41 28.49
CA GLY H 28 -33.39 92.31 27.65
C GLY H 28 -32.41 92.11 26.50
N ILE H 29 -32.85 91.31 25.54
CA ILE H 29 -32.09 90.77 24.41
C ILE H 29 -32.70 91.10 23.05
N LEU H 30 -31.94 91.73 22.10
CA LEU H 30 -32.48 91.95 20.76
C LEU H 30 -32.15 90.67 19.97
N ALA H 31 -33.11 89.94 19.58
CA ALA H 31 -32.90 88.63 18.87
C ALA H 31 -32.66 88.90 17.41
N ALA H 32 -31.48 89.38 17.06
CA ALA H 32 -31.30 89.75 15.65
C ALA H 32 -30.73 88.58 14.89
N ASP H 33 -31.17 87.33 15.18
CA ASP H 33 -30.46 86.21 14.61
C ASP H 33 -31.23 85.44 13.54
N GLU H 34 -32.08 86.15 12.80
CA GLU H 34 -32.72 85.53 11.67
C GLU H 34 -31.71 85.01 10.62
N SER H 35 -32.06 83.85 10.07
CA SER H 35 -31.36 83.16 9.01
C SER H 35 -31.68 83.84 7.69
N VAL H 36 -30.91 83.49 6.67
CA VAL H 36 -31.20 84.17 5.41
C VAL H 36 -32.64 83.93 5.02
N GLY H 37 -33.16 82.71 5.19
CA GLY H 37 -34.54 82.48 4.81
C GLY H 37 -35.47 83.32 5.67
N THR H 38 -35.41 83.32 7.00
CA THR H 38 -36.32 84.12 7.81
C THR H 38 -36.21 85.62 7.61
N MET H 39 -34.94 86.06 7.54
CA MET H 39 -34.77 87.49 7.23
C MET H 39 -35.42 87.89 5.90
N GLY H 40 -35.29 86.92 4.99
CA GLY H 40 -35.87 87.01 3.68
C GLY H 40 -37.36 87.31 3.95
N ASN H 41 -37.96 86.47 4.79
CA ASN H 41 -39.37 86.73 5.05
C ASN H 41 -39.59 88.13 5.59
N ARG H 42 -38.80 88.51 6.57
CA ARG H 42 -39.01 89.85 7.15
C ARG H 42 -38.86 90.92 6.08
N LEU H 43 -37.87 90.73 5.20
CA LEU H 43 -37.67 91.81 4.22
C LEU H 43 -38.79 91.83 3.21
N GLN H 44 -39.43 90.66 3.00
CA GLN H 44 -40.48 90.66 2.00
C GLN H 44 -41.54 91.64 2.43
N ARG H 45 -41.80 91.58 3.75
CA ARG H 45 -42.88 92.43 4.23
C ARG H 45 -42.64 93.86 3.77
N ILE H 46 -41.40 94.33 3.76
CA ILE H 46 -41.24 95.74 3.38
C ILE H 46 -40.77 95.82 1.93
N LYS H 47 -41.18 94.76 1.24
CA LYS H 47 -40.87 94.59 -0.17
C LYS H 47 -39.44 94.95 -0.47
N VAL H 48 -38.48 94.53 0.33
CA VAL H 48 -37.06 94.74 0.15
C VAL H 48 -36.44 93.42 -0.31
N GLU H 49 -35.50 93.46 -1.26
CA GLU H 49 -34.95 92.23 -1.80
C GLU H 49 -34.07 91.54 -0.76
N ASN H 50 -34.18 90.21 -0.66
CA ASN H 50 -33.40 89.52 0.36
C ASN H 50 -31.99 89.40 -0.19
N THR H 51 -31.25 90.39 0.15
CA THR H 51 -29.85 90.44 -0.22
C THR H 51 -28.85 90.46 0.93
N GLU H 52 -27.72 89.72 0.86
CA GLU H 52 -26.80 89.90 1.99
C GLU H 52 -26.66 91.42 2.32
N GLU H 53 -26.41 92.24 1.30
CA GLU H 53 -26.24 93.65 1.50
C GLU H 53 -27.38 94.36 2.26
N ASN H 54 -28.58 94.00 1.89
CA ASN H 54 -29.80 94.52 2.50
C ASN H 54 -29.85 94.16 3.99
N ARG H 55 -29.65 92.89 4.25
CA ARG H 55 -29.49 92.31 5.57
C ARG H 55 -28.39 93.06 6.29
N ARG H 56 -27.23 93.16 5.68
CA ARG H 56 -26.15 93.84 6.37
C ARG H 56 -26.59 95.23 6.79
N GLN H 57 -27.28 95.92 5.90
CA GLN H 57 -27.59 97.34 6.04
C GLN H 57 -28.54 97.58 7.19
N PHE H 58 -29.65 96.87 7.16
CA PHE H 58 -30.64 97.01 8.23
C PHE H 58 -29.99 96.78 9.57
N ARG H 59 -29.20 95.68 9.65
CA ARG H 59 -28.49 95.43 10.92
C ARG H 59 -27.61 96.55 11.37
N GLU H 60 -26.82 97.02 10.38
CA GLU H 60 -25.92 98.15 10.70
C GLU H 60 -26.70 99.31 11.33
N ILE H 61 -27.95 99.49 10.87
CA ILE H 61 -28.72 100.58 11.46
C ILE H 61 -29.05 100.31 12.93
N LEU H 62 -29.65 99.13 13.08
CA LEU H 62 -29.94 98.83 14.51
C LEU H 62 -28.64 98.90 15.31
N PHE H 63 -27.56 98.28 14.87
CA PHE H 63 -26.39 98.24 15.73
C PHE H 63 -25.64 99.56 15.84
N SER H 64 -25.81 100.51 14.91
CA SER H 64 -25.09 101.78 15.19
C SER H 64 -25.90 102.73 16.04
N VAL H 65 -27.04 102.38 16.62
CA VAL H 65 -27.73 103.38 17.43
C VAL H 65 -26.90 103.94 18.56
N ASP H 66 -27.53 104.95 19.16
CA ASP H 66 -26.96 105.68 20.30
C ASP H 66 -26.33 104.83 21.35
N SER H 67 -26.30 103.78 22.07
CA SER H 67 -25.23 103.53 23.10
C SER H 67 -25.93 103.67 24.46
N SER H 68 -26.84 104.61 24.58
CA SER H 68 -27.73 104.58 25.72
C SER H 68 -28.60 103.32 25.49
N ILE H 69 -28.52 102.64 24.33
CA ILE H 69 -29.29 101.45 24.07
C ILE H 69 -28.92 100.36 25.03
N ASN H 70 -27.68 100.57 25.46
CA ASN H 70 -27.15 99.78 26.58
C ASN H 70 -27.97 99.60 27.85
N GLN H 71 -28.96 100.48 27.91
CA GLN H 71 -29.72 100.72 29.10
C GLN H 71 -30.94 99.82 29.10
N SER H 72 -31.31 99.42 27.92
CA SER H 72 -32.38 98.54 27.62
C SER H 72 -31.85 97.24 27.06
N ILE H 73 -30.81 97.32 26.21
CA ILE H 73 -30.42 96.01 25.62
C ILE H 73 -29.19 95.41 26.25
N GLY H 74 -29.31 94.30 26.94
CA GLY H 74 -28.13 93.72 27.57
C GLY H 74 -27.38 92.72 26.65
N GLY H 75 -28.03 92.29 25.56
CA GLY H 75 -27.45 91.19 24.78
C GLY H 75 -28.11 91.24 23.42
N VAL H 76 -27.33 90.95 22.38
CA VAL H 76 -27.82 90.89 20.98
C VAL H 76 -27.48 89.55 20.38
N ILE H 77 -28.44 88.75 19.96
CA ILE H 77 -28.00 87.42 19.39
C ILE H 77 -27.72 87.71 17.94
N LEU H 78 -26.74 87.09 17.34
CA LEU H 78 -26.57 87.24 15.90
C LEU H 78 -26.63 85.89 15.21
N PHE H 79 -26.86 85.88 13.93
CA PHE H 79 -26.72 84.66 13.10
C PHE H 79 -25.26 84.62 12.59
N HIS H 80 -24.85 83.44 12.13
CA HIS H 80 -23.44 83.26 11.78
C HIS H 80 -22.88 84.32 10.86
N GLU H 81 -23.58 84.56 9.74
CA GLU H 81 -23.07 85.53 8.77
C GLU H 81 -22.73 86.83 9.49
N THR H 82 -23.81 87.31 10.17
CA THR H 82 -23.71 88.59 10.81
C THR H 82 -22.61 88.74 11.84
N LEU H 83 -22.31 87.67 12.54
CA LEU H 83 -21.18 87.74 13.47
C LEU H 83 -19.89 88.24 12.80
N TYR H 84 -19.84 88.09 11.41
CA TYR H 84 -18.56 88.42 10.77
C TYR H 84 -18.79 89.54 9.78
N GLN H 85 -19.91 90.20 9.72
CA GLN H 85 -20.01 91.38 8.83
C GLN H 85 -19.41 92.68 9.43
N LYS H 86 -19.36 93.69 8.53
CA LYS H 86 -18.84 94.99 9.00
C LYS H 86 -19.78 96.16 8.74
N ASP H 87 -19.43 97.28 9.39
CA ASP H 87 -20.35 98.40 9.08
C ASP H 87 -19.70 99.09 7.87
N SER H 88 -20.21 100.19 7.38
CA SER H 88 -19.72 100.94 6.24
C SER H 88 -18.37 101.59 6.51
N GLN H 89 -17.43 100.75 6.83
CA GLN H 89 -16.06 101.01 7.23
C GLN H 89 -15.90 99.78 8.11
N GLY H 90 -15.28 98.77 7.63
CA GLY H 90 -14.97 97.51 8.21
C GLY H 90 -14.69 97.56 9.68
N LYS H 91 -15.58 98.21 10.42
CA LYS H 91 -15.51 98.00 11.86
C LYS H 91 -16.46 96.81 12.04
N LEU H 92 -15.99 95.73 12.64
CA LEU H 92 -16.95 94.58 12.77
C LEU H 92 -18.12 94.89 13.67
N PHE H 93 -19.33 94.47 13.29
CA PHE H 93 -20.52 94.70 14.14
C PHE H 93 -20.40 94.21 15.58
N ARG H 94 -19.81 93.00 15.63
CA ARG H 94 -19.63 92.42 16.98
C ARG H 94 -18.74 93.34 17.81
N ASN H 95 -17.80 94.03 17.15
CA ASN H 95 -16.97 94.95 17.96
C ASN H 95 -17.63 96.23 18.43
N ILE H 96 -18.46 96.73 17.56
CA ILE H 96 -19.27 97.87 17.71
C ILE H 96 -20.17 97.54 18.90
N LEU H 97 -20.71 96.32 18.80
CA LEU H 97 -21.61 95.93 19.87
C LEU H 97 -20.86 95.77 21.21
N LYS H 98 -19.75 95.03 21.11
CA LYS H 98 -19.14 94.90 22.46
C LYS H 98 -18.74 96.22 23.09
N GLU H 99 -18.31 97.12 22.23
CA GLU H 99 -17.71 98.31 22.80
C GLU H 99 -18.75 99.03 23.65
N LYS H 100 -19.96 99.06 23.11
CA LYS H 100 -21.09 99.76 23.62
C LYS H 100 -21.68 99.07 24.92
N GLY H 101 -20.99 98.14 25.56
CA GLY H 101 -21.48 97.55 26.76
C GLY H 101 -22.51 96.46 26.51
N ILE H 102 -22.77 95.96 25.35
CA ILE H 102 -23.71 94.93 25.00
C ILE H 102 -23.04 93.55 24.87
N VAL H 103 -23.61 92.47 25.39
CA VAL H 103 -22.97 91.16 25.31
C VAL H 103 -23.34 90.52 23.98
N VAL H 104 -22.43 89.81 23.33
CA VAL H 104 -22.80 89.28 22.00
C VAL H 104 -23.12 87.80 22.00
N GLY H 105 -24.26 87.42 21.46
CA GLY H 105 -24.63 86.00 21.40
C GLY H 105 -24.69 85.37 20.02
N ILE H 106 -24.67 84.06 19.81
CA ILE H 106 -24.78 83.51 18.41
C ILE H 106 -25.80 82.39 18.38
N LYS H 107 -26.63 82.30 17.35
CA LYS H 107 -27.47 81.14 17.18
C LYS H 107 -26.62 79.86 16.93
N LEU H 108 -26.80 78.78 17.69
CA LEU H 108 -26.04 77.57 17.48
C LEU H 108 -26.83 76.41 16.91
N ASP H 109 -28.16 76.53 16.93
CA ASP H 109 -28.97 75.51 16.29
C ASP H 109 -28.81 75.70 14.78
N GLN H 110 -29.18 74.63 14.10
CA GLN H 110 -29.09 74.62 12.65
C GLN H 110 -30.39 74.18 11.99
N GLY H 111 -31.51 74.53 12.56
CA GLY H 111 -32.77 74.16 11.96
C GLY H 111 -33.28 72.78 12.27
N GLY H 112 -34.52 72.61 11.88
CA GLY H 112 -35.18 71.34 12.24
C GLY H 112 -34.79 70.23 11.23
N ALA H 113 -35.44 69.12 11.60
CA ALA H 113 -35.58 67.97 10.79
C ALA H 113 -36.79 67.22 11.25
N PRO H 114 -37.32 66.46 10.35
CA PRO H 114 -38.48 65.60 10.63
C PRO H 114 -38.23 64.46 11.57
N LEU H 115 -39.17 64.23 12.43
CA LEU H 115 -39.14 63.08 13.35
C LEU H 115 -40.13 62.03 12.79
N ALA H 116 -39.63 61.07 12.07
CA ALA H 116 -40.46 60.14 11.27
C ALA H 116 -41.50 59.51 12.18
N GLY H 117 -42.55 59.00 11.64
CA GLY H 117 -43.57 58.35 12.50
C GLY H 117 -44.28 59.41 13.42
N THR H 118 -44.32 60.66 13.04
CA THR H 118 -45.01 61.61 13.97
C THR H 118 -45.95 62.48 13.18
N ASN H 119 -46.83 63.31 13.72
CA ASN H 119 -47.71 64.14 12.88
C ASN H 119 -46.99 65.46 12.56
N LYS H 120 -45.98 65.34 11.73
CA LYS H 120 -45.12 66.42 11.26
C LYS H 120 -44.33 67.14 12.36
N GLU H 121 -43.85 66.45 13.40
CA GLU H 121 -43.07 67.12 14.43
C GLU H 121 -41.63 67.04 13.95
N THR H 122 -40.80 67.89 14.52
CA THR H 122 -39.42 67.86 14.10
C THR H 122 -38.50 67.81 15.31
N THR H 123 -37.20 67.89 15.00
CA THR H 123 -36.24 68.12 16.09
C THR H 123 -35.37 69.18 15.40
N ILE H 124 -34.18 69.30 16.02
CA ILE H 124 -33.29 70.37 15.53
C ILE H 124 -31.92 69.80 15.40
N GLN H 125 -31.19 70.18 14.38
CA GLN H 125 -29.85 69.75 14.18
C GLN H 125 -28.90 70.89 14.59
N GLY H 126 -27.62 70.50 14.78
CA GLY H 126 -26.55 71.46 15.08
C GLY H 126 -25.59 70.93 16.12
N LEU H 127 -25.76 69.73 16.64
CA LEU H 127 -24.84 69.26 17.65
C LEU H 127 -23.51 68.94 17.05
N ASP H 128 -23.55 68.33 15.86
CA ASP H 128 -22.22 67.86 15.35
C ASP H 128 -21.20 68.98 15.23
N GLY H 129 -20.01 68.94 15.79
CA GLY H 129 -19.06 70.01 15.67
C GLY H 129 -19.36 71.21 16.57
N LEU H 130 -20.35 71.13 17.43
CA LEU H 130 -20.77 72.27 18.18
C LEU H 130 -19.73 72.86 19.10
N SER H 131 -18.91 72.02 19.71
CA SER H 131 -17.90 72.47 20.68
C SER H 131 -16.81 73.32 20.05
N GLU H 132 -16.21 72.70 19.02
CA GLU H 132 -15.24 73.38 18.22
C GLU H 132 -15.92 74.66 17.73
N ARG H 133 -17.15 74.66 17.24
CA ARG H 133 -17.71 75.96 16.91
C ARG H 133 -17.81 76.88 18.15
N CYS H 134 -18.24 76.34 19.31
CA CYS H 134 -18.45 77.31 20.47
C CYS H 134 -17.13 77.90 20.89
N ALA H 135 -16.06 77.10 20.97
CA ALA H 135 -14.73 77.61 21.24
C ALA H 135 -14.25 78.72 20.29
N GLN H 136 -14.61 78.49 19.03
CA GLN H 136 -14.17 79.49 18.04
C GLN H 136 -14.96 80.76 18.27
N TYR H 137 -16.24 80.50 18.61
CA TYR H 137 -17.08 81.72 18.83
C TYR H 137 -16.70 82.53 20.08
N LYS H 138 -16.27 81.73 21.09
CA LYS H 138 -15.85 82.45 22.28
C LYS H 138 -14.64 83.30 21.95
N LYS H 139 -13.76 82.75 21.12
CA LYS H 139 -12.52 83.40 20.75
C LYS H 139 -12.86 84.64 19.95
N ASP H 140 -13.94 84.60 19.23
CA ASP H 140 -14.32 85.72 18.40
C ASP H 140 -15.20 86.75 19.06
N GLY H 141 -15.33 86.74 20.38
CA GLY H 141 -16.18 87.76 20.99
C GLY H 141 -17.43 87.23 21.64
N VAL H 142 -17.87 86.02 21.35
CA VAL H 142 -19.20 85.67 21.86
C VAL H 142 -19.27 85.14 23.26
N ASP H 143 -20.33 85.53 24.01
CA ASP H 143 -20.38 84.90 25.34
C ASP H 143 -21.62 84.02 25.62
N PHE H 144 -22.64 83.97 24.75
CA PHE H 144 -23.80 83.11 24.96
C PHE H 144 -24.28 82.57 23.63
N GLY H 145 -25.11 81.53 23.68
CA GLY H 145 -25.69 80.95 22.46
C GLY H 145 -27.21 80.83 22.60
N LYS H 146 -27.88 80.51 21.48
CA LYS H 146 -29.29 80.30 21.41
C LYS H 146 -29.68 79.09 20.57
N TRP H 147 -30.58 78.26 21.02
CA TRP H 147 -30.95 77.02 20.33
C TRP H 147 -32.46 76.95 20.42
N ARG H 148 -33.20 77.05 19.35
CA ARG H 148 -34.64 77.04 19.47
C ARG H 148 -35.21 75.69 18.95
N ALA H 149 -36.22 75.23 19.68
CA ALA H 149 -36.89 73.97 19.38
C ALA H 149 -38.33 74.36 19.13
N VAL H 150 -38.91 73.54 18.26
CA VAL H 150 -40.27 74.04 17.97
C VAL H 150 -41.31 72.97 18.23
N LEU H 151 -42.16 73.11 19.20
CA LEU H 151 -43.21 72.10 19.42
C LEU H 151 -44.56 72.72 19.07
N ARG H 152 -45.50 71.93 18.59
CA ARG H 152 -46.80 72.52 18.30
C ARG H 152 -47.84 71.67 19.01
N ILE H 153 -49.01 72.29 18.96
CA ILE H 153 -50.23 71.66 19.53
C ILE H 153 -51.09 71.19 18.41
N ALA H 154 -51.48 69.95 18.23
CA ALA H 154 -52.15 69.51 17.02
C ALA H 154 -52.60 68.07 17.19
N ASP H 155 -53.13 67.45 16.13
CA ASP H 155 -53.53 66.09 16.45
C ASP H 155 -52.25 65.35 16.83
N GLN H 156 -52.41 64.72 18.02
CA GLN H 156 -51.25 63.96 18.47
C GLN H 156 -50.00 64.76 18.61
N CYS H 157 -50.00 66.09 18.62
CA CYS H 157 -48.71 66.79 18.94
C CYS H 157 -49.00 67.65 20.16
N PRO H 158 -48.05 67.84 21.01
CA PRO H 158 -46.67 67.41 20.74
C PRO H 158 -46.65 66.05 21.38
N SER H 159 -46.03 65.12 20.68
CA SER H 159 -45.88 63.79 21.17
C SER H 159 -44.86 63.64 22.28
N SER H 160 -44.98 62.39 22.86
CA SER H 160 -43.90 62.12 23.84
C SER H 160 -42.57 62.03 23.10
N LEU H 161 -42.61 61.48 21.86
CA LEU H 161 -41.29 61.29 21.29
C LEU H 161 -40.66 62.63 21.01
N ALA H 162 -41.47 63.56 20.59
CA ALA H 162 -40.96 64.88 20.20
C ALA H 162 -40.57 65.76 21.39
N ILE H 163 -41.36 65.61 22.45
CA ILE H 163 -40.84 66.49 23.55
C ILE H 163 -39.52 65.96 24.06
N GLN H 164 -39.47 64.66 24.23
CA GLN H 164 -38.23 64.07 24.83
C GLN H 164 -37.03 64.41 24.00
N GLU H 165 -37.19 64.17 22.70
CA GLU H 165 -36.02 64.36 21.81
C GLU H 165 -35.56 65.78 21.83
N ASN H 166 -36.46 66.75 21.69
CA ASN H 166 -36.26 68.17 21.74
C ASN H 166 -35.74 68.60 23.12
N ALA H 167 -36.07 67.85 24.18
CA ALA H 167 -35.41 68.27 25.44
C ALA H 167 -34.02 67.73 25.52
N ASN H 168 -33.87 66.49 24.92
CA ASN H 168 -32.51 65.96 24.97
C ASN H 168 -31.56 66.80 24.12
N ALA H 169 -32.05 67.32 22.95
CA ALA H 169 -31.02 67.96 22.12
C ALA H 169 -30.64 69.29 22.84
N LEU H 170 -31.70 69.90 23.41
CA LEU H 170 -31.44 71.08 24.21
C LEU H 170 -30.47 70.84 25.35
N ALA H 171 -30.70 69.73 26.10
CA ALA H 171 -29.62 69.43 27.06
C ALA H 171 -28.27 69.20 26.35
N ARG H 172 -28.06 68.36 25.33
CA ARG H 172 -26.71 68.25 24.85
C ARG H 172 -25.99 69.60 24.60
N TYR H 173 -26.63 70.49 23.86
CA TYR H 173 -26.35 71.81 23.44
C TYR H 173 -25.91 72.72 24.61
N ALA H 174 -26.83 72.82 25.56
CA ALA H 174 -26.61 73.57 26.76
C ALA H 174 -25.32 73.00 27.37
N SER H 175 -25.21 71.68 27.44
CA SER H 175 -24.00 71.10 28.05
C SER H 175 -22.74 71.60 27.34
N ILE H 176 -22.78 71.56 26.01
CA ILE H 176 -21.61 71.77 25.24
C ILE H 176 -21.15 73.20 25.43
N CYS H 177 -22.11 74.12 25.34
CA CYS H 177 -21.88 75.55 25.46
C CYS H 177 -21.14 75.85 26.78
N GLN H 178 -21.57 75.14 27.80
CA GLN H 178 -21.04 75.45 29.13
C GLN H 178 -19.60 74.99 29.13
N GLN H 179 -19.30 73.83 28.61
CA GLN H 179 -17.90 73.46 28.52
C GLN H 179 -17.08 74.54 27.79
N ASN H 180 -17.62 75.41 26.97
CA ASN H 180 -16.80 76.37 26.24
C ASN H 180 -17.00 77.79 26.70
N GLY H 181 -17.54 77.97 27.95
CA GLY H 181 -17.81 79.25 28.50
C GLY H 181 -18.78 80.15 27.76
N LEU H 182 -19.79 79.53 27.18
CA LEU H 182 -20.81 80.36 26.54
C LEU H 182 -22.10 80.08 27.35
N VAL H 183 -22.94 81.05 27.68
CA VAL H 183 -24.19 80.78 28.34
C VAL H 183 -25.21 80.34 27.29
N PRO H 184 -25.78 79.19 27.54
CA PRO H 184 -26.82 78.69 26.63
C PRO H 184 -28.16 79.29 26.98
N ILE H 185 -28.82 79.86 26.01
CA ILE H 185 -30.21 80.23 26.10
C ILE H 185 -30.98 78.94 25.78
N VAL H 186 -31.64 78.15 26.59
CA VAL H 186 -32.55 77.07 26.14
C VAL H 186 -33.88 77.64 25.65
N GLU H 187 -34.25 77.66 24.36
CA GLU H 187 -35.60 78.04 23.87
C GLU H 187 -36.55 76.96 23.37
N PRO H 188 -37.33 76.30 24.24
CA PRO H 188 -38.32 75.29 23.81
C PRO H 188 -39.56 76.01 23.32
N GLU H 189 -39.67 76.48 22.06
CA GLU H 189 -40.93 77.23 21.82
C GLU H 189 -42.15 76.39 21.62
N VAL H 190 -43.28 76.63 22.24
CA VAL H 190 -44.55 75.96 21.91
C VAL H 190 -45.21 76.96 20.95
N ILE H 191 -45.26 76.82 19.66
CA ILE H 191 -45.84 77.54 18.53
C ILE H 191 -47.34 77.69 18.76
N PRO H 192 -47.80 78.90 18.45
CA PRO H 192 -49.19 79.29 18.66
C PRO H 192 -50.11 78.86 17.55
N ASP H 193 -49.55 78.31 16.51
CA ASP H 193 -50.43 77.80 15.46
C ASP H 193 -51.58 77.03 16.03
N GLY H 194 -52.74 77.23 15.42
CA GLY H 194 -53.87 76.48 15.88
C GLY H 194 -54.97 77.14 16.71
N ASP H 195 -56.06 76.43 16.87
CA ASP H 195 -57.31 76.75 17.51
C ASP H 195 -57.45 76.84 19.01
N HIS H 196 -56.69 76.06 19.74
CA HIS H 196 -56.63 75.81 21.16
C HIS H 196 -56.75 77.05 22.02
N ASP H 197 -57.20 76.84 23.24
CA ASP H 197 -57.30 78.09 24.03
C ASP H 197 -56.08 78.30 24.87
N LEU H 198 -56.21 79.09 25.91
CA LEU H 198 -55.20 79.45 26.88
C LEU H 198 -54.85 78.30 27.81
N GLU H 199 -55.86 77.59 28.34
CA GLU H 199 -55.59 76.53 29.36
C GLU H 199 -54.89 75.41 28.74
N HIS H 200 -55.08 75.08 27.51
CA HIS H 200 -54.39 74.02 26.79
C HIS H 200 -52.97 74.44 26.50
N CYS H 201 -52.76 75.73 26.22
CA CYS H 201 -51.35 76.09 25.94
C CYS H 201 -50.67 76.04 27.30
N GLN H 202 -51.42 76.36 28.35
CA GLN H 202 -50.73 76.31 29.64
C GLN H 202 -50.24 74.93 30.01
N TYR H 203 -51.13 73.97 29.88
CA TYR H 203 -50.87 72.55 30.09
C TYR H 203 -49.72 72.01 29.25
N VAL H 204 -49.78 72.30 27.95
CA VAL H 204 -48.60 71.88 27.11
C VAL H 204 -47.29 72.54 27.49
N THR H 205 -47.37 73.86 27.71
CA THR H 205 -46.04 74.48 28.07
C THR H 205 -45.58 73.87 29.40
N GLU H 206 -46.55 73.65 30.30
CA GLU H 206 -45.98 73.05 31.51
C GLU H 206 -45.39 71.73 31.14
N LYS H 207 -46.00 70.83 30.36
CA LYS H 207 -45.35 69.51 30.13
C LYS H 207 -44.03 69.68 29.49
N VAL H 208 -44.02 70.49 28.47
CA VAL H 208 -42.66 70.73 27.87
C VAL H 208 -41.61 71.20 28.84
N LEU H 209 -41.91 72.18 29.72
CA LEU H 209 -40.84 72.73 30.61
C LEU H 209 -40.39 71.71 31.64
N ALA H 210 -41.33 70.94 32.20
CA ALA H 210 -41.02 69.86 33.14
C ALA H 210 -40.07 69.05 32.29
N ALA H 211 -40.28 68.65 31.02
CA ALA H 211 -39.28 67.70 30.52
C ALA H 211 -37.95 68.35 30.25
N VAL H 212 -38.04 69.59 29.81
CA VAL H 212 -36.72 70.27 29.54
C VAL H 212 -35.85 70.29 30.77
N TYR H 213 -36.39 70.60 31.97
CA TYR H 213 -35.52 70.74 33.16
C TYR H 213 -35.02 69.40 33.62
N LYS H 214 -35.87 68.37 33.54
CA LYS H 214 -35.49 67.01 33.95
C LYS H 214 -34.33 66.61 33.05
N ALA H 215 -34.47 66.95 31.78
CA ALA H 215 -33.36 66.61 30.87
C ALA H 215 -32.10 67.38 31.14
N LEU H 216 -32.23 68.62 31.58
CA LEU H 216 -30.99 69.46 31.82
C LEU H 216 -30.30 68.94 33.06
N ASN H 217 -31.17 68.44 33.94
CA ASN H 217 -30.58 67.90 35.17
C ASN H 217 -29.82 66.64 34.85
N ASP H 218 -30.40 65.72 34.06
CA ASP H 218 -29.75 64.44 33.71
C ASP H 218 -28.43 64.72 32.98
N HIS H 219 -28.44 65.72 32.11
CA HIS H 219 -27.17 66.04 31.42
C HIS H 219 -26.22 66.93 32.24
N HIS H 220 -26.53 67.12 33.54
CA HIS H 220 -25.70 67.94 34.42
C HIS H 220 -25.55 69.40 34.01
N VAL H 221 -26.46 70.03 33.27
CA VAL H 221 -26.25 71.46 33.00
C VAL H 221 -26.48 72.32 34.27
N TYR H 222 -25.58 73.29 34.48
CA TYR H 222 -25.42 74.24 35.55
C TYR H 222 -26.50 75.29 35.44
N LEU H 223 -27.65 75.21 36.08
CA LEU H 223 -28.72 76.12 35.76
C LEU H 223 -28.42 77.59 35.92
N GLU H 224 -27.71 77.99 36.96
CA GLU H 224 -27.38 79.37 37.22
C GLU H 224 -26.57 80.07 36.15
N GLY H 225 -26.12 79.35 35.12
CA GLY H 225 -25.32 79.82 34.04
C GLY H 225 -26.15 79.54 32.78
N THR H 226 -27.44 79.67 32.85
CA THR H 226 -28.32 79.40 31.69
C THR H 226 -29.43 80.42 31.53
N LEU H 227 -30.09 80.57 30.37
CA LEU H 227 -31.22 81.49 30.30
C LEU H 227 -32.38 80.75 29.66
N LEU H 228 -33.62 81.07 29.97
CA LEU H 228 -34.69 80.31 29.32
C LEU H 228 -35.41 81.30 28.42
N LYS H 229 -35.78 80.86 27.21
CA LYS H 229 -36.52 81.79 26.32
C LYS H 229 -37.75 81.01 25.89
N PRO H 230 -38.79 80.96 26.73
CA PRO H 230 -40.00 80.24 26.46
C PRO H 230 -41.07 81.12 25.75
N ASN H 231 -42.13 80.36 25.37
CA ASN H 231 -43.23 81.08 24.73
C ASN H 231 -44.05 81.68 25.87
N MET H 232 -44.73 82.81 25.70
CA MET H 232 -45.62 83.16 26.86
C MET H 232 -46.79 82.17 26.63
N VAL H 233 -47.72 82.11 27.51
CA VAL H 233 -48.85 81.21 27.48
C VAL H 233 -49.99 82.07 26.98
N THR H 234 -50.47 81.70 25.79
CA THR H 234 -51.59 82.49 25.22
C THR H 234 -52.35 81.42 24.42
N ALA H 235 -53.55 81.75 24.01
CA ALA H 235 -54.36 80.81 23.23
C ALA H 235 -53.71 80.80 21.84
N GLY H 236 -54.16 79.84 21.07
CA GLY H 236 -53.56 79.70 19.71
C GLY H 236 -54.12 80.79 18.84
N HIS H 237 -53.41 80.93 17.73
CA HIS H 237 -53.69 81.96 16.75
C HIS H 237 -55.11 82.01 16.28
N ALA H 238 -55.63 80.83 16.09
CA ALA H 238 -56.91 80.65 15.51
C ALA H 238 -57.88 80.61 16.67
N CYS H 239 -57.52 80.95 17.90
CA CYS H 239 -58.64 80.75 18.86
C CYS H 239 -59.44 82.05 18.90
N THR H 240 -60.76 81.95 18.90
CA THR H 240 -61.65 83.10 18.87
C THR H 240 -61.82 83.76 20.23
N LYS H 241 -61.61 83.07 21.36
CA LYS H 241 -61.69 83.77 22.64
C LYS H 241 -60.53 84.78 22.71
N LYS H 242 -60.91 85.90 23.38
CA LYS H 242 -59.98 87.02 23.55
C LYS H 242 -59.37 87.06 24.94
N TYR H 243 -58.07 87.20 25.19
CA TYR H 243 -57.70 87.22 26.59
C TYR H 243 -57.04 88.57 26.92
N THR H 244 -56.77 88.81 28.22
CA THR H 244 -56.01 89.99 28.47
C THR H 244 -54.55 89.74 28.83
N PRO H 245 -53.76 90.81 28.87
CA PRO H 245 -52.40 90.68 29.34
C PRO H 245 -52.35 89.99 30.69
N GLU H 246 -53.27 90.42 31.55
CA GLU H 246 -53.35 89.95 32.94
C GLU H 246 -53.73 88.46 32.89
N GLN H 247 -54.63 88.10 32.01
CA GLN H 247 -54.85 86.64 31.88
C GLN H 247 -53.61 85.88 31.38
N VAL H 248 -52.93 86.44 30.36
CA VAL H 248 -51.76 85.72 29.77
C VAL H 248 -50.71 85.65 30.86
N ALA H 249 -50.80 86.72 31.69
CA ALA H 249 -49.73 86.77 32.65
C ALA H 249 -49.85 85.73 33.74
N MET H 250 -51.06 85.41 34.21
CA MET H 250 -51.12 84.49 35.36
C MET H 250 -50.99 83.12 34.76
N ALA H 251 -51.49 82.91 33.57
CA ALA H 251 -51.22 81.53 32.99
C ALA H 251 -49.73 81.22 32.83
N THR H 252 -48.97 82.28 32.36
CA THR H 252 -47.57 82.14 31.99
C THR H 252 -46.74 81.90 33.22
N VAL H 253 -46.95 82.82 34.18
CA VAL H 253 -46.23 82.73 35.46
C VAL H 253 -46.72 81.54 36.26
N THR H 254 -48.01 81.21 36.21
CA THR H 254 -48.32 79.95 36.89
C THR H 254 -47.54 78.78 36.24
N ALA H 255 -47.48 78.61 34.96
CA ALA H 255 -46.70 77.48 34.37
C ALA H 255 -45.22 77.58 34.72
N LEU H 256 -44.67 78.84 34.67
CA LEU H 256 -43.22 78.86 34.92
C LEU H 256 -42.77 78.48 36.32
N HIS H 257 -43.56 78.98 37.29
CA HIS H 257 -43.28 78.85 38.71
C HIS H 257 -43.56 77.41 39.11
N ARG H 258 -44.37 76.75 38.26
CA ARG H 258 -44.52 75.33 38.42
C ARG H 258 -43.39 74.55 37.84
N THR H 259 -42.75 75.04 36.78
CA THR H 259 -41.65 74.23 36.29
C THR H 259 -40.29 74.81 36.16
N VAL H 260 -39.96 76.07 36.19
CA VAL H 260 -38.55 76.50 35.96
C VAL H 260 -37.84 76.81 37.27
N PRO H 261 -36.83 76.04 37.61
CA PRO H 261 -36.18 76.19 38.89
C PRO H 261 -35.71 77.64 39.17
N ALA H 262 -35.60 77.92 40.47
CA ALA H 262 -35.26 79.29 40.85
C ALA H 262 -33.78 79.51 40.62
N ALA H 263 -33.05 78.47 40.24
CA ALA H 263 -31.63 78.81 40.00
C ALA H 263 -31.43 79.42 38.64
N VAL H 264 -32.39 79.48 37.79
CA VAL H 264 -32.25 80.02 36.43
C VAL H 264 -32.48 81.49 36.59
N PRO H 265 -31.42 82.23 36.34
CA PRO H 265 -31.40 83.67 36.62
C PRO H 265 -32.30 84.49 35.76
N GLY H 266 -32.69 84.00 34.55
CA GLY H 266 -33.52 84.97 33.80
C GLY H 266 -34.33 84.24 32.78
N ILE H 267 -35.58 84.72 32.64
CA ILE H 267 -36.36 84.01 31.65
C ILE H 267 -36.73 85.18 30.75
N CYS H 268 -36.35 85.07 29.50
CA CYS H 268 -36.55 86.06 28.46
C CYS H 268 -37.50 85.63 27.36
N PHE H 269 -38.71 86.20 27.33
CA PHE H 269 -39.71 85.64 26.45
C PHE H 269 -39.48 85.91 24.98
N LEU H 270 -39.81 84.91 24.14
CA LEU H 270 -39.88 85.06 22.71
C LEU H 270 -41.19 85.82 22.42
N SER H 271 -41.50 86.49 21.30
CA SER H 271 -42.78 87.26 21.18
C SER H 271 -43.63 86.69 20.07
N GLY H 272 -42.92 85.84 19.32
CA GLY H 272 -43.36 85.07 18.22
C GLY H 272 -44.69 85.48 17.66
N GLY H 273 -44.70 86.49 16.79
CA GLY H 273 -45.96 86.86 16.18
C GLY H 273 -46.89 87.87 16.85
N MET H 274 -46.72 88.11 18.15
CA MET H 274 -47.49 89.11 18.88
C MET H 274 -47.21 90.46 18.22
N SER H 275 -48.04 91.48 18.42
CA SER H 275 -47.64 92.77 17.79
C SER H 275 -46.58 93.37 18.71
N GLU H 276 -45.83 94.35 18.27
CA GLU H 276 -44.94 94.98 19.22
C GLU H 276 -45.71 95.39 20.48
N GLU H 277 -46.83 96.06 20.30
CA GLU H 277 -47.44 96.57 21.53
C GLU H 277 -47.85 95.37 22.38
N ASP H 278 -48.47 94.32 21.80
CA ASP H 278 -48.88 93.26 22.79
C ASP H 278 -47.74 92.57 23.57
N ALA H 279 -46.56 92.55 22.89
CA ALA H 279 -45.46 91.86 23.55
C ALA H 279 -45.01 92.68 24.76
N THR H 280 -45.00 93.99 24.64
CA THR H 280 -44.68 94.84 25.80
C THR H 280 -45.89 94.81 26.73
N LEU H 281 -47.16 94.89 26.30
CA LEU H 281 -48.23 94.70 27.29
C LEU H 281 -48.14 93.35 27.97
N ASN H 282 -47.84 92.26 27.21
CA ASN H 282 -47.83 91.03 28.03
C ASN H 282 -46.72 90.94 29.06
N LEU H 283 -45.52 91.21 28.59
CA LEU H 283 -44.29 91.26 29.38
C LEU H 283 -44.49 92.15 30.62
N ASN H 284 -45.19 93.23 30.47
CA ASN H 284 -45.33 94.05 31.70
C ASN H 284 -46.31 93.45 32.70
N ALA H 285 -47.35 92.81 32.25
CA ALA H 285 -48.30 92.12 33.19
C ALA H 285 -47.55 90.96 33.82
N ILE H 286 -46.83 90.12 33.08
CA ILE H 286 -46.02 89.10 33.73
C ILE H 286 -45.27 89.61 34.94
N ASN H 287 -44.52 90.70 34.96
CA ASN H 287 -43.72 91.21 36.02
C ASN H 287 -44.63 91.73 37.12
N LEU H 288 -45.82 92.13 36.81
CA LEU H 288 -46.76 92.54 37.85
C LEU H 288 -47.56 91.31 38.35
N CYS H 289 -47.47 90.08 37.89
CA CYS H 289 -48.30 88.99 38.40
C CYS H 289 -48.05 88.67 39.84
N PRO H 290 -49.09 88.45 40.60
CA PRO H 290 -48.95 88.20 42.04
C PRO H 290 -48.76 86.71 42.28
N LEU H 291 -47.58 86.23 41.96
CA LEU H 291 -47.17 84.81 42.09
C LEU H 291 -45.66 84.93 42.38
N PRO H 292 -45.09 83.95 43.04
CA PRO H 292 -43.67 83.99 43.32
C PRO H 292 -42.87 83.91 41.98
N LYS H 293 -41.94 84.82 41.72
CA LYS H 293 -41.17 84.94 40.51
C LYS H 293 -39.73 84.97 40.89
N PRO H 294 -39.07 83.90 41.16
CA PRO H 294 -37.70 83.97 41.69
C PRO H 294 -36.68 84.40 40.65
N TRP H 295 -37.13 84.57 39.39
CA TRP H 295 -36.26 84.98 38.34
C TRP H 295 -36.60 86.28 37.59
N LYS H 296 -35.59 86.81 36.93
CA LYS H 296 -35.76 87.90 36.05
C LYS H 296 -36.78 87.47 34.96
N LEU H 297 -37.66 88.42 34.63
CA LEU H 297 -38.62 88.16 33.57
C LEU H 297 -38.48 89.29 32.57
N SER H 298 -37.83 88.98 31.44
CA SER H 298 -37.56 89.93 30.41
C SER H 298 -37.93 89.52 29.02
N PHE H 299 -37.20 90.05 28.04
CA PHE H 299 -37.60 89.81 26.64
C PHE H 299 -36.40 89.40 25.81
N SER H 300 -36.60 88.68 24.77
CA SER H 300 -35.54 88.24 23.85
C SER H 300 -36.34 88.38 22.56
N TYR H 301 -36.68 89.64 22.21
CA TYR H 301 -37.51 89.85 21.03
C TYR H 301 -36.70 90.02 19.76
N GLY H 302 -37.35 89.46 18.73
CA GLY H 302 -36.97 89.54 17.33
C GLY H 302 -37.87 90.58 16.63
N ARG H 303 -39.02 90.08 16.12
CA ARG H 303 -40.02 90.88 15.41
C ARG H 303 -40.49 92.07 16.19
N ALA H 304 -40.82 91.81 17.43
CA ALA H 304 -41.45 92.72 18.35
C ALA H 304 -40.43 93.82 18.66
N LEU H 305 -39.17 93.77 18.28
CA LEU H 305 -38.40 95.00 18.48
C LEU H 305 -38.05 95.60 17.12
N GLN H 306 -38.25 94.87 16.03
CA GLN H 306 -37.87 95.38 14.69
C GLN H 306 -38.97 95.73 13.66
N ALA H 307 -40.21 95.37 13.96
CA ALA H 307 -41.26 95.56 12.97
C ALA H 307 -41.34 97.01 12.56
N SER H 308 -41.57 97.85 13.55
CA SER H 308 -41.80 99.26 13.20
C SER H 308 -40.49 99.80 12.62
N ALA H 309 -39.34 99.28 13.04
CA ALA H 309 -38.11 99.90 12.54
C ALA H 309 -37.91 99.53 11.05
N LEU H 310 -38.45 98.33 10.78
CA LEU H 310 -38.20 97.89 9.42
C LEU H 310 -39.12 98.67 8.51
N ALA H 311 -40.30 99.03 9.01
CA ALA H 311 -41.24 99.76 8.12
C ALA H 311 -40.73 101.17 7.82
N ALA H 312 -40.30 101.85 8.85
CA ALA H 312 -39.65 103.14 8.68
C ALA H 312 -38.48 103.06 7.69
N TRP H 313 -37.64 102.04 7.78
CA TRP H 313 -36.48 101.91 6.92
C TRP H 313 -36.92 101.85 5.46
N GLY H 314 -37.76 100.84 5.25
CA GLY H 314 -38.17 100.48 3.89
C GLY H 314 -37.04 100.17 2.93
N GLY H 315 -35.83 99.90 3.42
CA GLY H 315 -34.72 99.57 2.54
C GLY H 315 -34.07 100.89 2.19
N LYS H 316 -34.50 101.99 2.79
CA LYS H 316 -33.92 103.24 2.39
C LYS H 316 -33.01 103.80 3.44
N ALA H 317 -31.80 104.05 2.93
CA ALA H 317 -30.70 104.60 3.69
C ALA H 317 -31.03 105.96 4.32
N ALA H 318 -31.85 106.71 3.56
CA ALA H 318 -32.24 108.05 4.06
C ALA H 318 -33.11 107.95 5.31
N ASN H 319 -33.76 106.77 5.45
CA ASN H 319 -34.54 106.45 6.62
C ASN H 319 -33.78 106.04 7.89
N LYS H 320 -32.43 106.14 7.87
CA LYS H 320 -31.71 105.81 9.09
C LYS H 320 -32.33 106.40 10.36
N GLU H 321 -32.60 107.71 10.42
CA GLU H 321 -33.03 108.23 11.69
C GLU H 321 -34.29 107.57 12.25
N ALA H 322 -35.22 107.46 11.30
CA ALA H 322 -36.54 106.93 11.65
C ALA H 322 -36.43 105.46 12.08
N THR H 323 -35.52 104.75 11.45
CA THR H 323 -35.37 103.33 11.72
C THR H 323 -34.87 103.16 13.14
N GLN H 324 -33.82 103.94 13.42
CA GLN H 324 -33.21 103.85 14.72
C GLN H 324 -34.26 104.25 15.73
N GLU H 325 -34.90 105.39 15.63
CA GLU H 325 -35.89 105.89 16.55
C GLU H 325 -36.87 104.79 16.91
N ALA H 326 -37.34 104.09 15.86
CA ALA H 326 -38.32 103.01 16.05
C ALA H 326 -37.86 101.93 17.04
N PHE H 327 -36.72 101.39 16.64
CA PHE H 327 -36.14 100.31 17.42
C PHE H 327 -35.94 100.77 18.86
N MET H 328 -35.42 101.99 18.95
CA MET H 328 -35.02 102.56 20.21
C MET H 328 -36.20 102.62 21.19
N LYS H 329 -37.33 103.00 20.66
CA LYS H 329 -38.56 103.21 21.37
C LYS H 329 -39.08 101.87 21.86
N ARG H 330 -39.05 100.84 21.01
CA ARG H 330 -39.53 99.55 21.45
C ARG H 330 -38.48 99.02 22.44
N ALA H 331 -37.23 99.40 22.26
CA ALA H 331 -36.36 98.79 23.28
C ALA H 331 -36.71 99.43 24.62
N MET H 332 -36.98 100.74 24.70
CA MET H 332 -37.14 101.37 26.01
C MET H 332 -38.42 100.93 26.70
N ALA H 333 -39.42 100.62 25.91
CA ALA H 333 -40.69 100.10 26.32
C ALA H 333 -40.61 98.69 26.90
N ASN H 334 -39.85 97.84 26.19
CA ASN H 334 -39.66 96.50 26.75
C ASN H 334 -38.79 96.47 28.00
N CYS H 335 -37.78 97.27 28.15
CA CYS H 335 -37.04 97.44 29.38
C CYS H 335 -37.95 97.88 30.55
N GLN H 336 -38.93 98.73 30.20
CA GLN H 336 -39.79 99.21 31.25
C GLN H 336 -40.79 98.07 31.64
N ALA H 337 -41.28 97.40 30.58
CA ALA H 337 -42.19 96.29 30.91
C ALA H 337 -41.44 95.24 31.68
N ALA H 338 -40.14 95.07 31.41
CA ALA H 338 -39.36 94.09 32.16
C ALA H 338 -39.29 94.48 33.61
N LYS H 339 -39.62 95.72 33.92
CA LYS H 339 -39.57 96.17 35.29
C LYS H 339 -40.97 96.25 35.88
N GLY H 340 -42.00 96.23 35.06
CA GLY H 340 -43.36 96.29 35.54
C GLY H 340 -43.88 97.73 35.54
N GLN H 341 -43.06 98.51 34.83
CA GLN H 341 -43.26 99.94 34.73
C GLN H 341 -43.79 100.44 33.40
N TYR H 342 -44.23 99.60 32.47
CA TYR H 342 -44.72 100.15 31.22
C TYR H 342 -46.14 100.62 31.32
N VAL H 343 -46.42 101.80 30.82
CA VAL H 343 -47.85 102.14 30.78
C VAL H 343 -48.24 102.54 29.35
N HIS H 344 -49.18 101.87 28.74
CA HIS H 344 -49.80 102.08 27.51
C HIS H 344 -49.68 103.35 26.65
N THR H 345 -49.63 102.87 25.46
CA THR H 345 -49.52 102.44 24.13
C THR H 345 -48.30 103.01 23.38
N GLY H 346 -47.39 103.45 24.28
CA GLY H 346 -46.10 104.02 24.22
C GLY H 346 -45.15 103.60 23.12
N SER H 347 -45.53 103.95 21.91
CA SER H 347 -44.81 103.79 20.66
C SER H 347 -45.60 104.47 19.51
N SER H 348 -46.15 103.52 18.73
CA SER H 348 -46.93 103.91 17.57
C SER H 348 -48.19 103.05 17.50
N GLY H 349 -48.58 102.94 16.24
CA GLY H 349 -49.77 102.17 15.90
C GLY H 349 -49.24 101.12 14.91
N ALA H 350 -50.15 100.66 14.10
CA ALA H 350 -50.08 99.65 13.08
C ALA H 350 -48.72 99.02 12.94
N ALA H 351 -47.69 99.85 12.90
CA ALA H 351 -46.27 99.47 12.88
C ALA H 351 -46.25 98.23 13.75
N SER H 352 -46.86 98.40 14.96
CA SER H 352 -47.18 97.18 15.64
C SER H 352 -48.20 97.28 16.76
N THR H 353 -49.40 97.35 16.20
CA THR H 353 -50.69 97.13 16.82
C THR H 353 -51.17 95.89 16.01
N GLN H 354 -50.29 95.71 15.05
CA GLN H 354 -49.92 94.89 14.01
C GLN H 354 -50.14 93.39 14.09
N SER H 355 -49.20 92.68 14.70
CA SER H 355 -49.22 91.21 14.74
C SER H 355 -48.26 90.73 13.62
N LEU H 356 -47.12 90.21 14.11
CA LEU H 356 -46.07 89.81 13.18
C LEU H 356 -46.04 88.33 12.94
N PHE H 357 -47.13 87.66 13.37
CA PHE H 357 -47.23 86.21 13.31
C PHE H 357 -46.89 85.61 11.95
N ALA I 1 15.12 -26.36 -57.40
CA ALA I 1 16.33 -25.55 -57.90
C ALA I 1 17.31 -25.13 -56.82
N HIS I 2 18.39 -24.41 -57.08
CA HIS I 2 19.44 -24.15 -56.07
C HIS I 2 19.38 -22.79 -55.39
N ARG I 3 20.36 -21.92 -55.67
CA ARG I 3 20.45 -20.61 -55.00
C ARG I 3 19.01 -20.32 -54.53
N PHE I 4 18.36 -19.36 -55.18
CA PHE I 4 16.94 -19.10 -54.97
C PHE I 4 16.29 -19.74 -53.75
N PRO I 5 16.45 -19.10 -52.59
CA PRO I 5 15.91 -19.52 -51.32
C PRO I 5 14.40 -19.54 -51.22
N ALA I 6 13.77 -20.61 -50.72
CA ALA I 6 12.34 -20.50 -50.68
C ALA I 6 11.81 -19.43 -49.76
N LEU I 7 12.48 -19.19 -48.63
CA LEU I 7 11.95 -18.14 -47.71
C LEU I 7 13.05 -17.21 -47.19
N THR I 8 12.63 -16.04 -46.75
CA THR I 8 13.52 -14.98 -46.25
C THR I 8 13.66 -15.32 -44.78
N GLN I 9 14.72 -14.76 -44.27
CA GLN I 9 14.87 -14.89 -42.80
C GLN I 9 13.63 -14.46 -42.07
N GLU I 10 13.02 -13.30 -42.42
CA GLU I 10 11.89 -12.97 -41.57
C GLU I 10 10.75 -14.03 -41.67
N GLN I 11 10.63 -14.59 -42.89
CA GLN I 11 9.55 -15.54 -43.08
C GLN I 11 9.85 -16.72 -42.14
N LYS I 12 11.22 -16.91 -42.17
CA LYS I 12 11.51 -18.09 -41.33
C LYS I 12 11.18 -17.83 -39.87
N LYS I 13 11.69 -16.65 -39.49
CA LYS I 13 11.47 -16.28 -38.09
C LYS I 13 10.04 -16.43 -37.68
N GLU I 14 9.18 -15.92 -38.60
CA GLU I 14 7.76 -16.01 -38.22
C GLU I 14 7.30 -17.45 -38.09
N LEU I 15 7.73 -18.25 -39.15
CA LEU I 15 7.00 -19.54 -39.05
C LEU I 15 7.58 -20.35 -37.89
N SER I 16 8.80 -20.14 -37.53
CA SER I 16 9.43 -20.92 -36.43
C SER I 16 8.93 -20.42 -35.07
N GLU I 17 8.63 -19.09 -35.03
CA GLU I 17 7.97 -18.69 -33.75
C GLU I 17 6.59 -19.32 -33.63
N ILE I 18 5.75 -19.17 -34.66
CA ILE I 18 4.44 -19.83 -34.50
C ILE I 18 4.58 -21.30 -34.11
N ALA I 19 5.51 -22.02 -34.80
CA ALA I 19 5.55 -23.45 -34.59
C ALA I 19 5.88 -23.79 -33.16
N GLN I 20 6.88 -23.12 -32.63
CA GLN I 20 7.31 -23.52 -31.24
C GLN I 20 6.35 -23.11 -30.12
N SER I 21 5.53 -22.12 -30.47
CA SER I 21 4.65 -21.58 -29.43
C SER I 21 3.45 -22.48 -29.29
N ILE I 22 3.24 -23.31 -30.34
CA ILE I 22 2.02 -24.15 -30.20
C ILE I 22 2.52 -25.24 -29.29
N VAL I 23 3.81 -25.63 -29.18
CA VAL I 23 4.09 -26.84 -28.31
C VAL I 23 4.95 -26.53 -27.11
N ALA I 24 5.07 -25.22 -26.87
CA ALA I 24 5.75 -24.54 -25.85
C ALA I 24 5.67 -25.05 -24.42
N ASN I 25 4.58 -25.41 -23.77
CA ASN I 25 5.20 -25.71 -22.42
C ASN I 25 4.42 -26.97 -22.01
N GLY I 26 4.60 -27.89 -22.98
CA GLY I 26 3.86 -29.14 -22.60
C GLY I 26 2.51 -28.85 -23.21
N LYS I 27 2.50 -27.71 -23.94
CA LYS I 27 1.09 -27.55 -24.47
C LYS I 27 0.94 -28.54 -25.63
N GLY I 28 -0.29 -28.67 -26.08
CA GLY I 28 -0.72 -29.49 -27.19
C GLY I 28 -1.83 -28.80 -28.01
N ILE I 29 -2.52 -29.71 -28.75
CA ILE I 29 -3.46 -29.18 -29.70
C ILE I 29 -4.83 -29.80 -29.68
N LEU I 30 -5.89 -28.99 -29.81
CA LEU I 30 -7.21 -29.60 -29.88
C LEU I 30 -7.64 -29.70 -31.34
N ALA I 31 -7.99 -30.95 -31.69
CA ALA I 31 -8.27 -31.13 -33.13
C ALA I 31 -9.76 -31.13 -33.19
N ALA I 32 -10.34 -29.98 -33.46
CA ALA I 32 -11.82 -29.90 -33.50
C ALA I 32 -12.27 -29.71 -34.94
N ASP I 33 -11.45 -30.26 -35.84
CA ASP I 33 -11.62 -29.98 -37.29
C ASP I 33 -12.26 -31.13 -38.01
N GLU I 34 -13.20 -31.74 -37.22
CA GLU I 34 -13.86 -32.85 -37.92
C GLU I 34 -14.92 -32.31 -38.85
N SER I 35 -14.96 -33.06 -39.95
CA SER I 35 -15.86 -32.74 -41.04
C SER I 35 -17.31 -32.93 -40.57
N VAL I 36 -18.12 -32.28 -41.43
CA VAL I 36 -19.53 -32.51 -41.25
C VAL I 36 -19.83 -33.98 -41.21
N GLY I 37 -19.08 -34.80 -41.93
CA GLY I 37 -19.55 -36.21 -41.87
C GLY I 37 -18.99 -36.87 -40.62
N THR I 38 -17.73 -36.45 -40.34
CA THR I 38 -17.19 -37.06 -39.13
C THR I 38 -18.03 -36.69 -37.90
N MET I 39 -18.27 -35.34 -37.77
CA MET I 39 -18.93 -35.01 -36.46
C MET I 39 -20.16 -35.90 -36.35
N GLY I 40 -20.83 -35.98 -37.47
CA GLY I 40 -22.07 -36.76 -37.47
C GLY I 40 -21.76 -38.11 -36.84
N ASN I 41 -20.60 -38.72 -37.17
CA ASN I 41 -20.41 -40.06 -36.50
C ASN I 41 -20.38 -39.93 -34.96
N ARG I 42 -19.46 -39.03 -34.50
CA ARG I 42 -19.34 -38.74 -33.10
C ARG I 42 -20.69 -38.25 -32.56
N LEU I 43 -21.60 -37.53 -33.21
CA LEU I 43 -22.87 -37.16 -32.51
C LEU I 43 -23.84 -38.34 -32.40
N GLN I 44 -23.60 -39.14 -33.47
CA GLN I 44 -24.39 -40.35 -33.61
C GLN I 44 -24.26 -41.04 -32.25
N ARG I 45 -22.93 -41.17 -31.97
CA ARG I 45 -22.56 -41.83 -30.69
C ARG I 45 -23.39 -41.35 -29.49
N ILE I 46 -23.59 -40.02 -29.36
CA ILE I 46 -24.38 -39.57 -28.22
C ILE I 46 -25.87 -39.55 -28.56
N LYS I 47 -26.16 -39.94 -29.80
CA LYS I 47 -27.54 -39.93 -30.27
C LYS I 47 -28.12 -38.52 -30.38
N VAL I 48 -27.39 -37.67 -31.14
CA VAL I 48 -27.77 -36.26 -31.32
C VAL I 48 -27.76 -35.97 -32.82
N GLU I 49 -28.80 -35.37 -33.33
CA GLU I 49 -28.86 -35.07 -34.75
C GLU I 49 -27.76 -34.20 -35.34
N ASN I 50 -27.04 -34.78 -36.32
CA ASN I 50 -25.89 -34.05 -36.92
C ASN I 50 -26.50 -32.84 -37.62
N THR I 51 -26.40 -31.73 -36.90
CA THR I 51 -26.94 -30.45 -37.41
C THR I 51 -25.87 -29.40 -37.45
N GLU I 52 -25.57 -28.55 -38.41
CA GLU I 52 -24.63 -27.41 -38.09
C GLU I 52 -24.99 -26.75 -36.74
N GLU I 53 -26.28 -26.71 -36.33
CA GLU I 53 -26.50 -26.07 -35.02
C GLU I 53 -25.84 -26.88 -33.89
N ASN I 54 -26.19 -28.16 -33.87
CA ASN I 54 -25.57 -29.02 -32.85
C ASN I 54 -24.05 -28.93 -32.96
N ARG I 55 -23.50 -28.83 -34.16
CA ARG I 55 -22.04 -28.91 -34.26
C ARG I 55 -21.58 -27.58 -33.64
N ARG I 56 -22.09 -26.49 -34.14
CA ARG I 56 -21.79 -25.16 -33.61
C ARG I 56 -21.80 -25.06 -32.06
N GLN I 57 -22.96 -25.53 -31.60
CA GLN I 57 -23.25 -25.53 -30.19
C GLN I 57 -22.21 -26.31 -29.40
N PHE I 58 -21.86 -27.52 -29.82
CA PHE I 58 -20.89 -28.31 -29.06
C PHE I 58 -19.51 -27.67 -29.06
N ARG I 59 -19.17 -27.07 -30.20
CA ARG I 59 -17.80 -26.50 -30.14
C ARG I 59 -17.87 -25.23 -29.34
N GLU I 60 -19.00 -24.53 -29.38
CA GLU I 60 -19.13 -23.30 -28.54
C GLU I 60 -18.87 -23.54 -27.04
N ILE I 61 -19.27 -24.70 -26.48
CA ILE I 61 -18.98 -25.08 -25.11
C ILE I 61 -17.51 -25.36 -25.01
N LEU I 62 -16.91 -26.23 -25.85
CA LEU I 62 -15.46 -26.39 -25.67
C LEU I 62 -14.79 -25.04 -25.91
N PHE I 63 -15.15 -24.12 -26.84
CA PHE I 63 -14.27 -22.92 -26.88
C PHE I 63 -14.62 -21.84 -25.87
N SER I 64 -15.78 -22.00 -25.14
CA SER I 64 -16.00 -20.94 -24.14
C SER I 64 -15.29 -21.22 -22.82
N VAL I 65 -14.75 -22.41 -22.69
CA VAL I 65 -14.04 -22.88 -21.52
C VAL I 65 -13.07 -21.94 -20.86
N ASP I 66 -13.08 -22.15 -19.52
CA ASP I 66 -12.30 -21.19 -18.76
C ASP I 66 -10.98 -21.00 -19.47
N SER I 67 -10.66 -19.76 -19.31
CA SER I 67 -9.52 -19.09 -19.15
C SER I 67 -8.17 -19.02 -19.73
N SER I 68 -7.80 -20.29 -19.75
CA SER I 68 -6.42 -20.24 -20.04
C SER I 68 -6.39 -21.60 -20.70
N ILE I 69 -7.11 -22.58 -20.12
CA ILE I 69 -6.83 -23.79 -20.89
C ILE I 69 -5.67 -23.64 -21.84
N ASN I 70 -4.68 -22.77 -21.76
CA ASN I 70 -3.66 -22.16 -22.58
C ASN I 70 -2.40 -22.46 -21.77
N GLN I 71 -2.80 -23.20 -20.72
CA GLN I 71 -1.76 -23.75 -19.87
C GLN I 71 -1.50 -25.14 -20.47
N SER I 72 -2.54 -25.61 -21.14
CA SER I 72 -2.57 -26.91 -21.74
C SER I 72 -2.71 -26.94 -23.25
N ILE I 73 -3.64 -26.15 -23.81
CA ILE I 73 -3.87 -26.18 -25.25
C ILE I 73 -3.10 -25.01 -25.86
N GLY I 74 -2.42 -25.23 -26.94
CA GLY I 74 -1.55 -24.17 -27.54
C GLY I 74 -2.06 -23.81 -28.93
N GLY I 75 -3.03 -24.64 -29.36
CA GLY I 75 -3.62 -24.34 -30.70
C GLY I 75 -4.82 -25.24 -30.97
N VAL I 76 -5.71 -24.69 -31.80
CA VAL I 76 -6.92 -25.41 -32.17
C VAL I 76 -7.00 -25.48 -33.70
N ILE I 77 -7.27 -26.77 -34.09
CA ILE I 77 -7.52 -27.03 -35.48
C ILE I 77 -9.05 -26.93 -35.73
N LEU I 78 -9.35 -25.90 -36.57
CA LEU I 78 -10.70 -25.81 -37.08
C LEU I 78 -10.80 -26.23 -38.56
N PHE I 79 -11.98 -26.70 -38.84
CA PHE I 79 -12.54 -27.12 -40.10
C PHE I 79 -13.20 -25.94 -40.74
N HIS I 80 -13.03 -25.49 -41.93
CA HIS I 80 -13.62 -24.29 -42.52
C HIS I 80 -14.90 -23.71 -41.92
N GLU I 81 -16.01 -24.44 -42.02
CA GLU I 81 -17.27 -23.87 -41.55
C GLU I 81 -17.09 -23.11 -40.26
N THR I 82 -16.49 -23.79 -39.31
CA THR I 82 -16.36 -23.36 -37.95
C THR I 82 -15.36 -22.24 -37.91
N LEU I 83 -14.57 -22.00 -38.96
CA LEU I 83 -13.61 -20.89 -38.89
C LEU I 83 -14.42 -19.60 -38.85
N TYR I 84 -15.69 -19.63 -39.29
CA TYR I 84 -16.46 -18.40 -39.47
C TYR I 84 -17.77 -18.43 -38.71
N GLN I 85 -17.91 -19.42 -37.81
CA GLN I 85 -19.05 -19.45 -36.93
C GLN I 85 -18.89 -18.50 -35.71
N LYS I 86 -20.00 -18.33 -34.97
CA LYS I 86 -19.97 -17.44 -33.81
C LYS I 86 -20.57 -17.98 -32.54
N ASP I 87 -20.23 -17.23 -31.44
CA ASP I 87 -20.88 -17.75 -30.22
C ASP I 87 -22.30 -17.27 -30.19
N SER I 88 -22.96 -17.68 -29.10
CA SER I 88 -24.34 -17.25 -28.96
C SER I 88 -24.47 -15.75 -28.73
N GLN I 89 -23.41 -15.06 -28.74
CA GLN I 89 -23.27 -13.66 -28.68
C GLN I 89 -22.69 -13.08 -29.97
N GLY I 90 -22.61 -13.76 -31.09
CA GLY I 90 -22.13 -13.08 -32.29
C GLY I 90 -20.62 -12.86 -32.24
N LYS I 91 -19.87 -13.43 -31.28
CA LYS I 91 -18.42 -13.30 -31.31
C LYS I 91 -17.88 -14.54 -32.05
N LEU I 92 -16.94 -14.25 -32.95
CA LEU I 92 -16.54 -15.44 -33.77
C LEU I 92 -15.66 -16.34 -32.96
N PHE I 93 -15.82 -17.64 -32.92
CA PHE I 93 -14.97 -18.59 -32.16
C PHE I 93 -13.49 -18.27 -32.25
N ARG I 94 -12.94 -18.06 -33.44
CA ARG I 94 -11.52 -17.89 -33.67
C ARG I 94 -11.05 -16.72 -32.83
N ASN I 95 -11.77 -15.62 -32.74
CA ASN I 95 -11.32 -14.47 -31.92
C ASN I 95 -11.44 -14.87 -30.45
N ILE I 96 -12.61 -15.55 -30.18
CA ILE I 96 -12.68 -16.10 -28.85
C ILE I 96 -11.41 -16.87 -28.53
N LEU I 97 -10.96 -17.77 -29.42
CA LEU I 97 -9.71 -18.52 -29.13
C LEU I 97 -8.41 -17.74 -29.11
N LYS I 98 -8.29 -16.78 -29.97
CA LYS I 98 -7.12 -15.92 -30.05
C LYS I 98 -6.97 -15.00 -28.85
N GLU I 99 -8.12 -14.55 -28.30
CA GLU I 99 -7.98 -13.65 -27.13
C GLU I 99 -7.56 -14.42 -25.88
N LYS I 100 -7.83 -15.74 -25.77
CA LYS I 100 -7.31 -16.50 -24.65
C LYS I 100 -5.95 -17.10 -25.05
N GLY I 101 -5.18 -16.48 -25.98
CA GLY I 101 -3.85 -16.99 -26.17
C GLY I 101 -3.81 -18.30 -26.95
N ILE I 102 -4.82 -18.74 -27.69
CA ILE I 102 -4.62 -20.01 -28.38
C ILE I 102 -4.42 -19.96 -29.86
N VAL I 103 -3.40 -20.46 -30.47
CA VAL I 103 -3.17 -20.43 -31.95
C VAL I 103 -4.18 -21.17 -32.76
N VAL I 104 -4.69 -20.47 -33.80
CA VAL I 104 -5.77 -21.10 -34.57
C VAL I 104 -5.33 -21.64 -35.90
N GLY I 105 -5.76 -22.86 -36.20
CA GLY I 105 -5.37 -23.44 -37.49
C GLY I 105 -6.46 -24.00 -38.36
N ILE I 106 -6.12 -24.45 -39.60
CA ILE I 106 -7.32 -24.90 -40.41
C ILE I 106 -7.11 -26.16 -41.22
N LYS I 107 -8.10 -27.04 -41.24
CA LYS I 107 -7.92 -28.20 -42.11
C LYS I 107 -7.71 -27.77 -43.55
N LEU I 108 -6.69 -28.10 -44.32
CA LEU I 108 -6.53 -27.56 -45.65
C LEU I 108 -6.68 -28.72 -46.63
N ASP I 109 -6.41 -29.90 -46.22
CA ASP I 109 -6.48 -30.94 -47.26
C ASP I 109 -7.96 -30.98 -47.64
N GLN I 110 -8.21 -31.84 -48.56
CA GLN I 110 -9.57 -31.89 -48.98
C GLN I 110 -10.06 -33.28 -49.28
N GLY I 111 -9.57 -34.25 -48.51
CA GLY I 111 -10.12 -35.59 -48.79
C GLY I 111 -9.20 -36.37 -49.78
N GLY I 112 -9.65 -37.61 -49.76
CA GLY I 112 -8.92 -38.67 -50.49
C GLY I 112 -9.35 -38.82 -51.95
N ALA I 113 -8.43 -39.37 -52.74
CA ALA I 113 -8.71 -39.71 -54.15
C ALA I 113 -8.09 -41.10 -54.32
N PRO I 114 -8.80 -41.92 -54.96
CA PRO I 114 -8.39 -43.27 -55.27
C PRO I 114 -7.23 -43.20 -56.23
N LEU I 115 -6.35 -44.14 -55.98
CA LEU I 115 -5.03 -44.27 -56.71
C LEU I 115 -5.15 -45.55 -57.49
N ALA I 116 -5.62 -45.41 -58.72
CA ALA I 116 -5.93 -46.54 -59.62
C ALA I 116 -4.68 -47.42 -59.76
N GLY I 117 -4.89 -48.69 -59.90
CA GLY I 117 -3.92 -49.75 -60.06
C GLY I 117 -3.27 -50.22 -58.75
N THR I 118 -3.84 -49.82 -57.64
CA THR I 118 -3.53 -50.07 -56.28
C THR I 118 -4.48 -50.90 -55.46
N ASN I 119 -4.19 -51.68 -54.42
CA ASN I 119 -5.26 -52.41 -53.70
C ASN I 119 -5.99 -51.36 -52.83
N LYS I 120 -6.97 -50.61 -53.30
CA LYS I 120 -7.71 -49.64 -52.50
C LYS I 120 -6.93 -48.53 -51.85
N GLU I 121 -5.73 -48.18 -52.29
CA GLU I 121 -5.05 -47.03 -51.71
C GLU I 121 -5.45 -45.69 -52.33
N THR I 122 -5.15 -44.59 -51.58
CA THR I 122 -5.45 -43.25 -51.96
C THR I 122 -4.27 -42.32 -51.84
N THR I 123 -4.57 -41.20 -52.54
CA THR I 123 -3.79 -39.98 -52.29
C THR I 123 -4.83 -38.96 -51.66
N ILE I 124 -4.32 -37.68 -51.56
CA ILE I 124 -5.24 -36.67 -50.96
C ILE I 124 -5.50 -35.47 -51.78
N GLN I 125 -6.67 -34.93 -52.04
CA GLN I 125 -6.84 -33.68 -52.82
C GLN I 125 -6.67 -32.39 -52.00
N GLY I 126 -6.33 -31.29 -52.70
CA GLY I 126 -6.32 -30.01 -52.02
C GLY I 126 -5.38 -28.92 -52.43
N LEU I 127 -4.53 -29.31 -53.38
CA LEU I 127 -3.45 -28.31 -53.65
C LEU I 127 -4.00 -27.31 -54.60
N ASP I 128 -5.13 -27.58 -55.34
CA ASP I 128 -5.50 -26.50 -56.32
C ASP I 128 -5.88 -25.25 -55.61
N GLY I 129 -5.22 -24.19 -55.84
CA GLY I 129 -5.62 -22.89 -55.32
C GLY I 129 -5.40 -22.78 -53.81
N LEU I 130 -4.52 -23.72 -53.37
CA LEU I 130 -4.24 -23.68 -51.92
C LEU I 130 -3.70 -22.31 -51.55
N SER I 131 -2.76 -21.90 -52.39
CA SER I 131 -2.00 -20.72 -52.08
C SER I 131 -2.95 -19.58 -51.75
N GLU I 132 -3.85 -19.33 -52.70
CA GLU I 132 -4.77 -18.21 -52.50
C GLU I 132 -5.59 -18.48 -51.21
N ARG I 133 -6.09 -19.69 -51.01
CA ARG I 133 -6.66 -19.99 -49.71
C ARG I 133 -5.71 -19.74 -48.53
N CYS I 134 -4.47 -20.34 -48.76
CA CYS I 134 -3.71 -20.05 -47.48
C CYS I 134 -3.75 -18.58 -47.16
N ALA I 135 -3.60 -17.73 -48.15
CA ALA I 135 -3.43 -16.33 -47.78
C ALA I 135 -4.71 -15.65 -47.31
N GLN I 136 -5.84 -16.29 -47.68
CA GLN I 136 -7.12 -15.74 -47.22
C GLN I 136 -7.25 -16.04 -45.72
N TYR I 137 -6.73 -17.23 -45.40
CA TYR I 137 -6.91 -17.64 -43.99
C TYR I 137 -5.99 -16.84 -43.10
N LYS I 138 -4.83 -16.55 -43.64
CA LYS I 138 -3.86 -15.81 -42.83
C LYS I 138 -4.55 -14.53 -42.42
N LYS I 139 -5.26 -13.93 -43.36
CA LYS I 139 -5.97 -12.69 -43.16
C LYS I 139 -7.13 -12.83 -42.20
N ASP I 140 -7.60 -14.06 -42.09
CA ASP I 140 -8.77 -14.35 -41.26
C ASP I 140 -8.29 -15.01 -39.97
N GLY I 141 -7.11 -14.66 -39.45
CA GLY I 141 -6.86 -15.29 -38.15
C GLY I 141 -6.11 -16.53 -37.98
N VAL I 142 -5.82 -17.20 -39.13
CA VAL I 142 -5.18 -18.52 -38.98
C VAL I 142 -3.70 -18.42 -39.10
N ASP I 143 -2.98 -19.28 -38.41
CA ASP I 143 -1.53 -19.23 -38.51
C ASP I 143 -0.91 -20.61 -38.76
N PHE I 144 -1.71 -21.69 -38.85
CA PHE I 144 -1.13 -23.02 -39.09
C PHE I 144 -2.18 -23.87 -39.79
N GLY I 145 -1.67 -24.81 -40.60
CA GLY I 145 -2.66 -25.65 -41.35
C GLY I 145 -2.44 -27.12 -41.03
N LYS I 146 -3.30 -27.95 -41.50
CA LYS I 146 -3.30 -29.40 -41.30
C LYS I 146 -3.64 -30.18 -42.55
N TRP I 147 -2.92 -31.19 -42.91
CA TRP I 147 -3.31 -31.89 -44.15
C TRP I 147 -2.95 -33.33 -43.79
N ARG I 148 -3.98 -34.14 -43.79
CA ARG I 148 -3.82 -35.49 -43.45
C ARG I 148 -3.71 -36.57 -44.51
N ALA I 149 -2.59 -37.20 -44.73
CA ALA I 149 -2.63 -38.38 -45.65
C ALA I 149 -2.86 -39.65 -44.90
N VAL I 150 -3.49 -40.62 -45.52
CA VAL I 150 -3.78 -41.91 -44.88
C VAL I 150 -3.12 -43.03 -45.69
N LEU I 151 -2.30 -43.92 -45.20
CA LEU I 151 -1.69 -45.15 -45.62
C LEU I 151 -2.15 -46.31 -44.73
N ARG I 152 -2.38 -47.44 -45.37
CA ARG I 152 -2.87 -48.55 -44.57
C ARG I 152 -1.93 -49.75 -44.80
N ILE I 153 -2.05 -50.61 -43.79
CA ILE I 153 -1.22 -51.80 -43.94
C ILE I 153 -2.12 -52.89 -44.38
N ALA I 154 -1.88 -53.46 -45.52
CA ALA I 154 -2.66 -54.65 -45.91
C ALA I 154 -2.01 -55.29 -47.12
N ASP I 155 -2.72 -56.16 -47.81
CA ASP I 155 -2.30 -56.80 -49.04
C ASP I 155 -1.78 -55.82 -50.07
N GLN I 156 -0.47 -55.89 -50.25
CA GLN I 156 0.17 -54.89 -51.15
C GLN I 156 0.08 -53.44 -50.77
N CYS I 157 -0.36 -53.03 -49.57
CA CYS I 157 -0.29 -51.64 -49.12
C CYS I 157 0.55 -51.64 -47.87
N PRO I 158 1.25 -50.57 -47.63
CA PRO I 158 1.29 -49.38 -48.41
C PRO I 158 2.34 -49.54 -49.50
N SER I 159 1.90 -49.24 -50.69
CA SER I 159 2.60 -49.34 -51.97
C SER I 159 3.57 -48.18 -52.15
N SER I 160 4.47 -48.41 -53.12
CA SER I 160 5.48 -47.33 -53.31
C SER I 160 4.76 -46.17 -53.98
N LEU I 161 3.88 -46.67 -54.93
CA LEU I 161 3.11 -45.58 -55.51
C LEU I 161 2.46 -44.78 -54.36
N ALA I 162 1.73 -45.40 -53.45
CA ALA I 162 0.98 -44.65 -52.44
C ALA I 162 1.81 -43.74 -51.56
N ILE I 163 2.92 -44.31 -51.12
CA ILE I 163 3.84 -43.71 -50.21
C ILE I 163 4.38 -42.42 -50.79
N GLN I 164 4.98 -42.58 -51.95
CA GLN I 164 5.64 -41.43 -52.63
C GLN I 164 4.69 -40.28 -52.98
N GLU I 165 3.50 -40.76 -53.45
CA GLU I 165 2.55 -39.71 -53.92
C GLU I 165 2.06 -38.98 -52.69
N ASN I 166 1.69 -39.68 -51.62
CA ASN I 166 1.22 -38.90 -50.42
C ASN I 166 2.38 -38.03 -49.92
N ALA I 167 3.60 -38.55 -49.90
CA ALA I 167 4.75 -37.71 -49.57
C ALA I 167 4.86 -36.53 -50.54
N ASN I 168 4.51 -36.79 -51.83
CA ASN I 168 4.76 -35.55 -52.62
C ASN I 168 3.69 -34.54 -52.30
N ALA I 169 2.47 -35.04 -52.18
CA ALA I 169 1.35 -34.12 -51.84
C ALA I 169 1.60 -33.33 -50.59
N LEU I 170 1.94 -33.97 -49.50
CA LEU I 170 2.31 -33.30 -48.27
C LEU I 170 3.47 -32.35 -48.55
N ALA I 171 4.48 -32.84 -49.31
CA ALA I 171 5.55 -31.85 -49.63
C ALA I 171 4.99 -30.65 -50.35
N ARG I 172 4.07 -30.69 -51.31
CA ARG I 172 3.59 -29.43 -51.92
C ARG I 172 2.84 -28.49 -50.97
N TYR I 173 1.90 -29.11 -50.27
CA TYR I 173 1.09 -28.42 -49.36
C TYR I 173 1.92 -27.68 -48.31
N ALA I 174 2.88 -28.40 -47.76
CA ALA I 174 3.73 -27.79 -46.74
C ALA I 174 4.40 -26.58 -47.34
N SER I 175 4.86 -26.71 -48.57
CA SER I 175 5.64 -25.58 -49.13
C SER I 175 4.72 -24.42 -49.46
N ILE I 176 3.45 -24.67 -49.82
CA ILE I 176 2.57 -23.55 -50.16
C ILE I 176 2.14 -22.91 -48.81
N CYS I 177 1.84 -23.68 -47.74
CA CYS I 177 1.58 -23.01 -46.48
C CYS I 177 2.69 -22.04 -46.09
N GLN I 178 3.92 -22.52 -46.09
CA GLN I 178 5.02 -21.67 -45.66
C GLN I 178 5.05 -20.42 -46.46
N GLN I 179 4.75 -20.51 -47.74
CA GLN I 179 4.99 -19.31 -48.56
C GLN I 179 4.00 -18.21 -48.21
N ASN I 180 2.98 -18.51 -47.48
CA ASN I 180 1.88 -17.72 -47.02
C ASN I 180 1.82 -17.51 -45.51
N GLY I 181 2.88 -17.88 -44.74
CA GLY I 181 2.80 -17.52 -43.33
C GLY I 181 1.95 -18.42 -42.50
N LEU I 182 1.60 -19.61 -43.01
CA LEU I 182 1.09 -20.62 -42.11
C LEU I 182 2.15 -21.70 -41.85
N VAL I 183 2.08 -22.29 -40.63
CA VAL I 183 2.98 -23.41 -40.35
C VAL I 183 2.22 -24.69 -40.67
N PRO I 184 2.81 -25.63 -41.44
CA PRO I 184 2.17 -26.81 -41.88
C PRO I 184 2.27 -27.95 -40.94
N ILE I 185 1.15 -28.47 -40.47
CA ILE I 185 1.27 -29.65 -39.62
C ILE I 185 1.33 -30.76 -40.65
N VAL I 186 2.34 -31.57 -40.83
CA VAL I 186 2.28 -32.73 -41.80
C VAL I 186 1.72 -33.90 -41.05
N GLU I 187 0.66 -34.57 -41.45
CA GLU I 187 0.13 -35.75 -40.82
C GLU I 187 0.07 -36.97 -41.74
N PRO I 188 1.10 -37.83 -41.76
CA PRO I 188 1.17 -39.08 -42.56
C PRO I 188 0.57 -40.15 -41.70
N GLU I 189 -0.71 -40.32 -41.56
CA GLU I 189 -1.17 -41.32 -40.66
C GLU I 189 -1.05 -42.71 -41.25
N VAL I 190 -0.47 -43.62 -40.44
CA VAL I 190 -0.62 -45.04 -40.81
C VAL I 190 -1.80 -45.61 -40.06
N ILE I 191 -3.00 -45.66 -40.59
CA ILE I 191 -4.23 -46.30 -40.01
C ILE I 191 -3.96 -47.55 -39.27
N PRO I 192 -4.60 -47.85 -38.17
CA PRO I 192 -4.39 -49.06 -37.39
C PRO I 192 -5.21 -50.23 -37.85
N ASP I 193 -5.95 -50.06 -38.90
CA ASP I 193 -6.82 -51.12 -39.33
C ASP I 193 -6.08 -52.38 -39.66
N GLY I 194 -6.56 -53.48 -39.13
CA GLY I 194 -5.91 -54.76 -39.44
C GLY I 194 -5.42 -55.58 -38.29
N ASP I 195 -4.97 -56.73 -38.67
CA ASP I 195 -4.33 -57.76 -37.91
C ASP I 195 -2.90 -57.61 -37.40
N HIS I 196 -2.17 -56.78 -38.11
CA HIS I 196 -0.77 -56.57 -37.80
C HIS I 196 -0.36 -56.25 -36.37
N ASP I 197 0.92 -56.65 -36.13
CA ASP I 197 1.35 -56.47 -34.75
C ASP I 197 2.21 -55.21 -34.72
N LEU I 198 2.75 -54.84 -33.58
CA LEU I 198 3.52 -53.63 -33.35
C LEU I 198 4.77 -53.51 -34.20
N GLU I 199 5.65 -54.49 -34.19
CA GLU I 199 6.87 -54.45 -34.98
C GLU I 199 6.49 -54.17 -36.44
N HIS I 200 5.37 -54.67 -36.95
CA HIS I 200 5.01 -54.44 -38.34
C HIS I 200 4.73 -52.95 -38.51
N CYS I 201 3.74 -52.47 -37.80
CA CYS I 201 3.46 -51.01 -37.86
C CYS I 201 4.70 -50.16 -37.69
N GLN I 202 5.63 -50.59 -36.82
CA GLN I 202 6.80 -49.70 -36.69
C GLN I 202 7.63 -49.68 -37.96
N TYR I 203 7.67 -50.79 -38.74
CA TYR I 203 8.46 -50.94 -39.95
C TYR I 203 7.88 -50.07 -41.03
N VAL I 204 6.54 -50.07 -41.12
CA VAL I 204 5.84 -49.23 -42.12
C VAL I 204 5.88 -47.75 -41.80
N THR I 205 5.78 -47.41 -40.52
CA THR I 205 5.87 -46.01 -40.08
C THR I 205 7.24 -45.48 -40.44
N GLU I 206 8.20 -46.38 -40.16
CA GLU I 206 9.56 -45.82 -40.40
C GLU I 206 9.66 -45.76 -41.92
N LYS I 207 8.91 -46.52 -42.73
CA LYS I 207 9.35 -46.26 -44.15
C LYS I 207 8.70 -44.98 -44.64
N VAL I 208 7.45 -44.93 -44.19
CA VAL I 208 6.64 -43.76 -44.49
C VAL I 208 7.37 -42.49 -44.04
N LEU I 209 7.96 -42.47 -42.81
CA LEU I 209 8.46 -41.15 -42.44
C LEU I 209 9.74 -40.87 -43.21
N ALA I 210 10.44 -41.94 -43.67
CA ALA I 210 11.74 -41.55 -44.31
C ALA I 210 11.38 -40.91 -45.65
N ALA I 211 10.28 -41.38 -46.24
CA ALA I 211 9.82 -40.71 -47.48
C ALA I 211 9.33 -39.33 -47.21
N VAL I 212 8.38 -39.21 -46.19
CA VAL I 212 7.90 -37.82 -46.00
C VAL I 212 9.05 -36.84 -45.97
N TYR I 213 10.13 -37.11 -45.22
CA TYR I 213 11.10 -36.06 -44.98
C TYR I 213 12.04 -35.98 -46.14
N LYS I 214 12.08 -37.04 -47.01
CA LYS I 214 13.12 -36.73 -48.07
C LYS I 214 12.43 -35.78 -49.02
N ALA I 215 11.17 -36.12 -49.22
CA ALA I 215 10.37 -35.32 -50.18
C ALA I 215 10.33 -33.90 -49.66
N LEU I 216 9.94 -33.69 -48.41
CA LEU I 216 9.95 -32.25 -48.03
C LEU I 216 11.25 -31.56 -48.34
N ASN I 217 12.27 -32.37 -48.21
CA ASN I 217 13.62 -31.83 -48.43
C ASN I 217 13.69 -31.40 -49.89
N ASP I 218 13.30 -32.36 -50.70
CA ASP I 218 13.34 -31.99 -52.13
C ASP I 218 12.61 -30.70 -52.38
N HIS I 219 11.44 -30.52 -51.85
CA HIS I 219 10.58 -29.38 -52.12
C HIS I 219 10.99 -28.19 -51.27
N HIS I 220 12.12 -28.06 -50.70
CA HIS I 220 12.64 -27.00 -49.95
C HIS I 220 11.83 -26.60 -48.74
N VAL I 221 11.10 -27.58 -48.11
CA VAL I 221 10.33 -27.12 -46.95
C VAL I 221 11.18 -26.68 -45.75
N TYR I 222 10.94 -25.62 -45.01
CA TYR I 222 11.74 -25.22 -43.84
C TYR I 222 11.17 -25.90 -42.59
N LEU I 223 12.00 -26.87 -42.12
CA LEU I 223 11.54 -27.80 -41.11
C LEU I 223 11.20 -27.11 -39.79
N GLU I 224 12.12 -26.27 -39.33
CA GLU I 224 11.93 -25.56 -38.11
C GLU I 224 10.58 -24.83 -38.03
N GLY I 225 9.73 -24.76 -39.05
CA GLY I 225 8.46 -24.06 -39.04
C GLY I 225 7.46 -25.04 -39.68
N THR I 226 7.51 -26.20 -39.00
CA THR I 226 6.67 -27.34 -39.40
C THR I 226 6.29 -28.04 -38.16
N LEU I 227 5.38 -28.96 -38.20
CA LEU I 227 5.10 -29.72 -36.98
C LEU I 227 4.70 -31.07 -37.63
N LEU I 228 4.95 -32.19 -36.94
CA LEU I 228 4.60 -33.48 -37.43
C LEU I 228 3.50 -34.07 -36.56
N LYS I 229 2.47 -34.54 -37.16
CA LYS I 229 1.40 -35.23 -36.48
C LYS I 229 1.31 -36.67 -37.00
N PRO I 230 2.05 -37.66 -36.48
CA PRO I 230 2.07 -39.03 -36.89
C PRO I 230 1.18 -40.00 -36.13
N ASN I 231 1.08 -41.27 -36.56
CA ASN I 231 0.36 -42.14 -35.65
C ASN I 231 1.44 -42.59 -34.64
N MET I 232 1.02 -43.08 -33.48
CA MET I 232 1.98 -43.64 -32.54
C MET I 232 2.18 -45.01 -33.21
N VAL I 233 3.24 -45.71 -32.80
CA VAL I 233 3.37 -47.04 -33.34
C VAL I 233 2.64 -47.95 -32.39
N THR I 234 1.57 -48.58 -32.82
CA THR I 234 0.94 -49.66 -32.17
C THR I 234 0.46 -50.76 -33.15
N ALA I 235 0.07 -51.87 -32.47
CA ALA I 235 -0.47 -52.98 -33.26
C ALA I 235 -1.78 -52.55 -33.91
N GLY I 236 -2.18 -53.41 -34.83
CA GLY I 236 -3.37 -53.18 -35.63
C GLY I 236 -4.47 -53.35 -34.61
N HIS I 237 -5.63 -52.87 -34.93
CA HIS I 237 -6.86 -52.94 -34.22
C HIS I 237 -7.35 -54.36 -34.02
N ALA I 238 -7.22 -55.20 -35.03
CA ALA I 238 -7.62 -56.58 -34.83
C ALA I 238 -6.48 -57.47 -34.32
N CYS I 239 -5.31 -56.90 -33.99
CA CYS I 239 -4.24 -57.66 -33.39
C CYS I 239 -4.66 -58.08 -31.97
N THR I 240 -4.38 -59.28 -31.53
CA THR I 240 -4.78 -59.85 -30.27
C THR I 240 -3.69 -59.68 -29.23
N LYS I 241 -2.46 -59.48 -29.67
CA LYS I 241 -1.40 -59.40 -28.65
C LYS I 241 -1.58 -58.16 -27.80
N LYS I 242 -1.39 -58.22 -26.50
CA LYS I 242 -1.61 -57.03 -25.67
C LYS I 242 -0.29 -56.26 -25.51
N TYR I 243 -0.27 -54.94 -25.38
CA TYR I 243 1.09 -54.35 -25.27
C TYR I 243 0.98 -53.31 -24.18
N THR I 244 2.04 -52.60 -23.87
CA THR I 244 2.10 -51.73 -22.72
C THR I 244 2.53 -50.39 -23.21
N PRO I 245 2.11 -49.34 -22.60
CA PRO I 245 2.52 -48.00 -22.99
C PRO I 245 3.97 -47.90 -23.28
N GLU I 246 4.70 -48.67 -22.47
CA GLU I 246 6.16 -48.59 -22.58
C GLU I 246 6.61 -49.24 -23.88
N GLN I 247 5.76 -50.18 -24.32
CA GLN I 247 6.14 -50.94 -25.55
C GLN I 247 5.81 -50.05 -26.74
N VAL I 248 4.63 -49.40 -26.57
CA VAL I 248 4.17 -48.52 -27.63
C VAL I 248 5.13 -47.36 -27.68
N ALA I 249 5.56 -46.94 -26.48
CA ALA I 249 6.46 -45.81 -26.56
C ALA I 249 7.76 -46.27 -27.22
N MET I 250 8.19 -47.49 -26.89
CA MET I 250 9.60 -47.76 -27.31
C MET I 250 9.59 -47.80 -28.83
N ALA I 251 8.54 -48.53 -29.28
CA ALA I 251 8.39 -48.68 -30.75
C ALA I 251 8.22 -47.34 -31.47
N THR I 252 7.45 -46.49 -30.84
CA THR I 252 7.26 -45.14 -31.27
C THR I 252 8.50 -44.30 -31.26
N VAL I 253 9.27 -44.02 -30.26
CA VAL I 253 10.43 -43.09 -30.36
C VAL I 253 11.59 -43.70 -31.10
N THR I 254 11.54 -45.02 -31.30
CA THR I 254 12.56 -45.67 -32.09
C THR I 254 12.38 -45.21 -33.54
N ALA I 255 11.12 -45.39 -33.96
CA ALA I 255 10.82 -45.02 -35.38
C ALA I 255 11.01 -43.52 -35.59
N LEU I 256 10.50 -42.77 -34.58
CA LEU I 256 10.69 -41.33 -34.83
C LEU I 256 12.16 -40.98 -34.75
N HIS I 257 12.99 -41.55 -33.86
CA HIS I 257 14.31 -40.92 -33.80
C HIS I 257 15.15 -41.37 -34.99
N ARG I 258 14.63 -42.41 -35.73
CA ARG I 258 15.54 -42.67 -36.88
C ARG I 258 15.03 -42.01 -38.14
N THR I 259 13.94 -41.25 -38.18
CA THR I 259 13.53 -40.62 -39.46
C THR I 259 13.19 -39.16 -39.26
N VAL I 260 12.61 -38.68 -38.19
CA VAL I 260 12.26 -37.25 -38.11
C VAL I 260 13.27 -36.29 -37.60
N PRO I 261 13.73 -35.40 -38.38
CA PRO I 261 14.88 -34.60 -38.07
C PRO I 261 14.67 -33.80 -36.81
N ALA I 262 15.78 -33.43 -36.22
CA ALA I 262 15.88 -32.73 -34.98
C ALA I 262 15.43 -31.29 -35.22
N ALA I 263 15.56 -30.81 -36.46
CA ALA I 263 15.01 -29.45 -36.70
C ALA I 263 13.50 -29.35 -36.47
N VAL I 264 12.69 -30.40 -36.83
CA VAL I 264 11.21 -30.23 -36.64
C VAL I 264 10.96 -29.88 -35.21
N PRO I 265 10.40 -28.83 -34.74
CA PRO I 265 10.32 -28.47 -33.32
C PRO I 265 9.19 -29.15 -32.55
N GLY I 266 8.31 -29.93 -33.19
CA GLY I 266 7.36 -30.56 -32.17
C GLY I 266 6.79 -31.72 -32.99
N ILE I 267 6.38 -32.79 -32.34
CA ILE I 267 5.65 -33.85 -32.99
C ILE I 267 4.37 -34.06 -32.16
N CYS I 268 3.16 -33.92 -32.71
CA CYS I 268 1.96 -34.01 -31.95
C CYS I 268 1.13 -35.20 -32.39
N PHE I 269 1.19 -36.31 -31.67
CA PHE I 269 0.56 -37.56 -32.04
C PHE I 269 -0.93 -37.38 -32.19
N LEU I 270 -1.48 -38.04 -33.13
CA LEU I 270 -2.88 -38.23 -33.35
C LEU I 270 -3.25 -39.36 -32.38
N SER I 271 -4.44 -39.84 -32.20
CA SER I 271 -4.64 -40.93 -31.23
C SER I 271 -5.61 -41.93 -31.82
N GLY I 272 -6.08 -41.45 -32.96
CA GLY I 272 -7.07 -42.14 -33.72
C GLY I 272 -7.55 -43.43 -33.12
N GLY I 273 -8.61 -43.32 -32.35
CA GLY I 273 -9.14 -44.68 -31.96
C GLY I 273 -8.74 -45.04 -30.55
N MET I 274 -7.59 -44.59 -30.07
CA MET I 274 -7.22 -44.88 -28.68
C MET I 274 -8.22 -44.25 -27.70
N SER I 275 -8.57 -44.97 -26.64
CA SER I 275 -9.35 -44.36 -25.58
C SER I 275 -8.65 -43.12 -25.03
N GLU I 276 -9.47 -42.37 -24.28
CA GLU I 276 -8.91 -41.12 -23.69
C GLU I 276 -7.69 -41.39 -22.83
N GLU I 277 -7.80 -42.45 -22.01
CA GLU I 277 -6.79 -42.80 -21.02
C GLU I 277 -5.55 -43.39 -21.68
N ASP I 278 -5.87 -44.33 -22.60
CA ASP I 278 -4.67 -44.86 -23.30
C ASP I 278 -3.86 -43.79 -24.01
N ALA I 279 -4.62 -42.94 -24.70
CA ALA I 279 -3.97 -41.80 -25.34
C ALA I 279 -3.09 -41.05 -24.37
N THR I 280 -3.61 -40.80 -23.15
CA THR I 280 -2.81 -40.07 -22.13
C THR I 280 -1.67 -40.93 -21.59
N LEU I 281 -1.91 -42.17 -21.23
CA LEU I 281 -0.85 -43.11 -20.85
C LEU I 281 0.20 -43.21 -21.95
N ASN I 282 -0.06 -43.48 -23.20
CA ASN I 282 1.02 -43.69 -24.20
C ASN I 282 1.89 -42.45 -24.37
N LEU I 283 1.20 -41.28 -24.51
CA LEU I 283 1.98 -40.05 -24.71
C LEU I 283 2.94 -39.80 -23.54
N ASN I 284 2.42 -40.17 -22.36
CA ASN I 284 3.26 -40.04 -21.17
C ASN I 284 4.48 -40.95 -21.25
N ALA I 285 4.11 -42.23 -21.56
CA ALA I 285 5.27 -43.12 -21.66
C ALA I 285 6.27 -42.59 -22.71
N ILE I 286 5.71 -42.08 -23.79
CA ILE I 286 6.54 -41.59 -24.86
C ILE I 286 7.42 -40.51 -24.25
N ASN I 287 6.89 -39.77 -23.23
CA ASN I 287 7.86 -38.76 -22.79
C ASN I 287 8.91 -39.31 -21.81
N LEU I 288 8.64 -40.53 -21.33
CA LEU I 288 9.72 -41.09 -20.47
C LEU I 288 10.69 -42.03 -21.13
N CYS I 289 10.44 -42.47 -22.36
CA CYS I 289 11.22 -43.40 -23.12
C CYS I 289 12.65 -42.92 -23.23
N PRO I 290 13.49 -43.84 -22.83
CA PRO I 290 14.93 -43.58 -22.74
C PRO I 290 15.62 -43.62 -24.07
N LEU I 291 15.31 -42.69 -24.96
CA LEU I 291 16.01 -42.74 -26.28
C LEU I 291 16.27 -41.27 -26.52
N PRO I 292 17.02 -40.84 -27.48
CA PRO I 292 17.14 -39.43 -27.79
C PRO I 292 15.81 -38.89 -28.32
N LYS I 293 15.51 -37.63 -27.91
CA LYS I 293 14.23 -37.10 -28.33
C LYS I 293 14.43 -35.62 -28.52
N PRO I 294 14.88 -35.15 -29.67
CA PRO I 294 15.23 -33.73 -29.71
C PRO I 294 14.04 -32.84 -29.89
N TRP I 295 12.82 -33.37 -29.81
CA TRP I 295 11.71 -32.45 -30.12
C TRP I 295 10.66 -32.46 -29.04
N LYS I 296 9.82 -31.44 -28.91
CA LYS I 296 8.76 -31.70 -27.93
C LYS I 296 7.97 -32.92 -28.39
N LEU I 297 7.30 -33.60 -27.45
CA LEU I 297 6.41 -34.69 -27.94
C LEU I 297 5.14 -34.42 -27.14
N SER I 298 4.14 -34.16 -27.95
CA SER I 298 2.85 -33.78 -27.44
C SER I 298 1.72 -34.46 -28.14
N PHE I 299 0.54 -33.83 -28.06
CA PHE I 299 -0.66 -34.36 -28.64
C PHE I 299 -1.34 -33.32 -29.55
N SER I 300 -2.11 -33.79 -30.54
CA SER I 300 -2.98 -32.95 -31.35
C SER I 300 -4.14 -33.95 -31.45
N TYR I 301 -5.03 -33.94 -30.47
CA TYR I 301 -6.07 -34.94 -30.26
C TYR I 301 -7.45 -34.42 -30.56
N GLY I 302 -8.21 -35.45 -30.96
CA GLY I 302 -9.60 -35.12 -31.31
C GLY I 302 -10.55 -35.89 -30.41
N ARG I 303 -10.79 -37.16 -30.70
CA ARG I 303 -11.72 -37.89 -29.84
C ARG I 303 -11.15 -37.86 -28.43
N ALA I 304 -9.85 -38.07 -28.32
CA ALA I 304 -9.21 -38.31 -27.04
C ALA I 304 -9.37 -37.13 -26.10
N LEU I 305 -9.60 -35.91 -26.64
CA LEU I 305 -9.84 -34.75 -25.75
C LEU I 305 -11.36 -34.54 -25.71
N GLN I 306 -12.15 -35.40 -26.39
CA GLN I 306 -13.52 -34.88 -26.38
C GLN I 306 -14.54 -35.87 -26.05
N ALA I 307 -14.20 -37.12 -25.91
CA ALA I 307 -15.27 -38.13 -25.80
C ALA I 307 -16.14 -38.05 -24.57
N SER I 308 -15.44 -37.73 -23.46
CA SER I 308 -16.22 -37.68 -22.20
C SER I 308 -16.99 -36.38 -22.22
N ALA I 309 -16.43 -35.30 -22.69
CA ALA I 309 -17.13 -34.06 -22.92
C ALA I 309 -18.43 -34.27 -23.68
N LEU I 310 -18.44 -34.89 -24.86
CA LEU I 310 -19.65 -35.11 -25.64
C LEU I 310 -20.72 -35.97 -25.00
N ALA I 311 -20.16 -36.86 -24.17
CA ALA I 311 -21.09 -37.79 -23.52
C ALA I 311 -21.83 -37.00 -22.45
N ALA I 312 -21.02 -36.18 -21.77
CA ALA I 312 -21.58 -35.38 -20.68
C ALA I 312 -22.56 -34.31 -21.17
N TRP I 313 -22.37 -33.78 -22.36
CA TRP I 313 -23.25 -32.73 -22.88
C TRP I 313 -24.59 -33.32 -23.30
N GLY I 314 -24.48 -34.48 -23.96
CA GLY I 314 -25.66 -35.17 -24.43
C GLY I 314 -26.51 -34.25 -25.27
N GLY I 315 -25.84 -33.32 -25.93
CA GLY I 315 -26.61 -32.37 -26.71
C GLY I 315 -27.42 -31.50 -25.73
N LYS I 316 -27.33 -31.61 -24.40
CA LYS I 316 -28.11 -30.72 -23.56
C LYS I 316 -27.34 -29.51 -23.06
N ALA I 317 -27.99 -28.36 -23.36
CA ALA I 317 -27.25 -27.14 -22.98
C ALA I 317 -27.12 -27.08 -21.47
N ALA I 318 -28.12 -27.74 -20.84
CA ALA I 318 -28.00 -27.73 -19.38
C ALA I 318 -26.72 -28.44 -18.97
N ASN I 319 -26.09 -29.25 -19.83
CA ASN I 319 -24.81 -29.91 -19.51
C ASN I 319 -23.60 -29.05 -19.67
N LYS I 320 -23.80 -27.77 -20.16
CA LYS I 320 -22.62 -26.94 -20.36
C LYS I 320 -21.47 -27.22 -19.39
N GLU I 321 -21.69 -27.19 -18.08
CA GLU I 321 -20.58 -27.32 -17.15
C GLU I 321 -19.87 -28.67 -17.18
N ALA I 322 -20.69 -29.71 -17.17
CA ALA I 322 -20.05 -31.04 -17.12
C ALA I 322 -19.07 -31.12 -18.29
N THR I 323 -19.57 -30.79 -19.46
CA THR I 323 -18.94 -30.80 -20.73
C THR I 323 -17.62 -30.10 -20.64
N GLN I 324 -17.58 -28.86 -20.23
CA GLN I 324 -16.31 -28.18 -20.14
C GLN I 324 -15.35 -28.77 -19.12
N GLU I 325 -15.93 -29.40 -18.12
CA GLU I 325 -15.13 -30.07 -17.06
C GLU I 325 -14.33 -31.22 -17.70
N ALA I 326 -15.05 -32.21 -18.21
CA ALA I 326 -14.40 -33.27 -18.95
C ALA I 326 -13.36 -32.71 -19.93
N PHE I 327 -13.80 -31.92 -20.90
CA PHE I 327 -12.80 -31.41 -21.84
C PHE I 327 -11.59 -30.89 -21.10
N MET I 328 -11.82 -30.09 -20.09
CA MET I 328 -10.65 -29.47 -19.41
C MET I 328 -9.82 -30.46 -18.63
N LYS I 329 -10.46 -31.50 -18.11
CA LYS I 329 -9.68 -32.52 -17.37
C LYS I 329 -8.76 -33.32 -18.31
N ARG I 330 -9.27 -33.81 -19.44
CA ARG I 330 -8.42 -34.49 -20.40
C ARG I 330 -7.41 -33.50 -20.97
N ALA I 331 -7.80 -32.20 -21.10
CA ALA I 331 -6.75 -31.35 -21.66
C ALA I 331 -5.63 -31.30 -20.67
N MET I 332 -5.74 -31.67 -19.40
CA MET I 332 -4.59 -31.21 -18.52
C MET I 332 -3.73 -32.44 -18.37
N ALA I 333 -4.50 -33.53 -18.32
CA ALA I 333 -3.92 -34.86 -18.21
C ALA I 333 -2.94 -35.00 -19.38
N ASN I 334 -3.30 -34.52 -20.57
CA ASN I 334 -2.35 -34.63 -21.72
C ASN I 334 -1.31 -33.54 -21.69
N CYS I 335 -1.47 -32.52 -20.86
CA CYS I 335 -0.30 -31.57 -20.83
C CYS I 335 0.76 -32.22 -19.97
N GLN I 336 0.24 -32.80 -18.86
CA GLN I 336 1.13 -33.48 -17.92
C GLN I 336 1.85 -34.58 -18.71
N ALA I 337 1.03 -35.38 -19.41
CA ALA I 337 1.66 -36.46 -20.15
C ALA I 337 2.67 -35.89 -21.12
N ALA I 338 2.28 -34.82 -21.80
CA ALA I 338 3.32 -34.24 -22.68
C ALA I 338 4.61 -33.97 -21.94
N LYS I 339 4.50 -34.00 -20.61
CA LYS I 339 5.69 -33.57 -19.80
C LYS I 339 6.30 -34.74 -19.07
N GLY I 340 5.69 -35.90 -19.35
CA GLY I 340 6.14 -37.18 -18.76
C GLY I 340 5.87 -37.07 -17.26
N GLN I 341 4.89 -36.23 -16.92
CA GLN I 341 4.50 -36.17 -15.52
C GLN I 341 3.10 -36.67 -15.39
N TYR I 342 2.71 -37.64 -16.21
CA TYR I 342 1.27 -37.93 -15.85
C TYR I 342 1.22 -39.11 -14.93
N VAL I 343 0.29 -39.05 -13.97
CA VAL I 343 0.20 -40.22 -13.11
C VAL I 343 -1.13 -40.93 -13.05
N HIS I 344 -2.06 -40.81 -12.13
CA HIS I 344 -3.26 -41.64 -12.24
C HIS I 344 -4.45 -41.09 -11.49
N ALA J 1 -1.73 -50.17 -54.75
CA ALA J 1 -0.85 -51.37 -54.56
C ALA J 1 -0.27 -51.98 -55.83
N HIS J 2 -0.51 -53.16 -56.42
CA HIS J 2 0.29 -53.80 -57.49
C HIS J 2 -0.44 -54.81 -58.37
N ARG J 3 -0.99 -56.01 -58.13
CA ARG J 3 -1.83 -56.75 -59.10
C ARG J 3 -2.98 -55.76 -59.41
N PHE J 4 -4.23 -55.97 -58.87
CA PHE J 4 -5.11 -54.83 -59.01
C PHE J 4 -4.88 -53.97 -60.25
N PRO J 5 -5.33 -54.44 -61.38
CA PRO J 5 -5.13 -53.79 -62.67
C PRO J 5 -5.94 -52.53 -62.73
N ALA J 6 -5.42 -51.49 -63.36
CA ALA J 6 -6.19 -50.27 -63.23
C ALA J 6 -7.36 -50.22 -64.12
N LEU J 7 -7.22 -51.00 -65.18
CA LEU J 7 -8.27 -50.90 -66.24
C LEU J 7 -8.70 -52.27 -66.71
N THR J 8 -9.88 -52.32 -67.31
CA THR J 8 -10.38 -53.57 -67.90
C THR J 8 -9.92 -53.62 -69.40
N GLN J 9 -10.33 -54.77 -69.98
CA GLN J 9 -9.81 -55.01 -71.33
C GLN J 9 -10.58 -54.02 -72.17
N GLU J 10 -11.83 -53.98 -71.80
CA GLU J 10 -12.75 -53.08 -72.47
C GLU J 10 -12.27 -51.67 -72.22
N GLN J 11 -11.87 -51.27 -71.04
CA GLN J 11 -11.44 -49.84 -70.96
C GLN J 11 -10.32 -49.53 -72.00
N LYS J 12 -9.36 -50.47 -71.96
CA LYS J 12 -8.23 -50.30 -72.91
C LYS J 12 -8.68 -50.17 -74.33
N LYS J 13 -9.50 -51.11 -74.71
CA LYS J 13 -9.98 -51.11 -76.10
C LYS J 13 -10.50 -49.75 -76.44
N GLU J 14 -11.33 -49.21 -75.56
CA GLU J 14 -11.96 -47.92 -75.93
C GLU J 14 -10.85 -46.91 -75.90
N LEU J 15 -9.92 -46.94 -74.95
CA LEU J 15 -8.94 -45.80 -75.00
C LEU J 15 -8.02 -45.95 -76.21
N SER J 16 -7.66 -47.16 -76.59
CA SER J 16 -6.71 -47.38 -77.70
C SER J 16 -7.50 -46.98 -78.94
N GLU J 17 -8.83 -47.27 -78.99
CA GLU J 17 -9.54 -46.85 -80.22
C GLU J 17 -9.50 -45.37 -80.40
N ILE J 18 -9.78 -44.69 -79.31
CA ILE J 18 -9.93 -43.26 -79.42
C ILE J 18 -8.56 -42.73 -79.77
N ALA J 19 -7.54 -43.13 -79.08
CA ALA J 19 -6.24 -42.47 -79.31
C ALA J 19 -5.90 -42.77 -80.74
N GLN J 20 -6.30 -43.86 -81.35
CA GLN J 20 -5.77 -44.02 -82.72
C GLN J 20 -6.58 -43.27 -83.76
N SER J 21 -7.86 -43.18 -83.47
CA SER J 21 -8.82 -42.49 -84.35
C SER J 21 -8.33 -41.07 -84.59
N ILE J 22 -7.80 -40.41 -83.63
CA ILE J 22 -7.34 -39.05 -83.68
C ILE J 22 -6.08 -38.94 -84.51
N VAL J 23 -5.16 -39.82 -84.79
CA VAL J 23 -4.00 -39.56 -85.63
C VAL J 23 -3.92 -40.52 -86.84
N ALA J 24 -5.06 -41.08 -87.19
CA ALA J 24 -5.16 -42.12 -88.14
C ALA J 24 -4.81 -41.58 -89.47
N ASN J 25 -5.10 -40.56 -90.23
CA ASN J 25 -4.35 -41.02 -91.60
C ASN J 25 -3.74 -39.73 -92.07
N GLY J 26 -2.75 -39.40 -91.31
CA GLY J 26 -2.17 -38.07 -91.45
C GLY J 26 -3.00 -37.11 -90.56
N LYS J 27 -4.14 -37.51 -89.94
CA LYS J 27 -4.83 -36.38 -89.32
C LYS J 27 -4.05 -35.87 -88.13
N GLY J 28 -4.46 -34.66 -87.88
CA GLY J 28 -3.94 -33.98 -86.67
C GLY J 28 -5.08 -33.41 -85.81
N ILE J 29 -4.53 -32.50 -84.98
CA ILE J 29 -5.38 -31.95 -83.88
C ILE J 29 -5.34 -30.44 -83.96
N LEU J 30 -6.48 -29.78 -83.98
CA LEU J 30 -6.47 -28.29 -83.97
C LEU J 30 -6.64 -27.97 -82.48
N ALA J 31 -5.70 -27.22 -81.99
CA ALA J 31 -5.65 -26.88 -80.55
C ALA J 31 -6.26 -25.52 -80.27
N ALA J 32 -7.56 -25.50 -80.01
CA ALA J 32 -8.30 -24.25 -79.94
C ALA J 32 -8.58 -23.94 -78.48
N ASP J 33 -7.84 -24.64 -77.62
CA ASP J 33 -8.11 -24.48 -76.23
C ASP J 33 -7.43 -23.28 -75.60
N GLU J 34 -7.18 -22.16 -76.28
CA GLU J 34 -6.70 -20.95 -75.58
C GLU J 34 -7.67 -20.52 -74.49
N SER J 35 -7.00 -20.20 -73.37
CA SER J 35 -7.91 -19.58 -72.33
C SER J 35 -8.26 -18.13 -72.69
N VAL J 36 -9.02 -17.52 -71.76
CA VAL J 36 -9.48 -16.16 -71.98
C VAL J 36 -8.29 -15.20 -72.17
N GLY J 37 -7.30 -15.50 -71.29
CA GLY J 37 -6.14 -14.64 -71.36
C GLY J 37 -5.34 -14.87 -72.63
N THR J 38 -5.26 -16.18 -72.97
CA THR J 38 -4.36 -16.53 -74.08
C THR J 38 -5.06 -16.08 -75.33
N MET J 39 -6.34 -16.36 -75.38
CA MET J 39 -7.04 -15.89 -76.62
C MET J 39 -6.96 -14.41 -76.72
N GLY J 40 -7.05 -13.74 -75.58
CA GLY J 40 -6.82 -12.31 -75.45
C GLY J 40 -5.55 -11.89 -76.18
N ASN J 41 -4.45 -12.62 -75.97
CA ASN J 41 -3.17 -12.31 -76.61
C ASN J 41 -3.21 -12.52 -78.12
N ARG J 42 -3.94 -13.53 -78.57
CA ARG J 42 -4.08 -13.73 -80.00
C ARG J 42 -4.92 -12.63 -80.60
N LEU J 43 -6.06 -12.32 -79.99
CA LEU J 43 -6.90 -11.28 -80.58
C LEU J 43 -6.18 -9.94 -80.54
N GLN J 44 -5.41 -9.70 -79.50
CA GLN J 44 -4.73 -8.42 -79.45
C GLN J 44 -4.00 -8.19 -80.77
N ARG J 45 -3.18 -9.16 -81.17
CA ARG J 45 -2.46 -9.06 -82.41
C ARG J 45 -3.29 -8.58 -83.59
N ILE J 46 -4.57 -8.88 -83.67
CA ILE J 46 -5.29 -8.41 -84.87
C ILE J 46 -6.16 -7.24 -84.42
N LYS J 47 -5.70 -6.69 -83.30
CA LYS J 47 -6.34 -5.57 -82.62
C LYS J 47 -7.84 -5.79 -82.50
N VAL J 48 -8.29 -6.88 -81.92
CA VAL J 48 -9.66 -7.23 -81.67
C VAL J 48 -9.85 -7.34 -80.14
N GLU J 49 -10.89 -6.70 -79.60
CA GLU J 49 -11.17 -6.74 -78.18
C GLU J 49 -11.47 -8.17 -77.70
N ASN J 50 -10.86 -8.58 -76.61
CA ASN J 50 -11.06 -9.91 -76.09
C ASN J 50 -12.43 -9.95 -75.46
N THR J 51 -13.40 -10.43 -76.15
CA THR J 51 -14.78 -10.48 -75.59
C THR J 51 -15.19 -11.89 -75.71
N GLU J 52 -15.99 -12.43 -74.83
CA GLU J 52 -16.44 -13.80 -75.09
C GLU J 52 -17.00 -13.81 -76.51
N GLU J 53 -17.82 -12.82 -76.87
CA GLU J 53 -18.41 -12.84 -78.19
C GLU J 53 -17.49 -12.93 -79.40
N ASN J 54 -16.39 -12.18 -79.33
CA ASN J 54 -15.35 -12.27 -80.37
C ASN J 54 -14.68 -13.64 -80.32
N ARG J 55 -14.43 -14.16 -79.13
CA ARG J 55 -13.91 -15.48 -78.97
C ARG J 55 -14.87 -16.47 -79.60
N ARG J 56 -16.12 -16.36 -79.29
CA ARG J 56 -17.15 -17.24 -79.87
C ARG J 56 -17.22 -17.05 -81.39
N GLN J 57 -17.10 -15.81 -81.78
CA GLN J 57 -17.24 -15.53 -83.21
C GLN J 57 -16.16 -16.21 -84.06
N PHE J 58 -14.89 -16.09 -83.66
CA PHE J 58 -13.85 -16.71 -84.43
C PHE J 58 -13.88 -18.23 -84.49
N ARG J 59 -14.20 -18.78 -83.33
CA ARG J 59 -14.26 -20.21 -83.23
C ARG J 59 -15.40 -20.73 -84.05
N GLU J 60 -16.48 -19.97 -84.14
CA GLU J 60 -17.61 -20.50 -84.95
C GLU J 60 -17.20 -20.57 -86.41
N ILE J 61 -16.35 -19.61 -86.83
CA ILE J 61 -15.85 -19.60 -88.19
C ILE J 61 -15.00 -20.81 -88.51
N LEU J 62 -14.02 -21.10 -87.67
CA LEU J 62 -13.18 -22.24 -87.79
C LEU J 62 -14.05 -23.48 -87.66
N PHE J 63 -14.93 -23.61 -86.62
CA PHE J 63 -15.64 -24.87 -86.50
C PHE J 63 -16.72 -25.14 -87.54
N SER J 64 -17.20 -24.12 -88.27
CA SER J 64 -18.23 -24.44 -89.26
C SER J 64 -17.60 -24.71 -90.64
N VAL J 65 -16.28 -24.97 -90.77
CA VAL J 65 -15.81 -25.20 -92.11
C VAL J 65 -16.38 -26.50 -92.67
N ASP J 66 -16.27 -26.65 -93.98
CA ASP J 66 -16.69 -27.84 -94.68
C ASP J 66 -16.13 -29.08 -94.01
N SER J 67 -16.98 -30.12 -93.98
CA SER J 67 -16.79 -31.46 -93.50
C SER J 67 -15.49 -32.06 -94.04
N SER J 68 -15.15 -31.82 -95.26
CA SER J 68 -13.82 -32.06 -95.74
C SER J 68 -12.70 -31.91 -94.67
N ILE J 69 -12.90 -30.94 -93.77
CA ILE J 69 -11.90 -30.72 -92.75
C ILE J 69 -11.59 -32.00 -92.01
N ASN J 70 -12.52 -32.98 -91.91
CA ASN J 70 -12.28 -34.29 -91.27
C ASN J 70 -11.06 -34.98 -91.93
N GLN J 71 -10.64 -34.53 -93.11
CA GLN J 71 -9.58 -35.36 -93.77
C GLN J 71 -8.18 -35.00 -93.24
N SER J 72 -8.05 -33.83 -92.64
CA SER J 72 -6.87 -33.31 -92.04
C SER J 72 -7.05 -33.19 -90.53
N ILE J 73 -8.17 -32.72 -90.02
CA ILE J 73 -8.31 -32.66 -88.55
C ILE J 73 -8.96 -33.87 -87.88
N GLY J 74 -8.27 -34.60 -86.95
CA GLY J 74 -8.90 -35.83 -86.40
C GLY J 74 -9.48 -35.44 -85.07
N GLY J 75 -9.11 -34.36 -84.41
CA GLY J 75 -9.75 -33.95 -83.16
C GLY J 75 -9.38 -32.47 -82.92
N VAL J 76 -10.14 -31.79 -82.10
CA VAL J 76 -10.09 -30.42 -81.69
C VAL J 76 -10.24 -30.29 -80.19
N ILE J 77 -9.32 -29.59 -79.60
CA ILE J 77 -9.29 -29.35 -78.17
C ILE J 77 -9.93 -28.01 -77.83
N LEU J 78 -10.98 -28.03 -77.06
CA LEU J 78 -11.65 -26.86 -76.54
C LEU J 78 -11.32 -26.44 -75.14
N PHE J 79 -11.39 -25.14 -74.90
CA PHE J 79 -11.27 -24.65 -73.49
C PHE J 79 -12.61 -24.86 -72.84
N HIS J 80 -12.77 -24.60 -71.56
CA HIS J 80 -14.10 -25.03 -70.98
C HIS J 80 -15.32 -24.31 -71.52
N GLU J 81 -15.16 -23.01 -71.69
CA GLU J 81 -16.24 -22.10 -72.09
C GLU J 81 -16.74 -22.54 -73.43
N THR J 82 -15.76 -22.70 -74.30
CA THR J 82 -16.04 -23.08 -75.66
C THR J 82 -16.75 -24.40 -75.71
N LEU J 83 -16.51 -25.34 -74.84
CA LEU J 83 -17.26 -26.58 -74.87
C LEU J 83 -18.73 -26.42 -74.63
N TYR J 84 -19.10 -25.30 -74.06
CA TYR J 84 -20.51 -25.07 -73.85
C TYR J 84 -21.16 -24.00 -74.70
N GLN J 85 -20.49 -23.38 -75.64
CA GLN J 85 -20.93 -22.38 -76.55
C GLN J 85 -21.56 -22.94 -77.85
N LYS J 86 -22.33 -22.02 -78.44
CA LYS J 86 -23.12 -22.29 -79.59
C LYS J 86 -22.84 -21.51 -80.85
N ASP J 87 -23.22 -22.03 -82.05
CA ASP J 87 -22.99 -21.16 -83.22
C ASP J 87 -24.10 -20.12 -83.22
N SER J 88 -24.25 -19.53 -84.41
CA SER J 88 -25.34 -18.55 -84.54
C SER J 88 -26.72 -19.12 -84.74
N GLN J 89 -26.98 -20.39 -84.56
CA GLN J 89 -28.33 -20.88 -84.61
C GLN J 89 -28.58 -21.57 -83.25
N GLY J 90 -27.67 -21.31 -82.31
CA GLY J 90 -27.66 -21.99 -81.06
C GLY J 90 -27.40 -23.47 -81.21
N LYS J 91 -26.61 -23.90 -82.23
CA LYS J 91 -26.30 -25.30 -82.24
C LYS J 91 -25.05 -25.41 -81.38
N LEU J 92 -24.94 -26.31 -80.40
CA LEU J 92 -23.66 -26.31 -79.70
C LEU J 92 -22.45 -26.60 -80.58
N PHE J 93 -21.27 -25.98 -80.35
CA PHE J 93 -20.05 -26.27 -81.09
C PHE J 93 -19.69 -27.76 -81.12
N ARG J 94 -19.61 -28.25 -79.89
CA ARG J 94 -19.30 -29.66 -79.67
C ARG J 94 -20.09 -30.59 -80.60
N ASN J 95 -21.35 -30.24 -80.84
CA ASN J 95 -22.16 -31.15 -81.67
C ASN J 95 -21.94 -30.87 -83.16
N ILE J 96 -21.49 -29.66 -83.44
CA ILE J 96 -21.07 -29.41 -84.81
C ILE J 96 -19.85 -30.27 -85.22
N LEU J 97 -18.92 -30.31 -84.27
CA LEU J 97 -17.66 -31.01 -84.47
C LEU J 97 -17.88 -32.50 -84.48
N LYS J 98 -18.60 -33.03 -83.48
CA LYS J 98 -18.83 -34.49 -83.53
C LYS J 98 -19.58 -34.95 -84.74
N GLU J 99 -20.57 -34.18 -85.19
CA GLU J 99 -21.26 -34.56 -86.40
C GLU J 99 -20.36 -34.55 -87.64
N LYS J 100 -19.37 -33.66 -87.72
CA LYS J 100 -18.50 -33.73 -88.86
C LYS J 100 -17.50 -34.89 -88.81
N GLY J 101 -17.47 -35.74 -87.85
CA GLY J 101 -16.57 -36.82 -87.63
C GLY J 101 -15.29 -36.35 -86.96
N ILE J 102 -15.31 -35.37 -86.10
CA ILE J 102 -14.09 -34.87 -85.42
C ILE J 102 -14.16 -35.17 -83.94
N VAL J 103 -13.20 -35.74 -83.25
CA VAL J 103 -13.25 -36.04 -81.82
C VAL J 103 -12.92 -34.78 -81.06
N VAL J 104 -13.74 -34.62 -80.00
CA VAL J 104 -13.66 -33.41 -79.20
C VAL J 104 -12.88 -33.61 -77.94
N GLY J 105 -12.01 -32.71 -77.60
CA GLY J 105 -11.13 -32.89 -76.42
C GLY J 105 -11.29 -31.64 -75.53
N ILE J 106 -10.75 -31.68 -74.33
CA ILE J 106 -10.93 -30.60 -73.39
C ILE J 106 -9.65 -30.38 -72.63
N LYS J 107 -9.36 -29.12 -72.42
CA LYS J 107 -8.23 -28.64 -71.65
C LYS J 107 -8.52 -28.98 -70.19
N LEU J 108 -7.72 -29.73 -69.46
CA LEU J 108 -8.06 -30.12 -68.11
C LEU J 108 -7.14 -29.65 -67.05
N ASP J 109 -6.00 -29.08 -67.48
CA ASP J 109 -5.16 -28.47 -66.49
C ASP J 109 -5.76 -27.16 -66.11
N GLN J 110 -5.29 -26.50 -65.08
CA GLN J 110 -5.84 -25.22 -64.77
C GLN J 110 -4.75 -24.24 -64.39
N GLY J 111 -3.70 -24.28 -65.17
CA GLY J 111 -2.63 -23.37 -64.87
C GLY J 111 -1.42 -23.73 -64.06
N GLY J 112 -0.44 -22.81 -64.09
CA GLY J 112 0.73 -23.08 -63.28
C GLY J 112 0.58 -22.53 -61.84
N ALA J 113 1.49 -23.07 -60.99
CA ALA J 113 1.64 -22.64 -59.62
C ALA J 113 3.18 -22.61 -59.57
N PRO J 114 3.59 -21.66 -58.80
CA PRO J 114 5.02 -21.44 -58.65
C PRO J 114 5.60 -22.45 -57.69
N LEU J 115 6.76 -23.02 -57.70
CA LEU J 115 7.50 -23.99 -56.93
C LEU J 115 8.65 -23.21 -56.17
N ALA J 116 8.61 -23.24 -54.88
CA ALA J 116 9.35 -22.37 -54.03
C ALA J 116 10.78 -22.87 -54.03
N GLY J 117 11.72 -21.95 -53.90
CA GLY J 117 13.07 -22.39 -53.77
C GLY J 117 13.66 -22.90 -55.10
N THR J 118 13.10 -22.27 -56.10
CA THR J 118 13.32 -22.49 -57.48
C THR J 118 13.50 -21.27 -58.32
N ASN J 119 14.40 -21.30 -59.34
CA ASN J 119 14.50 -20.05 -60.15
C ASN J 119 13.32 -19.86 -61.07
N LYS J 120 12.20 -19.31 -60.61
CA LYS J 120 10.94 -19.12 -61.34
C LYS J 120 10.27 -20.37 -61.88
N GLU J 121 10.37 -21.55 -61.32
CA GLU J 121 9.76 -22.71 -62.03
C GLU J 121 8.37 -22.95 -61.59
N THR J 122 7.59 -23.78 -62.28
CA THR J 122 6.21 -24.00 -61.76
C THR J 122 5.79 -25.43 -61.98
N THR J 123 4.58 -25.71 -61.49
CA THR J 123 4.00 -27.01 -61.66
C THR J 123 2.57 -26.57 -62.19
N ILE J 124 1.63 -27.53 -62.29
CA ILE J 124 0.35 -27.24 -62.86
C ILE J 124 -0.80 -27.68 -62.01
N GLN J 125 -1.81 -26.79 -61.84
CA GLN J 125 -2.90 -27.19 -60.97
C GLN J 125 -3.99 -27.95 -61.72
N GLY J 126 -4.98 -28.54 -61.05
CA GLY J 126 -6.10 -29.03 -61.79
C GLY J 126 -6.54 -30.37 -61.37
N LEU J 127 -5.78 -30.95 -60.46
CA LEU J 127 -6.15 -32.37 -60.29
C LEU J 127 -7.35 -32.40 -59.38
N ASP J 128 -7.42 -31.42 -58.46
CA ASP J 128 -8.55 -31.59 -57.45
C ASP J 128 -9.86 -31.69 -58.19
N GLY J 129 -10.71 -32.58 -57.83
CA GLY J 129 -11.92 -32.86 -58.55
C GLY J 129 -11.81 -33.35 -59.99
N LEU J 130 -10.61 -33.58 -60.53
CA LEU J 130 -10.48 -33.95 -61.91
C LEU J 130 -11.37 -35.15 -62.27
N SER J 131 -11.43 -36.06 -61.35
CA SER J 131 -12.23 -37.26 -61.68
C SER J 131 -13.64 -36.97 -62.09
N GLU J 132 -14.33 -36.16 -61.32
CA GLU J 132 -15.70 -35.73 -61.53
C GLU J 132 -15.89 -34.84 -62.72
N ARG J 133 -14.94 -33.93 -63.00
CA ARG J 133 -15.00 -33.13 -64.20
C ARG J 133 -14.90 -33.99 -65.45
N CYS J 134 -14.00 -34.95 -65.40
CA CYS J 134 -13.77 -35.85 -66.58
C CYS J 134 -15.00 -36.66 -66.80
N ALA J 135 -15.81 -36.97 -65.76
CA ALA J 135 -16.90 -37.90 -66.08
C ALA J 135 -18.08 -37.25 -66.75
N GLN J 136 -18.17 -36.00 -66.39
CA GLN J 136 -19.21 -35.14 -66.93
C GLN J 136 -18.79 -34.69 -68.31
N TYR J 137 -17.52 -34.42 -68.59
CA TYR J 137 -17.12 -34.11 -69.98
C TYR J 137 -17.28 -35.35 -70.89
N LYS J 138 -16.95 -36.50 -70.37
CA LYS J 138 -17.25 -37.74 -71.11
C LYS J 138 -18.74 -37.81 -71.51
N LYS J 139 -19.65 -37.53 -70.53
CA LYS J 139 -21.09 -37.59 -70.74
C LYS J 139 -21.48 -36.52 -71.79
N ASP J 140 -20.78 -35.39 -71.77
CA ASP J 140 -21.04 -34.25 -72.61
C ASP J 140 -20.35 -34.39 -73.96
N GLY J 141 -20.00 -35.55 -74.48
CA GLY J 141 -19.45 -35.73 -75.78
C GLY J 141 -17.94 -35.63 -75.82
N VAL J 142 -17.16 -35.16 -74.88
CA VAL J 142 -15.72 -35.16 -74.94
C VAL J 142 -15.23 -36.58 -74.79
N ASP J 143 -14.12 -36.87 -75.47
CA ASP J 143 -13.43 -38.14 -75.47
C ASP J 143 -11.93 -37.96 -75.23
N PHE J 144 -11.30 -36.81 -75.18
CA PHE J 144 -9.90 -36.77 -74.82
C PHE J 144 -9.55 -35.49 -74.13
N GLY J 145 -8.49 -35.49 -73.36
CA GLY J 145 -8.15 -34.31 -72.54
C GLY J 145 -6.74 -33.87 -72.88
N LYS J 146 -6.28 -32.87 -72.19
CA LYS J 146 -4.98 -32.25 -72.50
C LYS J 146 -4.48 -31.48 -71.28
N TRP J 147 -3.28 -31.74 -70.81
CA TRP J 147 -2.68 -31.12 -69.63
C TRP J 147 -1.29 -30.62 -70.04
N ARG J 148 -0.98 -29.35 -69.96
CA ARG J 148 0.34 -28.90 -70.34
C ARG J 148 1.20 -28.47 -69.17
N ALA J 149 2.43 -28.98 -69.21
CA ALA J 149 3.38 -28.54 -68.26
C ALA J 149 4.36 -27.67 -69.03
N VAL J 150 5.01 -26.75 -68.35
CA VAL J 150 5.94 -25.79 -68.90
C VAL J 150 7.31 -25.84 -68.23
N LEU J 151 8.34 -26.19 -68.99
CA LEU J 151 9.69 -26.31 -68.40
C LEU J 151 10.60 -25.46 -69.24
N ARG J 152 11.30 -24.52 -68.68
CA ARG J 152 12.31 -23.72 -69.36
C ARG J 152 13.72 -24.27 -69.06
N ILE J 153 14.55 -23.69 -69.91
CA ILE J 153 16.01 -23.88 -69.85
C ILE J 153 16.53 -22.49 -69.45
N ALA J 154 17.22 -22.44 -68.34
CA ALA J 154 17.73 -21.22 -67.74
C ALA J 154 18.60 -21.56 -66.51
N ASP J 155 19.16 -20.53 -65.88
CA ASP J 155 19.96 -20.78 -64.70
C ASP J 155 19.23 -21.70 -63.74
N GLN J 156 19.90 -22.83 -63.46
CA GLN J 156 19.24 -23.81 -62.58
C GLN J 156 17.86 -24.33 -62.97
N CYS J 157 17.38 -24.13 -64.16
CA CYS J 157 16.16 -24.72 -64.72
C CYS J 157 16.54 -25.59 -65.89
N PRO J 158 15.96 -26.72 -66.21
CA PRO J 158 14.82 -27.19 -65.42
C PRO J 158 15.37 -27.96 -64.22
N SER J 159 15.00 -27.50 -63.04
CA SER J 159 15.49 -28.24 -61.87
C SER J 159 14.75 -29.61 -61.83
N SER J 160 15.35 -30.47 -60.99
CA SER J 160 14.95 -31.80 -60.74
C SER J 160 13.56 -31.73 -60.09
N LEU J 161 13.43 -30.70 -59.21
CA LEU J 161 12.11 -30.87 -58.49
C LEU J 161 11.11 -30.49 -59.55
N ALA J 162 11.51 -29.48 -60.37
CA ALA J 162 10.54 -29.10 -61.44
C ALA J 162 10.25 -30.30 -62.33
N ILE J 163 11.29 -31.07 -62.75
CA ILE J 163 10.97 -32.19 -63.62
C ILE J 163 10.18 -33.32 -63.00
N GLN J 164 10.74 -33.77 -61.89
CA GLN J 164 10.14 -34.85 -61.11
C GLN J 164 8.76 -34.38 -60.78
N GLU J 165 8.55 -33.19 -60.30
CA GLU J 165 7.20 -32.77 -59.85
C GLU J 165 6.20 -32.67 -60.96
N ASN J 166 6.57 -32.13 -62.11
CA ASN J 166 5.71 -31.96 -63.28
C ASN J 166 5.33 -33.29 -63.94
N ALA J 167 6.22 -34.26 -63.87
CA ALA J 167 5.95 -35.58 -64.52
C ALA J 167 4.94 -36.26 -63.64
N ASN J 168 5.03 -35.98 -62.30
CA ASN J 168 3.97 -36.67 -61.49
C ASN J 168 2.58 -36.08 -61.66
N ALA J 169 2.45 -34.75 -61.83
CA ALA J 169 1.05 -34.21 -61.94
C ALA J 169 0.52 -34.77 -63.22
N LEU J 170 1.42 -34.81 -64.22
CA LEU J 170 1.06 -35.46 -65.51
C LEU J 170 0.47 -36.87 -65.43
N ALA J 171 1.21 -37.65 -64.67
CA ALA J 171 0.96 -39.07 -64.36
C ALA J 171 -0.26 -39.18 -63.53
N ARG J 172 -0.53 -38.23 -62.60
CA ARG J 172 -1.87 -38.39 -61.96
C ARG J 172 -2.97 -38.07 -62.96
N TYR J 173 -2.77 -36.93 -63.61
CA TYR J 173 -3.84 -36.55 -64.58
C TYR J 173 -3.98 -37.65 -65.63
N ALA J 174 -2.87 -38.33 -66.03
CA ALA J 174 -3.11 -39.36 -67.04
C ALA J 174 -4.00 -40.45 -66.44
N SER J 175 -3.65 -40.89 -65.24
CA SER J 175 -4.38 -41.99 -64.62
C SER J 175 -5.89 -41.77 -64.44
N ILE J 176 -6.17 -40.57 -63.98
CA ILE J 176 -7.58 -40.19 -63.74
C ILE J 176 -8.37 -40.10 -65.01
N CYS J 177 -7.76 -39.36 -66.00
CA CYS J 177 -8.43 -39.39 -67.31
C CYS J 177 -8.82 -40.83 -67.74
N GLN J 178 -8.06 -41.90 -67.55
CA GLN J 178 -8.33 -43.23 -68.15
C GLN J 178 -9.43 -43.95 -67.43
N GLN J 179 -9.46 -43.53 -66.14
CA GLN J 179 -10.53 -44.13 -65.29
C GLN J 179 -11.80 -43.48 -65.82
N ASN J 180 -11.78 -42.31 -66.45
CA ASN J 180 -13.12 -41.92 -66.95
C ASN J 180 -13.36 -42.01 -68.43
N GLY J 181 -12.67 -42.83 -69.21
CA GLY J 181 -12.90 -42.94 -70.61
C GLY J 181 -12.19 -41.92 -71.44
N LEU J 182 -11.43 -41.04 -71.05
CA LEU J 182 -10.72 -40.08 -71.85
C LEU J 182 -9.27 -40.43 -72.12
N VAL J 183 -8.85 -40.16 -73.38
CA VAL J 183 -7.45 -40.32 -73.69
C VAL J 183 -6.73 -39.06 -73.24
N PRO J 184 -5.82 -39.14 -72.32
CA PRO J 184 -5.04 -38.00 -71.84
C PRO J 184 -4.01 -37.63 -72.90
N ILE J 185 -3.66 -36.46 -73.21
CA ILE J 185 -2.67 -35.96 -74.14
C ILE J 185 -1.63 -35.48 -73.16
N VAL J 186 -0.46 -36.08 -73.03
CA VAL J 186 0.50 -35.60 -72.06
C VAL J 186 1.36 -34.51 -72.72
N GLU J 187 1.27 -33.24 -72.41
CA GLU J 187 2.16 -32.19 -72.86
C GLU J 187 3.21 -31.61 -71.88
N PRO J 188 4.41 -32.20 -71.89
CA PRO J 188 5.46 -31.72 -71.04
C PRO J 188 6.15 -30.71 -71.93
N GLU J 189 5.80 -29.42 -72.03
CA GLU J 189 6.65 -28.65 -72.96
C GLU J 189 7.89 -28.07 -72.36
N VAL J 190 8.94 -28.17 -73.15
CA VAL J 190 10.15 -27.36 -72.85
C VAL J 190 10.09 -26.13 -73.77
N ILE J 191 9.89 -24.99 -73.18
CA ILE J 191 9.79 -23.59 -73.66
C ILE J 191 11.00 -23.24 -74.45
N PRO J 192 10.90 -22.48 -75.51
CA PRO J 192 12.04 -22.15 -76.33
C PRO J 192 12.75 -20.89 -75.93
N ASP J 193 12.20 -20.25 -74.91
CA ASP J 193 12.81 -18.99 -74.52
C ASP J 193 14.24 -19.20 -74.15
N GLY J 194 15.04 -18.25 -74.60
CA GLY J 194 16.46 -18.30 -74.24
C GLY J 194 17.43 -18.49 -75.41
N ASP J 195 18.68 -18.41 -74.95
CA ASP J 195 19.87 -18.57 -75.71
C ASP J 195 20.28 -19.93 -76.24
N HIS J 196 20.06 -20.93 -75.41
CA HIS J 196 20.47 -22.24 -75.81
C HIS J 196 20.42 -22.65 -77.27
N ASP J 197 21.23 -23.66 -77.58
CA ASP J 197 21.32 -24.19 -78.92
C ASP J 197 20.52 -25.49 -79.06
N LEU J 198 20.82 -26.11 -80.21
CA LEU J 198 20.01 -27.28 -80.53
C LEU J 198 20.27 -28.40 -79.55
N GLU J 199 21.55 -28.63 -79.37
CA GLU J 199 22.03 -29.79 -78.59
C GLU J 199 21.63 -29.61 -77.13
N HIS J 200 21.38 -28.37 -76.72
CA HIS J 200 21.04 -28.18 -75.31
C HIS J 200 19.58 -28.53 -75.14
N CYS J 201 18.80 -28.18 -76.18
CA CYS J 201 17.35 -28.41 -76.07
C CYS J 201 17.16 -29.92 -76.10
N GLN J 202 18.06 -30.48 -76.91
CA GLN J 202 17.92 -31.90 -77.18
C GLN J 202 18.01 -32.72 -75.90
N TYR J 203 19.10 -32.39 -75.21
CA TYR J 203 19.45 -33.08 -73.96
C TYR J 203 18.38 -32.83 -72.87
N VAL J 204 17.82 -31.63 -72.79
CA VAL J 204 16.83 -31.46 -71.71
C VAL J 204 15.55 -32.16 -72.14
N THR J 205 15.26 -32.09 -73.48
CA THR J 205 14.04 -32.79 -73.87
C THR J 205 14.24 -34.26 -73.52
N GLU J 206 15.44 -34.86 -73.71
CA GLU J 206 15.50 -36.29 -73.37
C GLU J 206 15.36 -36.57 -71.87
N LYS J 207 15.99 -35.70 -71.06
CA LYS J 207 15.77 -35.84 -69.59
C LYS J 207 14.31 -35.67 -69.16
N VAL J 208 13.54 -34.77 -69.88
CA VAL J 208 12.18 -34.57 -69.42
C VAL J 208 11.28 -35.71 -69.85
N LEU J 209 11.46 -36.26 -71.05
CA LEU J 209 10.56 -37.36 -71.46
C LEU J 209 10.92 -38.60 -70.66
N ALA J 210 12.26 -38.73 -70.44
CA ALA J 210 12.57 -39.93 -69.62
C ALA J 210 11.79 -39.90 -68.32
N ALA J 211 11.89 -38.81 -67.55
CA ALA J 211 11.04 -38.72 -66.35
C ALA J 211 9.55 -38.94 -66.47
N VAL J 212 8.90 -38.26 -67.38
CA VAL J 212 7.48 -38.40 -67.59
C VAL J 212 7.20 -39.90 -67.82
N TYR J 213 8.00 -40.62 -68.66
CA TYR J 213 7.52 -42.01 -68.91
C TYR J 213 7.70 -42.90 -67.70
N LYS J 214 8.77 -42.61 -66.94
CA LYS J 214 8.98 -43.47 -65.75
C LYS J 214 7.78 -43.20 -64.84
N ALA J 215 7.38 -41.93 -64.75
CA ALA J 215 6.29 -41.61 -63.79
C ALA J 215 5.00 -42.25 -64.22
N LEU J 216 4.95 -42.18 -65.58
CA LEU J 216 3.71 -42.78 -66.15
C LEU J 216 3.73 -44.27 -65.84
N ASN J 217 4.95 -44.79 -65.73
CA ASN J 217 4.92 -46.23 -65.46
C ASN J 217 4.67 -46.49 -64.01
N ASP J 218 5.30 -45.85 -63.12
CA ASP J 218 4.95 -45.87 -61.69
C ASP J 218 3.45 -45.72 -61.42
N HIS J 219 2.71 -44.90 -62.21
CA HIS J 219 1.28 -44.80 -61.81
C HIS J 219 0.30 -45.65 -62.52
N HIS J 220 0.80 -46.71 -63.24
CA HIS J 220 -0.05 -47.65 -63.99
C HIS J 220 -0.84 -47.06 -65.17
N VAL J 221 -0.27 -45.99 -65.80
CA VAL J 221 -0.98 -45.47 -67.02
C VAL J 221 -0.86 -46.39 -68.23
N TYR J 222 -1.94 -46.46 -69.00
CA TYR J 222 -1.99 -47.33 -70.17
C TYR J 222 -1.55 -46.59 -71.42
N LEU J 223 -0.29 -46.77 -71.83
CA LEU J 223 0.33 -45.98 -72.87
C LEU J 223 -0.36 -45.94 -74.22
N GLU J 224 -0.88 -47.14 -74.48
CA GLU J 224 -1.55 -47.31 -75.75
C GLU J 224 -2.81 -46.44 -75.87
N GLY J 225 -3.21 -45.80 -74.79
CA GLY J 225 -4.40 -45.00 -74.67
C GLY J 225 -3.99 -43.61 -74.19
N THR J 226 -3.01 -43.12 -74.93
CA THR J 226 -2.43 -41.80 -74.49
C THR J 226 -1.88 -41.16 -75.74
N LEU J 227 -1.66 -39.90 -75.84
CA LEU J 227 -0.90 -39.35 -76.95
C LEU J 227 0.21 -38.53 -76.27
N LEU J 228 1.22 -38.06 -76.95
CA LEU J 228 2.23 -37.20 -76.40
C LEU J 228 2.25 -35.91 -77.21
N LYS J 229 2.36 -34.79 -76.52
CA LYS J 229 2.37 -33.50 -77.27
C LYS J 229 3.65 -32.79 -76.89
N PRO J 230 4.80 -33.23 -77.40
CA PRO J 230 6.07 -32.68 -76.99
C PRO J 230 6.56 -31.50 -77.76
N ASN J 231 7.54 -30.78 -77.28
CA ASN J 231 8.01 -29.70 -78.18
C ASN J 231 8.87 -30.42 -79.24
N MET J 232 8.94 -29.87 -80.43
CA MET J 232 9.97 -30.33 -81.38
C MET J 232 11.27 -29.82 -80.71
N VAL J 233 12.39 -30.40 -81.02
CA VAL J 233 13.69 -30.07 -80.50
C VAL J 233 14.33 -29.00 -81.37
N THR J 234 14.50 -27.82 -80.88
CA THR J 234 15.01 -26.67 -81.67
C THR J 234 15.84 -25.73 -80.78
N ALA J 235 16.56 -24.82 -81.39
CA ALA J 235 17.44 -23.92 -80.67
C ALA J 235 16.55 -22.90 -79.97
N GLY J 236 17.05 -22.21 -78.93
CA GLY J 236 16.10 -21.32 -78.25
C GLY J 236 15.80 -20.15 -79.12
N HIS J 237 14.89 -19.36 -78.60
CA HIS J 237 14.46 -18.18 -79.28
C HIS J 237 15.58 -17.19 -79.55
N ALA J 238 16.43 -17.08 -78.52
CA ALA J 238 17.41 -16.04 -78.88
C ALA J 238 18.66 -16.61 -79.48
N CYS J 239 18.64 -17.85 -79.89
CA CYS J 239 19.92 -18.45 -80.29
C CYS J 239 20.22 -17.82 -81.64
N THR J 240 21.48 -17.54 -81.89
CA THR J 240 21.73 -16.99 -83.21
C THR J 240 21.97 -18.06 -84.25
N LYS J 241 22.51 -19.24 -83.92
CA LYS J 241 22.75 -20.19 -85.02
C LYS J 241 21.42 -20.32 -85.77
N LYS J 242 21.47 -20.81 -86.97
CA LYS J 242 20.39 -21.00 -87.91
C LYS J 242 20.35 -22.47 -88.18
N TYR J 243 19.21 -23.14 -88.27
CA TYR J 243 19.25 -24.58 -88.40
C TYR J 243 18.21 -24.94 -89.42
N THR J 244 18.31 -26.09 -89.98
CA THR J 244 17.38 -26.47 -91.04
C THR J 244 16.28 -27.35 -90.53
N PRO J 245 15.19 -27.51 -91.22
CA PRO J 245 14.17 -28.47 -90.85
C PRO J 245 14.73 -29.85 -90.53
N GLU J 246 15.69 -30.18 -91.37
CA GLU J 246 16.35 -31.48 -91.31
C GLU J 246 17.17 -31.56 -90.02
N GLN J 247 17.84 -30.47 -89.65
CA GLN J 247 18.57 -30.60 -88.41
C GLN J 247 17.55 -30.73 -87.28
N VAL J 248 16.49 -29.99 -87.20
CA VAL J 248 15.48 -30.06 -86.19
C VAL J 248 14.78 -31.42 -86.19
N ALA J 249 14.86 -32.08 -87.31
CA ALA J 249 14.08 -33.33 -87.43
C ALA J 249 14.90 -34.41 -86.79
N MET J 250 16.21 -34.25 -87.00
CA MET J 250 17.11 -35.30 -86.53
C MET J 250 17.19 -35.18 -85.05
N ALA J 251 17.35 -33.99 -84.52
CA ALA J 251 17.44 -33.80 -83.05
C ALA J 251 16.16 -34.29 -82.38
N THR J 252 15.04 -33.91 -82.92
CA THR J 252 13.74 -34.24 -82.43
C THR J 252 13.39 -35.73 -82.43
N VAL J 253 13.67 -36.44 -83.52
CA VAL J 253 13.26 -37.89 -83.53
C VAL J 253 14.30 -38.69 -82.78
N THR J 254 15.52 -38.13 -82.84
CA THR J 254 16.60 -38.78 -82.12
C THR J 254 16.10 -38.81 -80.69
N ALA J 255 15.60 -37.68 -80.17
CA ALA J 255 15.31 -37.57 -78.78
C ALA J 255 14.09 -38.42 -78.47
N LEU J 256 13.10 -38.37 -79.31
CA LEU J 256 11.87 -39.17 -79.09
C LEU J 256 12.14 -40.65 -79.10
N HIS J 257 13.06 -41.05 -80.04
CA HIS J 257 13.22 -42.52 -80.12
C HIS J 257 13.99 -43.09 -78.99
N ARG J 258 14.82 -42.34 -78.26
CA ARG J 258 15.41 -42.93 -77.06
C ARG J 258 14.48 -42.75 -75.83
N THR J 259 13.30 -42.13 -75.94
CA THR J 259 12.49 -41.95 -74.72
C THR J 259 10.97 -42.20 -74.81
N VAL J 260 10.42 -42.26 -76.01
CA VAL J 260 9.01 -42.61 -76.06
C VAL J 260 8.68 -44.02 -76.42
N PRO J 261 7.97 -44.72 -75.58
CA PRO J 261 7.63 -46.13 -75.82
C PRO J 261 6.85 -46.26 -77.12
N ALA J 262 7.21 -47.35 -77.88
CA ALA J 262 6.46 -47.61 -79.12
C ALA J 262 5.03 -47.93 -78.68
N ALA J 263 4.64 -48.17 -77.48
CA ALA J 263 3.22 -48.32 -77.20
C ALA J 263 2.47 -47.01 -77.39
N VAL J 264 3.16 -45.88 -77.37
CA VAL J 264 2.26 -44.65 -77.41
C VAL J 264 1.86 -44.60 -78.89
N PRO J 265 0.61 -44.56 -79.27
CA PRO J 265 0.16 -44.54 -80.65
C PRO J 265 0.56 -43.31 -81.44
N GLY J 266 0.55 -42.15 -80.85
CA GLY J 266 0.93 -41.08 -81.70
C GLY J 266 1.59 -39.91 -81.05
N ILE J 267 2.56 -39.31 -81.75
CA ILE J 267 3.07 -38.13 -81.05
C ILE J 267 2.77 -36.87 -81.87
N CYS J 268 1.98 -35.91 -81.41
CA CYS J 268 1.48 -34.71 -81.99
C CYS J 268 2.12 -33.43 -81.40
N PHE J 269 3.01 -32.74 -82.14
CA PHE J 269 3.90 -31.73 -81.66
C PHE J 269 3.21 -30.43 -81.37
N LEU J 270 3.73 -29.71 -80.38
CA LEU J 270 3.15 -28.36 -80.13
C LEU J 270 3.90 -27.47 -81.12
N SER J 271 3.40 -26.27 -81.49
CA SER J 271 4.19 -25.51 -82.46
C SER J 271 4.89 -24.30 -81.87
N GLY J 272 4.17 -23.83 -80.89
CA GLY J 272 4.43 -22.69 -80.04
C GLY J 272 5.39 -21.66 -80.49
N GLY J 273 4.98 -20.64 -81.25
CA GLY J 273 6.13 -19.72 -81.64
C GLY J 273 6.64 -19.93 -83.05
N MET J 274 6.93 -21.12 -83.60
CA MET J 274 7.17 -21.32 -85.00
C MET J 274 6.15 -20.61 -85.87
N SER J 275 6.52 -20.09 -87.02
CA SER J 275 5.59 -19.53 -87.98
C SER J 275 4.80 -20.71 -88.53
N GLU J 276 3.80 -20.52 -89.32
CA GLU J 276 2.94 -21.61 -89.80
C GLU J 276 3.71 -22.52 -90.73
N GLU J 277 4.58 -21.94 -91.59
CA GLU J 277 5.34 -22.64 -92.58
C GLU J 277 6.45 -23.40 -91.88
N ASP J 278 7.12 -22.82 -90.90
CA ASP J 278 8.15 -23.70 -90.30
C ASP J 278 7.48 -24.87 -89.69
N ALA J 279 6.41 -24.71 -88.92
CA ALA J 279 5.69 -25.80 -88.32
C ALA J 279 5.42 -26.89 -89.38
N THR J 280 4.72 -26.53 -90.44
CA THR J 280 4.58 -27.51 -91.51
C THR J 280 5.94 -28.06 -91.97
N LEU J 281 6.99 -27.27 -92.20
CA LEU J 281 8.18 -27.83 -92.79
C LEU J 281 8.88 -28.85 -91.89
N ASN J 282 8.88 -28.43 -90.64
CA ASN J 282 9.57 -29.19 -89.61
C ASN J 282 8.74 -30.47 -89.44
N LEU J 283 7.44 -30.55 -89.42
CA LEU J 283 6.83 -31.85 -89.17
C LEU J 283 7.04 -32.79 -90.32
N ASN J 284 7.14 -32.23 -91.52
CA ASN J 284 7.35 -32.99 -92.74
C ASN J 284 8.74 -33.63 -92.73
N ALA J 285 9.74 -32.89 -92.24
CA ALA J 285 11.08 -33.49 -92.13
C ALA J 285 11.21 -34.57 -91.08
N ILE J 286 10.45 -34.39 -90.01
CA ILE J 286 10.23 -35.31 -88.91
C ILE J 286 9.68 -36.56 -89.52
N ASN J 287 8.74 -36.52 -90.44
CA ASN J 287 8.34 -37.89 -90.90
C ASN J 287 9.28 -38.43 -91.93
N LEU J 288 10.24 -37.61 -92.39
CA LEU J 288 11.14 -38.18 -93.39
C LEU J 288 12.43 -38.56 -92.73
N CYS J 289 12.59 -38.17 -91.49
CA CYS J 289 13.84 -38.53 -90.81
C CYS J 289 14.16 -39.99 -90.90
N PRO J 290 15.36 -40.39 -91.24
CA PRO J 290 15.77 -41.79 -91.34
C PRO J 290 16.13 -42.42 -90.02
N LEU J 291 15.22 -42.59 -89.09
CA LEU J 291 15.39 -43.22 -87.79
C LEU J 291 14.13 -44.03 -87.51
N PRO J 292 14.21 -44.95 -86.58
CA PRO J 292 13.05 -45.79 -86.25
C PRO J 292 11.97 -44.87 -85.67
N LYS J 293 10.79 -44.96 -86.28
CA LYS J 293 9.70 -44.08 -85.81
C LYS J 293 8.50 -44.91 -85.54
N PRO J 294 8.35 -45.65 -84.48
CA PRO J 294 7.26 -46.57 -84.28
C PRO J 294 5.88 -46.01 -84.07
N TRP J 295 5.78 -44.73 -83.89
CA TRP J 295 4.51 -44.08 -83.73
C TRP J 295 4.06 -43.04 -84.75
N LYS J 296 2.76 -42.71 -84.84
CA LYS J 296 2.37 -41.59 -85.75
C LYS J 296 3.11 -40.33 -85.22
N LEU J 297 3.57 -39.48 -86.11
CA LEU J 297 4.22 -38.22 -85.86
C LEU J 297 3.40 -37.17 -86.61
N SER J 298 2.68 -36.37 -85.86
CA SER J 298 1.70 -35.38 -86.22
C SER J 298 1.73 -34.05 -85.53
N PHE J 299 0.62 -33.35 -85.69
CA PHE J 299 0.45 -31.96 -85.14
C PHE J 299 -0.82 -31.87 -84.28
N SER J 300 -0.62 -30.92 -83.37
CA SER J 300 -1.67 -30.50 -82.42
C SER J 300 -1.29 -29.01 -82.40
N TYR J 301 -1.74 -28.31 -83.45
CA TYR J 301 -1.18 -26.96 -83.40
C TYR J 301 -2.22 -26.01 -82.90
N GLY J 302 -1.80 -24.84 -82.35
CA GLY J 302 -2.75 -23.80 -81.96
C GLY J 302 -2.48 -22.61 -82.90
N ARG J 303 -1.41 -21.86 -82.69
CA ARG J 303 -1.00 -20.76 -83.51
C ARG J 303 -0.62 -21.28 -84.89
N ALA J 304 0.19 -22.31 -85.06
CA ALA J 304 0.48 -22.67 -86.49
C ALA J 304 -0.74 -23.04 -87.31
N LEU J 305 -1.94 -23.28 -86.71
CA LEU J 305 -3.06 -23.53 -87.57
C LEU J 305 -4.03 -22.36 -87.73
N GLN J 306 -3.88 -21.31 -86.93
CA GLN J 306 -4.79 -20.19 -86.88
C GLN J 306 -4.29 -18.79 -87.21
N ALA J 307 -3.03 -18.59 -87.36
CA ALA J 307 -2.41 -17.29 -87.52
C ALA J 307 -2.88 -16.53 -88.74
N SER J 308 -2.93 -17.23 -89.85
CA SER J 308 -3.26 -16.54 -91.10
C SER J 308 -4.77 -16.30 -91.07
N ALA J 309 -5.47 -17.27 -90.51
CA ALA J 309 -6.91 -17.19 -90.35
C ALA J 309 -7.32 -15.97 -89.56
N LEU J 310 -6.69 -15.89 -88.43
CA LEU J 310 -7.00 -14.75 -87.55
C LEU J 310 -6.77 -13.44 -88.33
N ALA J 311 -5.63 -13.33 -89.03
CA ALA J 311 -5.28 -12.18 -89.82
C ALA J 311 -6.33 -11.90 -90.86
N ALA J 312 -6.78 -12.84 -91.64
CA ALA J 312 -7.82 -12.71 -92.62
C ALA J 312 -9.12 -12.32 -91.93
N TRP J 313 -9.38 -12.77 -90.69
CA TRP J 313 -10.66 -12.38 -90.11
C TRP J 313 -10.67 -10.95 -89.74
N GLY J 314 -9.68 -10.49 -89.02
CA GLY J 314 -9.62 -9.11 -88.57
C GLY J 314 -10.84 -8.79 -87.69
N GLY J 315 -11.64 -9.77 -87.31
CA GLY J 315 -12.74 -9.52 -86.41
C GLY J 315 -13.97 -8.94 -87.09
N LYS J 316 -14.03 -9.20 -88.37
CA LYS J 316 -15.06 -8.82 -89.30
C LYS J 316 -15.81 -10.00 -89.88
N ALA J 317 -17.08 -10.04 -89.55
CA ALA J 317 -17.89 -11.16 -90.01
C ALA J 317 -17.64 -11.45 -91.48
N ALA J 318 -17.54 -10.36 -92.20
CA ALA J 318 -17.41 -10.24 -93.63
C ALA J 318 -16.33 -11.14 -94.18
N ASN J 319 -15.26 -11.24 -93.41
CA ASN J 319 -14.16 -12.10 -93.83
C ASN J 319 -14.40 -13.57 -93.63
N LYS J 320 -15.63 -14.03 -93.23
CA LYS J 320 -15.75 -15.47 -93.05
C LYS J 320 -14.99 -16.30 -94.12
N GLU J 321 -15.26 -16.13 -95.40
CA GLU J 321 -14.62 -16.98 -96.37
C GLU J 321 -13.12 -16.97 -96.33
N ALA J 322 -12.50 -15.80 -96.23
CA ALA J 322 -11.05 -15.79 -96.22
C ALA J 322 -10.52 -16.54 -95.00
N THR J 323 -11.27 -16.30 -93.94
CA THR J 323 -10.91 -16.85 -92.64
C THR J 323 -10.92 -18.32 -92.80
N GLN J 324 -12.05 -18.84 -93.22
CA GLN J 324 -12.04 -20.30 -93.34
C GLN J 324 -11.00 -20.80 -94.30
N GLU J 325 -10.73 -20.08 -95.35
CA GLU J 325 -9.79 -20.58 -96.41
C GLU J 325 -8.41 -20.82 -95.83
N ALA J 326 -7.93 -19.95 -94.96
CA ALA J 326 -6.63 -20.06 -94.35
C ALA J 326 -6.54 -21.29 -93.49
N PHE J 327 -7.49 -21.41 -92.57
CA PHE J 327 -7.42 -22.53 -91.61
C PHE J 327 -7.48 -23.76 -92.46
N MET J 328 -8.38 -23.78 -93.43
CA MET J 328 -8.35 -25.01 -94.21
C MET J 328 -7.02 -25.26 -94.88
N LYS J 329 -6.38 -24.19 -95.36
CA LYS J 329 -5.15 -24.43 -96.06
C LYS J 329 -4.10 -24.96 -95.10
N ARG J 330 -3.88 -24.32 -93.96
CA ARG J 330 -2.87 -24.90 -93.06
C ARG J 330 -3.25 -26.28 -92.63
N ALA J 331 -4.54 -26.50 -92.38
CA ALA J 331 -4.91 -27.82 -91.91
C ALA J 331 -4.50 -28.84 -92.90
N MET J 332 -4.78 -28.66 -94.14
CA MET J 332 -4.34 -29.65 -95.17
C MET J 332 -2.83 -29.78 -95.24
N ALA J 333 -2.06 -28.70 -95.08
CA ALA J 333 -0.62 -28.82 -95.26
C ALA J 333 -0.02 -29.71 -94.16
N ASN J 334 -0.65 -29.50 -93.00
CA ASN J 334 -0.10 -30.21 -91.86
C ASN J 334 -0.44 -31.61 -92.09
N CYS J 335 -1.57 -31.96 -92.66
CA CYS J 335 -1.83 -33.39 -92.83
C CYS J 335 -0.85 -34.02 -93.81
N GLN J 336 -0.57 -33.23 -94.85
CA GLN J 336 0.48 -33.72 -95.77
C GLN J 336 1.81 -33.85 -95.04
N ALA J 337 2.08 -32.85 -94.20
CA ALA J 337 3.41 -32.95 -93.52
C ALA J 337 3.44 -34.17 -92.61
N ALA J 338 2.29 -34.44 -92.01
CA ALA J 338 2.04 -35.59 -91.18
C ALA J 338 2.25 -36.87 -92.00
N LYS J 339 2.13 -36.86 -93.32
CA LYS J 339 2.45 -38.07 -94.07
C LYS J 339 3.76 -37.91 -94.89
N GLY J 340 4.50 -36.88 -94.52
CA GLY J 340 5.82 -36.70 -95.10
C GLY J 340 5.63 -36.52 -96.56
N GLN J 341 4.63 -35.86 -97.00
CA GLN J 341 4.14 -35.59 -98.35
C GLN J 341 4.03 -34.09 -98.59
N TYR J 342 4.47 -33.23 -97.65
CA TYR J 342 4.31 -31.80 -97.85
C TYR J 342 5.45 -31.24 -98.69
N VAL J 343 5.19 -30.68 -99.89
CA VAL J 343 6.35 -30.18 -100.57
C VAL J 343 6.67 -28.78 -100.06
N HIS J 344 5.90 -27.92 -100.73
CA HIS J 344 6.07 -26.53 -100.33
C HIS J 344 4.60 -26.08 -100.27
N THR J 345 4.33 -24.93 -99.74
CA THR J 345 3.23 -24.10 -99.42
C THR J 345 1.90 -24.51 -98.82
N GLY J 346 1.85 -24.02 -97.57
CA GLY J 346 0.50 -23.90 -96.95
C GLY J 346 0.08 -22.55 -97.60
N SER J 347 -0.15 -21.53 -96.75
CA SER J 347 -0.39 -20.18 -97.26
C SER J 347 0.84 -19.74 -98.07
N SER J 348 1.77 -19.13 -97.38
CA SER J 348 2.97 -18.46 -97.78
C SER J 348 2.66 -16.92 -97.68
N GLY J 349 3.77 -16.17 -97.78
CA GLY J 349 3.66 -14.72 -97.65
C GLY J 349 3.48 -14.32 -96.18
N ALA J 350 3.51 -13.00 -95.93
CA ALA J 350 3.36 -12.56 -94.54
C ALA J 350 2.44 -13.48 -93.75
N ALA J 351 1.33 -13.97 -94.29
CA ALA J 351 0.42 -14.97 -93.72
C ALA J 351 0.81 -15.35 -92.29
N SER J 352 1.81 -16.23 -92.34
CA SER J 352 2.64 -16.74 -91.32
C SER J 352 3.86 -17.47 -91.91
N THR J 353 4.86 -16.62 -91.94
CA THR J 353 6.27 -16.83 -92.11
C THR J 353 6.76 -15.83 -91.04
N GLN J 354 5.71 -15.26 -90.44
CA GLN J 354 5.78 -14.18 -89.49
C GLN J 354 6.39 -14.47 -88.14
N SER J 355 6.27 -15.69 -87.63
CA SER J 355 6.68 -16.08 -86.30
C SER J 355 5.60 -15.71 -85.27
N LEU J 356 5.17 -16.74 -84.56
CA LEU J 356 4.13 -16.59 -83.54
C LEU J 356 4.68 -16.68 -82.13
N PHE K 4 28.57 -32.00 -70.72
CA PHE K 4 29.75 -32.86 -70.47
C PHE K 4 29.44 -34.24 -71.04
N PRO K 5 29.20 -34.32 -72.32
CA PRO K 5 28.89 -35.53 -73.01
C PRO K 5 29.85 -36.68 -72.72
N ALA K 6 29.22 -37.88 -72.59
CA ALA K 6 29.95 -39.06 -72.24
C ALA K 6 30.70 -39.69 -73.41
N LEU K 7 30.25 -39.47 -74.62
CA LEU K 7 31.05 -40.06 -75.68
C LEU K 7 31.21 -39.07 -76.78
N THR K 8 32.15 -39.35 -77.68
CA THR K 8 32.17 -38.52 -78.94
C THR K 8 31.37 -39.18 -80.06
N GLN K 9 31.23 -38.45 -81.17
CA GLN K 9 30.47 -39.08 -82.28
C GLN K 9 31.27 -40.32 -82.78
N GLU K 10 32.63 -40.13 -82.72
CA GLU K 10 33.27 -41.35 -83.24
C GLU K 10 32.75 -42.53 -82.40
N GLN K 11 32.94 -42.28 -81.10
CA GLN K 11 32.69 -43.45 -80.26
C GLN K 11 31.34 -44.11 -80.48
N LYS K 12 30.32 -43.27 -80.63
CA LYS K 12 28.99 -43.88 -80.85
C LYS K 12 28.95 -44.62 -82.14
N LYS K 13 29.47 -43.99 -83.21
CA LYS K 13 29.33 -44.71 -84.54
C LYS K 13 29.94 -46.08 -84.36
N GLU K 14 31.08 -46.09 -83.62
CA GLU K 14 31.62 -47.47 -83.41
C GLU K 14 30.68 -48.40 -82.68
N LEU K 15 30.15 -47.96 -81.52
CA LEU K 15 29.30 -48.85 -80.71
C LEU K 15 28.07 -49.31 -81.41
N SER K 16 27.40 -48.37 -82.05
CA SER K 16 26.20 -48.55 -82.86
C SER K 16 26.58 -49.47 -84.00
N GLU K 17 27.75 -49.25 -84.60
CA GLU K 17 27.99 -50.26 -85.68
C GLU K 17 28.09 -51.63 -85.05
N ILE K 18 28.92 -51.80 -83.98
CA ILE K 18 29.02 -53.18 -83.42
C ILE K 18 27.63 -53.79 -83.18
N ALA K 19 26.94 -52.97 -82.31
CA ALA K 19 25.69 -53.51 -81.77
C ALA K 19 24.84 -53.91 -82.94
N GLN K 20 24.70 -53.01 -83.95
CA GLN K 20 23.85 -53.55 -85.03
C GLN K 20 24.38 -54.78 -85.76
N SER K 21 25.71 -54.83 -85.90
CA SER K 21 26.29 -55.94 -86.66
C SER K 21 26.00 -57.34 -86.11
N ILE K 22 25.84 -57.29 -84.76
CA ILE K 22 25.55 -58.59 -84.15
C ILE K 22 24.14 -59.03 -84.43
N VAL K 23 23.13 -58.21 -84.80
CA VAL K 23 21.80 -58.88 -84.92
C VAL K 23 21.25 -58.70 -86.32
N ALA K 24 22.08 -58.32 -87.22
CA ALA K 24 22.00 -57.99 -88.61
C ALA K 24 21.17 -58.86 -89.47
N ASN K 25 21.06 -60.13 -89.53
CA ASN K 25 19.93 -60.40 -90.50
C ASN K 25 19.29 -61.70 -90.15
N GLY K 26 18.75 -61.57 -88.95
CA GLY K 26 18.06 -62.78 -88.44
C GLY K 26 19.07 -63.40 -87.48
N LYS K 27 20.17 -62.68 -87.36
CA LYS K 27 21.28 -63.32 -86.64
C LYS K 27 21.05 -63.10 -85.17
N GLY K 28 21.70 -63.93 -84.39
CA GLY K 28 21.67 -64.01 -82.96
C GLY K 28 22.97 -64.33 -82.27
N ILE K 29 22.77 -64.71 -81.01
CA ILE K 29 24.05 -64.79 -80.26
C ILE K 29 24.31 -66.14 -79.68
N LEU K 30 25.49 -66.72 -79.77
CA LEU K 30 25.59 -68.01 -79.00
C LEU K 30 26.08 -67.67 -77.59
N ALA K 31 25.32 -68.01 -76.58
CA ALA K 31 25.84 -67.70 -75.25
C ALA K 31 26.68 -68.85 -74.67
N ALA K 32 27.98 -68.84 -74.90
CA ALA K 32 28.82 -69.96 -74.46
C ALA K 32 29.52 -69.50 -73.21
N ASP K 33 28.97 -68.50 -72.52
CA ASP K 33 29.69 -67.94 -71.37
C ASP K 33 29.42 -68.57 -70.02
N GLU K 34 29.10 -69.88 -69.98
CA GLU K 34 28.92 -70.51 -68.69
C GLU K 34 30.29 -70.63 -67.98
N SER K 35 30.24 -70.22 -66.73
CA SER K 35 31.33 -70.25 -65.80
C SER K 35 31.42 -71.76 -65.49
N VAL K 36 32.49 -71.98 -64.76
CA VAL K 36 32.92 -73.31 -64.40
C VAL K 36 31.83 -74.16 -63.84
N GLY K 37 31.22 -73.59 -62.81
CA GLY K 37 30.13 -74.24 -62.07
C GLY K 37 28.95 -74.53 -62.95
N THR K 38 28.52 -73.50 -63.65
CA THR K 38 27.34 -73.76 -64.50
C THR K 38 27.66 -74.79 -65.58
N MET K 39 28.84 -74.48 -66.25
CA MET K 39 29.18 -75.49 -67.24
C MET K 39 29.20 -76.84 -66.50
N GLY K 40 29.53 -76.84 -65.21
CA GLY K 40 29.60 -78.08 -64.48
C GLY K 40 28.25 -78.78 -64.62
N ASN K 41 27.24 -78.02 -64.30
CA ASN K 41 25.91 -78.55 -64.33
C ASN K 41 25.63 -79.09 -65.69
N ARG K 42 26.11 -78.46 -66.77
CA ARG K 42 25.67 -78.92 -68.08
C ARG K 42 26.25 -80.29 -68.42
N LEU K 43 27.52 -80.43 -68.17
CA LEU K 43 28.35 -81.60 -68.43
C LEU K 43 27.82 -82.73 -67.58
N GLN K 44 27.45 -82.42 -66.33
CA GLN K 44 26.79 -83.41 -65.48
C GLN K 44 25.64 -84.10 -66.19
N ARG K 45 24.72 -83.38 -66.79
CA ARG K 45 23.66 -84.03 -67.51
C ARG K 45 24.17 -85.12 -68.40
N ILE K 46 25.20 -84.95 -69.21
CA ILE K 46 25.67 -86.04 -70.06
C ILE K 46 26.75 -86.85 -69.39
N LYS K 47 26.78 -86.87 -68.07
CA LYS K 47 27.78 -87.49 -67.24
C LYS K 47 29.20 -87.35 -67.75
N VAL K 48 29.71 -86.15 -68.02
CA VAL K 48 31.07 -85.80 -68.38
C VAL K 48 31.71 -85.00 -67.25
N GLU K 49 32.94 -85.29 -66.90
CA GLU K 49 33.66 -84.61 -65.82
C GLU K 49 33.87 -83.16 -66.15
N ASN K 50 33.59 -82.32 -65.16
CA ASN K 50 33.77 -80.88 -65.37
C ASN K 50 35.22 -80.41 -65.33
N THR K 51 35.93 -80.81 -66.34
CA THR K 51 37.35 -80.50 -66.45
C THR K 51 37.65 -79.35 -67.33
N GLU K 52 38.48 -78.40 -67.02
CA GLU K 52 38.82 -77.35 -67.99
C GLU K 52 39.23 -78.06 -69.25
N GLU K 53 39.86 -79.21 -69.37
CA GLU K 53 39.98 -79.78 -70.69
C GLU K 53 38.69 -80.24 -71.32
N ASN K 54 37.67 -80.68 -70.58
CA ASN K 54 36.46 -81.18 -71.29
C ASN K 54 35.69 -79.97 -71.80
N ARG K 55 35.66 -78.94 -70.93
CA ARG K 55 35.05 -77.72 -71.37
C ARG K 55 35.78 -77.25 -72.65
N ARG K 56 37.06 -77.05 -72.70
CA ARG K 56 37.76 -76.58 -73.90
C ARG K 56 37.54 -77.52 -75.09
N GLN K 57 37.33 -78.79 -74.86
CA GLN K 57 37.03 -79.67 -75.99
C GLN K 57 35.65 -79.42 -76.57
N PHE K 58 34.60 -79.35 -75.74
CA PHE K 58 33.26 -79.11 -76.25
C PHE K 58 33.23 -77.78 -77.00
N ARG K 59 33.83 -76.73 -76.43
CA ARG K 59 33.80 -75.43 -77.10
C ARG K 59 34.57 -75.43 -78.41
N GLU K 60 35.63 -76.20 -78.53
CA GLU K 60 36.32 -76.26 -79.79
C GLU K 60 35.42 -76.81 -80.86
N ILE K 61 34.63 -77.86 -80.45
CA ILE K 61 33.78 -78.45 -81.45
C ILE K 61 32.86 -77.39 -81.95
N LEU K 62 32.16 -76.71 -81.06
CA LEU K 62 31.28 -75.60 -81.38
C LEU K 62 31.97 -74.58 -82.30
N PHE K 63 32.98 -73.86 -81.87
CA PHE K 63 33.63 -72.88 -82.70
C PHE K 63 34.31 -73.39 -83.96
N SER K 64 34.60 -74.66 -84.13
CA SER K 64 35.28 -75.02 -85.37
C SER K 64 34.28 -75.48 -86.41
N VAL K 65 32.96 -75.32 -86.18
CA VAL K 65 32.05 -75.69 -87.28
C VAL K 65 32.40 -74.87 -88.51
N ASP K 66 31.74 -75.16 -89.59
CA ASP K 66 31.97 -74.42 -90.84
C ASP K 66 31.40 -73.04 -90.72
N SER K 67 31.97 -72.12 -91.43
CA SER K 67 31.73 -70.73 -91.36
C SER K 67 30.35 -70.36 -91.81
N SER K 68 29.64 -71.27 -92.40
CA SER K 68 28.26 -71.01 -92.72
C SER K 68 27.61 -70.55 -91.44
N ILE K 69 28.12 -71.00 -90.35
CA ILE K 69 27.56 -70.62 -89.05
C ILE K 69 27.44 -69.11 -88.93
N ASN K 70 28.26 -68.38 -89.65
CA ASN K 70 28.17 -66.90 -89.47
C ASN K 70 26.93 -66.35 -90.15
N GLN K 71 26.09 -67.27 -90.64
CA GLN K 71 24.87 -66.82 -91.30
C GLN K 71 23.77 -66.75 -90.23
N SER K 72 24.03 -67.52 -89.16
CA SER K 72 23.07 -67.65 -88.07
C SER K 72 23.57 -66.93 -86.79
N ILE K 73 24.88 -66.97 -86.65
CA ILE K 73 25.36 -66.41 -85.40
C ILE K 73 26.11 -65.13 -85.60
N GLY K 74 25.64 -64.07 -84.94
CA GLY K 74 26.30 -62.78 -85.14
C GLY K 74 27.41 -62.54 -84.18
N GLY K 75 27.27 -63.06 -82.98
CA GLY K 75 28.40 -62.91 -81.95
C GLY K 75 28.27 -64.23 -81.09
N VAL K 76 29.24 -64.46 -80.26
CA VAL K 76 29.44 -65.45 -79.26
C VAL K 76 29.97 -64.82 -77.96
N ILE K 77 29.31 -65.13 -76.85
CA ILE K 77 29.76 -64.54 -75.59
C ILE K 77 30.64 -65.59 -74.90
N LEU K 78 31.79 -65.19 -74.49
CA LEU K 78 32.67 -66.18 -73.86
C LEU K 78 32.83 -65.86 -72.38
N PHE K 79 33.33 -66.89 -71.67
CA PHE K 79 33.65 -66.75 -70.22
C PHE K 79 35.14 -66.51 -70.12
N HIS K 80 35.62 -65.72 -69.18
CA HIS K 80 37.06 -65.44 -69.35
C HIS K 80 37.96 -66.59 -69.78
N GLU K 81 37.83 -67.75 -69.13
CA GLU K 81 38.77 -68.83 -69.39
C GLU K 81 38.89 -69.11 -70.89
N THR K 82 37.67 -69.23 -71.40
CA THR K 82 37.53 -69.49 -72.80
C THR K 82 38.18 -68.45 -73.68
N LEU K 83 38.28 -67.24 -73.28
CA LEU K 83 38.70 -66.16 -74.21
C LEU K 83 40.19 -66.34 -74.49
N TYR K 84 40.75 -67.08 -73.56
CA TYR K 84 42.16 -67.35 -73.60
C TYR K 84 42.53 -68.76 -73.94
N GLN K 85 41.70 -69.67 -74.36
CA GLN K 85 41.92 -71.01 -74.71
C GLN K 85 42.25 -71.24 -76.19
N LYS K 86 42.87 -72.38 -76.42
CA LYS K 86 43.21 -72.70 -77.79
C LYS K 86 42.60 -73.97 -78.33
N ASP K 87 42.52 -74.09 -79.66
CA ASP K 87 41.99 -75.37 -80.19
C ASP K 87 43.18 -76.33 -80.13
N SER K 88 42.96 -77.55 -80.50
CA SER K 88 44.01 -78.60 -80.60
C SER K 88 45.00 -78.07 -81.55
N GLN K 89 46.17 -77.67 -81.75
CA GLN K 89 46.67 -76.81 -82.80
C GLN K 89 47.16 -75.45 -82.27
N GLY K 90 46.67 -75.06 -81.12
CA GLY K 90 47.15 -73.88 -80.44
C GLY K 90 46.72 -72.60 -81.14
N LYS K 91 45.55 -72.73 -81.82
CA LYS K 91 45.08 -71.45 -82.43
C LYS K 91 44.04 -70.89 -81.42
N LEU K 92 44.00 -69.62 -81.11
CA LEU K 92 43.13 -69.16 -80.05
C LEU K 92 41.70 -69.23 -80.42
N PHE K 93 40.80 -69.65 -79.53
CA PHE K 93 39.41 -69.64 -79.97
C PHE K 93 38.94 -68.27 -80.47
N ARG K 94 39.29 -67.20 -79.76
CA ARG K 94 38.88 -65.84 -80.05
C ARG K 94 39.40 -65.41 -81.43
N ASN K 95 40.48 -66.07 -81.84
CA ASN K 95 40.92 -65.74 -83.21
C ASN K 95 40.22 -66.60 -84.26
N ILE K 96 39.85 -67.80 -83.81
CA ILE K 96 39.09 -68.58 -84.82
C ILE K 96 37.71 -67.98 -85.06
N LEU K 97 37.11 -67.43 -83.99
CA LEU K 97 35.81 -66.82 -84.17
C LEU K 97 35.90 -65.55 -85.02
N LYS K 98 36.83 -64.65 -84.63
CA LYS K 98 36.98 -63.44 -85.44
C LYS K 98 37.15 -63.73 -86.95
N GLU K 99 38.07 -64.61 -87.30
CA GLU K 99 38.17 -64.81 -88.73
C GLU K 99 36.87 -65.39 -89.31
N LYS K 100 36.06 -66.16 -88.58
CA LYS K 100 34.92 -66.65 -89.34
C LYS K 100 33.82 -65.57 -89.51
N GLY K 101 34.10 -64.33 -89.28
CA GLY K 101 33.21 -63.22 -89.32
C GLY K 101 32.42 -63.15 -88.01
N ILE K 102 32.79 -63.67 -86.83
CA ILE K 102 31.85 -63.58 -85.70
C ILE K 102 32.18 -62.60 -84.60
N VAL K 103 31.38 -61.62 -84.22
CA VAL K 103 31.88 -60.70 -83.15
C VAL K 103 32.10 -61.40 -81.82
N VAL K 104 33.09 -61.13 -81.01
CA VAL K 104 33.27 -61.95 -79.76
C VAL K 104 33.03 -61.10 -78.49
N GLY K 105 32.14 -61.62 -77.63
CA GLY K 105 31.76 -60.91 -76.42
C GLY K 105 32.34 -61.54 -75.16
N ILE K 106 32.32 -60.80 -74.03
CA ILE K 106 32.88 -61.37 -72.80
C ILE K 106 31.94 -61.15 -71.65
N LYS K 107 31.80 -62.10 -70.73
CA LYS K 107 30.89 -62.00 -69.58
C LYS K 107 31.68 -61.12 -68.64
N LEU K 108 31.17 -60.02 -68.16
CA LEU K 108 31.86 -59.04 -67.31
C LEU K 108 31.39 -58.93 -65.84
N ASP K 109 30.12 -59.35 -65.60
CA ASP K 109 29.56 -59.44 -64.27
C ASP K 109 30.26 -60.59 -63.55
N GLN K 110 30.24 -60.66 -62.25
CA GLN K 110 30.99 -61.58 -61.46
C GLN K 110 30.20 -62.19 -60.36
N GLY K 111 28.97 -62.57 -60.63
CA GLY K 111 28.17 -63.18 -59.57
C GLY K 111 27.57 -62.25 -58.52
N GLY K 112 26.59 -62.84 -57.85
CA GLY K 112 25.71 -62.24 -56.96
C GLY K 112 26.22 -61.96 -55.57
N ALA K 113 25.52 -61.00 -55.00
CA ALA K 113 25.79 -60.50 -53.65
C ALA K 113 24.41 -60.26 -53.00
N PRO K 114 24.29 -60.92 -51.89
CA PRO K 114 23.03 -60.95 -51.15
C PRO K 114 22.83 -59.49 -50.67
N LEU K 115 21.57 -59.18 -50.72
CA LEU K 115 21.11 -57.82 -50.39
C LEU K 115 20.46 -57.94 -49.00
N ALA K 116 20.94 -57.16 -48.07
CA ALA K 116 20.46 -57.41 -46.71
C ALA K 116 19.03 -56.97 -46.54
N GLY K 117 18.18 -57.60 -45.74
CA GLY K 117 16.86 -57.12 -45.39
C GLY K 117 15.88 -57.32 -46.51
N THR K 118 16.06 -58.46 -47.14
CA THR K 118 15.29 -58.75 -48.37
C THR K 118 14.94 -60.17 -48.40
N ASN K 119 13.94 -60.67 -49.08
CA ASN K 119 13.67 -62.06 -48.94
C ASN K 119 14.44 -62.82 -50.01
N LYS K 120 15.68 -63.02 -49.87
CA LYS K 120 16.58 -63.83 -50.58
C LYS K 120 17.00 -63.17 -51.85
N GLU K 121 16.84 -61.87 -51.94
CA GLU K 121 17.30 -61.16 -53.11
C GLU K 121 18.77 -60.74 -53.22
N THR K 122 19.33 -60.58 -54.46
CA THR K 122 20.64 -60.18 -54.62
C THR K 122 20.93 -58.98 -55.52
N THR K 123 22.16 -58.46 -55.46
CA THR K 123 22.61 -57.55 -56.47
C THR K 123 23.67 -58.40 -57.28
N ILE K 124 24.53 -57.65 -57.97
CA ILE K 124 25.54 -58.27 -58.77
C ILE K 124 26.83 -57.49 -58.62
N GLN K 125 27.94 -58.17 -58.36
CA GLN K 125 29.30 -57.71 -58.24
C GLN K 125 30.09 -57.66 -59.56
N GLY K 126 31.10 -56.83 -59.65
CA GLY K 126 31.95 -56.82 -60.81
C GLY K 126 32.34 -55.41 -61.21
N LEU K 127 31.90 -54.38 -60.43
CA LEU K 127 32.25 -53.10 -61.04
C LEU K 127 33.65 -52.69 -60.72
N ASP K 128 34.14 -53.33 -59.65
CA ASP K 128 35.52 -52.83 -59.26
C ASP K 128 36.47 -53.13 -60.38
N GLY K 129 37.29 -52.27 -60.91
CA GLY K 129 38.21 -52.62 -62.00
C GLY K 129 37.71 -53.03 -63.37
N LEU K 130 36.43 -52.70 -63.53
CA LEU K 130 35.74 -53.04 -64.75
C LEU K 130 36.41 -52.34 -65.92
N SER K 131 36.71 -51.09 -65.78
CA SER K 131 37.30 -50.29 -66.86
C SER K 131 38.54 -50.89 -67.51
N GLU K 132 39.43 -51.26 -66.57
CA GLU K 132 40.76 -51.73 -66.83
C GLU K 132 40.61 -53.12 -67.45
N ARG K 133 39.62 -53.87 -66.94
CA ARG K 133 39.28 -55.10 -67.67
C ARG K 133 38.62 -54.90 -69.03
N CYS K 134 37.71 -53.91 -69.17
CA CYS K 134 37.14 -53.69 -70.52
C CYS K 134 38.30 -53.38 -71.45
N ALA K 135 39.16 -52.38 -71.08
CA ALA K 135 40.17 -51.95 -72.04
C ALA K 135 41.10 -53.09 -72.49
N GLN K 136 41.39 -53.99 -71.57
CA GLN K 136 42.26 -55.08 -71.89
C GLN K 136 41.43 -55.95 -72.86
N TYR K 137 40.22 -56.38 -72.53
CA TYR K 137 39.48 -57.23 -73.43
C TYR K 137 39.35 -56.71 -74.86
N LYS K 138 39.12 -55.42 -74.93
CA LYS K 138 39.00 -54.72 -76.19
C LYS K 138 40.34 -54.82 -76.91
N LYS K 139 41.40 -54.72 -76.18
CA LYS K 139 42.68 -54.93 -76.90
C LYS K 139 42.76 -56.39 -77.34
N ASP K 140 41.98 -57.28 -76.79
CA ASP K 140 42.24 -58.68 -77.06
C ASP K 140 41.20 -59.10 -78.10
N GLY K 141 40.46 -58.13 -78.64
CA GLY K 141 39.59 -58.58 -79.75
C GLY K 141 38.15 -58.74 -79.38
N VAL K 142 37.82 -58.31 -78.13
CA VAL K 142 36.40 -58.47 -77.75
C VAL K 142 35.69 -57.20 -78.15
N ASP K 143 34.47 -57.25 -78.67
CA ASP K 143 33.75 -56.02 -78.95
C ASP K 143 32.46 -55.82 -78.16
N PHE K 144 32.06 -56.69 -77.27
CA PHE K 144 30.83 -56.43 -76.50
C PHE K 144 30.92 -57.21 -75.18
N GLY K 145 30.10 -56.75 -74.26
CA GLY K 145 30.05 -57.37 -72.95
C GLY K 145 28.75 -57.90 -72.51
N LYS K 146 28.67 -58.63 -71.42
CA LYS K 146 27.37 -59.14 -70.93
C LYS K 146 27.36 -59.10 -69.38
N TRP K 147 26.25 -58.71 -68.79
CA TRP K 147 26.11 -58.55 -67.32
C TRP K 147 24.75 -59.08 -66.97
N ARG K 148 24.67 -60.15 -66.22
CA ARG K 148 23.32 -60.64 -65.87
C ARG K 148 22.84 -60.25 -64.49
N ALA K 149 21.70 -59.64 -64.30
CA ALA K 149 21.08 -59.44 -62.98
C ALA K 149 19.95 -60.49 -62.88
N VAL K 150 19.74 -61.02 -61.68
CA VAL K 150 18.67 -61.97 -61.43
C VAL K 150 17.61 -61.39 -60.46
N LEU K 151 16.34 -61.31 -60.85
CA LEU K 151 15.23 -60.79 -60.06
C LEU K 151 14.17 -61.89 -59.95
N ARG K 152 13.57 -62.14 -58.80
CA ARG K 152 12.60 -63.22 -58.80
C ARG K 152 11.26 -62.63 -58.27
N ILE K 153 10.25 -63.41 -58.63
CA ILE K 153 8.90 -63.26 -58.16
C ILE K 153 8.58 -64.25 -57.02
N ALA K 154 8.28 -63.66 -55.84
CA ALA K 154 8.03 -64.44 -54.63
C ALA K 154 7.54 -63.55 -53.51
N ASP K 155 7.22 -64.12 -52.36
CA ASP K 155 6.83 -63.32 -51.19
C ASP K 155 7.75 -62.11 -51.10
N GLN K 156 7.21 -60.94 -51.38
CA GLN K 156 8.07 -59.75 -51.30
C GLN K 156 9.31 -59.62 -52.16
N CYS K 157 9.29 -60.24 -53.33
CA CYS K 157 10.22 -60.16 -54.45
C CYS K 157 9.46 -59.90 -55.74
N PRO K 158 9.88 -59.05 -56.66
CA PRO K 158 11.11 -58.31 -56.59
C PRO K 158 10.93 -57.02 -55.83
N SER K 159 11.73 -56.80 -54.82
CA SER K 159 11.52 -55.54 -54.04
C SER K 159 12.03 -54.35 -54.81
N SER K 160 11.52 -53.21 -54.48
CA SER K 160 12.08 -51.92 -54.90
C SER K 160 13.59 -51.80 -54.71
N LEU K 161 14.05 -52.38 -53.61
CA LEU K 161 15.50 -52.27 -53.40
C LEU K 161 16.21 -53.05 -54.53
N ALA K 162 15.69 -54.25 -54.70
CA ALA K 162 16.36 -55.19 -55.61
C ALA K 162 16.35 -54.56 -56.97
N ILE K 163 15.22 -54.05 -57.44
CA ILE K 163 15.11 -53.56 -58.83
C ILE K 163 16.01 -52.38 -58.99
N GLN K 164 15.82 -51.49 -57.98
CA GLN K 164 16.60 -50.28 -58.08
C GLN K 164 18.07 -50.57 -58.18
N GLU K 165 18.53 -51.47 -57.34
CA GLU K 165 20.00 -51.63 -57.22
C GLU K 165 20.50 -52.42 -58.38
N ASN K 166 19.86 -53.55 -58.75
CA ASN K 166 20.27 -54.21 -59.95
C ASN K 166 20.23 -53.26 -61.15
N ALA K 167 19.26 -52.35 -61.24
CA ALA K 167 19.28 -51.43 -62.41
C ALA K 167 20.52 -50.54 -62.46
N ASN K 168 20.69 -49.76 -61.41
CA ASN K 168 21.89 -48.90 -61.42
C ASN K 168 23.15 -49.71 -61.57
N ALA K 169 23.16 -50.94 -60.98
CA ALA K 169 24.49 -51.59 -61.17
C ALA K 169 24.61 -51.83 -62.69
N LEU K 170 23.47 -52.16 -63.31
CA LEU K 170 23.54 -52.41 -64.77
C LEU K 170 23.94 -51.13 -65.51
N ALA K 171 23.47 -50.06 -64.86
CA ALA K 171 23.72 -48.76 -65.48
C ALA K 171 25.18 -48.41 -65.47
N ARG K 172 25.90 -48.48 -64.36
CA ARG K 172 27.32 -48.28 -64.18
C ARG K 172 28.10 -49.25 -65.09
N TYR K 173 27.74 -50.52 -65.16
CA TYR K 173 28.37 -51.44 -66.09
C TYR K 173 28.28 -51.03 -67.57
N ALA K 174 27.10 -50.61 -68.03
CA ALA K 174 26.83 -50.10 -69.37
C ALA K 174 27.63 -48.86 -69.55
N SER K 175 27.59 -47.84 -68.74
CA SER K 175 28.47 -46.68 -69.00
C SER K 175 29.94 -46.91 -69.27
N ILE K 176 30.52 -47.80 -68.45
CA ILE K 176 31.90 -48.24 -68.43
C ILE K 176 32.25 -49.05 -69.67
N CYS K 177 31.58 -50.16 -70.02
CA CYS K 177 31.95 -50.71 -71.34
C CYS K 177 31.88 -49.60 -72.41
N GLN K 178 30.90 -48.65 -72.32
CA GLN K 178 30.82 -47.71 -73.42
C GLN K 178 32.06 -46.78 -73.47
N GLN K 179 32.59 -46.43 -72.32
CA GLN K 179 33.80 -45.63 -72.34
C GLN K 179 34.91 -46.52 -72.91
N ASN K 180 34.72 -47.82 -73.05
CA ASN K 180 35.84 -48.57 -73.57
C ASN K 180 35.55 -49.29 -74.89
N GLY K 181 34.66 -48.80 -75.72
CA GLY K 181 34.33 -49.24 -77.03
C GLY K 181 33.73 -50.63 -77.12
N LEU K 182 33.21 -51.08 -76.02
CA LEU K 182 32.56 -52.36 -75.91
C LEU K 182 31.02 -52.16 -75.90
N VAL K 183 30.20 -52.92 -76.59
CA VAL K 183 28.78 -52.71 -76.50
C VAL K 183 28.22 -53.55 -75.37
N PRO K 184 27.56 -52.91 -74.43
CA PRO K 184 27.06 -53.63 -73.29
C PRO K 184 25.82 -54.46 -73.51
N ILE K 185 25.81 -55.73 -73.27
CA ILE K 185 24.46 -56.35 -73.33
C ILE K 185 23.90 -56.28 -71.91
N VAL K 186 22.74 -55.74 -71.67
CA VAL K 186 22.16 -55.54 -70.33
C VAL K 186 21.16 -56.63 -70.08
N GLU K 187 21.39 -57.54 -69.16
CA GLU K 187 20.37 -58.61 -69.04
C GLU K 187 19.72 -58.65 -67.66
N PRO K 188 18.62 -57.97 -67.47
CA PRO K 188 17.90 -57.90 -66.21
C PRO K 188 16.99 -59.13 -66.30
N GLU K 189 17.47 -60.30 -65.88
CA GLU K 189 16.52 -61.41 -66.09
C GLU K 189 15.49 -61.60 -65.07
N VAL K 190 14.26 -61.81 -65.38
CA VAL K 190 13.22 -62.19 -64.38
C VAL K 190 13.10 -63.69 -64.45
N ILE K 191 13.72 -64.40 -63.57
CA ILE K 191 13.63 -65.84 -63.31
C ILE K 191 12.27 -66.44 -63.21
N PRO K 192 12.05 -67.50 -63.92
CA PRO K 192 10.78 -68.17 -64.10
C PRO K 192 10.36 -69.00 -62.92
N ASP K 193 11.35 -69.07 -61.99
CA ASP K 193 11.03 -69.96 -60.85
C ASP K 193 9.66 -69.64 -60.24
N GLY K 194 8.77 -70.63 -60.10
CA GLY K 194 7.64 -70.31 -59.25
C GLY K 194 6.35 -70.69 -59.95
N ASP K 195 5.29 -70.38 -59.28
CA ASP K 195 3.91 -70.62 -59.51
C ASP K 195 3.14 -69.62 -60.36
N HIS K 196 3.66 -68.39 -60.31
CA HIS K 196 2.95 -67.28 -60.94
C HIS K 196 2.64 -67.57 -62.39
N ASP K 197 1.57 -66.95 -62.85
CA ASP K 197 1.08 -67.02 -64.19
C ASP K 197 1.69 -65.96 -65.10
N LEU K 198 1.22 -66.06 -66.36
CA LEU K 198 1.73 -65.21 -67.42
C LEU K 198 1.56 -63.73 -67.15
N GLU K 199 0.38 -63.39 -66.61
CA GLU K 199 0.08 -61.97 -66.36
C GLU K 199 0.99 -61.37 -65.30
N HIS K 200 1.34 -62.28 -64.35
CA HIS K 200 2.17 -61.81 -63.25
C HIS K 200 3.57 -61.51 -63.70
N CYS K 201 3.99 -62.37 -64.68
CA CYS K 201 5.37 -62.29 -65.19
C CYS K 201 5.41 -61.02 -66.00
N GLN K 202 4.28 -60.82 -66.74
CA GLN K 202 4.31 -59.61 -67.59
C GLN K 202 4.45 -58.29 -66.88
N TYR K 203 3.64 -58.28 -65.76
CA TYR K 203 3.60 -57.12 -64.91
C TYR K 203 5.00 -56.82 -64.34
N VAL K 204 5.65 -57.90 -63.76
CA VAL K 204 6.98 -57.70 -63.17
C VAL K 204 7.99 -57.29 -64.21
N THR K 205 7.93 -57.83 -65.43
CA THR K 205 8.98 -57.49 -66.42
C THR K 205 8.70 -56.08 -66.90
N GLU K 206 7.38 -55.70 -66.96
CA GLU K 206 7.32 -54.26 -67.37
C GLU K 206 7.83 -53.39 -66.23
N LYS K 207 7.62 -53.77 -64.96
CA LYS K 207 8.19 -52.89 -63.90
C LYS K 207 9.70 -52.89 -63.94
N VAL K 208 10.33 -54.06 -63.96
CA VAL K 208 11.80 -54.13 -64.08
C VAL K 208 12.37 -53.47 -65.32
N LEU K 209 11.79 -53.52 -66.52
CA LEU K 209 12.40 -52.83 -67.66
C LEU K 209 12.32 -51.31 -67.49
N ALA K 210 11.18 -50.84 -66.98
CA ALA K 210 11.13 -49.38 -66.84
C ALA K 210 12.19 -48.91 -65.85
N ALA K 211 12.46 -49.62 -64.74
CA ALA K 211 13.58 -49.10 -63.91
C ALA K 211 14.97 -49.06 -64.63
N VAL K 212 15.15 -50.11 -65.43
CA VAL K 212 16.45 -50.36 -66.05
C VAL K 212 16.87 -49.22 -66.94
N TYR K 213 15.92 -48.85 -67.81
CA TYR K 213 16.03 -47.81 -68.83
C TYR K 213 16.03 -46.37 -68.38
N LYS K 214 15.20 -46.13 -67.35
CA LYS K 214 15.26 -44.83 -66.69
C LYS K 214 16.64 -44.74 -66.02
N ALA K 215 17.11 -45.88 -65.45
CA ALA K 215 18.44 -45.72 -64.83
C ALA K 215 19.52 -45.36 -65.83
N LEU K 216 19.61 -46.20 -66.89
CA LEU K 216 20.54 -46.06 -67.99
C LEU K 216 20.50 -44.62 -68.49
N ASN K 217 19.25 -44.11 -68.49
CA ASN K 217 19.16 -42.68 -68.90
C ASN K 217 19.81 -41.80 -67.85
N ASP K 218 19.54 -42.01 -66.55
CA ASP K 218 20.22 -41.13 -65.53
C ASP K 218 21.70 -41.24 -65.76
N HIS K 219 22.05 -42.51 -66.09
CA HIS K 219 23.57 -42.61 -66.13
C HIS K 219 24.09 -42.21 -67.51
N HIS K 220 23.35 -41.42 -68.30
CA HIS K 220 23.91 -41.20 -69.62
C HIS K 220 24.37 -42.33 -70.53
N VAL K 221 23.86 -43.56 -70.45
CA VAL K 221 24.31 -44.59 -71.40
C VAL K 221 23.75 -44.36 -72.79
N TYR K 222 24.43 -44.79 -73.85
CA TYR K 222 24.03 -44.50 -75.21
C TYR K 222 23.25 -45.65 -75.81
N LEU K 223 21.95 -45.53 -75.70
CA LEU K 223 21.11 -46.66 -76.08
C LEU K 223 21.46 -47.33 -77.39
N GLU K 224 21.82 -46.57 -78.41
CA GLU K 224 21.99 -47.07 -79.79
C GLU K 224 23.17 -48.04 -79.88
N GLY K 225 23.89 -48.03 -78.78
CA GLY K 225 25.07 -48.82 -78.58
C GLY K 225 25.02 -49.79 -77.45
N THR K 226 23.93 -50.50 -77.41
CA THR K 226 23.57 -51.41 -76.32
C THR K 226 22.80 -52.57 -76.81
N LEU K 227 22.67 -53.68 -76.13
CA LEU K 227 21.66 -54.66 -76.64
C LEU K 227 20.83 -54.99 -75.44
N LEU K 228 19.76 -55.74 -75.51
CA LEU K 228 18.97 -56.04 -74.33
C LEU K 228 18.79 -57.55 -74.39
N LYS K 229 18.96 -58.21 -73.29
CA LYS K 229 18.74 -59.64 -73.17
C LYS K 229 17.80 -59.85 -71.98
N PRO K 230 16.53 -59.83 -72.21
CA PRO K 230 15.55 -60.02 -71.17
C PRO K 230 14.94 -61.38 -71.34
N ASN K 231 14.05 -61.57 -70.38
CA ASN K 231 13.33 -62.85 -70.37
C ASN K 231 12.10 -62.58 -71.20
N MET K 232 11.73 -63.69 -71.72
CA MET K 232 10.55 -63.76 -72.53
C MET K 232 9.48 -63.69 -71.42
N VAL K 233 8.31 -63.19 -71.80
CA VAL K 233 7.24 -63.16 -70.82
C VAL K 233 6.55 -64.51 -70.75
N THR K 234 6.80 -65.21 -69.62
CA THR K 234 6.14 -66.52 -69.46
C THR K 234 5.56 -66.80 -68.06
N ALA K 235 4.77 -67.86 -67.98
CA ALA K 235 4.25 -68.23 -66.69
C ALA K 235 5.43 -68.83 -65.90
N GLY K 236 5.25 -68.83 -64.58
CA GLY K 236 6.29 -69.34 -63.71
C GLY K 236 6.49 -70.83 -63.93
N HIS K 237 7.61 -71.35 -63.46
CA HIS K 237 7.82 -72.77 -63.63
C HIS K 237 6.77 -73.68 -63.05
N ALA K 238 6.12 -73.30 -61.98
CA ALA K 238 5.21 -74.26 -61.38
C ALA K 238 3.81 -73.83 -61.75
N CYS K 239 3.72 -72.76 -62.57
CA CYS K 239 2.30 -72.50 -62.91
C CYS K 239 1.82 -73.71 -63.75
N THR K 240 0.62 -74.12 -63.41
CA THR K 240 -0.06 -75.19 -64.11
C THR K 240 -0.87 -74.76 -65.34
N LYS K 241 -1.11 -73.45 -65.49
CA LYS K 241 -1.86 -73.12 -66.72
C LYS K 241 -0.84 -73.34 -67.80
N LYS K 242 -1.25 -73.76 -68.95
CA LYS K 242 -0.48 -73.97 -70.13
C LYS K 242 -0.74 -72.83 -71.13
N TYR K 243 0.36 -72.33 -71.79
CA TYR K 243 0.16 -71.28 -72.75
C TYR K 243 0.72 -71.69 -74.08
N THR K 244 0.35 -71.00 -75.10
CA THR K 244 0.68 -71.05 -76.50
C THR K 244 1.86 -70.09 -76.76
N PRO K 245 2.73 -70.33 -77.71
CA PRO K 245 3.79 -69.47 -78.09
C PRO K 245 3.23 -68.11 -78.42
N GLU K 246 2.10 -68.19 -79.08
CA GLU K 246 1.47 -66.97 -79.44
C GLU K 246 1.06 -66.28 -78.13
N GLN K 247 0.51 -66.94 -77.13
CA GLN K 247 0.16 -66.16 -75.93
C GLN K 247 1.40 -65.49 -75.29
N VAL K 248 2.53 -66.21 -75.30
CA VAL K 248 3.78 -65.87 -74.81
C VAL K 248 4.32 -64.66 -75.60
N ALA K 249 4.04 -64.75 -76.90
CA ALA K 249 4.60 -63.64 -77.69
C ALA K 249 3.85 -62.35 -77.39
N MET K 250 2.54 -62.47 -77.20
CA MET K 250 1.73 -61.27 -77.01
C MET K 250 2.09 -60.59 -75.70
N ALA K 251 2.33 -61.45 -74.68
CA ALA K 251 2.75 -60.79 -73.44
C ALA K 251 4.14 -60.20 -73.49
N THR K 252 5.02 -60.79 -74.27
CA THR K 252 6.41 -60.36 -74.36
C THR K 252 6.58 -59.07 -75.14
N VAL K 253 5.82 -59.11 -76.27
CA VAL K 253 5.89 -57.93 -77.12
C VAL K 253 5.14 -56.78 -76.57
N THR K 254 4.04 -57.02 -75.86
CA THR K 254 3.39 -55.93 -75.11
C THR K 254 4.30 -55.21 -74.13
N ALA K 255 4.90 -55.97 -73.17
CA ALA K 255 5.78 -55.52 -72.12
C ALA K 255 6.94 -54.78 -72.74
N LEU K 256 7.60 -55.33 -73.76
CA LEU K 256 8.78 -54.71 -74.35
C LEU K 256 8.42 -53.41 -75.06
N HIS K 257 7.38 -53.42 -75.87
CA HIS K 257 7.00 -52.17 -76.57
C HIS K 257 6.51 -51.12 -75.59
N ARG K 258 6.19 -51.39 -74.31
CA ARG K 258 5.78 -50.30 -73.46
C ARG K 258 7.05 -49.82 -72.72
N THR K 259 8.14 -50.60 -72.69
CA THR K 259 9.29 -50.09 -71.90
C THR K 259 10.61 -50.09 -72.62
N VAL K 260 10.93 -50.81 -73.67
CA VAL K 260 12.24 -50.62 -74.31
C VAL K 260 12.26 -49.64 -75.41
N PRO K 261 12.93 -48.53 -75.32
CA PRO K 261 13.01 -47.51 -76.35
C PRO K 261 13.46 -48.04 -77.71
N ALA K 262 13.00 -47.51 -78.79
CA ALA K 262 13.21 -47.74 -80.16
C ALA K 262 14.67 -47.59 -80.52
N ALA K 263 15.39 -46.78 -79.76
CA ALA K 263 16.83 -46.67 -80.01
C ALA K 263 17.64 -47.94 -79.67
N VAL K 264 17.17 -48.83 -78.84
CA VAL K 264 17.90 -50.05 -78.59
C VAL K 264 17.80 -50.94 -79.82
N PRO K 265 18.90 -51.24 -80.50
CA PRO K 265 18.80 -51.88 -81.81
C PRO K 265 18.33 -53.29 -81.84
N GLY K 266 18.84 -54.05 -80.85
CA GLY K 266 18.21 -55.42 -80.95
C GLY K 266 17.92 -55.87 -79.54
N ILE K 267 17.06 -56.82 -79.43
CA ILE K 267 16.69 -57.47 -78.18
C ILE K 267 16.90 -58.98 -78.42
N CYS K 268 17.80 -59.62 -77.68
CA CYS K 268 18.18 -60.99 -77.73
C CYS K 268 17.82 -61.77 -76.44
N PHE K 269 16.72 -62.55 -76.56
CA PHE K 269 16.08 -63.11 -75.43
C PHE K 269 16.98 -64.19 -74.87
N LEU K 270 17.03 -64.43 -73.59
CA LEU K 270 17.65 -65.57 -72.97
C LEU K 270 16.58 -66.69 -73.10
N SER K 271 17.01 -67.93 -73.11
CA SER K 271 16.02 -68.97 -73.25
C SER K 271 15.57 -69.47 -71.90
N GLY K 272 16.46 -69.39 -70.95
CA GLY K 272 16.27 -69.84 -69.63
C GLY K 272 15.66 -71.13 -69.24
N GLY K 273 15.89 -72.25 -69.87
CA GLY K 273 15.24 -73.45 -69.32
C GLY K 273 14.20 -74.03 -70.22
N MET K 274 13.74 -73.23 -71.12
CA MET K 274 12.81 -73.57 -72.18
C MET K 274 13.49 -74.58 -73.12
N SER K 275 12.71 -75.53 -73.64
CA SER K 275 13.30 -76.56 -74.50
C SER K 275 13.93 -75.96 -75.74
N GLU K 276 14.87 -76.69 -76.39
CA GLU K 276 15.36 -76.01 -77.62
C GLU K 276 14.23 -75.67 -78.61
N GLU K 277 13.21 -76.58 -78.69
CA GLU K 277 12.12 -76.33 -79.64
C GLU K 277 11.26 -75.18 -79.13
N ASP K 278 10.97 -75.14 -77.84
CA ASP K 278 10.16 -74.04 -77.34
C ASP K 278 10.86 -72.74 -77.57
N ALA K 279 12.15 -72.73 -77.22
CA ALA K 279 12.90 -71.43 -77.41
C ALA K 279 12.83 -70.91 -78.84
N THR K 280 12.62 -71.81 -79.79
CA THR K 280 12.48 -71.44 -81.19
C THR K 280 11.04 -71.05 -81.57
N LEU K 281 10.05 -71.93 -81.21
CA LEU K 281 8.69 -71.56 -81.46
C LEU K 281 8.36 -70.23 -80.76
N ASN K 282 8.78 -69.99 -79.53
CA ASN K 282 8.44 -68.70 -78.97
C ASN K 282 9.04 -67.53 -79.75
N LEU K 283 10.33 -67.56 -80.10
CA LEU K 283 10.91 -66.34 -80.72
C LEU K 283 10.27 -66.11 -82.05
N ASN K 284 9.95 -67.25 -82.66
CA ASN K 284 9.31 -67.16 -83.98
C ASN K 284 8.03 -66.39 -83.69
N ALA K 285 7.20 -66.89 -82.77
CA ALA K 285 5.94 -66.18 -82.41
C ALA K 285 6.18 -64.74 -82.09
N ILE K 286 7.21 -64.47 -81.36
CA ILE K 286 7.42 -62.99 -81.10
C ILE K 286 7.68 -62.18 -82.35
N ASN K 287 8.39 -62.81 -83.36
CA ASN K 287 8.58 -62.06 -84.61
C ASN K 287 7.29 -61.85 -85.39
N LEU K 288 6.27 -62.70 -85.25
CA LEU K 288 4.98 -62.43 -85.90
C LEU K 288 3.89 -61.75 -85.05
N CYS K 289 4.17 -61.39 -83.78
CA CYS K 289 3.18 -60.68 -82.97
C CYS K 289 2.76 -59.38 -83.60
N PRO K 290 1.48 -59.12 -83.74
CA PRO K 290 1.01 -57.88 -84.34
C PRO K 290 1.02 -56.75 -83.33
N LEU K 291 2.14 -56.17 -83.06
CA LEU K 291 2.41 -55.01 -82.27
C LEU K 291 3.61 -54.27 -82.88
N PRO K 292 3.75 -53.01 -82.58
CA PRO K 292 4.91 -52.23 -83.02
C PRO K 292 6.14 -52.96 -82.59
N LYS K 293 7.14 -53.17 -83.42
CA LYS K 293 8.40 -53.78 -83.01
C LYS K 293 9.61 -53.01 -83.42
N PRO K 294 10.00 -51.88 -82.90
CA PRO K 294 10.98 -51.09 -83.61
C PRO K 294 12.36 -51.69 -83.61
N TRP K 295 12.67 -52.74 -82.86
CA TRP K 295 13.98 -53.34 -82.73
C TRP K 295 14.14 -54.81 -83.20
N LYS K 296 15.35 -55.28 -83.45
CA LYS K 296 15.37 -56.63 -83.89
C LYS K 296 14.89 -57.42 -82.67
N LEU K 297 14.17 -58.53 -83.04
CA LEU K 297 13.85 -59.49 -82.02
C LEU K 297 14.57 -60.79 -82.34
N SER K 298 15.62 -61.17 -81.61
CA SER K 298 16.44 -62.31 -81.83
C SER K 298 16.57 -63.14 -80.58
N PHE K 299 17.54 -64.00 -80.61
CA PHE K 299 17.97 -64.89 -79.55
C PHE K 299 19.42 -64.59 -79.10
N SER K 300 19.69 -64.82 -77.84
CA SER K 300 21.04 -64.88 -77.28
C SER K 300 20.98 -66.11 -76.37
N TYR K 301 20.98 -67.31 -76.90
CA TYR K 301 20.83 -68.54 -76.16
C TYR K 301 22.11 -69.29 -75.72
N GLY K 302 21.99 -69.96 -74.56
CA GLY K 302 23.00 -70.82 -73.88
C GLY K 302 22.51 -72.26 -74.08
N ARG K 303 21.64 -72.68 -73.13
CA ARG K 303 21.09 -74.00 -73.27
C ARG K 303 20.42 -74.45 -74.55
N ALA K 304 19.52 -73.63 -75.07
CA ALA K 304 18.72 -73.88 -76.25
C ALA K 304 19.43 -74.00 -77.59
N LEU K 305 20.64 -73.46 -77.70
CA LEU K 305 21.50 -73.73 -78.86
C LEU K 305 22.42 -74.88 -78.49
N GLN K 306 22.46 -75.41 -77.27
CA GLN K 306 23.45 -76.44 -76.96
C GLN K 306 23.04 -77.76 -76.41
N ALA K 307 21.83 -78.01 -75.98
CA ALA K 307 21.35 -79.20 -75.39
C ALA K 307 21.52 -80.40 -76.24
N SER K 308 21.04 -80.37 -77.44
CA SER K 308 21.29 -81.52 -78.31
C SER K 308 22.73 -81.64 -78.72
N ALA K 309 23.60 -80.63 -78.84
CA ALA K 309 24.97 -80.93 -79.22
C ALA K 309 25.76 -81.69 -78.12
N LEU K 310 25.34 -81.35 -76.91
CA LEU K 310 25.93 -81.86 -75.71
C LEU K 310 25.54 -83.33 -75.80
N ALA K 311 24.26 -83.57 -75.92
CA ALA K 311 23.86 -84.97 -75.91
C ALA K 311 24.54 -85.77 -77.01
N ALA K 312 24.57 -85.20 -78.23
CA ALA K 312 25.30 -85.93 -79.28
C ALA K 312 26.78 -86.05 -78.92
N TRP K 313 27.40 -85.07 -78.32
CA TRP K 313 28.79 -85.23 -77.99
C TRP K 313 29.03 -86.38 -77.05
N GLY K 314 28.45 -86.34 -75.87
CA GLY K 314 28.71 -87.39 -74.88
C GLY K 314 30.14 -87.39 -74.35
N GLY K 315 30.86 -86.30 -74.67
CA GLY K 315 32.22 -86.14 -74.18
C GLY K 315 33.17 -86.98 -75.00
N LYS K 316 32.76 -87.45 -76.15
CA LYS K 316 33.57 -88.29 -77.04
C LYS K 316 34.04 -87.56 -78.28
N ALA K 317 35.33 -87.56 -78.49
CA ALA K 317 35.82 -86.85 -79.68
C ALA K 317 35.24 -87.36 -80.98
N ALA K 318 35.00 -88.65 -81.04
CA ALA K 318 34.42 -89.26 -82.19
C ALA K 318 33.04 -88.69 -82.44
N ASN K 319 32.41 -88.01 -81.45
CA ASN K 319 31.07 -87.53 -81.83
C ASN K 319 31.02 -86.16 -82.51
N LYS K 320 32.15 -85.63 -82.93
CA LYS K 320 32.34 -84.31 -83.42
C LYS K 320 31.23 -83.94 -84.38
N GLU K 321 31.19 -84.64 -85.49
CA GLU K 321 30.27 -84.38 -86.57
C GLU K 321 28.83 -84.28 -86.04
N ALA K 322 28.37 -85.25 -85.31
CA ALA K 322 26.99 -85.15 -84.88
C ALA K 322 26.91 -83.94 -83.95
N THR K 323 27.94 -83.71 -83.16
CA THR K 323 27.94 -82.57 -82.25
C THR K 323 27.70 -81.30 -83.05
N GLN K 324 28.53 -81.14 -84.06
CA GLN K 324 28.38 -79.95 -84.89
C GLN K 324 27.09 -79.74 -85.63
N GLU K 325 26.43 -80.79 -86.00
CA GLU K 325 25.21 -80.93 -86.74
C GLU K 325 24.08 -80.42 -85.89
N ALA K 326 23.96 -80.87 -84.66
CA ALA K 326 22.97 -80.37 -83.71
C ALA K 326 23.14 -78.86 -83.57
N PHE K 327 24.29 -78.39 -83.06
CA PHE K 327 24.48 -76.97 -82.91
C PHE K 327 24.04 -76.22 -84.17
N MET K 328 24.59 -76.68 -85.26
CA MET K 328 24.29 -76.01 -86.52
C MET K 328 22.78 -75.98 -86.71
N LYS K 329 22.12 -77.14 -86.61
CA LYS K 329 20.70 -77.21 -86.78
C LYS K 329 20.03 -76.27 -85.76
N ARG K 330 20.38 -76.16 -84.48
CA ARG K 330 19.65 -75.14 -83.75
C ARG K 330 20.07 -73.72 -84.10
N ALA K 331 21.25 -73.51 -84.71
CA ALA K 331 21.55 -72.10 -84.99
C ALA K 331 20.72 -71.53 -86.14
N MET K 332 20.48 -72.37 -87.10
CA MET K 332 19.74 -72.14 -88.31
C MET K 332 18.27 -72.07 -87.97
N ALA K 333 17.81 -72.98 -87.11
CA ALA K 333 16.41 -72.79 -86.72
C ALA K 333 16.17 -71.48 -85.96
N ASN K 334 17.10 -70.98 -85.20
CA ASN K 334 16.75 -69.76 -84.46
C ASN K 334 16.90 -68.53 -85.33
N CYS K 335 17.73 -68.69 -86.33
CA CYS K 335 17.87 -67.50 -87.24
C CYS K 335 16.66 -67.33 -88.11
N GLN K 336 15.99 -68.44 -88.38
CA GLN K 336 14.74 -68.44 -89.12
C GLN K 336 13.69 -67.88 -88.14
N ALA K 337 13.76 -68.34 -86.93
CA ALA K 337 12.76 -67.78 -85.99
C ALA K 337 13.00 -66.30 -85.83
N ALA K 338 14.28 -65.85 -85.83
CA ALA K 338 14.44 -64.40 -85.64
C ALA K 338 13.87 -63.54 -86.77
N LYS K 339 13.44 -64.22 -87.82
CA LYS K 339 12.82 -63.51 -88.94
C LYS K 339 11.38 -64.01 -89.06
N GLY K 340 10.90 -64.76 -88.10
CA GLY K 340 9.50 -65.19 -88.11
C GLY K 340 9.18 -66.09 -89.27
N GLN K 341 10.08 -66.95 -89.68
CA GLN K 341 10.00 -67.86 -90.80
C GLN K 341 10.15 -69.31 -90.36
N TYR K 342 10.34 -69.60 -89.06
CA TYR K 342 10.49 -71.01 -88.70
C TYR K 342 9.15 -71.72 -88.62
N VAL K 343 8.99 -72.97 -89.05
CA VAL K 343 7.79 -73.81 -88.87
C VAL K 343 8.20 -75.20 -88.43
N HIS K 344 7.61 -75.86 -87.45
CA HIS K 344 8.05 -77.07 -86.83
C HIS K 344 8.40 -78.28 -87.66
N THR K 345 7.37 -78.76 -88.29
CA THR K 345 7.35 -79.94 -89.11
C THR K 345 7.35 -81.29 -88.39
N GLY K 346 6.73 -81.41 -87.23
CA GLY K 346 6.65 -82.58 -86.39
C GLY K 346 7.84 -83.51 -86.54
N SER K 347 8.58 -84.05 -85.58
CA SER K 347 9.58 -85.07 -85.82
C SER K 347 10.00 -85.52 -84.40
N SER K 348 10.50 -84.50 -83.81
CA SER K 348 11.33 -83.61 -83.18
C SER K 348 12.58 -83.98 -82.43
N GLY K 349 12.92 -84.98 -81.62
CA GLY K 349 14.42 -84.82 -81.21
C GLY K 349 14.30 -84.60 -79.69
N ALA K 350 14.14 -85.71 -78.97
CA ALA K 350 13.85 -85.60 -77.55
C ALA K 350 14.86 -84.70 -76.87
N ALA K 351 16.07 -84.65 -77.46
CA ALA K 351 17.14 -83.82 -76.92
C ALA K 351 16.71 -82.34 -76.84
N SER K 352 15.91 -82.05 -77.85
CA SER K 352 15.38 -80.76 -78.21
C SER K 352 13.97 -80.50 -77.72
N THR K 353 13.51 -81.51 -77.01
CA THR K 353 12.13 -81.48 -76.50
C THR K 353 12.04 -81.45 -75.01
N GLN K 354 13.15 -81.55 -74.27
CA GLN K 354 13.13 -81.73 -72.83
C GLN K 354 13.51 -80.54 -72.01
N SER K 355 13.12 -80.42 -70.73
CA SER K 355 13.40 -79.09 -70.17
C SER K 355 14.90 -78.85 -70.03
N LEU K 356 15.33 -77.66 -69.65
CA LEU K 356 16.71 -77.34 -69.38
C LEU K 356 16.81 -76.42 -68.17
N PHE K 357 15.83 -76.34 -67.27
CA PHE K 357 15.96 -75.64 -66.01
C PHE K 357 14.68 -75.71 -65.11
N ALA L 1 12.40 -56.46 -48.73
CA ALA L 1 10.97 -56.01 -48.80
C ALA L 1 10.31 -55.48 -47.53
N HIS L 2 9.60 -56.30 -46.76
CA HIS L 2 9.03 -56.00 -45.44
C HIS L 2 9.73 -56.96 -44.43
N ARG L 3 9.03 -57.56 -43.48
CA ARG L 3 9.64 -58.51 -42.55
C ARG L 3 11.09 -58.72 -42.96
N PHE L 4 11.47 -59.95 -43.31
CA PHE L 4 12.83 -60.22 -43.71
C PHE L 4 13.85 -59.18 -43.25
N PRO L 5 14.07 -59.12 -41.93
CA PRO L 5 14.95 -58.17 -41.27
C PRO L 5 16.45 -58.40 -41.42
N ALA L 6 17.15 -57.27 -41.61
CA ALA L 6 18.54 -57.33 -41.84
C ALA L 6 19.29 -57.91 -40.67
N LEU L 7 18.94 -57.51 -39.45
CA LEU L 7 19.83 -57.95 -38.36
C LEU L 7 19.07 -58.53 -37.16
N THR L 8 19.60 -59.38 -36.31
CA THR L 8 19.06 -59.86 -35.10
C THR L 8 19.29 -58.77 -34.02
N GLN L 9 18.38 -58.87 -33.06
CA GLN L 9 18.56 -57.93 -31.96
C GLN L 9 19.98 -57.92 -31.44
N GLU L 10 20.52 -59.13 -31.17
CA GLU L 10 21.92 -59.11 -30.66
C GLU L 10 22.94 -58.41 -31.61
N GLN L 11 22.67 -58.70 -32.92
CA GLN L 11 23.57 -58.04 -33.88
C GLN L 11 23.52 -56.56 -33.55
N LYS L 12 22.21 -56.19 -33.37
CA LYS L 12 22.03 -54.74 -33.15
C LYS L 12 22.76 -54.22 -31.90
N LYS L 13 22.59 -55.09 -30.90
CA LYS L 13 23.23 -54.59 -29.63
C LYS L 13 24.72 -54.48 -29.73
N GLU L 14 25.29 -55.49 -30.39
CA GLU L 14 26.74 -55.36 -30.57
C GLU L 14 27.15 -54.10 -31.28
N LEU L 15 26.48 -53.94 -32.48
CA LEU L 15 26.93 -52.77 -33.29
C LEU L 15 26.70 -51.48 -32.54
N SER L 16 25.49 -51.48 -31.90
CA SER L 16 25.20 -50.16 -31.14
C SER L 16 26.23 -49.81 -30.04
N GLU L 17 26.53 -50.97 -29.30
CA GLU L 17 27.60 -50.78 -28.29
C GLU L 17 28.89 -50.34 -28.92
N ILE L 18 29.26 -50.88 -30.10
CA ILE L 18 30.57 -50.48 -30.69
C ILE L 18 30.45 -49.02 -31.09
N ALA L 19 29.26 -48.78 -31.72
CA ALA L 19 29.19 -47.37 -32.16
C ALA L 19 29.35 -46.38 -31.01
N GLN L 20 28.58 -46.52 -29.91
CA GLN L 20 28.73 -45.37 -28.99
C GLN L 20 30.03 -45.38 -28.19
N SER L 21 30.60 -46.59 -28.11
CA SER L 21 31.85 -46.80 -27.39
C SER L 21 32.96 -45.98 -28.00
N ILE L 22 32.82 -45.70 -29.29
CA ILE L 22 33.92 -44.92 -29.93
C ILE L 22 33.70 -43.46 -29.64
N VAL L 23 32.51 -42.96 -29.25
CA VAL L 23 32.58 -41.46 -29.18
C VAL L 23 32.21 -41.20 -27.70
N ALA L 24 32.21 -42.26 -26.88
CA ALA L 24 31.78 -42.16 -25.54
C ALA L 24 32.30 -40.98 -24.77
N ASN L 25 33.54 -40.47 -24.66
CA ASN L 25 33.24 -39.40 -23.55
C ASN L 25 34.17 -38.24 -23.84
N GLY L 26 33.61 -37.46 -24.77
CA GLY L 26 34.56 -36.41 -25.24
C GLY L 26 35.42 -37.25 -26.25
N LYS L 27 35.29 -38.59 -26.37
CA LYS L 27 36.42 -39.07 -27.25
C LYS L 27 36.20 -38.81 -28.72
N GLY L 28 37.25 -38.99 -29.48
CA GLY L 28 37.12 -39.02 -30.93
C GLY L 28 38.05 -40.00 -31.67
N ILE L 29 38.27 -39.71 -32.98
CA ILE L 29 38.94 -40.70 -33.83
C ILE L 29 40.15 -40.18 -34.54
N LEU L 30 41.16 -41.08 -34.58
CA LEU L 30 42.43 -40.75 -35.19
C LEU L 30 42.43 -41.55 -36.50
N ALA L 31 42.55 -40.75 -37.56
CA ALA L 31 42.34 -41.28 -38.92
C ALA L 31 43.74 -41.42 -39.49
N ALA L 32 44.24 -42.59 -39.19
CA ALA L 32 45.63 -42.88 -39.53
C ALA L 32 45.61 -43.80 -40.73
N ASP L 33 44.59 -43.56 -41.56
CA ASP L 33 44.40 -44.53 -42.68
C ASP L 33 44.72 -43.93 -44.02
N GLU L 34 45.78 -43.08 -43.93
CA GLU L 34 46.36 -42.67 -45.20
C GLU L 34 46.72 -43.89 -46.01
N SER L 35 46.48 -43.83 -47.30
CA SER L 35 47.01 -44.78 -48.26
C SER L 35 48.46 -44.38 -48.59
N VAL L 36 49.11 -45.38 -49.18
CA VAL L 36 50.50 -45.28 -49.59
C VAL L 36 50.75 -43.93 -50.23
N GLY L 37 49.99 -43.72 -51.32
CA GLY L 37 50.04 -42.39 -51.97
C GLY L 37 49.92 -41.20 -50.99
N THR L 38 48.76 -41.28 -50.29
CA THR L 38 48.41 -40.13 -49.47
C THR L 38 49.50 -39.84 -48.44
N MET L 39 49.71 -41.03 -47.78
CA MET L 39 50.74 -40.94 -46.73
C MET L 39 52.05 -40.33 -47.25
N GLY L 40 52.28 -40.61 -48.56
CA GLY L 40 53.55 -40.10 -49.09
C GLY L 40 53.49 -38.58 -49.21
N ASN L 41 52.23 -38.13 -49.50
CA ASN L 41 52.16 -36.65 -49.66
C ASN L 41 52.46 -35.99 -48.31
N ARG L 42 51.85 -36.63 -47.28
CA ARG L 42 52.12 -36.18 -45.92
C ARG L 42 53.64 -36.17 -45.66
N LEU L 43 54.34 -37.28 -45.91
CA LEU L 43 55.76 -37.40 -45.63
C LEU L 43 56.63 -36.41 -46.41
N GLN L 44 56.17 -36.20 -47.65
CA GLN L 44 56.84 -35.31 -48.60
C GLN L 44 57.07 -33.99 -47.85
N ARG L 45 55.98 -33.49 -47.28
CA ARG L 45 56.12 -32.28 -46.49
C ARG L 45 57.35 -32.15 -45.61
N ILE L 46 57.49 -33.09 -44.66
CA ILE L 46 58.67 -33.01 -43.78
C ILE L 46 59.84 -33.64 -44.52
N LYS L 47 59.82 -33.62 -45.84
CA LYS L 47 60.93 -34.21 -46.61
C LYS L 47 61.39 -35.62 -46.24
N VAL L 48 60.43 -36.50 -45.89
CA VAL L 48 60.71 -37.90 -45.58
C VAL L 48 60.34 -38.83 -46.75
N GLU L 49 61.23 -39.73 -47.15
CA GLU L 49 60.91 -40.66 -48.23
C GLU L 49 59.71 -41.56 -47.94
N ASN L 50 58.71 -41.53 -48.86
CA ASN L 50 57.57 -42.42 -48.61
C ASN L 50 58.07 -43.87 -48.65
N THR L 51 58.40 -44.41 -47.48
CA THR L 51 58.80 -45.84 -47.49
C THR L 51 57.93 -46.71 -46.65
N GLU L 52 57.73 -47.98 -46.92
CA GLU L 52 56.80 -48.75 -46.03
C GLU L 52 57.29 -48.63 -44.59
N GLU L 53 58.57 -48.93 -44.35
CA GLU L 53 59.24 -48.66 -43.08
C GLU L 53 59.04 -47.26 -42.47
N ASN L 54 59.23 -46.20 -43.27
CA ASN L 54 59.01 -44.84 -42.76
C ASN L 54 57.60 -44.72 -42.21
N ARG L 55 56.66 -45.31 -42.94
CA ARG L 55 55.24 -45.19 -42.58
C ARG L 55 55.00 -46.04 -41.37
N ARG L 56 55.68 -47.17 -41.27
CA ARG L 56 55.51 -48.07 -40.12
C ARG L 56 56.21 -47.49 -38.89
N GLN L 57 57.17 -46.62 -39.14
CA GLN L 57 57.90 -46.04 -38.00
C GLN L 57 57.15 -44.90 -37.35
N PHE L 58 56.43 -44.11 -38.18
CA PHE L 58 55.61 -42.97 -37.76
C PHE L 58 54.40 -43.40 -36.97
N ARG L 59 53.64 -44.34 -37.56
CA ARG L 59 52.48 -44.83 -36.87
C ARG L 59 52.94 -45.50 -35.58
N GLU L 60 54.11 -46.18 -35.70
CA GLU L 60 54.58 -46.79 -34.43
C GLU L 60 54.69 -45.67 -33.37
N ILE L 61 55.43 -44.59 -33.64
CA ILE L 61 55.47 -43.50 -32.67
C ILE L 61 54.06 -43.08 -32.24
N LEU L 62 53.14 -42.80 -33.19
CA LEU L 62 51.81 -42.43 -32.67
C LEU L 62 51.18 -43.48 -31.80
N PHE L 63 51.11 -44.72 -32.25
CA PHE L 63 50.35 -45.69 -31.42
C PHE L 63 50.95 -46.08 -30.06
N SER L 64 52.25 -45.75 -29.86
CA SER L 64 52.86 -46.29 -28.63
C SER L 64 52.72 -45.25 -27.54
N VAL L 65 52.01 -44.15 -27.86
CA VAL L 65 51.94 -43.18 -26.75
C VAL L 65 51.34 -43.81 -25.48
N ASP L 66 51.48 -42.99 -24.43
CA ASP L 66 50.96 -43.39 -23.14
C ASP L 66 49.50 -43.74 -23.22
N SER L 67 49.13 -44.87 -22.67
CA SER L 67 47.79 -45.38 -22.70
C SER L 67 46.79 -44.32 -22.33
N SER L 68 47.20 -43.31 -21.60
CA SER L 68 46.14 -42.35 -21.19
C SER L 68 45.56 -41.66 -22.42
N ILE L 69 46.24 -41.94 -23.57
CA ILE L 69 45.64 -41.37 -24.80
C ILE L 69 44.28 -42.05 -24.85
N ASN L 70 43.97 -43.19 -24.25
CA ASN L 70 42.57 -43.57 -24.44
C ASN L 70 41.66 -42.61 -23.66
N GLN L 71 42.02 -41.43 -23.25
CA GLN L 71 40.95 -40.67 -22.52
C GLN L 71 40.40 -39.65 -23.51
N SER L 72 41.14 -39.44 -24.60
CA SER L 72 40.92 -38.63 -25.78
C SER L 72 40.62 -39.49 -27.00
N ILE L 73 41.47 -40.37 -27.46
CA ILE L 73 41.06 -41.18 -28.62
C ILE L 73 40.22 -42.40 -28.40
N GLY L 74 39.07 -42.63 -29.01
CA GLY L 74 38.29 -43.86 -28.70
C GLY L 74 38.42 -44.89 -29.83
N GLY L 75 39.06 -44.46 -30.96
CA GLY L 75 39.26 -45.54 -31.97
C GLY L 75 40.34 -45.08 -32.93
N VAL L 76 40.84 -45.98 -33.82
CA VAL L 76 41.86 -45.39 -34.75
C VAL L 76 41.53 -46.09 -36.05
N ILE L 77 41.49 -45.44 -37.17
CA ILE L 77 41.17 -46.09 -38.44
C ILE L 77 42.48 -46.50 -39.10
N LEU L 78 42.55 -47.74 -39.58
CA LEU L 78 43.86 -48.04 -40.13
C LEU L 78 43.73 -48.41 -41.60
N PHE L 79 44.84 -48.11 -42.25
CA PHE L 79 44.89 -48.57 -43.61
C PHE L 79 45.29 -50.04 -43.55
N HIS L 80 44.71 -50.89 -44.41
CA HIS L 80 45.08 -52.28 -44.52
C HIS L 80 46.48 -52.75 -44.15
N GLU L 81 47.44 -52.18 -44.90
CA GLU L 81 48.87 -52.54 -44.64
C GLU L 81 49.11 -52.43 -43.15
N THR L 82 48.79 -51.27 -42.61
CA THR L 82 49.07 -51.08 -41.19
C THR L 82 48.34 -52.03 -40.31
N LEU L 83 47.25 -52.65 -40.77
CA LEU L 83 46.59 -53.61 -39.84
C LEU L 83 47.43 -54.83 -39.45
N TYR L 84 48.40 -55.14 -40.33
CA TYR L 84 49.20 -56.34 -40.19
C TYR L 84 50.66 -55.95 -39.98
N GLN L 85 50.85 -54.68 -39.56
CA GLN L 85 52.18 -54.23 -39.24
C GLN L 85 52.45 -54.41 -37.73
N LYS L 86 53.77 -54.47 -37.43
CA LYS L 86 54.23 -54.63 -36.07
C LYS L 86 55.13 -53.47 -35.65
N ASP L 87 55.25 -53.48 -34.35
CA ASP L 87 56.16 -52.75 -33.53
C ASP L 87 57.66 -52.89 -33.82
N SER L 88 58.44 -52.16 -33.05
CA SER L 88 59.87 -52.49 -33.14
C SER L 88 60.23 -53.79 -32.42
N GLN L 89 59.18 -54.43 -31.95
CA GLN L 89 59.48 -55.73 -31.34
C GLN L 89 58.43 -56.72 -31.72
N GLY L 90 57.96 -56.56 -32.96
CA GLY L 90 57.12 -57.62 -33.54
C GLY L 90 55.77 -57.69 -32.85
N LYS L 91 55.36 -56.56 -32.24
CA LYS L 91 54.05 -56.59 -31.62
C LYS L 91 53.14 -55.98 -32.70
N LEU L 92 52.01 -56.68 -32.86
CA LEU L 92 51.03 -56.17 -33.83
C LEU L 92 50.37 -54.90 -33.26
N PHE L 93 50.43 -53.80 -34.02
CA PHE L 93 49.78 -52.52 -33.76
C PHE L 93 48.34 -52.74 -33.32
N ARG L 94 47.60 -53.54 -34.05
CA ARG L 94 46.18 -53.78 -33.73
C ARG L 94 46.07 -54.29 -32.30
N ASN L 95 47.11 -55.11 -31.97
CA ASN L 95 47.10 -55.56 -30.55
C ASN L 95 47.53 -54.45 -29.60
N ILE L 96 48.62 -53.69 -29.92
CA ILE L 96 48.95 -52.65 -28.93
C ILE L 96 47.73 -51.79 -28.68
N LEU L 97 47.11 -51.38 -29.81
CA LEU L 97 45.94 -50.53 -29.75
C LEU L 97 44.78 -51.15 -28.99
N LYS L 98 44.36 -52.37 -29.33
CA LYS L 98 43.19 -52.89 -28.63
C LYS L 98 43.58 -52.81 -27.16
N GLU L 99 44.88 -53.15 -26.94
CA GLU L 99 45.17 -53.36 -25.50
C GLU L 99 45.11 -52.04 -24.76
N LYS L 100 45.22 -50.89 -25.41
CA LYS L 100 45.15 -49.67 -24.63
C LYS L 100 43.68 -49.24 -24.62
N GLY L 101 42.78 -50.16 -24.91
CA GLY L 101 41.32 -49.75 -24.90
C GLY L 101 40.90 -48.87 -26.09
N ILE L 102 41.57 -48.99 -27.28
CA ILE L 102 41.10 -48.19 -28.38
C ILE L 102 40.52 -49.04 -29.49
N VAL L 103 39.30 -48.73 -30.00
CA VAL L 103 38.70 -49.57 -31.05
C VAL L 103 39.41 -49.37 -32.39
N VAL L 104 39.69 -50.55 -33.01
CA VAL L 104 40.52 -50.49 -34.25
C VAL L 104 39.63 -50.52 -35.48
N GLY L 105 39.92 -49.63 -36.43
CA GLY L 105 39.00 -49.57 -37.59
C GLY L 105 39.70 -49.68 -38.96
N ILE L 106 38.89 -50.06 -39.99
CA ILE L 106 39.61 -50.13 -41.29
C ILE L 106 39.03 -49.32 -42.40
N LYS L 107 39.93 -48.63 -43.14
CA LYS L 107 39.40 -47.95 -44.34
C LYS L 107 38.93 -49.02 -45.33
N LEU L 108 37.66 -49.13 -45.75
CA LEU L 108 37.29 -50.22 -46.65
C LEU L 108 37.13 -49.81 -48.11
N ASP L 109 36.96 -48.55 -48.38
CA ASP L 109 36.75 -48.14 -49.76
C ASP L 109 38.00 -48.30 -50.58
N GLN L 110 37.85 -48.20 -51.89
CA GLN L 110 39.08 -48.39 -52.67
C GLN L 110 39.34 -47.36 -53.74
N GLY L 111 39.00 -46.11 -53.36
CA GLY L 111 39.32 -45.07 -54.37
C GLY L 111 38.18 -44.80 -55.31
N GLY L 112 38.55 -43.75 -56.09
CA GLY L 112 37.50 -43.12 -56.96
C GLY L 112 37.31 -43.79 -58.31
N ALA L 113 36.32 -43.39 -59.05
CA ALA L 113 36.13 -43.93 -60.42
C ALA L 113 35.17 -42.92 -61.11
N PRO L 114 35.64 -42.52 -62.28
CA PRO L 114 35.06 -41.37 -62.98
C PRO L 114 33.67 -41.70 -63.45
N LEU L 115 32.71 -40.84 -63.19
CA LEU L 115 31.33 -41.08 -63.60
C LEU L 115 31.18 -40.39 -64.94
N ALA L 116 31.18 -41.18 -66.00
CA ALA L 116 31.05 -40.70 -67.38
C ALA L 116 29.86 -39.78 -67.49
N GLY L 117 30.02 -38.78 -68.27
CA GLY L 117 29.00 -37.84 -68.63
C GLY L 117 28.69 -36.81 -67.54
N THR L 118 29.65 -36.67 -66.65
CA THR L 118 29.71 -35.72 -65.50
C THR L 118 30.75 -34.63 -65.56
N ASN L 119 30.77 -33.58 -64.73
CA ASN L 119 31.85 -32.59 -64.96
C ASN L 119 32.96 -33.09 -64.05
N LYS L 120 33.71 -34.11 -64.46
CA LYS L 120 34.75 -34.69 -63.61
C LYS L 120 34.32 -35.16 -62.24
N GLU L 121 33.15 -35.75 -62.08
CA GLU L 121 32.69 -36.38 -60.87
C GLU L 121 33.03 -37.87 -60.87
N THR L 122 33.04 -38.45 -59.66
CA THR L 122 33.33 -39.82 -59.36
C THR L 122 32.35 -40.50 -58.43
N THR L 123 32.53 -41.81 -58.41
CA THR L 123 31.94 -42.65 -57.39
C THR L 123 33.22 -43.26 -56.71
N ILE L 124 32.93 -44.25 -55.87
CA ILE L 124 34.04 -44.93 -55.18
C ILE L 124 33.88 -46.44 -55.41
N GLN L 125 35.01 -47.11 -55.49
CA GLN L 125 35.02 -48.56 -55.67
C GLN L 125 35.27 -49.32 -54.36
N GLY L 126 34.81 -50.58 -54.29
CA GLY L 126 35.13 -51.40 -53.18
C GLY L 126 34.08 -52.36 -52.78
N LEU L 127 32.91 -52.29 -53.37
CA LEU L 127 31.98 -53.36 -52.80
C LEU L 127 32.41 -54.70 -53.27
N ASP L 128 33.30 -54.87 -54.28
CA ASP L 128 33.37 -56.31 -54.71
C ASP L 128 34.17 -57.05 -53.63
N GLY L 129 33.67 -58.17 -53.10
CA GLY L 129 34.35 -58.93 -52.05
C GLY L 129 34.31 -58.19 -50.71
N LEU L 130 33.70 -57.02 -50.65
CA LEU L 130 33.66 -56.35 -49.37
C LEU L 130 33.14 -57.20 -48.21
N SER L 131 32.18 -58.10 -48.40
CA SER L 131 31.66 -58.92 -47.32
C SER L 131 32.77 -59.79 -46.69
N GLU L 132 33.38 -60.57 -47.53
CA GLU L 132 34.43 -61.52 -47.24
C GLU L 132 35.56 -60.72 -46.63
N ARG L 133 35.83 -59.56 -47.19
CA ARG L 133 36.91 -58.81 -46.48
C ARG L 133 36.35 -58.41 -45.12
N CYS L 134 35.10 -58.01 -45.03
CA CYS L 134 34.73 -57.54 -43.64
C CYS L 134 34.87 -58.70 -42.63
N ALA L 135 34.55 -59.93 -43.07
CA ALA L 135 34.48 -61.01 -42.11
C ALA L 135 35.89 -61.26 -41.60
N GLN L 136 36.82 -61.03 -42.50
CA GLN L 136 38.22 -61.32 -42.09
C GLN L 136 38.68 -60.31 -41.11
N TYR L 137 38.57 -59.06 -41.52
CA TYR L 137 38.98 -58.04 -40.51
C TYR L 137 38.26 -58.21 -39.18
N LYS L 138 36.99 -58.62 -39.15
CA LYS L 138 36.21 -58.60 -37.88
C LYS L 138 36.97 -59.68 -37.08
N LYS L 139 37.20 -60.80 -37.81
CA LYS L 139 38.04 -61.80 -37.16
C LYS L 139 39.47 -61.33 -36.90
N ASP L 140 40.05 -60.33 -37.52
CA ASP L 140 41.39 -59.96 -37.06
C ASP L 140 41.33 -58.81 -36.06
N GLY L 141 40.22 -58.78 -35.31
CA GLY L 141 40.09 -57.78 -34.21
C GLY L 141 39.68 -56.36 -34.53
N VAL L 142 39.07 -56.14 -35.73
CA VAL L 142 38.48 -54.85 -36.07
C VAL L 142 37.03 -54.71 -35.73
N ASP L 143 36.67 -53.51 -35.28
CA ASP L 143 35.22 -53.37 -35.03
C ASP L 143 34.48 -52.24 -35.80
N PHE L 144 35.10 -51.43 -36.62
CA PHE L 144 34.42 -50.51 -37.45
C PHE L 144 35.17 -50.20 -38.75
N GLY L 145 34.38 -49.60 -39.71
CA GLY L 145 35.02 -49.46 -41.04
C GLY L 145 34.80 -48.00 -41.45
N LYS L 146 35.49 -47.68 -42.57
CA LYS L 146 35.16 -46.31 -43.02
C LYS L 146 35.24 -46.30 -44.55
N TRP L 147 34.38 -45.49 -45.15
CA TRP L 147 34.26 -45.36 -46.60
C TRP L 147 34.09 -43.93 -47.05
N ARG L 148 35.08 -43.38 -47.75
CA ARG L 148 34.82 -42.02 -48.15
C ARG L 148 34.37 -41.73 -49.59
N ALA L 149 33.29 -40.93 -49.70
CA ALA L 149 32.74 -40.40 -50.93
C ALA L 149 33.22 -38.95 -51.12
N VAL L 150 33.54 -38.56 -52.34
CA VAL L 150 34.02 -37.22 -52.63
C VAL L 150 33.09 -36.49 -53.64
N LEU L 151 32.31 -35.48 -53.21
CA LEU L 151 31.45 -34.61 -54.00
C LEU L 151 32.03 -33.17 -53.96
N ARG L 152 31.92 -32.46 -55.08
CA ARG L 152 32.48 -31.14 -55.17
C ARG L 152 31.46 -30.13 -55.69
N ILE L 153 31.75 -28.84 -55.51
CA ILE L 153 30.76 -27.82 -55.92
C ILE L 153 31.42 -27.18 -57.12
N ALA L 154 30.86 -27.29 -58.32
CA ALA L 154 31.57 -26.65 -59.48
C ALA L 154 30.63 -26.48 -60.66
N ASP L 155 31.00 -26.09 -61.89
CA ASP L 155 29.89 -26.06 -62.86
C ASP L 155 29.15 -27.41 -62.95
N GLN L 156 27.89 -27.42 -62.49
CA GLN L 156 27.08 -28.65 -62.55
C GLN L 156 27.57 -29.70 -61.59
N CYS L 157 28.28 -29.40 -60.50
CA CYS L 157 28.64 -30.43 -59.50
C CYS L 157 28.23 -29.90 -58.15
N PRO L 158 27.65 -30.73 -57.32
CA PRO L 158 27.46 -32.10 -57.51
C PRO L 158 26.17 -32.36 -58.28
N SER L 159 26.15 -33.35 -59.12
CA SER L 159 25.01 -33.67 -59.92
C SER L 159 24.12 -34.62 -59.20
N SER L 160 22.86 -34.64 -59.52
CA SER L 160 22.03 -35.73 -58.96
C SER L 160 22.72 -37.06 -59.26
N LEU L 161 23.24 -37.22 -60.50
CA LEU L 161 23.83 -38.57 -60.68
C LEU L 161 24.83 -38.83 -59.57
N ALA L 162 25.77 -37.87 -59.40
CA ALA L 162 26.89 -38.11 -58.49
C ALA L 162 26.31 -38.26 -57.10
N ILE L 163 25.35 -37.44 -56.72
CA ILE L 163 24.90 -37.61 -55.36
C ILE L 163 24.21 -38.94 -55.15
N GLN L 164 23.32 -39.31 -56.06
CA GLN L 164 22.54 -40.51 -55.86
C GLN L 164 23.49 -41.68 -55.98
N GLU L 165 24.40 -41.73 -56.96
CA GLU L 165 25.22 -42.97 -57.04
C GLU L 165 26.10 -43.08 -55.78
N ASN L 166 26.83 -41.99 -55.40
CA ASN L 166 27.65 -42.07 -54.17
C ASN L 166 26.80 -42.44 -52.97
N ALA L 167 25.61 -41.84 -52.90
CA ALA L 167 24.87 -42.30 -51.70
C ALA L 167 24.56 -43.79 -51.77
N ASN L 168 24.36 -44.37 -52.99
CA ASN L 168 23.95 -45.78 -52.94
C ASN L 168 25.18 -46.62 -52.64
N ALA L 169 26.35 -46.12 -53.06
CA ALA L 169 27.56 -46.93 -52.76
C ALA L 169 27.75 -47.10 -51.28
N LEU L 170 27.81 -45.98 -50.55
CA LEU L 170 27.85 -45.83 -49.11
C LEU L 170 26.72 -46.67 -48.58
N ALA L 171 25.54 -46.52 -49.15
CA ALA L 171 24.53 -47.39 -48.50
C ALA L 171 24.87 -48.86 -48.74
N ARG L 172 25.33 -49.35 -49.91
CA ARG L 172 25.59 -50.81 -49.96
C ARG L 172 26.66 -51.22 -48.89
N TYR L 173 27.72 -50.41 -48.84
CA TYR L 173 28.86 -50.65 -47.95
C TYR L 173 28.45 -50.67 -46.48
N ALA L 174 27.66 -49.66 -46.04
CA ALA L 174 27.18 -49.75 -44.68
C ALA L 174 26.43 -51.08 -44.55
N SER L 175 25.47 -51.32 -45.43
CA SER L 175 24.68 -52.57 -45.24
C SER L 175 25.61 -53.78 -45.04
N ILE L 176 26.63 -53.84 -45.94
CA ILE L 176 27.58 -54.96 -45.85
C ILE L 176 28.38 -54.99 -44.56
N CYS L 177 29.05 -53.87 -44.14
CA CYS L 177 29.68 -53.88 -42.82
C CYS L 177 28.80 -54.47 -41.68
N GLN L 178 27.61 -53.91 -41.44
CA GLN L 178 26.77 -54.48 -40.36
C GLN L 178 26.50 -55.94 -40.52
N GLN L 179 26.42 -56.47 -41.75
CA GLN L 179 26.19 -57.92 -41.76
C GLN L 179 27.38 -58.69 -41.18
N ASN L 180 28.57 -58.16 -41.18
CA ASN L 180 29.71 -58.82 -40.59
C ASN L 180 30.04 -58.13 -39.28
N GLY L 181 29.13 -57.47 -38.54
CA GLY L 181 29.58 -56.92 -37.28
C GLY L 181 30.50 -55.73 -37.19
N LEU L 182 30.78 -55.11 -38.37
CA LEU L 182 31.48 -53.84 -38.29
C LEU L 182 30.54 -52.63 -38.27
N VAL L 183 30.87 -51.61 -37.48
CA VAL L 183 30.13 -50.36 -37.43
C VAL L 183 30.74 -49.51 -38.58
N PRO L 184 29.84 -49.16 -39.52
CA PRO L 184 30.16 -48.39 -40.69
C PRO L 184 30.30 -46.92 -40.52
N ILE L 185 31.46 -46.30 -40.71
CA ILE L 185 31.49 -44.85 -40.63
C ILE L 185 31.06 -44.39 -42.02
N VAL L 186 29.99 -43.63 -42.15
CA VAL L 186 29.57 -43.15 -43.51
C VAL L 186 30.28 -41.86 -43.81
N GLU L 187 31.16 -41.63 -44.82
CA GLU L 187 31.78 -40.26 -44.85
C GLU L 187 31.56 -39.68 -46.24
N PRO L 188 30.45 -38.95 -46.47
CA PRO L 188 30.13 -38.33 -47.75
C PRO L 188 30.74 -36.96 -47.75
N GLU L 189 32.03 -36.85 -47.99
CA GLU L 189 32.70 -35.59 -47.96
C GLU L 189 32.36 -34.63 -49.10
N VAL L 190 31.88 -33.41 -48.67
CA VAL L 190 31.77 -32.33 -49.66
C VAL L 190 33.05 -31.49 -49.60
N ILE L 191 34.02 -31.80 -50.41
CA ILE L 191 35.29 -31.07 -50.59
C ILE L 191 35.16 -29.57 -50.49
N PRO L 192 36.10 -28.85 -49.90
CA PRO L 192 36.08 -27.41 -49.85
C PRO L 192 36.61 -26.69 -51.09
N ASP L 193 37.19 -27.40 -52.05
CA ASP L 193 37.79 -26.77 -53.22
C ASP L 193 36.76 -25.84 -53.85
N GLY L 194 37.27 -24.69 -54.29
CA GLY L 194 36.42 -23.69 -54.92
C GLY L 194 36.26 -22.37 -54.17
N ASP L 195 35.46 -21.55 -54.85
CA ASP L 195 35.20 -20.18 -54.51
C ASP L 195 33.96 -19.97 -53.65
N HIS L 196 33.14 -21.01 -53.59
CA HIS L 196 31.84 -20.84 -52.93
C HIS L 196 31.98 -20.23 -51.54
N ASP L 197 30.88 -19.64 -51.04
CA ASP L 197 30.85 -19.19 -49.64
C ASP L 197 30.12 -20.27 -48.80
N LEU L 198 30.00 -19.89 -47.52
CA LEU L 198 29.41 -20.74 -46.50
C LEU L 198 28.01 -21.25 -46.76
N GLU L 199 27.07 -20.40 -46.95
CA GLU L 199 25.67 -20.68 -47.29
C GLU L 199 25.61 -21.67 -48.46
N HIS L 200 26.53 -21.57 -49.45
CA HIS L 200 26.50 -22.51 -50.58
C HIS L 200 26.94 -23.88 -50.07
N CYS L 201 28.00 -24.00 -49.28
CA CYS L 201 28.37 -25.29 -48.74
C CYS L 201 27.26 -25.92 -47.88
N GLN L 202 26.71 -24.95 -47.08
CA GLN L 202 25.59 -25.46 -46.25
C GLN L 202 24.50 -26.14 -47.09
N TYR L 203 24.16 -25.48 -48.21
CA TYR L 203 23.09 -25.85 -49.10
C TYR L 203 23.40 -27.21 -49.81
N VAL L 204 24.61 -27.29 -50.36
CA VAL L 204 25.05 -28.57 -50.94
C VAL L 204 25.20 -29.62 -49.86
N THR L 205 25.75 -29.16 -48.66
CA THR L 205 25.83 -30.20 -47.57
C THR L 205 24.42 -30.64 -47.16
N GLU L 206 23.37 -29.82 -47.20
CA GLU L 206 22.09 -30.45 -46.74
C GLU L 206 21.48 -31.37 -47.78
N LYS L 207 21.75 -31.12 -49.05
CA LYS L 207 21.17 -31.99 -50.09
C LYS L 207 21.92 -33.31 -50.09
N VAL L 208 23.25 -33.21 -49.83
CA VAL L 208 23.99 -34.50 -49.81
C VAL L 208 23.59 -35.41 -48.66
N LEU L 209 23.46 -34.81 -47.44
CA LEU L 209 22.98 -35.63 -46.32
C LEU L 209 21.58 -36.17 -46.45
N ALA L 210 20.68 -35.41 -47.09
CA ALA L 210 19.25 -35.93 -47.14
C ALA L 210 19.22 -37.15 -48.04
N ALA L 211 20.15 -37.13 -49.03
CA ALA L 211 20.21 -38.33 -49.90
C ALA L 211 20.83 -39.51 -49.17
N VAL L 212 22.04 -39.22 -48.64
CA VAL L 212 22.68 -40.35 -47.96
C VAL L 212 21.67 -40.99 -46.98
N TYR L 213 20.98 -40.19 -46.09
CA TYR L 213 20.11 -40.94 -45.18
C TYR L 213 18.95 -41.64 -45.82
N LYS L 214 18.50 -41.09 -46.96
CA LYS L 214 17.29 -41.73 -47.55
C LYS L 214 17.67 -43.13 -48.03
N ALA L 215 18.86 -43.15 -48.58
CA ALA L 215 19.44 -44.39 -49.14
C ALA L 215 19.75 -45.38 -48.05
N LEU L 216 20.35 -44.79 -46.97
CA LEU L 216 20.57 -45.72 -45.82
C LEU L 216 19.24 -46.29 -45.43
N ASN L 217 18.22 -45.46 -45.59
CA ASN L 217 16.92 -45.99 -45.14
C ASN L 217 16.53 -47.07 -46.10
N ASP L 218 16.62 -46.84 -47.37
CA ASP L 218 16.17 -47.80 -48.38
C ASP L 218 16.91 -49.13 -48.30
N HIS L 219 18.19 -48.94 -47.86
CA HIS L 219 18.94 -50.22 -47.77
C HIS L 219 18.82 -50.96 -46.46
N HIS L 220 17.95 -50.39 -45.61
CA HIS L 220 17.69 -50.98 -44.30
C HIS L 220 18.84 -50.98 -43.36
N VAL L 221 19.68 -50.00 -43.41
CA VAL L 221 20.81 -49.93 -42.51
C VAL L 221 20.32 -49.49 -41.14
N TYR L 222 20.93 -49.97 -40.09
CA TYR L 222 20.67 -49.67 -38.68
C TYR L 222 21.51 -48.52 -38.14
N LEU L 223 20.90 -47.35 -38.22
CA LEU L 223 21.45 -46.06 -37.88
C LEU L 223 22.06 -46.07 -36.49
N GLU L 224 21.41 -46.71 -35.55
CA GLU L 224 22.06 -46.81 -34.23
C GLU L 224 23.40 -47.57 -34.23
N GLY L 225 23.76 -48.30 -35.30
CA GLY L 225 25.07 -48.91 -35.33
C GLY L 225 25.94 -48.30 -36.45
N THR L 226 25.98 -46.99 -36.54
CA THR L 226 26.70 -46.36 -37.71
C THR L 226 27.43 -45.17 -37.13
N LEU L 227 28.23 -44.45 -37.89
CA LEU L 227 28.68 -43.17 -37.35
C LEU L 227 28.77 -42.27 -38.58
N LEU L 228 28.98 -40.96 -38.41
CA LEU L 228 29.01 -40.14 -39.62
C LEU L 228 30.18 -39.20 -39.49
N LYS L 229 30.80 -39.03 -40.63
CA LYS L 229 32.03 -38.20 -40.64
C LYS L 229 31.87 -37.30 -41.87
N PRO L 230 31.13 -36.21 -41.64
CA PRO L 230 30.86 -35.22 -42.66
C PRO L 230 31.84 -34.07 -42.72
N ASN L 231 31.74 -33.29 -43.79
CA ASN L 231 32.60 -32.06 -43.80
C ASN L 231 31.81 -31.07 -42.93
N MET L 232 32.58 -30.09 -42.44
CA MET L 232 32.01 -29.09 -41.49
C MET L 232 31.46 -28.07 -42.48
N VAL L 233 30.44 -27.30 -42.12
CA VAL L 233 30.03 -26.38 -43.18
C VAL L 233 31.00 -25.22 -43.17
N THR L 234 31.69 -24.89 -44.21
CA THR L 234 32.54 -23.74 -44.29
C THR L 234 32.47 -23.23 -45.74
N ALA L 235 33.04 -22.09 -45.97
CA ALA L 235 33.14 -21.43 -47.29
C ALA L 235 34.26 -22.09 -48.06
N GLY L 236 34.29 -22.05 -49.37
CA GLY L 236 35.33 -22.77 -50.14
C GLY L 236 36.69 -22.12 -49.86
N HIS L 237 37.73 -22.88 -50.21
CA HIS L 237 39.10 -22.52 -50.09
C HIS L 237 39.45 -21.23 -50.85
N ALA L 238 38.84 -21.04 -52.04
CA ALA L 238 39.23 -19.83 -52.74
C ALA L 238 38.28 -18.71 -52.33
N CYS L 239 37.25 -18.99 -51.55
CA CYS L 239 36.37 -17.91 -51.10
C CYS L 239 37.15 -16.88 -50.29
N THR L 240 36.90 -15.60 -50.52
CA THR L 240 37.67 -14.59 -49.78
C THR L 240 37.00 -14.11 -48.50
N LYS L 241 35.71 -14.41 -48.28
CA LYS L 241 35.10 -13.84 -47.07
C LYS L 241 35.63 -14.69 -45.92
N LYS L 242 35.74 -14.00 -44.79
CA LYS L 242 36.29 -14.72 -43.64
C LYS L 242 35.06 -14.91 -42.74
N TYR L 243 35.12 -16.00 -41.98
CA TYR L 243 34.04 -16.31 -41.08
C TYR L 243 34.66 -16.67 -39.73
N THR L 244 33.81 -16.76 -38.75
CA THR L 244 34.26 -17.10 -37.38
C THR L 244 33.80 -18.53 -37.07
N PRO L 245 34.48 -19.19 -36.13
CA PRO L 245 34.13 -20.56 -35.79
C PRO L 245 32.63 -20.65 -35.62
N GLU L 246 32.17 -19.72 -34.77
CA GLU L 246 30.75 -19.79 -34.37
C GLU L 246 29.95 -19.76 -35.67
N GLN L 247 30.41 -18.92 -36.62
CA GLN L 247 29.70 -18.93 -37.92
C GLN L 247 29.67 -20.33 -38.54
N VAL L 248 30.88 -20.87 -38.71
CA VAL L 248 30.94 -22.26 -39.16
C VAL L 248 30.09 -23.15 -38.31
N ALA L 249 30.14 -22.89 -37.01
CA ALA L 249 29.32 -23.88 -36.30
C ALA L 249 27.85 -23.97 -36.59
N MET L 250 27.30 -22.76 -36.65
CA MET L 250 25.83 -22.55 -36.86
C MET L 250 25.40 -23.14 -38.21
N ALA L 251 26.30 -22.87 -39.19
CA ALA L 251 26.05 -23.46 -40.54
C ALA L 251 26.07 -24.97 -40.47
N THR L 252 27.00 -25.45 -39.63
CA THR L 252 27.14 -26.90 -39.50
C THR L 252 26.13 -27.59 -38.69
N VAL L 253 25.80 -27.05 -37.51
CA VAL L 253 24.71 -27.82 -36.78
C VAL L 253 23.40 -27.61 -37.49
N THR L 254 23.14 -26.42 -38.05
CA THR L 254 21.84 -26.17 -38.71
C THR L 254 21.63 -27.24 -39.79
N ALA L 255 22.69 -27.32 -40.65
CA ALA L 255 22.55 -28.41 -41.66
C ALA L 255 22.33 -29.81 -41.08
N LEU L 256 23.15 -30.19 -40.05
CA LEU L 256 23.01 -31.58 -39.58
C LEU L 256 21.69 -31.67 -38.86
N HIS L 257 21.39 -30.55 -38.11
CA HIS L 257 20.18 -30.90 -37.31
C HIS L 257 19.02 -31.14 -38.27
N ARG L 258 19.19 -30.65 -39.53
CA ARG L 258 18.00 -30.90 -40.33
C ARG L 258 18.06 -32.09 -41.26
N THR L 259 19.17 -32.84 -41.21
CA THR L 259 19.18 -34.01 -42.06
C THR L 259 19.66 -35.31 -41.45
N VAL L 260 20.51 -35.27 -40.40
CA VAL L 260 20.97 -36.56 -39.80
C VAL L 260 20.13 -36.98 -38.60
N PRO L 261 19.45 -38.12 -38.76
CA PRO L 261 18.60 -38.61 -37.74
C PRO L 261 19.33 -38.68 -36.41
N ALA L 262 18.36 -38.56 -35.47
CA ALA L 262 18.88 -38.45 -34.06
C ALA L 262 19.34 -39.81 -33.60
N ALA L 263 19.05 -40.85 -34.37
CA ALA L 263 19.45 -42.23 -34.10
C ALA L 263 20.94 -42.44 -34.35
N VAL L 264 21.50 -41.61 -35.22
CA VAL L 264 22.95 -41.82 -35.42
C VAL L 264 23.53 -41.39 -34.10
N PRO L 265 24.32 -42.18 -33.41
CA PRO L 265 24.89 -41.82 -32.09
C PRO L 265 26.01 -40.84 -32.15
N GLY L 266 26.73 -40.69 -33.24
CA GLY L 266 27.85 -39.74 -33.09
C GLY L 266 28.21 -39.13 -34.43
N ILE L 267 28.64 -37.83 -34.38
CA ILE L 267 28.97 -37.40 -35.72
C ILE L 267 30.36 -36.82 -35.61
N CYS L 268 31.25 -37.33 -36.37
CA CYS L 268 32.65 -37.18 -36.17
C CYS L 268 33.23 -36.53 -37.40
N PHE L 269 33.44 -35.22 -37.28
CA PHE L 269 33.90 -34.35 -38.33
C PHE L 269 35.21 -34.71 -38.98
N LEU L 270 35.28 -34.49 -40.30
CA LEU L 270 36.61 -34.62 -40.91
C LEU L 270 37.14 -33.23 -40.82
N SER L 271 38.32 -32.87 -41.22
CA SER L 271 38.80 -31.48 -41.06
C SER L 271 39.56 -31.04 -42.28
N GLY L 272 39.81 -32.05 -43.11
CA GLY L 272 40.61 -31.90 -44.30
C GLY L 272 41.19 -30.53 -44.53
N GLY L 273 42.49 -30.34 -44.52
CA GLY L 273 42.94 -28.98 -44.84
C GLY L 273 42.80 -27.94 -43.72
N MET L 274 41.84 -28.05 -42.80
CA MET L 274 41.83 -27.08 -41.70
C MET L 274 43.12 -27.16 -40.88
N SER L 275 43.55 -25.96 -40.40
CA SER L 275 44.74 -26.10 -39.54
C SER L 275 44.21 -26.83 -38.26
N GLU L 276 45.27 -27.29 -37.56
CA GLU L 276 45.02 -28.02 -36.29
C GLU L 276 44.23 -27.09 -35.37
N GLU L 277 44.65 -25.83 -35.35
CA GLU L 277 43.97 -24.98 -34.39
C GLU L 277 42.51 -24.72 -34.76
N ASP L 278 42.42 -24.43 -36.08
CA ASP L 278 41.00 -24.18 -36.47
C ASP L 278 40.08 -25.37 -36.34
N ALA L 279 40.62 -26.58 -36.62
CA ALA L 279 39.77 -27.76 -36.51
C ALA L 279 39.45 -27.95 -35.01
N THR L 280 40.37 -27.36 -34.14
CA THR L 280 40.01 -27.59 -32.70
C THR L 280 38.95 -26.55 -32.35
N LEU L 281 39.21 -25.32 -32.81
CA LEU L 281 38.20 -24.30 -32.45
C LEU L 281 36.82 -24.61 -33.03
N ASN L 282 36.73 -24.89 -34.34
CA ASN L 282 35.35 -25.12 -34.87
C ASN L 282 34.60 -26.20 -34.11
N LEU L 283 35.23 -27.35 -33.79
CA LEU L 283 34.50 -28.44 -33.08
C LEU L 283 33.91 -27.93 -31.79
N ASN L 284 34.74 -26.99 -31.24
CA ASN L 284 34.32 -26.45 -29.92
C ASN L 284 33.08 -25.58 -30.09
N ALA L 285 33.32 -24.67 -31.05
CA ALA L 285 32.20 -23.77 -31.38
C ALA L 285 30.99 -24.67 -31.65
N ILE L 286 31.16 -25.66 -32.56
CA ILE L 286 30.06 -26.53 -32.91
C ILE L 286 29.39 -27.01 -31.66
N ASN L 287 30.21 -27.50 -30.71
CA ASN L 287 29.60 -28.09 -29.48
C ASN L 287 28.99 -27.01 -28.61
N LEU L 288 29.34 -25.78 -28.86
CA LEU L 288 28.60 -24.76 -28.07
C LEU L 288 27.41 -24.15 -28.82
N CYS L 289 27.27 -24.58 -30.09
CA CYS L 289 26.22 -23.95 -30.92
C CYS L 289 24.86 -24.12 -30.33
N PRO L 290 24.05 -23.11 -30.27
CA PRO L 290 22.77 -23.20 -29.64
C PRO L 290 21.66 -24.00 -30.29
N LEU L 291 21.95 -25.12 -30.95
CA LEU L 291 20.80 -25.80 -31.64
C LEU L 291 20.52 -27.09 -30.96
N PRO L 292 19.43 -27.77 -31.16
CA PRO L 292 19.28 -29.21 -30.85
C PRO L 292 20.43 -29.97 -31.57
N LYS L 293 20.99 -30.93 -30.86
CA LYS L 293 22.19 -31.65 -31.28
C LYS L 293 22.06 -33.01 -30.58
N PRO L 294 21.16 -33.85 -31.08
CA PRO L 294 20.93 -35.10 -30.46
C PRO L 294 22.06 -36.09 -30.43
N TRP L 295 23.14 -35.95 -31.18
CA TRP L 295 24.18 -37.00 -31.22
C TRP L 295 25.54 -36.49 -30.72
N LYS L 296 26.53 -37.35 -30.34
CA LYS L 296 27.79 -36.67 -29.93
C LYS L 296 28.24 -35.91 -31.14
N LEU L 297 29.11 -34.90 -30.94
CA LEU L 297 29.71 -34.23 -32.09
C LEU L 297 31.19 -34.11 -31.77
N SER L 298 31.91 -34.95 -32.52
CA SER L 298 33.31 -35.14 -32.26
C SER L 298 34.28 -35.02 -33.40
N PHE L 299 35.44 -35.69 -33.28
CA PHE L 299 36.42 -35.45 -34.36
C PHE L 299 36.94 -36.80 -34.92
N SER L 300 37.37 -36.84 -36.17
CA SER L 300 37.81 -38.16 -36.73
C SER L 300 38.83 -37.51 -37.66
N TYR L 301 39.82 -36.93 -37.03
CA TYR L 301 40.83 -36.14 -37.69
C TYR L 301 42.03 -36.99 -38.08
N GLY L 302 42.67 -36.46 -39.07
CA GLY L 302 43.86 -37.11 -39.64
C GLY L 302 44.96 -36.02 -39.60
N ARG L 303 45.10 -35.13 -40.57
CA ARG L 303 46.12 -34.09 -40.50
C ARG L 303 46.03 -33.27 -39.18
N ALA L 304 44.83 -32.84 -38.80
CA ALA L 304 44.64 -31.94 -37.64
C ALA L 304 45.00 -32.57 -36.30
N LEU L 305 45.35 -33.84 -36.30
CA LEU L 305 45.88 -34.52 -35.15
C LEU L 305 47.33 -34.90 -35.52
N GLN L 306 47.84 -34.64 -36.73
CA GLN L 306 49.16 -35.26 -36.94
C GLN L 306 50.22 -34.34 -37.43
N ALA L 307 49.81 -33.31 -38.14
CA ALA L 307 50.75 -32.32 -38.61
C ALA L 307 51.97 -31.98 -37.76
N SER L 308 51.67 -31.58 -36.51
CA SER L 308 52.78 -31.02 -35.68
C SER L 308 53.59 -32.19 -35.18
N ALA L 309 53.01 -33.35 -35.03
CA ALA L 309 53.75 -34.53 -34.66
C ALA L 309 54.66 -34.90 -35.81
N LEU L 310 54.24 -34.70 -37.06
CA LEU L 310 55.12 -35.12 -38.16
C LEU L 310 56.31 -34.16 -38.25
N ALA L 311 55.94 -32.92 -38.01
CA ALA L 311 56.96 -31.88 -38.08
C ALA L 311 58.05 -32.23 -37.04
N ALA L 312 57.52 -32.55 -35.81
CA ALA L 312 58.47 -32.89 -34.74
C ALA L 312 59.33 -34.07 -35.15
N TRP L 313 58.73 -35.16 -35.60
CA TRP L 313 59.51 -36.38 -35.90
C TRP L 313 60.62 -36.15 -36.90
N GLY L 314 60.28 -35.52 -38.05
CA GLY L 314 61.37 -35.28 -39.01
C GLY L 314 61.76 -36.64 -39.59
N GLY L 315 60.97 -37.68 -39.30
CA GLY L 315 61.50 -38.95 -39.86
C GLY L 315 62.66 -39.36 -38.93
N LYS L 316 62.91 -38.67 -37.81
CA LYS L 316 64.04 -39.00 -36.94
C LYS L 316 63.62 -39.69 -35.66
N ALA L 317 64.09 -40.89 -35.47
CA ALA L 317 63.81 -41.67 -34.24
C ALA L 317 64.18 -40.97 -32.96
N ALA L 318 65.23 -40.16 -32.96
CA ALA L 318 65.53 -39.26 -31.86
C ALA L 318 64.37 -38.37 -31.44
N ASN L 319 63.41 -38.07 -32.33
CA ASN L 319 62.33 -37.13 -31.98
C ASN L 319 61.12 -37.80 -31.40
N LYS L 320 61.22 -39.15 -31.31
CA LYS L 320 60.08 -39.83 -30.69
C LYS L 320 59.29 -38.96 -29.72
N GLU L 321 59.89 -38.57 -28.59
CA GLU L 321 59.14 -37.80 -27.58
C GLU L 321 58.51 -36.50 -28.10
N ALA L 322 59.24 -35.66 -28.85
CA ALA L 322 58.53 -34.46 -29.34
C ALA L 322 57.25 -34.91 -30.12
N THR L 323 57.53 -35.83 -31.04
CA THR L 323 56.48 -36.44 -31.84
C THR L 323 55.33 -36.89 -30.93
N GLN L 324 55.49 -37.82 -30.01
CA GLN L 324 54.37 -38.23 -29.16
C GLN L 324 53.70 -37.06 -28.41
N GLU L 325 54.49 -36.08 -28.02
CA GLU L 325 53.96 -34.97 -27.26
C GLU L 325 52.94 -34.19 -28.11
N ALA L 326 53.48 -33.79 -29.26
CA ALA L 326 52.59 -33.11 -30.26
C ALA L 326 51.28 -33.89 -30.34
N PHE L 327 51.31 -35.12 -30.90
CA PHE L 327 50.10 -35.93 -30.98
C PHE L 327 49.31 -35.98 -29.71
N MET L 328 49.93 -36.23 -28.56
CA MET L 328 49.10 -36.29 -27.34
C MET L 328 48.41 -34.93 -27.12
N LYS L 329 49.12 -33.85 -27.51
CA LYS L 329 48.53 -32.49 -27.23
C LYS L 329 47.30 -32.18 -28.03
N ARG L 330 47.35 -32.18 -29.38
CA ARG L 330 46.08 -32.04 -30.15
C ARG L 330 45.04 -33.10 -29.83
N ALA L 331 45.47 -34.28 -29.40
CA ALA L 331 44.41 -35.22 -29.03
C ALA L 331 43.79 -34.78 -27.76
N MET L 332 44.38 -33.89 -26.95
CA MET L 332 43.59 -33.62 -25.69
C MET L 332 42.61 -32.49 -25.89
N ALA L 333 43.14 -31.55 -26.65
CA ALA L 333 42.49 -30.29 -27.08
C ALA L 333 41.22 -30.69 -27.79
N ASN L 334 41.44 -31.50 -28.88
CA ASN L 334 40.17 -31.94 -29.52
C ASN L 334 39.23 -32.66 -28.58
N CYS L 335 39.65 -33.45 -27.58
CA CYS L 335 38.63 -34.15 -26.74
C CYS L 335 37.85 -33.10 -25.96
N GLN L 336 38.65 -32.09 -25.55
CA GLN L 336 38.01 -30.98 -24.82
C GLN L 336 37.01 -30.26 -25.76
N ALA L 337 37.49 -29.96 -27.02
CA ALA L 337 36.54 -29.33 -27.98
C ALA L 337 35.38 -30.31 -28.20
N ALA L 338 35.62 -31.61 -28.33
CA ALA L 338 34.39 -32.41 -28.43
C ALA L 338 33.47 -32.13 -27.23
N LYS L 339 33.92 -31.55 -26.09
CA LYS L 339 32.99 -31.51 -24.94
C LYS L 339 32.57 -30.04 -24.82
N GLY L 340 32.99 -29.36 -25.89
CA GLY L 340 32.79 -27.92 -25.87
C GLY L 340 33.51 -27.31 -24.65
N GLN L 341 34.66 -27.94 -24.27
CA GLN L 341 35.21 -27.17 -23.14
C GLN L 341 36.54 -26.61 -23.61
N TYR L 342 36.72 -26.56 -24.93
CA TYR L 342 38.09 -26.16 -25.29
C TYR L 342 38.37 -24.71 -24.97
N VAL L 343 39.51 -24.53 -24.30
CA VAL L 343 39.68 -23.10 -23.98
C VAL L 343 40.44 -22.41 -25.06
N HIS L 344 41.76 -22.39 -25.10
CA HIS L 344 42.33 -21.68 -26.24
C HIS L 344 43.85 -21.63 -26.18
N ALA M 1 15.07 -81.53 -21.22
CA ALA M 1 15.51 -80.80 -22.47
C ALA M 1 17.01 -80.85 -22.72
N HIS M 2 17.79 -79.80 -22.93
CA HIS M 2 19.21 -79.75 -23.26
C HIS M 2 20.02 -78.76 -22.44
N ARG M 3 20.99 -77.93 -22.84
CA ARG M 3 21.75 -77.08 -21.87
C ARG M 3 21.40 -77.55 -20.45
N PHE M 4 20.79 -76.76 -19.55
CA PHE M 4 20.21 -77.33 -18.37
C PHE M 4 20.93 -78.61 -17.91
N PRO M 5 22.13 -78.38 -17.44
CA PRO M 5 23.07 -79.41 -17.04
C PRO M 5 22.60 -80.32 -15.96
N ALA M 6 22.88 -81.61 -16.06
CA ALA M 6 22.33 -82.44 -15.00
C ALA M 6 22.95 -82.24 -13.65
N LEU M 7 24.21 -81.86 -13.70
CA LEU M 7 25.02 -81.81 -12.49
C LEU M 7 25.91 -80.59 -12.38
N THR M 8 26.21 -80.15 -11.16
CA THR M 8 27.14 -79.05 -11.00
C THR M 8 28.59 -79.56 -11.02
N GLN M 9 29.55 -78.63 -10.92
CA GLN M 9 30.94 -79.02 -10.92
C GLN M 9 31.20 -79.88 -9.69
N GLU M 10 30.70 -79.37 -8.56
CA GLU M 10 30.83 -80.07 -7.29
C GLU M 10 30.18 -81.43 -7.36
N GLN M 11 28.98 -81.56 -7.92
CA GLN M 11 28.47 -82.98 -7.89
C GLN M 11 29.43 -83.89 -8.65
N LYS M 12 29.97 -83.32 -9.74
CA LYS M 12 30.87 -84.12 -10.56
C LYS M 12 32.10 -84.53 -9.80
N LYS M 13 32.70 -83.60 -9.10
CA LYS M 13 33.93 -83.89 -8.34
C LYS M 13 33.73 -85.04 -7.37
N GLU M 14 32.57 -84.89 -6.73
CA GLU M 14 32.24 -85.90 -5.71
C GLU M 14 32.05 -87.19 -6.49
N LEU M 15 31.24 -87.12 -7.54
CA LEU M 15 31.14 -88.52 -8.10
C LEU M 15 32.41 -89.11 -8.64
N SER M 16 33.31 -88.31 -9.24
CA SER M 16 34.55 -88.85 -9.82
C SER M 16 35.47 -89.30 -8.69
N GLU M 17 35.46 -88.51 -7.59
CA GLU M 17 36.34 -88.93 -6.49
C GLU M 17 35.92 -90.27 -6.02
N ILE M 18 34.65 -90.59 -5.95
CA ILE M 18 34.22 -91.89 -5.38
C ILE M 18 34.53 -92.97 -6.33
N ALA M 19 34.15 -92.68 -7.57
CA ALA M 19 34.40 -93.78 -8.53
C ALA M 19 35.90 -94.08 -8.52
N GLN M 20 36.75 -93.04 -8.49
CA GLN M 20 38.12 -93.41 -8.59
C GLN M 20 38.71 -94.04 -7.33
N SER M 21 38.16 -93.69 -6.17
CA SER M 21 38.68 -94.19 -4.89
C SER M 21 38.42 -95.69 -4.90
N ILE M 22 37.33 -96.18 -5.33
CA ILE M 22 37.15 -97.63 -5.30
C ILE M 22 38.07 -98.47 -6.15
N VAL M 23 38.66 -98.05 -7.24
CA VAL M 23 39.49 -98.94 -8.06
C VAL M 23 40.91 -98.42 -8.09
N ALA M 24 41.23 -97.57 -7.12
CA ALA M 24 42.45 -96.88 -6.98
C ALA M 24 43.66 -97.75 -6.86
N ASN M 25 44.03 -98.83 -6.16
CA ASN M 25 45.56 -99.01 -6.53
C ASN M 25 45.55 -100.54 -6.59
N GLY M 26 44.88 -100.94 -7.65
CA GLY M 26 44.59 -102.34 -7.81
C GLY M 26 43.37 -102.69 -6.99
N LYS M 27 42.81 -101.82 -6.11
CA LYS M 27 41.67 -102.47 -5.41
C LYS M 27 40.49 -102.79 -6.29
N GLY M 28 39.66 -103.67 -5.78
CA GLY M 28 38.44 -104.07 -6.45
C GLY M 28 37.30 -104.03 -5.45
N ILE M 29 36.28 -104.80 -5.80
CA ILE M 29 34.99 -104.73 -5.14
C ILE M 29 34.50 -106.10 -4.73
N LEU M 30 34.09 -106.20 -3.45
CA LEU M 30 33.57 -107.56 -3.01
C LEU M 30 32.07 -107.47 -3.22
N ALA M 31 31.52 -108.31 -4.08
CA ALA M 31 30.08 -108.25 -4.30
C ALA M 31 29.25 -109.12 -3.41
N ALA M 32 29.00 -108.63 -2.20
CA ALA M 32 28.26 -109.46 -1.23
C ALA M 32 26.78 -109.17 -1.29
N ASP M 33 26.19 -108.55 -2.29
CA ASP M 33 24.83 -108.17 -2.42
C ASP M 33 24.00 -109.32 -2.95
N GLU M 34 24.29 -110.58 -2.84
CA GLU M 34 23.34 -111.66 -3.17
C GLU M 34 22.01 -111.46 -2.46
N SER M 35 20.94 -111.72 -3.16
CA SER M 35 19.64 -111.56 -2.45
C SER M 35 19.25 -112.82 -1.66
N VAL M 36 18.10 -112.74 -0.97
CA VAL M 36 17.67 -113.88 -0.17
C VAL M 36 17.66 -115.15 -1.00
N GLY M 37 17.00 -115.03 -2.16
CA GLY M 37 17.06 -116.28 -2.93
C GLY M 37 18.40 -116.77 -3.41
N THR M 38 19.25 -115.82 -3.86
CA THR M 38 20.54 -116.16 -4.41
C THR M 38 21.47 -116.67 -3.32
N MET M 39 21.42 -115.99 -2.18
CA MET M 39 22.31 -116.46 -1.09
C MET M 39 21.79 -117.81 -0.67
N GLY M 40 20.48 -118.02 -0.80
CA GLY M 40 19.92 -119.33 -0.57
C GLY M 40 20.64 -120.33 -1.45
N ASN M 41 20.83 -120.08 -2.74
CA ASN M 41 21.64 -121.00 -3.57
C ASN M 41 23.07 -121.22 -3.07
N ARG M 42 23.77 -120.17 -2.71
CA ARG M 42 25.10 -120.31 -2.16
C ARG M 42 25.16 -121.19 -0.92
N LEU M 43 24.30 -120.88 0.06
CA LEU M 43 24.35 -121.69 1.28
C LEU M 43 23.93 -123.12 0.93
N GLN M 44 22.97 -123.35 0.07
CA GLN M 44 22.73 -124.75 -0.26
C GLN M 44 23.99 -125.53 -0.61
N ARG M 45 24.89 -124.93 -1.40
CA ARG M 45 26.10 -125.67 -1.79
C ARG M 45 26.85 -126.20 -0.58
N ILE M 46 26.80 -125.51 0.55
CA ILE M 46 27.54 -126.04 1.70
C ILE M 46 26.51 -126.58 2.69
N LYS M 47 25.46 -127.13 2.10
CA LYS M 47 24.35 -127.57 2.97
C LYS M 47 24.16 -126.76 4.24
N VAL M 48 23.78 -125.51 4.15
CA VAL M 48 23.49 -124.55 5.19
C VAL M 48 22.14 -123.90 4.85
N GLU M 49 21.26 -123.91 5.82
CA GLU M 49 19.87 -123.49 5.74
C GLU M 49 19.84 -121.98 5.51
N ASN M 50 19.10 -121.58 4.49
CA ASN M 50 19.03 -120.18 4.16
C ASN M 50 18.17 -119.38 5.13
N THR M 51 18.84 -118.92 6.14
CA THR M 51 18.23 -118.11 7.19
C THR M 51 18.94 -116.77 7.26
N GLU M 52 18.22 -115.75 7.67
CA GLU M 52 18.78 -114.43 7.88
C GLU M 52 19.97 -114.61 8.82
N GLU M 53 19.84 -115.31 9.93
CA GLU M 53 20.94 -115.49 10.84
C GLU M 53 22.19 -116.17 10.32
N ASN M 54 22.00 -117.15 9.45
CA ASN M 54 23.16 -117.81 8.81
C ASN M 54 23.78 -116.82 7.80
N ARG M 55 22.99 -116.11 7.01
CA ARG M 55 23.32 -115.14 6.07
C ARG M 55 24.05 -114.02 6.85
N ARG M 56 23.48 -113.66 7.98
CA ARG M 56 24.08 -112.61 8.78
C ARG M 56 25.40 -113.11 9.36
N GLN M 57 25.46 -114.37 9.73
CA GLN M 57 26.74 -114.86 10.27
C GLN M 57 27.84 -114.93 9.22
N PHE M 58 27.60 -115.43 8.01
CA PHE M 58 28.69 -115.50 7.08
C PHE M 58 29.35 -114.14 6.81
N ARG M 59 28.42 -113.23 6.49
CA ARG M 59 28.82 -111.87 6.23
C ARG M 59 29.64 -111.28 7.37
N GLU M 60 29.29 -111.65 8.61
CA GLU M 60 30.03 -110.97 9.72
C GLU M 60 31.46 -111.49 9.62
N ILE M 61 31.53 -112.79 9.25
CA ILE M 61 32.90 -113.31 9.17
C ILE M 61 33.73 -112.60 8.08
N LEU M 62 33.22 -112.38 6.89
CA LEU M 62 33.82 -111.67 5.82
C LEU M 62 33.99 -110.20 6.21
N PHE M 63 33.02 -109.54 6.86
CA PHE M 63 33.22 -108.12 7.18
C PHE M 63 34.06 -107.74 8.37
N SER M 64 34.46 -108.70 9.18
CA SER M 64 35.27 -108.34 10.34
C SER M 64 36.73 -108.68 10.13
N VAL M 65 37.17 -109.11 8.98
CA VAL M 65 38.55 -109.37 8.58
C VAL M 65 39.51 -108.26 8.94
N ASP M 66 40.78 -108.57 9.16
CA ASP M 66 41.82 -107.59 9.56
C ASP M 66 41.71 -106.36 8.69
N SER M 67 41.82 -105.10 9.16
CA SER M 67 41.70 -103.88 8.37
C SER M 67 42.38 -104.15 7.00
N SER M 68 41.40 -104.97 6.53
CA SER M 68 41.00 -105.83 5.53
C SER M 68 41.33 -105.24 4.16
N ILE M 69 42.44 -104.61 4.55
CA ILE M 69 42.99 -104.77 3.12
C ILE M 69 41.72 -104.30 2.36
N ASN M 70 41.48 -103.11 2.92
CA ASN M 70 41.59 -101.82 2.65
C ASN M 70 42.55 -102.02 1.43
N GLN M 71 43.59 -102.79 1.53
CA GLN M 71 44.60 -102.75 0.46
C GLN M 71 44.24 -103.53 -0.78
N SER M 72 43.20 -104.37 -0.73
CA SER M 72 42.77 -105.13 -1.87
C SER M 72 41.33 -104.78 -2.27
N ILE M 73 40.52 -104.57 -1.25
CA ILE M 73 39.12 -104.26 -1.44
C ILE M 73 38.79 -102.80 -1.23
N GLY M 74 38.31 -102.15 -2.28
CA GLY M 74 37.99 -100.73 -2.28
C GLY M 74 36.51 -100.45 -1.96
N GLY M 75 35.62 -101.40 -2.28
CA GLY M 75 34.26 -101.17 -1.87
C GLY M 75 33.56 -102.52 -1.79
N VAL M 76 32.41 -102.49 -1.15
CA VAL M 76 31.60 -103.70 -0.88
C VAL M 76 30.15 -103.31 -1.11
N ILE M 77 29.51 -104.13 -1.88
CA ILE M 77 28.16 -104.02 -2.30
C ILE M 77 27.31 -104.92 -1.41
N LEU M 78 26.34 -104.31 -0.76
CA LEU M 78 25.40 -105.05 0.07
C LEU M 78 23.99 -105.06 -0.52
N PHE M 79 23.27 -106.09 -0.19
CA PHE M 79 21.87 -106.23 -0.46
C PHE M 79 21.13 -105.38 0.59
N HIS M 80 19.97 -104.83 0.34
CA HIS M 80 19.33 -104.03 1.39
C HIS M 80 19.35 -104.57 2.83
N GLU M 81 19.09 -105.84 3.05
CA GLU M 81 18.89 -106.39 4.41
C GLU M 81 20.12 -106.20 5.26
N THR M 82 21.22 -106.69 4.78
CA THR M 82 22.54 -106.68 5.26
C THR M 82 23.05 -105.25 5.50
N LEU M 83 22.51 -104.26 4.81
CA LEU M 83 22.88 -102.87 5.00
C LEU M 83 22.45 -102.41 6.40
N TYR M 84 21.34 -103.05 6.82
CA TYR M 84 20.87 -102.64 8.15
C TYR M 84 21.21 -103.62 9.26
N GLN M 85 22.04 -104.62 9.01
CA GLN M 85 22.44 -105.66 9.92
C GLN M 85 23.69 -105.40 10.74
N LYS M 86 23.91 -106.26 11.71
CA LYS M 86 24.84 -105.99 12.76
C LYS M 86 25.73 -107.14 13.08
N ASP M 87 26.91 -106.83 13.62
CA ASP M 87 27.81 -107.93 13.94
C ASP M 87 27.25 -108.46 15.24
N SER M 88 28.02 -109.30 15.87
CA SER M 88 27.64 -109.94 17.11
C SER M 88 27.78 -109.04 18.30
N GLN M 89 28.17 -107.78 18.10
CA GLN M 89 27.91 -106.95 19.28
C GLN M 89 27.17 -105.67 18.93
N GLY M 90 26.27 -105.85 17.98
CA GLY M 90 25.40 -104.79 17.60
C GLY M 90 26.11 -103.67 16.91
N LYS M 91 27.31 -103.91 16.33
CA LYS M 91 27.85 -102.73 15.63
C LYS M 91 27.23 -102.79 14.24
N LEU M 92 26.75 -101.76 13.55
CA LEU M 92 26.26 -102.10 12.22
C LEU M 92 27.34 -102.49 11.22
N PHE M 93 27.03 -103.42 10.32
CA PHE M 93 28.03 -103.79 9.30
C PHE M 93 28.67 -102.65 8.52
N ARG M 94 27.71 -101.88 7.99
CA ARG M 94 28.08 -100.75 7.17
C ARG M 94 29.06 -99.87 7.88
N ASN M 95 29.02 -99.81 9.19
CA ASN M 95 29.96 -98.84 9.84
C ASN M 95 31.28 -99.57 10.11
N ILE M 96 31.06 -100.89 10.15
CA ILE M 96 32.29 -101.66 10.32
C ILE M 96 33.12 -101.47 9.01
N LEU M 97 32.43 -101.56 7.89
CA LEU M 97 33.12 -101.43 6.64
C LEU M 97 33.67 -100.02 6.42
N LYS M 98 32.91 -99.00 6.75
CA LYS M 98 33.42 -97.67 6.53
C LYS M 98 34.57 -97.28 7.44
N GLU M 99 34.58 -97.74 8.66
CA GLU M 99 35.70 -97.37 9.51
C GLU M 99 37.07 -97.84 9.06
N LYS M 100 37.00 -99.02 8.51
CA LYS M 100 38.11 -99.78 7.99
C LYS M 100 38.61 -99.21 6.66
N GLY M 101 38.03 -98.22 6.05
CA GLY M 101 38.37 -97.61 4.81
C GLY M 101 37.81 -98.23 3.53
N ILE M 102 36.70 -98.96 3.63
CA ILE M 102 36.00 -99.48 2.44
C ILE M 102 34.75 -98.72 2.07
N VAL M 103 34.54 -98.36 0.80
CA VAL M 103 33.38 -97.63 0.33
C VAL M 103 32.21 -98.64 0.31
N VAL M 104 31.04 -98.18 0.84
CA VAL M 104 29.93 -99.14 0.87
C VAL M 104 29.00 -98.87 -0.31
N GLY M 105 28.54 -99.93 -0.99
CA GLY M 105 27.60 -99.80 -2.08
C GLY M 105 26.33 -100.65 -1.76
N ILE M 106 25.24 -100.37 -2.51
CA ILE M 106 23.96 -101.00 -2.33
C ILE M 106 23.40 -101.38 -3.71
N LYS M 107 22.69 -102.49 -3.64
CA LYS M 107 22.05 -103.09 -4.81
C LYS M 107 20.72 -102.39 -5.00
N LEU M 108 20.43 -101.81 -6.13
CA LEU M 108 19.29 -100.97 -6.31
C LEU M 108 18.25 -101.51 -7.22
N ASP M 109 18.67 -102.43 -8.06
CA ASP M 109 17.73 -102.99 -9.00
C ASP M 109 16.74 -103.82 -8.24
N GLN M 110 15.53 -104.12 -8.60
CA GLN M 110 14.74 -105.10 -7.87
C GLN M 110 14.32 -106.26 -8.74
N GLY M 111 15.26 -106.69 -9.58
CA GLY M 111 15.14 -107.89 -10.34
C GLY M 111 14.40 -107.81 -11.64
N GLY M 112 14.37 -109.00 -12.25
CA GLY M 112 13.82 -109.08 -13.58
C GLY M 112 12.34 -109.04 -13.72
N ALA M 113 11.88 -108.71 -14.90
CA ALA M 113 10.49 -108.72 -15.33
C ALA M 113 10.57 -109.12 -16.81
N PRO M 114 9.66 -110.02 -17.12
CA PRO M 114 9.58 -110.60 -18.45
C PRO M 114 9.24 -109.58 -19.51
N LEU M 115 9.65 -109.64 -20.72
CA LEU M 115 9.50 -108.72 -21.83
C LEU M 115 8.71 -109.55 -22.87
N ALA M 116 7.42 -109.27 -23.05
CA ALA M 116 6.57 -110.04 -23.89
C ALA M 116 7.04 -110.02 -25.34
N GLY M 117 6.62 -111.02 -26.06
CA GLY M 117 6.85 -111.13 -27.46
C GLY M 117 8.33 -111.41 -27.82
N THR M 118 8.88 -112.02 -26.75
CA THR M 118 10.34 -112.28 -26.81
C THR M 118 10.67 -113.70 -26.44
N ASN M 119 11.73 -114.28 -26.93
CA ASN M 119 12.10 -115.65 -26.48
C ASN M 119 12.74 -115.64 -25.05
N LYS M 120 11.82 -115.66 -24.07
CA LYS M 120 12.10 -115.57 -22.64
C LYS M 120 13.01 -114.42 -22.21
N GLU M 121 12.91 -113.23 -22.77
CA GLU M 121 13.90 -112.26 -22.24
C GLU M 121 13.27 -111.38 -21.21
N THR M 122 14.05 -110.57 -20.53
CA THR M 122 13.60 -109.68 -19.48
C THR M 122 14.14 -108.29 -19.48
N THR M 123 13.65 -107.48 -18.54
CA THR M 123 14.13 -106.15 -18.24
C THR M 123 14.24 -106.23 -16.66
N ILE M 124 14.69 -105.05 -16.13
CA ILE M 124 14.90 -105.08 -14.68
C ILE M 124 14.04 -104.05 -14.00
N GLN M 125 13.47 -104.32 -12.85
CA GLN M 125 12.60 -103.36 -12.22
C GLN M 125 13.36 -102.52 -11.20
N GLY M 126 12.83 -101.54 -10.52
CA GLY M 126 13.53 -100.88 -9.53
C GLY M 126 13.54 -99.37 -9.72
N LEU M 127 12.91 -98.86 -10.81
CA LEU M 127 13.15 -97.41 -10.91
C LEU M 127 12.24 -96.56 -10.05
N ASP M 128 11.09 -97.27 -9.90
CA ASP M 128 10.01 -96.58 -9.12
C ASP M 128 10.53 -96.18 -7.75
N GLY M 129 10.40 -94.97 -7.28
CA GLY M 129 11.01 -94.58 -6.05
C GLY M 129 12.50 -94.46 -5.79
N LEU M 130 13.27 -94.91 -6.81
CA LEU M 130 14.69 -94.97 -6.75
C LEU M 130 15.28 -93.70 -6.14
N SER M 131 14.82 -92.59 -6.61
CA SER M 131 15.42 -91.36 -6.18
C SER M 131 15.43 -91.26 -4.67
N GLU M 132 14.26 -91.53 -4.13
CA GLU M 132 13.95 -91.43 -2.71
C GLU M 132 14.75 -92.42 -1.88
N ARG M 133 14.92 -93.63 -2.44
CA ARG M 133 15.75 -94.63 -1.80
C ARG M 133 17.18 -94.20 -1.84
N CYS M 134 17.67 -93.74 -2.98
CA CYS M 134 19.06 -93.34 -3.13
C CYS M 134 19.43 -92.29 -2.08
N ALA M 135 18.58 -91.37 -1.73
CA ALA M 135 18.83 -90.27 -0.83
C ALA M 135 18.96 -90.66 0.63
N GLN M 136 18.21 -91.71 0.90
CA GLN M 136 18.26 -92.30 2.20
C GLN M 136 19.52 -93.09 2.45
N TYR M 137 19.82 -93.94 1.43
CA TYR M 137 21.09 -94.69 1.44
C TYR M 137 22.29 -93.79 1.60
N LYS M 138 22.38 -92.74 0.80
CA LYS M 138 23.48 -91.78 0.87
C LYS M 138 23.57 -91.31 2.32
N LYS M 139 22.40 -91.08 2.94
CA LYS M 139 22.34 -90.55 4.31
C LYS M 139 22.83 -91.61 5.30
N ASP M 140 22.54 -92.86 4.90
CA ASP M 140 22.96 -93.99 5.70
C ASP M 140 24.38 -94.39 5.37
N GLY M 141 25.29 -93.60 4.77
CA GLY M 141 26.69 -93.97 4.53
C GLY M 141 26.93 -94.75 3.25
N VAL M 142 25.92 -94.97 2.39
CA VAL M 142 26.12 -95.60 1.11
C VAL M 142 26.68 -94.49 0.22
N ASP M 143 27.59 -94.81 -0.68
CA ASP M 143 28.16 -93.97 -1.64
C ASP M 143 28.22 -94.61 -3.06
N PHE M 144 27.77 -95.73 -3.46
CA PHE M 144 27.59 -96.21 -4.82
C PHE M 144 26.56 -97.31 -4.87
N GLY M 145 25.99 -97.54 -6.03
CA GLY M 145 24.88 -98.48 -6.21
C GLY M 145 25.26 -99.45 -7.40
N LYS M 146 24.43 -100.43 -7.67
CA LYS M 146 24.65 -101.46 -8.65
C LYS M 146 23.33 -101.99 -9.20
N TRP M 147 23.24 -102.14 -10.50
CA TRP M 147 22.02 -102.47 -11.20
C TRP M 147 22.41 -103.51 -12.23
N ARG M 148 21.73 -104.67 -12.22
CA ARG M 148 22.24 -105.73 -13.07
C ARG M 148 21.27 -106.12 -14.15
N ALA M 149 21.73 -106.09 -15.39
CA ALA M 149 20.89 -106.55 -16.46
C ALA M 149 21.44 -107.88 -16.94
N VAL M 150 20.49 -108.68 -17.33
CA VAL M 150 20.81 -110.05 -17.81
C VAL M 150 20.39 -110.21 -19.26
N LEU M 151 21.37 -110.47 -20.12
CA LEU M 151 21.11 -110.61 -21.58
C LEU M 151 21.61 -111.99 -21.97
N ARG M 152 20.88 -112.74 -22.75
CA ARG M 152 21.47 -114.03 -23.09
C ARG M 152 21.63 -114.18 -24.56
N ILE M 153 22.37 -115.19 -24.88
CA ILE M 153 22.58 -115.66 -26.26
C ILE M 153 21.81 -116.96 -26.41
N ALA M 154 20.86 -116.99 -27.30
CA ALA M 154 19.93 -118.09 -27.58
C ALA M 154 19.07 -117.67 -28.83
N ASP M 155 18.12 -118.53 -29.23
CA ASP M 155 17.28 -118.26 -30.35
C ASP M 155 16.64 -116.88 -30.23
N GLN M 156 17.04 -116.08 -31.21
CA GLN M 156 16.53 -114.73 -31.22
C GLN M 156 16.85 -113.85 -30.04
N CYS M 157 17.76 -114.21 -29.18
CA CYS M 157 18.20 -113.30 -28.13
C CYS M 157 19.70 -113.08 -28.37
N PRO M 158 20.31 -112.00 -27.96
CA PRO M 158 19.59 -110.91 -27.28
C PRO M 158 18.87 -110.09 -28.37
N SER M 159 17.55 -109.98 -28.26
CA SER M 159 16.83 -109.13 -29.21
C SER M 159 17.20 -107.68 -29.03
N SER M 160 16.75 -106.91 -30.00
CA SER M 160 16.97 -105.48 -29.94
C SER M 160 16.02 -104.92 -28.89
N LEU M 161 14.83 -105.59 -28.72
CA LEU M 161 13.97 -104.84 -27.75
C LEU M 161 14.70 -104.96 -26.41
N ALA M 162 15.22 -106.20 -26.22
CA ALA M 162 15.88 -106.41 -24.92
C ALA M 162 17.09 -105.52 -24.78
N ILE M 163 17.98 -105.46 -25.79
CA ILE M 163 19.17 -104.61 -25.61
C ILE M 163 18.78 -103.18 -25.26
N GLN M 164 17.94 -102.68 -26.18
CA GLN M 164 17.51 -101.29 -26.09
C GLN M 164 16.83 -101.02 -24.78
N GLU M 165 15.87 -101.85 -24.43
CA GLU M 165 15.08 -101.68 -23.25
C GLU M 165 15.95 -101.74 -22.04
N ASN M 166 16.84 -102.74 -21.97
CA ASN M 166 17.74 -102.79 -20.80
C ASN M 166 18.77 -101.66 -20.75
N ALA M 167 19.20 -101.13 -21.91
CA ALA M 167 20.21 -100.08 -21.73
C ALA M 167 19.45 -98.86 -21.22
N ASN M 168 18.18 -98.64 -21.72
CA ASN M 168 17.54 -97.42 -21.17
C ASN M 168 17.22 -97.48 -19.66
N ALA M 169 16.86 -98.68 -19.13
CA ALA M 169 16.57 -98.74 -17.68
C ALA M 169 17.87 -98.46 -16.96
N LEU M 170 18.98 -99.00 -17.49
CA LEU M 170 20.34 -98.70 -16.98
C LEU M 170 20.67 -97.20 -16.87
N ALA M 171 20.20 -96.55 -17.96
CA ALA M 171 20.46 -95.12 -18.15
C ALA M 171 19.68 -94.22 -17.18
N ARG M 172 18.46 -94.67 -16.84
CA ARG M 172 17.57 -93.96 -15.89
C ARG M 172 18.13 -94.18 -14.51
N TYR M 173 18.51 -95.47 -14.32
CA TYR M 173 19.14 -95.79 -13.01
C TYR M 173 20.38 -94.97 -12.84
N ALA M 174 21.24 -95.02 -13.90
CA ALA M 174 22.48 -94.20 -13.75
C ALA M 174 22.24 -92.72 -13.42
N SER M 175 21.26 -92.12 -14.12
CA SER M 175 20.89 -90.74 -14.00
C SER M 175 20.47 -90.27 -12.62
N ILE M 176 19.48 -90.95 -12.11
CA ILE M 176 18.99 -90.84 -10.75
C ILE M 176 20.05 -91.09 -9.69
N CYS M 177 20.75 -92.24 -9.83
CA CYS M 177 21.83 -92.37 -8.83
C CYS M 177 22.68 -91.08 -8.77
N GLN M 178 23.11 -90.45 -9.87
CA GLN M 178 23.98 -89.25 -9.81
C GLN M 178 23.29 -87.99 -9.25
N GLN M 179 21.96 -87.99 -9.46
CA GLN M 179 21.33 -86.81 -8.88
C GLN M 179 21.37 -86.93 -7.35
N ASN M 180 21.72 -88.08 -6.81
CA ASN M 180 21.84 -88.20 -5.36
C ASN M 180 23.19 -88.47 -4.81
N GLY M 181 24.27 -88.30 -5.55
CA GLY M 181 25.58 -88.59 -4.97
C GLY M 181 25.98 -90.03 -4.95
N LEU M 182 25.37 -90.97 -5.60
CA LEU M 182 25.81 -92.35 -5.63
C LEU M 182 26.48 -92.56 -6.99
N VAL M 183 27.53 -93.31 -7.01
CA VAL M 183 28.15 -93.61 -8.30
C VAL M 183 27.50 -94.89 -8.76
N PRO M 184 26.88 -94.89 -9.90
CA PRO M 184 26.22 -96.13 -10.38
C PRO M 184 27.26 -97.05 -10.97
N ILE M 185 27.17 -98.31 -10.86
CA ILE M 185 27.91 -99.39 -11.40
C ILE M 185 26.94 -99.90 -12.49
N VAL M 186 27.23 -99.75 -13.74
CA VAL M 186 26.31 -100.20 -14.78
C VAL M 186 26.62 -101.65 -15.14
N GLU M 187 25.71 -102.59 -14.90
CA GLU M 187 26.02 -103.98 -15.14
C GLU M 187 25.16 -104.71 -16.18
N PRO M 188 25.68 -104.63 -17.42
CA PRO M 188 24.93 -105.20 -18.52
C PRO M 188 25.54 -106.58 -18.66
N GLU M 189 25.03 -107.59 -17.92
CA GLU M 189 25.77 -108.83 -18.13
C GLU M 189 25.20 -109.59 -19.27
N VAL M 190 26.09 -110.18 -20.01
CA VAL M 190 25.79 -111.21 -20.99
C VAL M 190 26.22 -112.53 -20.35
N ILE M 191 25.17 -113.20 -19.95
CA ILE M 191 25.02 -114.54 -19.39
C ILE M 191 25.79 -115.44 -20.33
N PRO M 192 26.56 -116.33 -19.74
CA PRO M 192 27.39 -117.29 -20.47
C PRO M 192 26.69 -118.59 -20.77
N ASP M 193 25.45 -118.73 -20.28
CA ASP M 193 24.73 -119.94 -20.65
C ASP M 193 24.62 -120.20 -22.13
N GLY M 194 24.82 -121.44 -22.51
CA GLY M 194 24.72 -121.89 -23.91
C GLY M 194 26.00 -122.42 -24.52
N ASP M 195 25.81 -122.93 -25.73
CA ASP M 195 26.84 -123.44 -26.61
C ASP M 195 27.84 -122.55 -27.30
N HIS M 196 27.48 -121.31 -27.58
CA HIS M 196 28.27 -120.36 -28.32
C HIS M 196 29.75 -120.29 -27.96
N ASP M 197 30.46 -119.84 -29.01
CA ASP M 197 31.90 -119.67 -28.86
C ASP M 197 32.30 -118.24 -28.48
N LEU M 198 33.63 -118.11 -28.45
CA LEU M 198 34.23 -116.86 -28.03
C LEU M 198 33.88 -115.70 -28.93
N GLU M 199 33.83 -116.03 -30.22
CA GLU M 199 33.67 -114.86 -31.11
C GLU M 199 32.23 -114.44 -31.02
N HIS M 200 31.40 -115.43 -30.63
CA HIS M 200 29.98 -115.01 -30.60
C HIS M 200 29.75 -114.14 -29.36
N CYS M 201 30.54 -114.44 -28.29
CA CYS M 201 30.26 -113.69 -27.08
C CYS M 201 30.80 -112.32 -27.33
N GLN M 202 31.92 -112.34 -28.12
CA GLN M 202 32.54 -111.02 -28.28
C GLN M 202 31.66 -110.04 -29.01
N TYR M 203 31.02 -110.57 -30.08
CA TYR M 203 30.11 -109.75 -30.90
C TYR M 203 28.92 -109.29 -30.10
N VAL M 204 28.17 -110.19 -29.40
CA VAL M 204 27.01 -109.56 -28.73
C VAL M 204 27.54 -108.60 -27.69
N THR M 205 28.65 -108.94 -26.99
CA THR M 205 29.13 -108.08 -25.96
C THR M 205 29.48 -106.70 -26.60
N GLU M 206 30.12 -106.64 -27.75
CA GLU M 206 30.22 -105.23 -28.28
C GLU M 206 28.90 -104.52 -28.63
N LYS M 207 27.93 -105.35 -29.05
CA LYS M 207 26.65 -104.71 -29.39
C LYS M 207 25.91 -104.07 -28.19
N VAL M 208 25.87 -104.80 -27.10
CA VAL M 208 25.25 -104.51 -25.87
C VAL M 208 26.01 -103.30 -25.31
N LEU M 209 27.33 -103.28 -25.31
CA LEU M 209 28.02 -102.06 -24.78
C LEU M 209 27.84 -100.87 -25.68
N ALA M 210 27.64 -101.14 -27.00
CA ALA M 210 27.50 -99.88 -27.79
C ALA M 210 26.24 -99.21 -27.36
N ALA M 211 25.23 -100.01 -27.17
CA ALA M 211 23.90 -99.56 -26.78
C ALA M 211 23.86 -98.89 -25.42
N VAL M 212 24.57 -99.45 -24.42
CA VAL M 212 24.42 -98.85 -23.07
C VAL M 212 25.10 -97.50 -23.13
N TYR M 213 26.26 -97.43 -23.84
CA TYR M 213 26.93 -96.08 -23.73
C TYR M 213 26.22 -94.95 -24.47
N LYS M 214 25.52 -95.37 -25.56
CA LYS M 214 24.78 -94.37 -26.29
C LYS M 214 23.60 -93.91 -25.47
N ALA M 215 22.90 -94.86 -24.82
CA ALA M 215 21.71 -94.48 -24.05
C ALA M 215 22.11 -93.60 -22.88
N LEU M 216 23.19 -94.14 -22.31
CA LEU M 216 23.85 -93.38 -21.22
C LEU M 216 24.18 -91.95 -21.67
N ASN M 217 24.41 -91.76 -22.98
CA ASN M 217 24.67 -90.43 -23.46
C ASN M 217 23.38 -89.61 -23.61
N ASP M 218 22.43 -90.25 -24.20
CA ASP M 218 21.14 -89.66 -24.45
C ASP M 218 20.60 -89.23 -23.09
N HIS M 219 20.89 -89.91 -21.98
CA HIS M 219 20.19 -89.38 -20.73
C HIS M 219 21.08 -88.51 -19.89
N HIS M 220 22.09 -87.91 -20.61
CA HIS M 220 23.02 -87.10 -19.88
C HIS M 220 23.75 -87.69 -18.68
N VAL M 221 24.17 -89.02 -18.75
CA VAL M 221 25.01 -89.54 -17.68
C VAL M 221 26.43 -89.08 -17.69
N TYR M 222 26.92 -88.91 -16.45
CA TYR M 222 28.26 -88.35 -16.27
C TYR M 222 29.22 -89.49 -16.09
N LEU M 223 29.74 -89.86 -17.30
CA LEU M 223 30.61 -91.03 -17.28
C LEU M 223 31.73 -91.10 -16.28
N GLU M 224 32.35 -89.94 -15.97
CA GLU M 224 33.47 -90.05 -15.06
C GLU M 224 33.17 -90.42 -13.63
N GLY M 225 31.86 -90.55 -13.35
CA GLY M 225 31.41 -90.83 -12.01
C GLY M 225 30.45 -92.04 -12.10
N THR M 226 31.06 -92.89 -12.86
CA THR M 226 30.32 -94.16 -13.14
C THR M 226 31.29 -95.32 -13.14
N LEU M 227 30.90 -96.54 -13.04
CA LEU M 227 31.87 -97.63 -13.21
C LEU M 227 31.10 -98.66 -14.02
N LEU M 228 31.68 -99.54 -14.74
CA LEU M 228 31.11 -100.59 -15.56
C LEU M 228 31.52 -101.96 -14.95
N LYS M 229 30.58 -102.88 -14.90
CA LYS M 229 30.79 -104.19 -14.39
C LYS M 229 30.42 -105.19 -15.45
N PRO M 230 31.26 -105.44 -16.44
CA PRO M 230 30.81 -106.21 -17.58
C PRO M 230 31.02 -107.66 -17.44
N ASN M 231 30.37 -108.43 -18.31
CA ASN M 231 30.92 -109.83 -18.30
C ASN M 231 32.30 -109.73 -19.03
N MET M 232 33.19 -110.60 -18.73
CA MET M 232 34.44 -110.77 -19.46
C MET M 232 33.94 -111.49 -20.73
N VAL M 233 34.76 -111.50 -21.75
CA VAL M 233 34.28 -112.10 -23.00
C VAL M 233 34.73 -113.55 -23.11
N THR M 234 33.87 -114.56 -22.83
CA THR M 234 34.33 -115.95 -22.92
C THR M 234 33.38 -116.87 -23.69
N ALA M 235 33.84 -118.05 -24.00
CA ALA M 235 32.89 -118.93 -24.73
C ALA M 235 31.73 -119.27 -23.78
N GLY M 236 30.66 -119.86 -24.33
CA GLY M 236 29.55 -120.07 -23.44
C GLY M 236 29.89 -121.32 -22.66
N HIS M 237 29.16 -121.46 -21.60
CA HIS M 237 29.27 -122.59 -20.71
C HIS M 237 29.15 -123.95 -21.37
N ALA M 238 28.32 -124.03 -22.43
CA ALA M 238 28.25 -125.41 -22.95
C ALA M 238 29.15 -125.62 -24.17
N CYS M 239 30.10 -124.72 -24.34
CA CYS M 239 30.95 -124.63 -25.48
C CYS M 239 32.08 -125.60 -25.17
N THR M 240 32.30 -126.42 -26.18
CA THR M 240 33.38 -127.40 -26.05
C THR M 240 34.77 -126.89 -26.34
N LYS M 241 35.01 -125.87 -27.18
CA LYS M 241 36.38 -125.49 -27.43
C LYS M 241 36.89 -124.99 -26.07
N LYS M 242 38.22 -124.98 -25.90
CA LYS M 242 38.84 -124.63 -24.62
C LYS M 242 39.65 -123.38 -24.83
N TYR M 243 39.79 -122.49 -23.88
CA TYR M 243 40.44 -121.25 -24.27
C TYR M 243 41.38 -120.91 -23.12
N THR M 244 42.39 -120.12 -23.36
CA THR M 244 43.31 -119.70 -22.35
C THR M 244 42.96 -118.33 -21.83
N PRO M 245 43.43 -117.98 -20.65
CA PRO M 245 43.26 -116.64 -20.11
C PRO M 245 43.63 -115.60 -21.18
N GLU M 246 44.71 -115.85 -21.93
CA GLU M 246 45.14 -114.81 -22.88
C GLU M 246 44.15 -114.62 -24.01
N GLN M 247 43.41 -115.67 -24.36
CA GLN M 247 42.48 -115.51 -25.47
C GLN M 247 41.28 -114.82 -24.82
N VAL M 248 40.77 -115.26 -23.67
CA VAL M 248 39.68 -114.46 -23.04
C VAL M 248 40.15 -113.06 -22.83
N ALA M 249 41.42 -112.84 -22.59
CA ALA M 249 41.90 -111.44 -22.35
C ALA M 249 41.83 -110.62 -23.62
N MET M 250 42.24 -111.13 -24.79
CA MET M 250 42.26 -110.25 -25.98
C MET M 250 40.85 -109.97 -26.49
N ALA M 251 39.99 -111.01 -26.40
CA ALA M 251 38.63 -110.83 -26.89
C ALA M 251 37.94 -109.84 -25.93
N THR M 252 38.10 -109.98 -24.65
CA THR M 252 37.50 -108.98 -23.74
C THR M 252 38.10 -107.60 -23.90
N VAL M 253 39.42 -107.37 -24.00
CA VAL M 253 39.89 -105.93 -24.11
C VAL M 253 39.67 -105.39 -25.54
N THR M 254 39.74 -106.35 -26.50
CA THR M 254 39.32 -105.91 -27.80
C THR M 254 37.95 -105.23 -27.68
N ALA M 255 36.93 -105.97 -27.28
CA ALA M 255 35.54 -105.54 -27.12
C ALA M 255 35.31 -104.28 -26.33
N LEU M 256 36.00 -104.12 -25.22
CA LEU M 256 35.90 -102.94 -24.34
C LEU M 256 36.57 -101.71 -24.98
N HIS M 257 37.70 -101.94 -25.73
CA HIS M 257 38.34 -100.74 -26.26
C HIS M 257 37.60 -100.14 -27.42
N ARG M 258 36.70 -100.98 -27.96
CA ARG M 258 35.89 -100.46 -29.05
C ARG M 258 34.60 -99.78 -28.63
N THR M 259 34.26 -99.82 -27.33
CA THR M 259 33.01 -99.34 -26.87
C THR M 259 32.96 -98.67 -25.49
N VAL M 260 33.93 -98.86 -24.62
CA VAL M 260 33.77 -98.20 -23.34
C VAL M 260 34.62 -96.98 -23.20
N PRO M 261 34.00 -95.81 -23.22
CA PRO M 261 34.72 -94.55 -23.18
C PRO M 261 35.83 -94.40 -22.20
N ALA M 262 36.87 -93.67 -22.68
CA ALA M 262 38.07 -93.49 -21.84
C ALA M 262 37.60 -92.76 -20.58
N ALA M 263 36.59 -91.95 -20.62
CA ALA M 263 36.07 -91.28 -19.43
C ALA M 263 35.56 -92.21 -18.33
N VAL M 264 35.24 -93.48 -18.67
CA VAL M 264 34.73 -94.28 -17.55
C VAL M 264 35.94 -94.59 -16.72
N PRO M 265 36.15 -94.36 -15.48
CA PRO M 265 37.40 -94.59 -14.81
C PRO M 265 37.78 -96.03 -14.55
N GLY M 266 36.74 -96.82 -14.28
CA GLY M 266 37.19 -98.22 -14.01
C GLY M 266 36.17 -99.24 -14.50
N ILE M 267 36.65 -100.36 -14.95
CA ILE M 267 35.85 -101.46 -15.42
C ILE M 267 36.09 -102.60 -14.44
N CYS M 268 35.18 -103.04 -13.57
CA CYS M 268 35.29 -104.06 -12.60
C CYS M 268 34.43 -105.26 -13.04
N PHE M 269 35.04 -106.33 -13.54
CA PHE M 269 34.34 -107.48 -14.03
C PHE M 269 33.53 -108.30 -13.05
N LEU M 270 32.51 -108.94 -13.52
CA LEU M 270 31.67 -109.94 -12.82
C LEU M 270 32.36 -111.28 -13.09
N SER M 271 32.15 -112.30 -12.28
CA SER M 271 32.96 -113.50 -12.46
C SER M 271 32.11 -114.67 -12.92
N GLY M 272 30.89 -114.44 -12.56
CA GLY M 272 29.70 -115.24 -12.62
C GLY M 272 29.95 -116.63 -13.05
N GLY M 273 30.29 -117.53 -12.12
CA GLY M 273 30.48 -118.90 -12.74
C GLY M 273 31.90 -119.38 -12.94
N MET M 274 32.87 -118.51 -13.26
CA MET M 274 34.23 -119.00 -13.33
C MET M 274 34.63 -119.53 -11.95
N SER M 275 35.56 -120.48 -11.90
CA SER M 275 36.16 -120.84 -10.63
C SER M 275 36.91 -119.61 -10.13
N GLU M 276 37.34 -119.57 -8.92
CA GLU M 276 38.05 -118.40 -8.36
C GLU M 276 39.38 -118.14 -9.08
N GLU M 277 39.98 -119.21 -9.55
CA GLU M 277 41.31 -119.20 -10.14
C GLU M 277 41.20 -118.65 -11.57
N ASP M 278 40.11 -119.12 -12.23
CA ASP M 278 40.14 -118.55 -13.58
C ASP M 278 39.81 -117.11 -13.43
N ALA M 279 39.00 -116.72 -12.47
CA ALA M 279 38.62 -115.32 -12.35
C ALA M 279 39.87 -114.44 -12.19
N THR M 280 40.77 -114.92 -11.34
CA THR M 280 42.00 -114.22 -11.16
C THR M 280 42.86 -114.31 -12.40
N LEU M 281 42.99 -115.50 -12.97
CA LEU M 281 43.95 -115.67 -14.07
C LEU M 281 43.51 -114.81 -15.27
N ASN M 282 42.19 -114.78 -15.47
CA ASN M 282 41.66 -114.00 -16.58
C ASN M 282 41.83 -112.55 -16.28
N LEU M 283 41.51 -112.09 -15.10
CA LEU M 283 41.66 -110.65 -14.86
C LEU M 283 43.07 -110.15 -15.09
N ASN M 284 44.08 -110.91 -14.71
CA ASN M 284 45.48 -110.73 -14.75
C ASN M 284 46.02 -110.69 -16.18
N ALA M 285 45.47 -111.46 -17.08
CA ALA M 285 45.91 -111.35 -18.50
C ALA M 285 45.25 -110.15 -19.15
N ILE M 286 44.01 -109.82 -18.79
CA ILE M 286 43.30 -108.63 -19.22
C ILE M 286 44.26 -107.55 -18.77
N ASN M 287 44.91 -107.57 -17.61
CA ASN M 287 45.76 -106.39 -17.39
C ASN M 287 47.08 -106.43 -18.13
N LEU M 288 47.39 -107.52 -18.81
CA LEU M 288 48.62 -107.63 -19.58
C LEU M 288 48.30 -107.62 -21.05
N CYS M 289 47.08 -107.39 -21.47
CA CYS M 289 46.74 -107.42 -22.89
C CYS M 289 47.42 -106.22 -23.54
N PRO M 290 48.09 -106.43 -24.69
CA PRO M 290 48.76 -105.41 -25.44
C PRO M 290 47.74 -104.64 -26.30
N LEU M 291 46.84 -103.88 -25.70
CA LEU M 291 45.79 -103.09 -26.36
C LEU M 291 45.71 -101.84 -25.54
N PRO M 292 45.19 -100.76 -26.06
CA PRO M 292 45.00 -99.55 -25.28
C PRO M 292 44.02 -99.87 -24.18
N LYS M 293 44.25 -99.27 -23.02
CA LYS M 293 43.40 -99.67 -21.86
C LYS M 293 43.26 -98.44 -21.02
N PRO M 294 42.43 -97.53 -21.41
CA PRO M 294 42.50 -96.21 -20.79
C PRO M 294 41.97 -96.22 -19.37
N TRP M 295 41.26 -97.22 -18.94
CA TRP M 295 40.77 -97.24 -17.60
C TRP M 295 41.33 -98.33 -16.69
N LYS M 296 41.13 -98.27 -15.36
CA LYS M 296 41.35 -99.36 -14.47
C LYS M 296 40.52 -100.60 -14.84
N LEU M 297 41.13 -101.77 -14.77
CA LEU M 297 40.59 -103.07 -15.07
C LEU M 297 40.65 -103.87 -13.77
N SER M 298 39.48 -104.15 -13.20
CA SER M 298 39.50 -104.75 -11.88
C SER M 298 38.37 -105.70 -11.67
N PHE M 299 38.07 -106.06 -10.43
CA PHE M 299 37.08 -107.10 -10.08
C PHE M 299 36.09 -106.56 -9.01
N SER M 300 34.89 -107.05 -9.24
CA SER M 300 33.70 -106.88 -8.41
C SER M 300 33.23 -108.35 -8.36
N TYR M 301 33.93 -109.13 -7.61
CA TYR M 301 33.53 -110.53 -7.62
C TYR M 301 32.57 -110.77 -6.50
N GLY M 302 31.62 -111.68 -6.65
CA GLY M 302 30.68 -112.29 -5.65
C GLY M 302 31.14 -113.75 -5.45
N ARG M 303 30.84 -114.66 -6.39
CA ARG M 303 31.30 -116.03 -6.17
C ARG M 303 32.80 -116.20 -6.09
N ALA M 304 33.56 -115.74 -7.05
CA ALA M 304 34.98 -115.89 -7.13
C ALA M 304 35.73 -115.28 -5.98
N LEU M 305 35.17 -114.59 -5.01
CA LEU M 305 35.83 -114.17 -3.81
C LEU M 305 35.28 -114.88 -2.58
N GLN M 306 34.20 -115.63 -2.70
CA GLN M 306 33.60 -116.23 -1.55
C GLN M 306 33.43 -117.75 -1.56
N ALA M 307 33.81 -118.41 -2.62
CA ALA M 307 33.59 -119.83 -2.76
C ALA M 307 34.34 -120.65 -1.72
N SER M 308 35.63 -120.38 -1.70
CA SER M 308 36.45 -121.19 -0.83
C SER M 308 36.18 -120.73 0.58
N ALA M 309 35.67 -119.50 0.77
CA ALA M 309 35.48 -119.08 2.17
C ALA M 309 34.36 -119.89 2.76
N LEU M 310 33.32 -119.76 2.00
CA LEU M 310 32.03 -120.40 2.23
C LEU M 310 32.29 -121.87 2.56
N ALA M 311 33.21 -122.49 1.86
CA ALA M 311 33.44 -123.93 1.95
C ALA M 311 34.01 -124.28 3.31
N ALA M 312 35.05 -123.62 3.68
CA ALA M 312 35.78 -123.62 4.89
C ALA M 312 34.89 -123.23 6.08
N TRP M 313 33.80 -122.51 5.86
CA TRP M 313 32.91 -122.12 6.94
C TRP M 313 31.91 -123.21 7.32
N GLY M 314 31.34 -123.79 6.25
CA GLY M 314 30.36 -124.81 6.30
C GLY M 314 29.25 -124.59 7.35
N GLY M 315 29.08 -123.38 7.79
CA GLY M 315 28.01 -123.00 8.68
C GLY M 315 28.45 -122.97 10.13
N LYS M 316 29.74 -123.26 10.36
CA LYS M 316 30.22 -123.38 11.72
C LYS M 316 31.06 -122.24 12.22
N ALA M 317 30.56 -121.68 13.34
CA ALA M 317 31.31 -120.58 13.95
C ALA M 317 32.78 -120.87 14.15
N ALA M 318 32.98 -122.14 14.45
CA ALA M 318 34.35 -122.62 14.73
C ALA M 318 35.26 -122.37 13.54
N ASN M 319 34.79 -122.36 12.32
CA ASN M 319 35.63 -122.12 11.13
C ASN M 319 36.02 -120.71 10.82
N LYS M 320 35.58 -119.75 11.67
CA LYS M 320 35.87 -118.35 11.52
C LYS M 320 37.22 -118.05 10.85
N GLU M 321 38.26 -118.55 11.42
CA GLU M 321 39.61 -118.31 10.97
C GLU M 321 39.81 -118.80 9.55
N ALA M 322 39.27 -119.99 9.28
CA ALA M 322 39.65 -120.50 7.97
C ALA M 322 38.88 -119.70 6.94
N THR M 323 37.67 -119.35 7.34
CA THR M 323 36.82 -118.60 6.44
C THR M 323 37.58 -117.35 6.07
N GLN M 324 37.93 -116.62 7.13
CA GLN M 324 38.63 -115.37 6.97
C GLN M 324 39.76 -115.45 5.95
N GLU M 325 40.63 -116.40 6.17
CA GLU M 325 41.88 -116.68 5.46
C GLU M 325 41.62 -116.88 3.97
N ALA M 326 40.52 -117.59 3.74
CA ALA M 326 40.16 -117.91 2.37
C ALA M 326 39.77 -116.62 1.66
N PHE M 327 38.96 -115.85 2.36
CA PHE M 327 38.50 -114.61 1.71
C PHE M 327 39.69 -113.69 1.49
N MET M 328 40.56 -113.53 2.44
CA MET M 328 41.67 -112.65 2.34
C MET M 328 42.65 -113.17 1.27
N LYS M 329 42.74 -114.49 1.15
CA LYS M 329 43.66 -114.98 0.12
C LYS M 329 43.09 -114.57 -1.23
N ARG M 330 41.81 -114.82 -1.47
CA ARG M 330 41.34 -114.48 -2.81
C ARG M 330 41.37 -112.98 -3.02
N ALA M 331 41.05 -112.20 -1.96
CA ALA M 331 40.97 -110.75 -2.27
C ALA M 331 42.34 -110.20 -2.61
N MET M 332 43.38 -110.78 -2.07
CA MET M 332 44.72 -110.30 -2.34
C MET M 332 45.21 -110.78 -3.70
N ALA M 333 44.72 -111.89 -4.20
CA ALA M 333 45.15 -112.39 -5.49
C ALA M 333 44.47 -111.50 -6.54
N ASN M 334 43.16 -111.23 -6.30
CA ASN M 334 42.51 -110.46 -7.37
C ASN M 334 43.16 -109.12 -7.46
N CYS M 335 43.78 -108.71 -6.35
CA CYS M 335 44.30 -107.37 -6.33
C CYS M 335 45.53 -107.27 -7.20
N GLN M 336 46.22 -108.39 -7.16
CA GLN M 336 47.46 -108.53 -7.85
C GLN M 336 47.09 -108.64 -9.32
N ALA M 337 46.09 -109.46 -9.55
CA ALA M 337 45.57 -109.69 -10.90
C ALA M 337 45.17 -108.30 -11.46
N ALA M 338 44.68 -107.53 -10.52
CA ALA M 338 44.26 -106.20 -10.93
C ALA M 338 45.52 -105.43 -11.32
N LYS M 339 46.70 -105.84 -10.94
CA LYS M 339 47.85 -105.03 -11.31
C LYS M 339 48.72 -105.74 -12.32
N GLY M 340 48.21 -106.79 -12.92
CA GLY M 340 49.00 -107.45 -13.95
C GLY M 340 50.12 -108.06 -13.14
N GLN M 341 49.96 -108.25 -11.84
CA GLN M 341 51.04 -108.78 -11.00
C GLN M 341 50.79 -110.17 -10.47
N TYR M 342 49.67 -110.85 -10.71
CA TYR M 342 49.47 -112.20 -10.13
C TYR M 342 50.05 -113.28 -11.00
N VAL M 343 50.87 -114.27 -10.61
CA VAL M 343 51.39 -115.17 -11.64
C VAL M 343 50.73 -116.53 -11.80
N HIS M 344 50.12 -116.85 -10.71
CA HIS M 344 49.58 -118.10 -10.20
C HIS M 344 50.25 -117.89 -8.83
N THR M 345 49.54 -118.15 -7.76
CA THR M 345 49.73 -117.64 -6.44
C THR M 345 50.82 -117.85 -5.40
N GLY M 346 50.66 -118.94 -4.64
CA GLY M 346 51.36 -119.26 -3.39
C GLY M 346 50.16 -119.24 -2.36
N SER M 347 49.31 -120.23 -2.66
CA SER M 347 47.98 -120.27 -2.07
C SER M 347 47.34 -121.62 -1.74
N SER M 348 46.13 -121.84 -2.27
CA SER M 348 45.29 -123.03 -2.09
C SER M 348 44.60 -123.38 -3.41
N GLY M 349 43.88 -124.50 -3.44
CA GLY M 349 43.14 -124.98 -4.60
C GLY M 349 42.06 -126.02 -4.32
N ALA M 350 41.22 -126.36 -5.30
CA ALA M 350 40.09 -127.29 -5.07
C ALA M 350 38.93 -126.41 -4.55
N ALA M 351 39.32 -125.35 -3.88
CA ALA M 351 38.61 -124.21 -3.35
C ALA M 351 37.56 -123.81 -4.40
N SER M 352 38.18 -123.51 -5.52
CA SER M 352 37.63 -123.06 -6.77
C SER M 352 38.88 -122.57 -7.54
N THR M 353 39.18 -123.31 -8.51
CA THR M 353 39.58 -124.14 -9.56
C THR M 353 38.58 -125.32 -9.30
N GLN M 354 37.31 -124.93 -9.30
CA GLN M 354 36.12 -125.68 -9.05
C GLN M 354 34.91 -125.35 -9.95
N SER M 355 34.58 -124.08 -10.15
CA SER M 355 33.55 -123.64 -11.09
C SER M 355 32.14 -123.48 -10.53
N LEU M 356 31.82 -122.19 -10.30
CA LEU M 356 30.52 -121.89 -9.68
C LEU M 356 29.44 -121.57 -10.69
N PHE M 357 29.53 -122.20 -11.81
CA PHE M 357 28.47 -121.92 -12.77
C PHE M 357 27.07 -122.39 -12.33
N THR M 358 26.09 -121.54 -12.66
CA THR M 358 24.69 -121.97 -12.55
C THR M 358 23.92 -121.42 -13.77
N ALA M 359 23.28 -122.42 -14.42
CA ALA M 359 22.58 -122.24 -15.67
C ALA M 359 21.25 -121.50 -15.51
N CYS M 360 21.20 -120.28 -16.09
CA CYS M 360 20.02 -119.43 -16.02
C CYS M 360 19.43 -118.90 -17.32
N ALA N 1 11.97 -109.77 -29.26
CA ALA N 1 12.67 -111.08 -29.69
C ALA N 1 11.91 -111.53 -30.95
N HIS N 2 12.20 -112.50 -31.81
CA HIS N 2 11.58 -112.73 -33.10
C HIS N 2 10.46 -113.78 -33.24
N ARG N 3 9.43 -113.45 -32.47
CA ARG N 3 8.15 -113.92 -32.19
C ARG N 3 7.78 -115.39 -32.09
N PHE N 4 7.84 -115.73 -30.83
CA PHE N 4 7.29 -115.97 -29.56
C PHE N 4 6.35 -114.75 -29.49
N PRO N 5 5.16 -114.98 -29.99
CA PRO N 5 4.03 -114.08 -29.97
C PRO N 5 3.74 -113.62 -28.53
N ALA N 6 3.49 -112.36 -28.24
CA ALA N 6 3.24 -112.01 -26.87
C ALA N 6 1.93 -112.57 -26.33
N LEU N 7 0.91 -112.62 -27.16
CA LEU N 7 -0.45 -112.99 -26.84
C LEU N 7 -1.09 -114.06 -27.68
N THR N 8 -1.95 -114.81 -26.97
CA THR N 8 -2.69 -115.89 -27.69
C THR N 8 -3.87 -115.26 -28.43
N GLN N 9 -4.31 -116.02 -29.45
CA GLN N 9 -5.51 -115.47 -30.10
C GLN N 9 -6.57 -115.27 -28.97
N GLU N 10 -6.63 -116.18 -27.98
CA GLU N 10 -7.75 -115.87 -27.09
C GLU N 10 -7.57 -114.52 -26.38
N GLN N 11 -6.32 -114.37 -25.93
CA GLN N 11 -6.07 -113.17 -25.10
C GLN N 11 -6.38 -111.99 -25.97
N LYS N 12 -6.00 -112.27 -27.23
CA LYS N 12 -6.32 -111.08 -28.09
C LYS N 12 -7.82 -110.73 -28.11
N LYS N 13 -8.54 -111.85 -28.32
CA LYS N 13 -9.98 -111.73 -28.44
C LYS N 13 -10.59 -110.97 -27.28
N GLU N 14 -10.08 -111.42 -26.12
CA GLU N 14 -10.69 -110.65 -25.00
C GLU N 14 -10.34 -109.21 -25.08
N LEU N 15 -9.01 -108.99 -25.41
CA LEU N 15 -8.67 -107.56 -25.27
C LEU N 15 -9.47 -106.73 -26.25
N SER N 16 -9.56 -107.27 -27.45
CA SER N 16 -10.34 -106.63 -28.51
C SER N 16 -11.77 -106.35 -28.11
N GLU N 17 -12.43 -107.43 -27.58
CA GLU N 17 -13.81 -107.15 -27.22
C GLU N 17 -13.93 -106.16 -26.09
N ILE N 18 -13.02 -106.24 -25.09
CA ILE N 18 -13.24 -105.16 -24.06
C ILE N 18 -13.01 -103.79 -24.69
N ALA N 19 -11.99 -103.60 -25.60
CA ALA N 19 -11.74 -102.25 -26.06
C ALA N 19 -12.90 -101.65 -26.86
N GLN N 20 -13.53 -102.60 -27.64
CA GLN N 20 -14.66 -102.05 -28.47
C GLN N 20 -15.85 -101.76 -27.62
N SER N 21 -16.13 -102.65 -26.69
CA SER N 21 -17.32 -102.40 -25.87
C SER N 21 -17.26 -101.05 -25.17
N ILE N 22 -16.03 -100.66 -24.79
CA ILE N 22 -16.07 -99.35 -24.08
C ILE N 22 -16.43 -98.28 -25.09
N VAL N 23 -16.19 -98.29 -26.41
CA VAL N 23 -16.51 -97.05 -27.21
C VAL N 23 -17.63 -97.30 -28.23
N ALA N 24 -18.35 -98.35 -27.86
CA ALA N 24 -19.40 -98.91 -28.62
C ALA N 24 -20.48 -98.04 -29.16
N ASN N 25 -21.22 -97.18 -28.52
CA ASN N 25 -22.22 -96.64 -29.56
C ASN N 25 -22.19 -95.17 -29.24
N GLY N 26 -21.03 -94.61 -29.61
CA GLY N 26 -20.87 -93.20 -29.34
C GLY N 26 -20.70 -93.17 -27.83
N LYS N 27 -20.51 -94.36 -27.20
CA LYS N 27 -20.31 -94.18 -25.72
C LYS N 27 -18.91 -93.58 -25.58
N GLY N 28 -18.64 -93.25 -24.35
CA GLY N 28 -17.43 -92.77 -23.80
C GLY N 28 -17.09 -93.12 -22.34
N ILE N 29 -16.08 -92.34 -21.90
CA ILE N 29 -15.52 -92.62 -20.61
C ILE N 29 -15.57 -91.55 -19.55
N LEU N 30 -15.92 -91.90 -18.29
CA LEU N 30 -15.90 -90.91 -17.20
C LEU N 30 -14.60 -91.18 -16.45
N ALA N 31 -13.84 -90.09 -16.53
CA ALA N 31 -12.48 -90.19 -15.97
C ALA N 31 -12.66 -89.73 -14.56
N ALA N 32 -13.03 -90.58 -13.62
CA ALA N 32 -13.21 -90.20 -12.19
C ALA N 32 -11.99 -90.54 -11.36
N ASP N 33 -10.82 -90.55 -12.02
CA ASP N 33 -9.61 -91.10 -11.43
C ASP N 33 -8.68 -90.10 -10.86
N GLU N 34 -9.23 -88.92 -10.59
CA GLU N 34 -8.37 -87.94 -9.89
C GLU N 34 -7.89 -88.46 -8.53
N SER N 35 -6.65 -88.09 -8.36
CA SER N 35 -5.93 -88.37 -7.15
C SER N 35 -6.55 -87.49 -6.06
N VAL N 36 -6.10 -87.88 -4.86
CA VAL N 36 -6.45 -87.17 -3.63
C VAL N 36 -5.96 -85.76 -3.79
N GLY N 37 -4.85 -85.51 -4.46
CA GLY N 37 -4.52 -84.06 -4.48
C GLY N 37 -5.29 -83.34 -5.59
N THR N 38 -5.51 -84.15 -6.66
CA THR N 38 -6.23 -83.43 -7.72
C THR N 38 -7.62 -83.11 -7.21
N MET N 39 -8.34 -84.16 -6.75
CA MET N 39 -9.74 -83.89 -6.38
C MET N 39 -9.74 -82.69 -5.44
N GLY N 40 -8.70 -82.72 -4.61
CA GLY N 40 -8.65 -81.62 -3.59
C GLY N 40 -8.87 -80.29 -4.30
N ASN N 41 -8.14 -80.12 -5.43
CA ASN N 41 -8.23 -78.90 -6.24
C ASN N 41 -9.65 -78.63 -6.70
N ARG N 42 -10.24 -79.71 -7.27
CA ARG N 42 -11.65 -79.56 -7.63
C ARG N 42 -12.52 -79.28 -6.41
N LEU N 43 -12.41 -79.91 -5.24
CA LEU N 43 -13.41 -79.58 -4.16
C LEU N 43 -13.22 -78.15 -3.68
N GLN N 44 -11.90 -77.80 -3.73
CA GLN N 44 -11.52 -76.45 -3.36
C GLN N 44 -12.47 -75.49 -4.10
N ARG N 45 -12.46 -75.74 -5.46
CA ARG N 45 -13.33 -74.89 -6.31
C ARG N 45 -14.72 -74.65 -5.69
N ILE N 46 -15.39 -75.74 -5.31
CA ILE N 46 -16.71 -75.49 -4.72
C ILE N 46 -16.66 -75.23 -3.22
N LYS N 47 -15.44 -75.10 -2.68
CA LYS N 47 -15.37 -74.87 -1.21
C LYS N 47 -15.88 -76.04 -0.37
N VAL N 48 -15.16 -77.16 -0.59
CA VAL N 48 -15.50 -78.37 0.17
C VAL N 48 -14.19 -78.98 0.64
N GLU N 49 -14.08 -79.38 1.89
CA GLU N 49 -12.83 -79.95 2.39
C GLU N 49 -12.42 -81.28 1.78
N ASN N 50 -11.18 -81.33 1.26
CA ASN N 50 -10.66 -82.51 0.57
C ASN N 50 -10.67 -83.65 1.58
N THR N 51 -11.63 -84.55 1.47
CA THR N 51 -11.82 -85.56 2.53
C THR N 51 -12.23 -86.89 1.98
N GLU N 52 -11.55 -88.01 2.23
CA GLU N 52 -12.05 -89.24 1.58
C GLU N 52 -13.56 -89.28 1.77
N GLU N 53 -14.19 -88.80 2.85
CA GLU N 53 -15.66 -88.87 2.89
C GLU N 53 -16.27 -87.97 1.80
N ASN N 54 -15.61 -86.83 1.60
CA ASN N 54 -16.18 -85.93 0.59
C ASN N 54 -16.02 -86.56 -0.78
N ARG N 55 -14.83 -86.96 -1.16
CA ARG N 55 -14.60 -87.62 -2.45
C ARG N 55 -15.52 -88.83 -2.55
N ARG N 56 -15.49 -89.72 -1.58
CA ARG N 56 -16.35 -90.87 -1.46
C ARG N 56 -17.83 -90.54 -1.76
N GLN N 57 -18.28 -89.48 -1.15
CA GLN N 57 -19.66 -89.08 -1.32
C GLN N 57 -19.97 -88.59 -2.73
N PHE N 58 -19.14 -87.65 -3.20
CA PHE N 58 -19.38 -87.05 -4.51
C PHE N 58 -19.38 -88.10 -5.61
N ARG N 59 -18.50 -89.07 -5.46
CA ARG N 59 -18.49 -90.14 -6.46
C ARG N 59 -19.71 -90.98 -6.36
N GLU N 60 -20.11 -91.22 -5.11
CA GLU N 60 -21.32 -92.07 -4.90
C GLU N 60 -22.54 -91.45 -5.57
N ILE N 61 -22.66 -90.09 -5.65
CA ILE N 61 -23.81 -89.57 -6.38
C ILE N 61 -23.59 -89.81 -7.85
N LEU N 62 -22.37 -89.59 -8.40
CA LEU N 62 -22.32 -89.84 -9.83
C LEU N 62 -22.51 -91.35 -10.00
N PHE N 63 -22.02 -92.26 -9.12
CA PHE N 63 -22.19 -93.64 -9.71
C PHE N 63 -23.56 -94.23 -9.38
N SER N 64 -24.36 -93.56 -8.56
CA SER N 64 -25.73 -94.08 -8.34
C SER N 64 -26.72 -93.68 -9.40
N VAL N 65 -26.45 -92.75 -10.25
CA VAL N 65 -27.32 -92.33 -11.32
C VAL N 65 -28.03 -93.48 -12.01
N ASP N 66 -29.14 -93.06 -12.62
CA ASP N 66 -29.97 -93.98 -13.38
C ASP N 66 -29.16 -94.89 -14.27
N SER N 67 -29.53 -96.12 -14.46
CA SER N 67 -28.84 -97.07 -15.31
C SER N 67 -28.71 -96.63 -16.74
N SER N 68 -29.58 -95.66 -17.03
CA SER N 68 -29.56 -95.24 -18.44
C SER N 68 -28.22 -94.60 -18.75
N ILE N 69 -27.51 -93.96 -17.84
CA ILE N 69 -26.13 -93.51 -18.02
C ILE N 69 -25.37 -94.52 -18.86
N ASN N 70 -25.78 -95.81 -18.97
CA ASN N 70 -24.97 -96.66 -19.82
C ASN N 70 -25.28 -96.58 -21.31
N GLN N 71 -25.85 -95.43 -21.65
CA GLN N 71 -26.18 -95.27 -23.08
C GLN N 71 -25.23 -94.32 -23.80
N SER N 72 -24.56 -93.61 -22.93
CA SER N 72 -23.54 -92.66 -22.95
C SER N 72 -22.17 -93.10 -22.41
N ILE N 73 -22.17 -93.44 -21.12
CA ILE N 73 -20.86 -93.82 -20.55
C ILE N 73 -20.53 -95.30 -20.78
N GLY N 74 -19.45 -95.69 -21.41
CA GLY N 74 -19.19 -97.12 -21.64
C GLY N 74 -18.13 -97.61 -20.62
N GLY N 75 -17.51 -96.62 -19.93
CA GLY N 75 -16.56 -97.00 -18.95
C GLY N 75 -16.15 -95.97 -17.92
N VAL N 76 -15.51 -96.52 -16.84
CA VAL N 76 -15.19 -95.54 -15.78
C VAL N 76 -13.80 -95.98 -15.30
N ILE N 77 -12.94 -94.94 -15.23
CA ILE N 77 -11.61 -95.04 -14.73
C ILE N 77 -11.62 -94.52 -13.28
N LEU N 78 -11.21 -95.45 -12.40
CA LEU N 78 -11.12 -95.14 -10.98
C LEU N 78 -9.68 -95.11 -10.55
N PHE N 79 -9.54 -94.32 -9.51
CA PHE N 79 -8.26 -94.21 -8.82
C PHE N 79 -8.22 -95.29 -7.80
N HIS N 80 -7.26 -96.02 -7.38
CA HIS N 80 -7.19 -97.10 -6.43
C HIS N 80 -8.12 -97.04 -5.25
N GLU N 81 -8.02 -96.03 -4.38
CA GLU N 81 -8.80 -95.90 -3.18
C GLU N 81 -10.23 -96.16 -3.56
N THR N 82 -10.63 -95.43 -4.61
CA THR N 82 -12.02 -95.59 -4.95
C THR N 82 -12.36 -96.91 -5.57
N LEU N 83 -11.46 -97.71 -6.17
CA LEU N 83 -11.87 -99.07 -6.58
C LEU N 83 -12.37 -99.86 -5.36
N TYR N 84 -12.04 -99.47 -4.11
CA TYR N 84 -12.37 -100.37 -3.01
C TYR N 84 -13.38 -99.71 -2.10
N GLN N 85 -13.89 -98.53 -2.44
CA GLN N 85 -14.96 -97.88 -1.72
C GLN N 85 -16.39 -98.43 -1.94
N LYS N 86 -17.29 -98.12 -0.97
CA LYS N 86 -18.66 -98.56 -1.09
C LYS N 86 -19.67 -97.42 -0.90
N ASP N 87 -20.88 -97.81 -1.31
CA ASP N 87 -22.04 -96.94 -1.10
C ASP N 87 -22.24 -96.62 0.38
N SER N 88 -23.39 -95.99 0.58
CA SER N 88 -23.78 -95.95 1.99
C SER N 88 -24.54 -97.23 2.31
N GLN N 89 -24.85 -98.13 1.43
CA GLN N 89 -25.29 -99.44 1.87
C GLN N 89 -24.13 -100.45 1.78
N GLY N 90 -22.89 -100.00 1.68
CA GLY N 90 -21.85 -101.00 1.69
C GLY N 90 -21.69 -101.83 0.44
N LYS N 91 -22.35 -101.44 -0.65
CA LYS N 91 -22.12 -102.07 -1.95
C LYS N 91 -20.98 -101.30 -2.68
N LEU N 92 -20.06 -102.08 -3.24
CA LEU N 92 -18.85 -101.42 -3.81
C LEU N 92 -19.24 -100.78 -5.15
N PHE N 93 -18.89 -99.51 -5.24
CA PHE N 93 -18.99 -98.74 -6.46
C PHE N 93 -18.65 -99.57 -7.74
N ARG N 94 -17.61 -100.42 -7.73
CA ARG N 94 -17.29 -101.09 -9.00
C ARG N 94 -18.39 -102.06 -9.33
N ASN N 95 -19.05 -102.64 -8.29
CA ASN N 95 -20.08 -103.64 -8.69
C ASN N 95 -21.31 -102.83 -9.08
N ILE N 96 -21.38 -101.62 -8.44
CA ILE N 96 -22.50 -100.79 -8.85
C ILE N 96 -22.37 -100.54 -10.34
N LEU N 97 -21.15 -100.10 -10.77
CA LEU N 97 -20.94 -99.74 -12.18
C LEU N 97 -20.98 -100.95 -13.09
N LYS N 98 -20.33 -102.04 -12.67
CA LYS N 98 -20.40 -103.23 -13.52
C LYS N 98 -21.85 -103.69 -13.71
N GLU N 99 -22.56 -103.79 -12.55
CA GLU N 99 -23.95 -104.24 -12.75
C GLU N 99 -24.77 -103.31 -13.69
N LYS N 100 -24.57 -101.98 -13.87
CA LYS N 100 -25.42 -101.30 -14.88
C LYS N 100 -24.66 -101.29 -16.21
N GLY N 101 -23.89 -102.31 -16.58
CA GLY N 101 -23.23 -102.39 -17.81
C GLY N 101 -22.02 -101.48 -18.04
N ILE N 102 -21.49 -100.80 -17.07
CA ILE N 102 -20.25 -100.06 -17.32
C ILE N 102 -18.95 -100.73 -16.99
N VAL N 103 -17.96 -100.76 -17.87
CA VAL N 103 -16.60 -101.31 -17.69
C VAL N 103 -15.70 -100.48 -16.77
N VAL N 104 -15.09 -101.23 -15.78
CA VAL N 104 -14.34 -100.37 -14.85
C VAL N 104 -12.87 -100.52 -15.10
N GLY N 105 -12.23 -99.41 -15.00
CA GLY N 105 -10.77 -99.36 -15.19
C GLY N 105 -10.11 -98.58 -14.02
N ILE N 106 -8.78 -98.67 -14.04
CA ILE N 106 -7.98 -98.10 -12.95
C ILE N 106 -6.76 -97.31 -13.40
N LYS N 107 -6.43 -96.26 -12.69
CA LYS N 107 -5.22 -95.48 -13.08
C LYS N 107 -3.99 -96.24 -12.72
N LEU N 108 -3.05 -96.61 -13.58
CA LEU N 108 -1.99 -97.52 -13.15
C LEU N 108 -0.74 -96.71 -12.95
N ASP N 109 -0.72 -95.57 -13.60
CA ASP N 109 0.61 -94.87 -13.56
C ASP N 109 0.92 -94.51 -12.13
N GLN N 110 2.04 -93.93 -11.79
CA GLN N 110 2.24 -93.52 -10.44
C GLN N 110 2.88 -92.15 -10.34
N GLY N 111 2.58 -91.36 -11.37
CA GLY N 111 3.14 -90.00 -11.17
C GLY N 111 4.46 -89.86 -11.96
N GLY N 112 4.76 -88.58 -12.06
CA GLY N 112 5.95 -88.09 -12.69
C GLY N 112 7.27 -88.30 -12.01
N ALA N 113 8.32 -88.19 -12.85
CA ALA N 113 9.67 -88.26 -12.27
C ALA N 113 10.56 -87.37 -13.12
N PRO N 114 11.32 -86.57 -12.51
CA PRO N 114 12.11 -85.50 -13.13
C PRO N 114 13.20 -86.15 -13.94
N LEU N 115 13.40 -85.63 -15.11
CA LEU N 115 14.36 -86.19 -16.13
C LEU N 115 15.50 -85.21 -16.16
N ALA N 116 16.57 -85.64 -15.51
CA ALA N 116 17.68 -84.70 -15.30
C ALA N 116 18.18 -84.24 -16.63
N GLY N 117 18.88 -83.13 -16.52
CA GLY N 117 19.60 -82.66 -17.67
C GLY N 117 18.60 -82.29 -18.75
N THR N 118 17.38 -82.01 -18.36
CA THR N 118 16.28 -81.46 -19.15
C THR N 118 15.71 -80.16 -18.68
N ASN N 119 15.02 -79.34 -19.48
CA ASN N 119 14.43 -78.09 -19.02
C ASN N 119 13.07 -78.42 -18.34
N LYS N 120 13.07 -79.02 -17.14
CA LYS N 120 11.88 -79.29 -16.39
C LYS N 120 10.99 -80.38 -16.88
N GLU N 121 11.47 -81.25 -17.72
CA GLU N 121 10.74 -82.44 -18.19
C GLU N 121 10.70 -83.64 -17.27
N THR N 122 9.66 -84.50 -17.49
CA THR N 122 9.49 -85.66 -16.64
C THR N 122 9.29 -86.94 -17.46
N THR N 123 9.53 -88.00 -16.67
CA THR N 123 8.96 -89.32 -17.08
C THR N 123 7.86 -89.78 -16.14
N ILE N 124 7.45 -91.10 -16.25
CA ILE N 124 6.26 -91.36 -15.33
C ILE N 124 6.57 -92.68 -14.67
N GLN N 125 6.50 -92.74 -13.37
CA GLN N 125 6.67 -93.93 -12.59
C GLN N 125 5.44 -94.85 -12.63
N GLY N 126 5.70 -96.10 -12.18
CA GLY N 126 4.67 -97.09 -12.15
C GLY N 126 4.96 -98.42 -12.80
N LEU N 127 6.07 -98.63 -13.44
CA LEU N 127 6.14 -100.03 -14.00
C LEU N 127 6.60 -101.00 -12.92
N ASP N 128 7.14 -100.52 -11.74
CA ASP N 128 7.58 -101.68 -10.86
C ASP N 128 6.38 -102.42 -10.33
N GLY N 129 6.44 -103.73 -10.38
CA GLY N 129 5.38 -104.60 -9.88
C GLY N 129 4.03 -104.41 -10.52
N LEU N 130 4.10 -103.76 -11.69
CA LEU N 130 2.82 -103.51 -12.37
C LEU N 130 2.11 -104.81 -12.71
N SER N 131 2.81 -105.84 -13.11
CA SER N 131 2.08 -107.02 -13.48
C SER N 131 1.33 -107.64 -12.33
N GLU N 132 1.95 -107.64 -11.16
CA GLU N 132 1.30 -108.37 -10.05
C GLU N 132 0.04 -107.52 -9.76
N ARG N 133 0.27 -106.23 -9.78
CA ARG N 133 -0.87 -105.31 -9.71
C ARG N 133 -1.93 -105.51 -10.76
N CYS N 134 -1.52 -105.53 -12.02
CA CYS N 134 -2.61 -105.70 -13.01
C CYS N 134 -3.35 -106.98 -12.65
N ALA N 135 -2.73 -108.09 -12.33
CA ALA N 135 -3.43 -109.32 -12.13
C ALA N 135 -4.46 -109.20 -11.01
N GLN N 136 -3.99 -108.46 -10.01
CA GLN N 136 -4.85 -108.34 -8.83
C GLN N 136 -6.09 -107.55 -9.22
N TYR N 137 -5.81 -106.47 -9.99
CA TYR N 137 -6.98 -105.66 -10.37
C TYR N 137 -7.96 -106.42 -11.20
N LYS N 138 -7.46 -107.25 -12.11
CA LYS N 138 -8.36 -107.97 -12.98
C LYS N 138 -9.33 -108.79 -12.09
N LYS N 139 -8.79 -109.27 -10.98
CA LYS N 139 -9.46 -110.19 -10.07
C LYS N 139 -10.40 -109.38 -9.18
N ASP N 140 -10.14 -108.10 -9.06
CA ASP N 140 -11.04 -107.19 -8.40
C ASP N 140 -11.95 -106.47 -9.40
N GLY N 141 -12.22 -107.10 -10.55
CA GLY N 141 -13.14 -106.44 -11.44
C GLY N 141 -12.68 -105.52 -12.50
N VAL N 142 -11.42 -105.09 -12.46
CA VAL N 142 -11.02 -104.17 -13.52
C VAL N 142 -10.81 -104.79 -14.84
N ASP N 143 -11.18 -104.05 -15.90
CA ASP N 143 -10.83 -104.63 -17.21
C ASP N 143 -9.92 -103.75 -18.04
N PHE N 144 -9.45 -102.59 -17.64
CA PHE N 144 -8.66 -101.78 -18.59
C PHE N 144 -7.89 -100.78 -17.71
N GLY N 145 -6.80 -100.26 -18.24
CA GLY N 145 -5.86 -99.46 -17.43
C GLY N 145 -5.65 -98.11 -18.06
N LYS N 146 -5.15 -97.12 -17.33
CA LYS N 146 -4.85 -95.80 -17.83
C LYS N 146 -3.46 -95.40 -17.44
N TRP N 147 -2.67 -94.79 -18.27
CA TRP N 147 -1.36 -94.34 -17.84
C TRP N 147 -1.14 -92.97 -18.50
N ARG N 148 -0.95 -91.95 -17.67
CA ARG N 148 -0.79 -90.74 -18.41
C ARG N 148 0.63 -90.13 -18.42
N ALA N 149 1.11 -89.95 -19.63
CA ALA N 149 2.38 -89.16 -19.66
C ALA N 149 2.16 -87.72 -19.95
N VAL N 150 3.06 -86.88 -19.48
CA VAL N 150 2.85 -85.44 -19.75
C VAL N 150 3.97 -84.86 -20.58
N LEU N 151 3.76 -84.21 -21.72
CA LEU N 151 4.83 -83.47 -22.40
C LEU N 151 4.34 -82.03 -22.61
N ARG N 152 5.31 -81.13 -22.56
CA ARG N 152 4.94 -79.75 -22.75
C ARG N 152 5.90 -79.14 -23.79
N ILE N 153 5.42 -77.99 -24.23
CA ILE N 153 6.04 -77.15 -25.19
C ILE N 153 6.62 -75.93 -24.52
N ALA N 154 7.97 -75.90 -24.64
CA ALA N 154 8.56 -74.71 -24.00
C ALA N 154 10.02 -74.59 -24.48
N ASP N 155 10.80 -73.76 -23.75
CA ASP N 155 12.21 -73.79 -24.19
C ASP N 155 12.81 -75.20 -24.13
N GLN N 156 13.25 -75.63 -25.32
CA GLN N 156 13.74 -76.99 -25.46
C GLN N 156 12.83 -78.14 -25.17
N CYS N 157 11.54 -78.06 -25.18
CA CYS N 157 10.72 -79.24 -24.88
C CYS N 157 9.66 -79.21 -25.95
N PRO N 158 9.15 -80.35 -26.30
CA PRO N 158 9.50 -81.60 -25.67
C PRO N 158 10.77 -82.11 -26.35
N SER N 159 11.70 -82.63 -25.55
CA SER N 159 12.94 -83.14 -25.96
C SER N 159 12.83 -84.57 -26.49
N SER N 160 13.89 -84.90 -27.32
CA SER N 160 13.93 -86.30 -27.77
C SER N 160 13.97 -87.14 -26.50
N LEU N 161 14.84 -86.75 -25.52
CA LEU N 161 14.88 -87.64 -24.38
C LEU N 161 13.46 -87.87 -23.81
N ALA N 162 12.77 -86.80 -23.44
CA ALA N 162 11.44 -86.85 -22.88
C ALA N 162 10.52 -87.71 -23.73
N ILE N 163 10.49 -87.38 -25.03
CA ILE N 163 9.59 -88.08 -25.92
C ILE N 163 9.87 -89.56 -25.96
N GLN N 164 11.16 -89.81 -26.19
CA GLN N 164 11.44 -91.28 -26.36
C GLN N 164 11.03 -92.06 -25.09
N GLU N 165 11.57 -91.52 -23.99
CA GLU N 165 11.37 -92.16 -22.70
C GLU N 165 9.89 -92.32 -22.34
N ASN N 166 9.04 -91.27 -22.47
CA ASN N 166 7.62 -91.44 -22.09
C ASN N 166 6.93 -92.43 -22.97
N ALA N 167 7.40 -92.47 -24.24
CA ALA N 167 6.91 -93.53 -25.12
C ALA N 167 7.39 -94.93 -24.75
N ASN N 168 8.71 -94.97 -24.35
CA ASN N 168 9.03 -96.37 -23.95
C ASN N 168 8.18 -96.76 -22.70
N ALA N 169 7.99 -95.85 -21.75
CA ALA N 169 7.30 -96.22 -20.52
C ALA N 169 5.90 -96.67 -20.86
N LEU N 170 5.19 -95.83 -21.63
CA LEU N 170 3.86 -96.18 -22.14
C LEU N 170 4.01 -97.50 -22.95
N ALA N 171 5.09 -97.74 -23.75
CA ALA N 171 5.14 -99.04 -24.38
C ALA N 171 5.16 -100.16 -23.34
N ARG N 172 5.98 -100.00 -22.31
CA ARG N 172 6.05 -101.13 -21.34
C ARG N 172 4.74 -101.42 -20.54
N TYR N 173 4.14 -100.32 -20.16
CA TYR N 173 2.94 -100.38 -19.40
C TYR N 173 1.88 -101.12 -20.18
N ALA N 174 1.87 -100.69 -21.44
CA ALA N 174 0.82 -101.29 -22.30
C ALA N 174 1.07 -102.77 -22.40
N SER N 175 2.32 -103.15 -22.70
CA SER N 175 2.58 -104.60 -22.85
C SER N 175 2.25 -105.35 -21.55
N ILE N 176 2.64 -104.84 -20.39
CA ILE N 176 2.30 -105.44 -19.12
C ILE N 176 0.78 -105.62 -18.86
N CYS N 177 -0.02 -104.57 -19.02
CA CYS N 177 -1.46 -104.68 -18.94
C CYS N 177 -1.97 -105.83 -19.79
N GLN N 178 -1.69 -105.74 -21.12
CA GLN N 178 -2.12 -106.73 -22.10
C GLN N 178 -1.78 -108.11 -21.62
N GLN N 179 -0.63 -108.33 -21.00
CA GLN N 179 -0.34 -109.70 -20.53
C GLN N 179 -1.25 -110.27 -19.42
N ASN N 180 -2.01 -109.39 -18.76
CA ASN N 180 -2.93 -109.69 -17.70
C ASN N 180 -4.42 -109.37 -17.92
N GLY N 181 -4.83 -109.22 -19.17
CA GLY N 181 -6.27 -109.09 -19.50
C GLY N 181 -6.83 -107.70 -19.29
N LEU N 182 -6.00 -106.65 -19.14
CA LEU N 182 -6.63 -105.36 -19.08
C LEU N 182 -6.31 -104.66 -20.42
N VAL N 183 -7.16 -103.77 -20.91
CA VAL N 183 -6.87 -103.06 -22.15
C VAL N 183 -6.27 -101.73 -21.69
N PRO N 184 -5.09 -101.40 -22.19
CA PRO N 184 -4.30 -100.28 -21.74
C PRO N 184 -4.70 -99.01 -22.42
N ILE N 185 -5.16 -98.00 -21.69
CA ILE N 185 -5.51 -96.78 -22.40
C ILE N 185 -4.19 -95.92 -22.47
N VAL N 186 -3.42 -95.84 -23.54
CA VAL N 186 -2.19 -94.96 -23.60
C VAL N 186 -2.50 -93.53 -23.63
N GLU N 187 -2.12 -92.69 -22.66
CA GLU N 187 -2.48 -91.24 -22.70
C GLU N 187 -1.24 -90.38 -22.87
N PRO N 188 -0.79 -90.09 -24.08
CA PRO N 188 0.42 -89.26 -24.24
C PRO N 188 -0.03 -87.81 -24.16
N GLU N 189 -0.43 -87.14 -23.13
CA GLU N 189 -0.90 -85.76 -23.38
C GLU N 189 0.13 -84.67 -23.63
N VAL N 190 -0.09 -83.81 -24.64
CA VAL N 190 0.71 -82.60 -24.80
C VAL N 190 0.01 -81.44 -24.06
N ILE N 191 0.42 -81.04 -22.89
CA ILE N 191 -0.04 -79.95 -22.01
C ILE N 191 -0.22 -78.68 -22.75
N PRO N 192 -1.36 -78.03 -22.68
CA PRO N 192 -1.64 -76.81 -23.38
C PRO N 192 -0.93 -75.64 -22.76
N ASP N 193 -0.20 -75.80 -21.68
CA ASP N 193 0.44 -74.59 -21.13
C ASP N 193 1.22 -73.86 -22.22
N GLY N 194 1.27 -72.56 -22.17
CA GLY N 194 1.97 -71.64 -22.98
C GLY N 194 1.20 -70.79 -23.98
N ASP N 195 1.96 -69.98 -24.65
CA ASP N 195 1.78 -69.16 -25.77
C ASP N 195 1.69 -69.80 -27.15
N HIS N 196 2.19 -71.01 -27.30
CA HIS N 196 2.14 -71.60 -28.65
C HIS N 196 0.76 -71.53 -29.29
N ASP N 197 0.82 -71.52 -30.61
CA ASP N 197 -0.41 -71.39 -31.37
C ASP N 197 -0.80 -72.84 -31.74
N LEU N 198 -1.88 -72.99 -32.46
CA LEU N 198 -2.42 -74.26 -32.86
C LEU N 198 -1.49 -75.09 -33.73
N GLU N 199 -0.79 -74.44 -34.66
CA GLU N 199 -0.03 -75.23 -35.66
C GLU N 199 1.16 -75.88 -35.01
N HIS N 200 1.65 -75.19 -34.00
CA HIS N 200 2.78 -75.61 -33.19
C HIS N 200 2.40 -76.86 -32.42
N CYS N 201 1.35 -76.78 -31.64
CA CYS N 201 0.79 -77.93 -30.92
C CYS N 201 0.50 -79.09 -31.83
N GLN N 202 0.00 -78.83 -33.01
CA GLN N 202 -0.29 -79.97 -33.88
C GLN N 202 0.99 -80.70 -34.30
N TYR N 203 2.10 -79.92 -34.43
CA TYR N 203 3.39 -80.39 -34.93
C TYR N 203 4.05 -81.30 -33.91
N VAL N 204 3.97 -80.87 -32.65
CA VAL N 204 4.48 -81.62 -31.50
C VAL N 204 3.53 -82.77 -31.33
N THR N 205 2.21 -82.64 -31.44
CA THR N 205 1.35 -83.83 -31.23
C THR N 205 1.62 -84.83 -32.29
N GLU N 206 1.85 -84.41 -33.53
CA GLU N 206 2.18 -85.57 -34.44
C GLU N 206 3.52 -86.20 -34.07
N LYS N 207 4.50 -85.41 -33.62
CA LYS N 207 5.79 -86.07 -33.31
C LYS N 207 5.68 -87.07 -32.18
N VAL N 208 5.17 -86.57 -31.03
CA VAL N 208 4.84 -87.44 -29.91
C VAL N 208 4.02 -88.63 -30.34
N LEU N 209 2.98 -88.51 -31.16
CA LEU N 209 2.27 -89.76 -31.47
C LEU N 209 3.08 -90.70 -32.37
N ALA N 210 4.05 -90.09 -33.14
CA ALA N 210 4.58 -91.13 -34.09
C ALA N 210 5.54 -91.86 -33.16
N ALA N 211 6.04 -91.16 -32.10
CA ALA N 211 6.99 -91.91 -31.25
C ALA N 211 6.21 -92.93 -30.46
N VAL N 212 5.09 -92.40 -29.88
CA VAL N 212 4.38 -93.42 -29.09
C VAL N 212 4.12 -94.70 -29.85
N TYR N 213 3.61 -94.58 -31.10
CA TYR N 213 3.19 -95.79 -31.76
C TYR N 213 4.36 -96.65 -32.20
N LYS N 214 5.56 -96.11 -32.41
CA LYS N 214 6.66 -96.98 -32.91
C LYS N 214 7.14 -97.84 -31.79
N ALA N 215 7.13 -97.14 -30.65
CA ALA N 215 7.63 -97.82 -29.41
C ALA N 215 6.62 -98.90 -29.14
N LEU N 216 5.32 -98.59 -29.24
CA LEU N 216 4.41 -99.78 -28.97
C LEU N 216 4.66 -100.80 -30.04
N ASN N 217 5.19 -100.43 -31.18
CA ASN N 217 5.37 -101.53 -32.18
C ASN N 217 6.59 -102.34 -31.82
N ASP N 218 7.54 -101.52 -31.35
CA ASP N 218 8.73 -102.27 -30.96
C ASP N 218 8.32 -103.26 -29.89
N HIS N 219 7.52 -102.90 -28.93
CA HIS N 219 7.23 -103.64 -27.71
C HIS N 219 6.12 -104.63 -27.93
N HIS N 220 6.00 -105.14 -29.13
CA HIS N 220 4.91 -106.04 -29.44
C HIS N 220 3.55 -105.73 -28.83
N VAL N 221 3.08 -104.44 -28.79
CA VAL N 221 1.80 -104.16 -28.19
C VAL N 221 0.65 -104.53 -29.13
N TYR N 222 -0.52 -105.07 -28.84
CA TYR N 222 -1.55 -105.44 -29.82
C TYR N 222 -2.50 -104.25 -30.00
N LEU N 223 -2.42 -103.57 -31.20
CA LEU N 223 -3.22 -102.31 -31.10
C LEU N 223 -4.68 -102.56 -30.91
N GLU N 224 -5.21 -103.50 -31.68
CA GLU N 224 -6.62 -103.79 -31.60
C GLU N 224 -7.07 -103.91 -30.17
N GLY N 225 -6.34 -104.30 -29.13
CA GLY N 225 -6.93 -104.29 -27.74
C GLY N 225 -6.15 -103.18 -26.97
N THR N 226 -6.37 -101.97 -27.40
CA THR N 226 -5.75 -100.76 -26.89
C THR N 226 -6.67 -99.58 -26.99
N LEU N 227 -6.48 -98.45 -26.39
CA LEU N 227 -7.34 -97.28 -26.71
C LEU N 227 -6.35 -96.10 -26.59
N LEU N 228 -6.68 -94.93 -27.08
CA LEU N 228 -5.72 -93.83 -27.06
C LEU N 228 -6.52 -92.61 -26.52
N LYS N 229 -5.76 -91.91 -25.67
CA LYS N 229 -6.40 -90.76 -25.04
C LYS N 229 -5.42 -89.61 -25.13
N PRO N 230 -5.39 -88.88 -26.25
CA PRO N 230 -4.43 -87.79 -26.45
C PRO N 230 -5.09 -86.43 -26.25
N ASN N 231 -4.28 -85.39 -26.29
CA ASN N 231 -4.92 -84.09 -26.16
C ASN N 231 -5.54 -83.78 -27.52
N MET N 232 -6.53 -82.91 -27.65
CA MET N 232 -7.01 -82.54 -28.99
C MET N 232 -5.92 -81.49 -29.39
N VAL N 233 -5.69 -81.17 -30.65
CA VAL N 233 -4.77 -80.14 -31.02
C VAL N 233 -5.43 -78.78 -30.82
N THR N 234 -4.96 -77.95 -29.88
CA THR N 234 -5.47 -76.62 -29.64
C THR N 234 -4.34 -75.64 -29.31
N ALA N 235 -4.60 -74.35 -29.52
CA ALA N 235 -3.53 -73.38 -29.22
C ALA N 235 -3.26 -73.42 -27.70
N GLY N 236 -2.10 -72.85 -27.36
CA GLY N 236 -1.75 -72.91 -25.94
C GLY N 236 -2.74 -72.10 -25.14
N HIS N 237 -2.82 -72.24 -23.83
CA HIS N 237 -3.62 -71.45 -22.99
C HIS N 237 -3.31 -69.98 -23.05
N ALA N 238 -2.08 -69.55 -23.26
CA ALA N 238 -1.86 -68.10 -23.16
C ALA N 238 -1.80 -67.56 -24.60
N CYS N 239 -2.16 -68.40 -25.56
CA CYS N 239 -2.25 -67.99 -26.94
C CYS N 239 -3.45 -67.07 -26.99
N THR N 240 -3.39 -65.98 -27.72
CA THR N 240 -4.43 -64.95 -27.82
C THR N 240 -5.31 -65.17 -29.03
N LYS N 241 -4.81 -65.79 -30.06
CA LYS N 241 -5.56 -66.06 -31.24
C LYS N 241 -6.81 -66.89 -30.87
N LYS N 242 -7.91 -66.56 -31.56
CA LYS N 242 -9.14 -67.32 -31.23
C LYS N 242 -9.33 -68.41 -32.26
N TYR N 243 -9.82 -69.60 -31.94
CA TYR N 243 -10.01 -70.59 -33.05
C TYR N 243 -11.43 -71.16 -32.97
N THR N 244 -11.83 -71.93 -33.94
CA THR N 244 -13.20 -72.41 -34.13
C THR N 244 -13.17 -73.87 -33.85
N PRO N 245 -14.19 -74.53 -33.38
CA PRO N 245 -14.20 -75.94 -33.19
C PRO N 245 -13.82 -76.59 -34.46
N GLU N 246 -14.13 -75.88 -35.53
CA GLU N 246 -13.87 -76.53 -36.82
C GLU N 246 -12.39 -76.51 -37.05
N GLN N 247 -11.79 -75.47 -36.45
CA GLN N 247 -10.28 -75.39 -36.63
C GLN N 247 -9.46 -76.41 -35.84
N VAL N 248 -9.90 -76.48 -34.57
CA VAL N 248 -9.44 -77.43 -33.61
C VAL N 248 -9.67 -78.78 -34.24
N ALA N 249 -10.84 -78.99 -34.79
CA ALA N 249 -10.96 -80.39 -35.29
C ALA N 249 -10.08 -80.66 -36.47
N MET N 250 -9.84 -79.62 -37.26
CA MET N 250 -9.17 -80.03 -38.54
C MET N 250 -7.74 -80.43 -38.17
N ALA N 251 -7.21 -79.57 -37.26
CA ALA N 251 -5.85 -79.84 -36.74
C ALA N 251 -5.78 -81.19 -36.02
N THR N 252 -6.81 -81.47 -35.26
CA THR N 252 -6.85 -82.71 -34.52
C THR N 252 -6.95 -83.84 -35.46
N VAL N 253 -7.95 -84.02 -36.31
CA VAL N 253 -7.89 -85.30 -37.12
C VAL N 253 -6.76 -85.46 -38.10
N THR N 254 -6.17 -84.28 -38.42
CA THR N 254 -5.08 -84.30 -39.36
C THR N 254 -3.93 -85.05 -38.68
N ALA N 255 -3.69 -84.59 -37.41
CA ALA N 255 -2.54 -85.22 -36.68
C ALA N 255 -2.83 -86.71 -36.47
N LEU N 256 -3.95 -86.97 -35.78
CA LEU N 256 -4.27 -88.40 -35.61
C LEU N 256 -4.23 -89.17 -36.90
N HIS N 257 -4.89 -88.71 -37.94
CA HIS N 257 -4.94 -89.57 -39.16
C HIS N 257 -3.52 -89.77 -39.73
N ARG N 258 -2.49 -88.97 -39.38
CA ARG N 258 -1.19 -89.34 -39.90
C ARG N 258 -0.38 -90.31 -39.02
N THR N 259 -0.62 -90.42 -37.74
CA THR N 259 0.19 -91.25 -36.81
C THR N 259 -0.63 -92.30 -36.09
N VAL N 260 -1.90 -92.20 -35.77
CA VAL N 260 -2.53 -93.33 -35.03
C VAL N 260 -3.15 -94.40 -35.82
N PRO N 261 -2.61 -95.58 -35.85
CA PRO N 261 -3.08 -96.66 -36.67
C PRO N 261 -4.54 -96.99 -36.68
N ALA N 262 -5.00 -97.51 -37.82
CA ALA N 262 -6.37 -97.86 -38.04
C ALA N 262 -6.80 -99.02 -37.15
N ALA N 263 -5.82 -99.86 -36.78
CA ALA N 263 -6.22 -100.91 -35.82
C ALA N 263 -6.69 -100.37 -34.47
N VAL N 264 -6.14 -99.27 -33.97
CA VAL N 264 -6.58 -98.79 -32.66
C VAL N 264 -8.06 -98.62 -32.77
N PRO N 265 -8.88 -99.31 -32.03
CA PRO N 265 -10.34 -99.24 -32.20
C PRO N 265 -10.95 -97.91 -31.69
N GLY N 266 -10.32 -97.17 -30.79
CA GLY N 266 -11.10 -95.96 -30.39
C GLY N 266 -10.24 -94.83 -29.93
N ILE N 267 -10.59 -93.56 -30.07
CA ILE N 267 -9.62 -92.60 -29.51
C ILE N 267 -10.45 -91.71 -28.62
N CYS N 268 -10.18 -91.65 -27.30
CA CYS N 268 -10.99 -90.91 -26.34
C CYS N 268 -10.25 -89.69 -25.83
N PHE N 269 -10.62 -88.50 -26.28
CA PHE N 269 -9.94 -87.27 -26.01
C PHE N 269 -10.03 -86.87 -24.56
N LEU N 270 -8.97 -86.28 -24.05
CA LEU N 270 -8.94 -85.73 -22.72
C LEU N 270 -9.42 -84.32 -23.02
N SER N 271 -9.87 -83.58 -22.05
CA SER N 271 -10.34 -82.23 -22.43
C SER N 271 -9.51 -81.19 -21.73
N GLY N 272 -8.77 -81.69 -20.76
CA GLY N 272 -8.01 -80.93 -19.84
C GLY N 272 -8.11 -79.44 -20.03
N GLY N 273 -8.93 -78.85 -19.13
CA GLY N 273 -8.88 -77.36 -19.28
C GLY N 273 -10.04 -76.78 -20.09
N MET N 274 -10.54 -77.47 -21.14
CA MET N 274 -11.68 -77.01 -21.90
C MET N 274 -12.92 -76.91 -21.01
N SER N 275 -13.78 -75.95 -21.35
CA SER N 275 -15.07 -75.80 -20.68
C SER N 275 -15.93 -77.04 -21.04
N GLU N 276 -17.02 -77.32 -20.30
CA GLU N 276 -17.79 -78.52 -20.68
C GLU N 276 -18.31 -78.33 -22.11
N GLU N 277 -18.73 -77.08 -22.43
CA GLU N 277 -19.36 -76.89 -23.75
C GLU N 277 -18.30 -76.99 -24.87
N ASP N 278 -17.13 -76.32 -24.61
CA ASP N 278 -16.11 -76.46 -25.64
C ASP N 278 -15.78 -77.92 -25.79
N ALA N 279 -15.69 -78.63 -24.66
CA ALA N 279 -15.32 -80.04 -24.87
C ALA N 279 -16.34 -80.75 -25.75
N THR N 280 -17.60 -80.44 -25.57
CA THR N 280 -18.65 -81.09 -26.39
C THR N 280 -18.64 -80.53 -27.83
N LEU N 281 -18.68 -79.22 -28.04
CA LEU N 281 -18.48 -78.66 -29.37
C LEU N 281 -17.26 -79.18 -30.13
N ASN N 282 -16.06 -79.24 -29.54
CA ASN N 282 -14.89 -79.75 -30.31
C ASN N 282 -15.01 -81.25 -30.59
N LEU N 283 -15.59 -81.96 -29.61
CA LEU N 283 -15.62 -83.38 -29.99
C LEU N 283 -16.58 -83.61 -31.17
N ASN N 284 -17.61 -82.76 -31.13
CA ASN N 284 -18.66 -82.94 -32.13
C ASN N 284 -18.08 -82.61 -33.49
N ALA N 285 -17.41 -81.42 -33.42
CA ALA N 285 -16.76 -81.07 -34.71
C ALA N 285 -15.83 -82.20 -35.10
N ILE N 286 -15.03 -82.63 -34.10
CA ILE N 286 -14.09 -83.71 -34.52
C ILE N 286 -14.88 -84.77 -35.25
N ASN N 287 -16.11 -85.10 -34.73
CA ASN N 287 -16.77 -86.18 -35.51
C ASN N 287 -17.25 -85.76 -36.90
N LEU N 288 -17.48 -84.46 -37.06
CA LEU N 288 -17.85 -84.03 -38.43
C LEU N 288 -16.68 -83.77 -39.39
N CYS N 289 -15.44 -83.79 -38.97
CA CYS N 289 -14.33 -83.36 -39.82
C CYS N 289 -14.17 -84.28 -41.00
N PRO N 290 -14.09 -83.62 -42.14
CA PRO N 290 -14.00 -84.33 -43.40
C PRO N 290 -12.66 -85.01 -43.67
N LEU N 291 -12.09 -85.79 -42.76
CA LEU N 291 -10.82 -86.48 -43.13
C LEU N 291 -11.09 -87.93 -42.89
N PRO N 292 -10.28 -88.83 -43.39
CA PRO N 292 -10.50 -90.25 -43.07
C PRO N 292 -10.50 -90.40 -41.57
N LYS N 293 -11.43 -91.19 -41.02
CA LYS N 293 -11.47 -91.40 -39.59
C LYS N 293 -11.66 -92.87 -39.34
N PRO N 294 -10.60 -93.67 -39.21
CA PRO N 294 -10.79 -95.12 -39.04
C PRO N 294 -11.29 -95.62 -37.73
N TRP N 295 -11.42 -94.87 -36.71
CA TRP N 295 -11.62 -95.29 -35.35
C TRP N 295 -12.75 -94.56 -34.62
N LYS N 296 -13.38 -95.17 -33.57
CA LYS N 296 -14.37 -94.29 -32.96
C LYS N 296 -13.69 -93.02 -32.44
N LEU N 297 -14.39 -91.93 -32.40
CA LEU N 297 -13.71 -90.77 -31.82
C LEU N 297 -14.73 -90.29 -30.77
N SER N 298 -14.24 -90.58 -29.57
CA SER N 298 -15.04 -90.27 -28.43
C SER N 298 -14.38 -89.54 -27.30
N PHE N 299 -15.07 -89.52 -26.12
CA PHE N 299 -14.50 -88.77 -25.01
C PHE N 299 -13.93 -89.62 -23.87
N SER N 300 -13.01 -89.12 -23.04
CA SER N 300 -12.59 -89.76 -21.77
C SER N 300 -12.41 -88.54 -20.88
N TYR N 301 -13.55 -88.09 -20.37
CA TYR N 301 -13.54 -86.79 -19.72
C TYR N 301 -13.68 -86.85 -18.22
N GLY N 302 -12.98 -85.88 -17.69
CA GLY N 302 -13.02 -85.66 -16.25
C GLY N 302 -13.79 -84.41 -15.83
N ARG N 303 -13.11 -83.26 -15.91
CA ARG N 303 -13.78 -82.02 -15.48
C ARG N 303 -15.05 -81.75 -16.32
N ALA N 304 -14.89 -81.97 -17.63
CA ALA N 304 -15.89 -81.72 -18.62
C ALA N 304 -17.14 -82.57 -18.42
N LEU N 305 -17.06 -83.60 -17.54
CA LEU N 305 -18.30 -84.34 -17.24
C LEU N 305 -18.65 -84.04 -15.76
N GLN N 306 -17.86 -83.12 -15.17
CA GLN N 306 -18.25 -83.13 -13.75
C GLN N 306 -18.44 -81.77 -13.17
N ALA N 307 -17.95 -80.76 -13.80
CA ALA N 307 -17.95 -79.46 -13.15
C ALA N 307 -19.28 -78.85 -12.73
N SER N 308 -20.19 -78.99 -13.71
CA SER N 308 -21.53 -78.43 -13.39
C SER N 308 -22.15 -79.30 -12.31
N ALA N 309 -21.91 -80.59 -12.35
CA ALA N 309 -22.34 -81.50 -11.30
C ALA N 309 -21.74 -81.13 -9.94
N LEU N 310 -20.50 -80.64 -9.87
CA LEU N 310 -19.86 -80.38 -8.59
C LEU N 310 -20.36 -79.07 -8.00
N ALA N 311 -20.67 -78.21 -8.99
CA ALA N 311 -21.22 -76.91 -8.55
C ALA N 311 -22.61 -77.11 -7.97
N ALA N 312 -23.38 -77.97 -8.64
CA ALA N 312 -24.74 -78.20 -8.10
C ALA N 312 -24.72 -78.93 -6.75
N TRP N 313 -23.93 -79.98 -6.58
CA TRP N 313 -23.80 -80.67 -5.34
C TRP N 313 -23.52 -79.67 -4.20
N GLY N 314 -22.36 -79.03 -4.44
CA GLY N 314 -21.93 -78.10 -3.40
C GLY N 314 -21.70 -78.90 -2.12
N GLY N 315 -21.26 -80.16 -2.25
CA GLY N 315 -21.03 -81.00 -1.08
C GLY N 315 -22.30 -81.26 -0.30
N LYS N 316 -23.45 -80.75 -0.70
CA LYS N 316 -24.71 -80.88 0.01
C LYS N 316 -25.55 -82.07 -0.43
N ALA N 317 -25.81 -82.91 0.59
CA ALA N 317 -26.40 -84.21 0.23
C ALA N 317 -27.81 -83.98 -0.32
N ALA N 318 -28.36 -82.88 0.21
CA ALA N 318 -29.67 -82.57 -0.37
C ALA N 318 -29.54 -82.34 -1.88
N ASN N 319 -28.34 -82.01 -2.40
CA ASN N 319 -28.29 -81.74 -3.83
C ASN N 319 -28.19 -82.97 -4.70
N LYS N 320 -28.14 -84.19 -4.13
CA LYS N 320 -28.07 -85.33 -5.02
C LYS N 320 -28.71 -85.15 -6.39
N GLU N 321 -30.02 -84.99 -6.50
CA GLU N 321 -30.69 -84.92 -7.80
C GLU N 321 -30.01 -83.91 -8.71
N ALA N 322 -30.01 -82.64 -8.34
CA ALA N 322 -29.33 -81.70 -9.23
C ALA N 322 -27.99 -82.26 -9.74
N THR N 323 -27.15 -82.66 -8.81
CA THR N 323 -25.85 -83.22 -9.12
C THR N 323 -26.02 -84.25 -10.23
N GLN N 324 -26.78 -85.31 -10.01
CA GLN N 324 -26.85 -86.35 -11.01
C GLN N 324 -27.38 -85.90 -12.38
N GLU N 325 -28.34 -84.97 -12.34
CA GLU N 325 -28.89 -84.36 -13.55
C GLU N 325 -27.76 -83.80 -14.44
N ALA N 326 -27.09 -82.78 -13.91
CA ALA N 326 -25.91 -82.20 -14.47
C ALA N 326 -25.04 -83.27 -15.14
N PHE N 327 -24.46 -84.11 -14.27
CA PHE N 327 -23.60 -85.19 -14.79
C PHE N 327 -24.29 -85.88 -15.94
N MET N 328 -25.49 -86.35 -15.72
CA MET N 328 -26.19 -87.04 -16.82
C MET N 328 -26.36 -86.22 -18.10
N LYS N 329 -26.71 -84.94 -17.92
CA LYS N 329 -26.82 -84.00 -19.06
C LYS N 329 -25.54 -83.99 -19.94
N ARG N 330 -24.40 -83.64 -19.31
CA ARG N 330 -23.19 -83.66 -20.13
C ARG N 330 -22.84 -85.05 -20.63
N ALA N 331 -23.31 -86.09 -19.92
CA ALA N 331 -22.87 -87.39 -20.52
C ALA N 331 -23.60 -87.51 -21.86
N MET N 332 -24.85 -87.00 -21.90
CA MET N 332 -25.57 -87.28 -23.16
C MET N 332 -25.07 -86.36 -24.24
N ALA N 333 -24.78 -85.14 -23.83
CA ALA N 333 -24.27 -84.13 -24.78
C ALA N 333 -23.05 -84.68 -25.52
N ASN N 334 -22.13 -85.34 -24.79
CA ASN N 334 -20.88 -85.88 -25.31
C ASN N 334 -21.04 -87.16 -26.11
N CYS N 335 -22.06 -87.90 -25.74
CA CYS N 335 -22.40 -89.14 -26.47
C CYS N 335 -22.83 -88.75 -27.88
N GLN N 336 -23.65 -87.71 -27.92
CA GLN N 336 -24.21 -87.21 -29.18
C GLN N 336 -22.98 -86.68 -29.94
N ALA N 337 -22.26 -85.74 -29.24
CA ALA N 337 -21.03 -85.30 -29.88
C ALA N 337 -20.18 -86.45 -30.39
N ALA N 338 -20.05 -87.55 -29.61
CA ALA N 338 -19.24 -88.62 -30.21
C ALA N 338 -19.78 -89.16 -31.51
N LYS N 339 -21.01 -88.74 -31.83
CA LYS N 339 -21.62 -89.25 -33.09
C LYS N 339 -21.82 -88.13 -34.11
N GLY N 340 -21.31 -86.95 -33.74
CA GLY N 340 -21.38 -85.82 -34.73
C GLY N 340 -22.88 -85.44 -34.75
N GLN N 341 -23.54 -85.82 -33.62
CA GLN N 341 -24.92 -85.38 -33.53
C GLN N 341 -25.15 -84.34 -32.47
N TYR N 342 -24.14 -83.53 -32.10
CA TYR N 342 -24.67 -82.59 -31.06
C TYR N 342 -25.05 -81.31 -31.72
N VAL N 343 -26.06 -80.73 -31.09
CA VAL N 343 -26.45 -79.39 -31.54
C VAL N 343 -26.90 -78.63 -30.32
N HIS N 344 -26.39 -77.43 -30.05
CA HIS N 344 -26.93 -76.76 -28.85
C HIS N 344 -28.34 -77.18 -28.50
N ALA O 1 13.56 -77.81 -38.69
CA ALA O 1 13.72 -78.98 -37.76
C ALA O 1 12.86 -78.80 -36.52
N HIS O 2 11.64 -78.35 -36.75
CA HIS O 2 10.56 -77.95 -35.88
C HIS O 2 10.03 -76.66 -36.54
N ARG O 3 8.77 -76.52 -36.96
CA ARG O 3 8.43 -75.27 -37.71
C ARG O 3 9.37 -75.38 -38.92
N PHE O 4 10.02 -74.34 -39.45
CA PHE O 4 10.78 -74.69 -40.66
C PHE O 4 10.16 -75.81 -41.50
N PRO O 5 8.93 -75.59 -41.96
CA PRO O 5 8.15 -76.50 -42.77
C PRO O 5 8.69 -76.86 -44.13
N ALA O 6 8.51 -78.13 -44.40
CA ALA O 6 9.05 -78.72 -45.59
C ALA O 6 8.31 -78.14 -46.77
N LEU O 7 6.99 -78.06 -46.66
CA LEU O 7 6.33 -77.59 -47.91
C LEU O 7 5.30 -76.52 -47.55
N THR O 8 4.92 -75.72 -48.52
CA THR O 8 3.81 -74.80 -48.30
C THR O 8 2.47 -75.54 -48.53
N GLN O 9 1.46 -74.74 -48.11
CA GLN O 9 0.16 -75.32 -48.31
C GLN O 9 -0.08 -75.79 -49.72
N GLU O 10 0.28 -74.89 -50.65
CA GLU O 10 0.07 -75.22 -52.05
C GLU O 10 0.84 -76.44 -52.57
N GLN O 11 2.05 -76.56 -52.00
CA GLN O 11 2.85 -77.75 -52.39
C GLN O 11 2.00 -78.92 -51.96
N LYS O 12 1.49 -78.78 -50.72
CA LYS O 12 0.73 -79.93 -50.23
C LYS O 12 -0.45 -80.14 -51.16
N LYS O 13 -1.14 -79.08 -51.49
CA LYS O 13 -2.33 -79.32 -52.37
C LYS O 13 -2.09 -80.08 -53.63
N GLU O 14 -1.08 -79.59 -54.36
CA GLU O 14 -0.77 -80.29 -55.60
C GLU O 14 -0.43 -81.72 -55.27
N LEU O 15 0.50 -81.91 -54.29
CA LEU O 15 0.88 -83.31 -54.13
C LEU O 15 -0.31 -84.21 -53.81
N SER O 16 -1.19 -83.65 -52.94
CA SER O 16 -2.27 -84.69 -52.55
C SER O 16 -3.25 -84.88 -53.71
N GLU O 17 -3.44 -83.74 -54.45
CA GLU O 17 -4.25 -83.94 -55.66
C GLU O 17 -3.63 -85.02 -56.57
N ILE O 18 -2.32 -84.92 -56.77
CA ILE O 18 -1.73 -85.95 -57.64
C ILE O 18 -1.96 -87.35 -57.08
N ALA O 19 -1.70 -87.35 -55.74
CA ALA O 19 -1.75 -88.76 -55.24
C ALA O 19 -3.12 -89.39 -55.49
N GLN O 20 -4.14 -88.62 -55.12
CA GLN O 20 -5.50 -89.17 -55.14
C GLN O 20 -6.08 -89.39 -56.53
N SER O 21 -5.51 -88.57 -57.41
CA SER O 21 -5.93 -88.65 -58.81
C SER O 21 -5.58 -90.03 -59.35
N ILE O 22 -4.42 -90.57 -58.95
CA ILE O 22 -3.92 -91.85 -59.51
C ILE O 22 -4.77 -93.01 -59.05
N VAL O 23 -5.48 -92.98 -57.90
CA VAL O 23 -6.09 -94.29 -57.51
C VAL O 23 -7.56 -93.99 -57.37
N ALA O 24 -7.86 -92.85 -57.99
CA ALA O 24 -9.21 -92.32 -57.95
C ALA O 24 -10.24 -93.29 -58.39
N ASN O 25 -10.44 -94.18 -59.40
CA ASN O 25 -11.80 -94.77 -58.93
C ASN O 25 -11.81 -96.17 -59.39
N GLY O 26 -11.33 -96.96 -58.41
CA GLY O 26 -11.05 -98.35 -58.90
C GLY O 26 -9.72 -98.23 -59.67
N LYS O 27 -9.13 -97.04 -60.05
CA LYS O 27 -7.93 -97.30 -60.87
C LYS O 27 -6.69 -97.74 -60.11
N GLY O 28 -5.78 -98.23 -60.93
CA GLY O 28 -4.45 -98.57 -60.48
C GLY O 28 -3.29 -98.17 -61.41
N ILE O 29 -2.18 -98.91 -61.26
CA ILE O 29 -0.95 -98.49 -61.91
C ILE O 29 -0.34 -99.57 -62.76
N LEU O 30 0.05 -99.13 -64.00
CA LEU O 30 0.78 -100.16 -64.77
C LEU O 30 2.21 -99.70 -64.49
N ALA O 31 3.01 -100.65 -64.11
CA ALA O 31 4.42 -100.57 -63.79
C ALA O 31 5.23 -101.21 -64.92
N ALA O 32 5.49 -100.30 -65.83
CA ALA O 32 6.19 -100.57 -67.10
C ALA O 32 7.62 -100.03 -67.07
N ASP O 33 8.08 -99.81 -65.86
CA ASP O 33 9.40 -99.28 -65.59
C ASP O 33 10.41 -100.40 -65.41
N GLU O 34 10.19 -101.54 -66.08
CA GLU O 34 11.33 -102.48 -66.05
C GLU O 34 12.60 -101.80 -66.58
N SER O 35 13.76 -102.11 -66.06
CA SER O 35 15.06 -101.68 -66.50
C SER O 35 15.48 -102.61 -67.68
N VAL O 36 16.54 -102.20 -68.32
CA VAL O 36 17.08 -102.87 -69.46
C VAL O 36 17.19 -104.37 -69.25
N GLY O 37 17.97 -104.67 -68.19
CA GLY O 37 18.09 -106.12 -67.88
C GLY O 37 16.75 -106.77 -67.47
N THR O 38 16.02 -106.10 -66.55
CA THR O 38 14.81 -106.75 -66.09
C THR O 38 13.90 -107.00 -67.29
N MET O 39 13.76 -105.88 -68.02
CA MET O 39 12.88 -106.07 -69.22
C MET O 39 13.43 -107.22 -70.09
N GLY O 40 14.79 -107.23 -70.16
CA GLY O 40 15.39 -108.32 -70.89
C GLY O 40 14.90 -109.70 -70.41
N ASN O 41 14.66 -109.74 -69.06
CA ASN O 41 14.28 -111.13 -68.64
C ASN O 41 12.93 -111.53 -69.19
N ARG O 42 12.04 -110.55 -69.10
CA ARG O 42 10.69 -110.70 -69.58
C ARG O 42 10.75 -111.06 -71.07
N LEU O 43 11.47 -110.34 -71.92
CA LEU O 43 11.48 -110.77 -73.34
C LEU O 43 12.05 -112.19 -73.50
N GLN O 44 13.08 -112.51 -72.68
CA GLN O 44 13.64 -113.85 -72.74
C GLN O 44 12.54 -114.90 -72.71
N ARG O 45 11.52 -114.62 -71.90
CA ARG O 45 10.44 -115.59 -71.84
C ARG O 45 9.85 -115.87 -73.23
N ILE O 46 9.54 -114.78 -73.96
CA ILE O 46 8.84 -115.08 -75.25
C ILE O 46 9.89 -115.14 -76.33
N LYS O 47 11.07 -115.61 -75.92
CA LYS O 47 12.20 -115.59 -76.89
C LYS O 47 12.27 -114.33 -77.74
N VAL O 48 12.22 -113.11 -77.14
CA VAL O 48 12.43 -111.90 -77.95
C VAL O 48 13.74 -111.18 -77.57
N GLU O 49 14.61 -110.85 -78.54
CA GLU O 49 15.87 -110.14 -78.33
C GLU O 49 15.73 -108.88 -77.48
N ASN O 50 16.45 -108.86 -76.34
CA ASN O 50 16.32 -107.64 -75.51
C ASN O 50 17.06 -106.63 -76.36
N THR O 51 16.30 -105.74 -76.93
CA THR O 51 16.85 -104.75 -77.86
C THR O 51 16.19 -103.44 -77.60
N GLU O 52 16.87 -102.30 -77.63
CA GLU O 52 16.13 -101.07 -77.29
C GLU O 52 14.83 -100.83 -78.04
N GLU O 53 14.99 -101.20 -79.32
CA GLU O 53 13.84 -101.14 -80.25
C GLU O 53 12.70 -102.13 -79.92
N ASN O 54 13.02 -103.33 -79.46
CA ASN O 54 11.98 -104.30 -79.15
C ASN O 54 11.19 -103.81 -77.93
N ARG O 55 11.93 -103.15 -77.05
CA ARG O 55 11.40 -102.70 -75.75
C ARG O 55 10.46 -101.52 -76.05
N ARG O 56 10.88 -100.69 -76.98
CA ARG O 56 10.12 -99.54 -77.44
C ARG O 56 8.93 -100.05 -78.23
N GLN O 57 9.05 -101.17 -78.94
CA GLN O 57 7.87 -101.58 -79.70
C GLN O 57 6.72 -102.08 -78.84
N PHE O 58 7.06 -102.81 -77.78
CA PHE O 58 6.17 -103.41 -76.81
C PHE O 58 5.47 -102.31 -76.02
N ARG O 59 6.28 -101.41 -75.38
CA ARG O 59 5.56 -100.40 -74.62
C ARG O 59 4.66 -99.62 -75.58
N GLU O 60 5.12 -99.47 -76.82
CA GLU O 60 4.30 -98.70 -77.77
C GLU O 60 2.93 -99.39 -77.86
N ILE O 61 3.00 -100.74 -77.97
CA ILE O 61 1.67 -101.38 -78.04
C ILE O 61 0.96 -101.17 -76.73
N LEU O 62 1.56 -101.36 -75.53
CA LEU O 62 0.77 -101.15 -74.32
C LEU O 62 0.25 -99.72 -74.30
N PHE O 63 1.09 -98.75 -74.59
CA PHE O 63 0.53 -97.39 -74.42
C PHE O 63 -0.46 -96.87 -75.47
N SER O 64 -0.53 -97.57 -76.61
CA SER O 64 -1.42 -97.04 -77.66
C SER O 64 -2.82 -97.62 -77.52
N VAL O 65 -3.10 -98.43 -76.51
CA VAL O 65 -4.47 -98.92 -76.45
C VAL O 65 -5.53 -97.83 -76.34
N ASP O 66 -6.73 -98.38 -76.54
CA ASP O 66 -7.91 -97.52 -76.53
C ASP O 66 -7.95 -96.66 -75.29
N SER O 67 -8.30 -95.39 -75.53
CA SER O 67 -8.19 -94.45 -74.46
C SER O 67 -8.94 -94.92 -73.25
N SER O 68 -10.02 -95.63 -73.50
CA SER O 68 -10.82 -96.05 -72.35
C SER O 68 -9.99 -96.79 -71.29
N ILE O 69 -8.78 -97.26 -71.67
CA ILE O 69 -7.96 -97.84 -70.64
C ILE O 69 -7.83 -96.76 -69.54
N ASN O 70 -8.14 -95.48 -69.72
CA ASN O 70 -8.09 -94.61 -68.54
C ASN O 70 -9.31 -94.73 -67.61
N GLN O 71 -10.02 -95.82 -67.67
CA GLN O 71 -11.08 -96.03 -66.65
C GLN O 71 -10.66 -97.11 -65.62
N SER O 72 -9.52 -97.80 -65.77
CA SER O 72 -8.77 -98.77 -65.08
C SER O 72 -7.32 -98.34 -64.77
N ILE O 73 -6.64 -97.61 -65.65
CA ILE O 73 -5.26 -97.22 -65.31
C ILE O 73 -5.15 -95.78 -64.94
N GLY O 74 -4.61 -95.43 -63.78
CA GLY O 74 -4.62 -93.99 -63.44
C GLY O 74 -3.19 -93.45 -63.56
N GLY O 75 -2.24 -94.38 -63.70
CA GLY O 75 -0.85 -93.80 -63.88
C GLY O 75 -0.01 -94.94 -64.51
N VAL O 76 1.17 -94.55 -64.97
CA VAL O 76 2.01 -95.60 -65.60
C VAL O 76 3.42 -95.21 -65.16
N ILE O 77 4.19 -96.19 -64.76
CA ILE O 77 5.53 -95.78 -64.27
C ILE O 77 6.54 -96.10 -65.36
N LEU O 78 7.40 -95.16 -65.66
CA LEU O 78 8.27 -95.41 -66.78
C LEU O 78 9.71 -95.45 -66.30
N PHE O 79 10.41 -96.19 -67.16
CA PHE O 79 11.85 -96.30 -66.89
C PHE O 79 12.50 -95.14 -67.68
N HIS O 80 13.55 -94.49 -67.16
CA HIS O 80 14.12 -93.36 -67.82
C HIS O 80 14.12 -93.39 -69.35
N GLU O 81 14.79 -94.36 -69.93
CA GLU O 81 14.78 -94.48 -71.40
C GLU O 81 13.40 -94.23 -71.99
N THR O 82 12.51 -95.11 -71.47
CA THR O 82 11.16 -95.00 -72.01
C THR O 82 10.57 -93.64 -71.88
N LEU O 83 10.94 -92.80 -70.92
CA LEU O 83 10.40 -91.45 -70.76
C LEU O 83 10.74 -90.58 -71.96
N TYR O 84 11.76 -90.90 -72.74
CA TYR O 84 12.06 -90.00 -73.85
C TYR O 84 11.96 -90.73 -75.20
N GLN O 85 11.26 -91.89 -75.22
CA GLN O 85 11.04 -92.55 -76.49
C GLN O 85 9.73 -92.01 -77.08
N LYS O 86 9.52 -92.39 -78.35
CA LYS O 86 8.40 -92.05 -79.21
C LYS O 86 7.77 -93.32 -79.80
N ASP O 87 6.59 -93.11 -80.39
CA ASP O 87 5.89 -94.22 -81.02
C ASP O 87 6.40 -94.29 -82.44
N SER O 88 5.63 -94.87 -83.32
CA SER O 88 6.07 -94.91 -84.72
C SER O 88 5.64 -93.66 -85.44
N GLN O 89 6.10 -92.57 -84.93
CA GLN O 89 5.77 -91.22 -85.45
C GLN O 89 6.49 -90.43 -84.46
N GLY O 90 6.78 -89.21 -84.44
CA GLY O 90 7.68 -88.83 -83.32
C GLY O 90 6.74 -88.67 -82.15
N LYS O 91 5.70 -89.49 -81.95
CA LYS O 91 4.95 -89.02 -80.78
C LYS O 91 5.62 -89.45 -79.49
N LEU O 92 5.90 -88.39 -78.70
CA LEU O 92 6.44 -88.83 -77.36
C LEU O 92 5.38 -89.63 -76.55
N PHE O 93 5.79 -90.79 -76.01
CA PHE O 93 4.91 -91.67 -75.22
C PHE O 93 4.30 -90.92 -74.03
N ARG O 94 5.14 -90.04 -73.49
CA ARG O 94 4.77 -89.36 -72.25
C ARG O 94 3.61 -88.48 -72.71
N ASN O 95 3.80 -88.11 -74.02
CA ASN O 95 2.68 -87.23 -74.49
C ASN O 95 1.42 -88.03 -74.75
N ILE O 96 1.67 -89.17 -75.45
CA ILE O 96 0.47 -90.00 -75.66
C ILE O 96 -0.27 -90.32 -74.36
N LEU O 97 0.52 -90.71 -73.35
CA LEU O 97 -0.06 -91.10 -72.07
C LEU O 97 -0.77 -89.91 -71.41
N LYS O 98 -0.15 -88.79 -71.33
CA LYS O 98 -0.71 -87.62 -70.66
C LYS O 98 -2.04 -87.27 -71.29
N GLU O 99 -1.96 -87.50 -72.62
CA GLU O 99 -3.12 -87.12 -73.43
C GLU O 99 -4.27 -88.08 -73.20
N LYS O 100 -4.05 -89.27 -72.63
CA LYS O 100 -5.26 -90.12 -72.44
C LYS O 100 -5.67 -90.07 -70.98
N GLY O 101 -5.25 -88.96 -70.36
CA GLY O 101 -5.71 -88.81 -68.92
C GLY O 101 -4.89 -89.76 -68.02
N ILE O 102 -3.71 -90.30 -68.38
CA ILE O 102 -3.03 -91.13 -67.36
C ILE O 102 -1.80 -90.53 -66.69
N VAL O 103 -1.56 -90.71 -65.38
CA VAL O 103 -0.46 -89.93 -64.79
C VAL O 103 0.84 -90.60 -65.06
N VAL O 104 1.90 -89.83 -65.43
CA VAL O 104 3.12 -90.60 -65.70
C VAL O 104 4.10 -90.52 -64.54
N GLY O 105 4.77 -91.62 -64.25
CA GLY O 105 5.76 -91.74 -63.17
C GLY O 105 7.13 -92.27 -63.70
N ILE O 106 8.10 -91.95 -62.81
CA ILE O 106 9.43 -92.43 -63.23
C ILE O 106 10.03 -93.25 -62.11
N LYS O 107 10.70 -94.34 -62.50
CA LYS O 107 11.49 -95.12 -61.50
C LYS O 107 12.72 -94.29 -61.03
N LEU O 108 12.83 -93.87 -59.73
CA LEU O 108 13.93 -92.93 -59.44
C LEU O 108 15.10 -93.62 -58.78
N ASP O 109 14.98 -94.78 -58.16
CA ASP O 109 16.10 -95.52 -57.57
C ASP O 109 17.01 -96.08 -58.63
N GLN O 110 18.12 -96.62 -58.15
CA GLN O 110 19.14 -97.05 -59.07
C GLN O 110 19.84 -98.30 -58.65
N GLY O 111 19.06 -99.20 -58.08
CA GLY O 111 19.68 -100.53 -57.75
C GLY O 111 20.28 -100.54 -56.34
N GLY O 112 20.55 -101.81 -56.10
CA GLY O 112 21.09 -102.36 -54.88
C GLY O 112 22.52 -101.93 -54.64
N ALA O 113 23.09 -102.23 -53.51
CA ALA O 113 24.43 -102.06 -53.02
C ALA O 113 24.43 -102.92 -51.73
N PRO O 114 25.47 -103.69 -51.63
CA PRO O 114 25.66 -104.72 -50.62
C PRO O 114 25.89 -104.15 -49.26
N LEU O 115 25.19 -104.58 -48.25
CA LEU O 115 25.42 -103.90 -46.97
C LEU O 115 26.41 -104.77 -46.21
N ALA O 116 27.64 -104.38 -46.14
CA ALA O 116 28.66 -105.10 -45.41
C ALA O 116 28.28 -105.63 -44.03
N GLY O 117 28.79 -106.82 -43.75
CA GLY O 117 28.67 -107.43 -42.44
C GLY O 117 27.23 -107.90 -42.21
N THR O 118 26.69 -108.47 -43.25
CA THR O 118 25.25 -108.89 -43.27
C THR O 118 24.94 -110.16 -43.98
N ASN O 119 23.82 -110.82 -43.99
CA ASN O 119 23.72 -112.08 -44.78
C ASN O 119 23.16 -111.70 -46.13
N LYS O 120 24.00 -111.08 -46.95
CA LYS O 120 23.62 -110.66 -48.29
C LYS O 120 22.43 -109.73 -48.49
N GLU O 121 22.23 -108.79 -47.61
CA GLU O 121 21.26 -107.73 -47.54
C GLU O 121 21.85 -106.49 -48.23
N THR O 122 20.95 -105.64 -48.78
CA THR O 122 21.34 -104.50 -49.55
C THR O 122 20.61 -103.21 -49.16
N THR O 123 21.14 -102.08 -49.69
CA THR O 123 20.32 -100.87 -49.57
C THR O 123 20.09 -100.54 -51.08
N ILE O 124 19.63 -99.31 -51.37
CA ILE O 124 19.48 -98.88 -52.75
C ILE O 124 20.26 -97.57 -52.96
N GLN O 125 20.89 -97.40 -54.09
CA GLN O 125 21.58 -96.21 -54.57
C GLN O 125 20.61 -95.30 -55.33
N GLY O 126 20.89 -94.00 -55.46
CA GLY O 126 20.02 -93.09 -56.16
C GLY O 126 19.81 -91.81 -55.39
N LEU O 127 20.22 -91.61 -54.12
CA LEU O 127 19.97 -90.18 -53.78
C LEU O 127 20.94 -89.18 -54.43
N ASP O 128 22.14 -89.55 -54.84
CA ASP O 128 23.06 -88.40 -55.27
C ASP O 128 22.51 -87.78 -56.53
N GLY O 129 22.25 -86.48 -56.63
CA GLY O 129 21.63 -85.91 -57.81
C GLY O 129 20.15 -86.07 -57.94
N LEU O 130 19.46 -86.83 -57.13
CA LEU O 130 18.03 -87.03 -57.21
C LEU O 130 17.26 -85.74 -57.28
N SER O 131 17.69 -84.68 -56.57
CA SER O 131 16.82 -83.47 -56.67
C SER O 131 16.81 -82.93 -58.10
N GLU O 132 17.98 -82.71 -58.66
CA GLU O 132 18.11 -82.16 -60.01
C GLU O 132 17.36 -83.07 -60.93
N ARG O 133 17.63 -84.33 -60.89
CA ARG O 133 16.79 -85.22 -61.73
C ARG O 133 15.34 -85.05 -61.33
N CYS O 134 14.89 -84.76 -60.08
CA CYS O 134 13.39 -84.71 -60.03
C CYS O 134 12.86 -83.51 -60.80
N ALA O 135 13.59 -82.41 -60.71
CA ALA O 135 13.12 -81.16 -61.26
C ALA O 135 13.07 -81.27 -62.77
N GLN O 136 13.97 -82.11 -63.27
CA GLN O 136 13.95 -82.24 -64.73
C GLN O 136 12.74 -83.03 -65.09
N TYR O 137 12.48 -84.14 -64.47
CA TYR O 137 11.22 -84.87 -64.86
C TYR O 137 9.94 -84.07 -64.68
N LYS O 138 9.76 -83.36 -63.53
CA LYS O 138 8.53 -82.59 -63.26
C LYS O 138 8.32 -81.68 -64.45
N LYS O 139 9.40 -80.99 -64.85
CA LYS O 139 9.36 -80.26 -66.11
C LYS O 139 9.14 -81.15 -67.34
N ASP O 140 9.57 -82.41 -67.44
CA ASP O 140 9.16 -83.16 -68.68
C ASP O 140 7.79 -83.85 -68.56
N GLY O 141 6.88 -83.30 -67.70
CA GLY O 141 5.57 -83.95 -67.62
C GLY O 141 5.38 -85.10 -66.67
N VAL O 142 6.26 -85.41 -65.74
CA VAL O 142 6.10 -86.49 -64.76
C VAL O 142 5.58 -85.90 -63.45
N ASP O 143 4.58 -86.63 -62.91
CA ASP O 143 4.09 -86.20 -61.60
C ASP O 143 4.37 -87.17 -60.45
N PHE O 144 4.97 -88.36 -60.58
CA PHE O 144 5.25 -89.12 -59.37
C PHE O 144 6.43 -90.04 -59.59
N GLY O 145 7.04 -90.60 -58.54
CA GLY O 145 8.22 -91.44 -58.78
C GLY O 145 8.05 -92.75 -58.01
N LYS O 146 9.11 -93.55 -58.19
CA LYS O 146 9.00 -94.81 -57.48
C LYS O 146 10.35 -95.27 -57.00
N TRP O 147 10.46 -95.80 -55.79
CA TRP O 147 11.79 -96.19 -55.31
C TRP O 147 11.70 -97.61 -54.78
N ARG O 148 12.51 -98.55 -55.23
CA ARG O 148 12.25 -99.83 -54.61
C ARG O 148 13.38 -100.40 -53.78
N ALA O 149 13.06 -100.70 -52.53
CA ALA O 149 13.93 -101.33 -51.55
C ALA O 149 13.50 -102.81 -51.48
N VAL O 150 14.51 -103.66 -51.26
CA VAL O 150 14.29 -105.09 -51.17
C VAL O 150 14.87 -105.62 -49.86
N LEU O 151 13.95 -106.33 -49.17
CA LEU O 151 14.18 -107.01 -47.92
C LEU O 151 13.72 -108.45 -48.06
N ARG O 152 14.47 -109.32 -47.41
CA ARG O 152 14.28 -110.75 -47.45
C ARG O 152 14.37 -111.36 -46.03
N ILE O 153 13.59 -112.44 -45.92
CA ILE O 153 13.50 -113.15 -44.67
C ILE O 153 14.44 -114.32 -44.88
N ALA O 154 15.48 -114.46 -44.09
CA ALA O 154 16.43 -115.57 -44.30
C ALA O 154 17.29 -115.72 -43.05
N ASP O 155 18.35 -116.55 -42.99
CA ASP O 155 19.12 -116.49 -41.75
C ASP O 155 19.65 -115.10 -41.38
N GLN O 156 19.01 -114.51 -40.35
CA GLN O 156 19.42 -113.22 -39.83
C GLN O 156 19.08 -112.08 -40.77
N CYS O 157 18.04 -112.22 -41.56
CA CYS O 157 17.48 -111.18 -42.45
C CYS O 157 15.97 -111.21 -42.21
N PRO O 158 15.34 -110.08 -42.19
CA PRO O 158 15.99 -108.86 -42.45
C PRO O 158 16.62 -108.26 -41.21
N SER O 159 17.79 -107.63 -41.30
CA SER O 159 18.41 -107.09 -40.10
C SER O 159 17.91 -105.73 -39.71
N SER O 160 18.12 -105.45 -38.42
CA SER O 160 17.89 -104.07 -38.00
C SER O 160 18.74 -103.16 -38.87
N LEU O 161 19.99 -103.57 -39.19
CA LEU O 161 20.67 -102.48 -40.04
C LEU O 161 19.93 -102.41 -41.39
N ALA O 162 19.48 -103.55 -41.97
CA ALA O 162 18.86 -103.45 -43.26
C ALA O 162 17.58 -102.69 -43.30
N ILE O 163 16.68 -102.93 -42.38
CA ILE O 163 15.34 -102.26 -42.39
C ILE O 163 15.58 -100.80 -42.08
N GLN O 164 16.39 -100.47 -41.09
CA GLN O 164 16.57 -99.08 -40.77
C GLN O 164 17.28 -98.38 -41.91
N GLU O 165 18.32 -98.94 -42.49
CA GLU O 165 19.04 -98.15 -43.56
C GLU O 165 18.13 -98.03 -44.78
N ASN O 166 17.38 -99.09 -45.16
CA ASN O 166 16.39 -98.95 -46.25
C ASN O 166 15.29 -97.96 -45.95
N ALA O 167 14.88 -98.01 -44.68
CA ALA O 167 13.80 -97.05 -44.30
C ALA O 167 14.38 -95.65 -44.52
N ASN O 168 15.64 -95.49 -44.04
CA ASN O 168 16.19 -94.12 -44.23
C ASN O 168 16.45 -93.80 -45.69
N ALA O 169 16.83 -94.74 -46.54
CA ALA O 169 16.94 -94.17 -47.94
C ALA O 169 15.63 -93.73 -48.61
N LEU O 170 14.55 -94.47 -48.44
CA LEU O 170 13.24 -94.22 -48.91
C LEU O 170 12.77 -92.90 -48.26
N ALA O 171 13.07 -92.72 -46.95
CA ALA O 171 12.56 -91.45 -46.47
C ALA O 171 13.44 -90.33 -47.06
N ARG O 172 14.68 -90.43 -47.50
CA ARG O 172 15.39 -89.24 -48.05
C ARG O 172 14.80 -88.94 -49.44
N TYR O 173 14.58 -90.12 -50.10
CA TYR O 173 14.00 -90.01 -51.43
C TYR O 173 12.58 -89.45 -51.49
N ALA O 174 11.73 -89.91 -50.60
CA ALA O 174 10.39 -89.39 -50.52
C ALA O 174 10.57 -87.92 -50.13
N SER O 175 11.31 -87.53 -49.12
CA SER O 175 11.44 -86.04 -48.91
C SER O 175 11.88 -85.22 -50.15
N ILE O 176 12.78 -85.86 -50.95
CA ILE O 176 13.28 -85.10 -52.13
C ILE O 176 12.22 -84.89 -53.23
N CYS O 177 11.54 -86.04 -53.53
CA CYS O 177 10.48 -85.99 -54.50
C CYS O 177 9.51 -84.84 -54.17
N GLN O 178 9.06 -84.76 -52.92
CA GLN O 178 8.14 -83.71 -52.52
C GLN O 178 8.69 -82.34 -52.68
N GLN O 179 10.00 -82.21 -52.48
CA GLN O 179 10.44 -80.83 -52.70
C GLN O 179 10.30 -80.44 -54.15
N ASN O 180 10.32 -81.35 -55.11
CA ASN O 180 10.13 -80.88 -56.52
C ASN O 180 8.76 -81.25 -57.05
N GLY O 181 7.73 -81.38 -56.23
CA GLY O 181 6.45 -81.81 -56.77
C GLY O 181 6.21 -83.16 -57.39
N LEU O 182 7.03 -84.20 -57.24
CA LEU O 182 6.59 -85.48 -57.66
C LEU O 182 5.93 -86.17 -56.45
N VAL O 183 5.13 -87.23 -56.61
CA VAL O 183 4.53 -87.81 -55.37
C VAL O 183 5.33 -89.14 -55.36
N PRO O 184 5.95 -89.43 -54.21
CA PRO O 184 6.78 -90.59 -53.99
C PRO O 184 5.97 -91.81 -53.64
N ILE O 185 6.03 -92.80 -54.52
CA ILE O 185 5.47 -94.09 -54.27
C ILE O 185 6.57 -94.77 -53.44
N VAL O 186 6.40 -94.98 -52.15
CA VAL O 186 7.40 -95.70 -51.30
C VAL O 186 7.36 -97.18 -51.51
N GLU O 187 8.34 -97.94 -52.06
CA GLU O 187 8.03 -99.41 -52.22
C GLU O 187 8.99 -100.29 -51.44
N PRO O 188 8.73 -100.66 -50.19
CA PRO O 188 9.62 -101.48 -49.35
C PRO O 188 9.13 -102.90 -49.48
N GLU O 189 9.60 -103.59 -50.50
CA GLU O 189 9.25 -104.93 -50.80
C GLU O 189 9.90 -106.02 -49.95
N VAL O 190 8.99 -106.84 -49.37
CA VAL O 190 9.48 -107.99 -48.63
C VAL O 190 9.43 -109.18 -49.62
N ILE O 191 10.53 -109.53 -50.20
CA ILE O 191 10.65 -110.65 -51.13
C ILE O 191 10.03 -111.91 -50.59
N PRO O 192 9.24 -112.64 -51.36
CA PRO O 192 8.63 -113.91 -50.98
C PRO O 192 9.58 -115.12 -51.05
N ASP O 193 10.78 -114.74 -51.50
CA ASP O 193 11.73 -115.87 -51.67
C ASP O 193 11.80 -116.60 -50.29
N GLY O 194 11.97 -117.92 -50.32
CA GLY O 194 12.14 -118.72 -49.14
C GLY O 194 10.92 -119.60 -48.83
N ASP O 195 11.05 -120.29 -47.72
CA ASP O 195 10.19 -121.29 -47.21
C ASP O 195 9.06 -120.81 -46.34
N HIS O 196 9.30 -119.66 -45.69
CA HIS O 196 8.41 -119.21 -44.63
C HIS O 196 6.95 -119.29 -45.02
N ASP O 197 6.14 -119.32 -43.93
CA ASP O 197 4.69 -119.38 -44.08
C ASP O 197 4.12 -117.96 -44.02
N LEU O 198 2.80 -117.86 -44.04
CA LEU O 198 2.18 -116.54 -44.08
C LEU O 198 2.43 -115.67 -42.88
N GLU O 199 2.14 -116.21 -41.70
CA GLU O 199 2.27 -115.41 -40.49
C GLU O 199 3.70 -114.88 -40.36
N HIS O 200 4.67 -115.67 -40.86
CA HIS O 200 6.03 -115.15 -40.69
C HIS O 200 6.12 -113.88 -41.55
N CYS O 201 5.51 -113.95 -42.72
CA CYS O 201 5.62 -112.77 -43.60
C CYS O 201 4.83 -111.64 -43.00
N GLN O 202 3.67 -112.02 -42.44
CA GLN O 202 2.93 -110.88 -41.80
C GLN O 202 3.75 -110.07 -40.76
N TYR O 203 4.49 -110.87 -39.96
CA TYR O 203 5.28 -110.43 -38.85
C TYR O 203 6.36 -109.43 -39.24
N VAL O 204 7.18 -109.84 -40.23
CA VAL O 204 8.30 -109.02 -40.78
C VAL O 204 7.74 -107.89 -41.66
N THR O 205 6.58 -108.21 -42.32
CA THR O 205 6.00 -107.08 -43.09
C THR O 205 5.52 -106.09 -42.04
N GLU O 206 4.89 -106.43 -40.91
CA GLU O 206 4.48 -105.27 -40.06
C GLU O 206 5.71 -104.57 -39.47
N LYS O 207 6.84 -105.27 -39.27
CA LYS O 207 7.98 -104.62 -38.65
C LYS O 207 8.57 -103.62 -39.62
N VAL O 208 8.65 -104.08 -40.89
CA VAL O 208 9.22 -103.17 -41.93
C VAL O 208 8.39 -101.93 -42.09
N LEU O 209 7.06 -102.11 -42.18
CA LEU O 209 6.21 -100.87 -42.32
C LEU O 209 6.24 -100.00 -41.07
N ALA O 210 6.62 -100.58 -39.92
CA ALA O 210 6.53 -99.63 -38.74
C ALA O 210 7.73 -98.69 -38.83
N ALA O 211 8.85 -99.25 -39.36
CA ALA O 211 10.07 -98.48 -39.55
C ALA O 211 10.05 -97.41 -40.66
N VAL O 212 9.63 -97.99 -41.82
CA VAL O 212 9.38 -97.10 -42.97
C VAL O 212 8.56 -95.86 -42.56
N TYR O 213 7.41 -96.15 -41.93
CA TYR O 213 6.65 -94.97 -41.53
C TYR O 213 7.29 -94.10 -40.49
N LYS O 214 8.07 -94.66 -39.57
CA LYS O 214 8.51 -93.76 -38.51
C LYS O 214 9.63 -92.89 -39.07
N ALA O 215 10.38 -93.47 -40.03
CA ALA O 215 11.47 -92.72 -40.70
C ALA O 215 10.89 -91.62 -41.57
N LEU O 216 9.79 -91.92 -42.25
CA LEU O 216 9.10 -90.90 -43.06
C LEU O 216 8.65 -89.75 -42.16
N ASN O 217 8.05 -90.05 -41.02
CA ASN O 217 7.73 -89.03 -40.08
C ASN O 217 8.92 -88.13 -39.70
N ASP O 218 10.01 -88.76 -39.32
CA ASP O 218 11.27 -88.18 -38.91
C ASP O 218 11.80 -87.21 -39.96
N HIS O 219 11.62 -87.75 -41.22
CA HIS O 219 12.22 -86.86 -42.29
C HIS O 219 11.22 -85.81 -42.81
N HIS O 220 10.15 -85.80 -41.96
CA HIS O 220 9.03 -84.90 -42.25
C HIS O 220 8.36 -85.08 -43.59
N VAL O 221 8.15 -86.24 -44.11
CA VAL O 221 7.41 -86.49 -45.34
C VAL O 221 5.94 -86.29 -45.22
N TYR O 222 5.28 -85.65 -46.20
CA TYR O 222 3.82 -85.39 -46.17
C TYR O 222 3.02 -86.54 -46.75
N LEU O 223 2.55 -87.34 -45.82
CA LEU O 223 1.90 -88.62 -46.10
C LEU O 223 0.76 -88.50 -47.08
N GLU O 224 -0.07 -87.48 -46.89
CA GLU O 224 -1.20 -87.22 -47.80
C GLU O 224 -0.74 -87.10 -49.26
N GLY O 225 0.56 -86.90 -49.51
CA GLY O 225 1.11 -86.79 -50.82
C GLY O 225 2.10 -87.86 -51.21
N THR O 226 1.67 -89.05 -50.85
CA THR O 226 2.58 -90.22 -51.03
C THR O 226 1.80 -91.43 -51.49
N LEU O 227 2.45 -92.60 -51.77
CA LEU O 227 1.52 -93.71 -52.09
C LEU O 227 2.30 -94.93 -51.63
N LEU O 228 1.70 -96.10 -51.31
CA LEU O 228 2.64 -97.15 -50.82
C LEU O 228 2.45 -98.32 -51.73
N LYS O 229 3.48 -99.09 -51.86
CA LYS O 229 3.35 -100.24 -52.79
C LYS O 229 4.28 -101.28 -52.14
N PRO O 230 3.57 -101.99 -51.25
CA PRO O 230 4.11 -103.05 -50.42
C PRO O 230 3.81 -104.39 -51.01
N ASN O 231 4.47 -105.40 -50.50
CA ASN O 231 4.11 -106.71 -51.05
C ASN O 231 2.83 -107.11 -50.29
N MET O 232 2.13 -108.09 -50.87
CA MET O 232 0.94 -108.58 -50.19
C MET O 232 1.50 -109.57 -49.13
N VAL O 233 0.68 -109.80 -48.09
CA VAL O 233 1.26 -110.73 -47.11
C VAL O 233 0.97 -112.17 -47.56
N THR O 234 1.95 -112.96 -48.01
CA THR O 234 1.74 -114.33 -48.37
C THR O 234 2.91 -115.20 -47.90
N ALA O 235 2.68 -116.48 -47.76
CA ALA O 235 3.77 -117.40 -47.40
C ALA O 235 4.90 -117.32 -48.43
N GLY O 236 6.08 -117.83 -48.11
CA GLY O 236 7.18 -117.78 -49.06
C GLY O 236 6.92 -118.74 -50.24
N HIS O 237 7.65 -118.44 -51.29
CA HIS O 237 7.67 -119.10 -52.56
C HIS O 237 7.85 -120.60 -52.48
N ALA O 238 8.73 -121.01 -51.57
CA ALA O 238 9.05 -122.37 -51.22
C ALA O 238 8.20 -122.94 -50.09
N CYS O 239 7.36 -122.16 -49.42
CA CYS O 239 6.54 -122.74 -48.36
C CYS O 239 5.54 -123.76 -48.90
N THR O 240 5.31 -124.90 -48.28
CA THR O 240 4.36 -125.81 -48.97
C THR O 240 2.93 -125.64 -48.57
N LYS O 241 2.58 -125.02 -47.45
CA LYS O 241 1.13 -124.92 -47.20
C LYS O 241 0.45 -124.10 -48.28
N LYS O 242 -0.84 -124.33 -48.46
CA LYS O 242 -1.53 -123.54 -49.48
C LYS O 242 -2.50 -122.70 -48.66
N TYR O 243 -2.74 -121.53 -49.22
CA TYR O 243 -3.63 -120.58 -48.53
C TYR O 243 -4.64 -120.09 -49.56
N THR O 244 -5.56 -119.32 -49.07
CA THR O 244 -6.63 -118.72 -49.85
C THR O 244 -6.52 -117.20 -49.94
N PRO O 245 -7.00 -116.69 -51.07
CA PRO O 245 -7.15 -115.25 -51.29
C PRO O 245 -7.52 -114.55 -49.99
N GLU O 246 -8.59 -115.04 -49.40
CA GLU O 246 -9.17 -114.41 -48.22
C GLU O 246 -8.11 -114.55 -47.11
N GLN O 247 -7.35 -115.68 -47.11
CA GLN O 247 -6.33 -115.78 -46.06
C GLN O 247 -5.22 -114.72 -46.26
N VAL O 248 -4.77 -114.65 -47.52
CA VAL O 248 -3.79 -113.60 -47.81
C VAL O 248 -4.40 -112.24 -47.49
N ALA O 249 -5.67 -112.18 -47.94
CA ALA O 249 -6.25 -110.84 -47.65
C ALA O 249 -6.25 -110.45 -46.20
N MET O 250 -6.74 -111.21 -45.26
CA MET O 250 -6.72 -110.95 -43.83
C MET O 250 -5.32 -110.65 -43.30
N ALA O 251 -4.37 -111.46 -43.72
CA ALA O 251 -2.98 -111.29 -43.32
C ALA O 251 -2.48 -109.91 -43.72
N THR O 252 -2.92 -109.52 -44.89
CA THR O 252 -2.48 -108.26 -45.51
C THR O 252 -3.10 -107.04 -44.90
N VAL O 253 -4.42 -107.02 -44.77
CA VAL O 253 -5.04 -105.72 -44.24
C VAL O 253 -4.73 -105.72 -42.75
N THR O 254 -4.59 -106.94 -42.13
CA THR O 254 -4.23 -106.84 -40.71
C THR O 254 -2.92 -106.15 -40.48
N ALA O 255 -1.91 -106.62 -41.17
CA ALA O 255 -0.63 -105.86 -41.13
C ALA O 255 -0.67 -104.39 -41.47
N LEU O 256 -1.39 -104.06 -42.56
CA LEU O 256 -1.43 -102.66 -43.03
C LEU O 256 -2.21 -101.81 -42.08
N HIS O 257 -3.31 -102.34 -41.57
CA HIS O 257 -4.12 -101.40 -40.76
C HIS O 257 -3.39 -101.18 -39.44
N ARG O 258 -2.38 -102.09 -39.20
CA ARG O 258 -1.73 -101.81 -37.91
C ARG O 258 -0.50 -100.92 -38.08
N THR O 259 -0.13 -100.64 -39.35
CA THR O 259 1.07 -99.84 -39.57
C THR O 259 0.99 -98.69 -40.54
N VAL O 260 0.10 -98.77 -41.58
CA VAL O 260 0.07 -97.63 -42.52
C VAL O 260 -0.93 -96.54 -42.28
N PRO O 261 -0.52 -95.36 -41.94
CA PRO O 261 -1.47 -94.35 -41.54
C PRO O 261 -2.49 -94.08 -42.62
N ALA O 262 -3.58 -93.69 -41.93
CA ALA O 262 -4.79 -93.41 -42.74
C ALA O 262 -4.51 -92.18 -43.59
N ALA O 263 -3.58 -91.31 -43.28
CA ALA O 263 -3.28 -90.19 -44.19
C ALA O 263 -2.72 -90.60 -45.56
N VAL O 264 -2.18 -91.80 -45.70
CA VAL O 264 -1.63 -92.18 -47.02
C VAL O 264 -2.89 -92.51 -47.85
N PRO O 265 -3.13 -91.83 -48.96
CA PRO O 265 -4.33 -92.03 -49.75
C PRO O 265 -4.52 -93.37 -50.42
N GLY O 266 -3.38 -93.98 -50.77
CA GLY O 266 -3.65 -95.23 -51.52
C GLY O 266 -2.58 -96.30 -51.37
N ILE O 267 -2.98 -97.61 -51.46
CA ILE O 267 -1.82 -98.53 -51.28
C ILE O 267 -1.81 -99.49 -52.39
N CYS O 268 -0.89 -99.33 -53.30
CA CYS O 268 -0.97 -100.06 -54.56
C CYS O 268 -0.07 -101.31 -54.52
N PHE O 269 -0.69 -102.50 -54.34
CA PHE O 269 0.10 -103.71 -54.24
C PHE O 269 1.03 -103.95 -55.40
N LEU O 270 2.19 -104.57 -55.09
CA LEU O 270 3.10 -105.08 -56.08
C LEU O 270 2.63 -106.54 -56.24
N SER O 271 3.19 -107.27 -57.22
CA SER O 271 2.45 -108.61 -57.28
C SER O 271 3.56 -109.57 -57.49
N GLY O 272 4.63 -108.89 -57.91
CA GLY O 272 5.84 -109.65 -58.22
C GLY O 272 5.73 -111.17 -58.18
N GLY O 273 5.44 -111.78 -59.33
CA GLY O 273 5.53 -113.25 -59.26
C GLY O 273 4.14 -113.89 -59.13
N MET O 274 3.17 -113.28 -58.46
CA MET O 274 1.81 -113.85 -58.51
C MET O 274 1.32 -113.93 -59.97
N SER O 275 0.60 -115.00 -60.25
CA SER O 275 -0.07 -115.16 -61.52
C SER O 275 -1.00 -113.92 -61.64
N GLU O 276 -1.39 -113.65 -62.91
CA GLU O 276 -2.28 -112.48 -63.05
C GLU O 276 -3.53 -112.84 -62.28
N GLU O 277 -3.89 -114.14 -62.52
CA GLU O 277 -5.17 -114.47 -61.88
C GLU O 277 -5.15 -114.22 -60.41
N ASP O 278 -4.12 -114.85 -59.80
CA ASP O 278 -4.10 -114.60 -58.30
C ASP O 278 -4.03 -113.11 -57.92
N ALA O 279 -3.09 -112.36 -58.45
CA ALA O 279 -2.94 -110.95 -58.09
C ALA O 279 -4.31 -110.30 -58.11
N THR O 280 -5.13 -110.80 -59.07
CA THR O 280 -6.47 -110.15 -59.25
C THR O 280 -7.37 -110.68 -58.13
N LEU O 281 -7.18 -112.01 -57.89
CA LEU O 281 -8.15 -112.53 -56.85
C LEU O 281 -7.79 -111.99 -55.46
N ASN O 282 -6.48 -112.06 -55.13
CA ASN O 282 -6.06 -111.43 -53.85
C ASN O 282 -6.52 -109.99 -53.75
N LEU O 283 -6.23 -109.09 -54.73
CA LEU O 283 -6.60 -107.68 -54.61
C LEU O 283 -8.06 -107.48 -54.33
N ASN O 284 -8.79 -108.44 -54.94
CA ASN O 284 -10.27 -108.49 -54.82
C ASN O 284 -10.65 -108.88 -53.40
N ALA O 285 -10.09 -110.05 -53.01
CA ALA O 285 -10.36 -110.45 -51.60
C ALA O 285 -9.99 -109.32 -50.65
N ILE O 286 -8.78 -108.75 -50.87
CA ILE O 286 -8.20 -107.69 -50.12
C ILE O 286 -9.28 -106.62 -49.95
N ASN O 287 -9.94 -106.22 -51.03
CA ASN O 287 -10.95 -105.18 -50.85
C ASN O 287 -12.19 -105.65 -50.11
N LEU O 288 -12.39 -106.95 -50.02
CA LEU O 288 -13.61 -107.31 -49.29
C LEU O 288 -13.28 -107.71 -47.84
N CYS O 289 -11.97 -107.67 -47.52
CA CYS O 289 -11.64 -108.11 -46.15
C CYS O 289 -12.40 -107.23 -45.18
N PRO O 290 -12.99 -107.82 -44.15
CA PRO O 290 -13.72 -107.06 -43.17
C PRO O 290 -12.88 -106.27 -42.17
N LEU O 291 -11.86 -105.49 -42.50
CA LEU O 291 -11.09 -104.77 -41.42
C LEU O 291 -11.25 -103.32 -41.72
N PRO O 292 -10.94 -102.40 -40.90
CA PRO O 292 -10.81 -100.99 -41.27
C PRO O 292 -9.72 -100.84 -42.35
N LYS O 293 -10.07 -100.12 -43.39
CA LYS O 293 -9.25 -99.95 -44.61
C LYS O 293 -9.45 -98.49 -44.98
N PRO O 294 -8.77 -97.61 -44.27
CA PRO O 294 -9.00 -96.22 -44.51
C PRO O 294 -8.46 -95.79 -45.85
N TRP O 295 -7.60 -96.50 -46.58
CA TRP O 295 -7.03 -95.83 -47.78
C TRP O 295 -7.43 -96.65 -48.99
N LYS O 296 -7.36 -96.16 -50.27
CA LYS O 296 -7.89 -97.13 -51.27
C LYS O 296 -6.80 -98.26 -51.30
N LEU O 297 -7.23 -99.43 -51.77
CA LEU O 297 -6.37 -100.55 -51.95
C LEU O 297 -6.36 -100.98 -53.41
N SER O 298 -5.16 -100.84 -54.02
CA SER O 298 -5.17 -101.15 -55.44
C SER O 298 -3.98 -101.88 -56.00
N PHE O 299 -3.79 -101.69 -57.33
CA PHE O 299 -2.69 -102.41 -57.93
C PHE O 299 -1.65 -101.47 -58.59
N SER O 300 -0.39 -101.91 -58.56
CA SER O 300 0.68 -101.12 -59.22
C SER O 300 1.48 -102.33 -59.77
N TYR O 301 0.99 -102.94 -60.81
CA TYR O 301 1.42 -104.22 -61.31
C TYR O 301 2.25 -104.08 -62.58
N GLY O 302 3.13 -105.06 -62.65
CA GLY O 302 4.07 -105.10 -63.83
C GLY O 302 3.84 -106.46 -64.48
N ARG O 303 4.28 -107.61 -63.92
CA ARG O 303 3.92 -108.86 -64.63
C ARG O 303 2.42 -109.15 -64.66
N ALA O 304 1.72 -109.15 -63.52
CA ALA O 304 0.25 -109.38 -63.45
C ALA O 304 -0.55 -108.51 -64.43
N LEU O 305 0.04 -107.43 -65.03
CA LEU O 305 -0.75 -106.79 -66.09
C LEU O 305 -0.09 -107.13 -67.45
N GLN O 306 1.01 -107.90 -67.59
CA GLN O 306 1.50 -107.83 -69.00
C GLN O 306 1.86 -109.21 -69.46
N ALA O 307 2.05 -110.11 -68.52
CA ALA O 307 2.37 -111.47 -68.96
C ALA O 307 1.59 -111.92 -70.20
N SER O 308 0.24 -111.75 -70.14
CA SER O 308 -0.46 -112.45 -71.25
C SER O 308 -0.23 -111.63 -72.50
N ALA O 309 -0.15 -110.33 -72.28
CA ALA O 309 0.20 -109.40 -73.38
C ALA O 309 1.48 -109.83 -74.10
N LEU O 310 2.51 -110.13 -73.30
CA LEU O 310 3.78 -110.49 -73.93
C LEU O 310 3.59 -111.71 -74.83
N ALA O 311 2.89 -112.62 -74.21
CA ALA O 311 2.66 -113.90 -74.90
C ALA O 311 2.07 -113.61 -76.29
N ALA O 312 0.92 -112.92 -76.19
CA ALA O 312 0.21 -112.59 -77.41
C ALA O 312 1.16 -111.91 -78.40
N TRP O 313 1.84 -110.86 -78.01
CA TRP O 313 2.71 -110.16 -78.95
C TRP O 313 3.77 -111.06 -79.58
N GLY O 314 4.44 -111.86 -78.73
CA GLY O 314 5.50 -112.73 -79.29
C GLY O 314 6.53 -111.83 -80.03
N GLY O 315 6.60 -110.52 -79.72
CA GLY O 315 7.60 -109.77 -80.48
C GLY O 315 7.04 -109.52 -81.89
N LYS O 316 5.86 -110.01 -82.26
CA LYS O 316 5.36 -109.76 -83.61
C LYS O 316 4.37 -108.61 -83.83
N ALA O 317 4.68 -107.70 -84.76
CA ALA O 317 3.82 -106.56 -85.02
C ALA O 317 2.40 -106.94 -85.41
N ALA O 318 2.32 -108.14 -86.02
CA ALA O 318 0.98 -108.63 -86.41
C ALA O 318 0.11 -108.90 -85.18
N ASN O 319 0.74 -109.08 -84.00
CA ASN O 319 -0.01 -109.36 -82.78
C ASN O 319 -0.62 -108.18 -82.09
N LYS O 320 -0.23 -106.96 -82.48
CA LYS O 320 -0.84 -105.79 -81.85
C LYS O 320 -2.18 -106.07 -81.15
N GLU O 321 -3.24 -106.21 -81.91
CA GLU O 321 -4.56 -106.43 -81.30
C GLU O 321 -4.55 -107.51 -80.20
N ALA O 322 -4.11 -108.75 -80.54
CA ALA O 322 -4.14 -109.68 -79.40
C ALA O 322 -3.55 -109.03 -78.13
N THR O 323 -2.29 -108.66 -78.34
CA THR O 323 -1.48 -107.97 -77.35
C THR O 323 -2.30 -106.90 -76.65
N GLN O 324 -2.89 -105.96 -77.42
CA GLN O 324 -3.65 -104.93 -76.66
C GLN O 324 -4.82 -105.45 -75.85
N GLU O 325 -5.39 -106.52 -76.37
CA GLU O 325 -6.64 -107.05 -75.78
C GLU O 325 -6.33 -107.64 -74.41
N ALA O 326 -5.28 -108.48 -74.48
CA ALA O 326 -4.85 -109.11 -73.21
C ALA O 326 -4.70 -108.08 -72.11
N PHE O 327 -3.87 -107.04 -72.25
CA PHE O 327 -3.49 -106.05 -71.29
C PHE O 327 -4.69 -105.25 -70.81
N MET O 328 -5.46 -105.02 -71.90
CA MET O 328 -6.70 -104.21 -71.62
C MET O 328 -7.67 -105.12 -70.92
N LYS O 329 -7.41 -106.43 -70.87
CA LYS O 329 -8.36 -107.28 -70.04
C LYS O 329 -7.80 -107.39 -68.62
N ARG O 330 -6.48 -107.70 -68.45
CA ARG O 330 -6.05 -107.66 -67.02
C ARG O 330 -6.38 -106.31 -66.41
N ALA O 331 -6.10 -105.25 -67.22
CA ALA O 331 -6.32 -103.94 -66.53
C ALA O 331 -7.74 -103.78 -66.09
N MET O 332 -8.71 -104.37 -66.83
CA MET O 332 -10.11 -104.16 -66.31
C MET O 332 -10.40 -104.94 -65.02
N ALA O 333 -9.82 -106.15 -65.01
CA ALA O 333 -10.09 -107.14 -63.95
C ALA O 333 -9.61 -106.57 -62.67
N ASN O 334 -8.37 -106.08 -62.71
CA ASN O 334 -7.69 -105.45 -61.58
C ASN O 334 -8.47 -104.24 -61.24
N CYS O 335 -9.06 -103.45 -62.15
CA CYS O 335 -9.82 -102.27 -61.57
C CYS O 335 -11.02 -102.69 -60.76
N GLN O 336 -11.67 -103.78 -61.29
CA GLN O 336 -12.89 -104.20 -60.63
C GLN O 336 -12.47 -104.76 -59.27
N ALA O 337 -11.37 -105.55 -59.30
CA ALA O 337 -10.85 -106.14 -58.04
C ALA O 337 -10.43 -104.99 -57.10
N ALA O 338 -9.83 -103.90 -57.69
CA ALA O 338 -9.63 -102.77 -56.75
C ALA O 338 -11.02 -102.36 -56.29
N LYS O 339 -12.14 -102.89 -56.76
CA LYS O 339 -13.34 -102.21 -56.17
C LYS O 339 -14.04 -103.24 -55.32
N GLY O 340 -13.29 -104.35 -55.21
CA GLY O 340 -13.96 -105.43 -54.47
C GLY O 340 -15.15 -105.93 -55.33
N GLN O 341 -15.11 -105.68 -56.64
CA GLN O 341 -16.25 -106.22 -57.38
C GLN O 341 -15.74 -107.20 -58.42
N TYR O 342 -14.97 -108.22 -58.05
CA TYR O 342 -14.52 -109.02 -59.18
C TYR O 342 -14.81 -110.48 -59.06
N VAL O 343 -15.71 -110.95 -59.92
CA VAL O 343 -16.08 -112.36 -59.94
C VAL O 343 -14.95 -113.27 -60.36
N HIS O 344 -14.95 -113.84 -61.56
CA HIS O 344 -13.92 -114.84 -61.84
C HIS O 344 -13.95 -115.07 -63.35
N ALA P 1 24.17 -108.61 -40.56
CA ALA P 1 22.82 -109.14 -40.23
C ALA P 1 22.98 -109.84 -38.87
N HIS P 2 24.24 -109.76 -38.47
CA HIS P 2 24.81 -110.26 -37.23
C HIS P 2 26.23 -110.75 -37.59
N ARG P 3 26.62 -111.92 -37.07
CA ARG P 3 27.93 -112.48 -37.37
C ARG P 3 28.39 -112.15 -38.79
N PHE P 4 28.25 -113.05 -39.80
CA PHE P 4 28.67 -112.66 -41.14
C PHE P 4 29.61 -111.49 -41.12
N PRO P 5 30.85 -111.57 -40.76
CA PRO P 5 31.79 -110.49 -40.64
C PRO P 5 32.09 -109.64 -41.85
N ALA P 6 32.30 -108.32 -41.60
CA ALA P 6 32.51 -107.49 -42.80
C ALA P 6 33.92 -107.64 -43.33
N LEU P 7 34.91 -108.07 -42.62
CA LEU P 7 36.22 -108.01 -43.13
C LEU P 7 36.91 -109.28 -42.61
N THR P 8 37.96 -109.69 -43.31
CA THR P 8 38.80 -110.76 -42.81
C THR P 8 39.91 -110.17 -41.90
N GLN P 9 40.63 -111.14 -41.24
CA GLN P 9 41.73 -110.61 -40.41
C GLN P 9 42.72 -109.86 -41.32
N GLU P 10 42.85 -110.38 -42.60
CA GLU P 10 43.97 -109.67 -43.28
C GLU P 10 43.52 -108.28 -43.65
N GLN P 11 42.25 -108.21 -44.07
CA GLN P 11 41.83 -106.85 -44.44
C GLN P 11 41.99 -105.88 -43.27
N LYS P 12 41.66 -106.31 -42.05
CA LYS P 12 41.82 -105.34 -40.94
C LYS P 12 43.29 -105.04 -40.64
N LYS P 13 44.13 -106.07 -40.86
CA LYS P 13 45.55 -105.81 -40.57
C LYS P 13 45.99 -104.65 -41.46
N GLU P 14 45.52 -104.83 -42.73
CA GLU P 14 45.90 -103.79 -43.70
C GLU P 14 45.32 -102.41 -43.38
N LEU P 15 44.04 -102.28 -43.00
CA LEU P 15 43.60 -100.89 -42.62
C LEU P 15 44.26 -100.35 -41.35
N SER P 16 44.47 -101.25 -40.34
CA SER P 16 45.07 -100.79 -39.08
C SER P 16 46.49 -100.36 -39.32
N GLU P 17 47.09 -101.01 -40.36
CA GLU P 17 48.50 -100.54 -40.52
C GLU P 17 48.54 -99.13 -41.11
N ILE P 18 47.59 -98.93 -42.07
CA ILE P 18 47.54 -97.66 -42.81
C ILE P 18 47.25 -96.57 -41.84
N ALA P 19 46.15 -96.82 -41.09
CA ALA P 19 45.61 -95.89 -40.14
C ALA P 19 46.73 -95.39 -39.25
N GLN P 20 47.44 -96.32 -38.56
CA GLN P 20 48.49 -95.83 -37.69
C GLN P 20 49.68 -95.20 -38.40
N SER P 21 49.98 -95.72 -39.63
CA SER P 21 51.20 -95.15 -40.22
C SER P 21 51.02 -93.67 -40.48
N ILE P 22 49.74 -93.31 -40.71
CA ILE P 22 49.62 -91.87 -40.97
C ILE P 22 49.93 -91.08 -39.72
N VAL P 23 49.68 -91.57 -38.50
CA VAL P 23 49.81 -90.61 -37.34
C VAL P 23 50.97 -90.99 -36.44
N ALA P 24 51.75 -91.93 -36.93
CA ALA P 24 52.91 -92.46 -36.31
C ALA P 24 53.83 -91.54 -35.60
N ASN P 25 54.41 -90.43 -35.88
CA ASN P 25 55.37 -90.08 -34.70
C ASN P 25 55.31 -88.62 -34.39
N GLY P 26 54.12 -88.18 -34.27
CA GLY P 26 53.72 -86.75 -34.09
C GLY P 26 53.36 -86.34 -35.51
N LYS P 27 53.25 -87.36 -36.33
CA LYS P 27 52.98 -87.05 -37.72
C LYS P 27 51.52 -86.64 -37.85
N GLY P 28 51.28 -85.87 -38.91
CA GLY P 28 49.97 -85.36 -39.27
C GLY P 28 49.65 -85.45 -40.77
N ILE P 29 48.60 -84.70 -41.09
CA ILE P 29 48.09 -84.79 -42.45
C ILE P 29 47.96 -83.44 -43.06
N LEU P 30 48.27 -83.35 -44.34
CA LEU P 30 48.18 -82.06 -45.05
C LEU P 30 46.90 -82.25 -45.88
N ALA P 31 45.98 -81.39 -45.57
CA ALA P 31 44.72 -81.45 -46.27
C ALA P 31 44.68 -80.50 -47.47
N ALA P 32 45.11 -81.08 -48.59
CA ALA P 32 45.12 -80.18 -49.79
C ALA P 32 43.94 -80.42 -50.73
N ASP P 33 42.85 -80.96 -50.18
CA ASP P 33 41.71 -81.44 -50.91
C ASP P 33 40.70 -80.36 -51.25
N GLU P 34 41.04 -79.07 -51.14
CA GLU P 34 40.17 -78.02 -51.57
C GLU P 34 39.73 -78.28 -53.02
N SER P 35 38.44 -78.11 -53.17
CA SER P 35 37.86 -78.32 -54.50
C SER P 35 38.14 -76.94 -55.14
N VAL P 36 37.54 -76.94 -56.33
CA VAL P 36 37.71 -75.86 -57.24
C VAL P 36 37.22 -74.55 -56.70
N GLY P 37 36.05 -74.67 -56.12
CA GLY P 37 35.47 -73.45 -55.47
C GLY P 37 36.23 -72.96 -54.26
N THR P 38 36.47 -73.90 -53.37
CA THR P 38 37.23 -73.60 -52.16
C THR P 38 38.61 -73.08 -52.49
N MET P 39 39.28 -73.87 -53.40
CA MET P 39 40.56 -73.38 -53.79
C MET P 39 40.44 -71.95 -54.30
N GLY P 40 39.44 -71.61 -55.07
CA GLY P 40 39.32 -70.26 -55.60
C GLY P 40 39.19 -69.32 -54.40
N ASN P 41 38.53 -69.80 -53.35
CA ASN P 41 38.45 -68.88 -52.25
C ASN P 41 39.84 -68.67 -51.71
N ARG P 42 40.77 -69.64 -51.73
CA ARG P 42 42.05 -69.30 -51.07
C ARG P 42 42.94 -68.43 -51.94
N LEU P 43 42.92 -68.72 -53.23
CA LEU P 43 43.73 -67.94 -54.14
C LEU P 43 43.19 -66.52 -54.23
N GLN P 44 41.88 -66.33 -54.09
CA GLN P 44 41.42 -64.94 -54.09
C GLN P 44 42.14 -64.12 -53.03
N ARG P 45 42.38 -64.73 -51.88
CA ARG P 45 43.04 -64.01 -50.82
C ARG P 45 44.32 -63.38 -51.26
N ILE P 46 45.16 -64.13 -51.97
CA ILE P 46 46.39 -63.59 -52.53
C ILE P 46 46.21 -63.02 -53.93
N LYS P 47 45.03 -62.71 -54.38
CA LYS P 47 44.68 -62.28 -55.70
C LYS P 47 45.39 -63.02 -56.82
N VAL P 48 45.29 -64.33 -56.92
CA VAL P 48 45.76 -65.18 -58.03
C VAL P 48 44.56 -65.86 -58.69
N GLU P 49 44.55 -65.90 -60.01
CA GLU P 49 43.31 -66.35 -60.64
C GLU P 49 43.07 -67.82 -60.40
N ASN P 50 41.86 -68.18 -60.02
CA ASN P 50 41.63 -69.59 -59.82
C ASN P 50 41.65 -70.45 -61.07
N THR P 51 42.81 -70.74 -61.56
CA THR P 51 42.98 -71.55 -62.75
C THR P 51 43.32 -72.95 -62.42
N GLU P 52 43.07 -73.97 -63.22
CA GLU P 52 43.56 -75.30 -62.87
C GLU P 52 45.08 -75.22 -62.94
N GLU P 53 45.71 -74.41 -63.80
CA GLU P 53 47.14 -74.26 -63.85
C GLU P 53 47.75 -73.62 -62.61
N ASN P 54 47.11 -72.59 -62.09
CA ASN P 54 47.52 -71.89 -60.88
C ASN P 54 47.32 -72.85 -59.72
N ARG P 55 46.20 -73.58 -59.71
CA ARG P 55 46.16 -74.58 -58.66
C ARG P 55 47.28 -75.59 -58.73
N ARG P 56 47.55 -76.25 -59.87
CA ARG P 56 48.55 -77.28 -60.11
C ARG P 56 49.93 -76.74 -59.82
N GLN P 57 50.18 -75.52 -60.18
CA GLN P 57 51.42 -74.88 -59.81
C GLN P 57 51.55 -74.80 -58.30
N PHE P 58 50.63 -74.19 -57.56
CA PHE P 58 50.82 -74.08 -56.11
C PHE P 58 50.99 -75.43 -55.43
N ARG P 59 50.23 -76.45 -55.78
CA ARG P 59 50.43 -77.77 -55.19
C ARG P 59 51.75 -78.46 -55.51
N GLU P 60 52.30 -78.23 -56.72
CA GLU P 60 53.61 -78.68 -57.08
C GLU P 60 54.66 -78.17 -56.09
N ILE P 61 54.52 -76.85 -55.71
CA ILE P 61 55.50 -76.35 -54.80
C ILE P 61 55.46 -77.17 -53.52
N LEU P 62 54.25 -77.25 -52.96
CA LEU P 62 54.06 -78.00 -51.74
C LEU P 62 54.58 -79.43 -51.89
N PHE P 63 54.14 -80.13 -52.99
CA PHE P 63 54.63 -81.49 -53.03
C PHE P 63 56.06 -81.68 -53.46
N SER P 64 56.73 -80.72 -54.05
CA SER P 64 58.12 -81.01 -54.45
C SER P 64 59.16 -80.63 -53.39
N VAL P 65 58.67 -80.38 -52.18
CA VAL P 65 59.51 -79.89 -51.08
C VAL P 65 60.42 -81.03 -50.70
N ASP P 66 61.45 -80.75 -49.96
CA ASP P 66 62.41 -81.73 -49.48
C ASP P 66 61.81 -82.85 -48.70
N SER P 67 62.34 -84.02 -48.94
CA SER P 67 61.91 -85.23 -48.29
C SER P 67 61.61 -85.17 -46.80
N SER P 68 62.42 -84.38 -46.16
CA SER P 68 62.37 -84.17 -44.73
C SER P 68 60.96 -83.97 -44.30
N ILE P 69 60.14 -83.51 -45.19
CA ILE P 69 58.72 -83.33 -44.90
C ILE P 69 58.08 -84.58 -44.34
N ASN P 70 58.62 -85.72 -44.79
CA ASN P 70 57.89 -86.92 -44.28
C ASN P 70 58.15 -87.20 -42.81
N GLN P 71 58.98 -86.36 -42.18
CA GLN P 71 59.10 -86.38 -40.73
C GLN P 71 57.89 -85.82 -39.95
N SER P 72 57.15 -84.86 -40.56
CA SER P 72 56.00 -84.14 -40.06
C SER P 72 54.70 -84.56 -40.76
N ILE P 73 54.85 -84.97 -42.02
CA ILE P 73 53.58 -85.27 -42.71
C ILE P 73 53.39 -86.73 -42.95
N GLY P 74 52.34 -87.35 -42.38
CA GLY P 74 52.15 -88.76 -42.61
C GLY P 74 51.38 -89.08 -43.86
N GLY P 75 50.63 -88.12 -44.34
CA GLY P 75 49.68 -88.46 -45.46
C GLY P 75 49.19 -87.10 -45.92
N VAL P 76 48.58 -87.09 -47.09
CA VAL P 76 48.14 -85.85 -47.76
C VAL P 76 46.86 -86.19 -48.47
N ILE P 77 45.88 -85.37 -48.15
CA ILE P 77 44.56 -85.65 -48.73
C ILE P 77 44.48 -84.90 -50.05
N LEU P 78 44.13 -85.54 -51.13
CA LEU P 78 44.01 -84.74 -52.37
C LEU P 78 42.59 -84.69 -52.86
N PHE P 79 42.36 -83.77 -53.79
CA PHE P 79 41.05 -83.69 -54.50
C PHE P 79 41.22 -84.34 -55.90
N HIS P 80 40.12 -84.97 -56.37
CA HIS P 80 40.31 -85.75 -57.56
C HIS P 80 41.18 -85.18 -58.68
N GLU P 81 41.08 -83.87 -58.91
CA GLU P 81 41.80 -83.26 -60.04
C GLU P 81 43.29 -83.44 -59.71
N THR P 82 43.60 -82.93 -58.53
CA THR P 82 44.95 -83.08 -58.07
C THR P 82 45.45 -84.54 -58.13
N LEU P 83 44.81 -85.63 -58.00
CA LEU P 83 45.25 -87.00 -57.95
C LEU P 83 45.75 -87.39 -59.34
N TYR P 84 45.32 -86.63 -60.34
CA TYR P 84 45.72 -86.98 -61.67
C TYR P 84 46.57 -85.94 -62.33
N GLN P 85 47.15 -84.98 -61.60
CA GLN P 85 47.96 -83.91 -62.09
C GLN P 85 49.45 -84.26 -62.00
N LYS P 86 50.20 -83.55 -62.80
CA LYS P 86 51.61 -83.69 -62.84
C LYS P 86 52.44 -82.52 -62.45
N ASP P 87 53.65 -82.71 -62.02
CA ASP P 87 54.78 -81.81 -61.84
C ASP P 87 55.03 -81.07 -63.17
N SER P 88 56.00 -80.18 -63.15
CA SER P 88 56.49 -79.61 -64.37
C SER P 88 57.31 -80.52 -65.26
N GLN P 89 57.44 -81.80 -64.92
CA GLN P 89 58.09 -82.70 -65.80
C GLN P 89 57.23 -83.93 -66.08
N GLY P 90 55.95 -83.82 -65.80
CA GLY P 90 55.15 -84.97 -66.21
C GLY P 90 55.34 -86.07 -65.18
N LYS P 91 55.86 -85.66 -64.01
CA LYS P 91 55.77 -86.79 -63.06
C LYS P 91 54.46 -86.68 -62.28
N LEU P 92 53.69 -87.73 -62.15
CA LEU P 92 52.43 -87.55 -61.38
C LEU P 92 52.56 -87.12 -59.94
N PHE P 93 51.82 -86.14 -59.43
CA PHE P 93 51.97 -85.82 -58.01
C PHE P 93 51.80 -87.03 -57.06
N ARG P 94 50.79 -87.84 -57.44
CA ARG P 94 50.55 -88.94 -56.47
C ARG P 94 51.77 -89.82 -56.30
N ASN P 95 52.50 -90.00 -57.39
CA ASN P 95 53.77 -90.71 -57.37
C ASN P 95 54.90 -89.95 -56.65
N ILE P 96 54.96 -88.67 -56.90
CA ILE P 96 56.00 -87.97 -56.10
C ILE P 96 55.70 -88.14 -54.61
N LEU P 97 54.43 -88.05 -54.19
CA LEU P 97 54.14 -88.20 -52.75
C LEU P 97 54.53 -89.53 -52.12
N LYS P 98 54.22 -90.51 -52.97
CA LYS P 98 54.47 -91.92 -52.62
C LYS P 98 55.93 -92.31 -52.38
N GLU P 99 56.77 -91.92 -53.32
CA GLU P 99 58.19 -92.07 -53.22
C GLU P 99 58.77 -91.35 -52.03
N LYS P 100 58.23 -90.20 -51.70
CA LYS P 100 58.81 -89.52 -50.56
C LYS P 100 58.21 -90.07 -49.26
N GLY P 101 57.52 -91.20 -49.34
CA GLY P 101 57.09 -92.00 -48.22
C GLY P 101 55.93 -91.44 -47.43
N ILE P 102 55.08 -90.67 -48.13
CA ILE P 102 53.89 -90.06 -47.67
C ILE P 102 52.61 -90.76 -48.13
N VAL P 103 51.70 -91.30 -47.35
CA VAL P 103 50.50 -92.01 -47.82
C VAL P 103 49.52 -91.03 -48.46
N VAL P 104 48.80 -91.26 -49.50
CA VAL P 104 47.95 -90.37 -50.26
C VAL P 104 46.50 -90.74 -50.00
N GLY P 105 45.75 -89.64 -49.72
CA GLY P 105 44.31 -89.87 -49.51
C GLY P 105 43.47 -89.05 -50.49
N ILE P 106 42.22 -89.45 -50.66
CA ILE P 106 41.27 -88.80 -51.54
C ILE P 106 39.98 -88.31 -50.87
N LYS P 107 39.51 -87.11 -51.23
CA LYS P 107 38.23 -86.58 -50.80
C LYS P 107 37.18 -87.44 -51.49
N LEU P 108 36.25 -88.11 -50.83
CA LEU P 108 35.25 -89.03 -51.41
C LEU P 108 33.82 -88.46 -51.36
N ASP P 109 33.61 -87.57 -50.39
CA ASP P 109 32.28 -86.98 -50.26
C ASP P 109 32.00 -86.04 -51.41
N GLN P 110 30.79 -85.69 -51.77
CA GLN P 110 30.60 -84.81 -52.91
C GLN P 110 29.70 -83.63 -52.64
N GLY P 111 29.88 -83.01 -51.50
CA GLY P 111 29.03 -81.87 -51.23
C GLY P 111 27.69 -82.11 -50.57
N GLY P 112 27.16 -80.99 -50.06
CA GLY P 112 25.95 -81.09 -49.26
C GLY P 112 24.73 -81.24 -50.15
N ALA P 113 23.64 -81.53 -49.42
CA ALA P 113 22.30 -81.68 -49.97
C ALA P 113 21.40 -81.24 -48.83
N PRO P 114 20.47 -80.40 -49.24
CA PRO P 114 19.55 -79.77 -48.28
C PRO P 114 18.48 -80.76 -47.79
N LEU P 115 18.32 -80.71 -46.48
CA LEU P 115 17.49 -81.54 -45.62
C LEU P 115 16.20 -80.72 -45.48
N ALA P 116 15.21 -81.26 -46.12
CA ALA P 116 13.93 -80.56 -46.16
C ALA P 116 13.32 -80.51 -44.75
N GLY P 117 12.69 -79.43 -44.38
CA GLY P 117 11.90 -79.34 -43.11
C GLY P 117 12.84 -79.05 -41.96
N THR P 118 13.91 -78.33 -42.28
CA THR P 118 15.03 -78.17 -41.35
C THR P 118 15.54 -76.76 -41.38
N ASN P 119 16.10 -76.24 -40.29
CA ASN P 119 16.46 -74.84 -40.51
C ASN P 119 17.87 -74.80 -41.11
N LYS P 120 17.94 -74.98 -42.39
CA LYS P 120 19.02 -74.74 -43.28
C LYS P 120 20.16 -75.73 -43.12
N GLU P 121 19.88 -76.88 -42.59
CA GLU P 121 20.69 -78.06 -42.41
C GLU P 121 20.82 -78.90 -43.68
N THR P 122 21.89 -79.74 -43.71
CA THR P 122 22.08 -80.52 -44.95
C THR P 122 22.54 -81.94 -44.64
N THR P 123 22.69 -82.79 -45.65
CA THR P 123 23.37 -84.05 -45.47
C THR P 123 24.56 -83.94 -46.49
N ILE P 124 25.14 -85.12 -46.82
CA ILE P 124 26.20 -85.11 -47.80
C ILE P 124 25.89 -86.19 -48.83
N GLN P 125 26.23 -85.80 -50.08
CA GLN P 125 26.10 -86.77 -51.18
C GLN P 125 27.43 -87.50 -51.43
N GLY P 126 27.21 -88.58 -52.20
CA GLY P 126 28.36 -89.31 -52.66
C GLY P 126 28.52 -90.79 -52.48
N LEU P 127 27.41 -91.33 -51.94
CA LEU P 127 27.50 -92.78 -51.72
C LEU P 127 27.29 -93.44 -53.04
N ASP P 128 26.57 -92.85 -53.96
CA ASP P 128 26.31 -93.67 -55.19
C ASP P 128 27.62 -94.00 -55.91
N GLY P 129 27.93 -95.26 -56.24
CA GLY P 129 29.19 -95.46 -57.00
C GLY P 129 30.46 -95.44 -56.20
N LEU P 130 30.32 -95.22 -54.88
CA LEU P 130 31.50 -95.03 -54.00
C LEU P 130 32.41 -96.25 -54.13
N SER P 131 31.81 -97.41 -53.86
CA SER P 131 32.61 -98.63 -53.97
C SER P 131 33.42 -98.65 -55.28
N GLU P 132 32.78 -98.32 -56.40
CA GLU P 132 33.50 -98.44 -57.66
C GLU P 132 34.57 -97.38 -57.80
N ARG P 133 34.34 -96.24 -57.17
CA ARG P 133 35.40 -95.20 -57.07
C ARG P 133 36.51 -95.50 -56.04
N CYS P 134 36.17 -96.16 -54.94
CA CYS P 134 37.27 -96.49 -54.04
C CYS P 134 38.22 -97.48 -54.71
N ALA P 135 37.68 -98.37 -55.51
CA ALA P 135 38.50 -99.53 -55.93
C ALA P 135 39.49 -99.13 -57.01
N GLN P 136 39.06 -98.16 -57.77
CA GLN P 136 39.80 -97.51 -58.77
C GLN P 136 40.82 -96.58 -58.10
N TYR P 137 40.45 -95.80 -57.06
CA TYR P 137 41.52 -95.04 -56.42
C TYR P 137 42.53 -95.93 -55.73
N LYS P 138 42.05 -97.03 -55.14
CA LYS P 138 43.01 -97.92 -54.43
C LYS P 138 44.02 -98.41 -55.47
N LYS P 139 43.51 -98.69 -56.66
CA LYS P 139 44.40 -99.08 -57.71
C LYS P 139 45.36 -97.94 -58.08
N ASP P 140 44.95 -96.70 -57.98
CA ASP P 140 45.68 -95.54 -58.35
C ASP P 140 46.58 -95.18 -57.21
N GLY P 141 46.84 -96.04 -56.23
CA GLY P 141 47.89 -95.52 -55.31
C GLY P 141 47.23 -94.94 -54.09
N VAL P 142 45.93 -94.96 -53.93
CA VAL P 142 45.37 -94.28 -52.73
C VAL P 142 45.20 -95.23 -51.59
N ASP P 143 45.48 -94.85 -50.32
CA ASP P 143 45.24 -95.65 -49.14
C ASP P 143 44.20 -95.15 -48.18
N PHE P 144 43.74 -93.92 -48.25
CA PHE P 144 42.68 -93.54 -47.31
C PHE P 144 41.71 -92.56 -47.94
N GLY P 145 40.60 -92.33 -47.26
CA GLY P 145 39.59 -91.40 -47.73
C GLY P 145 39.17 -90.39 -46.68
N LYS P 146 38.41 -89.45 -47.21
CA LYS P 146 37.87 -88.35 -46.40
C LYS P 146 36.43 -88.02 -46.76
N TRP P 147 35.63 -87.75 -45.76
CA TRP P 147 34.22 -87.38 -46.00
C TRP P 147 33.89 -86.34 -44.96
N ARG P 148 33.37 -85.23 -45.33
CA ARG P 148 33.14 -84.15 -44.40
C ARG P 148 31.66 -83.88 -44.24
N ALA P 149 31.06 -83.97 -43.08
CA ALA P 149 29.73 -83.62 -42.77
C ALA P 149 29.86 -82.24 -42.01
N VAL P 150 28.95 -81.33 -42.29
CA VAL P 150 28.77 -80.02 -41.78
C VAL P 150 27.55 -79.89 -40.87
N LEU P 151 27.71 -79.80 -39.57
CA LEU P 151 26.59 -79.55 -38.66
C LEU P 151 26.73 -78.15 -38.06
N ARG P 152 25.66 -77.40 -37.81
CA ARG P 152 25.91 -76.13 -37.13
C ARG P 152 24.98 -75.99 -35.93
N ILE P 153 25.46 -75.08 -35.12
CA ILE P 153 24.71 -74.69 -33.94
C ILE P 153 23.99 -73.37 -34.19
N ALA P 154 22.67 -73.39 -34.19
CA ALA P 154 21.76 -72.30 -34.46
C ALA P 154 20.34 -72.65 -34.06
N ASP P 155 19.42 -71.70 -34.30
CA ASP P 155 18.02 -71.96 -33.98
C ASP P 155 17.61 -73.31 -34.54
N GLN P 156 17.35 -74.27 -33.68
CA GLN P 156 16.92 -75.61 -34.14
C GLN P 156 17.88 -76.39 -34.97
N CYS P 157 19.16 -76.03 -34.71
CA CYS P 157 20.35 -76.75 -35.25
C CYS P 157 21.35 -77.10 -34.16
N PRO P 158 21.94 -78.27 -34.06
CA PRO P 158 21.77 -79.33 -35.00
C PRO P 158 20.63 -80.24 -34.61
N SER P 159 19.66 -80.38 -35.51
CA SER P 159 18.50 -81.26 -35.29
C SER P 159 18.90 -82.72 -35.26
N SER P 160 17.93 -83.41 -34.75
CA SER P 160 18.07 -84.90 -34.64
C SER P 160 18.13 -85.49 -36.01
N LEU P 161 17.35 -84.89 -36.92
CA LEU P 161 17.39 -85.53 -38.23
C LEU P 161 18.81 -85.37 -38.83
N ALA P 162 19.35 -84.15 -38.58
CA ALA P 162 20.61 -83.86 -39.21
C ALA P 162 21.70 -84.71 -38.59
N ILE P 163 21.66 -84.90 -37.25
CA ILE P 163 22.84 -85.57 -36.70
C ILE P 163 22.69 -87.00 -37.20
N GLN P 164 21.47 -87.49 -36.99
CA GLN P 164 21.22 -88.83 -37.40
C GLN P 164 21.55 -89.06 -38.86
N GLU P 165 21.10 -88.21 -39.75
CA GLU P 165 21.38 -88.60 -41.15
C GLU P 165 22.87 -88.46 -41.38
N ASN P 166 23.54 -87.32 -41.13
CA ASN P 166 24.95 -87.25 -41.38
C ASN P 166 25.64 -88.43 -40.73
N ALA P 167 25.45 -88.74 -39.44
CA ALA P 167 26.14 -89.95 -38.95
C ALA P 167 25.96 -91.20 -39.83
N ASN P 168 24.74 -91.44 -40.33
CA ASN P 168 24.58 -92.68 -41.07
C ASN P 168 25.31 -92.70 -42.38
N ALA P 169 25.29 -91.49 -42.97
CA ALA P 169 25.95 -91.39 -44.28
C ALA P 169 27.43 -91.59 -43.99
N LEU P 170 27.87 -91.17 -42.82
CA LEU P 170 29.36 -91.29 -42.59
C LEU P 170 29.67 -92.76 -42.37
N ALA P 171 28.63 -93.39 -41.84
CA ALA P 171 28.69 -94.80 -41.56
C ALA P 171 28.77 -95.62 -42.85
N ARG P 172 27.88 -95.40 -43.82
CA ARG P 172 27.86 -96.13 -45.11
C ARG P 172 29.20 -95.94 -45.83
N TYR P 173 29.64 -94.69 -45.91
CA TYR P 173 30.89 -94.31 -46.49
C TYR P 173 32.05 -95.03 -45.83
N ALA P 174 32.15 -94.88 -44.52
CA ALA P 174 33.21 -95.61 -43.82
C ALA P 174 33.16 -97.05 -44.21
N SER P 175 31.97 -97.69 -44.17
CA SER P 175 31.87 -99.09 -44.47
C SER P 175 32.42 -99.57 -45.82
N ILE P 176 32.02 -98.87 -46.86
CA ILE P 176 32.44 -99.04 -48.23
C ILE P 176 33.92 -98.73 -48.36
N CYS P 177 34.54 -97.74 -47.76
CA CYS P 177 35.97 -97.55 -47.95
C CYS P 177 36.72 -98.81 -47.42
N GLN P 178 36.11 -99.32 -46.29
CA GLN P 178 36.81 -100.45 -45.67
C GLN P 178 36.70 -101.65 -46.58
N GLN P 179 35.55 -101.75 -47.26
CA GLN P 179 35.52 -102.94 -48.12
C GLN P 179 36.48 -102.81 -49.32
N ASN P 180 37.06 -101.67 -49.52
CA ASN P 180 37.99 -101.52 -50.64
C ASN P 180 39.35 -101.13 -50.13
N GLY P 181 39.68 -101.44 -48.89
CA GLY P 181 41.09 -101.17 -48.56
C GLY P 181 41.57 -99.76 -48.29
N LEU P 182 40.64 -98.85 -48.25
CA LEU P 182 41.03 -97.51 -47.86
C LEU P 182 40.63 -97.22 -46.42
N VAL P 183 41.43 -96.51 -45.67
CA VAL P 183 41.04 -96.13 -44.34
C VAL P 183 40.13 -94.92 -44.41
N PRO P 184 38.95 -94.97 -43.80
CA PRO P 184 38.07 -93.83 -43.85
C PRO P 184 38.47 -92.71 -42.92
N ILE P 185 38.72 -91.50 -43.41
CA ILE P 185 38.83 -90.49 -42.36
C ILE P 185 37.40 -90.03 -42.02
N VAL P 186 36.79 -89.94 -40.86
CA VAL P 186 35.42 -89.57 -40.61
C VAL P 186 35.41 -88.15 -40.09
N GLU P 187 34.70 -87.21 -40.72
CA GLU P 187 34.78 -85.82 -40.38
C GLU P 187 33.44 -85.20 -40.12
N PRO P 188 32.96 -85.29 -38.92
CA PRO P 188 31.65 -84.77 -38.58
C PRO P 188 31.93 -83.41 -37.99
N GLU P 189 32.04 -82.37 -38.82
CA GLU P 189 32.50 -81.12 -38.27
C GLU P 189 31.45 -80.29 -37.62
N VAL P 190 31.58 -79.71 -36.47
CA VAL P 190 30.62 -78.72 -35.95
C VAL P 190 31.25 -77.36 -36.24
N ILE P 191 30.65 -76.59 -37.11
CA ILE P 191 30.93 -75.25 -37.66
C ILE P 191 30.86 -74.28 -36.50
N PRO P 192 31.91 -73.49 -36.38
CA PRO P 192 32.14 -72.53 -35.35
C PRO P 192 31.30 -71.31 -35.58
N ASP P 193 30.67 -71.19 -36.72
CA ASP P 193 29.77 -70.08 -37.03
C ASP P 193 28.81 -69.78 -35.88
N GLY P 194 28.80 -68.55 -35.38
CA GLY P 194 27.79 -68.21 -34.42
C GLY P 194 28.36 -67.55 -33.19
N ASP P 195 27.44 -67.19 -32.27
CA ASP P 195 27.98 -66.61 -31.05
C ASP P 195 27.86 -67.55 -29.85
N HIS P 196 27.65 -68.85 -30.04
CA HIS P 196 27.66 -69.67 -28.81
C HIS P 196 29.04 -69.56 -28.14
N ASP P 197 29.11 -70.21 -27.02
CA ASP P 197 30.34 -70.22 -26.24
C ASP P 197 30.97 -71.61 -26.21
N LEU P 198 32.11 -71.74 -25.54
CA LEU P 198 32.78 -73.02 -25.44
C LEU P 198 31.94 -74.19 -24.95
N GLU P 199 31.29 -74.07 -23.81
CA GLU P 199 30.45 -75.10 -23.20
C GLU P 199 29.42 -75.71 -24.16
N HIS P 200 28.80 -74.80 -24.93
CA HIS P 200 27.75 -75.12 -25.87
C HIS P 200 28.31 -76.00 -26.96
N CYS P 201 29.53 -75.59 -27.34
CA CYS P 201 30.17 -76.23 -28.48
C CYS P 201 30.53 -77.62 -28.01
N GLN P 202 30.95 -77.60 -26.71
CA GLN P 202 31.35 -78.86 -26.15
C GLN P 202 30.18 -79.86 -26.15
N TYR P 203 29.06 -79.33 -25.71
CA TYR P 203 27.88 -80.20 -25.60
C TYR P 203 27.41 -80.76 -26.93
N VAL P 204 27.30 -79.82 -27.90
CA VAL P 204 26.87 -80.25 -29.24
C VAL P 204 27.90 -81.26 -29.79
N THR P 205 29.17 -81.10 -29.44
CA THR P 205 30.23 -81.98 -29.96
C THR P 205 30.12 -83.34 -29.28
N GLU P 206 29.76 -83.37 -27.98
CA GLU P 206 29.67 -84.76 -27.48
C GLU P 206 28.45 -85.43 -28.10
N LYS P 207 27.43 -84.62 -28.43
CA LYS P 207 26.23 -85.29 -28.99
C LYS P 207 26.44 -85.82 -30.37
N VAL P 208 27.10 -85.06 -31.19
CA VAL P 208 27.49 -85.47 -32.56
C VAL P 208 28.35 -86.70 -32.53
N LEU P 209 29.45 -86.71 -31.75
CA LEU P 209 30.35 -87.87 -31.73
C LEU P 209 29.63 -89.08 -31.21
N ALA P 210 28.90 -88.97 -30.14
CA ALA P 210 28.12 -90.10 -29.65
C ALA P 210 27.30 -90.67 -30.79
N ALA P 211 26.55 -89.91 -31.54
CA ALA P 211 25.72 -90.48 -32.57
C ALA P 211 26.60 -91.15 -33.67
N VAL P 212 27.66 -90.39 -33.99
CA VAL P 212 28.59 -90.86 -34.95
C VAL P 212 29.06 -92.27 -34.67
N TYR P 213 29.65 -92.49 -33.48
CA TYR P 213 30.23 -93.86 -33.32
C TYR P 213 29.16 -94.95 -33.15
N LYS P 214 28.01 -94.63 -32.52
CA LYS P 214 27.01 -95.62 -32.38
C LYS P 214 26.62 -96.15 -33.76
N ALA P 215 26.60 -95.14 -34.67
CA ALA P 215 26.18 -95.48 -36.05
C ALA P 215 27.20 -96.38 -36.75
N LEU P 216 28.45 -95.96 -36.52
CA LEU P 216 29.62 -96.74 -37.07
C LEU P 216 29.42 -98.17 -36.56
N ASN P 217 28.95 -98.29 -35.32
CA ASN P 217 28.87 -99.63 -34.76
C ASN P 217 27.74 -100.38 -35.40
N ASP P 218 26.58 -99.71 -35.50
CA ASP P 218 25.48 -100.38 -36.20
C ASP P 218 25.95 -100.80 -37.59
N HIS P 219 26.83 -99.96 -38.23
CA HIS P 219 27.11 -100.46 -39.61
C HIS P 219 28.28 -101.40 -39.68
N HIS P 220 28.75 -101.89 -38.55
CA HIS P 220 29.92 -102.72 -38.49
C HIS P 220 31.17 -102.14 -39.07
N VAL P 221 31.45 -100.85 -38.91
CA VAL P 221 32.78 -100.33 -39.35
C VAL P 221 33.90 -100.72 -38.41
N TYR P 222 35.13 -100.94 -38.87
CA TYR P 222 36.27 -101.41 -38.07
C TYR P 222 37.10 -100.29 -37.53
N LEU P 223 36.80 -99.91 -36.28
CA LEU P 223 37.30 -98.67 -35.69
C LEU P 223 38.78 -98.54 -35.83
N GLU P 224 39.49 -99.64 -35.66
CA GLU P 224 40.95 -99.63 -35.69
C GLU P 224 41.55 -99.24 -37.02
N GLY P 225 40.72 -99.28 -38.03
CA GLY P 225 41.15 -98.91 -39.39
C GLY P 225 40.31 -97.73 -39.90
N THR P 226 40.22 -96.70 -39.05
CA THR P 226 39.46 -95.46 -39.17
C THR P 226 40.32 -94.32 -38.73
N LEU P 227 39.95 -93.10 -38.98
CA LEU P 227 40.70 -91.99 -38.37
C LEU P 227 39.61 -91.02 -37.97
N LEU P 228 39.88 -90.06 -37.10
CA LEU P 228 38.67 -89.26 -36.84
C LEU P 228 39.23 -87.84 -37.10
N LYS P 229 38.46 -87.01 -37.76
CA LYS P 229 38.81 -85.67 -37.96
C LYS P 229 37.67 -84.75 -37.52
N PRO P 230 37.69 -84.26 -36.31
CA PRO P 230 36.60 -83.47 -35.78
C PRO P 230 37.02 -82.10 -35.48
N ASN P 231 36.09 -81.27 -35.06
CA ASN P 231 36.51 -79.89 -34.69
C ASN P 231 36.97 -79.91 -33.25
N MET P 232 37.91 -79.04 -33.05
CA MET P 232 38.39 -78.83 -31.69
C MET P 232 37.12 -78.20 -31.03
N VAL P 233 37.03 -78.31 -29.74
CA VAL P 233 35.92 -77.57 -29.11
C VAL P 233 36.31 -76.13 -28.85
N THR P 234 35.62 -75.20 -29.45
CA THR P 234 35.89 -73.77 -29.23
C THR P 234 34.58 -72.97 -29.24
N ALA P 235 34.69 -71.71 -28.90
CA ALA P 235 33.50 -70.89 -28.86
C ALA P 235 33.12 -70.49 -30.27
N GLY P 236 31.91 -70.11 -30.57
CA GLY P 236 31.58 -69.66 -31.90
C GLY P 236 32.33 -68.39 -32.25
N HIS P 237 32.56 -68.22 -33.55
CA HIS P 237 33.16 -66.98 -34.00
C HIS P 237 32.63 -65.71 -33.38
N ALA P 238 31.34 -65.48 -33.34
CA ALA P 238 30.88 -64.19 -32.85
C ALA P 238 30.83 -64.24 -31.33
N CYS P 239 31.25 -65.39 -30.77
CA CYS P 239 31.32 -65.30 -29.32
C CYS P 239 32.39 -64.26 -28.94
N THR P 240 32.11 -63.43 -27.97
CA THR P 240 33.08 -62.45 -27.49
C THR P 240 33.91 -62.95 -26.32
N LYS P 241 33.49 -64.00 -25.61
CA LYS P 241 34.34 -64.48 -24.51
C LYS P 241 35.69 -64.80 -25.15
N LYS P 242 36.74 -64.72 -24.39
CA LYS P 242 38.06 -65.07 -24.85
C LYS P 242 38.58 -66.32 -24.14
N TYR P 243 39.06 -67.35 -24.87
CA TYR P 243 39.54 -68.51 -24.15
C TYR P 243 40.99 -68.64 -24.45
N THR P 244 41.74 -69.39 -23.73
CA THR P 244 43.09 -69.87 -23.66
C THR P 244 43.13 -71.27 -24.30
N PRO P 245 44.20 -71.52 -25.05
CA PRO P 245 44.38 -72.83 -25.66
C PRO P 245 44.10 -73.88 -24.62
N GLU P 246 44.61 -73.70 -23.42
CA GLU P 246 44.40 -74.73 -22.40
C GLU P 246 42.87 -74.99 -22.21
N GLN P 247 42.10 -73.91 -22.23
CA GLN P 247 40.69 -74.05 -22.07
C GLN P 247 40.08 -74.82 -23.23
N VAL P 248 40.67 -74.57 -24.40
CA VAL P 248 40.18 -75.20 -25.61
C VAL P 248 40.33 -76.74 -25.55
N ALA P 249 41.57 -76.88 -25.00
CA ALA P 249 42.08 -78.22 -24.80
C ALA P 249 41.29 -79.03 -23.82
N MET P 250 40.89 -78.38 -22.70
CA MET P 250 40.15 -79.11 -21.70
C MET P 250 38.76 -79.48 -22.26
N ALA P 251 38.11 -78.51 -22.92
CA ALA P 251 36.85 -78.88 -23.55
C ALA P 251 37.03 -79.93 -24.64
N THR P 252 38.11 -79.89 -25.45
CA THR P 252 38.14 -80.88 -26.52
C THR P 252 38.36 -82.30 -26.08
N VAL P 253 39.39 -82.36 -25.17
CA VAL P 253 39.75 -83.74 -24.70
C VAL P 253 38.66 -84.32 -23.86
N THR P 254 37.94 -83.47 -23.04
CA THR P 254 36.78 -83.95 -22.33
C THR P 254 35.70 -84.55 -23.24
N ALA P 255 35.35 -83.79 -24.33
CA ALA P 255 34.32 -84.22 -25.28
C ALA P 255 34.81 -85.45 -26.00
N LEU P 256 36.05 -85.46 -26.42
CA LEU P 256 36.49 -86.68 -27.08
C LEU P 256 36.59 -87.85 -26.14
N HIS P 257 37.06 -87.67 -24.92
CA HIS P 257 37.32 -88.93 -24.16
C HIS P 257 36.01 -89.47 -23.55
N ARG P 258 34.91 -88.69 -23.77
CA ARG P 258 33.62 -89.24 -23.32
C ARG P 258 32.93 -89.95 -24.48
N THR P 259 33.43 -89.74 -25.71
CA THR P 259 32.75 -90.40 -26.85
C THR P 259 33.65 -91.09 -27.86
N VAL P 260 34.88 -90.71 -28.14
CA VAL P 260 35.57 -91.49 -29.22
C VAL P 260 36.17 -92.76 -28.74
N PRO P 261 35.88 -93.97 -29.17
CA PRO P 261 36.46 -95.17 -28.59
C PRO P 261 37.98 -95.29 -28.66
N ALA P 262 38.69 -95.94 -27.75
CA ALA P 262 40.09 -96.16 -27.69
C ALA P 262 40.58 -96.95 -28.88
N ALA P 263 39.84 -97.84 -29.46
CA ALA P 263 40.18 -98.48 -30.71
C ALA P 263 40.44 -97.46 -31.82
N VAL P 264 40.02 -96.20 -31.68
CA VAL P 264 40.36 -95.32 -32.85
C VAL P 264 41.79 -94.83 -32.67
N PRO P 265 42.64 -95.14 -33.60
CA PRO P 265 44.04 -94.90 -33.57
C PRO P 265 44.56 -93.49 -33.43
N GLY P 266 43.91 -92.67 -34.24
CA GLY P 266 44.34 -91.25 -34.10
C GLY P 266 43.16 -90.37 -34.43
N ILE P 267 43.22 -89.17 -33.95
CA ILE P 267 42.22 -88.15 -34.24
C ILE P 267 43.02 -86.92 -34.73
N CYS P 268 42.72 -86.44 -35.93
CA CYS P 268 43.43 -85.38 -36.65
C CYS P 268 42.50 -84.20 -36.86
N PHE P 269 42.73 -83.18 -36.01
CA PHE P 269 41.78 -82.12 -35.94
C PHE P 269 41.73 -81.36 -37.22
N LEU P 270 40.68 -80.71 -37.61
CA LEU P 270 40.57 -79.73 -38.65
C LEU P 270 40.89 -78.40 -38.00
N SER P 271 41.41 -77.46 -38.71
CA SER P 271 41.77 -76.20 -38.01
C SER P 271 40.67 -75.17 -38.15
N GLY P 272 39.91 -75.39 -39.21
CA GLY P 272 38.83 -74.57 -39.63
C GLY P 272 38.75 -73.10 -39.36
N GLY P 273 39.62 -72.26 -39.90
CA GLY P 273 39.47 -70.84 -39.64
C GLY P 273 40.41 -70.30 -38.63
N MET P 274 41.06 -71.14 -37.87
CA MET P 274 42.04 -70.76 -36.86
C MET P 274 43.29 -70.25 -37.56
N SER P 275 43.97 -69.25 -37.04
CA SER P 275 45.23 -68.74 -37.56
C SER P 275 46.20 -69.93 -37.48
N GLU P 276 47.16 -69.88 -38.40
CA GLU P 276 48.19 -70.93 -38.29
C GLU P 276 48.69 -71.09 -36.86
N GLU P 277 49.03 -69.99 -36.15
CA GLU P 277 49.54 -70.07 -34.81
C GLU P 277 48.50 -70.66 -33.84
N ASP P 278 47.27 -70.19 -34.00
CA ASP P 278 46.23 -70.71 -33.12
C ASP P 278 46.12 -72.23 -33.22
N ALA P 279 46.20 -72.73 -34.46
CA ALA P 279 45.95 -74.19 -34.65
C ALA P 279 47.04 -75.07 -34.03
N THR P 280 48.21 -74.49 -33.91
CA THR P 280 49.38 -75.07 -33.33
C THR P 280 49.35 -74.89 -31.81
N LEU P 281 49.27 -73.70 -31.18
CA LEU P 281 49.00 -73.64 -29.74
C LEU P 281 47.92 -74.60 -29.26
N ASN P 282 46.80 -74.54 -29.92
CA ASN P 282 45.69 -75.41 -29.52
C ASN P 282 46.12 -76.85 -29.46
N LEU P 283 46.60 -77.41 -30.59
CA LEU P 283 46.75 -78.85 -30.67
C LEU P 283 47.81 -79.19 -29.69
N ASN P 284 48.79 -78.29 -29.48
CA ASN P 284 49.86 -78.66 -28.53
C ASN P 284 49.19 -78.73 -27.14
N ALA P 285 48.35 -77.74 -26.74
CA ALA P 285 47.77 -77.82 -25.38
C ALA P 285 46.85 -79.01 -25.29
N ILE P 286 46.31 -79.49 -26.40
CA ILE P 286 45.46 -80.71 -26.37
C ILE P 286 46.34 -81.89 -26.00
N ASN P 287 47.63 -81.85 -26.37
CA ASN P 287 48.41 -83.06 -26.10
C ASN P 287 48.92 -82.98 -24.66
N LEU P 288 48.83 -81.80 -24.02
CA LEU P 288 49.35 -81.73 -22.66
C LEU P 288 48.16 -81.78 -21.68
N CYS P 289 46.96 -82.07 -22.13
CA CYS P 289 45.79 -82.05 -21.30
C CYS P 289 45.78 -83.25 -20.34
N PRO P 290 45.72 -82.92 -19.07
CA PRO P 290 45.67 -83.95 -18.07
C PRO P 290 44.38 -84.75 -18.17
N LEU P 291 44.18 -85.62 -19.12
CA LEU P 291 43.11 -86.54 -19.31
C LEU P 291 43.49 -87.80 -20.14
N PRO P 292 42.71 -88.82 -19.91
CA PRO P 292 42.93 -90.13 -20.55
C PRO P 292 43.02 -89.80 -21.97
N LYS P 293 44.04 -90.09 -22.74
CA LYS P 293 44.01 -89.76 -24.17
C LYS P 293 44.43 -91.00 -24.88
N PRO P 294 43.63 -92.02 -24.94
CA PRO P 294 44.07 -93.23 -25.62
C PRO P 294 44.53 -93.18 -27.07
N TRP P 295 44.27 -92.21 -27.93
CA TRP P 295 44.60 -92.14 -29.34
C TRP P 295 45.62 -91.08 -29.76
N LYS P 296 46.24 -91.04 -30.94
CA LYS P 296 47.15 -89.94 -31.16
C LYS P 296 46.25 -88.70 -31.29
N LEU P 297 46.83 -87.56 -30.96
CA LEU P 297 46.10 -86.37 -31.11
C LEU P 297 47.01 -85.55 -32.03
N SER P 298 46.67 -85.39 -33.31
CA SER P 298 47.37 -84.72 -34.30
C SER P 298 46.52 -83.75 -35.08
N PHE P 299 47.14 -83.36 -36.20
CA PHE P 299 46.47 -82.37 -37.08
C PHE P 299 46.12 -82.98 -38.45
N SER P 300 45.07 -82.43 -39.07
CA SER P 300 44.71 -82.73 -40.45
C SER P 300 44.44 -81.34 -40.95
N TYR P 301 45.46 -80.54 -41.23
CA TYR P 301 45.30 -79.14 -41.55
C TYR P 301 45.33 -78.82 -43.04
N GLY P 302 44.43 -77.87 -43.33
CA GLY P 302 44.25 -77.29 -44.62
C GLY P 302 44.87 -75.86 -44.61
N ARG P 303 44.06 -74.98 -43.99
CA ARG P 303 44.44 -73.57 -43.94
C ARG P 303 45.64 -73.30 -43.07
N ALA P 304 45.67 -73.99 -41.97
CA ALA P 304 46.75 -73.70 -41.05
C ALA P 304 48.08 -74.21 -41.57
N LEU P 305 48.13 -75.18 -42.49
CA LEU P 305 49.48 -75.47 -42.97
C LEU P 305 49.76 -74.65 -44.21
N GLN P 306 48.86 -73.89 -44.82
CA GLN P 306 49.21 -73.25 -46.10
C GLN P 306 49.07 -71.75 -46.21
N ALA P 307 48.49 -71.06 -45.22
CA ALA P 307 48.30 -69.65 -45.26
C ALA P 307 49.52 -68.82 -45.63
N SER P 308 50.59 -68.99 -44.92
CA SER P 308 51.74 -68.17 -45.17
C SER P 308 52.43 -68.72 -46.41
N ALA P 309 52.28 -70.03 -46.74
CA ALA P 309 52.89 -70.46 -47.98
C ALA P 309 52.17 -69.71 -49.11
N LEU P 310 50.85 -69.58 -49.00
CA LEU P 310 50.11 -68.92 -50.09
C LEU P 310 50.61 -67.49 -50.25
N ALA P 311 50.68 -66.80 -49.16
CA ALA P 311 51.08 -65.46 -49.05
C ALA P 311 52.42 -65.18 -49.74
N ALA P 312 53.38 -66.01 -49.39
CA ALA P 312 54.73 -65.97 -49.85
C ALA P 312 54.75 -66.27 -51.34
N TRP P 313 53.96 -67.22 -51.76
CA TRP P 313 54.02 -67.54 -53.19
C TRP P 313 53.49 -66.37 -53.98
N GLY P 314 52.34 -65.87 -53.61
CA GLY P 314 51.73 -64.81 -54.42
C GLY P 314 51.53 -65.30 -55.84
N GLY P 315 51.69 -66.61 -56.07
CA GLY P 315 51.43 -67.10 -57.39
C GLY P 315 52.58 -66.84 -58.35
N LYS P 316 53.75 -66.56 -57.85
CA LYS P 316 54.93 -66.33 -58.67
C LYS P 316 55.88 -67.50 -58.47
N ALA P 317 56.34 -68.00 -59.63
CA ALA P 317 57.26 -69.12 -59.56
C ALA P 317 58.56 -68.79 -58.87
N ALA P 318 58.94 -67.53 -59.02
CA ALA P 318 60.11 -67.00 -58.37
C ALA P 318 59.92 -67.15 -56.86
N ASN P 319 58.68 -67.20 -56.34
CA ASN P 319 58.63 -67.44 -54.89
C ASN P 319 58.70 -68.84 -54.30
N LYS P 320 59.18 -69.82 -55.02
CA LYS P 320 59.22 -71.19 -54.75
C LYS P 320 59.83 -71.44 -53.38
N GLU P 321 61.08 -71.03 -53.20
CA GLU P 321 61.73 -71.27 -51.95
C GLU P 321 60.98 -70.71 -50.75
N ALA P 322 60.53 -69.47 -50.76
CA ALA P 322 59.95 -68.86 -49.58
C ALA P 322 58.61 -69.57 -49.32
N THR P 323 58.01 -70.05 -50.37
CA THR P 323 56.83 -70.84 -50.39
C THR P 323 57.07 -72.12 -49.59
N GLN P 324 58.08 -72.81 -50.00
CA GLN P 324 58.39 -74.09 -49.38
C GLN P 324 58.78 -73.99 -47.92
N GLU P 325 59.41 -72.91 -47.56
CA GLU P 325 59.89 -72.57 -46.26
C GLU P 325 58.76 -72.46 -45.25
N ALA P 326 57.73 -71.68 -45.57
CA ALA P 326 56.59 -71.42 -44.78
C ALA P 326 55.80 -72.75 -44.66
N PHE P 327 55.67 -73.49 -45.79
CA PHE P 327 54.92 -74.75 -45.58
C PHE P 327 55.59 -75.59 -44.47
N MET P 328 56.90 -75.75 -44.76
CA MET P 328 57.75 -76.64 -44.00
C MET P 328 57.69 -76.13 -42.57
N LYS P 329 57.62 -74.79 -42.41
CA LYS P 329 57.77 -74.32 -41.05
C LYS P 329 56.51 -74.68 -40.26
N ARG P 330 55.34 -74.46 -40.85
CA ARG P 330 54.13 -74.94 -40.19
C ARG P 330 54.06 -76.45 -40.17
N ALA P 331 54.59 -77.26 -41.08
CA ALA P 331 54.50 -78.69 -40.88
C ALA P 331 55.28 -79.19 -39.69
N MET P 332 56.40 -78.61 -39.43
CA MET P 332 57.27 -78.94 -38.32
C MET P 332 56.68 -78.41 -37.03
N ALA P 333 56.06 -77.25 -36.94
CA ALA P 333 55.56 -76.79 -35.66
C ALA P 333 54.29 -77.58 -35.32
N ASN P 334 53.60 -78.08 -36.34
CA ASN P 334 52.43 -78.92 -35.92
C ASN P 334 52.75 -80.30 -35.43
N CYS P 335 53.85 -80.80 -35.95
CA CYS P 335 54.41 -82.09 -35.60
C CYS P 335 55.00 -82.06 -34.18
N GLN P 336 55.46 -80.86 -33.85
CA GLN P 336 55.93 -80.69 -32.47
C GLN P 336 54.71 -80.71 -31.51
N ALA P 337 53.66 -80.07 -31.98
CA ALA P 337 52.45 -79.81 -31.28
C ALA P 337 51.77 -81.18 -31.16
N ALA P 338 51.82 -82.00 -32.24
CA ALA P 338 51.16 -83.27 -32.03
C ALA P 338 51.94 -84.01 -30.95
N LYS P 339 53.14 -83.56 -30.56
CA LYS P 339 53.81 -84.44 -29.55
C LYS P 339 53.86 -83.64 -28.26
N GLY P 340 53.16 -82.55 -28.06
CA GLY P 340 53.24 -81.80 -26.85
C GLY P 340 54.46 -80.95 -26.65
N GLN P 341 55.21 -80.55 -27.68
CA GLN P 341 56.52 -79.94 -27.49
C GLN P 341 56.65 -78.54 -28.07
N TYR P 342 55.66 -78.09 -28.82
CA TYR P 342 55.74 -76.74 -29.39
C TYR P 342 55.62 -75.67 -28.30
N VAL P 343 56.39 -74.58 -28.48
CA VAL P 343 56.55 -73.50 -27.57
C VAL P 343 56.40 -72.12 -28.14
N HIS P 344 56.73 -71.78 -29.34
CA HIS P 344 56.33 -70.40 -29.71
C HIS P 344 57.28 -69.45 -28.99
N THR P 345 58.09 -68.90 -29.86
CA THR P 345 59.21 -68.14 -29.34
C THR P 345 58.95 -66.66 -29.24
N GLY P 346 59.16 -66.08 -30.40
CA GLY P 346 59.23 -64.66 -30.59
C GLY P 346 57.99 -64.13 -31.25
N SER P 347 58.13 -63.65 -32.50
CA SER P 347 56.98 -63.09 -33.18
C SER P 347 56.70 -63.90 -34.44
N SER P 348 55.60 -64.65 -34.33
CA SER P 348 55.24 -65.34 -35.57
C SER P 348 54.88 -64.19 -36.53
N GLY P 349 54.94 -64.46 -37.83
CA GLY P 349 54.67 -63.60 -38.93
C GLY P 349 53.15 -63.44 -39.07
N ALA P 350 52.83 -62.21 -39.49
CA ALA P 350 51.43 -61.86 -39.67
C ALA P 350 50.64 -62.88 -40.46
N ALA P 351 51.34 -63.55 -41.37
CA ALA P 351 50.71 -64.50 -42.27
C ALA P 351 49.93 -65.55 -41.47
N SER P 352 50.40 -65.86 -40.26
CA SER P 352 49.35 -66.45 -39.44
C SER P 352 49.36 -66.37 -37.93
N THR P 353 49.03 -65.13 -37.69
CA THR P 353 48.45 -64.44 -36.58
C THR P 353 47.04 -64.13 -37.12
N GLN P 354 46.77 -64.30 -38.43
CA GLN P 354 45.62 -63.71 -39.10
C GLN P 354 44.29 -64.32 -39.43
N SER P 355 44.04 -65.58 -39.39
CA SER P 355 42.60 -65.99 -39.51
C SER P 355 42.22 -66.25 -40.94
N LEU P 356 41.64 -67.46 -41.10
CA LEU P 356 41.37 -67.99 -42.42
C LEU P 356 40.07 -68.64 -42.79
N PHE P 357 38.85 -68.16 -43.05
CA PHE P 357 37.78 -69.09 -43.55
C PHE P 357 37.30 -69.09 -45.01
N THR P 358 36.49 -70.11 -45.32
CA THR P 358 35.60 -70.39 -46.43
C THR P 358 34.25 -70.81 -45.81
N ALA P 359 33.32 -69.86 -45.77
CA ALA P 359 31.95 -69.95 -45.25
C ALA P 359 31.09 -70.84 -46.16
N CYS P 360 30.43 -71.80 -45.53
CA CYS P 360 29.69 -72.89 -46.16
C CYS P 360 29.06 -73.62 -44.95
N ALA Q 1 -112.62 -133.03 5.86
CA ALA Q 1 -112.54 -133.39 4.42
C ALA Q 1 -111.15 -133.54 3.85
N HIS Q 2 -111.02 -132.96 2.65
CA HIS Q 2 -109.74 -133.05 1.87
C HIS Q 2 -109.94 -132.43 0.49
N ARG Q 3 -109.15 -131.41 0.08
CA ARG Q 3 -109.60 -130.53 -1.04
C ARG Q 3 -110.30 -129.49 -0.12
N PHE Q 4 -111.27 -128.63 -0.27
CA PHE Q 4 -111.95 -127.76 0.63
C PHE Q 4 -111.25 -126.95 1.70
N PRO Q 5 -110.22 -126.19 1.40
CA PRO Q 5 -109.46 -125.34 2.33
C PRO Q 5 -110.32 -124.45 3.21
N ALA Q 6 -109.89 -124.40 4.44
CA ALA Q 6 -110.66 -123.55 5.34
C ALA Q 6 -110.52 -122.10 5.01
N LEU Q 7 -109.36 -121.72 4.45
CA LEU Q 7 -109.19 -120.27 4.27
C LEU Q 7 -108.43 -119.90 2.99
N THR Q 8 -108.73 -118.68 2.52
CA THR Q 8 -108.05 -118.11 1.35
C THR Q 8 -106.75 -117.42 1.76
N GLN Q 9 -105.88 -117.35 0.78
CA GLN Q 9 -104.59 -116.60 0.91
C GLN Q 9 -104.80 -115.24 1.52
N GLU Q 10 -105.84 -114.52 1.14
CA GLU Q 10 -106.14 -113.31 1.81
C GLU Q 10 -106.40 -113.59 3.28
N GLN Q 11 -107.38 -114.45 3.62
CA GLN Q 11 -107.63 -114.47 5.06
C GLN Q 11 -106.35 -114.81 5.80
N LYS Q 12 -105.55 -115.77 5.39
CA LYS Q 12 -104.34 -116.09 6.10
C LYS Q 12 -103.37 -114.93 6.29
N LYS Q 13 -103.11 -114.10 5.28
CA LYS Q 13 -102.25 -112.95 5.39
C LYS Q 13 -102.87 -111.97 6.35
N GLU Q 14 -104.24 -111.89 6.26
CA GLU Q 14 -104.75 -110.97 7.29
C GLU Q 14 -104.39 -111.56 8.65
N LEU Q 15 -104.76 -112.83 8.88
CA LEU Q 15 -104.52 -113.37 10.22
C LEU Q 15 -103.09 -113.34 10.63
N SER Q 16 -102.21 -113.68 9.75
CA SER Q 16 -100.76 -113.63 9.93
C SER Q 16 -100.29 -112.26 10.36
N GLU Q 17 -100.78 -111.25 9.70
CA GLU Q 17 -100.33 -109.89 10.05
C GLU Q 17 -100.87 -109.49 11.43
N ILE Q 18 -102.06 -110.02 11.78
CA ILE Q 18 -102.54 -109.50 13.09
C ILE Q 18 -101.64 -110.14 14.13
N ALA Q 19 -101.45 -111.46 13.97
CA ALA Q 19 -100.66 -112.22 14.98
C ALA Q 19 -99.30 -111.62 15.20
N GLN Q 20 -98.56 -111.51 14.08
CA GLN Q 20 -97.23 -110.92 14.19
C GLN Q 20 -97.17 -109.52 14.73
N SER Q 21 -98.17 -108.68 14.46
CA SER Q 21 -98.15 -107.31 14.95
C SER Q 21 -98.24 -107.26 16.44
N ILE Q 22 -98.98 -108.19 17.05
CA ILE Q 22 -99.20 -108.20 18.52
C ILE Q 22 -97.82 -108.36 19.19
N VAL Q 23 -96.96 -109.29 18.74
CA VAL Q 23 -95.71 -109.53 19.50
C VAL Q 23 -94.51 -108.90 18.83
N ALA Q 24 -94.74 -107.97 17.95
CA ALA Q 24 -93.68 -107.43 17.20
C ALA Q 24 -92.52 -106.73 17.88
N ASN Q 25 -92.53 -106.03 18.99
CA ASN Q 25 -90.99 -105.67 19.01
C ASN Q 25 -90.56 -105.84 20.48
N GLY Q 26 -90.68 -107.04 21.02
CA GLY Q 26 -90.56 -107.33 22.41
C GLY Q 26 -92.00 -107.04 22.97
N LYS Q 27 -92.92 -106.61 22.12
CA LYS Q 27 -94.13 -106.15 22.76
C LYS Q 27 -94.88 -107.43 23.22
N GLY Q 28 -95.80 -107.08 24.18
CA GLY Q 28 -96.65 -108.19 24.62
C GLY Q 28 -98.07 -107.70 24.81
N ILE Q 29 -98.99 -108.44 25.35
CA ILE Q 29 -100.37 -108.14 25.57
C ILE Q 29 -100.78 -107.91 27.02
N LEU Q 30 -101.59 -106.95 27.34
CA LEU Q 30 -102.15 -106.71 28.65
C LEU Q 30 -103.48 -107.46 28.65
N ALA Q 31 -103.59 -108.41 29.54
CA ALA Q 31 -104.81 -109.25 29.66
C ALA Q 31 -105.69 -108.65 30.78
N ALA Q 32 -106.60 -107.77 30.48
CA ALA Q 32 -107.48 -107.06 31.37
C ALA Q 32 -108.91 -107.64 31.28
N ASP Q 33 -108.91 -108.95 30.97
CA ASP Q 33 -110.17 -109.53 30.58
C ASP Q 33 -110.79 -110.31 31.70
N GLU Q 34 -110.48 -110.03 32.94
CA GLU Q 34 -111.22 -110.55 34.07
C GLU Q 34 -112.74 -110.37 33.99
N SER Q 35 -113.44 -111.45 34.31
CA SER Q 35 -114.89 -111.31 34.41
C SER Q 35 -115.26 -110.56 35.73
N VAL Q 36 -116.57 -110.36 35.84
CA VAL Q 36 -117.15 -109.60 36.96
C VAL Q 36 -116.70 -110.27 38.28
N GLY Q 37 -116.78 -111.59 38.12
CA GLY Q 37 -116.33 -112.37 39.25
C GLY Q 37 -114.90 -112.24 39.64
N THR Q 38 -114.01 -112.43 38.64
CA THR Q 38 -112.60 -112.46 38.96
C THR Q 38 -112.10 -111.08 39.26
N MET Q 39 -112.72 -110.13 38.55
CA MET Q 39 -112.35 -108.76 38.78
C MET Q 39 -112.80 -108.39 40.18
N GLY Q 40 -113.88 -108.99 40.68
CA GLY Q 40 -114.20 -108.74 42.07
C GLY Q 40 -113.10 -109.35 42.96
N ASN Q 41 -112.58 -110.54 42.65
CA ASN Q 41 -111.55 -111.06 43.55
C ASN Q 41 -110.38 -110.08 43.54
N ARG Q 42 -110.04 -109.48 42.38
CA ARG Q 42 -108.95 -108.50 42.44
C ARG Q 42 -109.25 -107.31 43.36
N LEU Q 43 -110.47 -106.80 43.27
CA LEU Q 43 -110.91 -105.63 43.98
C LEU Q 43 -110.91 -105.83 45.49
N GLN Q 44 -111.26 -107.02 45.88
CA GLN Q 44 -111.25 -107.44 47.27
C GLN Q 44 -109.88 -107.32 47.94
N ARG Q 45 -108.88 -107.89 47.30
CA ARG Q 45 -107.50 -107.63 47.70
C ARG Q 45 -107.32 -106.15 48.02
N ILE Q 46 -107.77 -105.15 47.25
CA ILE Q 46 -107.49 -103.78 47.69
C ILE Q 46 -108.70 -103.21 48.40
N LYS Q 47 -109.48 -104.12 48.97
CA LYS Q 47 -110.74 -103.77 49.65
C LYS Q 47 -111.63 -102.72 49.02
N VAL Q 48 -111.95 -102.83 47.75
CA VAL Q 48 -112.73 -101.96 46.87
C VAL Q 48 -113.90 -102.79 46.36
N GLU Q 49 -115.00 -102.09 46.19
CA GLU Q 49 -116.27 -102.77 45.90
C GLU Q 49 -116.39 -103.26 44.48
N ASN Q 50 -116.75 -104.58 44.35
CA ASN Q 50 -116.92 -105.04 43.00
C ASN Q 50 -118.16 -104.35 42.40
N THR Q 51 -117.89 -103.32 41.66
CA THR Q 51 -118.99 -102.55 41.05
C THR Q 51 -118.52 -102.30 39.63
N GLU Q 52 -119.52 -102.16 38.76
CA GLU Q 52 -119.26 -101.91 37.37
C GLU Q 52 -118.37 -100.67 37.21
N GLU Q 53 -118.76 -99.69 37.97
CA GLU Q 53 -118.09 -98.39 37.94
C GLU Q 53 -116.68 -98.50 38.50
N ASN Q 54 -116.50 -99.29 39.57
CA ASN Q 54 -115.14 -99.43 40.12
C ASN Q 54 -114.28 -100.08 39.04
N ARG Q 55 -114.74 -101.19 38.50
CA ARG Q 55 -114.21 -101.83 37.34
C ARG Q 55 -113.99 -100.86 36.19
N ARG Q 56 -114.97 -100.01 35.91
CA ARG Q 56 -114.78 -99.14 34.72
C ARG Q 56 -113.66 -98.16 35.08
N GLN Q 57 -113.71 -97.56 36.29
CA GLN Q 57 -112.66 -96.62 36.61
C GLN Q 57 -111.23 -97.18 36.51
N PHE Q 58 -111.01 -98.32 37.11
CA PHE Q 58 -109.68 -98.87 37.20
C PHE Q 58 -109.16 -99.10 35.77
N ARG Q 59 -110.07 -99.64 34.94
CA ARG Q 59 -109.76 -99.79 33.53
C ARG Q 59 -109.53 -98.42 32.89
N GLU Q 60 -110.26 -97.40 33.27
CA GLU Q 60 -110.01 -96.17 32.57
C GLU Q 60 -108.57 -95.66 32.73
N ILE Q 61 -108.10 -95.87 33.96
CA ILE Q 61 -106.74 -95.43 34.30
C ILE Q 61 -105.66 -96.17 33.50
N LEU Q 62 -105.89 -97.49 33.44
CA LEU Q 62 -104.88 -98.26 32.73
C LEU Q 62 -104.99 -97.87 31.25
N PHE Q 63 -106.15 -97.71 30.64
CA PHE Q 63 -106.15 -97.42 29.23
C PHE Q 63 -105.77 -96.04 28.77
N SER Q 64 -105.78 -95.08 29.66
CA SER Q 64 -105.47 -93.69 29.41
C SER Q 64 -104.00 -93.39 29.56
N VAL Q 65 -103.14 -94.33 29.98
CA VAL Q 65 -101.72 -93.89 30.06
C VAL Q 65 -101.15 -93.37 28.75
N ASP Q 66 -100.04 -92.71 28.84
CA ASP Q 66 -99.42 -92.09 27.65
C ASP Q 66 -99.31 -93.04 26.50
N SER Q 67 -99.38 -92.59 25.29
CA SER Q 67 -99.30 -93.41 24.10
C SER Q 67 -98.10 -94.34 23.99
N SER Q 68 -97.09 -93.92 24.71
CA SER Q 68 -95.80 -94.53 24.90
C SER Q 68 -95.87 -95.99 25.35
N ILE Q 69 -97.00 -96.32 25.92
CA ILE Q 69 -97.42 -97.62 26.37
C ILE Q 69 -97.40 -98.62 25.23
N ASN Q 70 -97.55 -98.13 24.01
CA ASN Q 70 -97.51 -98.92 22.81
C ASN Q 70 -96.14 -99.33 22.32
N GLN Q 71 -95.24 -99.23 23.28
CA GLN Q 71 -93.82 -99.54 23.03
C GLN Q 71 -93.54 -100.92 23.65
N SER Q 72 -94.46 -101.17 24.61
CA SER Q 72 -94.48 -102.38 25.38
C SER Q 72 -95.68 -103.31 25.19
N ILE Q 73 -96.80 -102.67 24.85
CA ILE Q 73 -98.10 -103.34 24.74
C ILE Q 73 -98.48 -103.34 23.28
N GLY Q 74 -98.67 -104.52 22.77
CA GLY Q 74 -99.07 -104.76 21.39
C GLY Q 74 -100.52 -105.12 21.46
N GLY Q 75 -100.99 -105.59 22.61
CA GLY Q 75 -102.45 -105.86 22.47
C GLY Q 75 -103.15 -105.81 23.83
N VAL Q 76 -104.39 -105.42 23.89
CA VAL Q 76 -105.12 -105.55 25.16
C VAL Q 76 -106.33 -106.49 25.00
N ILE Q 77 -106.45 -107.43 25.91
CA ILE Q 77 -107.54 -108.39 25.98
C ILE Q 77 -108.64 -107.78 26.88
N LEU Q 78 -109.77 -107.42 26.28
CA LEU Q 78 -110.97 -107.08 27.02
C LEU Q 78 -112.03 -108.18 27.24
N PHE Q 79 -112.73 -108.00 28.36
CA PHE Q 79 -113.95 -108.68 28.81
C PHE Q 79 -115.09 -107.91 28.17
N HIS Q 80 -116.06 -108.62 27.71
CA HIS Q 80 -117.22 -108.16 26.98
C HIS Q 80 -117.75 -106.83 27.44
N GLU Q 81 -118.02 -106.76 28.72
CA GLU Q 81 -118.58 -105.49 29.23
C GLU Q 81 -117.60 -104.39 28.87
N THR Q 82 -116.35 -104.62 29.21
CA THR Q 82 -115.42 -103.50 28.94
C THR Q 82 -115.38 -103.09 27.49
N LEU Q 83 -115.58 -103.96 26.48
CA LEU Q 83 -115.42 -103.44 25.12
C LEU Q 83 -116.38 -102.38 24.66
N TYR Q 84 -117.41 -102.14 25.47
CA TYR Q 84 -118.53 -101.26 25.19
C TYR Q 84 -118.60 -100.09 26.18
N GLN Q 85 -117.67 -100.11 27.14
CA GLN Q 85 -117.64 -99.08 28.16
C GLN Q 85 -116.86 -97.90 27.57
N LYS Q 86 -117.07 -96.79 28.25
CA LYS Q 86 -116.57 -95.52 27.84
C LYS Q 86 -115.74 -94.76 28.84
N ASP Q 87 -114.95 -93.89 28.25
CA ASP Q 87 -114.14 -92.95 29.00
C ASP Q 87 -114.88 -92.19 30.06
N SER Q 88 -114.31 -91.20 30.72
CA SER Q 88 -115.14 -90.37 31.59
C SER Q 88 -115.51 -89.09 30.89
N GLN Q 89 -115.69 -89.16 29.60
CA GLN Q 89 -116.16 -88.22 28.60
C GLN Q 89 -116.82 -89.25 27.70
N GLY Q 90 -117.02 -89.41 26.45
CA GLY Q 90 -117.86 -90.73 26.34
C GLY Q 90 -117.00 -91.53 25.44
N LYS Q 91 -115.72 -91.29 25.42
CA LYS Q 91 -114.94 -92.00 24.39
C LYS Q 91 -114.84 -93.48 24.73
N LEU Q 92 -115.27 -94.25 23.72
CA LEU Q 92 -115.16 -95.69 23.97
C LEU Q 92 -113.72 -96.19 24.18
N PHE Q 93 -113.55 -96.94 25.30
CA PHE Q 93 -112.22 -97.51 25.52
C PHE Q 93 -111.68 -98.12 24.24
N ARG Q 94 -112.50 -98.95 23.57
CA ARG Q 94 -111.81 -99.69 22.48
C ARG Q 94 -111.22 -98.71 21.50
N ASN Q 95 -111.87 -97.54 21.42
CA ASN Q 95 -111.28 -96.60 20.43
C ASN Q 95 -110.01 -95.94 20.98
N ILE Q 96 -110.12 -95.60 22.29
CA ILE Q 96 -108.91 -95.08 22.93
C ILE Q 96 -107.72 -96.00 22.61
N LEU Q 97 -107.96 -97.29 22.85
CA LEU Q 97 -106.88 -98.25 22.57
C LEU Q 97 -106.59 -98.23 21.10
N LYS Q 98 -107.56 -98.35 20.21
CA LYS Q 98 -107.15 -98.40 18.81
C LYS Q 98 -106.21 -97.26 18.44
N GLU Q 99 -106.65 -96.06 18.75
CA GLU Q 99 -106.01 -94.85 18.37
C GLU Q 99 -104.58 -94.68 18.83
N LYS Q 100 -104.20 -95.26 19.97
CA LYS Q 100 -102.82 -95.29 20.42
C LYS Q 100 -102.05 -96.44 19.76
N GLY Q 101 -102.40 -97.07 18.66
CA GLY Q 101 -101.62 -98.21 18.16
C GLY Q 101 -101.76 -99.57 18.83
N ILE Q 102 -102.77 -99.77 19.68
CA ILE Q 102 -102.87 -101.09 20.28
C ILE Q 102 -104.00 -101.95 19.73
N VAL Q 103 -103.72 -103.19 19.33
CA VAL Q 103 -104.73 -104.14 18.84
C VAL Q 103 -105.68 -104.59 19.90
N VAL Q 104 -106.95 -104.66 19.57
CA VAL Q 104 -107.85 -104.97 20.77
C VAL Q 104 -108.36 -106.40 20.72
N GLY Q 105 -108.46 -107.09 21.85
CA GLY Q 105 -108.90 -108.45 21.90
C GLY Q 105 -110.11 -108.69 22.80
N ILE Q 106 -110.73 -109.86 22.63
CA ILE Q 106 -111.93 -110.18 23.43
C ILE Q 106 -111.82 -111.59 23.99
N LYS Q 107 -112.20 -111.70 25.26
CA LYS Q 107 -112.28 -113.05 25.79
C LYS Q 107 -113.56 -113.74 25.25
N LEU Q 108 -113.36 -114.91 24.63
CA LEU Q 108 -114.52 -115.61 24.05
C LEU Q 108 -114.99 -116.85 24.80
N ASP Q 109 -114.17 -117.56 25.59
CA ASP Q 109 -114.77 -118.65 26.30
C ASP Q 109 -115.65 -117.96 27.36
N GLN Q 110 -116.54 -118.74 27.98
CA GLN Q 110 -117.57 -118.36 28.89
C GLN Q 110 -117.49 -119.22 30.11
N GLY Q 111 -116.32 -119.66 30.52
CA GLY Q 111 -116.40 -120.43 31.78
C GLY Q 111 -116.36 -121.95 31.48
N GLY Q 112 -116.00 -122.62 32.57
CA GLY Q 112 -115.87 -124.02 32.61
C GLY Q 112 -117.23 -124.70 32.95
N ALA Q 113 -117.25 -125.99 32.79
CA ALA Q 113 -118.37 -126.89 33.01
C ALA Q 113 -117.73 -128.17 33.50
N PRO Q 114 -118.22 -128.71 34.56
CA PRO Q 114 -117.71 -129.93 35.15
C PRO Q 114 -117.91 -131.07 34.12
N LEU Q 115 -116.93 -131.95 34.11
CA LEU Q 115 -116.84 -133.13 33.29
C LEU Q 115 -117.26 -134.28 34.20
N ALA Q 116 -118.43 -134.84 33.99
CA ALA Q 116 -118.84 -135.93 34.88
C ALA Q 116 -117.88 -137.09 34.89
N GLY Q 117 -117.88 -137.88 35.97
CA GLY Q 117 -117.01 -139.03 36.10
C GLY Q 117 -115.56 -138.63 36.09
N THR Q 118 -115.32 -137.46 36.66
CA THR Q 118 -113.87 -137.07 36.60
C THR Q 118 -113.36 -136.56 37.91
N ASN Q 119 -112.04 -136.46 38.18
CA ASN Q 119 -111.81 -136.02 39.58
C ASN Q 119 -111.76 -134.50 39.60
N LYS Q 120 -112.90 -133.84 39.60
CA LYS Q 120 -113.01 -132.40 39.54
C LYS Q 120 -112.52 -131.64 38.34
N GLU Q 121 -112.38 -132.32 37.18
CA GLU Q 121 -112.01 -131.64 35.96
C GLU Q 121 -113.15 -130.90 35.27
N THR Q 122 -112.73 -130.01 34.33
CA THR Q 122 -113.68 -129.20 33.59
C THR Q 122 -113.39 -129.10 32.10
N THR Q 123 -114.34 -128.46 31.43
CA THR Q 123 -114.26 -128.16 30.04
C THR Q 123 -114.72 -126.68 30.04
N ILE Q 124 -114.81 -126.15 28.85
CA ILE Q 124 -115.24 -124.76 28.81
C ILE Q 124 -116.31 -124.57 27.79
N GLN Q 125 -117.11 -123.62 27.98
CA GLN Q 125 -118.27 -123.30 27.23
C GLN Q 125 -118.07 -122.04 26.42
N GLY Q 126 -118.99 -121.81 25.51
CA GLY Q 126 -118.83 -120.59 24.69
C GLY Q 126 -118.83 -120.91 23.22
N LEU Q 127 -118.93 -122.21 22.74
CA LEU Q 127 -118.92 -122.25 21.28
C LEU Q 127 -120.24 -121.76 20.67
N ASP Q 128 -121.27 -121.89 21.52
CA ASP Q 128 -122.59 -121.57 20.99
C ASP Q 128 -122.68 -120.13 20.53
N GLY Q 129 -122.98 -120.01 19.23
CA GLY Q 129 -123.15 -118.70 18.61
C GLY Q 129 -121.81 -117.90 18.45
N LEU Q 130 -120.74 -118.67 18.60
CA LEU Q 130 -119.43 -118.06 18.67
C LEU Q 130 -119.15 -117.25 17.40
N SER Q 131 -119.50 -117.91 16.28
CA SER Q 131 -119.44 -117.26 15.00
C SER Q 131 -120.02 -115.88 14.91
N GLU Q 132 -121.31 -115.84 15.05
CA GLU Q 132 -122.08 -114.62 14.99
C GLU Q 132 -121.36 -113.58 15.88
N ARG Q 133 -120.87 -114.02 17.02
CA ARG Q 133 -120.29 -113.18 18.05
C ARG Q 133 -119.01 -112.53 17.54
N CYS Q 134 -118.25 -113.38 16.85
CA CYS Q 134 -116.94 -113.14 16.26
C CYS Q 134 -117.06 -112.11 15.18
N ALA Q 135 -118.05 -112.34 14.31
CA ALA Q 135 -118.36 -111.32 13.27
C ALA Q 135 -118.77 -109.96 13.82
N GLN Q 136 -119.58 -109.90 14.90
CA GLN Q 136 -119.85 -108.52 15.40
C GLN Q 136 -118.64 -107.86 16.06
N TYR Q 137 -117.89 -108.69 16.80
CA TYR Q 137 -116.74 -108.18 17.52
C TYR Q 137 -115.77 -107.62 16.46
N LYS Q 138 -115.65 -108.41 15.42
CA LYS Q 138 -114.71 -108.02 14.39
C LYS Q 138 -115.24 -106.67 13.98
N LYS Q 139 -116.53 -106.52 13.78
CA LYS Q 139 -117.07 -105.26 13.34
C LYS Q 139 -116.87 -104.16 14.40
N ASP Q 140 -116.82 -104.49 15.69
CA ASP Q 140 -116.67 -103.37 16.64
C ASP Q 140 -115.22 -103.03 16.85
N GLY Q 141 -114.38 -103.63 16.02
CA GLY Q 141 -112.95 -103.29 15.99
C GLY Q 141 -112.04 -104.18 16.75
N VAL Q 142 -112.47 -105.34 17.11
CA VAL Q 142 -111.54 -106.31 17.72
C VAL Q 142 -110.85 -107.07 16.57
N ASP Q 143 -109.67 -107.57 16.82
CA ASP Q 143 -108.92 -108.36 15.82
C ASP Q 143 -108.45 -109.70 16.36
N PHE Q 144 -108.40 -109.94 17.69
CA PHE Q 144 -108.00 -111.26 18.21
C PHE Q 144 -108.88 -111.68 19.36
N GLY Q 145 -108.85 -112.95 19.71
CA GLY Q 145 -109.78 -113.48 20.72
C GLY Q 145 -108.98 -114.36 21.70
N LYS Q 146 -109.65 -114.72 22.83
CA LYS Q 146 -108.96 -115.49 23.87
C LYS Q 146 -109.91 -116.56 24.43
N TRP Q 147 -109.29 -117.74 24.66
CA TRP Q 147 -110.08 -118.79 25.23
C TRP Q 147 -109.22 -119.59 26.18
N ARG Q 148 -109.70 -119.62 27.46
CA ARG Q 148 -108.88 -120.36 28.43
C ARG Q 148 -109.49 -121.69 28.91
N ALA Q 149 -108.66 -122.76 28.87
CA ALA Q 149 -108.96 -124.08 29.36
C ALA Q 149 -108.00 -124.19 30.54
N VAL Q 150 -108.50 -124.95 31.45
CA VAL Q 150 -107.94 -125.17 32.75
C VAL Q 150 -107.75 -126.61 33.07
N LEU Q 151 -106.52 -126.97 33.28
CA LEU Q 151 -106.22 -128.36 33.57
C LEU Q 151 -105.34 -128.39 34.81
N ARG Q 152 -105.46 -129.48 35.55
CA ARG Q 152 -104.69 -129.60 36.76
C ARG Q 152 -104.09 -130.98 36.91
N ILE Q 153 -103.05 -130.86 37.72
CA ILE Q 153 -102.29 -132.01 38.16
C ILE Q 153 -102.82 -132.39 39.56
N ALA Q 154 -103.22 -133.65 39.74
CA ALA Q 154 -103.92 -134.07 40.96
C ALA Q 154 -104.28 -135.55 40.81
N ASP Q 155 -105.07 -136.10 41.73
CA ASP Q 155 -105.36 -137.54 41.61
C ASP Q 155 -106.04 -137.81 40.29
N GLN Q 156 -105.36 -138.70 39.50
CA GLN Q 156 -105.97 -138.95 38.16
C GLN Q 156 -106.29 -137.70 37.39
N CYS Q 157 -105.55 -136.60 37.45
CA CYS Q 157 -105.81 -135.42 36.64
C CYS Q 157 -104.50 -134.98 36.06
N PRO Q 158 -104.38 -134.41 34.91
CA PRO Q 158 -105.40 -134.24 33.90
C PRO Q 158 -105.75 -135.59 33.25
N SER Q 159 -106.98 -135.93 33.11
CA SER Q 159 -107.33 -137.20 32.53
C SER Q 159 -107.24 -137.13 30.99
N SER Q 160 -107.35 -138.30 30.34
CA SER Q 160 -107.44 -138.27 28.93
C SER Q 160 -108.65 -137.51 28.47
N LEU Q 161 -109.72 -137.71 29.20
CA LEU Q 161 -111.00 -137.12 28.69
C LEU Q 161 -110.87 -135.64 28.84
N ALA Q 162 -110.22 -135.19 29.90
CA ALA Q 162 -110.07 -133.75 30.04
C ALA Q 162 -109.16 -133.14 29.00
N ILE Q 163 -108.02 -133.72 28.71
CA ILE Q 163 -107.07 -133.05 27.71
C ILE Q 163 -107.67 -133.12 26.32
N GLN Q 164 -108.34 -134.30 26.10
CA GLN Q 164 -108.86 -134.43 24.74
C GLN Q 164 -109.89 -133.37 24.49
N GLU Q 165 -110.75 -133.34 25.48
CA GLU Q 165 -111.96 -132.48 25.26
C GLU Q 165 -111.62 -131.05 25.45
N ASN Q 166 -110.74 -130.64 26.34
CA ASN Q 166 -110.40 -129.22 26.23
C ASN Q 166 -109.66 -128.87 24.93
N ALA Q 167 -108.90 -129.89 24.49
CA ALA Q 167 -108.10 -129.69 23.28
C ALA Q 167 -108.98 -129.46 22.08
N ASN Q 168 -110.08 -130.14 21.96
CA ASN Q 168 -111.06 -129.98 20.91
C ASN Q 168 -111.91 -128.76 20.94
N ALA Q 169 -112.50 -128.44 22.13
CA ALA Q 169 -113.15 -127.18 22.31
C ALA Q 169 -112.17 -126.07 21.93
N LEU Q 170 -110.99 -126.08 22.49
CA LEU Q 170 -110.04 -125.03 21.93
C LEU Q 170 -109.90 -125.09 20.42
N ALA Q 171 -109.93 -126.18 19.69
CA ALA Q 171 -109.64 -126.18 18.25
C ALA Q 171 -110.96 -125.73 17.63
N ARG Q 172 -112.11 -126.23 18.14
CA ARG Q 172 -113.30 -125.65 17.50
C ARG Q 172 -113.15 -124.12 17.65
N TYR Q 173 -112.91 -123.67 18.87
CA TYR Q 173 -112.89 -122.23 19.00
C TYR Q 173 -111.85 -121.54 18.11
N ALA Q 174 -110.78 -122.26 17.85
CA ALA Q 174 -109.70 -121.55 17.08
C ALA Q 174 -110.14 -121.42 15.66
N SER Q 175 -110.80 -122.51 15.25
CA SER Q 175 -111.31 -122.56 13.87
C SER Q 175 -112.32 -121.50 13.49
N ILE Q 176 -113.34 -121.29 14.24
CA ILE Q 176 -114.39 -120.30 14.14
C ILE Q 176 -113.81 -118.91 14.23
N CYS Q 177 -112.93 -118.65 15.17
CA CYS Q 177 -112.27 -117.30 15.14
C CYS Q 177 -111.60 -117.05 13.78
N GLN Q 178 -110.89 -118.00 13.20
CA GLN Q 178 -110.27 -117.74 11.89
C GLN Q 178 -111.23 -117.38 10.78
N GLN Q 179 -112.43 -117.90 10.67
CA GLN Q 179 -113.32 -117.68 9.55
C GLN Q 179 -113.85 -116.27 9.76
N ASN Q 180 -113.61 -115.73 10.94
CA ASN Q 180 -114.24 -114.39 11.16
C ASN Q 180 -113.15 -113.30 11.29
N GLY Q 181 -111.94 -113.53 10.77
CA GLY Q 181 -111.03 -112.43 10.82
C GLY Q 181 -110.42 -112.18 12.19
N LEU Q 182 -110.50 -113.12 13.15
CA LEU Q 182 -109.89 -112.78 14.43
C LEU Q 182 -108.79 -113.80 14.69
N VAL Q 183 -107.68 -113.31 15.23
CA VAL Q 183 -106.63 -114.29 15.58
C VAL Q 183 -106.89 -114.99 16.89
N PRO Q 184 -106.92 -116.30 16.95
CA PRO Q 184 -107.19 -116.96 18.22
C PRO Q 184 -105.95 -117.12 19.07
N ILE Q 185 -106.15 -116.73 20.35
CA ILE Q 185 -105.09 -116.98 21.33
C ILE Q 185 -105.45 -118.29 21.98
N VAL Q 186 -104.70 -119.36 21.76
CA VAL Q 186 -105.04 -120.65 22.41
C VAL Q 186 -104.40 -120.77 23.77
N GLU Q 187 -105.19 -120.69 24.81
CA GLU Q 187 -104.59 -120.79 26.17
C GLU Q 187 -105.04 -121.98 26.99
N PRO Q 188 -104.21 -123.00 26.88
CA PRO Q 188 -104.50 -124.25 27.55
C PRO Q 188 -103.68 -124.18 28.81
N GLU Q 189 -104.20 -123.57 29.87
CA GLU Q 189 -103.37 -123.52 31.07
C GLU Q 189 -103.30 -124.75 31.97
N VAL Q 190 -102.08 -125.14 32.34
CA VAL Q 190 -101.87 -126.14 33.35
C VAL Q 190 -101.65 -125.40 34.69
N ILE Q 191 -102.57 -125.28 35.58
CA ILE Q 191 -102.69 -124.73 36.91
C ILE Q 191 -101.58 -125.23 37.77
N PRO Q 192 -100.97 -124.37 38.54
CA PRO Q 192 -99.86 -124.65 39.40
C PRO Q 192 -100.29 -125.09 40.76
N ASP Q 193 -101.59 -125.16 40.95
CA ASP Q 193 -102.10 -125.75 42.19
C ASP Q 193 -101.48 -127.11 42.50
N GLY Q 194 -101.14 -127.38 43.75
CA GLY Q 194 -100.54 -128.66 44.10
C GLY Q 194 -99.09 -128.66 44.52
N ASP Q 195 -98.50 -129.79 44.92
CA ASP Q 195 -97.11 -129.79 45.29
C ASP Q 195 -96.22 -130.50 44.27
N HIS Q 196 -96.69 -130.90 43.10
CA HIS Q 196 -95.70 -131.48 42.18
C HIS Q 196 -94.52 -130.53 41.99
N ASP Q 197 -93.42 -131.16 41.55
CA ASP Q 197 -92.22 -130.39 41.28
C ASP Q 197 -92.20 -130.02 39.81
N LEU Q 198 -91.10 -129.40 39.39
CA LEU Q 198 -90.90 -128.91 38.05
C LEU Q 198 -90.97 -130.00 36.99
N GLU Q 199 -90.34 -131.14 37.23
CA GLU Q 199 -90.34 -132.10 36.11
C GLU Q 199 -91.75 -132.62 35.86
N HIS Q 200 -92.58 -132.76 36.88
CA HIS Q 200 -93.88 -133.31 36.58
C HIS Q 200 -94.61 -132.25 35.81
N CYS Q 201 -94.40 -130.97 36.20
CA CYS Q 201 -95.21 -129.95 35.46
C CYS Q 201 -94.74 -130.04 34.00
N GLN Q 202 -93.45 -130.32 33.83
CA GLN Q 202 -92.89 -130.36 32.49
C GLN Q 202 -93.38 -131.50 31.64
N TYR Q 203 -93.68 -132.62 32.27
CA TYR Q 203 -94.22 -133.79 31.59
C TYR Q 203 -95.70 -133.59 31.25
N VAL Q 204 -96.49 -132.99 32.11
CA VAL Q 204 -97.90 -132.73 31.83
C VAL Q 204 -98.15 -131.73 30.71
N THR Q 205 -97.63 -130.54 30.80
CA THR Q 205 -97.59 -129.53 29.80
C THR Q 205 -97.12 -130.00 28.44
N GLU Q 206 -96.09 -130.82 28.33
CA GLU Q 206 -95.77 -131.41 27.05
C GLU Q 206 -96.91 -132.33 26.57
N LYS Q 207 -97.69 -132.96 27.51
CA LYS Q 207 -98.66 -133.92 27.00
C LYS Q 207 -99.85 -133.14 26.47
N VAL Q 208 -100.21 -132.08 27.23
CA VAL Q 208 -101.33 -131.21 26.81
C VAL Q 208 -101.06 -130.57 25.44
N LEU Q 209 -99.85 -129.94 25.35
CA LEU Q 209 -99.46 -129.19 24.20
C LEU Q 209 -99.43 -130.18 23.06
N ALA Q 210 -98.81 -131.34 23.19
CA ALA Q 210 -98.94 -132.25 22.07
C ALA Q 210 -100.42 -132.52 21.78
N ALA Q 211 -101.38 -132.49 22.75
CA ALA Q 211 -102.73 -132.89 22.30
C ALA Q 211 -103.44 -131.74 21.61
N VAL Q 212 -103.09 -130.62 22.20
CA VAL Q 212 -103.74 -129.42 21.53
C VAL Q 212 -103.36 -129.20 20.03
N TYR Q 213 -102.05 -129.27 19.71
CA TYR Q 213 -101.63 -128.97 18.33
C TYR Q 213 -102.14 -130.06 17.41
N LYS Q 214 -102.37 -131.23 18.01
CA LYS Q 214 -102.91 -132.39 17.20
C LYS Q 214 -104.37 -132.09 16.85
N ALA Q 215 -105.00 -131.52 17.87
CA ALA Q 215 -106.40 -131.21 17.59
C ALA Q 215 -106.41 -130.13 16.55
N LEU Q 216 -105.70 -129.03 16.94
CA LEU Q 216 -105.65 -127.86 16.04
C LEU Q 216 -105.34 -128.31 14.59
N ASN Q 217 -104.49 -129.29 14.45
CA ASN Q 217 -104.22 -129.84 13.11
C ASN Q 217 -105.39 -130.69 12.66
N ASP Q 218 -106.11 -131.48 13.41
CA ASP Q 218 -107.33 -132.12 12.79
C ASP Q 218 -108.50 -131.23 12.40
N HIS Q 219 -108.74 -130.10 13.05
CA HIS Q 219 -109.64 -129.05 12.76
C HIS Q 219 -109.06 -128.08 11.72
N HIS Q 220 -107.94 -128.42 11.04
CA HIS Q 220 -107.46 -127.49 10.03
C HIS Q 220 -107.05 -126.12 10.60
N VAL Q 221 -106.88 -125.79 11.89
CA VAL Q 221 -106.60 -124.41 12.18
C VAL Q 221 -105.33 -123.87 11.49
N TYR Q 222 -105.19 -122.65 11.03
CA TYR Q 222 -103.99 -122.10 10.32
C TYR Q 222 -103.01 -121.64 11.40
N LEU Q 223 -102.00 -122.42 11.75
CA LEU Q 223 -101.18 -121.99 12.87
C LEU Q 223 -100.57 -120.60 12.79
N GLU Q 224 -100.17 -120.12 11.58
CA GLU Q 224 -99.52 -118.81 11.43
C GLU Q 224 -100.45 -117.67 11.80
N GLY Q 225 -101.70 -118.03 12.11
CA GLY Q 225 -102.68 -116.99 12.38
C GLY Q 225 -103.29 -117.21 13.73
N THR Q 226 -102.27 -117.72 14.47
CA THR Q 226 -102.64 -118.05 15.90
C THR Q 226 -101.74 -117.54 16.98
N LEU Q 227 -102.15 -117.40 18.23
CA LEU Q 227 -101.07 -117.12 19.23
C LEU Q 227 -101.11 -118.21 20.29
N LEU Q 228 -100.07 -118.58 21.04
CA LEU Q 228 -100.22 -119.57 22.08
C LEU Q 228 -99.97 -118.93 23.45
N LYS Q 229 -100.86 -119.14 24.41
CA LYS Q 229 -100.75 -118.56 25.75
C LYS Q 229 -100.74 -119.68 26.78
N PRO Q 230 -99.64 -120.39 26.96
CA PRO Q 230 -99.44 -121.46 27.85
C PRO Q 230 -99.01 -121.02 29.22
N ASN Q 231 -98.86 -121.95 30.13
CA ASN Q 231 -98.24 -121.61 31.40
C ASN Q 231 -96.75 -121.88 31.16
N MET Q 232 -95.93 -121.18 31.92
CA MET Q 232 -94.52 -121.55 32.01
C MET Q 232 -94.48 -122.82 32.81
N VAL Q 233 -93.50 -123.60 32.79
CA VAL Q 233 -93.29 -124.83 33.51
C VAL Q 233 -92.60 -124.52 34.84
N THR Q 234 -93.33 -124.70 35.91
CA THR Q 234 -92.71 -124.45 37.20
C THR Q 234 -93.25 -125.62 38.05
N ALA Q 235 -92.65 -125.64 39.25
CA ALA Q 235 -93.07 -126.51 40.32
C ALA Q 235 -94.39 -125.95 40.87
N GLY Q 236 -95.24 -126.83 41.36
CA GLY Q 236 -96.54 -126.55 41.91
C GLY Q 236 -96.37 -125.58 43.09
N HIS Q 237 -97.41 -124.86 43.36
CA HIS Q 237 -97.57 -123.90 44.42
C HIS Q 237 -97.14 -124.49 45.77
N ALA Q 238 -97.72 -125.58 46.16
CA ALA Q 238 -97.33 -126.23 47.39
C ALA Q 238 -96.00 -126.95 47.31
N CYS Q 239 -95.22 -127.00 46.28
CA CYS Q 239 -93.93 -127.64 46.20
C CYS Q 239 -92.94 -126.71 46.93
N THR Q 240 -92.24 -127.34 47.85
CA THR Q 240 -91.24 -126.79 48.74
C THR Q 240 -89.88 -126.58 48.10
N LYS Q 241 -89.64 -127.34 47.01
CA LYS Q 241 -88.32 -127.20 46.41
C LYS Q 241 -88.27 -125.83 45.73
N LYS Q 242 -87.13 -125.18 45.80
CA LYS Q 242 -86.94 -123.87 45.12
C LYS Q 242 -86.12 -123.95 43.82
N TYR Q 243 -86.61 -123.26 42.76
CA TYR Q 243 -85.87 -123.23 41.49
C TYR Q 243 -85.54 -121.83 41.06
N THR Q 244 -84.60 -121.80 40.12
CA THR Q 244 -84.07 -120.58 39.52
C THR Q 244 -84.68 -120.20 38.19
N PRO Q 245 -84.77 -118.93 37.80
CA PRO Q 245 -85.48 -118.57 36.57
C PRO Q 245 -84.86 -119.43 35.49
N GLU Q 246 -83.54 -119.61 35.57
CA GLU Q 246 -82.87 -120.36 34.53
C GLU Q 246 -83.39 -121.79 34.47
N GLN Q 247 -83.83 -122.37 35.57
CA GLN Q 247 -84.36 -123.76 35.56
C GLN Q 247 -85.74 -123.73 34.95
N VAL Q 248 -86.53 -122.77 35.39
CA VAL Q 248 -87.88 -122.59 34.89
C VAL Q 248 -87.78 -122.44 33.37
N ALA Q 249 -86.88 -121.56 32.95
CA ALA Q 249 -86.78 -121.39 31.52
C ALA Q 249 -86.38 -122.62 30.77
N MET Q 250 -85.41 -123.42 31.23
CA MET Q 250 -85.00 -124.48 30.36
C MET Q 250 -86.05 -125.58 30.26
N ALA Q 251 -86.86 -125.66 31.31
CA ALA Q 251 -87.94 -126.69 31.37
C ALA Q 251 -89.07 -126.24 30.49
N THR Q 252 -89.44 -124.98 30.49
CA THR Q 252 -90.49 -124.41 29.65
C THR Q 252 -90.14 -124.41 28.17
N VAL Q 253 -89.02 -123.74 27.80
CA VAL Q 253 -88.59 -123.80 26.43
C VAL Q 253 -88.40 -125.28 26.08
N THR Q 254 -87.81 -126.15 26.89
CA THR Q 254 -87.67 -127.53 26.43
C THR Q 254 -89.08 -128.11 26.08
N ALA Q 255 -90.09 -127.94 26.94
CA ALA Q 255 -91.39 -128.46 26.61
C ALA Q 255 -92.02 -127.86 25.35
N LEU Q 256 -91.88 -126.55 25.28
CA LEU Q 256 -92.35 -125.82 24.13
C LEU Q 256 -91.61 -126.37 22.92
N HIS Q 257 -90.35 -126.82 23.01
CA HIS Q 257 -89.75 -126.95 21.65
C HIS Q 257 -90.04 -128.33 21.08
N ARG Q 258 -90.79 -129.08 21.88
CA ARG Q 258 -91.01 -130.44 21.42
C ARG Q 258 -92.43 -130.63 20.91
N THR Q 259 -93.18 -129.64 21.20
CA THR Q 259 -94.58 -129.63 20.83
C THR Q 259 -95.07 -128.41 20.08
N VAL Q 260 -94.48 -127.19 20.20
CA VAL Q 260 -95.13 -126.10 19.49
C VAL Q 260 -94.47 -125.84 18.17
N PRO Q 261 -95.29 -125.92 17.09
CA PRO Q 261 -94.72 -125.82 15.76
C PRO Q 261 -94.12 -124.44 15.58
N ALA Q 262 -93.23 -124.39 14.63
CA ALA Q 262 -92.42 -123.22 14.31
C ALA Q 262 -93.29 -122.21 13.62
N ALA Q 263 -94.34 -122.74 13.08
CA ALA Q 263 -95.32 -121.89 12.41
C ALA Q 263 -96.13 -121.00 13.38
N VAL Q 264 -96.23 -121.41 14.65
CA VAL Q 264 -96.90 -120.46 15.59
C VAL Q 264 -95.99 -119.23 15.77
N PRO Q 265 -96.43 -118.03 15.48
CA PRO Q 265 -95.56 -116.85 15.43
C PRO Q 265 -95.18 -116.30 16.78
N GLY Q 266 -95.95 -116.55 17.83
CA GLY Q 266 -95.57 -116.08 19.14
C GLY Q 266 -96.29 -116.87 20.25
N ILE Q 267 -95.51 -116.93 21.34
CA ILE Q 267 -96.00 -117.68 22.47
C ILE Q 267 -95.86 -116.66 23.64
N CYS Q 268 -97.00 -116.17 24.16
CA CYS Q 268 -97.15 -115.13 25.18
C CYS Q 268 -97.70 -115.75 26.46
N PHE Q 269 -96.78 -115.98 27.37
CA PHE Q 269 -97.03 -116.62 28.63
C PHE Q 269 -98.01 -115.96 29.63
N LEU Q 270 -98.64 -116.85 30.41
CA LEU Q 270 -99.52 -116.46 31.49
C LEU Q 270 -98.72 -116.38 32.78
N SER Q 271 -99.01 -115.47 33.69
CA SER Q 271 -98.17 -115.40 34.89
C SER Q 271 -98.95 -116.12 35.96
N GLY Q 272 -100.26 -116.10 35.78
CA GLY Q 272 -101.12 -116.76 36.75
C GLY Q 272 -100.45 -117.14 38.07
N GLY Q 273 -100.47 -116.31 39.12
CA GLY Q 273 -99.84 -116.77 40.35
C GLY Q 273 -98.50 -116.11 40.57
N MET Q 274 -97.59 -116.07 39.60
CA MET Q 274 -96.33 -115.45 39.75
C MET Q 274 -96.39 -114.01 40.25
N SER Q 275 -95.41 -113.62 41.04
CA SER Q 275 -95.33 -112.21 41.36
C SER Q 275 -95.06 -111.42 40.06
N GLU Q 276 -95.09 -110.10 40.20
CA GLU Q 276 -94.81 -109.31 39.02
C GLU Q 276 -93.34 -109.55 38.65
N GLU Q 277 -92.52 -109.66 39.69
CA GLU Q 277 -91.07 -109.73 39.39
C GLU Q 277 -90.59 -111.09 38.93
N ASP Q 278 -91.08 -112.16 39.50
CA ASP Q 278 -90.78 -113.50 39.06
C ASP Q 278 -91.35 -113.70 37.64
N ALA Q 279 -92.51 -113.11 37.35
CA ALA Q 279 -92.99 -113.09 36.02
C ALA Q 279 -92.01 -112.40 35.08
N THR Q 280 -91.41 -111.28 35.33
CA THR Q 280 -90.44 -110.64 34.45
C THR Q 280 -89.15 -111.41 34.51
N LEU Q 281 -88.70 -111.91 35.64
CA LEU Q 281 -87.44 -112.66 35.51
C LEU Q 281 -87.60 -113.98 34.76
N ASN Q 282 -88.75 -114.66 34.90
CA ASN Q 282 -88.82 -115.96 34.22
C ASN Q 282 -88.88 -115.76 32.72
N LEU Q 283 -89.67 -114.76 32.26
CA LEU Q 283 -89.81 -114.51 30.81
C LEU Q 283 -88.43 -114.18 30.27
N ASN Q 284 -87.72 -113.22 30.98
CA ASN Q 284 -86.44 -112.84 30.45
C ASN Q 284 -85.53 -114.04 30.34
N ALA Q 285 -85.56 -114.93 31.33
CA ALA Q 285 -84.63 -116.04 31.21
C ALA Q 285 -85.03 -116.98 30.04
N ILE Q 286 -86.37 -117.09 29.86
CA ILE Q 286 -86.92 -117.87 28.73
C ILE Q 286 -86.37 -117.27 27.45
N ASN Q 287 -86.27 -115.94 27.38
CA ASN Q 287 -85.51 -115.43 26.20
C ASN Q 287 -84.01 -115.66 26.18
N LEU Q 288 -83.31 -116.07 27.24
CA LEU Q 288 -81.87 -116.35 27.15
C LEU Q 288 -81.45 -117.80 27.05
N CYS Q 289 -82.39 -118.70 27.14
CA CYS Q 289 -82.22 -120.12 27.16
C CYS Q 289 -81.61 -120.50 25.85
N PRO Q 290 -80.61 -121.32 25.97
CA PRO Q 290 -79.85 -121.82 24.81
C PRO Q 290 -80.55 -122.99 24.14
N LEU Q 291 -81.66 -122.81 23.48
CA LEU Q 291 -82.40 -123.90 22.85
C LEU Q 291 -82.98 -123.17 21.63
N PRO Q 292 -83.35 -123.92 20.60
CA PRO Q 292 -83.99 -123.36 19.43
C PRO Q 292 -85.28 -122.79 19.93
N LYS Q 293 -85.59 -121.63 19.55
CA LYS Q 293 -86.76 -120.87 19.83
C LYS Q 293 -87.27 -120.28 18.54
N PRO Q 294 -87.99 -121.05 17.74
CA PRO Q 294 -88.46 -120.44 16.49
C PRO Q 294 -89.49 -119.36 16.66
N TRP Q 295 -90.20 -119.12 17.79
CA TRP Q 295 -91.26 -118.12 17.87
C TRP Q 295 -90.90 -116.92 18.67
N LYS Q 296 -91.61 -115.81 18.67
CA LYS Q 296 -91.39 -114.80 19.71
C LYS Q 296 -91.75 -115.40 21.09
N LEU Q 297 -91.08 -115.08 22.16
CA LEU Q 297 -91.47 -115.57 23.47
C LEU Q 297 -91.91 -114.38 24.29
N SER Q 298 -93.18 -114.13 24.55
CA SER Q 298 -93.50 -112.94 25.27
C SER Q 298 -94.53 -113.08 26.37
N PHE Q 299 -95.30 -112.01 26.63
CA PHE Q 299 -96.25 -112.08 27.69
C PHE Q 299 -97.66 -111.67 27.31
N SER Q 300 -98.56 -112.22 28.12
CA SER Q 300 -99.99 -111.85 27.95
C SER Q 300 -100.40 -111.73 29.42
N TYR Q 301 -99.75 -110.76 30.13
CA TYR Q 301 -99.98 -110.91 31.58
C TYR Q 301 -101.24 -110.27 32.10
N GLY Q 302 -101.88 -110.80 33.10
CA GLY Q 302 -103.11 -110.17 33.69
C GLY Q 302 -102.66 -109.52 35.01
N ARG Q 303 -102.39 -110.36 36.00
CA ARG Q 303 -101.90 -109.94 37.33
C ARG Q 303 -100.52 -109.31 37.44
N ALA Q 304 -99.55 -109.94 36.78
CA ALA Q 304 -98.19 -109.52 36.72
C ALA Q 304 -97.99 -108.11 36.14
N LEU Q 305 -99.02 -107.62 35.47
CA LEU Q 305 -98.98 -106.29 34.97
C LEU Q 305 -99.83 -105.34 35.81
N GLN Q 306 -100.69 -105.90 36.68
CA GLN Q 306 -101.57 -104.95 37.37
C GLN Q 306 -101.51 -104.90 38.87
N ALA Q 307 -100.97 -105.88 39.51
CA ALA Q 307 -101.01 -105.86 40.99
C ALA Q 307 -100.58 -104.56 41.66
N SER Q 308 -99.32 -104.16 41.45
CA SER Q 308 -98.83 -102.91 42.01
C SER Q 308 -99.70 -101.72 41.60
N ALA Q 309 -100.22 -101.79 40.36
CA ALA Q 309 -101.10 -100.69 39.94
C ALA Q 309 -102.35 -100.73 40.83
N LEU Q 310 -103.01 -101.86 41.03
CA LEU Q 310 -104.16 -101.86 41.86
C LEU Q 310 -103.87 -101.33 43.27
N ALA Q 311 -102.71 -101.78 43.75
CA ALA Q 311 -102.34 -101.41 45.11
C ALA Q 311 -102.14 -99.90 45.26
N ALA Q 312 -101.56 -99.25 44.27
CA ALA Q 312 -101.42 -97.80 44.26
C ALA Q 312 -102.78 -97.09 44.16
N TRP Q 313 -103.71 -97.68 43.41
CA TRP Q 313 -104.96 -97.01 43.19
C TRP Q 313 -105.79 -96.99 44.44
N GLY Q 314 -105.97 -98.18 44.94
CA GLY Q 314 -106.76 -98.31 46.21
C GLY Q 314 -108.17 -97.86 45.97
N GLY Q 315 -108.55 -97.76 44.71
CA GLY Q 315 -109.86 -97.30 44.31
C GLY Q 315 -109.95 -95.79 44.48
N LYS Q 316 -108.86 -95.04 44.70
CA LYS Q 316 -108.96 -93.58 44.83
C LYS Q 316 -108.54 -92.79 43.62
N ALA Q 317 -109.49 -91.99 43.11
CA ALA Q 317 -109.22 -91.26 41.88
C ALA Q 317 -108.05 -90.32 42.00
N ALA Q 318 -107.77 -90.00 43.27
CA ALA Q 318 -106.57 -89.18 43.50
C ALA Q 318 -105.31 -89.94 43.15
N ASN Q 319 -105.40 -91.27 43.04
CA ASN Q 319 -104.18 -92.02 42.73
C ASN Q 319 -103.84 -92.30 41.29
N LYS Q 320 -104.58 -91.73 40.35
CA LYS Q 320 -104.40 -91.88 38.93
C LYS Q 320 -102.96 -91.97 38.48
N GLU Q 321 -102.14 -91.02 38.88
CA GLU Q 321 -100.73 -90.96 38.54
C GLU Q 321 -99.95 -92.11 39.13
N ALA Q 322 -100.10 -92.43 40.41
CA ALA Q 322 -99.30 -93.55 40.94
C ALA Q 322 -99.67 -94.84 40.21
N THR Q 323 -100.94 -95.09 40.16
CA THR Q 323 -101.49 -96.28 39.56
C THR Q 323 -101.00 -96.50 38.12
N GLN Q 324 -100.96 -95.36 37.37
CA GLN Q 324 -100.54 -95.41 35.97
C GLN Q 324 -99.04 -95.66 35.97
N GLU Q 325 -98.32 -95.04 36.86
CA GLU Q 325 -96.86 -95.22 36.93
C GLU Q 325 -96.48 -96.69 37.05
N ALA Q 326 -97.23 -97.30 37.94
CA ALA Q 326 -97.07 -98.72 38.24
C ALA Q 326 -97.25 -99.61 36.99
N PHE Q 327 -98.27 -99.28 36.18
CA PHE Q 327 -98.65 -100.04 35.03
C PHE Q 327 -97.64 -99.86 33.93
N MET Q 328 -97.13 -98.63 33.83
CA MET Q 328 -96.08 -98.36 32.82
C MET Q 328 -94.81 -99.13 33.10
N LYS Q 329 -94.48 -99.17 34.39
CA LYS Q 329 -93.27 -99.81 34.87
C LYS Q 329 -93.22 -101.29 34.48
N ARG Q 330 -94.14 -102.07 35.00
CA ARG Q 330 -94.28 -103.44 34.72
C ARG Q 330 -94.37 -103.66 33.22
N ALA Q 331 -95.04 -102.75 32.55
CA ALA Q 331 -95.18 -102.98 31.10
C ALA Q 331 -93.81 -102.93 30.45
N MET Q 332 -93.00 -101.91 30.73
CA MET Q 332 -91.67 -101.85 30.10
C MET Q 332 -90.71 -102.97 30.51
N ALA Q 333 -90.89 -103.46 31.76
CA ALA Q 333 -89.94 -104.49 32.21
C ALA Q 333 -90.29 -105.79 31.45
N ASN Q 334 -91.58 -106.15 31.27
CA ASN Q 334 -91.85 -107.37 30.53
C ASN Q 334 -91.38 -107.32 29.08
N CYS Q 335 -91.46 -106.11 28.54
CA CYS Q 335 -90.98 -105.92 27.16
C CYS Q 335 -89.50 -106.19 27.20
N GLN Q 336 -88.78 -105.72 28.24
CA GLN Q 336 -87.32 -105.96 28.10
C GLN Q 336 -87.10 -107.46 28.11
N ALA Q 337 -87.93 -107.97 29.03
CA ALA Q 337 -87.89 -109.41 29.27
C ALA Q 337 -88.19 -110.08 27.95
N ALA Q 338 -89.20 -109.51 27.28
CA ALA Q 338 -89.60 -110.16 26.01
C ALA Q 338 -88.40 -110.20 25.09
N LYS Q 339 -87.45 -109.29 25.21
CA LYS Q 339 -86.33 -109.31 24.31
C LYS Q 339 -85.07 -109.83 24.98
N GLY Q 340 -85.12 -110.50 26.10
CA GLY Q 340 -83.84 -110.98 26.68
C GLY Q 340 -83.06 -109.82 27.27
N GLN Q 341 -83.51 -108.58 27.33
CA GLN Q 341 -82.78 -107.44 27.86
C GLN Q 341 -83.15 -106.88 29.23
N TYR Q 342 -83.83 -107.60 30.11
CA TYR Q 342 -84.29 -107.09 31.38
C TYR Q 342 -83.31 -107.44 32.50
N VAL Q 343 -83.22 -106.44 33.36
CA VAL Q 343 -82.31 -106.49 34.49
C VAL Q 343 -83.01 -105.75 35.64
N HIS Q 344 -82.75 -106.26 36.81
CA HIS Q 344 -83.29 -105.95 38.12
C HIS Q 344 -82.53 -104.83 38.79
N ALA R 1 -108.56 -139.02 35.73
CA ALA R 1 -109.75 -138.90 36.67
C ALA R 1 -110.61 -140.07 36.19
N HIS R 2 -110.26 -141.27 36.59
CA HIS R 2 -110.61 -142.67 36.63
C HIS R 2 -111.57 -142.80 37.84
N ARG R 3 -111.76 -143.88 38.61
CA ARG R 3 -112.66 -144.06 39.76
C ARG R 3 -113.75 -142.97 39.81
N PHE R 4 -114.00 -142.22 40.92
CA PHE R 4 -114.96 -141.16 40.85
C PHE R 4 -116.11 -141.24 39.87
N PRO R 5 -117.14 -141.95 40.19
CA PRO R 5 -118.27 -142.27 39.36
C PRO R 5 -119.16 -141.07 39.07
N ALA R 6 -119.74 -141.12 37.87
CA ALA R 6 -120.59 -140.06 37.40
C ALA R 6 -121.97 -140.06 38.04
N LEU R 7 -122.48 -141.29 38.29
CA LEU R 7 -123.85 -141.25 38.84
C LEU R 7 -124.03 -142.20 40.01
N THR R 8 -124.88 -141.99 40.98
CA THR R 8 -125.18 -142.95 41.99
C THR R 8 -126.04 -144.12 41.55
N GLN R 9 -125.96 -145.18 42.30
CA GLN R 9 -126.93 -146.27 42.06
C GLN R 9 -128.33 -145.66 41.88
N GLU R 10 -128.71 -144.67 42.71
CA GLU R 10 -130.08 -144.13 42.57
C GLU R 10 -130.33 -143.38 41.30
N GLN R 11 -129.35 -142.58 40.84
CA GLN R 11 -129.57 -141.86 39.61
C GLN R 11 -129.64 -142.80 38.43
N LYS R 12 -128.89 -143.88 38.52
CA LYS R 12 -128.98 -144.84 37.42
C LYS R 12 -130.33 -145.53 37.38
N LYS R 13 -130.91 -145.90 38.52
CA LYS R 13 -132.23 -146.57 38.46
C LYS R 13 -133.31 -145.67 37.87
N GLU R 14 -133.25 -144.42 38.19
CA GLU R 14 -134.26 -143.48 37.68
C GLU R 14 -134.00 -143.40 36.21
N LEU R 15 -132.75 -143.14 35.78
CA LEU R 15 -132.54 -143.10 34.31
C LEU R 15 -132.92 -144.43 33.63
N SER R 16 -132.54 -145.56 34.19
CA SER R 16 -132.90 -146.87 33.55
C SER R 16 -134.42 -147.02 33.47
N GLU R 17 -135.14 -146.76 34.58
CA GLU R 17 -136.57 -146.86 34.47
C GLU R 17 -137.16 -145.91 33.44
N ILE R 18 -136.70 -144.68 33.27
CA ILE R 18 -137.39 -143.73 32.37
C ILE R 18 -137.25 -144.17 30.92
N ALA R 19 -136.06 -144.53 30.53
CA ALA R 19 -135.74 -145.01 29.21
C ALA R 19 -136.57 -146.29 28.93
N GLN R 20 -136.48 -147.19 29.88
CA GLN R 20 -137.29 -148.40 29.65
C GLN R 20 -138.78 -148.11 29.52
N SER R 21 -139.21 -147.13 30.32
CA SER R 21 -140.68 -146.93 30.25
C SER R 21 -141.15 -146.50 28.85
N ILE R 22 -140.28 -145.69 28.21
CA ILE R 22 -140.68 -145.16 26.93
C ILE R 22 -140.84 -146.28 25.92
N VAL R 23 -140.07 -147.41 26.00
CA VAL R 23 -140.22 -148.29 24.86
C VAL R 23 -140.83 -149.65 25.22
N ALA R 24 -141.48 -149.70 26.36
CA ALA R 24 -142.15 -150.77 26.97
C ALA R 24 -143.17 -151.59 26.20
N ASN R 25 -144.14 -151.13 25.45
CA ASN R 25 -144.83 -152.51 25.04
C ASN R 25 -145.20 -152.32 23.58
N GLY R 26 -144.02 -152.13 22.90
CA GLY R 26 -144.18 -151.82 21.48
C GLY R 26 -144.46 -150.32 21.40
N LYS R 27 -144.56 -149.60 22.53
CA LYS R 27 -144.74 -148.15 22.31
C LYS R 27 -143.48 -147.53 21.67
N GLY R 28 -143.61 -146.38 21.05
CA GLY R 28 -142.67 -145.51 20.43
C GLY R 28 -142.77 -144.10 20.98
N ILE R 29 -142.21 -143.21 20.19
CA ILE R 29 -142.08 -141.78 20.51
C ILE R 29 -142.68 -140.89 19.42
N LEU R 30 -143.57 -139.90 19.70
CA LEU R 30 -143.97 -139.01 18.63
C LEU R 30 -142.92 -137.86 18.74
N ALA R 31 -142.19 -137.66 17.73
CA ALA R 31 -141.23 -136.54 17.75
C ALA R 31 -141.92 -135.30 17.16
N ALA R 32 -142.56 -134.54 18.03
CA ALA R 32 -143.23 -133.31 17.69
C ALA R 32 -142.29 -132.10 17.97
N ASP R 33 -140.98 -132.30 17.97
CA ASP R 33 -140.08 -131.20 18.31
C ASP R 33 -139.47 -130.38 17.18
N GLU R 34 -140.28 -130.19 16.12
CA GLU R 34 -139.97 -129.40 14.98
C GLU R 34 -139.81 -127.94 15.42
N SER R 35 -138.74 -127.33 14.92
CA SER R 35 -138.45 -125.92 15.14
C SER R 35 -139.35 -124.97 14.35
N VAL R 36 -139.27 -123.69 14.69
CA VAL R 36 -140.15 -122.77 14.00
C VAL R 36 -139.87 -122.86 12.51
N GLY R 37 -138.62 -123.07 12.11
CA GLY R 37 -138.34 -123.14 10.66
C GLY R 37 -138.86 -124.46 10.09
N THR R 38 -138.45 -125.59 10.66
CA THR R 38 -138.94 -126.86 10.17
C THR R 38 -140.47 -126.94 10.23
N MET R 39 -141.05 -126.58 11.38
CA MET R 39 -142.52 -126.59 11.35
C MET R 39 -143.18 -125.85 10.17
N GLY R 40 -142.62 -124.66 9.95
CA GLY R 40 -142.96 -123.81 8.84
C GLY R 40 -142.85 -124.65 7.59
N ASN R 41 -141.86 -125.48 7.50
CA ASN R 41 -141.75 -126.24 6.24
C ASN R 41 -142.88 -127.24 6.15
N ARG R 42 -143.24 -127.79 7.32
CA ARG R 42 -144.29 -128.84 7.22
C ARG R 42 -145.61 -128.20 6.82
N LEU R 43 -145.81 -127.01 7.44
CA LEU R 43 -147.02 -126.24 7.27
C LEU R 43 -147.18 -125.77 5.86
N GLN R 44 -146.01 -125.48 5.24
CA GLN R 44 -146.09 -124.99 3.88
C GLN R 44 -146.84 -126.01 3.02
N ARG R 45 -146.43 -127.27 3.19
CA ARG R 45 -147.03 -128.32 2.37
C ARG R 45 -148.54 -128.22 2.43
N ILE R 46 -149.13 -127.93 3.57
CA ILE R 46 -150.59 -127.87 3.58
C ILE R 46 -151.04 -126.41 3.44
N LYS R 47 -150.07 -125.72 2.86
CA LYS R 47 -150.22 -124.29 2.58
C LYS R 47 -150.77 -123.57 3.80
N VAL R 48 -150.28 -123.80 5.00
CA VAL R 48 -150.79 -123.13 6.19
C VAL R 48 -149.68 -122.17 6.65
N GLU R 49 -150.11 -120.99 7.13
CA GLU R 49 -149.18 -119.91 7.48
C GLU R 49 -148.34 -120.28 8.69
N ASN R 50 -147.02 -120.01 8.59
CA ASN R 50 -146.19 -120.53 9.67
C ASN R 50 -146.27 -119.50 10.80
N THR R 51 -147.21 -119.80 11.63
CA THR R 51 -147.59 -118.95 12.71
C THR R 51 -147.58 -119.63 14.07
N GLU R 52 -147.12 -118.90 15.12
CA GLU R 52 -147.13 -119.53 16.42
C GLU R 52 -148.50 -120.20 16.64
N GLU R 53 -149.58 -119.48 16.45
CA GLU R 53 -150.93 -119.99 16.59
C GLU R 53 -151.29 -121.18 15.69
N ASN R 54 -150.87 -121.25 14.45
CA ASN R 54 -151.13 -122.45 13.63
C ASN R 54 -150.44 -123.66 14.25
N ARG R 55 -149.16 -123.48 14.54
CA ARG R 55 -148.39 -124.53 15.19
C ARG R 55 -149.08 -124.88 16.47
N ARG R 56 -149.47 -123.88 17.25
CA ARG R 56 -150.06 -124.28 18.54
C ARG R 56 -151.27 -125.16 18.28
N GLN R 57 -152.11 -124.75 17.34
CA GLN R 57 -153.36 -125.44 17.09
C GLN R 57 -153.16 -126.87 16.68
N PHE R 58 -152.34 -127.06 15.67
CA PHE R 58 -152.08 -128.41 15.17
C PHE R 58 -151.66 -129.32 16.30
N ARG R 59 -150.73 -128.84 17.13
CA ARG R 59 -150.23 -129.68 18.22
C ARG R 59 -151.29 -129.99 19.23
N GLU R 60 -152.14 -128.99 19.43
CA GLU R 60 -153.21 -129.27 20.42
C GLU R 60 -154.13 -130.42 19.98
N ILE R 61 -154.24 -130.61 18.65
CA ILE R 61 -155.20 -131.60 18.17
C ILE R 61 -154.55 -132.96 18.43
N LEU R 62 -153.24 -132.93 18.21
CA LEU R 62 -152.54 -134.22 18.40
C LEU R 62 -152.55 -134.57 19.87
N PHE R 63 -152.26 -133.60 20.73
CA PHE R 63 -152.15 -133.94 22.15
C PHE R 63 -153.49 -134.08 22.79
N SER R 64 -154.57 -133.66 22.15
CA SER R 64 -155.85 -133.95 22.75
C SER R 64 -156.41 -135.25 22.27
N VAL R 65 -155.73 -136.11 21.51
CA VAL R 65 -156.52 -137.32 21.16
C VAL R 65 -156.94 -138.07 22.42
N ASP R 66 -157.71 -139.15 22.22
CA ASP R 66 -158.14 -140.04 23.30
C ASP R 66 -156.96 -140.57 24.09
N SER R 67 -157.03 -140.78 25.39
CA SER R 67 -155.88 -141.30 26.12
C SER R 67 -155.39 -142.70 25.79
N SER R 68 -156.07 -143.45 24.96
CA SER R 68 -155.65 -144.78 24.53
C SER R 68 -154.43 -144.64 23.62
N ILE R 69 -154.13 -143.38 23.28
CA ILE R 69 -152.90 -143.11 22.56
C ILE R 69 -151.73 -143.58 23.37
N ASN R 70 -151.94 -143.65 24.69
CA ASN R 70 -151.05 -144.24 25.66
C ASN R 70 -150.47 -145.62 25.38
N GLN R 71 -151.17 -146.33 24.52
CA GLN R 71 -150.91 -147.73 24.21
C GLN R 71 -149.92 -147.91 23.06
N SER R 72 -149.85 -146.77 22.36
CA SER R 72 -148.92 -146.73 21.24
C SER R 72 -147.78 -145.75 21.46
N ILE R 73 -148.12 -144.58 21.98
CA ILE R 73 -147.09 -143.55 22.24
C ILE R 73 -146.61 -143.51 23.68
N GLY R 74 -145.38 -143.92 23.87
CA GLY R 74 -144.79 -143.90 25.23
C GLY R 74 -144.14 -142.52 25.56
N GLY R 75 -143.93 -141.75 24.45
CA GLY R 75 -143.03 -140.57 24.77
C GLY R 75 -143.30 -139.53 23.69
N VAL R 76 -143.33 -138.25 24.08
CA VAL R 76 -143.50 -137.18 23.07
C VAL R 76 -142.44 -136.09 23.14
N ILE R 77 -141.65 -135.81 22.14
CA ILE R 77 -140.56 -134.84 22.31
C ILE R 77 -141.17 -133.53 21.90
N LEU R 78 -140.76 -132.50 22.61
CA LEU R 78 -141.24 -131.16 22.26
C LEU R 78 -140.05 -130.24 22.02
N PHE R 79 -140.40 -129.22 21.24
CA PHE R 79 -139.47 -128.09 20.97
C PHE R 79 -139.70 -127.03 22.09
N HIS R 80 -138.71 -126.13 22.30
CA HIS R 80 -138.88 -125.26 23.47
C HIS R 80 -140.25 -124.58 23.63
N GLU R 81 -140.58 -123.80 22.60
CA GLU R 81 -141.84 -123.06 22.71
C GLU R 81 -143.01 -123.93 23.18
N THR R 82 -143.18 -125.09 22.49
CA THR R 82 -144.28 -125.92 22.81
C THR R 82 -144.33 -126.38 24.25
N LEU R 83 -143.17 -126.54 24.84
CA LEU R 83 -143.24 -127.12 26.20
C LEU R 83 -144.02 -126.15 27.11
N TYR R 84 -144.14 -124.89 26.69
CA TYR R 84 -144.77 -123.89 27.53
C TYR R 84 -146.06 -123.36 26.92
N GLN R 85 -146.51 -124.00 25.82
CA GLN R 85 -147.82 -123.63 25.28
C GLN R 85 -148.95 -124.39 26.03
N LYS R 86 -150.15 -123.87 25.83
CA LYS R 86 -151.40 -124.34 26.39
C LYS R 86 -152.45 -124.74 25.37
N ASP R 87 -153.45 -125.48 25.87
CA ASP R 87 -154.46 -125.80 24.83
C ASP R 87 -155.43 -124.61 24.82
N SER R 88 -156.44 -124.74 23.96
CA SER R 88 -157.44 -123.67 23.99
C SER R 88 -158.31 -123.77 25.24
N GLN R 89 -157.65 -123.89 26.39
CA GLN R 89 -158.38 -123.87 27.66
C GLN R 89 -157.39 -123.50 28.72
N GLY R 90 -156.18 -123.09 28.36
CA GLY R 90 -155.19 -122.77 29.38
C GLY R 90 -154.58 -123.97 30.06
N LYS R 91 -154.88 -125.17 29.48
CA LYS R 91 -154.23 -126.29 30.18
C LYS R 91 -152.89 -126.49 29.50
N LEU R 92 -151.84 -126.71 30.31
CA LEU R 92 -150.51 -126.78 29.59
C LEU R 92 -150.31 -128.12 28.87
N PHE R 93 -149.89 -128.05 27.61
CA PHE R 93 -149.73 -129.25 26.79
C PHE R 93 -149.00 -130.35 27.50
N ARG R 94 -147.86 -129.99 28.07
CA ARG R 94 -147.07 -130.93 28.86
C ARG R 94 -147.87 -131.55 29.99
N ASN R 95 -148.73 -130.81 30.67
CA ASN R 95 -149.58 -131.37 31.69
C ASN R 95 -150.69 -132.23 31.13
N ILE R 96 -151.29 -131.84 30.02
CA ILE R 96 -152.10 -132.81 29.34
C ILE R 96 -151.36 -134.11 29.01
N LEU R 97 -150.11 -134.03 28.56
CA LEU R 97 -149.49 -135.29 28.18
C LEU R 97 -149.16 -136.24 29.32
N LYS R 98 -148.52 -135.56 30.28
CA LYS R 98 -148.21 -136.41 31.44
C LYS R 98 -149.43 -137.11 32.09
N GLU R 99 -150.56 -136.40 32.05
CA GLU R 99 -151.67 -137.01 32.79
C GLU R 99 -152.11 -138.27 32.08
N LYS R 100 -152.02 -138.30 30.76
CA LYS R 100 -152.44 -139.40 29.94
C LYS R 100 -151.40 -140.54 30.01
N GLY R 101 -150.42 -140.50 30.94
CA GLY R 101 -149.48 -141.58 30.94
C GLY R 101 -148.47 -141.38 29.81
N ILE R 102 -148.23 -140.27 29.20
CA ILE R 102 -147.12 -140.14 28.28
C ILE R 102 -145.87 -139.44 28.82
N VAL R 103 -144.65 -139.90 28.58
CA VAL R 103 -143.47 -139.18 29.11
C VAL R 103 -143.19 -138.02 28.17
N VAL R 104 -142.78 -136.86 28.64
CA VAL R 104 -142.46 -135.72 27.83
C VAL R 104 -140.95 -135.49 27.73
N GLY R 105 -140.53 -135.20 26.50
CA GLY R 105 -139.12 -134.99 26.23
C GLY R 105 -138.86 -133.62 25.59
N ILE R 106 -137.61 -133.18 25.49
CA ILE R 106 -137.40 -131.83 24.92
C ILE R 106 -136.21 -131.87 23.99
N LYS R 107 -136.33 -131.14 22.94
CA LYS R 107 -135.17 -131.07 22.06
C LYS R 107 -134.15 -130.16 22.76
N LEU R 108 -132.93 -130.64 22.95
CA LEU R 108 -131.96 -129.76 23.63
C LEU R 108 -130.88 -129.23 22.73
N ASP R 109 -130.76 -129.73 21.52
CA ASP R 109 -129.70 -129.19 20.66
C ASP R 109 -130.30 -127.90 20.09
N GLN R 110 -129.34 -127.21 19.49
CA GLN R 110 -129.67 -125.96 18.88
C GLN R 110 -129.16 -125.82 17.48
N GLY R 111 -129.19 -126.87 16.64
CA GLY R 111 -128.83 -126.59 15.25
C GLY R 111 -127.39 -126.68 14.88
N GLY R 112 -127.18 -126.68 13.57
CA GLY R 112 -125.83 -126.97 13.03
C GLY R 112 -124.91 -125.78 13.25
N ALA R 113 -123.69 -126.06 12.80
CA ALA R 113 -122.68 -124.96 12.71
C ALA R 113 -121.59 -125.64 11.85
N PRO R 114 -121.18 -124.88 10.89
CA PRO R 114 -120.30 -125.33 9.82
C PRO R 114 -118.97 -125.79 10.35
N LEU R 115 -118.45 -126.89 9.88
CA LEU R 115 -117.09 -127.27 10.27
C LEU R 115 -116.07 -126.76 9.21
N ALA R 116 -115.23 -125.73 9.60
CA ALA R 116 -114.42 -125.21 8.50
C ALA R 116 -113.52 -126.24 7.82
N GLY R 117 -113.08 -125.96 6.58
CA GLY R 117 -112.10 -126.90 5.97
C GLY R 117 -112.75 -128.31 5.79
N THR R 118 -114.06 -128.27 5.46
CA THR R 118 -114.68 -129.64 5.35
C THR R 118 -115.55 -129.65 4.14
N ASN R 119 -116.10 -130.66 3.54
CA ASN R 119 -116.95 -130.30 2.36
C ASN R 119 -118.39 -130.15 2.88
N LYS R 120 -118.66 -129.01 3.45
CA LYS R 120 -119.91 -128.52 4.02
C LYS R 120 -120.47 -129.33 5.17
N GLU R 121 -119.74 -130.09 5.95
CA GLU R 121 -120.16 -130.72 7.17
C GLU R 121 -120.36 -129.65 8.25
N THR R 122 -121.22 -130.09 9.15
CA THR R 122 -121.52 -129.41 10.39
C THR R 122 -121.29 -130.18 11.67
N THR R 123 -121.55 -129.44 12.74
CA THR R 123 -121.52 -130.03 14.07
C THR R 123 -122.87 -129.37 14.50
N ILE R 124 -123.07 -129.53 15.77
CA ILE R 124 -124.27 -129.01 16.39
C ILE R 124 -123.96 -128.16 17.59
N GLN R 125 -124.68 -127.10 17.83
CA GLN R 125 -124.62 -126.29 19.01
C GLN R 125 -125.71 -126.63 20.08
N GLY R 126 -125.45 -126.11 21.32
CA GLY R 126 -126.35 -126.20 22.45
C GLY R 126 -125.80 -126.62 23.79
N LEU R 127 -124.54 -127.06 23.83
CA LEU R 127 -123.96 -127.36 25.13
C LEU R 127 -123.91 -126.12 26.02
N ASP R 128 -123.74 -124.96 25.40
CA ASP R 128 -123.50 -123.85 26.43
C ASP R 128 -124.70 -123.73 27.36
N GLY R 129 -124.65 -123.63 28.69
CA GLY R 129 -125.85 -123.62 29.57
C GLY R 129 -126.71 -124.89 29.62
N LEU R 130 -126.29 -125.97 28.91
CA LEU R 130 -127.19 -127.10 28.84
C LEU R 130 -127.62 -127.60 30.22
N SER R 131 -126.70 -127.53 31.16
CA SER R 131 -126.92 -128.14 32.48
C SER R 131 -128.10 -127.43 33.16
N GLU R 132 -127.92 -126.13 33.30
CA GLU R 132 -128.93 -125.31 33.87
C GLU R 132 -130.21 -125.54 33.10
N ARG R 133 -130.20 -125.65 31.80
CA ARG R 133 -131.51 -125.92 31.17
C ARG R 133 -132.10 -127.30 31.59
N CYS R 134 -131.22 -128.35 31.69
CA CYS R 134 -131.88 -129.66 31.91
C CYS R 134 -132.52 -129.68 33.25
N ALA R 135 -131.85 -129.02 34.20
CA ALA R 135 -132.41 -128.84 35.58
C ALA R 135 -133.79 -128.22 35.66
N GLN R 136 -133.89 -127.14 34.86
CA GLN R 136 -135.15 -126.43 34.79
C GLN R 136 -136.22 -127.28 34.15
N TYR R 137 -135.75 -127.99 33.09
CA TYR R 137 -136.67 -128.81 32.26
C TYR R 137 -137.27 -129.98 33.08
N LYS R 138 -136.33 -130.57 33.82
CA LYS R 138 -136.67 -131.62 34.77
C LYS R 138 -137.66 -131.10 35.82
N LYS R 139 -137.54 -129.83 36.20
CA LYS R 139 -138.41 -129.22 37.16
C LYS R 139 -139.75 -129.01 36.46
N ASP R 140 -139.65 -128.70 35.17
CA ASP R 140 -140.93 -128.42 34.52
C ASP R 140 -141.69 -129.61 33.95
N GLY R 141 -141.22 -130.80 34.30
CA GLY R 141 -141.99 -131.95 33.85
C GLY R 141 -141.22 -132.78 32.85
N VAL R 142 -140.05 -132.38 32.41
CA VAL R 142 -139.48 -133.28 31.37
C VAL R 142 -138.66 -134.43 31.92
N ASP R 143 -138.56 -135.58 31.27
CA ASP R 143 -137.74 -136.70 31.69
C ASP R 143 -136.73 -137.15 30.64
N PHE R 144 -136.81 -136.77 29.37
CA PHE R 144 -135.72 -137.19 28.47
C PHE R 144 -135.43 -135.99 27.60
N GLY R 145 -134.37 -136.02 26.88
CA GLY R 145 -133.92 -135.00 25.91
C GLY R 145 -133.52 -135.76 24.62
N LYS R 146 -133.38 -134.94 23.60
CA LYS R 146 -133.07 -135.24 22.23
C LYS R 146 -131.97 -134.31 21.68
N TRP R 147 -130.96 -134.85 21.02
CA TRP R 147 -129.88 -134.12 20.38
C TRP R 147 -129.64 -134.77 19.02
N ARG R 148 -129.87 -134.13 17.92
CA ARG R 148 -129.64 -134.61 16.59
C ARG R 148 -128.43 -133.97 15.84
N ALA R 149 -127.49 -134.80 15.47
CA ALA R 149 -126.37 -134.65 14.65
C ALA R 149 -126.70 -135.06 13.18
N VAL R 150 -126.01 -134.31 12.34
CA VAL R 150 -126.36 -134.70 10.96
C VAL R 150 -125.06 -135.13 10.31
N LEU R 151 -124.97 -136.21 9.60
CA LEU R 151 -123.77 -136.60 8.91
C LEU R 151 -124.11 -136.93 7.49
N ARG R 152 -123.40 -136.64 6.46
CA ARG R 152 -123.84 -137.00 5.13
C ARG R 152 -122.75 -137.82 4.48
N ILE R 153 -123.24 -138.50 3.45
CA ILE R 153 -122.36 -139.23 2.49
C ILE R 153 -122.22 -138.43 1.21
N ALA R 154 -121.02 -138.02 0.85
CA ALA R 154 -120.72 -137.08 -0.24
C ALA R 154 -119.20 -137.06 -0.54
N ASP R 155 -118.82 -136.30 -1.57
CA ASP R 155 -117.35 -136.35 -1.74
C ASP R 155 -116.67 -135.95 -0.42
N GLN R 156 -115.74 -136.77 0.04
CA GLN R 156 -115.05 -136.60 1.27
C GLN R 156 -115.94 -136.47 2.49
N CYS R 157 -117.17 -136.87 2.57
CA CYS R 157 -117.93 -136.91 3.82
C CYS R 157 -118.51 -138.31 3.91
N PRO R 158 -118.62 -138.78 5.14
CA PRO R 158 -118.47 -138.01 6.34
C PRO R 158 -117.04 -137.99 6.72
N SER R 159 -116.49 -136.86 7.06
CA SER R 159 -115.03 -136.74 7.36
C SER R 159 -114.70 -137.32 8.72
N SER R 160 -113.42 -137.71 8.89
CA SER R 160 -113.17 -138.11 10.29
C SER R 160 -113.33 -136.91 11.27
N LEU R 161 -113.17 -135.67 10.76
CA LEU R 161 -113.25 -134.55 11.70
C LEU R 161 -114.70 -134.48 12.19
N ALA R 162 -115.59 -134.66 11.23
CA ALA R 162 -117.01 -134.54 11.45
C ALA R 162 -117.58 -135.67 12.33
N ILE R 163 -116.98 -136.85 12.05
CA ILE R 163 -117.58 -137.94 12.83
C ILE R 163 -117.16 -137.73 14.29
N GLN R 164 -115.86 -137.52 14.46
CA GLN R 164 -115.31 -137.45 15.84
C GLN R 164 -115.99 -136.36 16.67
N GLU R 165 -116.04 -135.24 15.97
CA GLU R 165 -116.65 -134.03 16.60
C GLU R 165 -118.11 -134.11 16.96
N ASN R 166 -118.94 -134.71 16.11
CA ASN R 166 -120.35 -134.99 16.34
C ASN R 166 -120.56 -136.00 17.44
N ALA R 167 -119.56 -136.91 17.45
CA ALA R 167 -119.68 -137.92 18.53
C ALA R 167 -119.44 -137.29 19.89
N ASN R 168 -118.39 -136.40 19.88
CA ASN R 168 -118.00 -135.93 21.17
C ASN R 168 -119.08 -135.01 21.70
N ALA R 169 -119.66 -134.24 20.77
CA ALA R 169 -120.68 -133.31 21.27
C ALA R 169 -121.83 -134.16 21.89
N LEU R 170 -122.20 -135.25 21.14
CA LEU R 170 -123.31 -136.03 21.55
C LEU R 170 -122.98 -136.60 22.92
N ALA R 171 -121.70 -136.97 23.03
CA ALA R 171 -121.32 -137.49 24.33
C ALA R 171 -121.39 -136.35 25.38
N ARG R 172 -120.88 -135.15 25.18
CA ARG R 172 -121.08 -134.17 26.27
C ARG R 172 -122.55 -134.04 26.70
N TYR R 173 -123.41 -133.85 25.74
CA TYR R 173 -124.82 -133.69 25.93
C TYR R 173 -125.43 -134.86 26.72
N ALA R 174 -124.97 -136.05 26.61
CA ALA R 174 -125.56 -137.26 27.08
C ALA R 174 -125.23 -137.30 28.59
N SER R 175 -123.98 -137.00 28.78
CA SER R 175 -123.39 -136.86 30.08
C SER R 175 -124.14 -135.72 30.83
N ILE R 176 -124.57 -134.65 30.13
CA ILE R 176 -125.06 -133.53 30.89
C ILE R 176 -126.51 -133.78 31.27
N CYS R 177 -127.19 -134.50 30.40
CA CYS R 177 -128.58 -134.87 30.62
C CYS R 177 -128.70 -135.76 31.85
N GLN R 178 -127.77 -136.74 31.85
CA GLN R 178 -127.77 -137.73 32.94
C GLN R 178 -127.57 -137.06 34.28
N GLN R 179 -126.64 -136.13 34.32
CA GLN R 179 -126.41 -135.44 35.58
C GLN R 179 -127.73 -134.84 36.05
N ASN R 180 -128.62 -134.43 35.20
CA ASN R 180 -129.82 -133.78 35.60
C ASN R 180 -131.10 -134.61 35.61
N GLY R 181 -130.98 -135.94 35.58
CA GLY R 181 -132.11 -136.87 35.56
C GLY R 181 -132.96 -136.89 34.30
N LEU R 182 -132.48 -136.46 33.17
CA LEU R 182 -133.20 -136.64 31.94
C LEU R 182 -132.47 -137.77 31.14
N VAL R 183 -133.18 -138.63 30.45
CA VAL R 183 -132.63 -139.73 29.66
C VAL R 183 -132.22 -139.10 28.29
N PRO R 184 -131.02 -139.12 27.82
CA PRO R 184 -130.66 -138.56 26.55
C PRO R 184 -130.96 -139.52 25.38
N ILE R 185 -131.69 -139.02 24.39
CA ILE R 185 -131.90 -139.66 23.13
C ILE R 185 -130.70 -139.29 22.21
N VAL R 186 -129.73 -140.17 21.94
CA VAL R 186 -128.54 -139.85 21.08
C VAL R 186 -128.95 -140.03 19.61
N GLU R 187 -129.23 -139.03 18.79
CA GLU R 187 -129.58 -139.20 17.36
C GLU R 187 -128.42 -138.76 16.45
N PRO R 188 -127.57 -139.72 16.07
CA PRO R 188 -126.48 -139.51 15.09
C PRO R 188 -127.10 -139.87 13.74
N GLU R 189 -127.78 -138.97 13.03
CA GLU R 189 -128.43 -139.38 11.79
C GLU R 189 -127.52 -139.38 10.59
N VAL R 190 -127.39 -140.49 9.87
CA VAL R 190 -126.74 -140.43 8.54
C VAL R 190 -127.81 -140.02 7.54
N ILE R 191 -127.91 -138.85 6.98
CA ILE R 191 -128.98 -138.48 6.07
C ILE R 191 -128.84 -139.09 4.67
N PRO R 192 -129.99 -139.18 3.98
CA PRO R 192 -130.17 -140.07 2.83
C PRO R 192 -129.82 -139.41 1.55
N ASP R 193 -129.53 -138.15 1.76
CA ASP R 193 -129.21 -137.34 0.55
C ASP R 193 -128.20 -138.04 -0.30
N GLY R 194 -128.32 -137.95 -1.60
CA GLY R 194 -127.36 -138.51 -2.50
C GLY R 194 -127.70 -139.89 -3.08
N ASP R 195 -126.77 -140.32 -3.92
CA ASP R 195 -126.72 -141.43 -4.82
C ASP R 195 -126.36 -142.82 -4.33
N HIS R 196 -125.64 -142.87 -3.20
CA HIS R 196 -125.13 -144.17 -2.76
C HIS R 196 -126.21 -145.23 -2.70
N ASP R 197 -125.68 -146.42 -2.45
CA ASP R 197 -126.56 -147.59 -2.42
C ASP R 197 -126.75 -147.96 -0.97
N LEU R 198 -127.32 -149.06 -0.65
CA LEU R 198 -127.66 -149.53 0.66
C LEU R 198 -126.36 -149.90 1.38
N GLU R 199 -125.44 -150.61 0.72
CA GLU R 199 -124.25 -151.19 1.38
C GLU R 199 -123.33 -150.03 1.74
N HIS R 200 -123.51 -148.88 1.06
CA HIS R 200 -122.59 -147.82 1.39
C HIS R 200 -123.21 -147.16 2.62
N CYS R 201 -124.54 -147.28 2.68
CA CYS R 201 -125.11 -146.56 3.84
C CYS R 201 -124.82 -147.42 5.06
N GLN R 202 -124.71 -148.70 4.84
CA GLN R 202 -124.46 -149.67 5.91
C GLN R 202 -123.11 -149.51 6.51
N TYR R 203 -122.12 -149.35 5.70
CA TYR R 203 -120.74 -149.08 6.05
C TYR R 203 -120.50 -147.78 6.81
N VAL R 204 -121.05 -146.66 6.42
CA VAL R 204 -121.01 -145.41 7.12
C VAL R 204 -121.81 -145.39 8.41
N THR R 205 -122.91 -146.12 8.48
CA THR R 205 -123.72 -146.07 9.73
C THR R 205 -122.93 -146.88 10.72
N GLU R 206 -122.30 -147.99 10.24
CA GLU R 206 -121.50 -148.69 11.27
C GLU R 206 -120.31 -147.88 11.71
N LYS R 207 -119.59 -147.19 10.82
CA LYS R 207 -118.46 -146.36 11.32
C LYS R 207 -118.94 -145.27 12.24
N VAL R 208 -119.98 -144.53 11.84
CA VAL R 208 -120.50 -143.51 12.77
C VAL R 208 -120.91 -144.09 14.15
N LEU R 209 -121.62 -145.22 14.29
CA LEU R 209 -122.11 -145.71 15.56
C LEU R 209 -120.92 -146.21 16.37
N ALA R 210 -119.95 -146.85 15.76
CA ALA R 210 -118.78 -147.29 16.54
C ALA R 210 -118.24 -145.95 17.11
N ALA R 211 -118.04 -144.89 16.35
CA ALA R 211 -117.45 -143.72 16.98
C ALA R 211 -118.36 -143.17 18.08
N VAL R 212 -119.64 -143.23 17.83
CA VAL R 212 -120.58 -142.74 18.88
C VAL R 212 -120.44 -143.59 20.12
N TYR R 213 -120.34 -144.89 20.14
CA TYR R 213 -120.28 -145.61 21.47
C TYR R 213 -118.93 -145.46 22.11
N LYS R 214 -117.80 -145.60 21.35
CA LYS R 214 -116.47 -145.24 21.91
C LYS R 214 -116.50 -143.89 22.68
N ALA R 215 -117.05 -142.84 22.17
CA ALA R 215 -117.15 -141.55 22.77
C ALA R 215 -118.04 -141.49 24.02
N LEU R 216 -119.20 -142.18 23.93
CA LEU R 216 -120.09 -142.20 25.13
C LEU R 216 -119.34 -142.98 26.22
N ASN R 217 -118.67 -144.06 25.67
CA ASN R 217 -117.82 -144.74 26.65
C ASN R 217 -116.82 -143.73 27.23
N ASP R 218 -116.10 -142.95 26.41
CA ASP R 218 -115.10 -142.08 27.01
C ASP R 218 -115.62 -141.05 27.99
N HIS R 219 -116.77 -140.50 27.84
CA HIS R 219 -117.35 -139.48 28.65
C HIS R 219 -118.16 -140.16 29.73
N HIS R 220 -117.88 -141.43 29.98
CA HIS R 220 -118.63 -142.20 31.03
C HIS R 220 -120.18 -142.21 30.93
N VAL R 221 -120.82 -142.01 29.78
CA VAL R 221 -122.25 -142.00 29.82
C VAL R 221 -122.83 -143.41 30.17
N TYR R 222 -123.85 -143.50 31.03
CA TYR R 222 -124.46 -144.75 31.50
C TYR R 222 -125.38 -145.35 30.45
N LEU R 223 -124.98 -146.33 29.61
CA LEU R 223 -125.81 -146.69 28.49
C LEU R 223 -127.26 -147.13 28.68
N GLU R 224 -127.47 -147.81 29.77
CA GLU R 224 -128.73 -148.40 30.23
C GLU R 224 -129.73 -147.28 30.47
N GLY R 225 -129.24 -146.04 30.52
CA GLY R 225 -130.18 -144.94 30.75
C GLY R 225 -130.07 -143.89 29.63
N THR R 226 -130.24 -144.38 28.42
CA THR R 226 -130.04 -143.69 27.21
C THR R 226 -130.90 -144.31 26.16
N LEU R 227 -131.14 -143.65 25.02
CA LEU R 227 -131.86 -144.37 23.96
C LEU R 227 -131.15 -144.03 22.67
N LEU R 228 -131.27 -144.83 21.61
CA LEU R 228 -130.55 -144.45 20.38
C LEU R 228 -131.61 -144.16 19.34
N LYS R 229 -131.45 -143.09 18.61
CA LYS R 229 -132.45 -142.79 17.54
C LYS R 229 -131.55 -142.71 16.30
N PRO R 230 -131.09 -143.83 15.74
CA PRO R 230 -130.31 -143.74 14.50
C PRO R 230 -131.18 -143.73 13.23
N ASN R 231 -130.52 -143.64 12.09
CA ASN R 231 -131.24 -143.73 10.84
C ASN R 231 -131.50 -145.18 10.41
N MET R 232 -132.54 -145.49 9.60
CA MET R 232 -132.46 -146.91 9.18
C MET R 232 -131.31 -147.07 8.19
N VAL R 233 -130.96 -148.25 7.73
CA VAL R 233 -129.91 -148.35 6.74
C VAL R 233 -130.60 -148.46 5.39
N THR R 234 -130.53 -147.43 4.56
CA THR R 234 -131.14 -147.56 3.22
C THR R 234 -130.26 -146.93 2.14
N ALA R 235 -130.69 -147.14 0.88
CA ALA R 235 -129.92 -146.49 -0.20
C ALA R 235 -130.20 -145.00 -0.08
N GLY R 236 -129.45 -144.20 -0.83
CA GLY R 236 -129.79 -142.77 -0.82
C GLY R 236 -130.99 -142.44 -1.70
N HIS R 237 -131.48 -141.23 -1.41
CA HIS R 237 -132.63 -140.69 -2.08
C HIS R 237 -132.57 -140.82 -3.61
N ALA R 238 -131.34 -140.65 -4.01
CA ALA R 238 -131.05 -140.55 -5.41
C ALA R 238 -130.65 -141.93 -5.92
N CYS R 239 -130.72 -142.98 -5.07
CA CYS R 239 -130.29 -144.23 -5.69
C CYS R 239 -131.37 -144.90 -6.53
N THR R 240 -131.01 -145.32 -7.74
CA THR R 240 -131.98 -145.99 -8.64
C THR R 240 -132.37 -147.38 -8.22
N LYS R 241 -131.43 -148.09 -7.59
CA LYS R 241 -131.81 -149.41 -7.07
C LYS R 241 -132.90 -149.23 -6.00
N LYS R 242 -133.73 -150.26 -6.09
CA LYS R 242 -134.91 -150.51 -5.31
C LYS R 242 -134.71 -151.58 -4.23
N TYR R 243 -135.09 -151.27 -2.99
CA TYR R 243 -134.85 -152.39 -2.08
C TYR R 243 -136.11 -152.84 -1.38
N THR R 244 -136.00 -153.82 -0.52
CA THR R 244 -137.20 -154.28 0.18
C THR R 244 -137.16 -153.95 1.64
N PRO R 245 -138.23 -153.91 2.42
CA PRO R 245 -138.20 -153.73 3.85
C PRO R 245 -137.26 -154.76 4.47
N GLU R 246 -137.33 -155.92 3.83
CA GLU R 246 -136.51 -157.02 4.32
C GLU R 246 -135.05 -156.68 4.11
N GLN R 247 -134.71 -156.28 2.91
CA GLN R 247 -133.31 -155.87 2.65
C GLN R 247 -132.84 -154.75 3.59
N VAL R 248 -133.64 -153.75 3.76
CA VAL R 248 -133.39 -152.60 4.60
C VAL R 248 -133.27 -153.13 6.01
N ALA R 249 -134.14 -154.09 6.28
CA ALA R 249 -134.16 -154.62 7.64
C ALA R 249 -132.84 -155.32 7.91
N MET R 250 -132.30 -156.08 6.93
CA MET R 250 -131.13 -156.90 7.29
C MET R 250 -129.87 -156.01 7.44
N ALA R 251 -129.78 -155.05 6.57
CA ALA R 251 -128.62 -154.14 6.64
C ALA R 251 -128.76 -153.29 7.93
N THR R 252 -130.01 -153.10 8.41
CA THR R 252 -130.12 -152.20 9.56
C THR R 252 -129.63 -152.86 10.86
N VAL R 253 -130.14 -154.04 11.04
CA VAL R 253 -129.89 -154.82 12.25
C VAL R 253 -128.46 -155.32 12.25
N THR R 254 -127.99 -155.66 11.06
CA THR R 254 -126.60 -156.06 10.97
C THR R 254 -125.78 -154.89 11.40
N ALA R 255 -126.06 -153.72 10.85
CA ALA R 255 -125.19 -152.61 11.35
C ALA R 255 -125.29 -152.42 12.87
N LEU R 256 -126.51 -152.58 13.41
CA LEU R 256 -126.64 -152.10 14.83
C LEU R 256 -126.09 -153.12 15.81
N HIS R 257 -126.17 -154.38 15.25
CA HIS R 257 -125.86 -155.51 16.16
C HIS R 257 -124.36 -155.54 16.22
N ARG R 258 -123.66 -154.98 15.23
CA ARG R 258 -122.20 -154.86 15.29
C ARG R 258 -121.81 -153.68 16.12
N THR R 259 -122.62 -152.64 16.21
CA THR R 259 -122.11 -151.53 17.02
C THR R 259 -122.88 -151.05 18.27
N VAL R 260 -124.16 -151.34 18.41
CA VAL R 260 -124.87 -150.84 19.56
C VAL R 260 -124.85 -151.78 20.70
N PRO R 261 -124.19 -151.44 21.81
CA PRO R 261 -124.16 -152.30 22.99
C PRO R 261 -125.55 -152.72 23.51
N ALA R 262 -125.67 -153.98 23.93
CA ALA R 262 -126.97 -154.46 24.40
C ALA R 262 -127.47 -153.70 25.61
N ALA R 263 -126.60 -152.86 26.21
CA ALA R 263 -127.08 -152.18 27.42
C ALA R 263 -128.00 -151.05 27.02
N VAL R 264 -128.01 -150.52 25.80
CA VAL R 264 -128.94 -149.47 25.41
C VAL R 264 -130.28 -150.16 25.28
N PRO R 265 -131.28 -149.76 26.01
CA PRO R 265 -132.52 -150.51 26.14
C PRO R 265 -133.41 -150.37 24.93
N GLY R 266 -133.14 -149.27 24.15
CA GLY R 266 -134.19 -149.15 23.07
C GLY R 266 -133.64 -148.34 21.96
N ILE R 267 -133.83 -148.89 20.74
CA ILE R 267 -133.38 -148.13 19.58
C ILE R 267 -134.65 -147.65 18.91
N CYS R 268 -134.94 -146.42 18.69
CA CYS R 268 -136.10 -145.77 18.12
C CYS R 268 -135.78 -144.96 16.90
N PHE R 269 -136.20 -145.53 15.79
CA PHE R 269 -135.76 -145.01 14.52
C PHE R 269 -136.49 -143.72 14.10
N LEU R 270 -135.62 -142.90 13.45
CA LEU R 270 -136.05 -141.68 12.80
C LEU R 270 -136.66 -142.10 11.46
N SER R 271 -137.62 -141.39 10.87
CA SER R 271 -138.07 -142.00 9.57
C SER R 271 -137.56 -141.13 8.44
N GLY R 272 -137.17 -139.92 8.78
CA GLY R 272 -136.57 -138.96 7.92
C GLY R 272 -136.91 -139.12 6.46
N GLY R 273 -138.03 -138.52 6.02
CA GLY R 273 -138.35 -138.63 4.60
C GLY R 273 -139.02 -139.91 4.11
N MET R 274 -139.20 -140.96 4.91
CA MET R 274 -139.78 -142.20 4.33
C MET R 274 -141.29 -141.96 4.30
N SER R 275 -142.05 -142.55 3.42
CA SER R 275 -143.48 -142.45 3.52
C SER R 275 -144.00 -142.90 4.86
N GLU R 276 -145.18 -142.46 5.25
CA GLU R 276 -145.72 -143.07 6.47
C GLU R 276 -145.69 -144.58 6.25
N GLU R 277 -146.18 -145.12 5.15
CA GLU R 277 -146.20 -146.59 5.15
C GLU R 277 -144.83 -147.23 5.19
N ASP R 278 -143.88 -146.68 4.39
CA ASP R 278 -142.55 -147.36 4.39
C ASP R 278 -141.86 -147.42 5.75
N ALA R 279 -142.18 -146.31 6.48
CA ALA R 279 -141.66 -146.28 7.86
C ALA R 279 -142.30 -147.40 8.63
N THR R 280 -143.62 -147.64 8.60
CA THR R 280 -144.12 -148.83 9.33
C THR R 280 -143.65 -150.13 8.71
N LEU R 281 -143.69 -150.27 7.37
CA LEU R 281 -143.11 -151.50 6.74
C LEU R 281 -141.68 -151.80 7.12
N ASN R 282 -140.77 -150.79 7.17
CA ASN R 282 -139.39 -151.09 7.51
C ASN R 282 -139.20 -151.50 8.95
N LEU R 283 -139.88 -150.69 9.79
CA LEU R 283 -139.77 -151.04 11.24
C LEU R 283 -140.31 -152.46 11.46
N ASN R 284 -141.40 -152.87 10.84
CA ASN R 284 -141.94 -154.20 11.12
C ASN R 284 -140.96 -155.27 10.74
N ALA R 285 -140.44 -155.12 9.52
CA ALA R 285 -139.37 -156.06 9.07
C ALA R 285 -138.15 -156.13 10.02
N ILE R 286 -137.59 -154.94 10.40
CA ILE R 286 -136.50 -154.86 11.36
C ILE R 286 -136.79 -155.79 12.54
N ASN R 287 -137.95 -155.74 13.14
CA ASN R 287 -138.30 -156.62 14.25
C ASN R 287 -138.41 -158.05 13.85
N LEU R 288 -138.69 -158.40 12.62
CA LEU R 288 -138.72 -159.81 12.25
C LEU R 288 -137.32 -160.26 11.85
N CYS R 289 -136.36 -159.40 11.61
CA CYS R 289 -135.06 -159.81 11.16
C CYS R 289 -134.39 -160.85 12.01
N PRO R 290 -133.86 -161.89 11.36
CA PRO R 290 -133.27 -162.99 12.11
C PRO R 290 -131.82 -162.82 12.48
N LEU R 291 -131.52 -161.75 13.22
CA LEU R 291 -130.26 -161.42 13.85
C LEU R 291 -130.50 -161.26 15.36
N PRO R 292 -129.44 -161.38 16.14
CA PRO R 292 -129.52 -161.06 17.61
C PRO R 292 -129.97 -159.59 17.75
N LYS R 293 -130.99 -159.40 18.61
CA LYS R 293 -131.52 -158.06 18.71
C LYS R 293 -131.72 -157.78 20.19
N PRO R 294 -130.69 -157.50 20.96
CA PRO R 294 -130.87 -157.41 22.40
C PRO R 294 -131.73 -156.22 22.83
N TRP R 295 -132.22 -155.34 21.99
CA TRP R 295 -132.83 -154.15 22.52
C TRP R 295 -134.19 -154.05 21.91
N LYS R 296 -135.06 -153.20 22.46
CA LYS R 296 -136.27 -152.82 21.75
C LYS R 296 -135.92 -152.14 20.45
N LEU R 297 -136.73 -152.34 19.44
CA LEU R 297 -136.65 -151.67 18.16
C LEU R 297 -137.97 -150.96 17.83
N SER R 298 -137.94 -149.66 17.99
CA SER R 298 -139.12 -148.89 17.83
C SER R 298 -139.00 -147.68 16.97
N PHE R 299 -139.89 -146.71 17.16
CA PHE R 299 -139.95 -145.54 16.31
C PHE R 299 -139.95 -144.25 17.11
N SER R 300 -139.35 -143.23 16.62
CA SER R 300 -139.30 -141.90 17.18
C SER R 300 -139.59 -141.11 15.89
N TYR R 301 -140.87 -141.24 15.43
CA TYR R 301 -141.16 -140.56 14.18
C TYR R 301 -141.78 -139.19 14.34
N GLY R 302 -141.43 -138.41 13.30
CA GLY R 302 -141.91 -137.02 13.19
C GLY R 302 -142.93 -136.95 12.07
N ARG R 303 -142.45 -136.96 10.82
CA ARG R 303 -143.31 -136.90 9.63
C ARG R 303 -144.20 -138.08 9.37
N ALA R 304 -143.61 -139.25 9.41
CA ALA R 304 -144.31 -140.53 9.18
C ALA R 304 -145.46 -140.67 10.16
N LEU R 305 -145.61 -139.82 11.20
CA LEU R 305 -146.74 -140.03 12.08
C LEU R 305 -147.62 -138.80 11.89
N GLN R 306 -147.16 -137.74 11.28
CA GLN R 306 -148.00 -136.55 11.17
C GLN R 306 -148.43 -136.14 9.78
N ALA R 307 -147.88 -136.71 8.72
CA ALA R 307 -148.22 -136.26 7.34
C ALA R 307 -149.74 -136.28 7.06
N SER R 308 -150.24 -137.51 7.01
CA SER R 308 -151.68 -137.76 6.79
C SER R 308 -152.40 -136.90 7.82
N ALA R 309 -152.02 -136.73 9.09
CA ALA R 309 -152.80 -135.75 9.85
C ALA R 309 -152.65 -134.33 9.30
N LEU R 310 -151.42 -133.91 8.96
CA LEU R 310 -151.44 -132.50 8.55
C LEU R 310 -152.45 -132.25 7.44
N ALA R 311 -152.45 -133.11 6.43
CA ALA R 311 -153.29 -133.09 5.25
C ALA R 311 -154.75 -133.08 5.64
N ALA R 312 -155.09 -134.02 6.53
CA ALA R 312 -156.52 -133.97 6.95
C ALA R 312 -156.77 -132.68 7.72
N TRP R 313 -155.83 -132.07 8.41
CA TRP R 313 -156.16 -130.87 9.17
C TRP R 313 -156.40 -129.71 8.22
N GLY R 314 -155.29 -129.43 7.53
CA GLY R 314 -155.24 -128.39 6.49
C GLY R 314 -155.49 -127.00 7.08
N GLY R 315 -155.19 -126.89 8.36
CA GLY R 315 -155.35 -125.61 9.04
C GLY R 315 -156.80 -125.46 9.48
N LYS R 316 -157.65 -126.45 9.27
CA LYS R 316 -159.05 -126.25 9.55
C LYS R 316 -159.51 -126.86 10.84
N ALA R 317 -159.94 -126.04 11.79
CA ALA R 317 -160.37 -126.53 13.10
C ALA R 317 -161.44 -127.62 13.05
N ALA R 318 -162.33 -127.40 12.08
CA ALA R 318 -163.42 -128.33 11.79
C ALA R 318 -162.80 -129.68 11.43
N ASN R 319 -161.54 -129.77 11.04
CA ASN R 319 -160.97 -131.08 10.73
C ASN R 319 -160.37 -131.86 11.87
N LYS R 320 -160.71 -131.41 13.11
CA LYS R 320 -160.13 -132.04 14.30
C LYS R 320 -160.29 -133.53 14.22
N GLU R 321 -161.50 -134.07 14.19
CA GLU R 321 -161.66 -135.52 14.13
C GLU R 321 -160.88 -136.29 13.06
N ALA R 322 -160.81 -135.74 11.86
CA ALA R 322 -160.07 -136.40 10.81
C ALA R 322 -158.58 -136.33 11.13
N THR R 323 -158.16 -135.18 11.63
CA THR R 323 -156.72 -135.06 11.95
C THR R 323 -156.31 -136.07 13.01
N GLN R 324 -157.18 -136.09 14.05
CA GLN R 324 -156.87 -137.02 15.14
C GLN R 324 -156.93 -138.47 14.70
N GLU R 325 -157.85 -138.77 13.79
CA GLU R 325 -158.02 -140.16 13.34
C GLU R 325 -156.78 -140.63 12.57
N ALA R 326 -156.31 -139.72 11.72
CA ALA R 326 -155.08 -139.98 10.97
C ALA R 326 -153.84 -140.25 11.84
N PHE R 327 -153.69 -139.39 12.86
CA PHE R 327 -152.48 -139.59 13.69
C PHE R 327 -152.54 -140.90 14.45
N MET R 328 -153.76 -141.05 14.99
CA MET R 328 -154.04 -142.22 15.79
C MET R 328 -153.73 -143.51 15.08
N LYS R 329 -154.08 -143.56 13.79
CA LYS R 329 -153.91 -144.77 12.98
C LYS R 329 -152.44 -145.10 12.75
N ARG R 330 -151.65 -144.07 12.38
CA ARG R 330 -150.23 -144.25 12.19
C ARG R 330 -149.60 -144.61 13.53
N ALA R 331 -150.11 -144.01 14.59
CA ALA R 331 -149.60 -144.49 15.88
C ALA R 331 -149.87 -145.98 16.02
N MET R 332 -151.08 -146.50 15.79
CA MET R 332 -151.33 -147.90 16.05
C MET R 332 -150.53 -148.85 15.17
N ALA R 333 -150.40 -148.37 13.92
CA ALA R 333 -149.56 -149.14 13.01
C ALA R 333 -148.10 -149.24 13.46
N ASN R 334 -147.51 -148.08 13.81
CA ASN R 334 -146.08 -148.22 14.21
C ASN R 334 -145.96 -148.93 15.54
N CYS R 335 -147.00 -148.97 16.35
CA CYS R 335 -146.91 -149.75 17.60
C CYS R 335 -146.91 -151.23 17.21
N GLN R 336 -147.76 -151.50 16.22
CA GLN R 336 -147.72 -152.93 15.82
C GLN R 336 -146.34 -153.34 15.26
N ALA R 337 -145.96 -152.48 14.31
CA ALA R 337 -144.67 -152.72 13.64
C ALA R 337 -143.57 -152.90 14.68
N ALA R 338 -143.60 -152.13 15.76
CA ALA R 338 -142.65 -152.26 16.83
C ALA R 338 -142.59 -153.65 17.45
N LYS R 339 -143.69 -154.36 17.28
CA LYS R 339 -143.86 -155.69 17.80
C LYS R 339 -143.69 -156.74 16.74
N GLY R 340 -143.54 -156.40 15.48
CA GLY R 340 -143.27 -157.36 14.43
C GLY R 340 -144.61 -158.00 14.05
N GLN R 341 -145.63 -157.25 14.45
CA GLN R 341 -146.99 -157.72 14.10
C GLN R 341 -147.62 -156.88 13.01
N TYR R 342 -147.02 -155.91 12.31
CA TYR R 342 -147.83 -155.16 11.36
C TYR R 342 -148.05 -155.95 10.09
N VAL R 343 -149.30 -155.87 9.62
CA VAL R 343 -149.54 -156.54 8.36
C VAL R 343 -149.96 -155.52 7.33
N HIS R 344 -151.01 -154.78 7.21
CA HIS R 344 -151.06 -153.89 6.01
C HIS R 344 -152.49 -154.09 5.43
S SO4 S . 41.74 141.89 67.10
O1 SO4 S . 42.25 140.63 66.46
O2 SO4 S . 42.76 142.99 67.27
O3 SO4 S . 40.76 142.34 66.04
O4 SO4 S . 41.19 141.59 68.42
S SO4 T . 49.63 160.61 50.38
O1 SO4 T . 50.94 160.06 49.76
O2 SO4 T . 49.89 161.57 51.41
O3 SO4 T . 48.80 159.42 50.80
O4 SO4 T . 49.09 161.26 49.10
S SO4 U . 53.61 149.34 19.47
O1 SO4 U . 54.23 149.68 18.06
O2 SO4 U . 54.09 150.44 20.48
O3 SO4 U . 54.15 147.98 19.81
O4 SO4 U . 52.35 149.12 20.15
S SO4 V . -37.23 63.25 61.99
O1 SO4 V . -36.12 62.94 60.98
O2 SO4 V . -37.01 64.62 62.59
O3 SO4 V . -37.17 62.16 63.06
O4 SO4 V . -38.56 63.28 61.27
S SO4 W . -14.28 45.12 14.80
O1 SO4 W . -15.25 45.65 13.79
O2 SO4 W . -12.85 45.67 14.41
O3 SO4 W . -14.36 43.60 14.70
O4 SO4 W . -14.66 45.56 16.16
S SO4 X . -46.90 46.03 9.73
O1 SO4 X . -47.40 46.77 8.48
O2 SO4 X . -45.44 46.19 9.73
O3 SO4 X . -47.43 44.70 9.58
O4 SO4 X . -47.51 46.78 10.90
S SO4 Y . -27.81 33.73 33.96
O1 SO4 Y . -27.44 33.02 32.75
O2 SO4 Y . -27.48 35.15 34.02
O3 SO4 Y . -27.12 32.96 35.06
O4 SO4 Y . -29.34 33.50 34.22
S SO4 Z . 0.67 -24.46 -79.84
O1 SO4 Z . 0.93 -25.11 -81.18
O2 SO4 Z . 1.99 -24.25 -79.15
O3 SO4 Z . -0.12 -25.45 -78.98
O4 SO4 Z . -0.03 -23.11 -79.87
S SO4 AA . 20.41 -68.95 -71.53
O1 SO4 AA . 19.65 -68.66 -72.79
O2 SO4 AA . 21.47 -67.79 -71.51
O3 SO4 AA . 20.89 -70.36 -71.42
O4 SO4 AA . 19.32 -68.85 -70.52
S SO4 BA . 38.90 -108.95 -33.80
O1 SO4 BA . 39.46 -109.08 -32.39
O2 SO4 BA . 38.91 -110.28 -34.38
O3 SO4 BA . 39.83 -108.01 -34.50
O4 SO4 BA . 37.44 -108.64 -33.87
S SO4 CA . -3.14 -111.64 -36.14
O1 SO4 CA . -2.37 -111.32 -37.38
O2 SO4 CA . -3.37 -110.44 -35.26
O3 SO4 CA . -2.37 -112.70 -35.43
O4 SO4 CA . -4.51 -112.06 -36.57
S SO4 DA . 40.82 -77.32 -42.58
O1 SO4 DA . 40.60 -78.71 -43.20
O2 SO4 DA . 41.11 -76.33 -43.67
O3 SO4 DA . 41.76 -77.51 -41.41
O4 SO4 DA . 39.63 -76.84 -41.84
S SO4 EA . 32.69 -80.61 -17.79
O1 SO4 EA . 33.90 -81.26 -18.39
O2 SO4 EA . 32.96 -79.50 -16.87
O3 SO4 EA . 31.93 -81.68 -17.06
O4 SO4 EA . 31.82 -80.19 -18.93
S SO4 FA . -138.23 -137.68 11.42
O1 SO4 FA . -137.10 -137.73 10.39
O2 SO4 FA . -137.79 -137.63 12.87
O3 SO4 FA . -139.04 -138.95 11.42
O4 SO4 FA . -138.85 -136.30 11.18
S SO4 GA . -122.73 -158.02 5.66
O1 SO4 GA . -123.24 -158.67 4.44
O2 SO4 GA . -122.24 -156.70 5.08
O3 SO4 GA . -121.61 -158.84 6.25
O4 SO4 GA . -123.96 -157.79 6.48
#